data_9OXK
#
_entry.id   9OXK
#
_cell.length_a   1.00
_cell.length_b   1.00
_cell.length_c   1.00
_cell.angle_alpha   90.00
_cell.angle_beta   90.00
_cell.angle_gamma   90.00
#
_symmetry.space_group_name_H-M   'P 1'
#
_entity_poly.entity_id   1
_entity_poly.type   'polypeptide(L)'
_entity_poly.pdbx_seq_one_letter_code
;AITVNTNVTSLKAQKNLNTSASDLATSMERLSSGLRINSAKDDAAGLAISNRLNSQVRGLEVGMRNANDAISIAQIAEGA
MQEQTNMLQRMRDLTVQSENGANSSADLSALKAEMDQLANEIDEIGKTTAFGTTKLLAGGFSAGKNFQVGAQDGEDIKVT
VKASNKSSLSVGSLGNTTSAARASSLKKIDAAIKTIDAQRADLGAIQNRLAHNISNSANTQANVADAKSRIVDVDFAKET
SQMTKNQVLQQTGSAMLAQANQLPQVALSLL
;
_entity_poly.pdbx_strand_id   A,B,C,D,E,F,G,H,I,J,K,L,M,N,O,P,Q,R,S,T,U,V,W,X,Y,Z,a,b,c,d,e,f
#
# COMPACT_ATOMS: atom_id res chain seq x y z
N ALA A 1 -17.24 82.64 10.09
CA ALA A 1 -18.49 82.96 9.43
C ALA A 1 -19.37 81.74 9.28
N ILE A 2 -20.68 81.96 9.21
CA ILE A 2 -21.65 80.90 8.97
C ILE A 2 -22.25 81.17 7.59
N THR A 3 -21.81 80.42 6.58
CA THR A 3 -22.22 80.67 5.21
C THR A 3 -22.86 79.43 4.62
N VAL A 4 -23.70 79.64 3.60
CA VAL A 4 -24.43 78.55 2.98
C VAL A 4 -23.97 78.33 1.54
N ASN A 5 -23.43 79.35 0.89
CA ASN A 5 -23.22 79.31 -0.55
C ASN A 5 -21.94 78.60 -0.95
N THR A 6 -20.98 78.46 -0.04
CA THR A 6 -19.71 77.83 -0.35
C THR A 6 -19.28 76.99 0.85
N ASN A 7 -18.76 75.80 0.59
CA ASN A 7 -18.39 74.85 1.65
C ASN A 7 -17.03 74.31 1.27
N VAL A 8 -15.99 74.71 2.02
CA VAL A 8 -14.62 74.39 1.64
C VAL A 8 -14.18 73.06 2.26
N THR A 9 -14.70 72.76 3.45
CA THR A 9 -14.41 71.48 4.09
C THR A 9 -14.86 70.33 3.20
N SER A 10 -16.01 70.50 2.54
CA SER A 10 -16.50 69.48 1.64
C SER A 10 -15.58 69.30 0.43
N LEU A 11 -15.06 70.40 -0.12
CA LEU A 11 -14.13 70.32 -1.23
C LEU A 11 -12.88 69.53 -0.87
N LYS A 12 -12.32 69.83 0.31
CA LYS A 12 -11.11 69.13 0.73
C LYS A 12 -11.37 67.66 1.02
N ALA A 13 -12.52 67.36 1.64
CA ALA A 13 -12.88 65.96 1.87
C ALA A 13 -13.05 65.20 0.57
N GLN A 14 -13.66 65.84 -0.44
CA GLN A 14 -13.79 65.21 -1.76
C GLN A 14 -12.43 64.87 -2.33
N LYS A 15 -11.48 65.79 -2.23
CA LYS A 15 -10.17 65.51 -2.83
C LYS A 15 -9.45 64.36 -2.12
N ASN A 16 -9.53 64.32 -0.79
CA ASN A 16 -8.90 63.22 -0.07
C ASN A 16 -9.55 61.88 -0.43
N LEU A 17 -10.88 61.85 -0.51
CA LEU A 17 -11.58 60.60 -0.84
C LEU A 17 -11.21 60.12 -2.23
N ASN A 18 -11.06 61.04 -3.18
CA ASN A 18 -10.67 60.66 -4.53
C ASN A 18 -9.26 60.08 -4.54
N THR A 19 -8.33 60.69 -3.80
CA THR A 19 -6.97 60.16 -3.75
C THR A 19 -6.95 58.75 -3.20
N SER A 20 -7.70 58.50 -2.13
CA SER A 20 -7.76 57.17 -1.55
C SER A 20 -8.33 56.14 -2.53
N ALA A 21 -9.41 56.51 -3.24
CA ALA A 21 -10.01 55.58 -4.19
C ALA A 21 -9.05 55.23 -5.32
N SER A 22 -8.32 56.23 -5.83
CA SER A 22 -7.33 55.95 -6.88
C SER A 22 -6.26 54.98 -6.39
N ASP A 23 -5.74 55.19 -5.19
CA ASP A 23 -4.70 54.28 -4.66
C ASP A 23 -5.24 52.86 -4.54
N LEU A 24 -6.47 52.72 -4.06
CA LEU A 24 -7.04 51.38 -3.89
C LEU A 24 -7.21 50.68 -5.24
N ALA A 25 -7.68 51.41 -6.26
CA ALA A 25 -7.82 50.80 -7.58
C ALA A 25 -6.48 50.33 -8.13
N THR A 26 -5.43 51.15 -7.96
CA THR A 26 -4.11 50.74 -8.41
C THR A 26 -3.66 49.44 -7.74
N SER A 27 -3.83 49.35 -6.42
CA SER A 27 -3.44 48.15 -5.70
C SER A 27 -4.22 46.93 -6.17
N MET A 28 -5.53 47.08 -6.39
CA MET A 28 -6.36 45.99 -6.87
C MET A 28 -5.85 45.46 -8.20
N GLU A 29 -5.53 46.38 -9.12
CA GLU A 29 -4.97 45.98 -10.42
C GLU A 29 -3.69 45.20 -10.26
N ARG A 30 -2.78 45.68 -9.40
CA ARG A 30 -1.50 45.01 -9.24
C ARG A 30 -1.65 43.61 -8.65
N LEU A 31 -2.58 43.43 -7.71
CA LEU A 31 -2.82 42.09 -7.17
C LEU A 31 -3.49 41.18 -8.18
N SER A 32 -4.36 41.72 -9.04
CA SER A 32 -5.01 40.89 -10.03
C SER A 32 -4.05 40.42 -11.12
N SER A 33 -3.08 41.27 -11.47
CA SER A 33 -2.18 40.94 -12.57
C SER A 33 -1.00 40.09 -12.12
N GLY A 34 -0.46 40.36 -10.94
CA GLY A 34 0.75 39.72 -10.49
C GLY A 34 2.03 40.42 -10.85
N LEU A 35 1.95 41.61 -11.43
CA LEU A 35 3.10 42.37 -11.90
C LEU A 35 3.13 43.74 -11.24
N ARG A 36 4.35 44.23 -10.98
CA ARG A 36 4.51 45.56 -10.43
C ARG A 36 4.43 46.63 -11.51
N ILE A 37 4.95 46.32 -12.70
CA ILE A 37 5.00 47.28 -13.80
C ILE A 37 3.95 46.86 -14.82
N ASN A 38 2.82 47.56 -14.83
CA ASN A 38 1.80 47.32 -15.84
C ASN A 38 1.84 48.33 -16.98
N SER A 39 2.53 49.45 -16.80
CA SER A 39 2.63 50.49 -17.81
C SER A 39 3.96 51.19 -17.62
N ALA A 40 4.20 52.22 -18.43
CA ALA A 40 5.38 53.04 -18.22
C ALA A 40 5.15 54.15 -17.20
N LYS A 41 3.89 54.40 -16.84
CA LYS A 41 3.57 55.20 -15.66
C LYS A 41 4.28 54.70 -14.42
N ASP A 42 4.54 53.40 -14.33
CA ASP A 42 5.04 52.76 -13.12
C ASP A 42 6.55 52.91 -12.99
N ASP A 43 7.29 52.35 -13.96
CA ASP A 43 8.75 52.41 -13.95
C ASP A 43 9.21 52.31 -15.38
N ALA A 44 9.85 53.37 -15.90
CA ALA A 44 10.13 53.43 -17.33
C ALA A 44 11.45 52.75 -17.66
N ALA A 45 12.48 52.95 -16.85
CA ALA A 45 13.77 52.30 -17.10
C ALA A 45 13.70 50.80 -16.84
N GLY A 46 12.96 50.40 -15.81
CA GLY A 46 12.77 48.99 -15.55
C GLY A 46 12.03 48.28 -16.66
N LEU A 47 11.10 48.97 -17.32
CA LEU A 47 10.41 48.40 -18.47
C LEU A 47 11.40 48.00 -19.57
N ALA A 48 12.33 48.88 -19.92
CA ALA A 48 13.28 48.57 -20.98
C ALA A 48 14.30 47.52 -20.54
N ILE A 49 14.77 47.61 -19.31
CA ILE A 49 15.70 46.61 -18.80
C ILE A 49 15.05 45.23 -18.84
N SER A 50 13.77 45.16 -18.47
CA SER A 50 13.06 43.89 -18.44
C SER A 50 12.73 43.38 -19.83
N ASN A 51 12.48 44.29 -20.80
CA ASN A 51 12.34 43.84 -22.18
C ASN A 51 13.61 43.17 -22.69
N ARG A 52 14.78 43.74 -22.36
CA ARG A 52 16.02 43.13 -22.80
C ARG A 52 16.27 41.79 -22.10
N LEU A 53 16.00 41.71 -20.79
CA LEU A 53 16.17 40.43 -20.10
C LEU A 53 15.21 39.38 -20.62
N ASN A 54 14.02 39.80 -21.04
CA ASN A 54 13.04 38.89 -21.61
C ASN A 54 13.52 38.34 -22.95
N SER A 55 14.06 39.21 -23.80
CA SER A 55 14.69 38.74 -25.04
C SER A 55 15.77 37.70 -24.75
N GLN A 56 16.58 37.94 -23.73
CA GLN A 56 17.66 36.98 -23.42
C GLN A 56 17.12 35.63 -22.98
N VAL A 57 16.11 35.62 -22.09
CA VAL A 57 15.56 34.35 -21.63
C VAL A 57 14.98 33.55 -22.78
N ARG A 58 14.19 34.22 -23.64
CA ARG A 58 13.54 33.53 -24.73
C ARG A 58 14.55 33.02 -25.76
N GLY A 59 15.59 33.82 -26.02
CA GLY A 59 16.63 33.38 -26.94
C GLY A 59 17.41 32.20 -26.43
N LEU A 60 17.69 32.15 -25.12
CA LEU A 60 18.37 30.99 -24.57
C LEU A 60 17.54 29.72 -24.70
N GLU A 61 16.22 29.84 -24.52
CA GLU A 61 15.35 28.69 -24.73
C GLU A 61 15.47 28.15 -26.16
N VAL A 62 15.33 29.03 -27.15
CA VAL A 62 15.43 28.57 -28.54
C VAL A 62 16.83 28.04 -28.86
N GLY A 63 17.86 28.62 -28.26
CA GLY A 63 19.21 28.16 -28.52
C GLY A 63 19.48 26.77 -28.01
N MET A 64 18.93 26.43 -26.83
CA MET A 64 19.03 25.05 -26.35
C MET A 64 18.30 24.09 -27.28
N ARG A 65 17.18 24.53 -27.85
CA ARG A 65 16.53 23.66 -28.85
C ARG A 65 17.44 23.39 -30.05
N ASN A 66 18.09 24.44 -30.57
CA ASN A 66 19.02 24.25 -31.69
C ASN A 66 20.20 23.35 -31.32
N ALA A 67 20.72 23.49 -30.09
CA ALA A 67 21.83 22.65 -29.66
C ALA A 67 21.44 21.18 -29.62
N ASN A 68 20.21 20.90 -29.20
CA ASN A 68 19.78 19.51 -29.16
C ASN A 68 19.59 18.95 -30.58
N ASP A 69 19.17 19.80 -31.52
CA ASP A 69 19.14 19.41 -32.93
C ASP A 69 20.53 19.02 -33.44
N ALA A 70 21.55 19.81 -33.11
CA ALA A 70 22.91 19.48 -33.52
C ALA A 70 23.37 18.16 -32.92
N ILE A 71 23.06 17.91 -31.65
CA ILE A 71 23.44 16.65 -31.02
C ILE A 71 22.78 15.48 -31.75
N SER A 72 21.52 15.65 -32.16
CA SER A 72 20.82 14.60 -32.90
C SER A 72 21.52 14.26 -34.20
N ILE A 73 21.85 15.29 -35.00
CA ILE A 73 22.53 15.06 -36.28
C ILE A 73 23.84 14.30 -36.06
N ALA A 74 24.67 14.79 -35.13
CA ALA A 74 25.97 14.16 -34.90
C ALA A 74 25.82 12.72 -34.44
N GLN A 75 24.81 12.44 -33.62
CA GLN A 75 24.59 11.11 -33.11
C GLN A 75 24.19 10.13 -34.21
N ILE A 76 23.33 10.56 -35.12
CA ILE A 76 22.96 9.69 -36.25
C ILE A 76 24.16 9.37 -37.13
N ALA A 77 24.94 10.39 -37.51
CA ALA A 77 26.09 10.14 -38.38
C ALA A 77 27.13 9.23 -37.71
N GLU A 78 27.45 9.52 -36.45
CA GLU A 78 28.39 8.72 -35.70
C GLU A 78 27.94 7.27 -35.58
N GLY A 79 26.64 7.04 -35.39
CA GLY A 79 26.17 5.66 -35.34
C GLY A 79 26.24 4.96 -36.67
N ALA A 80 26.05 5.69 -37.77
CA ALA A 80 26.18 5.09 -39.09
C ALA A 80 27.59 4.60 -39.37
N MET A 81 28.62 5.31 -38.89
CA MET A 81 29.99 4.92 -39.22
C MET A 81 30.46 3.60 -38.58
N GLN A 82 29.76 3.13 -37.53
CA GLN A 82 30.17 1.92 -36.83
C GLN A 82 30.00 0.66 -37.68
N GLU A 83 28.89 0.55 -38.42
CA GLU A 83 28.70 -0.59 -39.31
C GLU A 83 29.72 -0.61 -40.43
N GLN A 84 30.12 0.57 -40.90
CA GLN A 84 31.17 0.66 -41.90
C GLN A 84 32.49 0.12 -41.37
N THR A 85 32.86 0.53 -40.15
CA THR A 85 34.04 -0.05 -39.50
C THR A 85 33.95 -1.57 -39.41
N ASN A 86 32.80 -2.08 -39.03
CA ASN A 86 32.60 -3.51 -38.86
C ASN A 86 32.81 -4.27 -40.16
N MET A 87 32.25 -3.75 -41.25
CA MET A 87 32.40 -4.41 -42.55
C MET A 87 33.84 -4.33 -43.04
N LEU A 88 34.54 -3.23 -42.77
CA LEU A 88 35.96 -3.16 -43.15
C LEU A 88 36.80 -4.19 -42.41
N GLN A 89 36.50 -4.44 -41.13
CA GLN A 89 37.20 -5.51 -40.41
C GLN A 89 36.96 -6.86 -41.07
N ARG A 90 35.72 -7.13 -41.48
CA ARG A 90 35.43 -8.37 -42.17
C ARG A 90 36.23 -8.51 -43.47
N MET A 91 36.30 -7.44 -44.27
CA MET A 91 37.09 -7.47 -45.51
C MET A 91 38.56 -7.70 -45.22
N ARG A 92 39.08 -7.13 -44.14
CA ARG A 92 40.46 -7.40 -43.75
C ARG A 92 40.70 -8.88 -43.49
N ASP A 93 39.78 -9.53 -42.80
CA ASP A 93 39.92 -10.98 -42.59
C ASP A 93 39.89 -11.76 -43.89
N LEU A 94 38.99 -11.38 -44.80
CA LEU A 94 38.93 -12.05 -46.11
C LEU A 94 40.24 -11.88 -46.89
N THR A 95 40.83 -10.68 -46.81
CA THR A 95 42.09 -10.45 -47.52
C THR A 95 43.23 -11.26 -46.91
N VAL A 96 43.30 -11.36 -45.59
CA VAL A 96 44.33 -12.19 -44.98
C VAL A 96 44.12 -13.66 -45.37
N GLN A 97 42.86 -14.08 -45.51
CA GLN A 97 42.59 -15.46 -45.91
C GLN A 97 42.98 -15.73 -47.36
N SER A 98 42.98 -14.70 -48.22
CA SER A 98 43.41 -14.90 -49.59
C SER A 98 44.88 -15.27 -49.74
N GLU A 99 45.71 -14.99 -48.74
CA GLU A 99 47.14 -15.28 -48.79
C GLU A 99 47.46 -16.68 -48.30
N ASN A 100 46.97 -17.69 -48.99
CA ASN A 100 47.06 -19.08 -48.55
C ASN A 100 47.44 -19.93 -49.74
N GLY A 101 48.62 -20.54 -49.70
CA GLY A 101 49.11 -21.29 -50.84
C GLY A 101 48.35 -22.55 -51.16
N ALA A 102 47.19 -22.74 -50.55
CA ALA A 102 46.33 -23.87 -50.86
C ALA A 102 45.05 -23.43 -51.56
N ASN A 103 44.78 -22.13 -51.63
CA ASN A 103 43.64 -21.63 -52.37
C ASN A 103 43.85 -21.82 -53.86
N SER A 104 42.76 -22.01 -54.59
CA SER A 104 42.77 -22.05 -56.04
C SER A 104 41.94 -20.89 -56.57
N SER A 105 41.76 -20.82 -57.89
CA SER A 105 41.10 -19.66 -58.48
C SER A 105 39.62 -19.60 -58.09
N ALA A 106 38.99 -20.76 -57.89
CA ALA A 106 37.59 -20.76 -57.47
C ALA A 106 37.41 -20.24 -56.05
N ASP A 107 38.31 -20.64 -55.15
CA ASP A 107 38.25 -20.13 -53.77
C ASP A 107 38.53 -18.63 -53.73
N LEU A 108 39.48 -18.16 -54.53
CA LEU A 108 39.76 -16.73 -54.61
C LEU A 108 38.55 -15.98 -55.15
N SER A 109 37.84 -16.56 -56.11
CA SER A 109 36.64 -15.91 -56.64
C SER A 109 35.54 -15.83 -55.59
N ALA A 110 35.40 -16.87 -54.76
CA ALA A 110 34.41 -16.82 -53.68
C ALA A 110 34.73 -15.73 -52.67
N LEU A 111 35.99 -15.69 -52.21
CA LEU A 111 36.44 -14.63 -51.31
C LEU A 111 36.17 -13.25 -51.90
N LYS A 112 36.49 -13.06 -53.19
CA LYS A 112 36.31 -11.73 -53.76
C LYS A 112 34.84 -11.38 -53.96
N ALA A 113 33.98 -12.35 -54.24
CA ALA A 113 32.56 -12.07 -54.33
C ALA A 113 32.02 -11.53 -53.01
N GLU A 114 32.45 -12.10 -51.89
CA GLU A 114 31.99 -11.54 -50.63
C GLU A 114 32.58 -10.15 -50.36
N MET A 115 33.85 -9.93 -50.74
CA MET A 115 34.41 -8.57 -50.62
C MET A 115 33.59 -7.54 -51.39
N ASP A 116 33.18 -7.88 -52.61
CA ASP A 116 32.39 -6.93 -53.40
C ASP A 116 31.04 -6.64 -52.77
N GLN A 117 30.38 -7.66 -52.23
CA GLN A 117 29.11 -7.38 -51.55
C GLN A 117 29.30 -6.46 -50.35
N LEU A 118 30.39 -6.64 -49.60
CA LEU A 118 30.64 -5.75 -48.46
C LEU A 118 30.93 -4.32 -48.90
N ALA A 119 31.66 -4.15 -50.00
CA ALA A 119 31.90 -2.79 -50.49
C ALA A 119 30.62 -2.13 -50.99
N ASN A 120 29.72 -2.92 -51.60
CA ASN A 120 28.41 -2.39 -51.97
C ASN A 120 27.61 -1.93 -50.76
N GLU A 121 27.65 -2.69 -49.67
CA GLU A 121 26.92 -2.22 -48.48
C GLU A 121 27.56 -0.99 -47.83
N ILE A 122 28.89 -0.88 -47.87
CA ILE A 122 29.54 0.36 -47.40
C ILE A 122 29.05 1.55 -48.23
N ASP A 123 28.97 1.39 -49.54
CA ASP A 123 28.47 2.48 -50.38
C ASP A 123 27.01 2.80 -50.09
N GLU A 124 26.19 1.78 -49.88
CA GLU A 124 24.78 2.02 -49.58
C GLU A 124 24.60 2.81 -48.29
N ILE A 125 25.31 2.41 -47.22
CA ILE A 125 25.24 3.19 -45.99
C ILE A 125 25.71 4.62 -46.23
N GLY A 126 26.73 4.79 -47.08
CA GLY A 126 27.21 6.13 -47.37
C GLY A 126 26.17 7.02 -48.04
N LYS A 127 25.38 6.47 -48.95
CA LYS A 127 24.41 7.31 -49.66
C LYS A 127 23.03 7.34 -49.01
N THR A 128 22.75 6.48 -48.03
CA THR A 128 21.38 6.31 -47.55
C THR A 128 21.11 7.07 -46.26
N THR A 129 22.12 7.28 -45.43
CA THR A 129 21.93 7.90 -44.12
C THR A 129 21.38 9.31 -44.22
N ALA A 130 20.32 9.60 -43.46
CA ALA A 130 19.62 10.86 -43.59
C ALA A 130 19.06 11.30 -42.25
N PHE A 131 18.75 12.59 -42.15
CA PHE A 131 17.94 13.17 -41.09
C PHE A 131 16.63 13.61 -41.74
N GLY A 132 15.64 12.73 -41.71
CA GLY A 132 14.43 12.98 -42.46
C GLY A 132 14.67 12.80 -43.93
N THR A 133 14.94 13.89 -44.64
CA THR A 133 15.23 13.83 -46.06
C THR A 133 16.57 14.43 -46.46
N THR A 134 17.34 14.98 -45.53
CA THR A 134 18.63 15.56 -45.87
C THR A 134 19.73 14.53 -45.64
N LYS A 135 20.61 14.38 -46.62
CA LYS A 135 21.67 13.39 -46.53
C LYS A 135 22.81 13.90 -45.66
N LEU A 136 23.45 12.99 -44.92
CA LEU A 136 24.49 13.35 -43.97
C LEU A 136 25.88 12.91 -44.39
N LEU A 137 26.03 11.73 -45.00
CA LEU A 137 27.35 11.22 -45.32
C LEU A 137 27.71 11.33 -46.79
N ALA A 138 27.07 12.21 -47.54
CA ALA A 138 27.32 12.29 -48.97
C ALA A 138 28.16 13.50 -49.38
N GLY A 139 28.43 14.40 -48.45
CA GLY A 139 29.23 15.59 -48.74
C GLY A 139 28.52 16.90 -48.53
N GLY A 140 27.28 16.92 -48.03
CA GLY A 140 26.57 18.16 -47.82
C GLY A 140 26.99 18.91 -46.58
N PHE A 141 27.66 18.24 -45.65
CA PHE A 141 28.20 18.87 -44.44
C PHE A 141 29.72 18.99 -44.50
N SER A 142 30.33 18.79 -45.68
CA SER A 142 31.79 18.82 -45.77
C SER A 142 32.35 20.17 -45.36
N ALA A 143 31.72 21.25 -45.79
CA ALA A 143 31.85 22.54 -45.12
C ALA A 143 30.68 22.66 -44.17
N GLY A 144 30.97 22.78 -42.88
CA GLY A 144 29.95 22.56 -41.87
C GLY A 144 28.79 23.52 -41.95
N LYS A 145 27.74 23.19 -41.21
CA LYS A 145 26.58 24.05 -41.03
C LYS A 145 26.59 24.62 -39.62
N ASN A 146 26.07 25.83 -39.47
CA ASN A 146 26.04 26.49 -38.18
C ASN A 146 24.69 26.36 -37.51
N PHE A 147 24.72 26.17 -36.20
CA PHE A 147 23.54 26.19 -35.34
C PHE A 147 23.75 27.32 -34.34
N GLN A 148 22.82 28.27 -34.29
CA GLN A 148 22.94 29.35 -33.33
C GLN A 148 22.48 28.86 -31.96
N VAL A 149 23.43 28.72 -31.02
CA VAL A 149 23.13 28.14 -29.73
C VAL A 149 22.97 29.18 -28.63
N GLY A 150 23.00 30.46 -28.97
CA GLY A 150 22.80 31.53 -28.02
C GLY A 150 21.69 32.48 -28.45
N ALA A 151 21.56 33.56 -27.68
CA ALA A 151 20.52 34.54 -27.95
C ALA A 151 20.96 35.63 -28.92
N GLN A 152 22.26 35.85 -29.08
CA GLN A 152 22.78 36.92 -29.92
C GLN A 152 23.43 36.35 -31.17
N ASP A 153 23.55 37.21 -32.18
CA ASP A 153 24.12 36.81 -33.44
C ASP A 153 25.61 36.52 -33.32
N GLY A 154 26.04 35.43 -33.95
CA GLY A 154 27.43 35.03 -33.93
C GLY A 154 27.78 34.00 -32.89
N GLU A 155 26.86 33.69 -31.98
CA GLU A 155 27.08 32.70 -30.93
C GLU A 155 26.56 31.36 -31.44
N ASP A 156 27.45 30.61 -32.07
CA ASP A 156 27.03 29.42 -32.81
C ASP A 156 28.16 28.41 -32.95
N ILE A 157 27.77 27.17 -33.25
CA ILE A 157 28.66 26.03 -33.32
C ILE A 157 28.52 25.40 -34.70
N LYS A 158 29.63 24.91 -35.24
CA LYS A 158 29.67 24.37 -36.60
C LYS A 158 29.84 22.86 -36.56
N VAL A 159 29.00 22.14 -37.30
CA VAL A 159 29.03 20.68 -37.37
C VAL A 159 29.50 20.27 -38.76
N THR A 160 30.60 19.53 -38.82
CA THR A 160 31.25 19.17 -40.07
C THR A 160 31.29 17.66 -40.21
N VAL A 161 30.83 17.15 -41.35
CA VAL A 161 30.90 15.73 -41.68
C VAL A 161 31.37 15.61 -43.12
N LYS A 162 32.38 14.80 -43.36
CA LYS A 162 32.86 14.57 -44.71
C LYS A 162 32.21 13.32 -45.30
N ALA A 163 32.35 13.17 -46.61
CA ALA A 163 31.75 12.03 -47.29
C ALA A 163 32.51 10.76 -46.99
N SER A 164 31.77 9.67 -46.74
CA SER A 164 32.37 8.37 -46.47
C SER A 164 31.59 7.30 -47.21
N ASN A 165 32.20 6.76 -48.26
CA ASN A 165 31.60 5.78 -49.14
C ASN A 165 32.74 5.03 -49.80
N LYS A 166 32.43 4.04 -50.62
CA LYS A 166 33.50 3.18 -51.13
C LYS A 166 34.39 3.91 -52.14
N SER A 167 33.99 5.10 -52.58
CA SER A 167 34.79 5.83 -53.55
C SER A 167 35.77 6.77 -52.88
N SER A 168 35.33 7.42 -51.79
CA SER A 168 36.22 8.33 -51.07
C SER A 168 37.15 7.57 -50.14
N LEU A 169 36.79 6.36 -49.73
CA LEU A 169 37.65 5.54 -48.90
C LEU A 169 38.61 4.68 -49.71
N SER A 170 38.52 4.72 -51.03
CA SER A 170 39.41 4.00 -51.95
C SER A 170 39.36 2.49 -51.77
N VAL A 171 38.20 1.94 -51.41
CA VAL A 171 38.04 0.49 -51.30
C VAL A 171 37.11 -0.07 -52.36
N GLY A 172 36.80 0.71 -53.39
CA GLY A 172 35.84 0.29 -54.39
C GLY A 172 36.40 -0.52 -55.54
N SER A 173 37.68 -0.86 -55.53
CA SER A 173 38.29 -1.65 -56.60
C SER A 173 39.45 -2.49 -56.09
N LEU A 174 39.17 -3.42 -55.18
CA LEU A 174 40.24 -4.19 -54.56
C LEU A 174 40.33 -5.56 -55.23
N GLY A 175 41.56 -6.05 -55.34
CA GLY A 175 41.79 -7.34 -55.97
C GLY A 175 42.54 -8.26 -55.03
N ASN A 176 42.51 -9.55 -55.36
CA ASN A 176 43.16 -10.55 -54.53
C ASN A 176 43.79 -11.66 -55.34
N THR A 177 43.97 -11.46 -56.64
CA THR A 177 44.41 -12.56 -57.50
C THR A 177 45.92 -12.64 -57.61
N THR A 178 46.65 -11.65 -57.10
CA THR A 178 48.11 -11.59 -57.20
C THR A 178 48.65 -11.10 -55.86
N SER A 179 49.89 -11.48 -55.56
CA SER A 179 50.53 -11.11 -54.29
C SER A 179 50.54 -9.60 -54.07
N ALA A 180 50.91 -8.84 -55.12
CA ALA A 180 50.95 -7.39 -54.99
C ALA A 180 49.55 -6.81 -54.81
N ALA A 181 48.55 -7.42 -55.43
CA ALA A 181 47.18 -6.95 -55.27
C ALA A 181 46.70 -7.15 -53.84
N ARG A 182 47.08 -8.27 -53.21
CA ARG A 182 46.73 -8.49 -51.82
C ARG A 182 47.42 -7.49 -50.90
N ALA A 183 48.71 -7.22 -51.14
CA ALA A 183 49.41 -6.23 -50.33
C ALA A 183 48.74 -4.86 -50.43
N SER A 184 48.40 -4.46 -51.66
CA SER A 184 47.77 -3.17 -51.87
C SER A 184 46.40 -3.09 -51.19
N SER A 185 45.62 -4.17 -51.27
CA SER A 185 44.31 -4.18 -50.63
C SER A 185 44.43 -4.09 -49.12
N LEU A 186 45.40 -4.78 -48.53
CA LEU A 186 45.60 -4.68 -47.09
C LEU A 186 45.90 -3.24 -46.68
N LYS A 187 46.82 -2.58 -47.40
CA LYS A 187 47.15 -1.21 -47.03
C LYS A 187 45.96 -0.27 -47.13
N LYS A 188 45.16 -0.39 -48.20
CA LYS A 188 44.03 0.53 -48.32
C LYS A 188 42.92 0.25 -47.31
N ILE A 189 42.68 -1.00 -46.94
CA ILE A 189 41.69 -1.25 -45.89
C ILE A 189 42.14 -0.67 -44.56
N ASP A 190 43.44 -0.81 -44.22
CA ASP A 190 43.92 -0.22 -42.97
C ASP A 190 43.79 1.30 -42.98
N ALA A 191 44.09 1.92 -44.12
CA ALA A 191 43.96 3.38 -44.21
C ALA A 191 42.50 3.81 -44.04
N ALA A 192 41.56 3.07 -44.61
CA ALA A 192 40.15 3.42 -44.48
C ALA A 192 39.69 3.34 -43.02
N ILE A 193 40.12 2.30 -42.32
CA ILE A 193 39.79 2.20 -40.89
C ILE A 193 40.32 3.43 -40.15
N LYS A 194 41.54 3.87 -40.47
CA LYS A 194 42.09 5.05 -39.83
C LYS A 194 41.25 6.31 -40.07
N THR A 195 40.82 6.54 -41.31
CA THR A 195 40.08 7.78 -41.58
C THR A 195 38.71 7.78 -40.90
N ILE A 196 38.05 6.63 -40.85
CA ILE A 196 36.79 6.58 -40.12
C ILE A 196 37.01 6.86 -38.63
N ASP A 197 38.08 6.32 -38.04
CA ASP A 197 38.39 6.65 -36.65
C ASP A 197 38.52 8.15 -36.45
N ALA A 198 39.21 8.84 -37.35
CA ALA A 198 39.40 10.28 -37.17
C ALA A 198 38.06 11.03 -37.22
N GLN A 199 37.20 10.68 -38.18
CA GLN A 199 35.89 11.32 -38.24
C GLN A 199 35.07 11.10 -36.97
N ARG A 200 35.09 9.87 -36.45
CA ARG A 200 34.32 9.59 -35.24
C ARG A 200 34.87 10.37 -34.05
N ALA A 201 36.18 10.55 -34.00
CA ALA A 201 36.79 11.35 -32.94
C ALA A 201 36.26 12.79 -32.95
N ASP A 202 36.25 13.42 -34.13
CA ASP A 202 35.75 14.79 -34.19
C ASP A 202 34.27 14.90 -33.82
N LEU A 203 33.44 13.96 -34.26
CA LEU A 203 32.03 14.02 -33.87
C LEU A 203 31.85 13.85 -32.36
N GLY A 204 32.64 12.98 -31.74
CA GLY A 204 32.54 12.83 -30.30
C GLY A 204 32.92 14.09 -29.54
N ALA A 205 34.00 14.75 -29.98
CA ALA A 205 34.37 16.02 -29.38
C ALA A 205 33.25 17.06 -29.48
N ILE A 206 32.61 17.13 -30.66
CA ILE A 206 31.48 18.06 -30.82
C ILE A 206 30.36 17.76 -29.83
N GLN A 207 30.03 16.48 -29.64
CA GLN A 207 28.95 16.16 -28.71
C GLN A 207 29.27 16.55 -27.27
N ASN A 208 30.51 16.29 -26.83
CA ASN A 208 30.91 16.72 -25.49
C ASN A 208 30.77 18.23 -25.31
N ARG A 209 31.26 18.98 -26.30
CA ARG A 209 31.17 20.44 -26.26
C ARG A 209 29.72 20.92 -26.15
N LEU A 210 28.82 20.32 -26.93
CA LEU A 210 27.42 20.74 -26.89
C LEU A 210 26.78 20.43 -25.55
N ALA A 211 27.19 19.33 -24.92
CA ALA A 211 26.67 19.02 -23.58
C ALA A 211 27.03 20.10 -22.58
N HIS A 212 28.32 20.47 -22.52
CA HIS A 212 28.73 21.56 -21.63
C HIS A 212 27.98 22.86 -21.92
N ASN A 213 27.78 23.16 -23.20
CA ASN A 213 27.14 24.44 -23.55
C ASN A 213 25.67 24.47 -23.11
N ILE A 214 24.96 23.35 -23.26
CA ILE A 214 23.57 23.31 -22.82
C ILE A 214 23.48 23.45 -21.30
N SER A 215 24.40 22.82 -20.58
CA SER A 215 24.41 22.95 -19.12
C SER A 215 24.59 24.41 -18.69
N ASN A 216 25.54 25.11 -19.33
CA ASN A 216 25.77 26.50 -18.99
C ASN A 216 24.56 27.37 -19.33
N SER A 217 23.87 27.08 -20.43
CA SER A 217 22.69 27.88 -20.78
C SER A 217 21.56 27.69 -19.78
N ALA A 218 21.38 26.46 -19.27
CA ALA A 218 20.35 26.25 -18.25
C ALA A 218 20.66 27.06 -16.99
N ASN A 219 21.91 27.00 -16.52
CA ASN A 219 22.31 27.84 -15.39
C ASN A 219 21.97 29.31 -15.63
N THR A 220 22.39 29.85 -16.76
CA THR A 220 22.23 31.28 -17.01
C THR A 220 20.76 31.65 -17.12
N GLN A 221 19.95 30.79 -17.72
CA GLN A 221 18.52 31.06 -17.79
C GLN A 221 17.90 31.18 -16.40
N ALA A 222 18.25 30.26 -15.49
CA ALA A 222 17.73 30.37 -14.13
C ALA A 222 18.13 31.69 -13.47
N ASN A 223 19.42 32.06 -13.56
CA ASN A 223 19.87 33.28 -12.90
C ASN A 223 19.24 34.53 -13.50
N VAL A 224 19.06 34.57 -14.82
CA VAL A 224 18.49 35.75 -15.46
C VAL A 224 17.00 35.86 -15.18
N ALA A 225 16.28 34.73 -15.09
CA ALA A 225 14.87 34.80 -14.73
C ALA A 225 14.69 35.28 -13.30
N ASP A 226 15.57 34.86 -12.39
CA ASP A 226 15.60 35.44 -11.05
C ASP A 226 15.79 36.96 -11.09
N ALA A 227 16.78 37.42 -11.86
CA ALA A 227 17.04 38.84 -11.99
C ALA A 227 15.83 39.61 -12.49
N LYS A 228 15.14 39.08 -13.50
CA LYS A 228 13.97 39.76 -14.05
C LYS A 228 12.82 39.77 -13.06
N SER A 229 12.63 38.68 -12.33
CA SER A 229 11.57 38.63 -11.33
C SER A 229 11.77 39.69 -10.25
N ARG A 230 13.04 39.95 -9.87
CA ARG A 230 13.29 41.00 -8.88
C ARG A 230 12.81 42.36 -9.36
N ILE A 231 12.69 42.57 -10.66
CA ILE A 231 12.32 43.88 -11.18
C ILE A 231 10.83 43.97 -11.52
N VAL A 232 10.24 42.92 -12.08
CA VAL A 232 8.92 43.03 -12.70
C VAL A 232 7.80 42.58 -11.77
N ASP A 233 8.01 41.55 -10.96
CA ASP A 233 6.93 40.92 -10.22
C ASP A 233 6.54 41.72 -8.98
N VAL A 234 5.31 41.50 -8.52
CA VAL A 234 4.77 42.22 -7.37
C VAL A 234 5.07 41.44 -6.09
N ASP A 235 5.10 42.15 -4.98
CA ASP A 235 5.25 41.59 -3.65
C ASP A 235 3.87 41.53 -2.99
N PHE A 236 3.40 40.32 -2.70
CA PHE A 236 2.05 40.17 -2.16
C PHE A 236 1.96 40.66 -0.72
N ALA A 237 3.01 40.40 0.07
CA ALA A 237 3.00 40.81 1.48
C ALA A 237 2.88 42.31 1.64
N LYS A 238 3.49 43.07 0.73
CA LYS A 238 3.45 44.53 0.79
C LYS A 238 2.16 45.07 0.19
N GLU A 239 1.70 44.44 -0.88
CA GLU A 239 0.62 45.03 -1.67
C GLU A 239 -0.72 44.79 -0.97
N THR A 240 -0.87 43.65 -0.30
CA THR A 240 -2.09 43.42 0.49
C THR A 240 -2.20 44.41 1.65
N SER A 241 -1.08 44.75 2.26
CA SER A 241 -1.09 45.74 3.34
C SER A 241 -1.52 47.12 2.82
N GLN A 242 -0.97 47.53 1.68
CA GLN A 242 -1.40 48.80 1.09
C GLN A 242 -2.90 48.78 0.76
N MET A 243 -3.39 47.64 0.25
CA MET A 243 -4.81 47.55 -0.08
C MET A 243 -5.69 47.75 1.15
N THR A 244 -5.35 47.07 2.25
CA THR A 244 -6.17 47.20 3.46
C THR A 244 -6.13 48.63 4.02
N LYS A 245 -4.95 49.27 3.98
CA LYS A 245 -4.87 50.65 4.43
C LYS A 245 -5.80 51.56 3.63
N ASN A 246 -5.81 51.41 2.31
CA ASN A 246 -6.65 52.29 1.50
C ASN A 246 -8.14 51.97 1.66
N GLN A 247 -8.48 50.71 1.93
CA GLN A 247 -9.86 50.39 2.28
C GLN A 247 -10.34 51.17 3.51
N VAL A 248 -9.57 51.10 4.59
CA VAL A 248 -9.97 51.82 5.80
C VAL A 248 -10.04 53.32 5.54
N LEU A 249 -9.09 53.87 4.79
CA LEU A 249 -9.15 55.30 4.50
C LEU A 249 -10.38 55.67 3.68
N GLN A 250 -10.80 54.79 2.77
CA GLN A 250 -12.02 55.07 2.02
C GLN A 250 -13.23 55.16 2.93
N GLN A 251 -13.36 54.22 3.86
CA GLN A 251 -14.52 54.27 4.76
C GLN A 251 -14.49 55.52 5.64
N THR A 252 -13.31 55.89 6.14
CA THR A 252 -13.20 57.09 6.97
C THR A 252 -13.52 58.35 6.18
N GLY A 253 -13.00 58.46 4.96
CA GLY A 253 -13.24 59.64 4.15
C GLY A 253 -14.69 59.77 3.72
N SER A 254 -15.34 58.64 3.44
CA SER A 254 -16.77 58.66 3.15
C SER A 254 -17.57 59.19 4.34
N ALA A 255 -17.30 58.66 5.53
CA ALA A 255 -17.98 59.17 6.73
C ALA A 255 -17.75 60.66 6.93
N MET A 256 -16.51 61.11 6.70
CA MET A 256 -16.19 62.50 6.99
C MET A 256 -16.82 63.44 5.98
N LEU A 257 -16.91 63.02 4.71
CA LEU A 257 -17.59 63.84 3.70
C LEU A 257 -19.09 63.90 3.95
N ALA A 258 -19.70 62.78 4.34
CA ALA A 258 -21.12 62.80 4.66
C ALA A 258 -21.41 63.71 5.84
N GLN A 259 -20.50 63.74 6.83
CA GLN A 259 -20.68 64.67 7.94
C GLN A 259 -20.39 66.11 7.53
N ALA A 260 -19.53 66.31 6.53
CA ALA A 260 -19.20 67.66 6.11
C ALA A 260 -20.32 68.32 5.32
N ASN A 261 -21.09 67.54 4.56
CA ASN A 261 -22.20 68.13 3.82
C ASN A 261 -23.36 68.62 4.67
N GLN A 262 -23.31 68.46 6.00
CA GLN A 262 -24.39 68.93 6.86
C GLN A 262 -24.06 70.23 7.58
N LEU A 263 -23.01 70.95 7.19
CA LEU A 263 -22.64 72.18 7.89
C LEU A 263 -23.54 73.38 7.62
N PRO A 264 -24.09 73.58 6.42
CA PRO A 264 -24.94 74.76 6.20
C PRO A 264 -26.24 74.75 6.98
N GLN A 265 -26.49 73.75 7.83
CA GLN A 265 -27.75 73.70 8.56
C GLN A 265 -27.73 74.47 9.87
N VAL A 266 -26.63 75.13 10.23
CA VAL A 266 -26.62 75.99 11.40
C VAL A 266 -27.41 77.26 11.11
N ALA A 267 -27.46 77.68 9.85
CA ALA A 267 -28.19 78.88 9.47
C ALA A 267 -29.67 78.73 9.75
N LEU A 268 -30.23 77.56 9.50
CA LEU A 268 -31.64 77.32 9.80
C LEU A 268 -31.92 77.49 11.29
N SER A 269 -30.94 77.13 12.13
CA SER A 269 -31.08 77.38 13.56
C SER A 269 -31.07 78.87 13.86
N LEU A 270 -30.16 79.62 13.25
CA LEU A 270 -30.16 81.06 13.49
C LEU A 270 -31.38 81.73 12.90
N LEU A 271 -32.02 81.08 11.93
CA LEU A 271 -33.09 81.72 11.18
C LEU A 271 -34.45 81.43 11.79
N ALA B 1 10.85 38.08 -0.95
CA ALA B 1 9.58 38.38 -1.60
C ALA B 1 8.70 37.15 -1.73
N ILE B 2 7.39 37.37 -1.78
CA ILE B 2 6.42 36.31 -2.00
C ILE B 2 5.80 36.57 -3.36
N THR B 3 6.23 35.82 -4.37
CA THR B 3 5.81 36.05 -5.75
C THR B 3 5.16 34.81 -6.32
N VAL B 4 4.32 35.01 -7.33
CA VAL B 4 3.58 33.91 -7.94
C VAL B 4 4.03 33.68 -9.38
N ASN B 5 4.54 34.71 -10.04
CA ASN B 5 4.74 34.66 -11.48
C ASN B 5 6.02 33.95 -11.90
N THR B 6 6.99 33.81 -10.99
CA THR B 6 8.27 33.17 -11.31
C THR B 6 8.70 32.35 -10.11
N ASN B 7 9.22 31.15 -10.37
CA ASN B 7 9.60 30.22 -9.32
C ASN B 7 10.97 29.67 -9.70
N VAL B 8 12.01 30.09 -8.97
CA VAL B 8 13.38 29.76 -9.36
C VAL B 8 13.82 28.44 -8.73
N THR B 9 13.33 28.15 -7.54
CA THR B 9 13.62 26.88 -6.90
C THR B 9 13.16 25.72 -7.77
N SER B 10 12.01 25.89 -8.42
CA SER B 10 11.52 24.84 -9.31
C SER B 10 12.43 24.67 -10.52
N LEU B 11 12.93 25.76 -11.08
CA LEU B 11 13.85 25.67 -12.22
C LEU B 11 15.10 24.89 -11.86
N LYS B 12 15.68 25.20 -10.69
CA LYS B 12 16.90 24.52 -10.28
C LYS B 12 16.64 23.04 -9.98
N ALA B 13 15.50 22.74 -9.34
CA ALA B 13 15.15 21.34 -9.09
C ALA B 13 14.96 20.57 -10.39
N GLN B 14 14.33 21.20 -11.39
CA GLN B 14 14.19 20.57 -12.70
C GLN B 14 15.55 20.22 -13.29
N LYS B 15 16.50 21.15 -13.21
CA LYS B 15 17.79 20.87 -13.82
C LYS B 15 18.53 19.73 -13.11
N ASN B 16 18.47 19.70 -11.77
CA ASN B 16 19.10 18.59 -11.06
C ASN B 16 18.46 17.25 -11.40
N LEU B 17 17.12 17.22 -11.46
CA LEU B 17 16.43 15.97 -11.77
C LEU B 17 16.78 15.48 -13.17
N ASN B 18 16.91 16.39 -14.12
CA ASN B 18 17.29 16.00 -15.47
C ASN B 18 18.71 15.42 -15.51
N THR B 19 19.64 16.04 -14.78
CA THR B 19 21.00 15.52 -14.74
C THR B 19 21.03 14.10 -14.18
N SER B 20 20.30 13.87 -13.10
CA SER B 20 20.25 12.53 -12.50
C SER B 20 19.67 11.51 -13.47
N ALA B 21 18.58 11.86 -14.17
CA ALA B 21 17.97 10.92 -15.11
C ALA B 21 18.93 10.57 -16.25
N SER B 22 19.64 11.56 -16.78
CA SER B 22 20.61 11.28 -17.82
C SER B 22 21.69 10.31 -17.35
N ASP B 23 22.24 10.54 -16.16
CA ASP B 23 23.27 9.64 -15.64
C ASP B 23 22.75 8.22 -15.49
N LEU B 24 21.52 8.07 -14.99
CA LEU B 24 20.95 6.74 -14.81
C LEU B 24 20.77 6.02 -16.15
N ALA B 25 20.28 6.73 -17.16
CA ALA B 25 20.12 6.13 -18.48
C ALA B 25 21.47 5.66 -19.05
N THR B 26 22.51 6.48 -18.90
CA THR B 26 23.84 6.06 -19.36
C THR B 26 24.29 4.78 -18.68
N SER B 27 24.14 4.70 -17.37
CA SER B 27 24.54 3.50 -16.64
C SER B 27 23.76 2.27 -17.09
N MET B 28 22.45 2.43 -17.29
CA MET B 28 21.62 1.32 -17.76
C MET B 28 22.10 0.79 -19.09
N GLU B 29 22.41 1.70 -20.03
CA GLU B 29 22.96 1.29 -21.33
C GLU B 29 24.25 0.51 -21.18
N ARG B 30 25.16 1.00 -20.33
CA ARG B 30 26.45 0.34 -20.18
C ARG B 30 26.30 -1.06 -19.57
N LEU B 31 25.38 -1.23 -18.62
CA LEU B 31 25.16 -2.57 -18.07
C LEU B 31 24.47 -3.50 -19.08
N SER B 32 23.60 -2.96 -19.92
CA SER B 32 22.93 -3.81 -20.90
C SER B 32 23.89 -4.27 -21.99
N SER B 33 24.84 -3.42 -22.37
CA SER B 33 25.74 -3.75 -23.47
C SER B 33 26.92 -4.60 -23.02
N GLY B 34 27.48 -4.32 -21.87
CA GLY B 34 28.70 -4.97 -21.41
C GLY B 34 29.98 -4.26 -21.80
N LEU B 35 29.88 -3.06 -22.38
CA LEU B 35 31.02 -2.30 -22.87
C LEU B 35 31.06 -0.94 -22.22
N ARG B 36 32.28 -0.44 -21.98
CA ARG B 36 32.44 0.89 -21.44
C ARG B 36 32.35 1.95 -22.53
N ILE B 37 32.85 1.65 -23.71
CA ILE B 37 32.89 2.60 -24.82
C ILE B 37 31.84 2.16 -25.83
N ASN B 38 30.70 2.86 -25.84
CA ASN B 38 29.66 2.61 -26.84
C ASN B 38 29.68 3.60 -27.98
N SER B 39 30.38 4.73 -27.82
CA SER B 39 30.46 5.76 -28.83
C SER B 39 31.80 6.47 -28.67
N ALA B 40 32.02 7.49 -29.49
CA ALA B 40 33.21 8.32 -29.28
C ALA B 40 32.98 9.43 -28.28
N LYS B 41 31.73 9.68 -27.91
CA LYS B 41 31.42 10.49 -26.74
C LYS B 41 32.16 10.01 -25.50
N ASP B 42 32.41 8.71 -25.40
CA ASP B 42 32.91 8.09 -24.19
C ASP B 42 34.43 8.23 -24.08
N ASP B 43 35.16 7.67 -25.05
CA ASP B 43 36.62 7.73 -25.05
C ASP B 43 37.07 7.62 -26.49
N ALA B 44 37.69 8.67 -27.02
CA ALA B 44 37.96 8.72 -28.46
C ALA B 44 39.28 8.05 -28.81
N ALA B 45 40.32 8.26 -28.00
CA ALA B 45 41.60 7.61 -28.26
C ALA B 45 41.55 6.12 -27.99
N GLY B 46 40.81 5.71 -26.95
CA GLY B 46 40.63 4.30 -26.68
C GLY B 46 39.88 3.58 -27.78
N LEU B 47 38.95 4.27 -28.43
CA LEU B 47 38.25 3.69 -29.58
C LEU B 47 39.22 3.28 -30.68
N ALA B 48 40.15 4.17 -31.05
CA ALA B 48 41.08 3.84 -32.12
C ALA B 48 42.10 2.80 -31.68
N ILE B 49 42.60 2.91 -30.45
CA ILE B 49 43.53 1.91 -29.95
C ILE B 49 42.89 0.52 -29.96
N SER B 50 41.61 0.46 -29.59
CA SER B 50 40.91 -0.81 -29.53
C SER B 50 40.55 -1.33 -30.92
N ASN B 51 40.30 -0.44 -31.89
CA ASN B 51 40.14 -0.89 -33.26
C ASN B 51 41.40 -1.56 -33.78
N ARG B 52 42.58 -0.98 -33.47
CA ARG B 52 43.82 -1.60 -33.92
C ARG B 52 44.08 -2.93 -33.22
N LEU B 53 43.82 -3.01 -31.90
CA LEU B 53 44.01 -4.28 -31.20
C LEU B 53 43.04 -5.33 -31.71
N ASN B 54 41.84 -4.92 -32.12
CA ASN B 54 40.85 -5.84 -32.67
C ASN B 54 41.33 -6.40 -34.01
N SER B 55 41.86 -5.53 -34.87
CA SER B 55 42.47 -6.01 -36.11
C SER B 55 43.56 -7.04 -35.83
N GLN B 56 44.38 -6.80 -34.82
CA GLN B 56 45.46 -7.75 -34.52
C GLN B 56 44.93 -9.10 -34.06
N VAL B 57 43.94 -9.10 -33.16
CA VAL B 57 43.38 -10.36 -32.68
C VAL B 57 42.80 -11.18 -33.83
N ARG B 58 42.00 -10.52 -34.67
CA ARG B 58 41.33 -11.22 -35.76
C ARG B 58 42.33 -11.73 -36.79
N GLY B 59 43.36 -10.93 -37.08
CA GLY B 59 44.40 -11.38 -38.00
C GLY B 59 45.19 -12.56 -37.49
N LEU B 60 45.48 -12.60 -36.18
CA LEU B 60 46.18 -13.75 -35.63
C LEU B 60 45.34 -15.01 -35.75
N GLU B 61 44.02 -14.90 -35.55
CA GLU B 61 43.16 -16.06 -35.73
C GLU B 61 43.27 -16.61 -37.17
N VAL B 62 43.11 -15.74 -38.16
CA VAL B 62 43.20 -16.19 -39.55
C VAL B 62 44.59 -16.73 -39.88
N GLY B 63 45.63 -16.14 -39.29
CA GLY B 63 46.97 -16.60 -39.57
C GLY B 63 47.26 -17.99 -39.05
N MET B 64 46.72 -18.31 -37.87
CA MET B 64 46.83 -19.69 -37.39
C MET B 64 46.09 -20.66 -38.28
N ARG B 65 44.96 -20.24 -38.86
CA ARG B 65 44.30 -21.11 -39.83
C ARG B 65 45.21 -21.38 -41.04
N ASN B 66 45.84 -20.34 -41.58
CA ASN B 66 46.77 -20.53 -42.72
C ASN B 66 47.95 -21.43 -42.34
N ALA B 67 48.47 -21.28 -41.13
CA ALA B 67 49.59 -22.11 -40.70
C ALA B 67 49.21 -23.59 -40.64
N ASN B 68 47.98 -23.86 -40.21
CA ASN B 68 47.56 -25.26 -40.16
C ASN B 68 47.37 -25.82 -41.56
N ASP B 69 46.91 -24.98 -42.50
CA ASP B 69 46.89 -25.38 -43.91
C ASP B 69 48.26 -25.78 -44.44
N ALA B 70 49.28 -24.98 -44.13
CA ALA B 70 50.64 -25.31 -44.54
C ALA B 70 51.11 -26.63 -43.95
N ILE B 71 50.82 -26.86 -42.67
CA ILE B 71 51.21 -28.12 -42.03
C ILE B 71 50.54 -29.30 -42.75
N SER B 72 49.27 -29.13 -43.15
CA SER B 72 48.57 -30.19 -43.86
C SER B 72 49.26 -30.53 -45.18
N ILE B 73 49.57 -29.52 -45.98
CA ILE B 73 50.24 -29.75 -47.27
C ILE B 73 51.56 -30.50 -47.06
N ALA B 74 52.39 -30.01 -46.15
CA ALA B 74 53.70 -30.63 -45.92
C ALA B 74 53.56 -32.07 -45.46
N GLN B 75 52.55 -32.34 -44.63
CA GLN B 75 52.36 -33.67 -44.09
C GLN B 75 51.94 -34.67 -45.18
N ILE B 76 51.06 -34.24 -46.10
CA ILE B 76 50.67 -35.12 -47.21
C ILE B 76 51.88 -35.45 -48.10
N ALA B 77 52.65 -34.42 -48.49
CA ALA B 77 53.79 -34.68 -49.38
C ALA B 77 54.84 -35.58 -48.71
N GLU B 78 55.16 -35.28 -47.46
CA GLU B 78 56.12 -36.07 -46.72
C GLU B 78 55.68 -37.52 -46.58
N GLY B 79 54.38 -37.76 -46.38
CA GLY B 79 53.91 -39.13 -46.30
C GLY B 79 53.97 -39.85 -47.63
N ALA B 80 53.76 -39.13 -48.73
CA ALA B 80 53.88 -39.74 -50.06
C ALA B 80 55.29 -40.21 -50.34
N MET B 81 56.31 -39.50 -49.88
CA MET B 81 57.70 -39.89 -50.22
C MET B 81 58.16 -41.20 -49.56
N GLN B 82 57.49 -41.67 -48.52
CA GLN B 82 57.91 -42.88 -47.81
C GLN B 82 57.73 -44.15 -48.65
N GLU B 83 56.61 -44.26 -49.38
CA GLU B 83 56.41 -45.40 -50.25
C GLU B 83 57.42 -45.44 -51.39
N GLN B 84 57.81 -44.25 -51.87
CA GLN B 84 58.85 -44.17 -52.90
C GLN B 84 60.18 -44.70 -52.37
N THR B 85 60.56 -44.29 -51.15
CA THR B 85 61.75 -44.85 -50.51
C THR B 85 61.67 -46.38 -50.41
N ASN B 86 60.50 -46.88 -50.02
CA ASN B 86 60.32 -48.32 -49.83
C ASN B 86 60.53 -49.09 -51.13
N MET B 87 59.94 -48.58 -52.22
CA MET B 87 60.09 -49.24 -53.50
C MET B 87 61.53 -49.17 -54.02
N LEU B 88 62.23 -48.06 -53.76
CA LEU B 88 63.63 -47.99 -54.15
C LEU B 88 64.49 -49.02 -53.42
N GLN B 89 64.20 -49.25 -52.14
CA GLN B 89 64.91 -50.31 -51.42
C GLN B 89 64.67 -51.67 -52.05
N ARG B 90 63.42 -51.93 -52.46
CA ARG B 90 63.13 -53.20 -53.14
C ARG B 90 63.91 -53.34 -54.45
N MET B 91 63.96 -52.27 -55.26
CA MET B 91 64.75 -52.32 -56.49
C MET B 91 66.22 -52.54 -56.23
N ARG B 92 66.76 -51.96 -55.16
CA ARG B 92 68.14 -52.22 -54.79
C ARG B 92 68.39 -53.70 -54.52
N ASP B 93 67.48 -54.35 -53.80
CA ASP B 93 67.62 -55.80 -53.59
C ASP B 93 67.57 -56.58 -54.89
N LEU B 94 66.66 -56.21 -55.80
CA LEU B 94 66.60 -56.90 -57.09
C LEU B 94 67.89 -56.73 -57.89
N THR B 95 68.48 -55.53 -57.82
CA THR B 95 69.73 -55.29 -58.54
C THR B 95 70.88 -56.09 -57.95
N VAL B 96 70.96 -56.18 -56.62
CA VAL B 96 72.00 -57.02 -56.03
C VAL B 96 71.79 -58.49 -56.40
N GLN B 97 70.53 -58.90 -56.52
CA GLN B 97 70.26 -60.29 -56.91
C GLN B 97 70.63 -60.56 -58.36
N SER B 98 70.63 -59.55 -59.22
CA SER B 98 71.03 -59.75 -60.61
C SER B 98 72.51 -60.13 -60.76
N GLU B 99 73.35 -59.84 -59.78
CA GLU B 99 74.78 -60.12 -59.85
C GLU B 99 75.10 -61.52 -59.34
N ASN B 100 74.61 -62.54 -60.02
CA ASN B 100 74.72 -63.92 -59.57
C ASN B 100 75.07 -64.77 -60.77
N GLY B 101 76.26 -65.39 -60.73
CA GLY B 101 76.74 -66.13 -61.87
C GLY B 101 75.98 -67.40 -62.18
N ALA B 102 74.82 -67.59 -61.55
CA ALA B 102 73.96 -68.73 -61.85
C ALA B 102 72.67 -68.30 -62.53
N ASN B 103 72.40 -67.00 -62.60
CA ASN B 103 71.25 -66.50 -63.33
C ASN B 103 71.45 -66.71 -64.83
N SER B 104 70.36 -66.90 -65.54
CA SER B 104 70.35 -66.95 -66.99
C SER B 104 69.50 -65.80 -67.52
N SER B 105 69.32 -65.74 -68.84
CA SER B 105 68.63 -64.59 -69.43
C SER B 105 67.16 -64.53 -69.02
N ALA B 106 66.54 -65.68 -68.80
CA ALA B 106 65.14 -65.69 -68.37
C ALA B 106 64.99 -65.16 -66.96
N ASP B 107 65.89 -65.54 -66.05
CA ASP B 107 65.86 -65.03 -64.69
C ASP B 107 66.12 -63.53 -64.66
N LEU B 108 67.06 -63.06 -65.48
CA LEU B 108 67.33 -61.64 -65.58
C LEU B 108 66.13 -60.89 -66.10
N SER B 109 65.39 -61.48 -67.04
CA SER B 109 64.19 -60.83 -67.56
C SER B 109 63.11 -60.76 -66.50
N ALA B 110 62.98 -61.79 -65.67
CA ALA B 110 62.00 -61.72 -64.58
C ALA B 110 62.34 -60.63 -63.58
N LEU B 111 63.60 -60.59 -63.14
CA LEU B 111 64.05 -59.52 -62.25
C LEU B 111 63.77 -58.15 -62.84
N LYS B 112 64.07 -57.95 -64.13
CA LYS B 112 63.88 -56.64 -64.72
C LYS B 112 62.41 -56.28 -64.90
N ALA B 113 61.55 -57.27 -65.16
CA ALA B 113 60.12 -56.99 -65.24
C ALA B 113 59.60 -56.43 -63.92
N GLU B 114 60.05 -57.01 -62.80
CA GLU B 114 59.60 -56.42 -61.55
C GLU B 114 60.19 -55.05 -61.29
N MET B 115 61.45 -54.81 -61.68
CA MET B 115 62.01 -53.46 -61.58
C MET B 115 61.18 -52.44 -62.34
N ASP B 116 60.75 -52.79 -63.56
CA ASP B 116 59.96 -51.84 -64.35
C ASP B 116 58.62 -51.56 -63.70
N GLN B 117 57.96 -52.58 -63.14
CA GLN B 117 56.70 -52.29 -62.46
C GLN B 117 56.91 -51.36 -61.26
N LEU B 118 58.01 -51.53 -60.52
CA LEU B 118 58.27 -50.63 -59.40
C LEU B 118 58.54 -49.20 -59.85
N ALA B 119 59.26 -49.03 -60.96
CA ALA B 119 59.49 -47.69 -61.47
C ALA B 119 58.20 -47.03 -61.95
N ASN B 120 57.30 -47.82 -62.53
CA ASN B 120 55.98 -47.30 -62.90
C ASN B 120 55.20 -46.82 -61.69
N GLU B 121 55.25 -47.58 -60.59
CA GLU B 121 54.53 -47.11 -59.40
C GLU B 121 55.18 -45.88 -58.76
N ILE B 122 56.51 -45.75 -58.81
CA ILE B 122 57.15 -44.51 -58.37
C ILE B 122 56.66 -43.33 -59.20
N ASP B 123 56.56 -43.50 -60.52
CA ASP B 123 56.05 -42.42 -61.35
C ASP B 123 54.59 -42.10 -61.04
N GLU B 124 53.77 -43.12 -60.81
CA GLU B 124 52.37 -42.89 -60.50
C GLU B 124 52.20 -42.09 -59.21
N ILE B 125 52.93 -42.47 -58.15
CA ILE B 125 52.87 -41.67 -56.92
C ILE B 125 53.34 -40.25 -57.19
N GLY B 126 54.34 -40.09 -58.05
CA GLY B 126 54.82 -38.75 -58.36
C GLY B 126 53.77 -37.87 -59.01
N LYS B 127 52.96 -38.43 -59.91
CA LYS B 127 51.98 -37.60 -60.61
C LYS B 127 50.61 -37.57 -59.95
N THR B 128 50.35 -38.42 -58.96
CA THR B 128 48.99 -38.59 -58.47
C THR B 128 48.72 -37.81 -57.18
N THR B 129 49.75 -37.60 -56.36
CA THR B 129 49.57 -36.98 -55.05
C THR B 129 49.01 -35.56 -55.16
N ALA B 130 47.97 -35.27 -54.39
CA ALA B 130 47.26 -34.01 -54.52
C ALA B 130 46.71 -33.56 -53.17
N PHE B 131 46.40 -32.28 -53.09
CA PHE B 131 45.59 -31.69 -52.01
C PHE B 131 44.29 -31.25 -52.66
N GLY B 132 43.29 -32.13 -52.61
CA GLY B 132 42.07 -31.89 -53.34
C GLY B 132 42.29 -32.08 -54.82
N THR B 133 42.56 -31.00 -55.53
CA THR B 133 42.83 -31.08 -56.96
C THR B 133 44.17 -30.46 -57.38
N THR B 134 44.95 -29.91 -56.46
CA THR B 134 46.23 -29.32 -56.82
C THR B 134 47.33 -30.36 -56.59
N LYS B 135 48.21 -30.51 -57.58
CA LYS B 135 49.27 -31.50 -57.50
C LYS B 135 50.42 -30.98 -56.64
N LEU B 136 51.06 -31.88 -55.91
CA LEU B 136 52.11 -31.51 -54.98
C LEU B 136 53.50 -31.96 -55.40
N LEU B 137 53.65 -33.13 -56.01
CA LEU B 137 54.97 -33.64 -56.34
C LEU B 137 55.31 -33.55 -57.81
N ALA B 138 54.67 -32.66 -58.57
CA ALA B 138 54.89 -32.61 -60.00
C ALA B 138 55.72 -31.40 -60.42
N GLY B 139 56.01 -30.48 -59.51
CA GLY B 139 56.79 -29.30 -59.81
C GLY B 139 56.08 -27.99 -59.61
N GLY B 140 54.85 -27.97 -59.10
CA GLY B 140 54.13 -26.72 -58.88
C GLY B 140 54.57 -25.96 -57.66
N PHE B 141 55.25 -26.63 -56.72
CA PHE B 141 55.80 -26.00 -55.53
C PHE B 141 57.32 -25.86 -55.60
N SER B 142 57.93 -26.07 -56.78
CA SER B 142 59.37 -26.05 -56.90
C SER B 142 59.94 -24.69 -56.51
N ALA B 143 59.30 -23.61 -56.94
CA ALA B 143 59.43 -22.33 -56.28
C ALA B 143 58.27 -22.19 -55.31
N GLY B 144 58.58 -22.05 -54.02
CA GLY B 144 57.58 -22.28 -53.00
C GLY B 144 56.42 -21.32 -53.08
N LYS B 145 55.38 -21.65 -52.33
CA LYS B 145 54.21 -20.79 -52.14
C LYS B 145 54.24 -20.20 -50.73
N ASN B 146 53.72 -18.99 -50.59
CA ASN B 146 53.71 -18.32 -49.29
C ASN B 146 52.36 -18.46 -48.61
N PHE B 147 52.41 -18.63 -47.29
CA PHE B 147 51.23 -18.61 -46.43
C PHE B 147 51.45 -17.47 -45.44
N GLN B 148 50.52 -16.52 -45.39
CA GLN B 148 50.65 -15.44 -44.42
C GLN B 148 50.21 -15.93 -43.05
N VAL B 149 51.15 -16.04 -42.13
CA VAL B 149 50.88 -16.62 -40.82
C VAL B 149 50.73 -15.58 -39.74
N GLY B 150 50.75 -14.29 -40.08
CA GLY B 150 50.56 -13.22 -39.14
C GLY B 150 49.44 -12.28 -39.56
N ALA B 151 49.33 -11.20 -38.80
CA ALA B 151 48.28 -10.22 -39.06
C ALA B 151 48.70 -9.13 -40.04
N GLN B 152 50.00 -8.91 -40.21
CA GLN B 152 50.51 -7.85 -41.07
C GLN B 152 51.15 -8.42 -42.33
N ASP B 153 51.25 -7.57 -43.34
CA ASP B 153 51.81 -7.98 -44.62
C ASP B 153 53.30 -8.26 -44.51
N GLY B 154 53.72 -9.36 -45.13
CA GLY B 154 55.11 -9.75 -45.12
C GLY B 154 55.47 -10.77 -44.09
N GLU B 155 54.58 -11.08 -43.15
CA GLU B 155 54.81 -12.06 -42.11
C GLU B 155 54.29 -13.41 -42.60
N ASP B 156 55.16 -14.16 -43.24
CA ASP B 156 54.74 -15.35 -43.96
C ASP B 156 55.87 -16.37 -44.10
N ILE B 157 55.49 -17.60 -44.39
CA ILE B 157 56.38 -18.75 -44.45
C ILE B 157 56.23 -19.39 -45.83
N LYS B 158 57.32 -19.88 -46.39
CA LYS B 158 57.35 -20.43 -47.74
C LYS B 158 57.52 -21.94 -47.70
N VAL B 159 56.68 -22.66 -48.42
CA VAL B 159 56.72 -24.12 -48.48
C VAL B 159 57.16 -24.54 -49.86
N THR B 160 58.27 -25.28 -49.93
CA THR B 160 58.91 -25.65 -51.19
C THR B 160 58.95 -27.16 -51.32
N VAL B 161 58.47 -27.67 -52.45
CA VAL B 161 58.54 -29.10 -52.77
C VAL B 161 58.99 -29.22 -54.22
N LYS B 162 60.00 -30.04 -54.47
CA LYS B 162 60.48 -30.27 -55.82
C LYS B 162 59.82 -31.53 -56.39
N ALA B 163 59.95 -31.69 -57.70
CA ALA B 163 59.34 -32.84 -58.37
C ALA B 163 60.11 -34.11 -58.07
N SER B 164 59.38 -35.19 -57.80
CA SER B 164 59.98 -36.49 -57.52
C SER B 164 59.19 -37.57 -58.25
N ASN B 165 59.79 -38.12 -59.30
CA ASN B 165 59.19 -39.10 -60.17
C ASN B 165 60.33 -39.85 -60.84
N LYS B 166 60.00 -40.86 -61.65
CA LYS B 166 61.07 -41.71 -62.17
C LYS B 166 61.94 -40.99 -63.19
N SER B 167 61.54 -39.80 -63.63
CA SER B 167 62.33 -39.08 -64.62
C SER B 167 63.30 -38.12 -63.96
N SER B 168 62.89 -37.47 -62.87
CA SER B 168 63.77 -36.56 -62.17
C SER B 168 64.73 -37.30 -61.24
N LEU B 169 64.36 -38.51 -60.81
CA LEU B 169 65.23 -39.33 -59.99
C LEU B 169 66.19 -40.18 -60.81
N SER B 170 66.09 -40.16 -62.14
CA SER B 170 66.97 -40.89 -63.05
C SER B 170 66.92 -42.40 -62.86
N VAL B 171 65.76 -42.95 -62.49
CA VAL B 171 65.61 -44.39 -62.36
C VAL B 171 64.67 -44.96 -63.41
N GLY B 172 64.35 -44.20 -64.45
CA GLY B 172 63.38 -44.62 -65.43
C GLY B 172 63.92 -45.44 -66.59
N SER B 173 65.22 -45.77 -66.58
CA SER B 173 65.81 -46.56 -67.65
C SER B 173 66.97 -47.41 -67.15
N LEU B 174 66.72 -48.32 -66.22
CA LEU B 174 67.78 -49.10 -65.62
C LEU B 174 67.88 -50.46 -66.28
N GLY B 175 69.10 -50.96 -66.39
CA GLY B 175 69.33 -52.25 -67.02
C GLY B 175 70.08 -53.16 -66.08
N ASN B 176 70.05 -54.45 -66.40
CA ASN B 176 70.72 -55.44 -65.56
C ASN B 176 71.34 -56.56 -66.38
N THR B 177 71.51 -56.37 -67.68
CA THR B 177 71.94 -57.47 -68.54
C THR B 177 73.46 -57.55 -68.67
N THR B 178 74.18 -56.56 -68.18
CA THR B 178 75.64 -56.48 -68.28
C THR B 178 76.20 -55.99 -66.95
N SER B 179 77.44 -56.37 -66.66
CA SER B 179 78.09 -55.99 -65.41
C SER B 179 78.11 -54.47 -65.21
N ALA B 180 78.45 -53.72 -66.26
CA ALA B 180 78.49 -52.27 -66.15
C ALA B 180 77.10 -51.69 -65.95
N ALA B 181 76.10 -52.31 -66.56
CA ALA B 181 74.72 -51.85 -66.38
C ALA B 181 74.26 -52.03 -64.94
N ARG B 182 74.65 -53.14 -64.31
CA ARG B 182 74.32 -53.36 -62.91
C ARG B 182 75.01 -52.35 -62.01
N ALA B 183 76.30 -52.08 -62.27
CA ALA B 183 77.00 -51.08 -61.48
C ALA B 183 76.34 -49.71 -61.58
N SER B 184 75.98 -49.32 -62.80
CA SER B 184 75.34 -48.03 -63.01
C SER B 184 73.99 -47.96 -62.31
N SER B 185 73.20 -49.04 -62.39
CA SER B 185 71.90 -49.04 -61.73
C SER B 185 72.04 -48.94 -60.22
N LEU B 186 73.02 -49.63 -59.64
CA LEU B 186 73.24 -49.51 -58.21
C LEU B 186 73.54 -48.07 -57.80
N LYS B 187 74.43 -47.41 -58.54
CA LYS B 187 74.78 -46.04 -58.19
C LYS B 187 73.58 -45.11 -58.28
N LYS B 188 72.76 -45.24 -59.34
CA LYS B 188 71.64 -44.32 -59.45
C LYS B 188 70.54 -44.59 -58.42
N ILE B 189 70.30 -45.85 -58.05
CA ILE B 189 69.33 -46.09 -56.99
C ILE B 189 69.80 -45.49 -55.66
N ASP B 190 71.09 -45.63 -55.34
CA ASP B 190 71.59 -45.03 -54.11
C ASP B 190 71.45 -43.51 -54.12
N ALA B 191 71.74 -42.89 -55.27
CA ALA B 191 71.60 -41.45 -55.36
C ALA B 191 70.15 -41.01 -55.17
N ALA B 192 69.20 -41.76 -55.74
CA ALA B 192 67.79 -41.41 -55.59
C ALA B 192 67.35 -41.48 -54.13
N ILE B 193 67.79 -42.51 -53.41
CA ILE B 193 67.48 -42.61 -51.99
C ILE B 193 68.01 -41.37 -51.25
N LYS B 194 69.23 -40.93 -51.61
CA LYS B 194 69.78 -39.74 -50.97
C LYS B 194 68.93 -38.49 -51.21
N THR B 195 68.49 -38.26 -52.46
CA THR B 195 67.75 -37.02 -52.72
C THR B 195 66.39 -37.02 -52.03
N ILE B 196 65.73 -38.18 -51.96
CA ILE B 196 64.47 -38.22 -51.21
C ILE B 196 64.70 -37.94 -49.73
N ASP B 197 65.79 -38.48 -49.15
CA ASP B 197 66.11 -38.13 -47.77
C ASP B 197 66.24 -36.62 -47.57
N ALA B 198 66.92 -35.94 -48.49
CA ALA B 198 67.10 -34.50 -48.32
C ALA B 198 65.77 -33.75 -48.36
N GLN B 199 64.89 -34.12 -49.31
CA GLN B 199 63.58 -33.47 -49.36
C GLN B 199 62.78 -33.69 -48.08
N ARG B 200 62.80 -34.91 -47.55
CA ARG B 200 62.05 -35.19 -46.33
C ARG B 200 62.61 -34.40 -45.15
N ALA B 201 63.93 -34.21 -45.11
CA ALA B 201 64.54 -33.40 -44.06
C ALA B 201 64.01 -31.97 -44.08
N ASP B 202 63.99 -31.34 -45.27
CA ASP B 202 63.48 -29.97 -45.33
C ASP B 202 62.01 -29.86 -44.94
N LEU B 203 61.18 -30.81 -45.36
CA LEU B 203 59.76 -30.74 -44.96
C LEU B 203 59.60 -30.91 -43.45
N GLY B 204 60.40 -31.77 -42.83
CA GLY B 204 60.33 -31.91 -41.38
C GLY B 204 60.71 -30.64 -40.64
N ALA B 205 61.78 -29.98 -41.11
CA ALA B 205 62.16 -28.70 -40.52
C ALA B 205 61.03 -27.68 -40.61
N ILE B 206 60.37 -27.61 -41.79
CA ILE B 206 59.24 -26.69 -41.94
C ILE B 206 58.14 -26.98 -40.94
N GLN B 207 57.82 -28.26 -40.73
CA GLN B 207 56.74 -28.57 -39.79
C GLN B 207 57.08 -28.18 -38.36
N ASN B 208 58.32 -28.43 -37.93
CA ASN B 208 58.74 -27.99 -36.59
C ASN B 208 58.60 -26.48 -36.42
N ARG B 209 59.08 -25.73 -37.42
CA ARG B 209 58.98 -24.28 -37.39
C ARG B 209 57.53 -23.80 -37.27
N LEU B 210 56.62 -24.41 -38.04
CA LEU B 210 55.22 -23.99 -37.98
C LEU B 210 54.59 -24.30 -36.63
N ALA B 211 55.01 -25.39 -36.00
CA ALA B 211 54.51 -25.70 -34.65
C ALA B 211 54.88 -24.60 -33.66
N HIS B 212 56.17 -24.23 -33.63
CA HIS B 212 56.59 -23.14 -32.74
C HIS B 212 55.84 -21.84 -33.04
N ASN B 213 55.62 -21.54 -34.32
CA ASN B 213 54.97 -20.27 -34.67
C ASN B 213 53.52 -20.24 -34.21
N ILE B 214 52.80 -21.36 -34.35
CA ILE B 214 51.41 -21.40 -33.88
C ILE B 214 51.34 -21.25 -32.37
N SER B 215 52.27 -21.88 -31.65
CA SER B 215 52.29 -21.73 -30.19
C SER B 215 52.48 -20.27 -29.78
N ASN B 216 53.41 -19.58 -30.43
CA ASN B 216 53.65 -18.17 -30.10
C ASN B 216 52.44 -17.31 -30.43
N SER B 217 51.73 -17.61 -31.53
CA SER B 217 50.54 -16.82 -31.87
C SER B 217 49.43 -17.01 -30.86
N ALA B 218 49.25 -18.22 -30.33
CA ALA B 218 48.24 -18.43 -29.30
C ALA B 218 48.56 -17.62 -28.05
N ASN B 219 49.82 -17.67 -27.60
CA ASN B 219 50.23 -16.82 -26.47
C ASN B 219 49.88 -15.35 -26.72
N THR B 220 50.29 -14.82 -27.87
CA THR B 220 50.12 -13.40 -28.12
C THR B 220 48.64 -13.02 -28.22
N GLN B 221 47.83 -13.89 -28.80
CA GLN B 221 46.39 -13.63 -28.86
C GLN B 221 45.80 -13.50 -27.46
N ALA B 222 46.15 -14.41 -26.55
CA ALA B 222 45.66 -14.29 -25.18
C ALA B 222 46.06 -12.96 -24.53
N ASN B 223 47.35 -12.60 -24.64
CA ASN B 223 47.79 -11.36 -23.99
C ASN B 223 47.17 -10.12 -24.61
N VAL B 224 46.97 -10.10 -25.92
CA VAL B 224 46.39 -8.92 -26.57
C VAL B 224 44.90 -8.81 -26.27
N ALA B 225 44.20 -9.93 -26.16
CA ALA B 225 42.78 -9.87 -25.77
C ALA B 225 42.61 -9.38 -24.35
N ASP B 226 43.51 -9.80 -23.44
CA ASP B 226 43.55 -9.21 -22.11
C ASP B 226 43.74 -7.68 -22.17
N ALA B 227 44.72 -7.23 -22.96
CA ALA B 227 44.97 -5.80 -23.09
C ALA B 227 43.75 -5.05 -23.59
N LYS B 228 43.05 -5.59 -24.59
CA LYS B 228 41.87 -4.91 -25.13
C LYS B 228 40.73 -4.89 -24.12
N SER B 229 40.56 -5.98 -23.38
CA SER B 229 39.51 -6.02 -22.37
C SER B 229 39.73 -4.96 -21.30
N ARG B 230 40.99 -4.70 -20.94
CA ARG B 230 41.25 -3.63 -19.96
C ARG B 230 40.75 -2.27 -20.44
N ILE B 231 40.62 -2.07 -21.74
CA ILE B 231 40.24 -0.77 -22.28
C ILE B 231 38.75 -0.69 -22.58
N VAL B 232 38.16 -1.74 -23.13
CA VAL B 232 36.83 -1.65 -23.74
C VAL B 232 35.72 -2.09 -22.80
N ASP B 233 35.95 -3.12 -21.98
CA ASP B 233 34.87 -3.73 -21.22
C ASP B 233 34.50 -2.92 -19.99
N VAL B 234 33.28 -3.15 -19.50
CA VAL B 234 32.75 -2.42 -18.36
C VAL B 234 33.07 -3.20 -17.09
N ASP B 235 33.10 -2.46 -15.97
CA ASP B 235 33.27 -3.03 -14.64
C ASP B 235 31.90 -3.08 -13.97
N PHE B 236 31.43 -4.29 -13.67
CA PHE B 236 30.09 -4.43 -13.11
C PHE B 236 30.02 -3.94 -11.67
N ALA B 237 31.07 -4.19 -10.88
CA ALA B 237 31.08 -3.78 -9.48
C ALA B 237 30.97 -2.27 -9.33
N LYS B 238 31.56 -1.52 -10.26
CA LYS B 238 31.50 -0.06 -10.20
C LYS B 238 30.21 0.47 -10.79
N GLU B 239 29.75 -0.16 -11.86
CA GLU B 239 28.66 0.41 -12.63
C GLU B 239 27.33 0.19 -11.92
N THR B 240 27.18 -0.95 -11.23
CA THR B 240 25.98 -1.18 -10.43
C THR B 240 25.87 -0.19 -9.27
N SER B 241 27.00 0.17 -8.67
CA SER B 241 27.00 1.17 -7.61
C SER B 241 26.56 2.53 -8.13
N GLN B 242 27.10 2.94 -9.29
CA GLN B 242 26.65 4.20 -9.87
C GLN B 242 25.15 4.17 -10.19
N MET B 243 24.66 3.04 -10.68
CA MET B 243 23.23 2.94 -11.00
C MET B 243 22.38 3.14 -9.77
N THR B 244 22.71 2.48 -8.66
CA THR B 244 21.92 2.62 -7.44
C THR B 244 21.96 4.04 -6.89
N LYS B 245 23.14 4.68 -6.95
CA LYS B 245 23.22 6.07 -6.51
C LYS B 245 22.28 6.96 -7.31
N ASN B 246 22.26 6.81 -8.64
CA ASN B 246 21.40 7.68 -9.43
C ASN B 246 19.92 7.37 -9.25
N GLN B 247 19.58 6.11 -8.96
CA GLN B 247 18.20 5.78 -8.60
C GLN B 247 17.74 6.56 -7.38
N VAL B 248 18.53 6.51 -6.30
CA VAL B 248 18.13 7.24 -5.10
C VAL B 248 18.05 8.74 -5.37
N LEU B 249 18.99 9.28 -6.13
CA LEU B 249 18.93 10.72 -6.42
C LEU B 249 17.70 11.07 -7.23
N GLN B 250 17.26 10.19 -8.13
CA GLN B 250 16.03 10.46 -8.87
C GLN B 250 14.83 10.56 -7.95
N GLN B 251 14.71 9.61 -7.01
CA GLN B 251 13.57 9.67 -6.10
C GLN B 251 13.60 10.92 -5.23
N THR B 252 14.78 11.30 -4.74
CA THR B 252 14.90 12.51 -3.92
C THR B 252 14.58 13.76 -4.72
N GLY B 253 15.08 13.86 -5.95
CA GLY B 253 14.82 15.04 -6.76
C GLY B 253 13.37 15.16 -7.17
N SER B 254 12.72 14.03 -7.43
CA SER B 254 11.29 14.05 -7.71
C SER B 254 10.50 14.58 -6.52
N ALA B 255 10.78 14.06 -5.32
CA ALA B 255 10.11 14.56 -4.12
C ALA B 255 10.35 16.06 -3.95
N MET B 256 11.57 16.52 -4.18
CA MET B 256 11.90 17.91 -3.91
C MET B 256 11.25 18.84 -4.93
N LEU B 257 11.15 18.41 -6.18
CA LEU B 257 10.47 19.22 -7.19
C LEU B 257 8.97 19.28 -6.92
N ALA B 258 8.37 18.16 -6.52
CA ALA B 258 6.95 18.17 -6.18
C ALA B 258 6.67 19.10 -5.01
N GLN B 259 7.58 19.15 -4.04
CA GLN B 259 7.42 20.08 -2.92
C GLN B 259 7.69 21.51 -3.34
N ALA B 260 8.54 21.71 -4.36
CA ALA B 260 8.87 23.06 -4.80
C ALA B 260 7.73 23.71 -5.56
N ASN B 261 6.97 22.92 -6.32
CA ASN B 261 5.84 23.51 -7.06
C ASN B 261 4.69 24.00 -6.19
N GLN B 262 4.76 23.84 -4.86
CA GLN B 262 3.68 24.32 -3.99
C GLN B 262 4.02 25.63 -3.28
N LEU B 263 5.06 26.34 -3.70
CA LEU B 263 5.44 27.57 -3.00
C LEU B 263 4.54 28.77 -3.28
N PRO B 264 3.97 28.97 -4.47
CA PRO B 264 3.11 30.15 -4.68
C PRO B 264 1.81 30.14 -3.89
N GLN B 265 1.58 29.15 -3.03
CA GLN B 265 0.33 29.10 -2.28
C GLN B 265 0.36 29.88 -0.98
N VAL B 266 1.48 30.54 -0.65
CA VAL B 266 1.48 31.42 0.52
C VAL B 266 0.69 32.68 0.24
N ALA B 267 0.64 33.08 -1.04
CA ALA B 267 -0.11 34.28 -1.41
C ALA B 267 -1.59 34.13 -1.11
N LEU B 268 -2.16 32.95 -1.35
CA LEU B 268 -3.55 32.72 -1.03
C LEU B 268 -3.81 32.90 0.47
N SER B 269 -2.83 32.54 1.30
CA SER B 269 -2.95 32.80 2.73
C SER B 269 -2.95 34.29 3.02
N LEU B 270 -2.04 35.04 2.39
CA LEU B 270 -2.04 36.48 2.62
C LEU B 270 -3.27 37.15 2.03
N LEU B 271 -3.92 36.49 1.08
CA LEU B 271 -5.00 37.11 0.33
C LEU B 271 -6.35 36.83 0.97
N ALA C 1 -45.35 127.01 21.58
CA ALA C 1 -46.62 127.34 20.92
C ALA C 1 -47.49 126.10 20.75
N ILE C 2 -48.80 126.33 20.67
CA ILE C 2 -49.77 125.27 20.42
C ILE C 2 -50.37 125.55 19.04
N THR C 3 -49.92 124.82 18.04
CA THR C 3 -50.32 125.07 16.66
C THR C 3 -50.96 123.83 16.05
N VAL C 4 -51.78 124.06 15.04
CA VAL C 4 -52.51 122.97 14.39
C VAL C 4 -52.04 122.76 12.96
N ASN C 5 -51.51 123.80 12.32
CA ASN C 5 -51.29 123.77 10.88
C ASN C 5 -50.00 123.07 10.48
N THR C 6 -49.05 122.92 11.39
CA THR C 6 -47.77 122.28 11.09
C THR C 6 -47.36 121.43 12.28
N ASN C 7 -46.83 120.25 12.01
CA ASN C 7 -46.47 119.30 13.06
C ASN C 7 -45.09 118.76 12.69
N VAL C 8 -44.06 119.16 13.45
CA VAL C 8 -42.69 118.84 13.07
C VAL C 8 -42.26 117.50 13.67
N THR C 9 -42.77 117.20 14.87
CA THR C 9 -42.48 115.91 15.49
C THR C 9 -42.94 114.77 14.59
N SER C 10 -44.08 114.94 13.93
CA SER C 10 -44.57 113.92 13.00
C SER C 10 -43.64 113.76 11.81
N LEU C 11 -43.12 114.87 11.28
CA LEU C 11 -42.18 114.80 10.16
C LEU C 11 -40.93 114.00 10.53
N LYS C 12 -40.38 114.29 11.71
CA LYS C 12 -39.16 113.59 12.12
C LYS C 12 -39.43 112.12 12.40
N ALA C 13 -40.58 111.80 13.01
CA ALA C 13 -40.93 110.41 13.23
C ALA C 13 -41.11 109.66 11.91
N GLN C 14 -41.71 110.31 10.91
CA GLN C 14 -41.83 109.70 9.60
C GLN C 14 -40.47 109.35 9.03
N LYS C 15 -39.51 110.28 9.13
CA LYS C 15 -38.21 110.01 8.54
C LYS C 15 -37.50 108.85 9.24
N ASN C 16 -37.57 108.80 10.58
CA ASN C 16 -36.95 107.69 11.29
C ASN C 16 -37.59 106.36 10.91
N LEU C 17 -38.93 106.32 10.82
CA LEU C 17 -39.61 105.08 10.48
C LEU C 17 -39.25 104.61 9.09
N ASN C 18 -39.09 105.53 8.14
CA ASN C 18 -38.68 105.17 6.80
C ASN C 18 -37.28 104.59 6.78
N THR C 19 -36.36 105.20 7.53
CA THR C 19 -34.99 104.67 7.59
C THR C 19 -34.98 103.24 8.12
N SER C 20 -35.73 102.99 9.18
CA SER C 20 -35.79 101.65 9.76
C SER C 20 -36.35 100.64 8.76
N ALA C 21 -37.43 101.01 8.06
CA ALA C 21 -38.03 100.09 7.09
C ALA C 21 -37.06 99.75 5.96
N SER C 22 -36.33 100.75 5.46
CA SER C 22 -35.33 100.48 4.42
C SER C 22 -34.26 99.51 4.90
N ASP C 23 -33.74 99.71 6.12
CA ASP C 23 -32.72 98.81 6.62
C ASP C 23 -33.24 97.38 6.74
N LEU C 24 -34.49 97.23 7.22
CA LEU C 24 -35.05 95.89 7.37
C LEU C 24 -35.21 95.20 6.02
N ALA C 25 -35.68 95.94 5.01
CA ALA C 25 -35.82 95.35 3.67
C ALA C 25 -34.47 94.88 3.13
N THR C 26 -33.43 95.69 3.30
CA THR C 26 -32.09 95.29 2.85
C THR C 26 -31.65 93.99 3.52
N SER C 27 -31.83 93.89 4.83
CA SER C 27 -31.43 92.68 5.55
C SER C 27 -32.21 91.46 5.06
N MET C 28 -33.52 91.63 4.84
CA MET C 28 -34.35 90.53 4.34
C MET C 28 -33.83 90.02 3.01
N GLU C 29 -33.51 90.93 2.09
CA GLU C 29 -32.95 90.56 0.81
C GLU C 29 -31.65 89.77 0.96
N ARG C 30 -30.76 90.24 1.83
CA ARG C 30 -29.46 89.58 2.00
C ARG C 30 -29.62 88.17 2.57
N LEU C 31 -30.57 87.98 3.50
CA LEU C 31 -30.80 86.63 4.03
C LEU C 31 -31.47 85.73 3.00
N SER C 32 -32.33 86.28 2.15
CA SER C 32 -32.98 85.45 1.13
C SER C 32 -32.01 85.01 0.06
N SER C 33 -31.04 85.85 -0.29
CA SER C 33 -30.14 85.54 -1.38
C SER C 33 -28.95 84.68 -0.94
N GLY C 34 -28.41 84.94 0.25
CA GLY C 34 -27.21 84.29 0.70
C GLY C 34 -25.93 85.00 0.35
N LEU C 35 -26.01 86.21 -0.21
CA LEU C 35 -24.86 86.97 -0.68
C LEU C 35 -24.83 88.33 -0.01
N ARG C 36 -23.62 88.82 0.27
CA ARG C 36 -23.46 90.15 0.84
C ARG C 36 -23.53 91.22 -0.24
N ILE C 37 -23.01 90.93 -1.42
CA ILE C 37 -22.95 91.90 -2.51
C ILE C 37 -23.99 91.49 -3.55
N ASN C 38 -25.13 92.18 -3.56
CA ASN C 38 -26.14 91.95 -4.57
C ASN C 38 -26.10 92.97 -5.70
N SER C 39 -25.41 94.08 -5.51
CA SER C 39 -25.31 95.14 -6.52
C SER C 39 -23.97 95.84 -6.31
N ALA C 40 -23.74 96.89 -7.10
CA ALA C 40 -22.55 97.69 -6.87
C ALA C 40 -22.80 98.80 -5.86
N LYS C 41 -24.05 99.04 -5.49
CA LYS C 41 -24.38 99.83 -4.32
C LYS C 41 -23.68 99.32 -3.07
N ASP C 42 -23.43 98.02 -2.99
CA ASP C 42 -22.93 97.37 -1.78
C ASP C 42 -21.42 97.51 -1.66
N ASP C 43 -20.67 96.97 -2.62
CA ASP C 43 -19.22 97.04 -2.59
C ASP C 43 -18.75 96.94 -4.03
N ALA C 44 -18.11 98.00 -4.53
CA ALA C 44 -17.81 98.08 -5.96
C ALA C 44 -16.49 97.40 -6.30
N ALA C 45 -15.46 97.61 -5.47
CA ALA C 45 -14.18 96.96 -5.72
C ALA C 45 -14.25 95.46 -5.47
N GLY C 46 -14.99 95.05 -4.46
CA GLY C 46 -15.18 93.63 -4.21
C GLY C 46 -15.91 92.93 -5.33
N LEU C 47 -16.84 93.63 -5.99
CA LEU C 47 -17.51 93.07 -7.15
C LEU C 47 -16.53 92.68 -8.25
N ALA C 48 -15.59 93.57 -8.59
CA ALA C 48 -14.64 93.26 -9.65
C ALA C 48 -13.63 92.20 -9.21
N ILE C 49 -13.15 92.29 -7.96
CA ILE C 49 -12.22 91.28 -7.47
C ILE C 49 -12.88 89.91 -7.52
N SER C 50 -14.16 89.84 -7.17
CA SER C 50 -14.85 88.56 -7.14
C SER C 50 -15.18 88.07 -8.55
N ASN C 51 -15.43 88.98 -9.50
CA ASN C 51 -15.56 88.55 -10.89
C ASN C 51 -14.29 87.89 -11.40
N ARG C 52 -13.14 88.45 -11.05
CA ARG C 52 -11.88 87.84 -11.49
C ARG C 52 -11.63 86.50 -10.81
N LEU C 53 -11.91 86.41 -9.50
CA LEU C 53 -11.74 85.12 -8.82
C LEU C 53 -12.70 84.07 -9.36
N ASN C 54 -13.89 84.50 -9.77
CA ASN C 54 -14.86 83.59 -10.36
C ASN C 54 -14.37 83.05 -11.70
N SER C 55 -13.83 83.93 -12.55
CA SER C 55 -13.19 83.47 -13.78
C SER C 55 -12.12 82.44 -13.50
N GLN C 56 -11.30 82.66 -12.46
CA GLN C 56 -10.23 81.71 -12.16
C GLN C 56 -10.77 80.35 -11.74
N VAL C 57 -11.77 80.33 -10.86
CA VAL C 57 -12.34 79.05 -10.40
C VAL C 57 -12.91 78.26 -11.58
N ARG C 58 -13.70 78.94 -12.42
CA ARG C 58 -14.34 78.26 -13.53
C ARG C 58 -13.33 77.77 -14.56
N GLY C 59 -12.28 78.57 -14.81
CA GLY C 59 -11.24 78.14 -15.72
C GLY C 59 -10.46 76.95 -15.21
N LEU C 60 -10.19 76.89 -13.91
CA LEU C 60 -9.50 75.72 -13.36
C LEU C 60 -10.33 74.46 -13.52
N GLU C 61 -11.65 74.58 -13.34
CA GLU C 61 -12.51 73.42 -13.56
C GLU C 61 -12.39 72.89 -15.00
N VAL C 62 -12.53 73.78 -15.97
CA VAL C 62 -12.42 73.33 -17.37
C VAL C 62 -11.02 72.81 -17.69
N GLY C 63 -9.99 73.39 -17.08
CA GLY C 63 -8.63 72.93 -17.34
C GLY C 63 -8.37 71.53 -16.83
N MET C 64 -8.92 71.19 -15.67
CA MET C 64 -8.82 69.81 -15.20
C MET C 64 -9.55 68.85 -16.14
N ARG C 65 -10.67 69.29 -16.71
CA ARG C 65 -11.32 68.43 -17.72
C ARG C 65 -10.39 68.18 -18.92
N ASN C 66 -9.74 69.23 -19.42
CA ASN C 66 -8.79 69.06 -20.55
C ASN C 66 -7.63 68.15 -20.18
N ALA C 67 -7.12 68.28 -18.95
CA ALA C 67 -6.01 67.44 -18.51
C ALA C 67 -6.40 65.97 -18.49
N ASN C 68 -7.63 65.68 -18.08
CA ASN C 68 -8.06 64.29 -18.06
C ASN C 68 -8.22 63.75 -19.47
N ASP C 69 -8.66 64.60 -20.41
CA ASP C 69 -8.67 64.23 -21.83
C ASP C 69 -7.28 63.84 -22.34
N ALA C 70 -6.27 64.63 -21.99
CA ALA C 70 -4.90 64.31 -22.40
C ALA C 70 -4.44 62.98 -21.81
N ILE C 71 -4.76 62.72 -20.54
CA ILE C 71 -4.38 61.45 -19.92
C ILE C 71 -5.04 60.29 -20.66
N SER C 72 -6.29 60.46 -21.08
CA SER C 72 -6.99 59.42 -21.83
C SER C 72 -6.28 59.09 -23.14
N ILE C 73 -5.95 60.13 -23.91
CA ILE C 73 -5.26 59.91 -25.19
C ILE C 73 -3.95 59.16 -24.99
N ALA C 74 -3.13 59.63 -24.04
CA ALA C 74 -1.83 59.00 -23.81
C ALA C 74 -1.97 57.56 -23.37
N GLN C 75 -3.00 57.27 -22.56
CA GLN C 75 -3.20 55.92 -22.04
C GLN C 75 -3.60 54.96 -23.16
N ILE C 76 -4.46 55.40 -24.08
CA ILE C 76 -4.83 54.54 -25.23
C ILE C 76 -3.61 54.23 -26.09
N ALA C 77 -2.83 55.25 -26.46
CA ALA C 77 -1.68 55.00 -27.33
C ALA C 77 -0.65 54.10 -26.65
N GLU C 78 -0.34 54.38 -25.39
CA GLU C 78 0.60 53.57 -24.65
C GLU C 78 0.16 52.13 -24.54
N GLY C 79 -1.14 51.88 -24.36
CA GLY C 79 -1.62 50.51 -24.33
C GLY C 79 -1.54 49.81 -25.66
N ALA C 80 -1.72 50.56 -26.75
CA ALA C 80 -1.59 49.97 -28.07
C ALA C 80 -0.17 49.49 -28.36
N MET C 81 0.85 50.19 -27.87
CA MET C 81 2.23 49.81 -28.20
C MET C 81 2.69 48.48 -27.55
N GLN C 82 1.99 48.00 -26.52
CA GLN C 82 2.40 46.78 -25.82
C GLN C 82 2.24 45.53 -26.68
N GLU C 83 1.13 45.43 -27.44
CA GLU C 83 0.95 44.30 -28.33
C GLU C 83 1.97 44.28 -29.46
N GLN C 84 2.37 45.47 -29.91
CA GLN C 84 3.42 45.57 -30.91
C GLN C 84 4.75 45.03 -30.38
N THR C 85 5.11 45.42 -29.15
CA THR C 85 6.29 44.84 -28.50
C THR C 85 6.20 43.32 -28.42
N ASN C 86 5.04 42.81 -28.06
CA ASN C 86 4.84 41.38 -27.90
C ASN C 86 5.08 40.63 -29.21
N MET C 87 4.51 41.15 -30.29
CA MET C 87 4.67 40.51 -31.59
C MET C 87 6.12 40.60 -32.08
N LEU C 88 6.82 41.70 -31.80
CA LEU C 88 8.22 41.77 -32.16
C LEU C 88 9.06 40.73 -31.43
N GLN C 89 8.76 40.47 -30.15
CA GLN C 89 9.46 39.40 -29.44
C GLN C 89 9.22 38.05 -30.10
N ARG C 90 7.99 37.80 -30.53
CA ARG C 90 7.70 36.55 -31.24
C ARG C 90 8.50 36.42 -32.53
N MET C 91 8.58 37.50 -33.32
CA MET C 91 9.37 37.48 -34.55
C MET C 91 10.85 37.25 -34.26
N ARG C 92 11.36 37.81 -33.16
CA ARG C 92 12.74 37.55 -32.79
C ARG C 92 12.99 36.06 -32.54
N ASP C 93 12.06 35.39 -31.85
CA ASP C 93 12.20 33.95 -31.65
C ASP C 93 12.17 33.18 -32.97
N LEU C 94 11.27 33.56 -33.89
CA LEU C 94 11.23 32.91 -35.19
C LEU C 94 12.54 33.10 -35.97
N THR C 95 13.13 34.28 -35.87
CA THR C 95 14.39 34.54 -36.56
C THR C 95 15.53 33.72 -35.96
N VAL C 96 15.59 33.61 -34.64
CA VAL C 96 16.62 32.76 -34.04
C VAL C 96 16.41 31.31 -34.44
N GLN C 97 15.16 30.89 -34.59
CA GLN C 97 14.89 29.51 -35.00
C GLN C 97 15.28 29.25 -36.46
N SER C 98 15.29 30.29 -37.29
CA SER C 98 15.72 30.11 -38.68
C SER C 98 17.19 29.73 -38.82
N GLU C 99 18.03 30.01 -37.82
CA GLU C 99 19.46 29.73 -37.86
C GLU C 99 19.78 28.32 -37.37
N ASN C 100 19.29 27.30 -38.08
CA ASN C 100 19.38 25.92 -37.65
C ASN C 100 19.76 25.08 -38.86
N GLY C 101 20.94 24.47 -38.81
CA GLY C 101 21.45 23.74 -39.96
C GLY C 101 20.69 22.48 -40.29
N ALA C 102 19.53 22.28 -39.69
CA ALA C 102 18.66 21.15 -40.02
C ALA C 102 17.38 21.59 -40.72
N ASN C 103 17.12 22.89 -40.77
CA ASN C 103 15.98 23.39 -41.51
C ASN C 103 16.20 23.22 -43.00
N SER C 104 15.12 23.04 -43.75
CA SER C 104 15.14 23.01 -45.19
C SER C 104 14.30 24.17 -45.71
N SER C 105 14.14 24.26 -47.03
CA SER C 105 13.46 25.41 -47.62
C SER C 105 12.00 25.47 -47.23
N ALA C 106 11.36 24.31 -47.05
CA ALA C 106 9.96 24.31 -46.65
C ALA C 106 9.77 24.82 -45.22
N ASP C 107 10.67 24.42 -44.31
CA ASP C 107 10.61 24.91 -42.94
C ASP C 107 10.87 26.40 -42.87
N LEU C 108 11.83 26.88 -43.67
CA LEU C 108 12.10 28.30 -43.74
C LEU C 108 10.91 29.07 -44.27
N SER C 109 10.19 28.49 -45.24
CA SER C 109 9.00 29.14 -45.76
C SER C 109 7.89 29.20 -44.73
N ALA C 110 7.75 28.16 -43.91
CA ALA C 110 6.75 28.20 -42.84
C ALA C 110 7.08 29.29 -41.81
N LEU C 111 8.33 29.32 -41.34
CA LEU C 111 8.77 30.37 -40.43
C LEU C 111 8.51 31.76 -41.01
N LYS C 112 8.83 31.97 -42.29
CA LYS C 112 8.65 33.29 -42.86
C LYS C 112 7.18 33.65 -43.06
N ALA C 113 6.32 32.67 -43.35
CA ALA C 113 4.89 32.95 -43.44
C ALA C 113 4.35 33.49 -42.13
N GLU C 114 4.78 32.90 -41.01
CA GLU C 114 4.30 33.46 -39.75
C GLU C 114 4.90 34.85 -39.47
N MET C 115 6.17 35.07 -39.83
CA MET C 115 6.73 36.42 -39.69
C MET C 115 5.92 37.46 -40.46
N ASP C 116 5.50 37.13 -41.69
CA ASP C 116 4.73 38.09 -42.47
C ASP C 116 3.37 38.37 -41.85
N GLN C 117 2.70 37.35 -41.31
CA GLN C 117 1.43 37.62 -40.64
C GLN C 117 1.61 38.53 -39.43
N LEU C 118 2.71 38.34 -38.67
CA LEU C 118 2.95 39.22 -37.53
C LEU C 118 3.22 40.65 -37.95
N ALA C 119 3.96 40.84 -39.05
CA ALA C 119 4.21 42.20 -39.53
C ALA C 119 2.92 42.86 -40.02
N ASN C 120 2.03 42.09 -40.64
CA ASN C 120 0.72 42.62 -41.02
C ASN C 120 -0.08 43.06 -39.81
N GLU C 121 -0.04 42.30 -38.72
CA GLU C 121 -0.78 42.74 -37.54
C GLU C 121 -0.14 43.96 -36.87
N ILE C 122 1.18 44.09 -36.90
CA ILE C 122 1.82 45.31 -36.42
C ILE C 122 1.34 46.52 -37.23
N ASP C 123 1.27 46.37 -38.56
CA ASP C 123 0.77 47.47 -39.39
C ASP C 123 -0.69 47.78 -39.10
N GLU C 124 -1.51 46.76 -38.90
CA GLU C 124 -2.93 46.99 -38.61
C GLU C 124 -3.12 47.77 -37.31
N ILE C 125 -2.41 47.37 -36.24
CA ILE C 125 -2.49 48.13 -35.00
C ILE C 125 -2.01 49.56 -35.23
N GLY C 126 -0.99 49.74 -36.08
CA GLY C 126 -0.51 51.09 -36.35
C GLY C 126 -1.55 51.98 -37.00
N LYS C 127 -2.33 51.44 -37.93
CA LYS C 127 -3.30 52.28 -38.64
C LYS C 127 -4.68 52.31 -37.99
N THR C 128 -4.96 51.43 -37.02
CA THR C 128 -6.34 51.26 -36.56
C THR C 128 -6.62 52.02 -35.27
N THR C 129 -5.61 52.21 -34.43
CA THR C 129 -5.81 52.81 -33.11
C THR C 129 -6.36 54.23 -33.21
N ALA C 130 -7.42 54.51 -32.44
CA ALA C 130 -8.13 55.77 -32.56
C ALA C 130 -8.70 56.19 -31.22
N PHE C 131 -9.01 57.48 -31.12
CA PHE C 131 -9.83 58.05 -30.05
C PHE C 131 -11.13 58.51 -30.70
N GLY C 132 -12.13 57.63 -30.69
CA GLY C 132 -13.33 57.88 -31.44
C GLY C 132 -13.08 57.70 -32.92
N THR C 133 -12.80 58.80 -33.60
CA THR C 133 -12.52 58.76 -35.03
C THR C 133 -11.17 59.37 -35.41
N THR C 134 -10.40 59.91 -34.47
CA THR C 134 -9.10 60.49 -34.80
C THR C 134 -8.01 59.46 -34.57
N LYS C 135 -7.12 59.32 -35.55
CA LYS C 135 -6.06 58.33 -35.47
C LYS C 135 -4.93 58.83 -34.59
N LEU C 136 -4.29 57.92 -33.86
CA LEU C 136 -3.26 58.28 -32.90
C LEU C 136 -1.86 57.84 -33.31
N LEU C 137 -1.72 56.67 -33.93
CA LEU C 137 -0.39 56.16 -34.25
C LEU C 137 -0.02 56.28 -35.71
N ALA C 138 -0.66 57.18 -36.46
CA ALA C 138 -0.41 57.27 -37.89
C ALA C 138 0.43 58.47 -38.28
N GLY C 139 0.71 59.38 -37.35
CA GLY C 139 1.50 60.56 -37.62
C GLY C 139 0.78 61.87 -37.40
N GLY C 140 -0.45 61.88 -36.92
CA GLY C 140 -1.17 63.13 -36.70
C GLY C 140 -0.75 63.86 -35.44
N PHE C 141 -0.10 63.18 -34.51
CA PHE C 141 0.45 63.80 -33.30
C PHE C 141 1.96 63.92 -33.35
N SER C 142 2.58 63.74 -34.51
CA SER C 142 4.04 63.76 -34.61
C SER C 142 4.60 65.11 -34.18
N ALA C 143 3.97 66.20 -34.61
CA ALA C 143 4.09 67.48 -33.93
C ALA C 143 2.91 67.59 -32.98
N GLY C 144 3.21 67.70 -31.69
CA GLY C 144 2.19 67.47 -30.68
C GLY C 144 1.02 68.43 -30.76
N LYS C 145 -0.04 68.09 -30.04
CA LYS C 145 -1.20 68.94 -29.85
C LYS C 145 -1.19 69.51 -28.43
N ASN C 146 -1.72 70.72 -28.28
CA ASN C 146 -1.75 71.36 -26.98
C ASN C 146 -3.11 71.22 -26.32
N PHE C 147 -3.09 71.02 -25.00
CA PHE C 147 -4.27 71.03 -24.16
C PHE C 147 -4.07 72.16 -23.14
N GLN C 148 -5.00 73.10 -23.09
CA GLN C 148 -4.88 74.17 -22.11
C GLN C 148 -5.35 73.66 -20.75
N VAL C 149 -4.41 73.52 -19.81
CA VAL C 149 -4.72 72.93 -18.52
C VAL C 149 -4.89 73.96 -17.43
N GLY C 150 -4.85 75.25 -17.75
CA GLY C 150 -5.06 76.30 -16.78
C GLY C 150 -6.16 77.25 -17.21
N ALA C 151 -6.30 78.32 -16.44
CA ALA C 151 -7.33 79.31 -16.70
C ALA C 151 -6.90 80.41 -17.65
N GLN C 152 -5.60 80.63 -17.81
CA GLN C 152 -5.07 81.71 -18.63
C GLN C 152 -4.42 81.15 -19.88
N ASP C 153 -4.29 82.02 -20.88
CA ASP C 153 -3.72 81.64 -22.16
C ASP C 153 -2.23 81.34 -22.03
N GLY C 154 -1.79 80.26 -22.66
CA GLY C 154 -0.41 79.86 -22.64
C GLY C 154 -0.06 78.83 -21.61
N GLU C 155 -0.98 78.51 -20.70
CA GLU C 155 -0.76 77.50 -19.67
C GLU C 155 -1.28 76.18 -20.20
N ASP C 156 -0.39 75.42 -20.84
CA ASP C 156 -0.80 74.25 -21.57
C ASP C 156 0.33 73.23 -21.71
N ILE C 157 -0.06 72.00 -22.03
CA ILE C 157 0.84 70.85 -22.10
C ILE C 157 0.71 70.24 -23.49
N LYS C 158 1.82 69.76 -24.04
CA LYS C 158 1.87 69.23 -25.40
C LYS C 158 2.04 67.72 -25.37
N VAL C 159 1.20 67.01 -26.12
CA VAL C 159 1.24 65.55 -26.20
C VAL C 159 1.71 65.15 -27.59
N THR C 160 2.81 64.41 -27.65
CA THR C 160 3.48 64.06 -28.91
C THR C 160 3.52 62.55 -29.06
N VAL C 161 3.06 62.05 -30.20
CA VAL C 161 3.14 60.64 -30.54
C VAL C 161 3.60 60.54 -31.99
N LYS C 162 4.62 59.73 -32.23
CA LYS C 162 5.12 59.51 -33.58
C LYS C 162 4.47 58.27 -34.19
N ALA C 163 4.61 58.13 -35.50
CA ALA C 163 4.02 57.00 -36.20
C ALA C 163 4.78 55.71 -35.90
N SER C 164 4.04 54.63 -35.66
CA SER C 164 4.64 53.32 -35.40
C SER C 164 3.86 52.26 -36.15
N ASN C 165 4.48 51.73 -37.20
CA ASN C 165 3.90 50.76 -38.10
C ASN C 165 5.04 50.02 -38.75
N LYS C 166 4.73 49.03 -39.59
CA LYS C 166 5.80 48.19 -40.10
C LYS C 166 6.69 48.92 -41.09
N SER C 167 6.30 50.11 -41.53
CA SER C 167 7.11 50.85 -42.49
C SER C 167 8.08 51.79 -41.80
N SER C 168 7.64 52.44 -40.71
CA SER C 168 8.51 53.34 -39.98
C SER C 168 9.45 52.57 -39.05
N LEU C 169 9.08 51.35 -38.65
CA LEU C 169 9.94 50.52 -37.83
C LEU C 169 10.91 49.68 -38.65
N SER C 170 10.82 49.72 -39.97
CA SER C 170 11.72 49.02 -40.88
C SER C 170 11.67 47.51 -40.72
N VAL C 171 10.50 46.94 -40.37
CA VAL C 171 10.34 45.50 -40.26
C VAL C 171 9.42 44.95 -41.34
N GLY C 172 9.12 45.73 -42.37
CA GLY C 172 8.16 45.32 -43.38
C GLY C 172 8.73 44.52 -44.53
N SER C 173 10.02 44.18 -44.52
CA SER C 173 10.63 43.42 -45.59
C SER C 173 11.79 42.56 -45.08
N LEU C 174 11.51 41.63 -44.18
CA LEU C 174 12.56 40.84 -43.56
C LEU C 174 12.67 39.50 -44.24
N GLY C 175 13.90 38.99 -44.36
CA GLY C 175 14.13 37.71 -44.99
C GLY C 175 14.87 36.79 -44.06
N ASN C 176 14.85 35.50 -44.40
CA ASN C 176 15.50 34.50 -43.57
C ASN C 176 16.13 33.39 -44.39
N THR C 177 16.33 33.59 -45.69
CA THR C 177 16.77 32.52 -46.56
C THR C 177 18.28 32.43 -46.67
N THR C 178 19.01 33.42 -46.15
CA THR C 178 20.46 33.49 -46.22
C THR C 178 20.99 33.97 -44.88
N SER C 179 22.24 33.58 -44.57
CA SER C 179 22.87 33.94 -43.30
C SER C 179 22.88 35.45 -43.08
N ALA C 180 23.24 36.22 -44.10
CA ALA C 180 23.28 37.67 -43.96
C ALA C 180 21.89 38.25 -43.79
N ALA C 181 20.89 37.63 -44.42
CA ALA C 181 19.52 38.11 -44.26
C ALA C 181 19.03 37.89 -42.83
N ARG C 182 19.41 36.76 -42.22
CA ARG C 182 19.05 36.54 -40.83
C ARG C 182 19.74 37.53 -39.89
N ALA C 183 21.03 37.80 -40.12
CA ALA C 183 21.72 38.79 -39.30
C ALA C 183 21.05 40.15 -39.40
N SER C 184 20.71 40.56 -40.62
CA SER C 184 20.08 41.86 -40.82
C SER C 184 18.71 41.93 -40.14
N SER C 185 17.93 40.85 -40.25
CA SER C 185 16.61 40.83 -39.61
C SER C 185 16.73 40.91 -38.09
N LEU C 186 17.70 40.21 -37.51
CA LEU C 186 17.90 40.30 -36.07
C LEU C 186 18.19 41.73 -35.65
N LYS C 187 19.11 42.41 -36.36
CA LYS C 187 19.44 43.78 -35.96
C LYS C 187 18.24 44.71 -36.07
N LYS C 188 17.45 44.60 -37.14
CA LYS C 188 16.32 45.52 -37.26
C LYS C 188 15.21 45.23 -36.26
N ILE C 189 14.97 43.97 -35.90
CA ILE C 189 13.98 43.71 -34.86
C ILE C 189 14.42 44.28 -33.52
N ASP C 190 15.70 44.13 -33.18
CA ASP C 190 16.19 44.72 -31.92
C ASP C 190 16.05 46.24 -31.92
N ALA C 191 16.36 46.88 -33.05
CA ALA C 191 16.21 48.33 -33.12
C ALA C 191 14.77 48.76 -32.95
N ALA C 192 13.83 48.02 -33.54
CA ALA C 192 12.42 48.36 -33.41
C ALA C 192 11.94 48.27 -31.96
N ILE C 193 12.38 47.22 -31.25
CA ILE C 193 12.05 47.12 -29.84
C ILE C 193 12.56 48.34 -29.07
N LYS C 194 13.78 48.78 -29.40
CA LYS C 194 14.33 49.96 -28.73
C LYS C 194 13.49 51.22 -28.97
N THR C 195 13.07 51.46 -30.22
CA THR C 195 12.33 52.70 -30.48
C THR C 195 10.97 52.69 -29.80
N ILE C 196 10.30 51.53 -29.76
CA ILE C 196 9.02 51.49 -29.04
C ILE C 196 9.23 51.75 -27.56
N ASP C 197 10.31 51.20 -26.97
CA ASP C 197 10.60 51.52 -25.57
C ASP C 197 10.73 53.03 -25.35
N ALA C 198 11.44 53.72 -26.23
CA ALA C 198 11.62 55.16 -26.05
C ALA C 198 10.28 55.91 -26.10
N GLN C 199 9.42 55.56 -27.05
CA GLN C 199 8.11 56.20 -27.13
C GLN C 199 7.29 55.97 -25.86
N ARG C 200 7.30 54.73 -25.35
CA ARG C 200 6.53 54.44 -24.14
C ARG C 200 7.07 55.21 -22.95
N ALA C 201 8.39 55.39 -22.88
CA ALA C 201 8.99 56.19 -21.81
C ALA C 201 8.46 57.62 -21.82
N ASP C 202 8.44 58.26 -22.99
CA ASP C 202 7.95 59.63 -23.04
C ASP C 202 6.46 59.74 -22.67
N LEU C 203 5.64 58.80 -23.13
CA LEU C 203 4.23 58.87 -22.75
C LEU C 203 4.03 58.68 -21.25
N GLY C 204 4.82 57.81 -20.63
CA GLY C 204 4.72 57.64 -19.18
C GLY C 204 5.10 58.89 -18.42
N ALA C 205 6.17 59.55 -18.84
CA ALA C 205 6.55 60.82 -18.22
C ALA C 205 5.42 61.85 -18.34
N ILE C 206 4.78 61.94 -19.50
CA ILE C 206 3.66 62.87 -19.67
C ILE C 206 2.54 62.56 -18.69
N GLN C 207 2.21 61.29 -18.50
CA GLN C 207 1.11 60.94 -17.60
C GLN C 207 1.43 61.33 -16.14
N ASN C 208 2.66 61.06 -15.70
CA ASN C 208 3.05 61.48 -14.35
C ASN C 208 2.92 62.99 -14.16
N ARG C 209 3.42 63.76 -15.13
CA ARG C 209 3.31 65.20 -15.09
C ARG C 209 1.87 65.68 -14.99
N LEU C 210 0.97 65.09 -15.77
CA LEU C 210 -0.43 65.51 -15.73
C LEU C 210 -1.08 65.18 -14.40
N ALA C 211 -0.68 64.08 -13.77
CA ALA C 211 -1.20 63.76 -12.45
C ALA C 211 -0.84 64.83 -11.43
N HIS C 212 0.45 65.19 -11.36
CA HIS C 212 0.85 66.28 -10.46
C HIS C 212 0.11 67.58 -10.75
N ASN C 213 -0.09 67.90 -12.02
CA ASN C 213 -0.73 69.18 -12.36
C ASN C 213 -2.19 69.20 -11.93
N ILE C 214 -2.91 68.08 -12.09
CA ILE C 214 -4.31 68.04 -11.65
C ILE C 214 -4.40 68.16 -10.14
N SER C 215 -3.48 67.52 -9.41
CA SER C 215 -3.48 67.64 -7.96
C SER C 215 -3.30 69.10 -7.52
N ASN C 216 -2.36 69.80 -8.14
CA ASN C 216 -2.13 71.20 -7.78
C ASN C 216 -3.33 72.07 -8.13
N SER C 217 -4.02 71.78 -9.23
CA SER C 217 -5.20 72.58 -9.59
C SER C 217 -6.34 72.38 -8.59
N ALA C 218 -6.52 71.16 -8.10
CA ALA C 218 -7.55 70.93 -7.08
C ALA C 218 -7.25 71.72 -5.81
N ASN C 219 -6.00 71.67 -5.34
CA ASN C 219 -5.61 72.50 -4.20
C ASN C 219 -5.95 73.96 -4.42
N THR C 220 -5.52 74.52 -5.55
CA THR C 220 -5.69 75.95 -5.78
C THR C 220 -7.15 76.33 -5.89
N GLN C 221 -7.97 75.47 -6.51
CA GLN C 221 -9.40 75.73 -6.58
C GLN C 221 -10.01 75.84 -5.20
N ALA C 222 -9.67 74.91 -4.30
CA ALA C 222 -10.19 75.01 -2.94
C ALA C 222 -9.80 76.33 -2.26
N ASN C 223 -8.52 76.69 -2.35
CA ASN C 223 -8.08 77.91 -1.67
C ASN C 223 -8.70 79.17 -2.26
N VAL C 224 -8.86 79.21 -3.58
CA VAL C 224 -9.44 80.40 -4.22
C VAL C 224 -10.94 80.51 -3.94
N ALA C 225 -11.65 79.38 -3.86
CA ALA C 225 -13.06 79.44 -3.51
C ALA C 225 -13.24 79.91 -2.07
N ASP C 226 -12.37 79.47 -1.16
CA ASP C 226 -12.34 80.05 0.19
C ASP C 226 -12.16 81.56 0.15
N ALA C 227 -11.17 82.03 -0.61
CA ALA C 227 -10.91 83.46 -0.71
C ALA C 227 -12.12 84.23 -1.21
N LYS C 228 -12.80 83.71 -2.24
CA LYS C 228 -13.98 84.39 -2.79
C LYS C 228 -15.12 84.40 -1.81
N SER C 229 -15.32 83.30 -1.08
CA SER C 229 -16.39 83.23 -0.08
C SER C 229 -16.19 84.28 0.99
N ARG C 230 -14.93 84.54 1.39
CA ARG C 230 -14.68 85.58 2.39
C ARG C 230 -15.17 86.95 1.93
N ILE C 231 -15.27 87.17 0.62
CA ILE C 231 -15.64 88.49 0.11
C ILE C 231 -17.13 88.57 -0.23
N VAL C 232 -17.72 87.53 -0.80
CA VAL C 232 -19.03 87.64 -1.44
C VAL C 232 -20.16 87.19 -0.51
N ASP C 233 -19.94 86.15 0.29
CA ASP C 233 -21.04 85.52 1.01
C ASP C 233 -21.44 86.30 2.26
N VAL C 234 -22.66 86.07 2.72
CA VAL C 234 -23.21 86.78 3.87
C VAL C 234 -22.91 85.99 5.14
N ASP C 235 -22.90 86.69 6.25
CA ASP C 235 -22.76 86.11 7.59
C ASP C 235 -24.13 86.04 8.23
N PHE C 236 -24.61 84.84 8.50
CA PHE C 236 -25.96 84.67 9.04
C PHE C 236 -26.04 85.16 10.48
N ALA C 237 -25.01 84.90 11.29
CA ALA C 237 -25.02 85.28 12.70
C ALA C 237 -25.14 86.79 12.86
N LYS C 238 -24.54 87.55 11.97
CA LYS C 238 -24.58 89.00 12.05
C LYS C 238 -25.87 89.55 11.44
N GLU C 239 -26.32 88.94 10.35
CA GLU C 239 -27.40 89.51 9.57
C GLU C 239 -28.74 89.28 10.25
N THR C 240 -28.89 88.14 10.93
CA THR C 240 -30.11 87.90 11.70
C THR C 240 -30.24 88.88 12.87
N SER C 241 -29.12 89.22 13.49
CA SER C 241 -29.13 90.20 14.57
C SER C 241 -29.56 91.56 14.06
N GLN C 242 -29.01 91.99 12.93
CA GLN C 242 -29.44 93.27 12.35
C GLN C 242 -30.92 93.24 12.01
N MET C 243 -31.42 92.12 11.49
CA MET C 243 -32.84 92.03 11.15
C MET C 243 -33.72 92.21 12.37
N THR C 244 -33.39 91.53 13.48
CA THR C 244 -34.21 91.65 14.69
C THR C 244 -34.17 93.06 15.25
N LYS C 245 -33.01 93.71 15.23
CA LYS C 245 -32.92 95.08 15.70
C LYS C 245 -33.85 95.99 14.90
N ASN C 246 -33.85 95.86 13.57
CA ASN C 246 -34.68 96.75 12.76
C ASN C 246 -36.17 96.43 12.92
N GLN C 247 -36.52 95.17 13.17
CA GLN C 247 -37.91 94.83 13.51
C GLN C 247 -38.39 95.60 14.74
N VAL C 248 -37.63 95.53 15.83
CA VAL C 248 -38.02 96.24 17.04
C VAL C 248 -38.12 97.74 16.80
N LEU C 249 -37.16 98.30 16.05
CA LEU C 249 -37.21 99.73 15.79
C LEU C 249 -38.44 100.10 14.96
N GLN C 250 -38.85 99.24 14.04
CA GLN C 250 -40.07 99.52 13.28
C GLN C 250 -41.28 99.60 14.19
N GLN C 251 -41.42 98.65 15.11
CA GLN C 251 -42.58 98.69 16.00
C GLN C 251 -42.56 99.93 16.89
N THR C 252 -41.38 100.30 17.41
CA THR C 252 -41.28 101.50 18.24
C THR C 252 -41.59 102.76 17.46
N GLY C 253 -41.07 102.87 16.24
CA GLY C 253 -41.31 104.07 15.45
C GLY C 253 -42.76 104.20 15.02
N SER C 254 -43.40 103.07 14.72
CA SER C 254 -44.83 103.09 14.42
C SER C 254 -45.64 103.61 15.61
N ALA C 255 -45.38 103.07 16.80
CA ALA C 255 -46.06 103.56 18.00
C ALA C 255 -45.83 105.05 18.21
N MET C 256 -44.60 105.50 18.00
CA MET C 256 -44.27 106.89 18.30
C MET C 256 -44.91 107.84 17.29
N LEU C 257 -44.99 107.43 16.02
CA LEU C 257 -45.65 108.27 15.03
C LEU C 257 -47.16 108.32 15.26
N ALA C 258 -47.76 107.20 15.63
CA ALA C 258 -49.19 107.21 15.94
C ALA C 258 -49.48 108.11 17.13
N GLN C 259 -48.58 108.14 18.12
CA GLN C 259 -48.77 109.05 19.25
C GLN C 259 -48.48 110.49 18.85
N ALA C 260 -47.62 110.71 17.86
CA ALA C 260 -47.29 112.07 17.45
C ALA C 260 -48.41 112.73 16.66
N ASN C 261 -49.17 111.95 15.89
CA ASN C 261 -50.27 112.55 15.14
C ASN C 261 -51.44 113.03 16.00
N GLN C 262 -51.40 112.85 17.32
CA GLN C 262 -52.48 113.32 18.19
C GLN C 262 -52.15 114.61 18.93
N LEU C 263 -51.11 115.33 18.54
CA LEU C 263 -50.75 116.54 19.26
C LEU C 263 -51.64 117.76 18.98
N PRO C 264 -52.17 117.97 17.78
CA PRO C 264 -53.04 119.15 17.58
C PRO C 264 -54.35 119.13 18.35
N GLN C 265 -54.60 118.13 19.20
CA GLN C 265 -55.86 118.07 19.91
C GLN C 265 -55.85 118.83 21.24
N VAL C 266 -54.75 119.48 21.59
CA VAL C 266 -54.75 120.34 22.78
C VAL C 266 -55.53 121.62 22.50
N ALA C 267 -55.58 122.03 21.24
CA ALA C 267 -56.31 123.23 20.87
C ALA C 267 -57.79 123.08 21.14
N LEU C 268 -58.36 121.91 20.87
CA LEU C 268 -59.76 121.67 21.17
C LEU C 268 -60.04 121.82 22.66
N SER C 269 -59.07 121.46 23.50
CA SER C 269 -59.22 121.70 24.93
C SER C 269 -59.22 123.18 25.25
N LEU C 270 -58.30 123.93 24.65
CA LEU C 270 -58.30 125.38 24.90
C LEU C 270 -59.52 126.05 24.31
N LEU C 271 -60.16 125.41 23.33
CA LEU C 271 -61.22 126.05 22.57
C LEU C 271 -62.59 125.76 23.19
N ALA D 1 -0.81 55.15 20.37
CA ALA D 1 -1.61 55.84 19.37
C ALA D 1 -2.36 54.86 18.49
N ILE D 2 -3.49 55.31 17.95
CA ILE D 2 -4.28 54.53 16.99
C ILE D 2 -4.18 55.24 15.65
N THR D 3 -3.34 54.72 14.76
CA THR D 3 -3.07 55.37 13.49
C THR D 3 -3.43 54.45 12.33
N VAL D 4 -3.69 55.05 11.17
CA VAL D 4 -4.09 54.30 10.00
C VAL D 4 -3.03 54.38 8.90
N ASN D 5 -2.22 55.43 8.88
CA ASN D 5 -1.37 55.71 7.74
C ASN D 5 -0.07 54.92 7.73
N THR D 6 0.36 54.39 8.88
CA THR D 6 1.61 53.64 8.96
C THR D 6 1.39 52.47 9.90
N ASN D 7 1.92 51.31 9.54
CA ASN D 7 1.74 50.08 10.31
C ASN D 7 3.10 49.42 10.41
N VAL D 8 3.69 49.44 11.61
CA VAL D 8 5.06 48.98 11.78
C VAL D 8 5.11 47.49 12.08
N THR D 9 4.10 46.99 12.79
CA THR D 9 4.02 45.56 13.06
C THR D 9 3.97 44.77 11.76
N SER D 10 3.28 45.30 10.76
CA SER D 10 3.22 44.64 9.47
C SER D 10 4.58 44.61 8.78
N LEU D 11 5.33 45.72 8.88
CA LEU D 11 6.67 45.76 8.29
C LEU D 11 7.58 44.71 8.91
N LYS D 12 7.54 44.59 10.24
CA LYS D 12 8.41 43.61 10.89
C LYS D 12 7.98 42.18 10.58
N ALA D 13 6.66 41.93 10.52
CA ALA D 13 6.19 40.60 10.15
C ALA D 13 6.60 40.25 8.73
N GLN D 14 6.54 41.21 7.80
CA GLN D 14 7.01 40.97 6.45
C GLN D 14 8.47 40.56 6.43
N LYS D 15 9.31 41.25 7.20
CA LYS D 15 10.73 40.91 7.16
C LYS D 15 10.99 39.50 7.72
N ASN D 16 10.31 39.14 8.82
CA ASN D 16 10.49 37.80 9.35
C ASN D 16 10.04 36.74 8.36
N LEU D 17 8.89 36.95 7.72
CA LEU D 17 8.37 35.98 6.77
C LEU D 17 9.32 35.80 5.59
N ASN D 18 9.93 36.90 5.12
CA ASN D 18 10.88 36.81 4.03
C ASN D 18 12.11 36.01 4.43
N THR D 19 12.62 36.25 5.65
CA THR D 19 13.78 35.50 6.12
C THR D 19 13.50 33.99 6.15
N SER D 20 12.32 33.62 6.67
CA SER D 20 11.96 32.22 6.74
C SER D 20 11.87 31.60 5.35
N ALA D 21 11.24 32.31 4.39
CA ALA D 21 11.12 31.77 3.04
C ALA D 21 12.47 31.56 2.39
N SER D 22 13.38 32.51 2.57
CA SER D 22 14.73 32.35 2.01
C SER D 22 15.42 31.10 2.58
N ASP D 23 15.36 30.92 3.90
CA ASP D 23 15.99 29.75 4.51
C ASP D 23 15.40 28.45 3.95
N LEU D 24 14.08 28.40 3.79
CA LEU D 24 13.44 27.19 3.28
C LEU D 24 13.89 26.89 1.85
N ALA D 25 13.96 27.92 1.01
CA ALA D 25 14.42 27.71 -0.37
C ALA D 25 15.84 27.17 -0.40
N THR D 26 16.73 27.72 0.43
CA THR D 26 18.10 27.21 0.49
C THR D 26 18.14 25.74 0.86
N SER D 27 17.37 25.35 1.88
CA SER D 27 17.35 23.95 2.30
C SER D 27 16.82 23.04 1.19
N MET D 28 15.77 23.47 0.49
CA MET D 28 15.21 22.70 -0.60
C MET D 28 16.25 22.45 -1.68
N GLU D 29 16.99 23.50 -2.05
CA GLU D 29 18.07 23.35 -3.04
C GLU D 29 19.11 22.34 -2.59
N ARG D 30 19.53 22.42 -1.33
CA ARG D 30 20.57 21.53 -0.84
C ARG D 30 20.11 20.07 -0.84
N LEU D 31 18.84 19.82 -0.50
CA LEU D 31 18.34 18.45 -0.54
C LEU D 31 18.17 17.95 -1.97
N SER D 32 17.82 18.84 -2.90
CA SER D 32 17.66 18.41 -4.29
C SER D 32 18.99 18.07 -4.93
N SER D 33 20.05 18.81 -4.57
CA SER D 33 21.34 18.62 -5.22
C SER D 33 22.15 17.49 -4.60
N GLY D 34 22.11 17.35 -3.27
CA GLY D 34 22.94 16.41 -2.56
C GLY D 34 24.27 16.96 -2.11
N LEU D 35 24.51 18.26 -2.27
CA LEU D 35 25.77 18.90 -1.95
C LEU D 35 25.56 20.02 -0.97
N ARG D 36 26.54 20.21 -0.08
CA ARG D 36 26.47 21.32 0.87
C ARG D 36 26.94 22.61 0.25
N ILE D 37 27.94 22.55 -0.64
CA ILE D 37 28.52 23.73 -1.25
C ILE D 37 28.05 23.76 -2.70
N ASN D 38 27.07 24.62 -2.99
CA ASN D 38 26.62 24.83 -4.35
C ASN D 38 27.21 26.08 -4.99
N SER D 39 27.79 26.97 -4.21
CA SER D 39 28.38 28.21 -4.71
C SER D 39 29.50 28.59 -3.76
N ALA D 40 30.13 29.74 -4.04
CA ALA D 40 31.11 30.25 -3.09
C ALA D 40 30.49 31.09 -2.00
N LYS D 41 29.21 31.46 -2.15
CA LYS D 41 28.42 31.98 -1.05
C LYS D 41 28.46 31.07 0.18
N ASP D 42 28.59 29.77 -0.04
CA ASP D 42 28.45 28.77 1.01
C ASP D 42 29.75 28.60 1.81
N ASP D 43 30.82 28.20 1.13
CA ASP D 43 32.11 28.00 1.79
C ASP D 43 33.18 28.18 0.72
N ALA D 44 34.02 29.20 0.88
CA ALA D 44 34.93 29.58 -0.19
C ALA D 44 36.23 28.79 -0.13
N ALA D 45 36.78 28.60 1.07
CA ALA D 45 38.01 27.82 1.21
C ALA D 45 37.78 26.35 0.95
N GLY D 46 36.63 25.83 1.38
CA GLY D 46 36.29 24.44 1.08
C GLY D 46 36.11 24.18 -0.39
N LEU D 47 35.62 25.17 -1.13
CA LEU D 47 35.52 25.04 -2.59
C LEU D 47 36.88 24.76 -3.22
N ALA D 48 37.91 25.54 -2.85
CA ALA D 48 39.22 25.34 -3.45
C ALA D 48 39.87 24.05 -2.96
N ILE D 49 39.74 23.75 -1.66
CA ILE D 49 40.29 22.50 -1.15
C ILE D 49 39.68 21.31 -1.88
N SER D 50 38.37 21.38 -2.14
CA SER D 50 37.68 20.28 -2.80
C SER D 50 38.00 20.22 -4.28
N ASN D 51 38.26 21.35 -4.93
CA ASN D 51 38.75 21.32 -6.31
C ASN D 51 40.08 20.59 -6.39
N ARG D 52 40.99 20.84 -5.45
CA ARG D 52 42.28 20.15 -5.48
C ARG D 52 42.12 18.66 -5.18
N LEU D 53 41.29 18.30 -4.22
CA LEU D 53 41.07 16.87 -3.94
C LEU D 53 40.41 16.17 -5.12
N ASN D 54 39.56 16.89 -5.85
CA ASN D 54 38.92 16.34 -7.04
C ASN D 54 39.94 16.06 -8.14
N SER D 55 40.85 17.01 -8.36
CA SER D 55 41.95 16.77 -9.29
C SER D 55 42.74 15.53 -8.91
N GLN D 56 42.99 15.35 -7.61
CA GLN D 56 43.78 14.18 -7.18
C GLN D 56 43.04 12.87 -7.45
N VAL D 57 41.75 12.82 -7.13
CA VAL D 57 40.98 11.59 -7.36
C VAL D 57 40.98 11.21 -8.83
N ARG D 58 40.69 12.20 -9.68
CA ARG D 58 40.58 11.94 -11.12
C ARG D 58 41.94 11.55 -11.71
N GLY D 59 43.01 12.19 -11.26
CA GLY D 59 44.34 11.83 -11.72
C GLY D 59 44.75 10.43 -11.31
N LEU D 60 44.40 10.01 -10.10
CA LEU D 60 44.70 8.64 -9.69
C LEU D 60 43.97 7.62 -10.54
N GLU D 61 42.73 7.92 -10.91
CA GLU D 61 42.00 7.02 -11.81
C GLU D 61 42.75 6.85 -13.15
N VAL D 62 43.12 7.96 -13.78
CA VAL D 62 43.82 7.87 -15.07
C VAL D 62 45.19 7.20 -14.90
N GLY D 63 45.86 7.42 -13.77
CA GLY D 63 47.16 6.82 -13.56
C GLY D 63 47.10 5.31 -13.42
N MET D 64 46.07 4.78 -12.77
CA MET D 64 45.88 3.34 -12.74
C MET D 64 45.61 2.78 -14.13
N ARG D 65 44.90 3.53 -14.97
CA ARG D 65 44.75 3.08 -16.35
C ARG D 65 46.11 2.97 -17.06
N ASN D 66 46.96 3.99 -16.92
CA ASN D 66 48.30 3.93 -17.52
C ASN D 66 49.13 2.78 -16.98
N ALA D 67 49.03 2.51 -15.67
CA ALA D 67 49.79 1.41 -15.09
C ALA D 67 49.36 0.07 -15.67
N ASN D 68 48.07 -0.10 -15.93
CA ASN D 68 47.62 -1.36 -16.50
C ASN D 68 48.09 -1.49 -17.95
N ASP D 69 48.16 -0.36 -18.67
CA ASP D 69 48.78 -0.38 -20.00
C ASP D 69 50.23 -0.86 -19.97
N ALA D 70 51.01 -0.37 -19.01
CA ALA D 70 52.40 -0.81 -18.88
C ALA D 70 52.49 -2.30 -18.58
N ILE D 71 51.61 -2.81 -17.70
CA ILE D 71 51.61 -4.23 -17.39
C ILE D 71 51.31 -5.05 -18.65
N SER D 72 50.39 -4.57 -19.48
CA SER D 72 50.06 -5.25 -20.73
C SER D 72 51.28 -5.36 -21.65
N ILE D 73 51.98 -4.24 -21.86
CA ILE D 73 53.15 -4.25 -22.74
C ILE D 73 54.19 -5.25 -22.22
N ALA D 74 54.52 -5.17 -20.93
CA ALA D 74 55.54 -6.05 -20.37
C ALA D 74 55.14 -7.52 -20.49
N GLN D 75 53.86 -7.80 -20.31
CA GLN D 75 53.37 -9.18 -20.36
C GLN D 75 53.49 -9.77 -21.76
N ILE D 76 53.16 -8.97 -22.79
CA ILE D 76 53.32 -9.45 -24.17
C ILE D 76 54.77 -9.74 -24.50
N ALA D 77 55.67 -8.80 -24.18
CA ALA D 77 57.09 -9.02 -24.51
C ALA D 77 57.67 -10.23 -23.77
N GLU D 78 57.38 -10.34 -22.47
CA GLU D 78 57.85 -11.45 -21.67
C GLU D 78 57.34 -12.78 -22.20
N GLY D 79 56.09 -12.83 -22.68
CA GLY D 79 55.58 -14.06 -23.25
C GLY D 79 56.23 -14.41 -24.57
N ALA D 80 56.60 -13.40 -25.36
CA ALA D 80 57.30 -13.66 -26.62
C ALA D 80 58.66 -14.30 -26.40
N MET D 81 59.38 -13.92 -25.33
CA MET D 81 60.74 -14.44 -25.15
C MET D 81 60.80 -15.93 -24.80
N GLN D 82 59.69 -16.54 -24.36
CA GLN D 82 59.67 -17.95 -23.95
C GLN D 82 59.87 -18.89 -25.13
N GLU D 83 59.23 -18.62 -26.27
CA GLU D 83 59.42 -19.44 -27.46
C GLU D 83 60.83 -19.35 -27.98
N GLN D 84 61.46 -18.18 -27.85
CA GLN D 84 62.85 -18.02 -28.24
C GLN D 84 63.75 -18.89 -27.38
N THR D 85 63.54 -18.88 -26.06
CA THR D 85 64.27 -19.80 -25.18
C THR D 85 64.09 -21.25 -25.60
N ASN D 86 62.87 -21.64 -25.93
CA ASN D 86 62.55 -23.01 -26.30
C ASN D 86 63.32 -23.44 -27.55
N MET D 87 63.33 -22.57 -28.56
CA MET D 87 64.05 -22.89 -29.79
C MET D 87 65.55 -22.95 -29.57
N LEU D 88 66.09 -22.08 -28.71
CA LEU D 88 67.52 -22.17 -28.41
C LEU D 88 67.88 -23.49 -27.73
N GLN D 89 67.03 -23.99 -26.85
CA GLN D 89 67.28 -25.31 -26.27
C GLN D 89 67.31 -26.40 -27.34
N ARG D 90 66.39 -26.31 -28.30
CA ARG D 90 66.40 -27.29 -29.40
C ARG D 90 67.70 -27.21 -30.20
N MET D 91 68.18 -26.01 -30.52
CA MET D 91 69.44 -25.87 -31.25
C MET D 91 70.61 -26.42 -30.45
N ARG D 92 70.59 -26.23 -29.13
CA ARG D 92 71.63 -26.83 -28.29
C ARG D 92 71.67 -28.34 -28.42
N ASP D 93 70.50 -28.98 -28.43
CA ASP D 93 70.47 -30.44 -28.62
C ASP D 93 71.01 -30.83 -29.99
N LEU D 94 70.66 -30.08 -31.04
CA LEU D 94 71.18 -30.39 -32.38
C LEU D 94 72.69 -30.25 -32.43
N THR D 95 73.24 -29.24 -31.74
CA THR D 95 74.68 -29.05 -31.73
C THR D 95 75.40 -30.17 -30.98
N VAL D 96 74.83 -30.62 -29.85
CA VAL D 96 75.44 -31.75 -29.15
C VAL D 96 75.38 -33.00 -30.01
N GLN D 97 74.31 -33.15 -30.80
CA GLN D 97 74.20 -34.32 -31.68
C GLN D 97 75.19 -34.27 -32.83
N SER D 98 75.63 -33.08 -33.24
CA SER D 98 76.64 -32.98 -34.30
C SER D 98 78.00 -33.56 -33.91
N GLU D 99 78.29 -33.68 -32.62
CA GLU D 99 79.57 -34.19 -32.14
C GLU D 99 79.57 -35.71 -32.01
N ASN D 100 79.41 -36.41 -33.11
CA ASN D 100 79.24 -37.86 -33.12
C ASN D 100 80.09 -38.43 -34.25
N GLY D 101 81.10 -39.23 -33.89
CA GLY D 101 82.03 -39.73 -34.87
C GLY D 101 81.45 -40.72 -35.86
N ALA D 102 80.13 -40.86 -35.89
CA ALA D 102 79.47 -41.70 -36.87
C ALA D 102 78.67 -40.89 -37.88
N ASN D 103 78.51 -39.58 -37.65
CA ASN D 103 77.85 -38.73 -38.62
C ASN D 103 78.73 -38.56 -39.85
N SER D 104 78.09 -38.38 -41.00
CA SER D 104 78.76 -38.04 -42.24
C SER D 104 78.30 -36.66 -42.69
N SER D 105 78.77 -36.23 -43.87
CA SER D 105 78.48 -34.87 -44.30
C SER D 105 76.99 -34.64 -44.58
N ALA D 106 76.30 -35.68 -45.03
CA ALA D 106 74.87 -35.55 -45.28
C ALA D 106 74.08 -35.38 -43.98
N ASP D 107 74.44 -36.15 -42.95
CA ASP D 107 73.79 -36.00 -41.65
C ASP D 107 74.06 -34.63 -41.04
N LEU D 108 75.30 -34.16 -41.18
CA LEU D 108 75.64 -32.83 -40.69
C LEU D 108 74.84 -31.76 -41.43
N SER D 109 74.62 -31.95 -42.73
CA SER D 109 73.83 -30.99 -43.49
C SER D 109 72.37 -30.99 -43.05
N ALA D 110 71.83 -32.16 -42.72
CA ALA D 110 70.46 -32.22 -42.21
C ALA D 110 70.32 -31.49 -40.87
N LEU D 111 71.23 -31.79 -39.93
CA LEU D 111 71.26 -31.09 -38.65
C LEU D 111 71.33 -29.58 -38.84
N LYS D 112 72.21 -29.13 -39.74
CA LYS D 112 72.38 -27.69 -39.91
C LYS D 112 71.18 -27.04 -40.60
N ALA D 113 70.51 -27.76 -41.50
CA ALA D 113 69.29 -27.22 -42.10
C ALA D 113 68.23 -26.94 -41.05
N GLU D 114 68.08 -27.84 -40.08
CA GLU D 114 67.12 -27.54 -39.03
C GLU D 114 67.57 -26.40 -38.13
N MET D 115 68.87 -26.31 -37.84
CA MET D 115 69.37 -25.15 -37.09
C MET D 115 69.04 -23.83 -37.77
N ASP D 116 69.22 -23.76 -39.09
CA ASP D 116 68.93 -22.54 -39.81
C ASP D 116 67.44 -22.18 -39.76
N GLN D 117 66.57 -23.17 -39.90
CA GLN D 117 65.14 -22.86 -39.78
C GLN D 117 64.80 -22.32 -38.39
N LEU D 118 65.42 -22.87 -37.33
CA LEU D 118 65.15 -22.36 -36.00
C LEU D 118 65.65 -20.94 -35.81
N ALA D 119 66.82 -20.62 -36.38
CA ALA D 119 67.31 -19.24 -36.28
C ALA D 119 66.43 -18.27 -37.05
N ASN D 120 65.88 -18.71 -38.19
CA ASN D 120 64.91 -17.88 -38.91
C ASN D 120 63.66 -17.61 -38.08
N GLU D 121 63.16 -18.62 -37.36
CA GLU D 121 61.99 -18.35 -36.52
C GLU D 121 62.31 -17.46 -35.32
N ILE D 122 63.51 -17.57 -34.75
CA ILE D 122 63.91 -16.63 -33.71
C ILE D 122 63.91 -15.19 -34.24
N ASP D 123 64.44 -15.01 -35.45
CA ASP D 123 64.41 -13.66 -36.04
C ASP D 123 62.99 -13.18 -36.33
N GLU D 124 62.13 -14.07 -36.80
CA GLU D 124 60.75 -13.67 -37.08
C GLU D 124 60.03 -13.21 -35.82
N ILE D 125 60.16 -13.98 -34.73
CA ILE D 125 59.56 -13.54 -33.46
C ILE D 125 60.15 -12.21 -33.04
N GLY D 126 61.45 -12.00 -33.27
CA GLY D 126 62.06 -10.73 -32.91
C GLY D 126 61.48 -9.54 -33.64
N LYS D 127 61.17 -9.70 -34.93
CA LYS D 127 60.66 -8.55 -35.69
C LYS D 127 59.14 -8.45 -35.71
N THR D 128 58.42 -9.47 -35.27
CA THR D 128 56.98 -9.51 -35.50
C THR D 128 56.16 -9.06 -34.28
N THR D 129 56.70 -9.25 -33.08
CA THR D 129 55.95 -8.98 -31.85
C THR D 129 55.57 -7.51 -31.75
N ALA D 130 54.29 -7.24 -31.46
CA ALA D 130 53.77 -5.89 -31.48
C ALA D 130 52.67 -5.72 -30.45
N PHE D 131 52.40 -4.46 -30.11
CA PHE D 131 51.21 -4.03 -29.37
C PHE D 131 50.37 -3.22 -30.35
N GLY D 132 49.45 -3.89 -31.02
CA GLY D 132 48.72 -3.26 -32.10
C GLY D 132 49.61 -3.10 -33.31
N THR D 133 50.22 -1.93 -33.45
CA THR D 133 51.12 -1.67 -34.57
C THR D 133 52.51 -1.23 -34.14
N THR D 134 52.80 -1.08 -32.85
CA THR D 134 54.12 -0.66 -32.41
C THR D 134 54.95 -1.89 -32.06
N LYS D 135 56.17 -1.94 -32.56
CA LYS D 135 57.04 -3.08 -32.34
C LYS D 135 57.67 -3.02 -30.95
N LEU D 136 57.86 -4.19 -30.33
CA LEU D 136 58.36 -4.26 -28.98
C LEU D 136 59.77 -4.83 -28.87
N LEU D 137 60.14 -5.80 -29.69
CA LEU D 137 61.44 -6.44 -29.54
C LEU D 137 62.44 -6.03 -30.61
N ALA D 138 62.25 -4.88 -31.25
CA ALA D 138 63.13 -4.48 -32.34
C ALA D 138 64.11 -3.39 -31.95
N GLY D 139 63.96 -2.80 -30.77
CA GLY D 139 64.85 -1.74 -30.32
C GLY D 139 64.16 -0.42 -30.05
N GLY D 140 62.85 -0.32 -30.15
CA GLY D 140 62.16 0.94 -29.90
C GLY D 140 61.99 1.26 -28.42
N PHE D 141 62.13 0.27 -27.55
CA PHE D 141 62.09 0.47 -26.11
C PHE D 141 63.46 0.33 -25.47
N SER D 142 64.53 0.34 -26.27
CA SER D 142 65.88 0.13 -25.72
C SER D 142 66.24 1.22 -24.72
N ALA D 143 65.92 2.46 -25.02
CA ALA D 143 65.77 3.49 -24.01
C ALA D 143 64.30 3.57 -23.66
N GLY D 144 63.98 3.31 -22.40
CA GLY D 144 62.61 3.02 -22.04
C GLY D 144 61.65 4.16 -22.31
N LYS D 145 60.36 3.84 -22.24
CA LYS D 145 59.28 4.80 -22.32
C LYS D 145 58.67 4.99 -20.93
N ASN D 146 58.19 6.20 -20.65
CA ASN D 146 57.60 6.51 -19.36
C ASN D 146 56.07 6.44 -19.41
N PHE D 147 55.49 5.93 -18.34
CA PHE D 147 54.06 5.93 -18.11
C PHE D 147 53.83 6.71 -16.83
N GLN D 148 53.02 7.77 -16.89
CA GLN D 148 52.72 8.52 -15.68
C GLN D 148 51.67 7.77 -14.87
N VAL D 149 52.06 7.25 -13.72
CA VAL D 149 51.18 6.42 -12.91
C VAL D 149 50.58 7.16 -11.74
N GLY D 150 50.81 8.46 -11.62
CA GLY D 150 50.23 9.27 -10.57
C GLY D 150 49.48 10.47 -11.11
N ALA D 151 49.07 11.33 -10.20
CA ALA D 151 48.30 12.51 -10.56
C ALA D 151 49.18 13.72 -10.87
N GLN D 152 50.41 13.74 -10.38
CA GLN D 152 51.30 14.89 -10.54
C GLN D 152 52.43 14.55 -11.51
N ASP D 153 53.03 15.60 -12.05
CA ASP D 153 54.10 15.45 -13.02
C ASP D 153 55.37 14.88 -12.36
N GLY D 154 55.98 13.93 -13.04
CA GLY D 154 57.19 13.31 -12.56
C GLY D 154 56.99 12.01 -11.83
N GLU D 155 55.75 11.64 -11.53
CA GLU D 155 55.42 10.38 -10.87
C GLU D 155 55.15 9.33 -11.93
N ASP D 156 56.19 8.62 -12.32
CA ASP D 156 56.11 7.75 -13.48
C ASP D 156 57.14 6.63 -13.43
N ILE D 157 56.88 5.59 -14.23
CA ILE D 157 57.66 4.37 -14.26
C ILE D 157 58.14 4.14 -15.68
N LYS D 158 59.36 3.63 -15.82
CA LYS D 158 60.00 3.45 -17.12
C LYS D 158 60.07 1.98 -17.48
N VAL D 159 59.63 1.63 -18.68
CA VAL D 159 59.65 0.26 -19.18
C VAL D 159 60.68 0.13 -20.28
N THR D 160 61.66 -0.76 -20.09
CA THR D 160 62.80 -0.89 -20.98
C THR D 160 62.84 -2.29 -21.55
N VAL D 161 62.92 -2.41 -22.87
CA VAL D 161 63.08 -3.69 -23.55
C VAL D 161 64.16 -3.51 -24.62
N LYS D 162 65.14 -4.40 -24.64
CA LYS D 162 66.18 -4.37 -25.65
C LYS D 162 65.82 -5.28 -26.81
N ALA D 163 66.54 -5.12 -27.92
CA ALA D 163 66.27 -5.93 -29.10
C ALA D 163 66.77 -7.35 -28.90
N SER D 164 65.95 -8.32 -29.34
CA SER D 164 66.31 -9.73 -29.24
C SER D 164 65.91 -10.42 -30.55
N ASN D 165 66.92 -10.77 -31.33
CA ASN D 165 66.76 -11.39 -32.64
C ASN D 165 68.05 -12.13 -32.94
N LYS D 166 68.10 -12.81 -34.09
CA LYS D 166 69.25 -13.67 -34.31
C LYS D 166 70.52 -12.88 -34.58
N SER D 167 70.43 -11.57 -34.75
CA SER D 167 71.61 -10.77 -35.02
C SER D 167 72.20 -10.21 -33.73
N SER D 168 71.35 -9.79 -32.80
CA SER D 168 71.83 -9.26 -31.53
C SER D 168 72.21 -10.39 -30.57
N LEU D 169 71.65 -11.57 -30.74
CA LEU D 169 72.00 -12.73 -29.92
C LEU D 169 73.20 -13.49 -30.47
N SER D 170 73.72 -13.10 -31.63
CA SER D 170 74.91 -13.72 -32.24
C SER D 170 74.72 -15.18 -32.57
N VAL D 171 73.51 -15.61 -32.93
CA VAL D 171 73.25 -16.98 -33.34
C VAL D 171 72.89 -17.08 -34.82
N GLY D 172 73.13 -16.02 -35.59
CA GLY D 172 72.72 -16.01 -36.99
C GLY D 172 73.71 -16.58 -37.97
N SER D 173 74.83 -17.13 -37.51
CA SER D 173 75.83 -17.70 -38.40
C SER D 173 76.58 -18.84 -37.73
N LEU D 174 75.89 -19.90 -37.35
CA LEU D 174 76.52 -20.99 -36.61
C LEU D 174 76.86 -22.13 -37.56
N GLY D 175 77.98 -22.80 -37.28
CA GLY D 175 78.42 -23.89 -38.10
C GLY D 175 78.61 -25.14 -37.27
N ASN D 176 78.69 -26.27 -37.96
CA ASN D 176 78.85 -27.55 -37.28
C ASN D 176 79.74 -28.51 -38.04
N THR D 177 80.51 -28.03 -39.01
CA THR D 177 81.25 -28.92 -39.88
C THR D 177 82.65 -29.24 -39.36
N THR D 178 83.10 -28.55 -38.32
CA THR D 178 84.42 -28.71 -37.75
C THR D 178 84.30 -28.68 -36.23
N SER D 179 85.26 -29.35 -35.56
CA SER D 179 85.25 -29.42 -34.10
C SER D 179 85.23 -28.03 -33.45
N ALA D 180 86.06 -27.11 -33.95
CA ALA D 180 86.09 -25.77 -33.38
C ALA D 180 84.80 -25.02 -33.65
N ALA D 181 84.18 -25.28 -34.79
CA ALA D 181 82.90 -24.64 -35.09
C ALA D 181 81.81 -25.11 -34.14
N ARG D 182 81.82 -26.40 -33.78
CA ARG D 182 80.86 -26.91 -32.82
C ARG D 182 81.08 -26.30 -31.43
N ALA D 183 82.35 -26.20 -31.01
CA ALA D 183 82.64 -25.59 -29.71
C ALA D 183 82.15 -24.15 -29.67
N SER D 184 82.42 -23.40 -30.73
CA SER D 184 82.01 -21.99 -30.78
C SER D 184 80.49 -21.86 -30.77
N SER D 185 79.79 -22.73 -31.51
CA SER D 185 78.33 -22.68 -31.52
C SER D 185 77.74 -23.00 -30.15
N LEU D 186 78.31 -23.97 -29.45
CA LEU D 186 77.84 -24.28 -28.11
C LEU D 186 77.97 -23.07 -27.20
N LYS D 187 79.14 -22.41 -27.21
CA LYS D 187 79.32 -21.25 -26.34
C LYS D 187 78.34 -20.13 -26.65
N LYS D 188 78.11 -19.85 -27.94
CA LYS D 188 77.20 -18.74 -28.24
C LYS D 188 75.74 -19.07 -27.93
N ILE D 189 75.31 -20.32 -28.11
CA ILE D 189 73.95 -20.65 -27.72
C ILE D 189 73.76 -20.50 -26.20
N ASP D 190 74.74 -20.95 -25.42
CA ASP D 190 74.62 -20.80 -23.97
C ASP D 190 74.57 -19.32 -23.57
N ALA D 191 75.39 -18.49 -24.21
CA ALA D 191 75.36 -17.06 -23.90
C ALA D 191 74.00 -16.44 -24.24
N ALA D 192 73.40 -16.84 -25.37
CA ALA D 192 72.10 -16.30 -25.74
C ALA D 192 71.03 -16.66 -24.72
N ILE D 193 71.04 -17.91 -24.26
CA ILE D 193 70.10 -18.30 -23.21
C ILE D 193 70.27 -17.42 -21.98
N LYS D 194 71.52 -17.12 -21.61
CA LYS D 194 71.76 -16.26 -20.46
C LYS D 194 71.17 -14.86 -20.64
N THR D 195 71.37 -14.25 -21.82
CA THR D 195 70.89 -12.87 -21.98
C THR D 195 69.37 -12.81 -21.98
N ILE D 196 68.70 -13.80 -22.57
CA ILE D 196 67.24 -13.81 -22.50
C ILE D 196 66.76 -13.96 -21.06
N ASP D 197 67.43 -14.81 -20.28
CA ASP D 197 67.07 -14.90 -18.86
C ASP D 197 67.15 -13.55 -18.17
N ALA D 198 68.21 -12.78 -18.42
CA ALA D 198 68.35 -11.49 -17.75
C ALA D 198 67.22 -10.53 -18.14
N GLN D 199 66.88 -10.49 -19.43
CA GLN D 199 65.77 -9.63 -19.85
C GLN D 199 64.45 -10.02 -19.18
N ARG D 200 64.17 -11.32 -19.11
CA ARG D 200 62.93 -11.76 -18.49
C ARG D 200 62.90 -11.42 -17.00
N ALA D 201 64.05 -11.49 -16.34
CA ALA D 201 64.13 -11.10 -14.93
C ALA D 201 63.72 -9.64 -14.73
N ASP D 202 64.27 -8.74 -15.55
CA ASP D 202 63.91 -7.33 -15.39
C ASP D 202 62.44 -7.07 -15.68
N LEU D 203 61.87 -7.71 -16.69
CA LEU D 203 60.45 -7.49 -16.94
C LEU D 203 59.58 -8.00 -15.80
N GLY D 204 59.96 -9.14 -15.19
CA GLY D 204 59.21 -9.63 -14.05
C GLY D 204 59.24 -8.68 -12.86
N ALA D 205 60.43 -8.14 -12.58
CA ALA D 205 60.53 -7.14 -11.52
C ALA D 205 59.63 -5.94 -11.77
N ILE D 206 59.60 -5.46 -13.02
CA ILE D 206 58.71 -4.33 -13.35
C ILE D 206 57.25 -4.68 -13.09
N GLN D 207 56.82 -5.89 -13.44
CA GLN D 207 55.42 -6.24 -13.22
C GLN D 207 55.07 -6.29 -11.74
N ASN D 208 55.95 -6.86 -10.92
CA ASN D 208 55.70 -6.87 -9.47
C ASN D 208 55.56 -5.45 -8.91
N ARG D 209 56.48 -4.57 -9.31
CA ARG D 209 56.43 -3.18 -8.88
C ARG D 209 55.12 -2.50 -9.26
N LEU D 210 54.65 -2.72 -10.49
CA LEU D 210 53.41 -2.08 -10.92
C LEU D 210 52.21 -2.62 -10.15
N ALA D 211 52.23 -3.89 -9.77
CA ALA D 211 51.14 -4.43 -8.96
C ALA D 211 51.05 -3.72 -7.62
N HIS D 212 52.18 -3.61 -6.91
CA HIS D 212 52.18 -2.86 -5.64
C HIS D 212 51.71 -1.43 -5.81
N ASN D 213 52.12 -0.78 -6.89
CA ASN D 213 51.77 0.63 -7.07
C ASN D 213 50.26 0.80 -7.31
N ILE D 214 49.66 -0.09 -8.09
CA ILE D 214 48.21 0.00 -8.31
C ILE D 214 47.44 -0.24 -7.02
N SER D 215 47.90 -1.19 -6.21
CA SER D 215 47.25 -1.43 -4.92
C SER D 215 47.27 -0.18 -4.03
N ASN D 216 48.43 0.47 -3.95
CA ASN D 216 48.54 1.68 -3.14
C ASN D 216 47.65 2.80 -3.68
N SER D 217 47.53 2.92 -5.00
CA SER D 217 46.68 3.97 -5.57
C SER D 217 45.21 3.73 -5.25
N ALA D 218 44.76 2.48 -5.28
CA ALA D 218 43.38 2.19 -4.90
C ALA D 218 43.10 2.58 -3.46
N ASN D 219 44.00 2.20 -2.55
CA ASN D 219 43.86 2.64 -1.15
C ASN D 219 43.72 4.15 -1.05
N THR D 220 44.64 4.87 -1.68
CA THR D 220 44.66 6.33 -1.52
C THR D 220 43.43 6.97 -2.11
N GLN D 221 42.95 6.44 -3.25
CA GLN D 221 41.72 6.96 -3.84
C GLN D 221 40.55 6.83 -2.87
N ALA D 222 40.39 5.67 -2.24
CA ALA D 222 39.32 5.51 -1.26
C ALA D 222 39.42 6.53 -0.13
N ASN D 223 40.62 6.68 0.46
CA ASN D 223 40.76 7.60 1.58
C ASN D 223 40.53 9.06 1.18
N VAL D 224 40.99 9.45 -0.01
CA VAL D 224 40.82 10.84 -0.44
C VAL D 224 39.36 11.14 -0.80
N ALA D 225 38.64 10.17 -1.37
CA ALA D 225 37.22 10.37 -1.65
C ALA D 225 36.43 10.51 -0.35
N ASP D 226 36.78 9.71 0.67
CA ASP D 226 36.21 9.93 2.00
C ASP D 226 36.46 11.34 2.50
N ALA D 227 37.71 11.80 2.40
CA ALA D 227 38.06 13.15 2.85
C ALA D 227 37.24 14.21 2.14
N LYS D 228 37.07 14.08 0.82
CA LYS D 228 36.31 15.07 0.06
C LYS D 228 34.83 15.04 0.42
N SER D 229 34.29 13.84 0.63
CA SER D 229 32.89 13.72 1.01
C SER D 229 32.62 14.42 2.34
N ARG D 230 33.56 14.36 3.28
CA ARG D 230 33.38 15.06 4.55
C ARG D 230 33.22 16.56 4.36
N ILE D 231 33.72 17.12 3.26
CA ILE D 231 33.68 18.57 3.05
C ILE D 231 32.51 18.98 2.17
N VAL D 232 32.21 18.23 1.12
CA VAL D 232 31.33 18.71 0.05
C VAL D 232 29.89 18.25 0.23
N ASP D 233 29.67 17.03 0.70
CA ASP D 233 28.34 16.43 0.67
C ASP D 233 27.46 16.94 1.81
N VAL D 234 26.15 16.82 1.61
CA VAL D 234 25.17 17.31 2.57
C VAL D 234 24.82 16.19 3.54
N ASP D 235 24.36 16.59 4.73
CA ASP D 235 23.86 15.69 5.74
C ASP D 235 22.33 15.70 5.70
N PHE D 236 21.73 14.55 5.37
CA PHE D 236 20.28 14.51 5.22
C PHE D 236 19.57 14.63 6.56
N ALA D 237 20.12 14.00 7.60
CA ALA D 237 19.48 14.02 8.92
C ALA D 237 19.37 15.44 9.46
N LYS D 238 20.35 16.28 9.18
CA LYS D 238 20.34 17.66 9.66
C LYS D 238 19.48 18.55 8.76
N GLU D 239 19.56 18.30 7.45
CA GLU D 239 18.98 19.25 6.51
C GLU D 239 17.46 19.08 6.45
N THR D 240 16.97 17.85 6.62
CA THR D 240 15.53 17.64 6.70
C THR D 240 14.93 18.31 7.94
N SER D 241 15.65 18.29 9.05
CA SER D 241 15.19 18.96 10.26
C SER D 241 15.09 20.46 10.05
N GLN D 242 16.12 21.05 9.45
CA GLN D 242 16.05 22.48 9.15
C GLN D 242 14.88 22.81 8.22
N MET D 243 14.64 21.95 7.23
CA MET D 243 13.54 22.19 6.31
C MET D 243 12.19 22.22 7.04
N THR D 244 11.96 21.24 7.91
CA THR D 244 10.68 21.20 8.64
C THR D 244 10.52 22.39 9.56
N LYS D 245 11.60 22.81 10.23
CA LYS D 245 11.52 23.99 11.08
C LYS D 245 11.10 25.22 10.27
N ASN D 246 11.70 25.43 9.10
CA ASN D 246 11.36 26.61 8.32
C ASN D 246 9.95 26.53 7.72
N GLN D 247 9.46 25.33 7.42
CA GLN D 247 8.07 25.16 7.03
C GLN D 247 7.12 25.67 8.10
N VAL D 248 7.30 25.20 9.34
CA VAL D 248 6.41 25.64 10.42
C VAL D 248 6.52 27.16 10.61
N LEU D 249 7.73 27.71 10.55
CA LEU D 249 7.87 29.14 10.72
C LEU D 249 7.17 29.92 9.61
N GLN D 250 7.18 29.40 8.39
CA GLN D 250 6.46 30.06 7.32
C GLN D 250 4.97 30.12 7.60
N GLN D 251 4.38 29.02 8.04
CA GLN D 251 2.95 29.03 8.34
C GLN D 251 2.62 30.00 9.47
N THR D 252 3.45 30.01 10.51
CA THR D 252 3.22 30.92 11.63
C THR D 252 3.34 32.38 11.21
N GLY D 253 4.37 32.70 10.43
CA GLY D 253 4.57 34.08 10.00
C GLY D 253 3.49 34.55 9.06
N SER D 254 3.00 33.67 8.19
CA SER D 254 1.85 34.00 7.35
C SER D 254 0.63 34.35 8.18
N ALA D 255 0.29 33.49 9.15
CA ALA D 255 -0.84 33.79 10.02
C ALA D 255 -0.67 35.11 10.74
N MET D 256 0.54 35.39 11.22
CA MET D 256 0.77 36.58 12.03
C MET D 256 0.69 37.85 11.18
N LEU D 257 1.18 37.78 9.93
CA LEU D 257 1.08 38.94 9.05
C LEU D 257 -0.37 39.20 8.63
N ALA D 258 -1.13 38.13 8.36
CA ALA D 258 -2.53 38.31 8.03
C ALA D 258 -3.29 38.93 9.19
N GLN D 259 -2.94 38.56 10.42
CA GLN D 259 -3.58 39.18 11.58
C GLN D 259 -3.09 40.61 11.80
N ALA D 260 -1.85 40.90 11.36
CA ALA D 260 -1.30 42.24 11.57
C ALA D 260 -1.93 43.26 10.62
N ASN D 261 -2.28 42.85 9.41
CA ASN D 261 -2.89 43.79 8.47
C ASN D 261 -4.30 44.23 8.87
N GLN D 262 -4.88 43.74 9.96
CA GLN D 262 -6.21 44.15 10.38
C GLN D 262 -6.20 45.15 11.53
N LEU D 263 -5.06 45.75 11.86
CA LEU D 263 -5.01 46.67 13.00
C LEU D 263 -5.63 48.05 12.74
N PRO D 264 -5.55 48.64 11.55
CA PRO D 264 -6.17 49.97 11.37
C PRO D 264 -7.69 49.98 11.46
N GLN D 265 -8.34 48.87 11.78
CA GLN D 265 -9.79 48.85 11.85
C GLN D 265 -10.35 49.25 13.21
N VAL D 266 -9.50 49.59 14.18
CA VAL D 266 -10.00 50.11 15.45
C VAL D 266 -10.53 51.53 15.26
N ALA D 267 -9.96 52.25 14.28
CA ALA D 267 -10.39 53.61 14.01
C ALA D 267 -11.85 53.67 13.58
N LEU D 268 -12.27 52.70 12.76
CA LEU D 268 -13.67 52.65 12.35
C LEU D 268 -14.59 52.47 13.55
N SER D 269 -14.13 51.75 14.57
CA SER D 269 -14.91 51.65 15.80
C SER D 269 -14.98 52.99 16.52
N LEU D 270 -13.85 53.69 16.62
CA LEU D 270 -13.89 55.00 17.27
C LEU D 270 -14.69 56.00 16.44
N LEU D 271 -14.84 55.76 15.15
CA LEU D 271 -15.42 56.73 14.24
C LEU D 271 -16.93 56.53 14.10
N ALA E 1 27.42 10.69 9.38
CA ALA E 1 26.61 11.36 8.38
C ALA E 1 25.84 10.38 7.51
N ILE E 2 24.71 10.83 6.98
CA ILE E 2 23.92 10.05 6.05
C ILE E 2 24.00 10.75 4.70
N THR E 3 24.82 10.22 3.80
CA THR E 3 25.09 10.86 2.53
C THR E 3 24.72 9.93 1.38
N VAL E 4 24.44 10.53 0.22
CA VAL E 4 24.04 9.77 -0.95
C VAL E 4 25.08 9.84 -2.06
N ASN E 5 25.89 10.90 -2.08
CA ASN E 5 26.73 11.18 -3.24
C ASN E 5 28.02 10.39 -3.26
N THR E 6 28.46 9.86 -2.12
CA THR E 6 29.71 9.11 -2.04
C THR E 6 29.52 7.94 -1.09
N ASN E 7 30.05 6.78 -1.46
CA ASN E 7 29.86 5.56 -0.67
C ASN E 7 31.24 4.90 -0.58
N VAL E 8 31.84 4.94 0.61
CA VAL E 8 33.22 4.48 0.77
C VAL E 8 33.27 2.99 1.07
N THR E 9 32.28 2.49 1.80
CA THR E 9 32.19 1.07 2.08
C THR E 9 32.14 0.27 0.79
N SER E 10 31.43 0.80 -0.21
CA SER E 10 31.35 0.12 -1.51
C SER E 10 32.71 0.10 -2.20
N LEU E 11 33.46 1.20 -2.12
CA LEU E 11 34.79 1.24 -2.72
C LEU E 11 35.70 0.18 -2.11
N LYS E 12 35.69 0.08 -0.78
CA LYS E 12 36.56 -0.88 -0.12
C LYS E 12 36.14 -2.32 -0.41
N ALA E 13 34.82 -2.58 -0.46
CA ALA E 13 34.34 -3.90 -0.83
C ALA E 13 34.74 -4.28 -2.25
N GLN E 14 34.67 -3.31 -3.17
CA GLN E 14 35.12 -3.55 -4.54
C GLN E 14 36.58 -3.97 -4.58
N LYS E 15 37.43 -3.28 -3.81
CA LYS E 15 38.84 -3.62 -3.86
C LYS E 15 39.12 -5.00 -3.30
N ASN E 16 38.45 -5.36 -2.19
CA ASN E 16 38.65 -6.71 -1.64
C ASN E 16 38.18 -7.78 -2.63
N LEU E 17 37.02 -7.56 -3.26
CA LEU E 17 36.50 -8.55 -4.20
C LEU E 17 37.43 -8.73 -5.39
N ASN E 18 38.03 -7.63 -5.87
CA ASN E 18 38.97 -7.73 -6.97
C ASN E 18 40.22 -8.52 -6.57
N THR E 19 40.74 -8.27 -5.37
CA THR E 19 41.91 -9.02 -4.91
C THR E 19 41.63 -10.52 -4.85
N SER E 20 40.46 -10.89 -4.32
CA SER E 20 40.10 -12.30 -4.25
C SER E 20 39.98 -12.92 -5.63
N ALA E 21 39.35 -12.23 -6.58
CA ALA E 21 39.21 -12.77 -7.93
C ALA E 21 40.56 -12.99 -8.60
N SER E 22 41.48 -12.03 -8.44
CA SER E 22 42.82 -12.20 -9.00
C SER E 22 43.52 -13.42 -8.43
N ASP E 23 43.46 -13.61 -7.11
CA ASP E 23 44.10 -14.78 -6.50
C ASP E 23 43.51 -16.08 -7.04
N LEU E 24 42.19 -16.13 -7.19
CA LEU E 24 41.56 -17.34 -7.68
C LEU E 24 41.98 -17.65 -9.12
N ALA E 25 42.05 -16.63 -9.97
CA ALA E 25 42.49 -16.84 -11.34
C ALA E 25 43.91 -17.38 -11.39
N THR E 26 44.81 -16.82 -10.57
CA THR E 26 46.18 -17.33 -10.52
C THR E 26 46.22 -18.80 -10.15
N SER E 27 45.47 -19.19 -9.12
CA SER E 27 45.46 -20.59 -8.69
C SER E 27 44.93 -21.51 -9.78
N MET E 28 43.86 -21.08 -10.47
CA MET E 28 43.28 -21.86 -11.56
C MET E 28 44.32 -22.11 -12.65
N GLU E 29 45.06 -21.06 -13.03
CA GLU E 29 46.12 -21.21 -14.03
C GLU E 29 47.17 -22.23 -13.58
N ARG E 30 47.60 -22.13 -12.33
CA ARG E 30 48.65 -23.02 -11.85
C ARG E 30 48.19 -24.47 -11.83
N LEU E 31 46.93 -24.73 -11.48
CA LEU E 31 46.42 -26.10 -11.51
C LEU E 31 46.24 -26.61 -12.93
N SER E 32 45.88 -25.72 -13.86
CA SER E 32 45.70 -26.17 -15.24
C SER E 32 47.03 -26.50 -15.89
N SER E 33 48.09 -25.76 -15.55
CA SER E 33 49.38 -25.95 -16.21
C SER E 33 50.19 -27.08 -15.59
N GLY E 34 50.16 -27.20 -14.26
CA GLY E 34 51.01 -28.14 -13.56
C GLY E 34 52.35 -27.59 -13.13
N LEU E 35 52.57 -26.29 -13.30
CA LEU E 35 53.85 -25.65 -13.01
C LEU E 35 53.63 -24.51 -12.02
N ARG E 36 54.62 -24.32 -11.13
CA ARG E 36 54.57 -23.21 -10.20
C ARG E 36 55.03 -21.91 -10.84
N ILE E 37 56.01 -21.99 -11.73
CA ILE E 37 56.59 -20.81 -12.36
C ILE E 37 56.10 -20.78 -13.81
N ASN E 38 55.12 -19.92 -14.08
CA ASN E 38 54.65 -19.72 -15.44
C ASN E 38 55.23 -18.48 -16.10
N SER E 39 55.81 -17.58 -15.33
CA SER E 39 56.40 -16.35 -15.84
C SER E 39 57.54 -15.96 -14.91
N ALA E 40 58.15 -14.81 -15.20
CA ALA E 40 59.14 -14.29 -14.27
C ALA E 40 58.53 -13.43 -13.17
N LYS E 41 57.24 -13.08 -13.31
CA LYS E 41 56.47 -12.55 -12.20
C LYS E 41 56.52 -13.46 -10.99
N ASP E 42 56.65 -14.76 -11.19
CA ASP E 42 56.53 -15.76 -10.13
C ASP E 42 57.83 -15.91 -9.35
N ASP E 43 58.91 -16.32 -10.03
CA ASP E 43 60.20 -16.51 -9.39
C ASP E 43 61.26 -16.33 -10.47
N ALA E 44 62.10 -15.31 -10.32
CA ALA E 44 63.00 -14.93 -11.41
C ALA E 44 64.30 -15.72 -11.35
N ALA E 45 64.86 -15.90 -10.16
CA ALA E 45 66.09 -16.67 -10.03
C ALA E 45 65.86 -18.15 -10.28
N GLY E 46 64.71 -18.67 -9.83
CA GLY E 46 64.38 -20.06 -10.10
C GLY E 46 64.19 -20.32 -11.58
N LEU E 47 63.68 -19.34 -12.33
CA LEU E 47 63.57 -19.49 -13.78
C LEU E 47 64.92 -19.76 -14.42
N ALA E 48 65.95 -18.99 -14.08
CA ALA E 48 67.26 -19.19 -14.68
C ALA E 48 67.92 -20.46 -14.19
N ILE E 49 67.80 -20.76 -12.90
CA ILE E 49 68.36 -22.01 -12.38
C ILE E 49 67.73 -23.20 -13.09
N SER E 50 66.42 -23.13 -13.34
CA SER E 50 65.74 -24.24 -13.98
C SER E 50 66.05 -24.31 -15.47
N ASN E 51 66.29 -23.18 -16.13
CA ASN E 51 66.76 -23.23 -17.51
C ASN E 51 68.10 -23.96 -17.60
N ARG E 52 69.01 -23.69 -16.68
CA ARG E 52 70.31 -24.38 -16.71
C ARG E 52 70.16 -25.87 -16.41
N LEU E 53 69.32 -26.22 -15.43
CA LEU E 53 69.12 -27.64 -15.14
C LEU E 53 68.45 -28.36 -16.31
N ASN E 54 67.59 -27.65 -17.04
CA ASN E 54 66.94 -28.21 -18.21
C ASN E 54 67.94 -28.49 -19.32
N SER E 55 68.85 -27.53 -19.57
CA SER E 55 69.94 -27.77 -20.50
C SER E 55 70.74 -29.02 -20.11
N GLN E 56 71.01 -29.20 -18.82
CA GLN E 56 71.80 -30.35 -18.39
C GLN E 56 71.07 -31.67 -18.64
N VAL E 57 69.78 -31.73 -18.31
CA VAL E 57 69.00 -32.96 -18.52
C VAL E 57 68.99 -33.33 -20.00
N ARG E 58 68.69 -32.36 -20.85
CA ARG E 58 68.57 -32.62 -22.28
C ARG E 58 69.92 -33.03 -22.89
N GLY E 59 71.00 -32.37 -22.44
CA GLY E 59 72.31 -32.73 -22.93
C GLY E 59 72.74 -34.13 -22.51
N LEU E 60 72.39 -34.55 -21.29
CA LEU E 60 72.72 -35.91 -20.87
C LEU E 60 71.98 -36.94 -21.71
N GLU E 61 70.72 -36.65 -22.07
CA GLU E 61 69.99 -37.55 -22.97
C GLU E 61 70.72 -37.73 -24.30
N VAL E 62 71.08 -36.61 -24.95
CA VAL E 62 71.78 -36.72 -26.24
C VAL E 62 73.14 -37.38 -26.08
N GLY E 63 73.82 -37.15 -24.96
CA GLY E 63 75.13 -37.75 -24.76
C GLY E 63 75.08 -39.26 -24.62
N MET E 64 74.05 -39.78 -23.94
CA MET E 64 73.87 -41.23 -23.90
C MET E 64 73.60 -41.80 -25.29
N ARG E 65 72.86 -41.05 -26.13
CA ARG E 65 72.70 -41.51 -27.50
C ARG E 65 74.04 -41.62 -28.22
N ASN E 66 74.90 -40.60 -28.10
CA ASN E 66 76.22 -40.66 -28.72
C ASN E 66 77.07 -41.81 -28.17
N ALA E 67 76.99 -42.08 -26.88
CA ALA E 67 77.76 -43.17 -26.29
C ALA E 67 77.33 -44.51 -26.85
N ASN E 68 76.03 -44.68 -27.10
CA ASN E 68 75.58 -45.94 -27.65
C ASN E 68 76.03 -46.08 -29.10
N ASP E 69 76.10 -44.97 -29.84
CA ASP E 69 76.69 -44.99 -31.18
C ASP E 69 78.14 -45.46 -31.16
N ALA E 70 78.94 -44.96 -30.21
CA ALA E 70 80.33 -45.40 -30.09
C ALA E 70 80.42 -46.90 -29.78
N ILE E 71 79.56 -47.39 -28.89
CA ILE E 71 79.56 -48.82 -28.57
C ILE E 71 79.26 -49.64 -29.82
N SER E 72 78.32 -49.17 -30.65
CA SER E 72 77.98 -49.87 -31.89
C SER E 72 79.19 -49.97 -32.82
N ILE E 73 79.88 -48.85 -33.05
CA ILE E 73 81.04 -48.87 -33.93
C ILE E 73 82.09 -49.86 -33.43
N ALA E 74 82.44 -49.77 -32.14
CA ALA E 74 83.46 -50.65 -31.59
C ALA E 74 83.07 -52.11 -31.69
N GLN E 75 81.79 -52.41 -31.49
CA GLN E 75 81.30 -53.78 -31.53
C GLN E 75 81.41 -54.37 -32.93
N ILE E 76 81.06 -53.59 -33.96
CA ILE E 76 81.20 -54.07 -35.34
C ILE E 76 82.67 -54.36 -35.68
N ALA E 77 83.57 -53.42 -35.37
CA ALA E 77 84.98 -53.64 -35.72
C ALA E 77 85.57 -54.84 -34.97
N GLU E 78 85.28 -54.94 -33.68
CA GLU E 78 85.77 -56.05 -32.88
C GLU E 78 85.26 -57.38 -33.39
N GLY E 79 84.00 -57.44 -33.85
CA GLY E 79 83.50 -58.68 -34.41
C GLY E 79 84.13 -59.03 -35.73
N ALA E 80 84.48 -58.03 -36.54
CA ALA E 80 85.17 -58.29 -37.79
C ALA E 80 86.54 -58.92 -37.59
N MET E 81 87.27 -58.53 -36.54
CA MET E 81 88.63 -59.05 -36.36
C MET E 81 88.69 -60.55 -36.00
N GLN E 82 87.59 -61.14 -35.55
CA GLN E 82 87.59 -62.55 -35.13
C GLN E 82 87.76 -63.51 -36.31
N GLU E 83 87.12 -63.24 -37.44
CA GLU E 83 87.29 -64.08 -38.62
C GLU E 83 88.71 -63.98 -39.17
N GLN E 84 89.33 -62.81 -39.05
CA GLN E 84 90.72 -62.65 -39.45
C GLN E 84 91.63 -63.52 -38.60
N THR E 85 91.43 -63.50 -37.27
CA THR E 85 92.17 -64.41 -36.39
C THR E 85 91.99 -65.86 -36.81
N ASN E 86 90.76 -66.25 -37.12
CA ASN E 86 90.44 -67.63 -37.48
C ASN E 86 91.20 -68.06 -38.73
N MET E 87 91.20 -67.20 -39.74
CA MET E 87 91.90 -67.53 -40.99
C MET E 87 93.41 -67.58 -40.79
N LEU E 88 93.96 -66.71 -39.94
CA LEU E 88 95.39 -66.79 -39.65
C LEU E 88 95.76 -68.10 -38.97
N GLN E 89 94.92 -68.60 -38.07
CA GLN E 89 95.18 -69.91 -37.48
C GLN E 89 95.21 -71.01 -38.54
N ARG E 90 94.28 -70.94 -39.49
CA ARG E 90 94.27 -71.92 -40.59
C ARG E 90 95.56 -71.85 -41.41
N MET E 91 96.03 -70.64 -41.74
CA MET E 91 97.29 -70.50 -42.48
C MET E 91 98.48 -71.04 -41.69
N ARG E 92 98.47 -70.85 -40.37
CA ARG E 92 99.51 -71.43 -39.55
C ARG E 92 99.56 -72.96 -39.67
N ASP E 93 98.39 -73.60 -39.66
CA ASP E 93 98.36 -75.05 -39.84
C ASP E 93 98.89 -75.46 -41.22
N LEU E 94 98.51 -74.73 -42.26
CA LEU E 94 99.02 -75.03 -43.59
C LEU E 94 100.54 -74.88 -43.67
N THR E 95 101.09 -73.87 -43.00
CA THR E 95 102.54 -73.67 -43.01
C THR E 95 103.26 -74.78 -42.25
N VAL E 96 102.71 -75.23 -41.12
CA VAL E 96 103.33 -76.36 -40.42
C VAL E 96 103.25 -77.61 -41.27
N GLN E 97 102.18 -77.77 -42.05
CA GLN E 97 102.06 -78.94 -42.92
C GLN E 97 103.05 -78.90 -44.08
N SER E 98 103.47 -77.71 -44.50
CA SER E 98 104.47 -77.62 -45.56
C SER E 98 105.83 -78.19 -45.18
N GLU E 99 106.14 -78.30 -43.90
CA GLU E 99 107.43 -78.81 -43.43
C GLU E 99 107.43 -80.32 -43.28
N ASN E 100 107.27 -81.04 -44.39
CA ASN E 100 107.09 -82.49 -44.38
C ASN E 100 107.94 -83.06 -45.52
N GLY E 101 108.95 -83.85 -45.16
CA GLY E 101 109.87 -84.36 -46.16
C GLY E 101 109.28 -85.36 -47.13
N ALA E 102 107.96 -85.50 -47.14
CA ALA E 102 107.29 -86.35 -48.11
C ALA E 102 106.48 -85.54 -49.12
N ASN E 103 106.32 -84.24 -48.89
CA ASN E 103 105.65 -83.39 -49.86
C ASN E 103 106.51 -83.23 -51.10
N SER E 104 105.86 -83.04 -52.24
CA SER E 104 106.52 -82.72 -53.50
C SER E 104 106.05 -81.35 -53.96
N SER E 105 106.49 -80.92 -55.13
CA SER E 105 106.20 -79.56 -55.58
C SER E 105 104.72 -79.35 -55.84
N ALA E 106 104.02 -80.40 -56.28
CA ALA E 106 102.58 -80.26 -56.51
C ALA E 106 101.81 -80.09 -55.21
N ASP E 107 102.19 -80.85 -54.17
CA ASP E 107 101.55 -80.69 -52.87
C ASP E 107 101.82 -79.32 -52.27
N LEU E 108 103.06 -78.83 -52.42
CA LEU E 108 103.40 -77.50 -51.94
C LEU E 108 102.59 -76.45 -52.69
N SER E 109 102.35 -76.65 -53.98
CA SER E 109 101.55 -75.70 -54.75
C SER E 109 100.10 -75.70 -54.28
N ALA E 110 99.56 -76.87 -53.94
CA ALA E 110 98.20 -76.93 -53.41
C ALA E 110 98.08 -76.18 -52.08
N LEU E 111 99.00 -76.48 -51.15
CA LEU E 111 99.04 -75.77 -49.87
C LEU E 111 99.11 -74.26 -50.08
N LYS E 112 99.98 -73.81 -50.98
CA LYS E 112 100.13 -72.37 -51.16
C LYS E 112 98.93 -71.73 -51.84
N ALA E 113 98.25 -72.45 -52.73
CA ALA E 113 97.02 -71.91 -53.32
C ALA E 113 95.97 -71.64 -52.25
N GLU E 114 95.84 -72.54 -51.28
CA GLU E 114 94.88 -72.23 -50.23
C GLU E 114 95.35 -71.08 -49.34
N MET E 115 96.65 -70.99 -49.06
CA MET E 115 97.15 -69.82 -48.32
C MET E 115 96.81 -68.51 -49.01
N ASP E 116 96.97 -68.45 -50.33
CA ASP E 116 96.67 -67.22 -51.07
C ASP E 116 95.19 -66.88 -51.00
N GLN E 117 94.32 -67.87 -51.12
CA GLN E 117 92.89 -67.56 -50.98
C GLN E 117 92.56 -67.01 -49.59
N LEU E 118 93.19 -67.55 -48.55
CA LEU E 118 92.94 -67.03 -47.20
C LEU E 118 93.44 -65.61 -47.03
N ALA E 119 94.60 -65.29 -47.62
CA ALA E 119 95.09 -63.91 -47.54
C ALA E 119 94.19 -62.95 -48.31
N ASN E 120 93.64 -63.39 -49.43
CA ASN E 120 92.66 -62.58 -50.14
C ASN E 120 91.41 -62.31 -49.30
N GLU E 121 90.92 -63.30 -48.57
CA GLU E 121 89.77 -63.04 -47.72
C GLU E 121 90.09 -62.14 -46.53
N ILE E 122 91.30 -62.24 -45.97
CA ILE E 122 91.71 -61.29 -44.94
C ILE E 122 91.70 -59.86 -45.49
N ASP E 123 92.21 -59.67 -46.71
CA ASP E 123 92.18 -58.34 -47.30
C ASP E 123 90.76 -57.86 -47.57
N GLU E 124 89.89 -58.75 -48.04
CA GLU E 124 88.51 -58.36 -48.30
C GLU E 124 87.80 -57.90 -47.03
N ILE E 125 87.94 -58.66 -45.93
CA ILE E 125 87.36 -58.21 -44.67
C ILE E 125 87.95 -56.87 -44.26
N GLY E 126 89.24 -56.66 -44.52
CA GLY E 126 89.85 -55.39 -44.16
C GLY E 126 89.26 -54.21 -44.89
N LYS E 127 88.95 -54.38 -46.17
CA LYS E 127 88.43 -53.23 -46.94
C LYS E 127 86.90 -53.13 -46.95
N THR E 128 86.19 -54.15 -46.48
CA THR E 128 84.74 -54.21 -46.70
C THR E 128 83.95 -53.74 -45.47
N THR E 129 84.49 -53.93 -44.28
CA THR E 129 83.75 -53.64 -43.05
C THR E 129 83.36 -52.17 -42.95
N ALA E 130 82.10 -51.91 -42.65
CA ALA E 130 81.57 -50.56 -42.68
C ALA E 130 80.47 -50.38 -41.63
N PHE E 131 80.22 -49.12 -41.30
CA PHE E 131 79.04 -48.70 -40.55
C PHE E 131 78.18 -47.89 -41.52
N GLY E 132 77.24 -48.56 -42.18
CA GLY E 132 76.50 -47.94 -43.24
C GLY E 132 77.38 -47.79 -44.47
N THR E 133 77.98 -46.62 -44.62
CA THR E 133 78.88 -46.37 -45.76
C THR E 133 80.28 -45.92 -45.34
N THR E 134 80.58 -45.76 -44.07
CA THR E 134 81.91 -45.34 -43.64
C THR E 134 82.73 -46.56 -43.29
N LYS E 135 83.95 -46.61 -43.81
CA LYS E 135 84.82 -47.76 -43.58
C LYS E 135 85.47 -47.68 -42.21
N LEU E 136 85.67 -48.84 -41.59
CA LEU E 136 86.19 -48.90 -40.23
C LEU E 136 87.60 -49.46 -40.14
N LEU E 137 87.96 -50.46 -40.94
CA LEU E 137 89.27 -51.09 -40.81
C LEU E 137 90.25 -50.68 -41.90
N ALA E 138 90.05 -49.53 -42.54
CA ALA E 138 90.91 -49.14 -43.65
C ALA E 138 91.89 -48.04 -43.28
N GLY E 139 91.76 -47.44 -42.10
CA GLY E 139 92.65 -46.38 -41.66
C GLY E 139 91.98 -45.06 -41.39
N GLY E 140 90.65 -44.96 -41.48
CA GLY E 140 89.97 -43.70 -41.22
C GLY E 140 89.81 -43.37 -39.75
N PHE E 141 89.96 -44.35 -38.87
CA PHE E 141 89.93 -44.15 -37.43
C PHE E 141 91.31 -44.28 -36.80
N SER E 142 92.38 -44.27 -37.61
CA SER E 142 93.72 -44.48 -37.08
C SER E 142 94.10 -43.39 -36.10
N ALA E 143 93.77 -42.14 -36.40
CA ALA E 143 93.64 -41.11 -35.39
C ALA E 143 92.17 -41.02 -35.03
N GLY E 144 91.85 -41.28 -33.76
CA GLY E 144 90.49 -41.57 -33.38
C GLY E 144 89.53 -40.44 -33.65
N LYS E 145 88.24 -40.77 -33.57
CA LYS E 145 87.16 -39.79 -33.63
C LYS E 145 86.56 -39.59 -32.25
N ASN E 146 86.07 -38.40 -31.98
CA ASN E 146 85.50 -38.08 -30.68
C ASN E 146 83.98 -38.15 -30.72
N PHE E 147 83.42 -38.66 -29.62
CA PHE E 147 81.98 -38.66 -29.38
C PHE E 147 81.75 -37.87 -28.10
N GLN E 148 80.94 -36.82 -28.17
CA GLN E 148 80.66 -36.04 -26.96
C GLN E 148 79.62 -36.79 -26.13
N VAL E 149 80.03 -37.30 -24.97
CA VAL E 149 79.16 -38.14 -24.16
C VAL E 149 78.56 -37.38 -22.98
N GLY E 150 78.79 -36.08 -22.87
CA GLY E 150 78.23 -35.28 -21.82
C GLY E 150 77.47 -34.07 -22.37
N ALA E 151 77.06 -33.21 -21.44
CA ALA E 151 76.30 -32.04 -21.81
C ALA E 151 77.17 -30.83 -22.14
N GLN E 152 78.40 -30.79 -21.66
CA GLN E 152 79.29 -29.66 -21.85
C GLN E 152 80.40 -29.99 -22.82
N ASP E 153 81.00 -28.95 -23.36
CA ASP E 153 82.06 -29.10 -24.35
C ASP E 153 83.33 -29.66 -23.71
N GLY E 154 83.95 -30.62 -24.38
CA GLY E 154 85.16 -31.23 -23.91
C GLY E 154 84.97 -32.53 -23.17
N GLU E 155 83.73 -32.91 -22.87
CA GLU E 155 83.41 -34.15 -22.17
C GLU E 155 83.13 -35.21 -23.24
N ASP E 156 84.17 -35.92 -23.63
CA ASP E 156 84.08 -36.80 -24.79
C ASP E 156 85.11 -37.92 -24.74
N ILE E 157 84.85 -38.96 -25.53
CA ILE E 157 85.63 -40.19 -25.55
C ILE E 157 86.09 -40.42 -26.98
N LYS E 158 87.31 -40.93 -27.14
CA LYS E 158 87.94 -41.12 -28.43
C LYS E 158 88.00 -42.60 -28.78
N VAL E 159 87.56 -42.95 -29.98
CA VAL E 159 87.57 -44.33 -30.47
C VAL E 159 88.59 -44.45 -31.59
N THR E 160 89.56 -45.33 -31.40
CA THR E 160 90.70 -45.47 -32.31
C THR E 160 90.73 -46.89 -32.86
N VAL E 161 90.82 -47.00 -34.19
CA VAL E 161 90.97 -48.29 -34.86
C VAL E 161 92.03 -48.11 -35.94
N LYS E 162 93.01 -49.00 -35.97
CA LYS E 162 94.04 -48.97 -36.99
C LYS E 162 93.67 -49.90 -38.14
N ALA E 163 94.38 -49.74 -39.26
CA ALA E 163 94.10 -50.55 -40.43
C ALA E 163 94.59 -51.97 -40.23
N SER E 164 93.78 -52.94 -40.65
CA SER E 164 94.15 -54.35 -40.55
C SER E 164 93.73 -55.06 -41.84
N ASN E 165 94.73 -55.42 -42.63
CA ASN E 165 94.56 -56.04 -43.93
C ASN E 165 95.84 -56.78 -44.25
N LYS E 166 95.89 -57.47 -45.39
CA LYS E 166 97.04 -58.32 -45.63
C LYS E 166 98.31 -57.54 -45.91
N SER E 167 98.21 -56.22 -46.09
CA SER E 167 99.39 -55.42 -46.37
C SER E 167 99.99 -54.85 -45.11
N SER E 168 99.13 -54.43 -44.16
CA SER E 168 99.64 -53.90 -42.90
C SER E 168 100.03 -55.01 -41.94
N LEU E 169 99.47 -56.20 -42.10
CA LEU E 169 99.83 -57.34 -41.28
C LEU E 169 101.03 -58.11 -41.82
N SER E 170 101.54 -57.74 -43.00
CA SER E 170 102.71 -58.34 -43.61
C SER E 170 102.53 -59.82 -43.94
N VAL E 171 101.32 -60.24 -44.28
CA VAL E 171 101.06 -61.61 -44.67
C VAL E 171 100.68 -61.73 -46.15
N GLY E 172 100.90 -60.68 -46.92
CA GLY E 172 100.49 -60.67 -48.32
C GLY E 172 101.47 -61.25 -49.31
N SER E 173 102.59 -61.79 -48.86
CA SER E 173 103.58 -62.38 -49.76
C SER E 173 104.35 -63.50 -49.09
N LEU E 174 103.65 -64.57 -48.69
CA LEU E 174 104.30 -65.64 -47.96
C LEU E 174 104.63 -66.79 -48.90
N GLY E 175 105.76 -67.45 -48.63
CA GLY E 175 106.18 -68.55 -49.45
C GLY E 175 106.40 -69.79 -48.61
N ASN E 176 106.47 -70.93 -49.29
CA ASN E 176 106.63 -72.20 -48.60
C ASN E 176 107.52 -73.16 -49.37
N THR E 177 108.27 -72.69 -50.35
CA THR E 177 109.01 -73.58 -51.22
C THR E 177 110.41 -73.89 -50.72
N THR E 178 110.87 -73.20 -49.68
CA THR E 178 112.20 -73.36 -49.13
C THR E 178 112.11 -73.32 -47.62
N SER E 179 113.07 -73.97 -46.95
CA SER E 179 113.08 -74.04 -45.49
C SER E 179 113.06 -72.65 -44.84
N ALA E 180 113.88 -71.74 -45.36
CA ALA E 180 113.93 -70.38 -44.79
C ALA E 180 112.62 -69.64 -45.05
N ALA E 181 111.98 -69.90 -46.19
CA ALA E 181 110.70 -69.27 -46.48
C ALA E 181 109.63 -69.73 -45.51
N ARG E 182 109.64 -71.01 -45.15
CA ARG E 182 108.69 -71.52 -44.16
C ARG E 182 108.93 -70.91 -42.80
N ALA E 183 110.20 -70.81 -42.38
CA ALA E 183 110.50 -70.18 -41.09
C ALA E 183 110.01 -68.74 -41.06
N SER E 184 110.27 -67.99 -42.12
CA SER E 184 109.85 -66.60 -42.18
C SER E 184 108.32 -66.48 -42.15
N SER E 185 107.62 -67.34 -42.88
CA SER E 185 106.17 -67.29 -42.88
C SER E 185 105.59 -67.60 -41.49
N LEU E 186 106.18 -68.58 -40.80
CA LEU E 186 105.72 -68.88 -39.45
C LEU E 186 105.85 -67.66 -38.54
N LYS E 187 107.02 -67.00 -38.58
CA LYS E 187 107.21 -65.84 -37.71
C LYS E 187 106.22 -64.72 -38.02
N LYS E 188 105.99 -64.43 -39.31
CA LYS E 188 105.07 -63.34 -39.60
C LYS E 188 103.61 -63.67 -39.29
N ILE E 189 103.18 -64.92 -39.45
CA ILE E 189 101.82 -65.25 -39.03
C ILE E 189 101.65 -65.10 -37.53
N ASP E 190 102.64 -65.54 -36.74
CA ASP E 190 102.54 -65.37 -35.30
C ASP E 190 102.49 -63.89 -34.90
N ALA E 191 103.29 -63.06 -35.56
CA ALA E 191 103.27 -61.64 -35.26
C ALA E 191 101.91 -61.02 -35.59
N ALA E 192 101.30 -61.43 -36.71
CA ALA E 192 99.99 -60.89 -37.07
C ALA E 192 98.93 -61.25 -36.03
N ILE E 193 98.95 -62.50 -35.56
CA ILE E 193 98.02 -62.89 -34.51
C ILE E 193 98.20 -62.00 -33.28
N LYS E 194 99.46 -61.69 -32.92
CA LYS E 194 99.70 -60.81 -31.78
C LYS E 194 99.11 -59.42 -31.97
N THR E 195 99.29 -58.81 -33.14
CA THR E 195 98.81 -57.44 -33.31
C THR E 195 97.28 -57.38 -33.30
N ILE E 196 96.61 -58.39 -33.88
CA ILE E 196 95.16 -58.40 -33.79
C ILE E 196 94.70 -58.54 -32.34
N ASP E 197 95.37 -59.38 -31.56
CA ASP E 197 95.03 -59.46 -30.14
C ASP E 197 95.11 -58.11 -29.45
N ALA E 198 96.17 -57.34 -29.72
CA ALA E 198 96.31 -56.03 -29.06
C ALA E 198 95.18 -55.09 -29.45
N GLN E 199 94.82 -55.05 -30.73
CA GLN E 199 93.70 -54.20 -31.15
C GLN E 199 92.40 -54.59 -30.47
N ARG E 200 92.13 -55.89 -30.38
CA ARG E 200 90.89 -56.33 -29.75
C ARG E 200 90.87 -55.98 -28.27
N ALA E 201 92.03 -56.04 -27.61
CA ALA E 201 92.12 -55.65 -26.21
C ALA E 201 91.72 -54.18 -26.02
N ASP E 202 92.26 -53.28 -26.84
CA ASP E 202 91.89 -51.88 -26.69
C ASP E 202 90.41 -51.61 -26.95
N LEU E 203 89.83 -52.27 -27.96
CA LEU E 203 88.40 -52.05 -28.20
C LEU E 203 87.55 -52.57 -27.04
N GLY E 204 87.95 -53.68 -26.43
CA GLY E 204 87.20 -54.17 -25.28
C GLY E 204 87.26 -53.23 -24.10
N ALA E 205 88.44 -52.66 -23.83
CA ALA E 205 88.56 -51.66 -22.77
C ALA E 205 87.64 -50.47 -23.03
N ILE E 206 87.60 -49.99 -24.28
CA ILE E 206 86.71 -48.88 -24.60
C ILE E 206 85.25 -49.23 -24.32
N GLN E 207 84.82 -50.44 -24.68
CA GLN E 207 83.42 -50.79 -24.43
C GLN E 207 83.08 -50.83 -22.94
N ASN E 208 83.97 -51.39 -22.13
CA ASN E 208 83.74 -51.40 -20.68
C ASN E 208 83.61 -49.97 -20.14
N ARG E 209 84.52 -49.09 -20.54
CA ARG E 209 84.47 -47.69 -20.12
C ARG E 209 83.15 -47.02 -20.49
N LEU E 210 82.67 -47.25 -21.72
CA LEU E 210 81.42 -46.62 -22.13
C LEU E 210 80.23 -47.15 -21.35
N ALA E 211 80.27 -48.42 -20.96
CA ALA E 211 79.19 -48.96 -20.13
C ALA E 211 79.11 -48.24 -18.79
N HIS E 212 80.25 -48.12 -18.10
CA HIS E 212 80.25 -47.37 -16.84
C HIS E 212 79.78 -45.95 -17.01
N ASN E 213 80.18 -45.29 -18.10
CA ASN E 213 79.82 -43.89 -18.29
C ASN E 213 78.32 -43.72 -18.51
N ILE E 214 77.69 -44.62 -19.27
CA ILE E 214 76.25 -44.54 -19.49
C ILE E 214 75.50 -44.77 -18.18
N SER E 215 75.97 -45.72 -17.37
CA SER E 215 75.34 -45.94 -16.07
C SER E 215 75.36 -44.69 -15.20
N ASN E 216 76.52 -44.03 -15.13
CA ASN E 216 76.62 -42.82 -14.33
C ASN E 216 75.73 -41.70 -14.86
N SER E 217 75.60 -41.59 -16.19
CA SER E 217 74.74 -40.55 -16.74
C SER E 217 73.28 -40.78 -16.41
N ALA E 218 72.83 -42.05 -16.43
CA ALA E 218 71.46 -42.33 -16.04
C ALA E 218 71.19 -41.93 -14.59
N ASN E 219 72.10 -42.31 -13.68
CA ASN E 219 71.98 -41.86 -12.29
C ASN E 219 71.83 -40.35 -12.20
N THR E 220 72.75 -39.62 -12.84
CA THR E 220 72.76 -38.17 -12.69
C THR E 220 71.52 -37.53 -13.29
N GLN E 221 71.03 -38.07 -14.40
CA GLN E 221 69.80 -37.55 -14.98
C GLN E 221 68.63 -37.69 -14.01
N ALA E 222 68.49 -38.85 -13.36
CA ALA E 222 67.43 -38.99 -12.37
C ALA E 222 67.54 -37.96 -11.24
N ASN E 223 68.74 -37.81 -10.68
CA ASN E 223 68.89 -36.89 -9.55
C ASN E 223 68.65 -35.43 -9.97
N VAL E 224 69.10 -35.05 -11.16
CA VAL E 224 68.92 -33.66 -11.59
C VAL E 224 67.46 -33.37 -11.94
N ALA E 225 66.74 -34.34 -12.50
CA ALA E 225 65.32 -34.14 -12.76
C ALA E 225 64.54 -34.01 -11.46
N ASP E 226 64.89 -34.80 -10.44
CA ASP E 226 64.34 -34.57 -9.10
C ASP E 226 64.59 -33.14 -8.62
N ALA E 227 65.84 -32.69 -8.73
CA ALA E 227 66.19 -31.34 -8.29
C ALA E 227 65.36 -30.27 -9.00
N LYS E 228 65.18 -30.42 -10.32
CA LYS E 228 64.41 -29.44 -11.08
C LYS E 228 62.93 -29.47 -10.70
N SER E 229 62.39 -30.66 -10.47
CA SER E 229 61.00 -30.79 -10.08
C SER E 229 60.74 -30.08 -8.75
N ARG E 230 61.69 -30.14 -7.83
CA ARG E 230 61.52 -29.43 -6.56
C ARG E 230 61.36 -27.93 -6.75
N ILE E 231 61.86 -27.37 -7.86
CA ILE E 231 61.81 -25.93 -8.08
C ILE E 231 60.63 -25.52 -8.95
N VAL E 232 60.32 -26.28 -10.00
CA VAL E 232 59.42 -25.80 -11.05
C VAL E 232 57.99 -26.27 -10.85
N ASP E 233 57.78 -27.49 -10.38
CA ASP E 233 56.44 -28.08 -10.39
C ASP E 233 55.57 -27.57 -9.25
N VAL E 234 54.26 -27.69 -9.43
CA VAL E 234 53.29 -27.20 -8.46
C VAL E 234 52.96 -28.32 -7.47
N ASP E 235 52.51 -27.91 -6.29
CA ASP E 235 52.02 -28.82 -5.26
C ASP E 235 50.50 -28.80 -5.29
N PHE E 236 49.90 -29.95 -5.60
CA PHE E 236 48.44 -30.00 -5.74
C PHE E 236 47.75 -29.88 -4.39
N ALA E 237 48.30 -30.50 -3.35
CA ALA E 237 47.69 -30.46 -2.03
C ALA E 237 47.57 -29.05 -1.49
N LYS E 238 48.55 -28.20 -1.79
CA LYS E 238 48.53 -26.82 -1.32
C LYS E 238 47.67 -25.94 -2.22
N GLU E 239 47.73 -26.19 -3.52
CA GLU E 239 47.14 -25.26 -4.47
C GLU E 239 45.62 -25.43 -4.51
N THR E 240 45.14 -26.66 -4.32
CA THR E 240 43.70 -26.87 -4.23
C THR E 240 43.11 -26.19 -2.99
N SER E 241 43.84 -26.21 -1.88
CA SER E 241 43.39 -25.53 -0.67
C SER E 241 43.30 -24.03 -0.89
N GLN E 242 44.32 -23.44 -1.52
CA GLN E 242 44.24 -22.01 -1.82
C GLN E 242 43.06 -21.70 -2.74
N MET E 243 42.80 -22.56 -3.72
CA MET E 243 41.68 -22.32 -4.63
C MET E 243 40.35 -22.30 -3.88
N THR E 244 40.13 -23.27 -2.99
CA THR E 244 38.87 -23.31 -2.26
C THR E 244 38.70 -22.11 -1.34
N LYS E 245 39.79 -21.69 -0.68
CA LYS E 245 39.72 -20.49 0.14
C LYS E 245 39.30 -19.27 -0.66
N ASN E 246 39.88 -19.08 -1.84
CA ASN E 246 39.52 -17.89 -2.63
C ASN E 246 38.11 -17.98 -3.20
N GLN E 247 37.63 -19.20 -3.49
CA GLN E 247 36.23 -19.36 -3.87
C GLN E 247 35.28 -18.85 -2.78
N VAL E 248 35.48 -19.30 -1.55
CA VAL E 248 34.61 -18.86 -0.46
C VAL E 248 34.71 -17.35 -0.28
N LEU E 249 35.92 -16.80 -0.35
CA LEU E 249 36.05 -15.35 -0.20
C LEU E 249 35.35 -14.59 -1.30
N GLN E 250 35.34 -15.13 -2.52
CA GLN E 250 34.61 -14.47 -3.60
C GLN E 250 33.12 -14.40 -3.29
N GLN E 251 32.55 -15.51 -2.83
CA GLN E 251 31.11 -15.50 -2.52
C GLN E 251 30.79 -14.53 -1.39
N THR E 252 31.63 -14.50 -0.35
CA THR E 252 31.40 -13.58 0.76
C THR E 252 31.52 -12.12 0.33
N GLY E 253 32.55 -11.81 -0.48
CA GLY E 253 32.73 -10.44 -0.91
C GLY E 253 31.64 -9.96 -1.85
N SER E 254 31.14 -10.86 -2.69
CA SER E 254 29.99 -10.53 -3.54
C SER E 254 28.78 -10.18 -2.69
N ALA E 255 28.45 -11.03 -1.72
CA ALA E 255 27.32 -10.74 -0.83
C ALA E 255 27.51 -9.41 -0.11
N MET E 256 28.73 -9.13 0.34
CA MET E 256 28.94 -7.93 1.15
C MET E 256 28.87 -6.67 0.29
N LEU E 257 29.34 -6.74 -0.97
CA LEU E 257 29.23 -5.60 -1.85
C LEU E 257 27.77 -5.33 -2.26
N ALA E 258 27.02 -6.40 -2.51
CA ALA E 258 25.60 -6.23 -2.83
C ALA E 258 24.85 -5.61 -1.66
N GLN E 259 25.22 -5.97 -0.44
CA GLN E 259 24.60 -5.34 0.72
C GLN E 259 25.09 -3.91 0.93
N ALA E 260 26.31 -3.62 0.48
CA ALA E 260 26.86 -2.28 0.67
C ALA E 260 26.23 -1.27 -0.27
N ASN E 261 25.86 -1.69 -1.49
CA ASN E 261 25.23 -0.75 -2.42
C ASN E 261 23.83 -0.31 -2.01
N GLN E 262 23.27 -0.79 -0.91
CA GLN E 262 21.94 -0.38 -0.48
C GLN E 262 21.96 0.62 0.67
N LEU E 263 23.10 1.22 0.98
CA LEU E 263 23.16 2.15 2.11
C LEU E 263 22.54 3.52 1.85
N PRO E 264 22.60 4.12 0.65
CA PRO E 264 21.97 5.44 0.47
C PRO E 264 20.46 5.45 0.59
N GLN E 265 19.82 4.33 0.92
CA GLN E 265 18.36 4.32 1.00
C GLN E 265 17.82 4.71 2.37
N VAL E 266 18.68 5.08 3.32
CA VAL E 266 18.19 5.60 4.59
C VAL E 266 17.67 7.01 4.40
N ALA E 267 18.21 7.74 3.41
CA ALA E 267 17.77 9.09 3.14
C ALA E 267 16.31 9.14 2.71
N LEU E 268 15.88 8.17 1.91
CA LEU E 268 14.48 8.11 1.52
C LEU E 268 13.58 7.94 2.73
N SER E 269 14.04 7.23 3.76
CA SER E 269 13.29 7.12 5.00
C SER E 269 13.23 8.47 5.70
N LEU E 270 14.35 9.18 5.78
CA LEU E 270 14.30 10.50 6.41
C LEU E 270 13.50 11.49 5.60
N LEU E 271 13.34 11.23 4.31
CA LEU E 271 12.74 12.20 3.40
C LEU E 271 11.24 12.00 3.28
N ALA F 1 -29.16 99.54 31.43
CA ALA F 1 -29.94 100.24 30.43
C ALA F 1 -30.70 99.26 29.53
N ILE F 2 -31.81 99.73 28.98
CA ILE F 2 -32.59 98.96 28.02
C ILE F 2 -32.48 99.67 26.68
N THR F 3 -31.64 99.15 25.80
CA THR F 3 -31.36 99.81 24.53
C THR F 3 -31.69 98.90 23.36
N VAL F 4 -31.94 99.51 22.21
CA VAL F 4 -32.34 98.77 21.02
C VAL F 4 -31.26 98.85 19.93
N ASN F 5 -30.45 99.91 19.94
CA ASN F 5 -29.59 100.19 18.80
C ASN F 5 -28.30 99.40 18.80
N THR F 6 -27.88 98.86 19.94
CA THR F 6 -26.64 98.11 20.04
C THR F 6 -26.86 96.93 20.97
N ASN F 7 -26.31 95.78 20.60
CA ASN F 7 -26.52 94.55 21.36
C ASN F 7 -25.15 93.88 21.48
N VAL F 8 -24.58 93.89 22.68
CA VAL F 8 -23.20 93.43 22.86
C VAL F 8 -23.16 91.94 23.15
N THR F 9 -24.17 91.43 23.85
CA THR F 9 -24.26 90.00 24.11
C THR F 9 -24.29 89.22 22.80
N SER F 10 -24.98 89.76 21.79
CA SER F 10 -25.03 89.11 20.50
C SER F 10 -23.66 89.09 19.83
N LEU F 11 -22.91 90.18 19.94
CA LEU F 11 -21.57 90.23 19.37
C LEU F 11 -20.67 89.16 19.98
N LYS F 12 -20.71 89.04 21.30
CA LYS F 12 -19.86 88.07 21.97
C LYS F 12 -20.29 86.63 21.64
N ALA F 13 -21.60 86.39 21.57
CA ALA F 13 -22.07 85.07 21.18
C ALA F 13 -21.65 84.71 19.76
N GLN F 14 -21.70 85.68 18.84
CA GLN F 14 -21.22 85.46 17.49
C GLN F 14 -19.75 85.04 17.48
N LYS F 15 -18.92 85.73 18.27
CA LYS F 15 -17.50 85.39 18.24
C LYS F 15 -17.25 83.98 18.79
N ASN F 16 -17.93 83.61 19.88
CA ASN F 16 -17.76 82.26 20.42
C ASN F 16 -18.21 81.20 19.41
N LEU F 17 -19.35 81.42 18.75
CA LEU F 17 -19.85 80.46 17.79
C LEU F 17 -18.90 80.29 16.61
N ASN F 18 -18.29 81.39 16.17
CA ASN F 18 -17.32 81.30 15.08
C ASN F 18 -16.09 80.50 15.49
N THR F 19 -15.59 80.73 16.71
CA THR F 19 -14.44 79.98 17.19
C THR F 19 -14.73 78.48 17.21
N SER F 20 -15.90 78.11 17.72
CA SER F 20 -16.27 76.70 17.77
C SER F 20 -16.35 76.09 16.38
N ALA F 21 -16.97 76.80 15.43
CA ALA F 21 -17.09 76.28 14.07
C ALA F 21 -15.72 76.07 13.42
N SER F 22 -14.80 77.01 13.62
CA SER F 22 -13.46 76.85 13.08
C SER F 22 -12.76 75.61 13.64
N ASP F 23 -12.86 75.41 14.96
CA ASP F 23 -12.23 74.24 15.57
C ASP F 23 -12.80 72.95 15.00
N LEU F 24 -14.13 72.90 14.83
CA LEU F 24 -14.75 71.69 14.29
C LEU F 24 -14.30 71.40 12.87
N ALA F 25 -14.22 72.43 12.03
CA ALA F 25 -13.75 72.24 10.66
C ALA F 25 -12.32 71.70 10.63
N THR F 26 -11.44 72.23 11.48
CA THR F 26 -10.08 71.73 11.55
C THR F 26 -10.04 70.25 11.91
N SER F 27 -10.81 69.86 12.92
CA SER F 27 -10.84 68.45 13.33
C SER F 27 -11.36 67.55 12.21
N MET F 28 -12.41 67.98 11.51
CA MET F 28 -12.96 67.22 10.40
C MET F 28 -11.91 66.99 9.33
N GLU F 29 -11.16 68.03 8.97
CA GLU F 29 -10.08 67.89 8.00
C GLU F 29 -9.04 66.87 8.46
N ARG F 30 -8.62 66.95 9.71
CA ARG F 30 -7.60 66.05 10.21
C ARG F 30 -8.05 64.59 10.20
N LEU F 31 -9.33 64.34 10.53
CA LEU F 31 -9.83 62.97 10.46
C LEU F 31 -9.98 62.48 9.03
N SER F 32 -10.32 63.38 8.10
CA SER F 32 -10.48 62.95 6.71
C SER F 32 -9.13 62.63 6.08
N SER F 33 -8.09 63.36 6.46
CA SER F 33 -6.78 63.17 5.83
C SER F 33 -5.99 62.04 6.44
N GLY F 34 -6.04 61.89 7.77
CA GLY F 34 -5.21 60.94 8.47
C GLY F 34 -3.88 61.48 8.94
N LEU F 35 -3.65 62.79 8.79
CA LEU F 35 -2.38 63.42 9.13
C LEU F 35 -2.60 64.54 10.13
N ARG F 36 -1.64 64.73 11.03
CA ARG F 36 -1.71 65.82 11.99
C ARG F 36 -1.23 67.13 11.36
N ILE F 37 -0.24 67.06 10.50
CA ILE F 37 0.36 68.23 9.89
C ILE F 37 -0.09 68.29 8.44
N ASN F 38 -1.06 69.16 8.15
CA ASN F 38 -1.51 69.37 6.78
C ASN F 38 -0.91 70.62 6.15
N SER F 39 -0.33 71.51 6.95
CA SER F 39 0.26 72.75 6.46
C SER F 39 1.37 73.13 7.42
N ALA F 40 2.00 74.27 7.18
CA ALA F 40 2.97 74.78 8.12
C ALA F 40 2.34 75.62 9.21
N LYS F 41 1.06 75.98 9.05
CA LYS F 41 0.27 76.50 10.16
C LYS F 41 0.30 75.57 11.37
N ASP F 42 0.42 74.27 11.15
CA ASP F 42 0.28 73.27 12.19
C ASP F 42 1.56 73.09 12.99
N ASP F 43 2.64 72.69 12.33
CA ASP F 43 3.92 72.48 12.99
C ASP F 43 5.01 72.68 11.95
N ALA F 44 5.84 73.70 12.11
CA ALA F 44 6.77 74.08 11.05
C ALA F 44 8.07 73.29 11.13
N ALA F 45 8.60 73.10 12.33
CA ALA F 45 9.83 72.32 12.47
C ALA F 45 9.60 70.84 12.21
N GLY F 46 8.44 70.32 12.62
CA GLY F 46 8.10 68.94 12.32
C GLY F 46 7.95 68.69 10.83
N LEU F 47 7.46 69.68 10.09
CA LEU F 47 7.38 69.56 8.64
C LEU F 47 8.74 69.28 8.01
N ALA F 48 9.76 70.05 8.40
CA ALA F 48 11.09 69.87 7.81
C ALA F 48 11.73 68.57 8.30
N ILE F 49 11.59 68.25 9.59
CA ILE F 49 12.13 67.00 10.10
C ILE F 49 11.51 65.82 9.36
N SER F 50 10.22 65.89 9.08
CA SER F 50 9.54 64.80 8.41
C SER F 50 9.87 64.74 6.94
N ASN F 51 10.14 65.89 6.30
CA ASN F 51 10.64 65.86 4.93
C ASN F 51 11.98 65.13 4.84
N ARG F 52 12.87 65.38 5.80
CA ARG F 52 14.16 64.68 5.79
C ARG F 52 14.00 63.19 6.06
N LEU F 53 13.15 62.82 7.02
CA LEU F 53 12.93 61.40 7.28
C LEU F 53 12.28 60.71 6.09
N ASN F 54 11.44 61.42 5.36
CA ASN F 54 10.81 60.88 4.16
C ASN F 54 11.84 60.61 3.07
N SER F 55 12.76 61.57 2.86
CA SER F 55 13.87 61.34 1.94
C SER F 55 14.64 60.09 2.32
N GLN F 56 14.90 59.89 3.62
CA GLN F 56 15.67 58.73 4.05
C GLN F 56 14.93 57.42 3.77
N VAL F 57 13.63 57.36 4.08
CA VAL F 57 12.87 56.13 3.83
C VAL F 57 12.89 55.78 2.35
N ARG F 58 12.60 56.77 1.50
CA ARG F 58 12.51 56.52 0.07
C ARG F 58 13.87 56.13 -0.51
N GLY F 59 14.94 56.77 -0.05
CA GLY F 59 16.27 56.40 -0.50
C GLY F 59 16.68 55.00 -0.09
N LEU F 60 16.31 54.57 1.11
CA LEU F 60 16.62 53.21 1.52
C LEU F 60 15.90 52.18 0.64
N GLU F 61 14.66 52.48 0.27
CA GLU F 61 13.94 51.59 -0.65
C GLU F 61 14.69 51.43 -1.97
N VAL F 62 15.07 52.55 -2.59
CA VAL F 62 15.79 52.47 -3.87
C VAL F 62 17.15 51.79 -3.70
N GLY F 63 17.81 52.01 -2.56
CA GLY F 63 19.11 51.40 -2.34
C GLY F 63 19.05 49.89 -2.22
N MET F 64 18.00 49.36 -1.58
CA MET F 64 17.82 47.92 -1.56
C MET F 64 17.57 47.37 -2.95
N ARG F 65 16.87 48.14 -3.80
CA ARG F 65 16.73 47.69 -5.18
C ARG F 65 18.09 47.58 -5.89
N ASN F 66 18.94 48.60 -5.72
CA ASN F 66 20.28 48.54 -6.32
C ASN F 66 21.11 47.38 -5.76
N ALA F 67 21.00 47.11 -4.47
CA ALA F 67 21.75 46.00 -3.88
C ALA F 67 21.33 44.66 -4.48
N ASN F 68 20.04 44.50 -4.75
CA ASN F 68 19.59 43.25 -5.34
C ASN F 68 20.07 43.12 -6.78
N ASP F 69 20.16 44.25 -7.49
CA ASP F 69 20.79 44.25 -8.82
C ASP F 69 22.24 43.76 -8.77
N ALA F 70 23.01 44.26 -7.80
CA ALA F 70 24.39 43.81 -7.66
C ALA F 70 24.48 42.31 -7.37
N ILE F 71 23.60 41.80 -6.50
CA ILE F 71 23.59 40.37 -6.21
C ILE F 71 23.30 39.56 -7.47
N SER F 72 22.39 40.05 -8.31
CA SER F 72 22.07 39.38 -9.56
C SER F 72 23.30 39.27 -10.47
N ILE F 73 24.00 40.39 -10.67
CA ILE F 73 25.19 40.39 -11.53
C ILE F 73 26.22 39.38 -11.02
N ALA F 74 26.53 39.45 -9.72
CA ALA F 74 27.55 38.57 -9.16
C ALA F 74 27.15 37.11 -9.29
N GLN F 75 25.86 36.81 -9.12
CA GLN F 75 25.38 35.45 -9.18
C GLN F 75 25.51 34.87 -10.59
N ILE F 76 25.18 35.67 -11.62
CA ILE F 76 25.36 35.22 -13.00
C ILE F 76 26.82 34.91 -13.32
N ALA F 77 27.72 35.85 -12.98
CA ALA F 77 29.13 35.62 -13.30
C ALA F 77 29.71 34.41 -12.57
N GLU F 78 29.40 34.30 -11.27
CA GLU F 78 29.87 33.18 -10.48
C GLU F 78 29.36 31.86 -11.02
N GLY F 79 28.12 31.81 -11.50
CA GLY F 79 27.62 30.58 -12.09
C GLY F 79 28.27 30.24 -13.41
N ALA F 80 28.65 31.26 -14.19
CA ALA F 80 29.36 31.00 -15.44
C ALA F 80 30.72 30.37 -15.21
N MET F 81 31.43 30.74 -14.13
CA MET F 81 32.79 30.22 -13.94
C MET F 81 32.84 28.71 -13.61
N GLN F 82 31.73 28.11 -13.17
CA GLN F 82 31.71 26.70 -12.78
C GLN F 82 31.92 25.76 -13.97
N GLU F 83 31.29 26.05 -15.10
CA GLU F 83 31.48 25.22 -16.29
C GLU F 83 32.91 25.32 -16.80
N GLN F 84 33.53 26.49 -16.66
CA GLN F 84 34.93 26.65 -17.03
C GLN F 84 35.83 25.77 -16.17
N THR F 85 35.60 25.77 -14.85
CA THR F 85 36.31 24.85 -13.97
C THR F 85 36.14 23.39 -14.40
N ASN F 86 34.91 23.02 -14.74
CA ASN F 86 34.60 21.64 -15.13
C ASN F 86 35.39 21.23 -16.37
N MET F 87 35.41 22.10 -17.38
CA MET F 87 36.13 21.79 -18.61
C MET F 87 37.63 21.73 -18.38
N LEU F 88 38.16 22.59 -17.50
CA LEU F 88 39.59 22.50 -17.18
C LEU F 88 39.95 21.18 -16.51
N GLN F 89 39.09 20.67 -15.65
CA GLN F 89 39.32 19.35 -15.06
C GLN F 89 39.37 18.27 -16.14
N ARG F 90 38.46 18.35 -17.11
CA ARG F 90 38.49 17.39 -18.22
C ARG F 90 39.79 17.46 -19.02
N MET F 91 40.26 18.68 -19.32
CA MET F 91 41.54 18.82 -20.03
C MET F 91 42.71 18.27 -19.23
N ARG F 92 42.67 18.44 -17.90
CA ARG F 92 43.70 17.84 -17.06
C ARG F 92 43.74 16.33 -17.19
N ASP F 93 42.58 15.68 -17.21
CA ASP F 93 42.54 14.23 -17.42
C ASP F 93 43.10 13.84 -18.79
N LEU F 94 42.75 14.59 -19.84
CA LEU F 94 43.29 14.30 -21.17
C LEU F 94 44.81 14.45 -21.21
N THR F 95 45.34 15.45 -20.51
CA THR F 95 46.78 15.64 -20.48
C THR F 95 47.49 14.51 -19.73
N VAL F 96 46.92 14.05 -18.61
CA VAL F 96 47.52 12.92 -17.91
C VAL F 96 47.46 11.67 -18.79
N GLN F 97 46.40 11.53 -19.58
CA GLN F 97 46.29 10.37 -20.47
C GLN F 97 47.30 10.42 -21.61
N SER F 98 47.75 11.62 -22.01
CA SER F 98 48.76 11.71 -23.06
C SER F 98 50.12 11.14 -22.66
N GLU F 99 50.40 11.00 -21.36
CA GLU F 99 51.68 10.49 -20.88
C GLU F 99 51.67 8.97 -20.75
N ASN F 100 51.53 8.28 -21.87
CA ASN F 100 51.35 6.83 -21.89
C ASN F 100 52.22 6.27 -23.00
N GLY F 101 53.21 5.46 -22.64
CA GLY F 101 54.16 4.98 -23.62
C GLY F 101 53.58 3.98 -24.62
N ALA F 102 52.27 3.85 -24.66
CA ALA F 102 51.61 3.02 -25.66
C ALA F 102 50.82 3.84 -26.67
N ASN F 103 50.66 5.14 -26.43
CA ASN F 103 50.02 6.00 -27.40
C ASN F 103 50.90 6.17 -28.62
N SER F 104 50.27 6.38 -29.78
CA SER F 104 50.96 6.71 -31.01
C SER F 104 50.51 8.10 -31.46
N SER F 105 50.98 8.54 -32.63
CA SER F 105 50.71 9.91 -33.05
C SER F 105 49.23 10.13 -33.34
N ALA F 106 48.52 9.08 -33.81
CA ALA F 106 47.10 9.22 -34.07
C ALA F 106 46.30 9.38 -32.78
N ASP F 107 46.65 8.61 -31.74
CA ASP F 107 45.98 8.75 -30.46
C ASP F 107 46.25 10.11 -29.84
N LEU F 108 47.49 10.60 -29.95
CA LEU F 108 47.83 11.92 -29.46
C LEU F 108 47.04 12.99 -30.20
N SER F 109 46.83 12.81 -31.51
CA SER F 109 46.05 13.77 -32.26
C SER F 109 44.59 13.77 -31.83
N ALA F 110 44.03 12.60 -31.51
CA ALA F 110 42.66 12.54 -31.02
C ALA F 110 42.52 13.26 -29.68
N LEU F 111 43.42 12.95 -28.74
CA LEU F 111 43.43 13.64 -27.45
C LEU F 111 43.51 15.16 -27.64
N LYS F 112 44.40 15.62 -28.52
CA LYS F 112 44.56 17.06 -28.67
C LYS F 112 43.37 17.70 -29.37
N ALA F 113 42.71 17.01 -30.29
CA ALA F 113 41.50 17.54 -30.89
C ALA F 113 40.43 17.82 -29.85
N GLU F 114 40.27 16.90 -28.89
CA GLU F 114 39.29 17.20 -27.85
C GLU F 114 39.74 18.34 -26.92
N MET F 115 41.04 18.42 -26.63
CA MET F 115 41.53 19.57 -25.86
C MET F 115 41.21 20.90 -26.54
N ASP F 116 41.39 20.97 -27.86
CA ASP F 116 41.11 22.21 -28.58
C ASP F 116 39.63 22.56 -28.53
N GLN F 117 38.76 21.58 -28.69
CA GLN F 117 37.34 21.89 -28.58
C GLN F 117 36.97 22.41 -27.19
N LEU F 118 37.58 21.86 -26.14
CA LEU F 118 37.30 22.36 -24.79
C LEU F 118 37.80 23.78 -24.59
N ALA F 119 38.97 24.10 -25.16
CA ALA F 119 39.47 25.47 -25.04
C ALA F 119 38.59 26.45 -25.81
N ASN F 120 38.05 26.02 -26.95
CA ASN F 120 37.09 26.85 -27.68
C ASN F 120 35.84 27.13 -26.86
N GLU F 121 35.33 26.12 -26.16
CA GLU F 121 34.15 26.37 -25.32
C GLU F 121 34.46 27.27 -24.12
N ILE F 122 35.65 27.14 -23.53
CA ILE F 122 36.04 28.08 -22.48
C ILE F 122 36.04 29.51 -23.01
N ASP F 123 36.59 29.72 -24.22
CA ASP F 123 36.58 31.06 -24.79
C ASP F 123 35.16 31.55 -25.08
N GLU F 124 34.30 30.66 -25.58
CA GLU F 124 32.92 31.07 -25.86
C GLU F 124 32.19 31.50 -24.61
N ILE F 125 32.31 30.74 -23.52
CA ILE F 125 31.69 31.17 -22.26
C ILE F 125 32.28 32.50 -21.82
N GLY F 126 33.58 32.71 -22.04
CA GLY F 126 34.18 33.96 -21.66
C GLY F 126 33.61 35.16 -22.39
N LYS F 127 33.32 35.02 -23.68
CA LYS F 127 32.82 36.17 -24.44
C LYS F 127 31.30 36.28 -24.49
N THR F 128 30.57 35.25 -24.05
CA THR F 128 29.13 35.21 -24.30
C THR F 128 28.32 35.65 -23.08
N THR F 129 28.83 35.46 -21.87
CA THR F 129 28.07 35.72 -20.65
C THR F 129 27.68 37.19 -20.55
N ALA F 130 26.41 37.46 -20.27
CA ALA F 130 25.88 38.82 -20.29
C ALA F 130 24.77 38.98 -19.27
N PHE F 131 24.51 40.24 -18.92
CA PHE F 131 23.31 40.65 -18.19
C PHE F 131 22.48 41.47 -19.16
N GLY F 132 21.56 40.81 -19.85
CA GLY F 132 20.85 41.46 -20.93
C GLY F 132 21.75 41.62 -22.13
N THR F 133 22.36 42.79 -22.26
CA THR F 133 23.28 43.05 -23.37
C THR F 133 24.66 43.49 -22.93
N THR F 134 24.94 43.63 -21.63
CA THR F 134 26.25 44.04 -21.17
C THR F 134 27.08 42.81 -20.82
N LYS F 135 28.30 42.77 -21.32
CA LYS F 135 29.17 41.62 -21.09
C LYS F 135 29.78 41.67 -19.70
N LEU F 136 29.97 40.50 -19.09
CA LEU F 136 30.46 40.42 -17.72
C LEU F 136 31.87 39.86 -17.61
N LEU F 137 32.24 38.88 -18.42
CA LEU F 137 33.54 38.24 -18.27
C LEU F 137 34.55 38.66 -19.33
N ALA F 138 34.37 39.82 -19.96
CA ALA F 138 35.25 40.21 -21.04
C ALA F 138 36.24 41.30 -20.64
N GLY F 139 36.07 41.88 -19.46
CA GLY F 139 36.95 42.93 -18.99
C GLY F 139 36.28 44.26 -18.71
N GLY F 140 34.95 44.37 -18.82
CA GLY F 140 34.27 45.62 -18.57
C GLY F 140 34.09 45.93 -17.09
N PHE F 141 34.21 44.94 -16.22
CA PHE F 141 34.16 45.12 -14.78
C PHE F 141 35.52 44.98 -14.13
N SER F 142 36.61 44.99 -14.92
CA SER F 142 37.94 44.79 -14.37
C SER F 142 38.29 45.86 -13.35
N ALA F 143 37.98 47.11 -13.65
CA ALA F 143 37.83 48.14 -12.63
C ALA F 143 36.35 48.21 -12.30
N GLY F 144 36.01 47.95 -11.03
CA GLY F 144 34.64 47.64 -10.69
C GLY F 144 33.68 48.79 -10.97
N LYS F 145 32.39 48.47 -10.90
CA LYS F 145 31.32 49.44 -10.99
C LYS F 145 30.69 49.62 -9.61
N ASN F 146 30.20 50.82 -9.33
CA ASN F 146 29.59 51.12 -8.04
C ASN F 146 28.08 51.05 -8.11
N PHE F 147 27.49 50.53 -7.04
CA PHE F 147 26.05 50.54 -6.83
C PHE F 147 25.81 51.32 -5.55
N GLN F 148 25.00 52.37 -5.61
CA GLN F 148 24.69 53.12 -4.40
C GLN F 148 23.63 52.37 -3.61
N VAL F 149 24.02 51.84 -2.44
CA VAL F 149 23.12 51.00 -1.66
C VAL F 149 22.51 51.73 -0.48
N GLY F 150 22.75 53.03 -0.35
CA GLY F 150 22.16 53.84 0.70
C GLY F 150 21.41 55.04 0.15
N ALA F 151 20.99 55.89 1.07
CA ALA F 151 20.23 57.08 0.71
C ALA F 151 21.11 58.28 0.41
N GLN F 152 22.34 58.30 0.91
CA GLN F 152 23.23 59.44 0.77
C GLN F 152 24.36 59.12 -0.18
N ASP F 153 24.97 60.17 -0.71
CA ASP F 153 26.06 60.02 -1.67
C ASP F 153 27.31 59.45 -1.01
N GLY F 154 27.94 58.50 -1.69
CA GLY F 154 29.14 57.88 -1.20
C GLY F 154 28.92 56.57 -0.48
N GLU F 155 27.68 56.20 -0.20
CA GLU F 155 27.35 54.94 0.46
C GLU F 155 27.08 53.90 -0.62
N ASP F 156 28.13 53.19 -1.00
CA ASP F 156 28.07 52.33 -2.17
C ASP F 156 29.09 51.21 -2.11
N ILE F 157 28.84 50.17 -2.93
CA ILE F 157 29.62 48.94 -2.94
C ILE F 157 30.12 48.73 -4.37
N LYS F 158 31.34 48.22 -4.50
CA LYS F 158 31.98 48.05 -5.79
C LYS F 158 32.06 46.57 -6.16
N VAL F 159 31.63 46.24 -7.38
CA VAL F 159 31.64 44.87 -7.87
C VAL F 159 32.69 44.75 -8.98
N THR F 160 33.67 43.86 -8.77
CA THR F 160 34.82 43.73 -9.67
C THR F 160 34.86 42.32 -10.24
N VAL F 161 34.96 42.22 -11.56
CA VAL F 161 35.13 40.95 -12.25
C VAL F 161 36.21 41.13 -13.30
N LYS F 162 37.19 40.25 -13.32
CA LYS F 162 38.24 40.29 -14.32
C LYS F 162 37.89 39.38 -15.49
N ALA F 163 38.63 39.55 -16.59
CA ALA F 163 38.37 38.75 -17.78
C ALA F 163 38.86 37.32 -17.59
N SER F 164 38.04 36.36 -18.03
CA SER F 164 38.40 34.95 -17.95
C SER F 164 38.02 34.26 -19.26
N ASN F 165 39.03 33.91 -20.04
CA ASN F 165 38.88 33.31 -21.35
C ASN F 165 40.17 32.57 -21.65
N LYS F 166 40.24 31.89 -22.79
CA LYS F 166 41.39 31.03 -23.02
C LYS F 166 42.67 31.83 -23.26
N SER F 167 42.58 33.14 -23.43
CA SER F 167 43.76 33.95 -23.68
C SER F 167 44.33 34.49 -22.38
N SER F 168 43.48 34.90 -21.46
CA SER F 168 43.95 35.41 -20.18
C SER F 168 44.31 34.29 -19.22
N LEU F 169 43.75 33.10 -19.41
CA LEU F 169 44.10 31.95 -18.59
C LEU F 169 45.29 31.19 -19.12
N SER F 170 45.84 31.57 -20.27
CA SER F 170 47.03 30.97 -20.88
C SER F 170 46.84 29.50 -21.23
N VAL F 171 45.63 29.09 -21.60
CA VAL F 171 45.37 27.72 -22.02
C VAL F 171 45.04 27.63 -23.51
N GLY F 172 45.27 28.68 -24.27
CA GLY F 172 44.89 28.72 -25.67
C GLY F 172 45.89 28.15 -26.64
N SER F 173 47.00 27.59 -26.18
CA SER F 173 48.00 27.02 -27.07
C SER F 173 48.76 25.88 -26.40
N LEU F 174 48.06 24.82 -26.03
CA LEU F 174 48.67 23.73 -25.29
C LEU F 174 49.03 22.59 -26.24
N GLY F 175 50.14 21.93 -25.96
CA GLY F 175 50.59 20.83 -26.79
C GLY F 175 50.77 19.58 -25.96
N ASN F 176 50.86 18.46 -26.65
CA ASN F 176 51.01 17.17 -25.98
C ASN F 176 51.90 16.22 -26.74
N THR F 177 52.68 16.71 -27.69
CA THR F 177 53.43 15.81 -28.57
C THR F 177 54.82 15.49 -28.02
N THR F 178 55.26 16.18 -26.98
CA THR F 178 56.58 16.00 -26.40
C THR F 178 56.46 16.02 -24.88
N SER F 179 57.40 15.36 -24.21
CA SER F 179 57.38 15.26 -22.75
C SER F 179 57.36 16.65 -22.09
N ALA F 180 58.18 17.58 -22.57
CA ALA F 180 58.22 18.92 -21.98
C ALA F 180 56.93 19.67 -22.26
N ALA F 181 56.31 19.42 -23.42
CA ALA F 181 55.04 20.06 -23.73
C ALA F 181 53.94 19.59 -22.79
N ARG F 182 53.94 18.30 -22.45
CA ARG F 182 52.97 17.78 -21.48
C ARG F 182 53.19 18.38 -20.10
N ALA F 183 54.45 18.47 -19.66
CA ALA F 183 54.72 19.08 -18.36
C ALA F 183 54.23 20.52 -18.32
N SER F 184 54.52 21.28 -19.37
CA SER F 184 54.11 22.67 -19.42
C SER F 184 52.58 22.81 -19.42
N SER F 185 51.89 21.94 -20.17
CA SER F 185 50.43 22.01 -20.19
C SER F 185 49.84 21.68 -18.83
N LEU F 186 50.39 20.69 -18.13
CA LEU F 186 49.90 20.38 -16.80
C LEU F 186 50.03 21.58 -15.87
N LYS F 187 51.20 22.24 -15.88
CA LYS F 187 51.37 23.38 -14.99
C LYS F 187 50.40 24.51 -15.31
N LYS F 188 50.18 24.81 -16.59
CA LYS F 188 49.28 25.92 -16.89
C LYS F 188 47.82 25.59 -16.60
N ILE F 189 47.39 24.34 -16.79
CA ILE F 189 46.01 24.01 -16.42
C ILE F 189 45.81 24.15 -14.91
N ASP F 190 46.79 23.68 -14.11
CA ASP F 190 46.66 23.84 -12.66
C ASP F 190 46.60 25.30 -12.26
N ALA F 191 47.42 26.15 -12.89
CA ALA F 191 47.39 27.57 -12.56
C ALA F 191 46.04 28.20 -12.91
N ALA F 192 45.45 27.81 -14.04
CA ALA F 192 44.16 28.35 -14.44
C ALA F 192 43.07 27.98 -13.43
N ILE F 193 43.08 26.73 -12.97
CA ILE F 193 42.12 26.32 -11.93
C ILE F 193 42.28 27.20 -10.70
N LYS F 194 43.52 27.48 -10.31
CA LYS F 194 43.76 28.36 -9.15
C LYS F 194 43.17 29.76 -9.33
N THR F 195 43.38 30.37 -10.50
CA THR F 195 42.91 31.75 -10.66
C THR F 195 41.38 31.81 -10.68
N ILE F 196 40.72 30.82 -11.29
CA ILE F 196 39.26 30.81 -11.23
C ILE F 196 38.77 30.66 -9.80
N ASP F 197 39.42 29.79 -9.00
CA ASP F 197 39.06 29.70 -7.59
C ASP F 197 39.13 31.05 -6.88
N ALA F 198 40.20 31.81 -7.12
CA ALA F 198 40.33 33.11 -6.45
C ALA F 198 39.20 34.06 -6.85
N GLN F 199 38.87 34.12 -8.13
CA GLN F 199 37.77 34.99 -8.56
C GLN F 199 36.45 34.59 -7.90
N ARG F 200 36.16 33.29 -7.84
CA ARG F 200 34.91 32.85 -7.24
C ARG F 200 34.87 33.18 -5.76
N ALA F 201 36.01 33.10 -5.08
CA ALA F 201 36.08 33.48 -3.67
C ALA F 201 35.67 34.94 -3.47
N ASP F 202 36.23 35.84 -4.26
CA ASP F 202 35.87 37.26 -4.11
C ASP F 202 34.40 37.52 -4.41
N LEU F 203 33.83 36.89 -5.43
CA LEU F 203 32.41 37.10 -5.69
C LEU F 203 31.53 36.58 -4.56
N GLY F 204 31.92 35.46 -3.95
CA GLY F 204 31.14 34.95 -2.82
C GLY F 204 31.18 35.88 -1.62
N ALA F 205 32.36 36.44 -1.33
CA ALA F 205 32.45 37.42 -0.25
C ALA F 205 31.54 38.63 -0.52
N ILE F 206 31.53 39.11 -1.75
CA ILE F 206 30.65 40.24 -2.09
C ILE F 206 29.18 39.90 -1.85
N GLN F 207 28.76 38.69 -2.21
CA GLN F 207 27.36 38.34 -2.02
C GLN F 207 26.99 38.27 -0.53
N ASN F 208 27.85 37.70 0.30
CA ASN F 208 27.60 37.68 1.74
C ASN F 208 27.45 39.10 2.30
N ARG F 209 28.38 39.98 1.92
CA ARG F 209 28.32 41.37 2.36
C ARG F 209 27.01 42.05 1.97
N LEU F 210 26.56 41.84 0.73
CA LEU F 210 25.32 42.48 0.30
C LEU F 210 24.11 41.95 1.04
N ALA F 211 24.14 40.66 1.42
CA ALA F 211 23.04 40.12 2.22
C ALA F 211 22.93 40.82 3.57
N HIS F 212 24.06 40.93 4.29
CA HIS F 212 24.04 41.66 5.56
C HIS F 212 23.57 43.10 5.39
N ASN F 213 24.01 43.76 4.32
CA ASN F 213 23.64 45.17 4.15
C ASN F 213 22.14 45.34 3.90
N ILE F 214 21.54 44.45 3.11
CA ILE F 214 20.11 44.54 2.86
C ILE F 214 19.32 44.29 4.15
N SER F 215 19.77 43.34 4.96
CA SER F 215 19.11 43.09 6.24
C SER F 215 19.12 44.34 7.13
N ASN F 216 20.27 45.00 7.22
CA ASN F 216 20.37 46.19 8.05
C ASN F 216 19.50 47.32 7.52
N SER F 217 19.39 47.45 6.18
CA SER F 217 18.54 48.51 5.62
C SER F 217 17.07 48.27 5.92
N ALA F 218 16.63 47.01 5.88
CA ALA F 218 15.24 46.72 6.24
C ALA F 218 14.95 47.10 7.69
N ASN F 219 15.83 46.71 8.61
CA ASN F 219 15.68 47.14 10.01
C ASN F 219 15.55 48.66 10.12
N THR F 220 16.48 49.39 9.50
CA THR F 220 16.49 50.83 9.67
C THR F 220 15.26 51.48 9.06
N GLN F 221 14.79 50.96 7.93
CA GLN F 221 13.57 51.49 7.33
C GLN F 221 12.39 51.35 8.28
N ALA F 222 12.23 50.18 8.90
CA ALA F 222 11.15 50.02 9.87
C ALA F 222 11.24 51.03 11.00
N ASN F 223 12.43 51.18 11.60
CA ASN F 223 12.56 52.09 12.74
C ASN F 223 12.33 53.55 12.35
N VAL F 224 12.80 53.95 11.16
CA VAL F 224 12.64 55.34 10.74
C VAL F 224 11.18 55.64 10.37
N ALA F 225 10.48 54.67 9.78
CA ALA F 225 9.06 54.89 9.50
C ALA F 225 8.25 55.01 10.78
N ASP F 226 8.58 54.21 11.80
CA ASP F 226 8.00 54.41 13.13
C ASP F 226 8.25 55.83 13.64
N ALA F 227 9.50 56.29 13.56
CA ALA F 227 9.85 57.63 14.02
C ALA F 227 9.03 58.70 13.31
N LYS F 228 8.89 58.58 11.98
CA LYS F 228 8.13 59.57 11.23
C LYS F 228 6.65 59.55 11.56
N SER F 229 6.10 58.34 11.77
CA SER F 229 4.69 58.22 12.13
C SER F 229 4.41 58.91 13.46
N ARG F 230 5.35 58.83 14.41
CA ARG F 230 5.16 59.53 15.69
C ARG F 230 5.00 61.04 15.50
N ILE F 231 5.51 61.60 14.41
CA ILE F 231 5.49 63.04 14.21
C ILE F 231 4.32 63.47 13.32
N VAL F 232 4.02 62.73 12.27
CA VAL F 232 3.16 63.22 11.19
C VAL F 232 1.72 62.76 11.35
N ASP F 233 1.49 61.53 11.81
CA ASP F 233 0.16 60.94 11.76
C ASP F 233 -0.74 61.44 12.89
N VAL F 234 -2.04 61.33 12.68
CA VAL F 234 -3.03 61.81 13.64
C VAL F 234 -3.38 60.68 14.60
N ASP F 235 -3.87 61.07 15.78
CA ASP F 235 -4.37 60.16 16.79
C ASP F 235 -5.90 60.17 16.72
N PHE F 236 -6.50 59.03 16.39
CA PHE F 236 -7.94 58.99 16.22
C PHE F 236 -8.67 59.10 17.55
N ALA F 237 -8.13 58.46 18.59
CA ALA F 237 -8.78 58.48 19.90
C ALA F 237 -8.91 59.89 20.46
N LYS F 238 -7.92 60.74 20.19
CA LYS F 238 -7.94 62.11 20.68
C LYS F 238 -8.78 63.01 19.77
N GLU F 239 -8.70 62.77 18.47
CA GLU F 239 -9.26 63.71 17.53
C GLU F 239 -10.78 63.55 17.45
N THR F 240 -11.28 62.32 17.61
CA THR F 240 -12.72 62.12 17.67
C THR F 240 -13.33 62.78 18.91
N SER F 241 -12.61 62.75 20.03
CA SER F 241 -13.09 63.41 21.23
C SER F 241 -13.17 64.91 21.04
N GLN F 242 -12.14 65.51 20.44
CA GLN F 242 -12.21 66.94 20.15
C GLN F 242 -13.36 67.27 19.21
N MET F 243 -13.61 66.42 18.21
CA MET F 243 -14.71 66.67 17.29
C MET F 243 -16.05 66.69 18.01
N THR F 244 -16.30 65.71 18.88
CA THR F 244 -17.58 65.66 19.59
C THR F 244 -17.74 66.86 20.52
N LYS F 245 -16.68 67.26 21.19
CA LYS F 245 -16.77 68.45 22.05
C LYS F 245 -17.17 69.68 21.25
N ASN F 246 -16.56 69.88 20.08
CA ASN F 246 -16.90 71.08 19.31
C ASN F 246 -18.30 71.01 18.70
N GLN F 247 -18.78 69.80 18.39
CA GLN F 247 -20.17 69.64 17.97
C GLN F 247 -21.13 70.15 19.05
N VAL F 248 -20.96 69.67 20.28
CA VAL F 248 -21.85 70.11 21.35
C VAL F 248 -21.75 71.62 21.56
N LEU F 249 -20.54 72.17 21.51
CA LEU F 249 -20.41 73.61 21.70
C LEU F 249 -21.09 74.38 20.59
N GLN F 250 -21.07 73.86 19.36
CA GLN F 250 -21.78 74.54 18.28
C GLN F 250 -23.27 74.61 18.56
N GLN F 251 -23.87 73.49 18.98
CA GLN F 251 -25.30 73.51 19.26
C GLN F 251 -25.64 74.46 20.40
N THR F 252 -24.83 74.47 21.46
CA THR F 252 -25.07 75.37 22.58
C THR F 252 -24.93 76.84 22.16
N GLY F 253 -23.90 77.16 21.38
CA GLY F 253 -23.70 78.54 20.97
C GLY F 253 -24.77 79.03 20.02
N SER F 254 -25.25 78.14 19.15
CA SER F 254 -26.37 78.49 18.29
C SER F 254 -27.62 78.83 19.11
N ALA F 255 -27.97 77.96 20.08
CA ALA F 255 -29.11 78.26 20.94
C ALA F 255 -28.93 79.58 21.68
N MET F 256 -27.73 79.85 22.17
CA MET F 256 -27.52 81.03 22.98
C MET F 256 -27.58 82.30 22.15
N LEU F 257 -27.08 82.25 20.91
CA LEU F 257 -27.17 83.41 20.02
C LEU F 257 -28.61 83.67 19.59
N ALA F 258 -29.37 82.61 19.31
CA ALA F 258 -30.77 82.79 18.96
C ALA F 258 -31.55 83.40 20.12
N GLN F 259 -31.20 83.02 21.35
CA GLN F 259 -31.85 83.64 22.51
C GLN F 259 -31.36 85.07 22.74
N ALA F 260 -30.12 85.37 22.33
CA ALA F 260 -29.58 86.70 22.54
C ALA F 260 -30.18 87.73 21.59
N ASN F 261 -30.53 87.32 20.37
CA ASN F 261 -31.14 88.27 19.44
C ASN F 261 -32.55 88.71 19.82
N GLN F 262 -33.13 88.21 20.91
CA GLN F 262 -34.47 88.62 21.31
C GLN F 262 -34.47 89.61 22.48
N LEU F 263 -33.33 90.21 22.82
CA LEU F 263 -33.29 91.12 23.96
C LEU F 263 -33.90 92.50 23.71
N PRO F 264 -33.82 93.10 22.52
CA PRO F 264 -34.43 94.43 22.34
C PRO F 264 -35.95 94.44 22.43
N GLN F 265 -36.61 93.33 22.73
CA GLN F 265 -38.07 93.31 22.78
C GLN F 265 -38.63 93.69 24.13
N VAL F 266 -37.79 94.04 25.12
CA VAL F 266 -38.30 94.55 26.37
C VAL F 266 -38.81 95.97 26.20
N ALA F 267 -38.26 96.70 25.23
CA ALA F 267 -38.68 98.06 24.97
C ALA F 267 -40.12 98.11 24.52
N LEU F 268 -40.54 97.16 23.69
CA LEU F 268 -41.95 97.10 23.26
C LEU F 268 -42.88 96.93 24.46
N SER F 269 -42.43 96.20 25.48
CA SER F 269 -43.21 96.09 26.70
C SER F 269 -43.29 97.42 27.43
N LEU F 270 -42.16 98.13 27.54
CA LEU F 270 -42.22 99.43 28.19
C LEU F 270 -43.01 100.44 27.37
N LEU F 271 -43.14 100.19 26.07
CA LEU F 271 -43.71 101.18 25.17
C LEU F 271 -45.21 100.98 25.01
N ALA G 1 14.85 15.65 -19.97
CA ALA G 1 13.40 15.70 -20.01
C ALA G 1 12.79 14.45 -19.38
N ILE G 2 11.57 14.59 -18.88
CA ILE G 2 10.81 13.48 -18.34
C ILE G 2 9.62 13.27 -19.27
N THR G 3 9.70 12.26 -20.12
CA THR G 3 8.69 12.04 -21.14
C THR G 3 8.08 10.65 -21.00
N VAL G 4 6.87 10.50 -21.51
CA VAL G 4 6.15 9.24 -21.40
C VAL G 4 5.95 8.58 -22.76
N ASN G 5 5.94 9.37 -23.83
CA ASN G 5 5.50 8.87 -25.13
C ASN G 5 6.57 8.12 -25.89
N THR G 6 7.85 8.31 -25.55
CA THR G 6 8.95 7.66 -26.24
C THR G 6 9.99 7.27 -25.22
N ASN G 7 10.56 6.07 -25.38
CA ASN G 7 11.52 5.53 -24.42
C ASN G 7 12.67 4.94 -25.25
N VAL G 8 13.82 5.61 -25.22
CA VAL G 8 14.92 5.23 -26.11
C VAL G 8 15.81 4.18 -25.45
N THR G 9 15.96 4.26 -24.13
CA THR G 9 16.72 3.27 -23.40
C THR G 9 16.14 1.88 -23.62
N SER G 10 14.81 1.79 -23.67
CA SER G 10 14.17 0.50 -23.93
C SER G 10 14.47 -0.02 -25.32
N LEU G 11 14.48 0.87 -26.32
CA LEU G 11 14.82 0.46 -27.68
C LEU G 11 16.22 -0.11 -27.76
N LYS G 12 17.18 0.56 -27.13
CA LYS G 12 18.55 0.09 -27.18
C LYS G 12 18.73 -1.23 -26.42
N ALA G 13 18.05 -1.36 -25.27
CA ALA G 13 18.10 -2.62 -24.53
C ALA G 13 17.50 -3.76 -25.34
N GLN G 14 16.40 -3.50 -26.06
CA GLN G 14 15.82 -4.51 -26.93
C GLN G 14 16.82 -4.98 -27.97
N LYS G 15 17.54 -4.04 -28.59
CA LYS G 15 18.46 -4.45 -29.65
C LYS G 15 19.62 -5.28 -29.09
N ASN G 16 20.16 -4.89 -27.93
CA ASN G 16 21.22 -5.70 -27.33
C ASN G 16 20.74 -7.10 -26.97
N LEU G 17 19.54 -7.20 -26.39
CA LEU G 17 19.02 -8.50 -26.00
C LEU G 17 18.81 -9.40 -27.21
N ASN G 18 18.35 -8.82 -28.32
CA ASN G 18 18.17 -9.61 -29.54
C ASN G 18 19.50 -10.11 -30.08
N THR G 19 20.53 -9.26 -30.06
CA THR G 19 21.84 -9.68 -30.53
C THR G 19 22.37 -10.86 -29.71
N SER G 20 22.22 -10.78 -28.39
CA SER G 20 22.68 -11.86 -27.52
C SER G 20 21.93 -13.15 -27.80
N ALA G 21 20.61 -13.08 -27.97
CA ALA G 21 19.82 -14.28 -28.24
C ALA G 21 20.23 -14.94 -29.55
N SER G 22 20.46 -14.14 -30.59
CA SER G 22 20.90 -14.69 -31.86
C SER G 22 22.25 -15.42 -31.71
N ASP G 23 23.20 -14.81 -31.01
CA ASP G 23 24.50 -15.46 -30.83
C ASP G 23 24.36 -16.79 -30.09
N LEU G 24 23.51 -16.82 -29.06
CA LEU G 24 23.33 -18.05 -28.30
C LEU G 24 22.71 -19.15 -29.16
N ALA G 25 21.71 -18.82 -29.96
CA ALA G 25 21.11 -19.80 -30.85
C ALA G 25 22.13 -20.38 -31.83
N THR G 26 22.98 -19.52 -32.41
CA THR G 26 24.02 -20.00 -33.31
C THR G 26 24.94 -20.99 -32.63
N SER G 27 25.39 -20.66 -31.41
CA SER G 27 26.29 -21.56 -30.68
C SER G 27 25.62 -22.90 -30.38
N MET G 28 24.34 -22.86 -29.97
CA MET G 28 23.60 -24.09 -29.69
C MET G 28 23.55 -24.99 -30.91
N GLU G 29 23.25 -24.41 -32.07
CA GLU G 29 23.24 -25.17 -33.32
C GLU G 29 24.59 -25.83 -33.59
N ARG G 30 25.67 -25.06 -33.44
CA ARG G 30 26.99 -25.59 -33.73
C ARG G 30 27.37 -26.74 -32.80
N LEU G 31 27.00 -26.64 -31.53
CA LEU G 31 27.28 -27.74 -30.61
C LEU G 31 26.41 -28.96 -30.89
N SER G 32 25.17 -28.75 -31.34
CA SER G 32 24.31 -29.88 -31.63
C SER G 32 24.76 -30.63 -32.88
N SER G 33 25.28 -29.91 -33.87
CA SER G 33 25.66 -30.53 -35.14
C SER G 33 27.04 -31.16 -35.09
N GLY G 34 28.00 -30.50 -34.45
CA GLY G 34 29.38 -30.92 -34.47
C GLY G 34 30.21 -30.33 -35.57
N LEU G 35 29.66 -29.38 -36.32
CA LEU G 35 30.32 -28.77 -37.48
C LEU G 35 30.40 -27.27 -37.30
N ARG G 36 31.48 -26.68 -37.80
CA ARG G 36 31.63 -25.24 -37.76
C ARG G 36 30.88 -24.58 -38.91
N ILE G 37 30.87 -25.21 -40.07
CA ILE G 37 30.25 -24.67 -41.27
C ILE G 37 28.96 -25.43 -41.52
N ASN G 38 27.82 -24.81 -41.17
CA ASN G 38 26.52 -25.40 -41.45
C ASN G 38 25.87 -24.80 -42.69
N SER G 39 26.35 -23.66 -43.17
CA SER G 39 25.79 -23.00 -44.34
C SER G 39 26.92 -22.22 -45.01
N ALA G 40 26.59 -21.49 -46.07
CA ALA G 40 27.57 -20.61 -46.67
C ALA G 40 27.60 -19.25 -46.01
N LYS G 41 26.62 -18.94 -45.16
CA LYS G 41 26.71 -17.82 -44.25
C LYS G 41 27.98 -17.87 -43.41
N ASP G 42 28.48 -19.06 -43.11
CA ASP G 42 29.57 -19.26 -42.17
C ASP G 42 30.93 -19.03 -42.83
N ASP G 43 31.24 -19.83 -43.84
CA ASP G 43 32.53 -19.72 -44.55
C ASP G 43 32.31 -20.26 -45.94
N ALA G 44 32.44 -19.40 -46.96
CA ALA G 44 32.05 -19.79 -48.31
C ALA G 44 33.18 -20.49 -49.05
N ALA G 45 34.41 -20.00 -48.91
CA ALA G 45 35.54 -20.65 -49.57
C ALA G 45 35.88 -21.98 -48.92
N GLY G 46 35.76 -22.07 -47.59
CA GLY G 46 35.97 -23.33 -46.91
C GLY G 46 34.96 -24.38 -47.30
N LEU G 47 33.73 -23.97 -47.59
CA LEU G 47 32.71 -24.90 -48.07
C LEU G 47 33.16 -25.61 -49.36
N ALA G 48 33.66 -24.84 -50.33
CA ALA G 48 34.08 -25.45 -51.59
C ALA G 48 35.35 -26.26 -51.43
N ILE G 49 36.32 -25.75 -50.65
CA ILE G 49 37.53 -26.52 -50.41
C ILE G 49 37.20 -27.86 -49.76
N SER G 50 36.25 -27.85 -48.83
CA SER G 50 35.89 -29.06 -48.12
C SER G 50 35.06 -30.00 -49.00
N ASN G 51 34.25 -29.46 -49.92
CA ASN G 51 33.59 -30.33 -50.89
C ASN G 51 34.61 -31.08 -51.75
N ARG G 52 35.67 -30.40 -52.19
CA ARG G 52 36.68 -31.07 -52.99
C ARG G 52 37.45 -32.11 -52.17
N LEU G 53 37.81 -31.78 -50.92
CA LEU G 53 38.51 -32.76 -50.09
C LEU G 53 37.62 -33.96 -49.78
N ASN G 54 36.31 -33.74 -49.67
CA ASN G 54 35.37 -34.82 -49.45
C ASN G 54 35.30 -35.75 -50.66
N SER G 55 35.23 -35.18 -51.85
CA SER G 55 35.32 -35.99 -53.06
C SER G 55 36.58 -36.85 -53.07
N GLN G 56 37.71 -36.28 -52.66
CA GLN G 56 38.97 -37.02 -52.67
C GLN G 56 38.94 -38.19 -51.68
N VAL G 57 38.45 -37.95 -50.46
CA VAL G 57 38.40 -39.02 -49.46
C VAL G 57 37.52 -40.18 -49.95
N ARG G 58 36.34 -39.84 -50.45
CA ARG G 58 35.40 -40.87 -50.88
C ARG G 58 35.92 -41.65 -52.09
N GLY G 59 36.57 -40.94 -53.03
CA GLY G 59 37.16 -41.60 -54.17
C GLY G 59 38.29 -42.54 -53.81
N LEU G 60 39.12 -42.15 -52.83
CA LEU G 60 40.18 -43.05 -52.39
C LEU G 60 39.63 -44.32 -51.76
N GLU G 61 38.52 -44.19 -51.02
CA GLU G 61 37.88 -45.39 -50.46
C GLU G 61 37.45 -46.35 -51.57
N VAL G 62 36.73 -45.84 -52.58
CA VAL G 62 36.28 -46.72 -53.66
C VAL G 62 37.46 -47.27 -54.46
N GLY G 63 38.53 -46.48 -54.61
CA GLY G 63 39.68 -46.95 -55.36
C GLY G 63 40.40 -48.11 -54.68
N MET G 64 40.51 -48.07 -53.35
CA MET G 64 41.06 -49.22 -52.63
C MET G 64 40.18 -50.45 -52.80
N ARG G 65 38.86 -50.27 -52.86
CA ARG G 65 38.01 -51.42 -53.14
C ARG G 65 38.33 -52.03 -54.52
N ASN G 66 38.48 -51.18 -55.55
CA ASN G 66 38.83 -51.67 -56.88
C ASN G 66 40.19 -52.37 -56.89
N ALA G 67 41.15 -51.83 -56.16
CA ALA G 67 42.48 -52.45 -56.11
C ALA G 67 42.43 -53.84 -55.50
N ASN G 68 41.59 -54.02 -54.47
CA ASN G 68 41.48 -55.34 -53.87
C ASN G 68 40.81 -56.32 -54.82
N ASP G 69 39.84 -55.84 -55.63
CA ASP G 69 39.27 -56.65 -56.70
C ASP G 69 40.33 -57.14 -57.69
N ALA G 70 41.23 -56.24 -58.10
CA ALA G 70 42.30 -56.64 -59.02
C ALA G 70 43.22 -57.69 -58.39
N ILE G 71 43.55 -57.52 -57.10
CA ILE G 71 44.39 -58.50 -56.43
C ILE G 71 43.70 -59.87 -56.41
N SER G 72 42.39 -59.88 -56.19
CA SER G 72 41.64 -61.14 -56.20
C SER G 72 41.74 -61.84 -57.54
N ILE G 73 41.49 -61.12 -58.64
CA ILE G 73 41.56 -61.72 -59.97
C ILE G 73 42.93 -62.32 -60.22
N ALA G 74 43.99 -61.53 -59.97
CA ALA G 74 45.35 -62.01 -60.23
C ALA G 74 45.68 -63.23 -59.40
N GLN G 75 45.21 -63.27 -58.16
CA GLN G 75 45.51 -64.38 -57.26
C GLN G 75 44.84 -65.68 -57.73
N ILE G 76 43.60 -65.59 -58.20
CA ILE G 76 42.92 -66.79 -58.73
C ILE G 76 43.66 -67.32 -59.96
N ALA G 77 43.98 -66.45 -60.92
CA ALA G 77 44.64 -66.94 -62.14
C ALA G 77 46.02 -67.53 -61.83
N GLU G 78 46.81 -66.84 -61.00
CA GLU G 78 48.12 -67.33 -60.63
C GLU G 78 48.04 -68.68 -59.92
N GLY G 79 47.03 -68.89 -59.08
CA GLY G 79 46.89 -70.19 -58.44
C GLY G 79 46.49 -71.29 -59.40
N ALA G 80 45.70 -70.94 -60.42
CA ALA G 80 45.33 -71.93 -61.43
C ALA G 80 46.54 -72.43 -62.22
N MET G 81 47.52 -71.56 -62.49
CA MET G 81 48.65 -71.99 -63.33
C MET G 81 49.59 -73.02 -62.66
N GLN G 82 49.53 -73.16 -61.33
CA GLN G 82 50.43 -74.06 -60.62
C GLN G 82 50.12 -75.53 -60.92
N GLU G 83 48.85 -75.91 -60.97
CA GLU G 83 48.50 -77.28 -61.32
C GLU G 83 48.90 -77.62 -62.75
N GLN G 84 48.82 -76.64 -63.65
CA GLN G 84 49.28 -76.84 -65.01
C GLN G 84 50.77 -77.14 -65.06
N THR G 85 51.56 -76.34 -64.32
CA THR G 85 52.99 -76.64 -64.19
C THR G 85 53.24 -78.05 -63.68
N ASN G 86 52.48 -78.45 -62.66
CA ASN G 86 52.65 -79.76 -62.04
C ASN G 86 52.40 -80.90 -63.05
N MET G 87 51.32 -80.78 -63.81
CA MET G 87 51.01 -81.79 -64.80
C MET G 87 52.03 -81.84 -65.92
N LEU G 88 52.56 -80.67 -66.33
CA LEU G 88 53.63 -80.68 -67.34
C LEU G 88 54.88 -81.39 -66.85
N GLN G 89 55.24 -81.22 -65.57
CA GLN G 89 56.36 -81.98 -65.02
C GLN G 89 56.11 -83.48 -65.10
N ARG G 90 54.89 -83.91 -64.78
CA ARG G 90 54.55 -85.33 -64.89
C ARG G 90 54.70 -85.84 -66.33
N MET G 91 54.20 -85.08 -67.31
CA MET G 91 54.36 -85.48 -68.72
C MET G 91 55.82 -85.55 -69.13
N ARG G 92 56.65 -84.64 -68.61
CA ARG G 92 58.09 -84.72 -68.88
C ARG G 92 58.69 -86.04 -68.40
N ASP G 93 58.30 -86.47 -67.19
CA ASP G 93 58.78 -87.76 -66.70
C ASP G 93 58.32 -88.92 -67.58
N LEU G 94 57.06 -88.89 -68.01
CA LEU G 94 56.55 -89.95 -68.90
C LEU G 94 57.32 -89.97 -70.22
N THR G 95 57.66 -88.81 -70.76
CA THR G 95 58.40 -88.75 -72.00
C THR G 95 59.82 -89.29 -71.83
N VAL G 96 60.48 -88.96 -70.74
CA VAL G 96 61.81 -89.53 -70.49
C VAL G 96 61.73 -91.03 -70.33
N GLN G 97 60.63 -91.52 -69.74
CA GLN G 97 60.47 -92.97 -69.58
C GLN G 97 60.22 -93.67 -70.91
N SER G 98 59.66 -92.97 -71.89
CA SER G 98 59.45 -93.59 -73.20
C SER G 98 60.74 -93.93 -73.93
N GLU G 99 61.86 -93.31 -73.57
CA GLU G 99 63.15 -93.55 -74.22
C GLU G 99 63.90 -94.71 -73.58
N ASN G 100 63.36 -95.91 -73.66
CA ASN G 100 63.89 -97.07 -72.97
C ASN G 100 63.84 -98.25 -73.93
N GLY G 101 65.01 -98.77 -74.30
CA GLY G 101 65.08 -99.82 -75.30
C GLY G 101 64.49 -101.15 -74.87
N ALA G 102 63.78 -101.18 -73.74
CA ALA G 102 63.09 -102.37 -73.30
C ALA G 102 61.58 -102.23 -73.39
N ASN G 103 61.08 -101.04 -73.65
CA ASN G 103 59.65 -100.84 -73.85
C ASN G 103 59.23 -101.49 -75.16
N SER G 104 57.98 -101.94 -75.19
CA SER G 104 57.34 -102.44 -76.40
C SER G 104 56.16 -101.55 -76.75
N SER G 105 55.42 -101.90 -77.79
CA SER G 105 54.36 -101.02 -78.27
C SER G 105 53.22 -100.90 -77.25
N ALA G 106 52.97 -101.94 -76.48
CA ALA G 106 51.93 -101.87 -75.46
C ALA G 106 52.31 -100.93 -74.33
N ASP G 107 53.57 -100.97 -73.89
CA ASP G 107 54.04 -100.05 -72.86
C ASP G 107 54.02 -98.62 -73.34
N LEU G 108 54.42 -98.40 -74.60
CA LEU G 108 54.36 -97.07 -75.17
C LEU G 108 52.92 -96.56 -75.24
N SER G 109 51.97 -97.45 -75.54
CA SER G 109 50.58 -97.04 -75.58
C SER G 109 50.05 -96.68 -74.20
N ALA G 110 50.49 -97.40 -73.17
CA ALA G 110 50.10 -97.04 -71.81
C ALA G 110 50.64 -95.67 -71.41
N LEU G 111 51.93 -95.45 -71.64
CA LEU G 111 52.53 -94.14 -71.38
C LEU G 111 51.79 -93.03 -72.10
N LYS G 112 51.46 -93.24 -73.37
CA LYS G 112 50.80 -92.18 -74.13
C LYS G 112 49.35 -91.96 -73.68
N ALA G 113 48.66 -93.01 -73.25
CA ALA G 113 47.31 -92.81 -72.72
C ALA G 113 47.33 -91.90 -71.50
N GLU G 114 48.31 -92.08 -70.62
CA GLU G 114 48.35 -91.15 -69.49
C GLU G 114 48.75 -89.72 -69.91
N MET G 115 49.65 -89.59 -70.90
CA MET G 115 49.95 -88.26 -71.43
C MET G 115 48.71 -87.55 -71.95
N ASP G 116 47.85 -88.28 -72.68
CA ASP G 116 46.64 -87.66 -73.22
C ASP G 116 45.68 -87.24 -72.12
N GLN G 117 45.52 -88.05 -71.08
CA GLN G 117 44.66 -87.61 -69.98
C GLN G 117 45.20 -86.35 -69.31
N LEU G 118 46.53 -86.24 -69.16
CA LEU G 118 47.09 -85.03 -68.56
C LEU G 118 46.87 -83.81 -69.44
N ALA G 119 46.99 -83.96 -70.75
CA ALA G 119 46.74 -82.84 -71.65
C ALA G 119 45.27 -82.41 -71.61
N ASN G 120 44.36 -83.38 -71.49
CA ASN G 120 42.95 -83.04 -71.31
C ASN G 120 42.70 -82.25 -70.04
N GLU G 121 43.35 -82.61 -68.94
CA GLU G 121 43.17 -81.83 -67.72
C GLU G 121 43.79 -80.44 -67.81
N ILE G 122 44.91 -80.28 -68.51
CA ILE G 122 45.45 -78.95 -68.75
C ILE G 122 44.45 -78.09 -69.52
N ASP G 123 43.82 -78.68 -70.56
CA ASP G 123 42.81 -77.93 -71.30
C ASP G 123 41.60 -77.59 -70.44
N GLU G 124 41.16 -78.51 -69.60
CA GLU G 124 40.02 -78.24 -68.74
C GLU G 124 40.29 -77.10 -67.77
N ILE G 125 41.46 -77.09 -67.12
CA ILE G 125 41.80 -75.96 -66.26
C ILE G 125 41.84 -74.68 -67.07
N GLY G 126 42.32 -74.74 -68.31
CA GLY G 126 42.36 -73.55 -69.14
C GLY G 126 41.01 -72.96 -69.43
N LYS G 127 40.01 -73.80 -69.68
CA LYS G 127 38.68 -73.28 -70.03
C LYS G 127 37.75 -73.09 -68.83
N THR G 128 38.11 -73.60 -67.65
CA THR G 128 37.15 -73.66 -66.55
C THR G 128 37.34 -72.53 -65.55
N THR G 129 38.56 -72.02 -65.38
CA THR G 129 38.86 -71.04 -64.35
C THR G 129 38.07 -69.76 -64.56
N ALA G 130 37.44 -69.27 -63.49
CA ALA G 130 36.52 -68.14 -63.58
C ALA G 130 36.55 -67.32 -62.31
N PHE G 131 36.08 -66.08 -62.43
CA PHE G 131 35.74 -65.22 -61.30
C PHE G 131 34.23 -65.06 -61.34
N GLY G 132 33.52 -65.91 -60.60
CA GLY G 132 32.08 -65.96 -60.71
C GLY G 132 31.67 -66.60 -62.02
N THR G 133 31.40 -65.78 -63.03
CA THR G 133 31.03 -66.29 -64.35
C THR G 133 31.92 -65.79 -65.48
N THR G 134 32.92 -64.94 -65.21
CA THR G 134 33.78 -64.46 -66.26
C THR G 134 35.04 -65.31 -66.32
N LYS G 135 35.41 -65.74 -67.52
CA LYS G 135 36.55 -66.61 -67.70
C LYS G 135 37.85 -65.81 -67.65
N LEU G 136 38.90 -66.42 -67.10
CA LEU G 136 40.17 -65.72 -66.90
C LEU G 136 41.29 -66.24 -67.80
N LEU G 137 41.36 -67.54 -68.07
CA LEU G 137 42.48 -68.07 -68.84
C LEU G 137 42.12 -68.43 -70.26
N ALA G 138 41.06 -67.85 -70.82
CA ALA G 138 40.62 -68.22 -72.16
C ALA G 138 40.96 -67.19 -73.21
N GLY G 139 41.44 -66.02 -72.82
CA GLY G 139 41.80 -64.97 -73.75
C GLY G 139 41.03 -63.68 -73.59
N GLY G 140 40.16 -63.55 -72.58
CA GLY G 140 39.40 -62.33 -72.39
C GLY G 140 40.18 -61.20 -71.75
N PHE G 141 41.30 -61.52 -71.11
CA PHE G 141 42.20 -60.52 -70.54
C PHE G 141 43.49 -60.37 -71.33
N SER G 142 43.54 -60.91 -72.55
CA SER G 142 44.77 -60.87 -73.34
C SER G 142 45.20 -59.44 -73.62
N ALA G 143 44.25 -58.57 -73.97
CA ALA G 143 44.43 -57.14 -73.82
C ALA G 143 43.80 -56.75 -72.48
N GLY G 144 44.61 -56.22 -71.58
CA GLY G 144 44.21 -56.14 -70.20
C GLY G 144 42.97 -55.29 -69.95
N LYS G 145 42.43 -55.42 -68.75
CA LYS G 145 41.35 -54.59 -68.27
C LYS G 145 41.88 -53.59 -67.25
N ASN G 146 41.26 -52.41 -67.19
CA ASN G 146 41.69 -51.37 -66.27
C ASN G 146 40.83 -51.35 -65.02
N PHE G 147 41.47 -51.09 -63.89
CA PHE G 147 40.81 -50.84 -62.61
C PHE G 147 41.23 -49.46 -62.18
N GLN G 148 40.27 -48.57 -61.95
CA GLN G 148 40.60 -47.23 -61.47
C GLN G 148 40.90 -47.29 -59.98
N VAL G 149 42.16 -47.08 -59.61
CA VAL G 149 42.59 -47.22 -58.23
C VAL G 149 42.74 -45.89 -57.52
N GLY G 150 42.38 -44.79 -58.15
CA GLY G 150 42.43 -43.48 -57.54
C GLY G 150 41.10 -42.76 -57.62
N ALA G 151 41.12 -41.50 -57.20
CA ALA G 151 39.91 -40.69 -57.18
C ALA G 151 39.67 -39.95 -58.49
N GLN G 152 40.70 -39.75 -59.31
CA GLN G 152 40.58 -38.98 -60.54
C GLN G 152 40.70 -39.90 -61.75
N ASP G 153 40.20 -39.40 -62.88
CA ASP G 153 40.21 -40.16 -64.11
C ASP G 153 41.62 -40.35 -64.65
N GLY G 154 41.93 -41.56 -65.09
CA GLY G 154 43.22 -41.88 -65.63
C GLY G 154 44.18 -42.52 -64.66
N GLU G 155 43.84 -42.54 -63.37
CA GLU G 155 44.68 -43.15 -62.34
C GLU G 155 44.24 -44.60 -62.16
N ASP G 156 44.88 -45.49 -62.92
CA ASP G 156 44.40 -46.85 -63.02
C ASP G 156 45.52 -47.81 -63.41
N ILE G 157 45.27 -49.10 -63.15
CA ILE G 157 46.23 -50.18 -63.33
C ILE G 157 45.62 -51.22 -64.25
N LYS G 158 46.42 -51.81 -65.11
CA LYS G 158 45.97 -52.75 -66.12
C LYS G 158 46.41 -54.16 -65.77
N VAL G 159 45.47 -55.11 -65.80
CA VAL G 159 45.73 -56.51 -65.49
C VAL G 159 45.60 -57.33 -66.76
N THR G 160 46.68 -58.01 -67.14
CA THR G 160 46.78 -58.73 -68.41
C THR G 160 47.02 -60.20 -68.15
N VAL G 161 46.20 -61.07 -68.74
CA VAL G 161 46.38 -62.51 -68.68
C VAL G 161 46.17 -63.06 -70.07
N LYS G 162 47.10 -63.87 -70.55
CA LYS G 162 46.97 -64.51 -71.85
C LYS G 162 46.35 -65.89 -71.71
N ALA G 163 45.93 -66.45 -72.83
CA ALA G 163 45.30 -67.77 -72.81
C ALA G 163 46.34 -68.85 -72.58
N SER G 164 46.00 -69.83 -71.74
CA SER G 164 46.89 -70.95 -71.45
C SER G 164 46.07 -72.24 -71.42
N ASN G 165 46.24 -73.06 -72.43
CA ASN G 165 45.51 -74.29 -72.63
C ASN G 165 46.35 -75.17 -73.54
N LYS G 166 45.89 -76.39 -73.81
CA LYS G 166 46.76 -77.31 -74.52
C LYS G 166 46.96 -76.92 -75.98
N SER G 167 46.20 -75.95 -76.48
CA SER G 167 46.33 -75.54 -77.87
C SER G 167 47.32 -74.39 -78.01
N SER G 168 47.30 -73.44 -77.07
CA SER G 168 48.23 -72.33 -77.13
C SER G 168 49.61 -72.71 -76.60
N LEU G 169 49.69 -73.74 -75.76
CA LEU G 169 50.96 -74.23 -75.26
C LEU G 169 51.60 -75.26 -76.18
N SER G 170 50.92 -75.66 -77.25
CA SER G 170 51.44 -76.59 -78.25
C SER G 170 51.74 -77.96 -77.68
N VAL G 171 50.99 -78.42 -76.68
CA VAL G 171 51.16 -79.75 -76.12
C VAL G 171 49.98 -80.66 -76.42
N GLY G 172 49.10 -80.26 -77.34
CA GLY G 172 47.90 -81.02 -77.61
C GLY G 172 48.02 -82.14 -78.62
N SER G 173 49.22 -82.40 -79.15
CA SER G 173 49.42 -83.47 -80.12
C SER G 173 50.81 -84.06 -80.02
N LEU G 174 51.15 -84.65 -78.88
CA LEU G 174 52.50 -85.15 -78.67
C LEU G 174 52.54 -86.66 -78.92
N GLY G 175 53.66 -87.12 -79.46
CA GLY G 175 53.82 -88.52 -79.76
C GLY G 175 55.05 -89.07 -79.08
N ASN G 176 55.12 -90.40 -79.01
CA ASN G 176 56.24 -91.05 -78.36
C ASN G 176 56.64 -92.34 -79.05
N THR G 177 56.19 -92.57 -80.28
CA THR G 177 56.39 -93.86 -80.92
C THR G 177 57.68 -93.93 -81.72
N THR G 178 58.37 -92.80 -81.91
CA THR G 178 59.59 -92.71 -82.69
C THR G 178 60.57 -91.80 -81.96
N SER G 179 61.87 -92.02 -82.20
CA SER G 179 62.91 -91.24 -81.54
C SER G 179 62.75 -89.75 -81.77
N ALA G 180 62.47 -89.34 -83.01
CA ALA G 180 62.30 -87.93 -83.31
C ALA G 180 61.04 -87.37 -82.65
N ALA G 181 60.00 -88.19 -82.53
CA ALA G 181 58.78 -87.74 -81.86
C ALA G 181 59.04 -87.49 -80.38
N ARG G 182 59.85 -88.33 -79.74
CA ARG G 182 60.21 -88.11 -78.35
C ARG G 182 61.03 -86.85 -78.18
N ALA G 183 62.01 -86.62 -79.07
CA ALA G 183 62.80 -85.40 -78.98
C ALA G 183 61.92 -84.16 -79.11
N SER G 184 61.00 -84.19 -80.08
CA SER G 184 60.11 -83.04 -80.29
C SER G 184 59.21 -82.81 -79.09
N SER G 185 58.68 -83.88 -78.50
CA SER G 185 57.81 -83.74 -77.33
C SER G 185 58.57 -83.16 -76.15
N LEU G 186 59.82 -83.60 -75.94
CA LEU G 186 60.62 -83.03 -74.86
C LEU G 186 60.80 -81.53 -75.04
N LYS G 187 61.15 -81.10 -76.25
CA LYS G 187 61.36 -79.66 -76.47
C LYS G 187 60.09 -78.86 -76.23
N LYS G 188 58.94 -79.35 -76.70
CA LYS G 188 57.74 -78.54 -76.50
C LYS G 188 57.26 -78.52 -75.06
N ILE G 189 57.44 -79.62 -74.30
CA ILE G 189 57.09 -79.55 -72.88
C ILE G 189 57.97 -78.54 -72.14
N ASP G 190 59.28 -78.54 -72.43
CA ASP G 190 60.14 -77.56 -71.78
C ASP G 190 59.75 -76.13 -72.13
N ALA G 191 59.40 -75.88 -73.40
CA ALA G 191 58.96 -74.54 -73.79
C ALA G 191 57.69 -74.12 -73.06
N ALA G 192 56.74 -75.05 -72.89
CA ALA G 192 55.50 -74.73 -72.20
C ALA G 192 55.76 -74.35 -70.74
N ILE G 193 56.64 -75.10 -70.08
CA ILE G 193 57.01 -74.74 -68.71
C ILE G 193 57.57 -73.33 -68.65
N LYS G 194 58.42 -72.97 -69.63
CA LYS G 194 58.97 -71.62 -69.66
C LYS G 194 57.89 -70.55 -69.80
N THR G 195 56.92 -70.74 -70.70
CA THR G 195 55.93 -69.68 -70.89
C THR G 195 55.03 -69.51 -69.67
N ILE G 196 54.69 -70.61 -69.00
CA ILE G 196 53.90 -70.46 -67.77
C ILE G 196 54.70 -69.71 -66.70
N ASP G 197 56.01 -70.00 -66.59
CA ASP G 197 56.84 -69.23 -65.66
C ASP G 197 56.77 -67.73 -65.94
N ALA G 198 56.86 -67.34 -67.22
CA ALA G 198 56.83 -65.92 -67.54
C ALA G 198 55.50 -65.27 -67.14
N GLN G 199 54.39 -65.95 -67.43
CA GLN G 199 53.08 -65.41 -67.03
C GLN G 199 52.97 -65.24 -65.51
N ARG G 200 53.44 -66.23 -64.76
CA ARG G 200 53.36 -66.14 -63.31
C ARG G 200 54.22 -65.01 -62.77
N ALA G 201 55.37 -64.77 -63.40
CA ALA G 201 56.22 -63.65 -63.02
C ALA G 201 55.50 -62.32 -63.16
N ASP G 202 54.84 -62.09 -64.30
CA ASP G 202 54.12 -60.83 -64.48
C ASP G 202 52.97 -60.66 -63.50
N LEU G 203 52.23 -61.73 -63.21
CA LEU G 203 51.15 -61.59 -62.23
C LEU G 203 51.68 -61.28 -60.84
N GLY G 204 52.82 -61.87 -60.46
CA GLY G 204 53.41 -61.55 -59.17
C GLY G 204 53.84 -60.11 -59.06
N ALA G 205 54.46 -59.58 -60.12
CA ALA G 205 54.83 -58.17 -60.12
C ALA G 205 53.61 -57.27 -59.95
N ILE G 206 52.50 -57.60 -60.64
CA ILE G 206 51.28 -56.81 -60.49
C ILE G 206 50.79 -56.82 -59.05
N GLN G 207 50.82 -57.98 -58.39
CA GLN G 207 50.34 -58.03 -57.00
C GLN G 207 51.19 -57.19 -56.06
N ASN G 208 52.52 -57.24 -56.22
CA ASN G 208 53.39 -56.40 -55.39
C ASN G 208 53.07 -54.91 -55.58
N ARG G 209 52.93 -54.49 -56.84
CA ARG G 209 52.59 -53.11 -57.14
C ARG G 209 51.28 -52.67 -56.49
N LEU G 210 50.25 -53.53 -56.55
CA LEU G 210 48.97 -53.16 -55.97
C LEU G 210 49.06 -53.06 -54.45
N ALA G 211 49.90 -53.88 -53.82
CA ALA G 211 50.09 -53.77 -52.37
C ALA G 211 50.66 -52.40 -51.99
N HIS G 212 51.75 -51.99 -52.66
CA HIS G 212 52.30 -50.66 -52.40
C HIS G 212 51.28 -49.55 -52.63
N ASN G 213 50.47 -49.68 -53.69
CA ASN G 213 49.53 -48.61 -54.00
C ASN G 213 48.44 -48.49 -52.94
N ILE G 214 47.94 -49.63 -52.43
CA ILE G 214 46.93 -49.57 -51.38
C ILE G 214 47.50 -48.96 -50.11
N SER G 215 48.75 -49.29 -49.77
CA SER G 215 49.37 -48.70 -48.60
C SER G 215 49.45 -47.18 -48.71
N ASN G 216 49.87 -46.68 -49.88
CA ASN G 216 49.97 -45.24 -50.07
C ASN G 216 48.60 -44.57 -50.01
N SER G 217 47.56 -45.23 -50.52
CA SER G 217 46.22 -44.63 -50.46
C SER G 217 45.71 -44.52 -49.04
N ALA G 218 46.00 -45.53 -48.20
CA ALA G 218 45.59 -45.44 -46.80
C ALA G 218 46.27 -44.27 -46.10
N ASN G 219 47.59 -44.11 -46.29
CA ASN G 219 48.29 -42.94 -45.76
C ASN G 219 47.62 -41.65 -46.18
N THR G 220 47.39 -41.49 -47.48
CA THR G 220 46.87 -40.22 -47.98
C THR G 220 45.46 -39.94 -47.47
N GLN G 221 44.64 -40.99 -47.36
CA GLN G 221 43.31 -40.81 -46.80
C GLN G 221 43.36 -40.27 -45.38
N ALA G 222 44.23 -40.84 -44.54
CA ALA G 222 44.37 -40.32 -43.18
C ALA G 222 44.77 -38.84 -43.17
N ASN G 223 45.79 -38.48 -43.96
CA ASN G 223 46.25 -37.09 -43.94
C ASN G 223 45.20 -36.12 -44.48
N VAL G 224 44.46 -36.52 -45.51
CA VAL G 224 43.45 -35.63 -46.08
C VAL G 224 42.25 -35.49 -45.16
N ALA G 225 41.87 -36.55 -44.45
CA ALA G 225 40.78 -36.42 -43.48
C ALA G 225 41.17 -35.51 -42.33
N ASP G 226 42.43 -35.59 -41.86
CA ASP G 226 42.95 -34.61 -40.92
C ASP G 226 42.81 -33.18 -41.45
N ALA G 227 43.25 -32.96 -42.70
CA ALA G 227 43.16 -31.64 -43.30
C ALA G 227 41.74 -31.12 -43.33
N LYS G 228 40.78 -31.97 -43.72
CA LYS G 228 39.38 -31.54 -43.79
C LYS G 228 38.80 -31.25 -42.42
N SER G 229 39.18 -32.06 -41.42
CA SER G 229 38.69 -31.83 -40.07
C SER G 229 39.16 -30.48 -39.54
N ARG G 230 40.38 -30.07 -39.90
CA ARG G 230 40.85 -28.74 -39.47
C ARG G 230 39.97 -27.61 -39.99
N ILE G 231 39.25 -27.84 -41.09
CA ILE G 231 38.45 -26.78 -41.70
C ILE G 231 36.98 -26.85 -41.28
N VAL G 232 36.41 -28.05 -41.18
CA VAL G 232 34.95 -28.20 -41.11
C VAL G 232 34.47 -28.37 -39.67
N ASP G 233 35.20 -29.08 -38.83
CA ASP G 233 34.69 -29.46 -37.52
C ASP G 233 34.75 -28.32 -36.51
N VAL G 234 33.93 -28.44 -35.47
CA VAL G 234 33.83 -27.41 -34.44
C VAL G 234 34.80 -27.73 -33.32
N ASP G 235 35.18 -26.69 -32.59
CA ASP G 235 36.01 -26.81 -31.39
C ASP G 235 35.10 -26.70 -30.17
N PHE G 236 35.04 -27.77 -29.39
CA PHE G 236 34.13 -27.78 -28.24
C PHE G 236 34.61 -26.86 -27.12
N ALA G 237 35.93 -26.81 -26.89
CA ALA G 237 36.47 -25.99 -25.82
C ALA G 237 36.15 -24.51 -26.02
N LYS G 238 36.14 -24.06 -27.28
CA LYS G 238 35.86 -22.67 -27.58
C LYS G 238 34.37 -22.40 -27.61
N GLU G 239 33.60 -23.35 -28.13
CA GLU G 239 32.21 -23.09 -28.42
C GLU G 239 31.38 -23.13 -27.15
N THR G 240 31.75 -24.00 -26.19
CA THR G 240 31.08 -24.01 -24.90
C THR G 240 31.31 -22.71 -24.13
N SER G 241 32.51 -22.14 -24.24
CA SER G 241 32.79 -20.86 -23.61
C SER G 241 31.94 -19.75 -24.19
N GLN G 242 31.83 -19.71 -25.52
CA GLN G 242 30.96 -18.70 -26.14
C GLN G 242 29.51 -18.89 -25.70
N MET G 243 29.05 -20.13 -25.58
CA MET G 243 27.68 -20.38 -25.16
C MET G 243 27.42 -19.84 -23.77
N THR G 244 28.32 -20.11 -22.82
CA THR G 244 28.13 -19.62 -21.46
C THR G 244 28.15 -18.10 -21.38
N LYS G 245 29.05 -17.47 -22.14
CA LYS G 245 29.06 -16.01 -22.17
C LYS G 245 27.72 -15.44 -22.64
N ASN G 246 27.17 -16.01 -23.71
CA ASN G 246 25.90 -15.46 -24.21
C ASN G 246 24.73 -15.75 -23.28
N GLN G 247 24.78 -16.87 -22.55
CA GLN G 247 23.78 -17.13 -21.51
C GLN G 247 23.76 -16.01 -20.47
N VAL G 248 24.94 -15.70 -19.91
CA VAL G 248 24.98 -14.64 -18.90
C VAL G 248 24.52 -13.32 -19.47
N LEU G 249 24.92 -13.00 -20.71
CA LEU G 249 24.48 -11.73 -21.29
C LEU G 249 22.99 -11.69 -21.49
N GLN G 250 22.36 -12.83 -21.82
CA GLN G 250 20.91 -12.85 -21.94
C GLN G 250 20.24 -12.51 -20.62
N GLN G 251 20.71 -13.12 -19.53
CA GLN G 251 20.09 -12.83 -18.23
C GLN G 251 20.27 -11.36 -17.85
N THR G 252 21.46 -10.80 -18.09
CA THR G 252 21.70 -9.40 -17.76
C THR G 252 20.84 -8.47 -18.61
N GLY G 253 20.74 -8.75 -19.91
CA GLY G 253 19.95 -7.88 -20.78
C GLY G 253 18.47 -7.95 -20.47
N SER G 254 17.97 -9.13 -20.10
CA SER G 254 16.59 -9.26 -19.66
C SER G 254 16.32 -8.40 -18.43
N ALA G 255 17.18 -8.51 -17.41
CA ALA G 255 17.02 -7.69 -16.22
C ALA G 255 17.04 -6.20 -16.57
N MET G 256 17.94 -5.80 -17.46
CA MET G 256 18.10 -4.38 -17.75
C MET G 256 16.91 -3.84 -18.54
N LEU G 257 16.35 -4.65 -19.44
CA LEU G 257 15.17 -4.21 -20.18
C LEU G 257 13.95 -4.13 -19.27
N ALA G 258 13.79 -5.09 -18.35
CA ALA G 258 12.68 -5.02 -17.41
C ALA G 258 12.79 -3.79 -16.53
N GLN G 259 14.01 -3.41 -16.14
CA GLN G 259 14.18 -2.18 -15.37
C GLN G 259 13.99 -0.94 -16.23
N ALA G 260 14.26 -1.04 -17.54
CA ALA G 260 14.12 0.12 -18.40
C ALA G 260 12.66 0.45 -18.69
N ASN G 261 11.80 -0.57 -18.76
CA ASN G 261 10.38 -0.28 -19.02
C ASN G 261 9.66 0.42 -17.86
N GLN G 262 10.32 0.69 -16.74
CA GLN G 262 9.67 1.37 -15.62
C GLN G 262 10.04 2.84 -15.51
N LEU G 263 10.65 3.43 -16.54
CA LEU G 263 11.07 4.83 -16.45
C LEU G 263 9.93 5.85 -16.57
N PRO G 264 8.88 5.65 -17.37
CA PRO G 264 7.82 6.66 -17.45
C PRO G 264 7.02 6.85 -16.17
N GLN G 265 7.37 6.17 -15.07
CA GLN G 265 6.60 6.31 -13.85
C GLN G 265 7.05 7.46 -12.97
N VAL G 266 8.05 8.24 -13.38
CA VAL G 266 8.43 9.43 -12.63
C VAL G 266 7.38 10.52 -12.82
N ALA G 267 6.70 10.49 -13.97
CA ALA G 267 5.67 11.49 -14.24
C ALA G 267 4.52 11.38 -13.26
N LEU G 268 4.12 10.17 -12.90
CA LEU G 268 3.07 9.99 -11.90
C LEU G 268 3.46 10.62 -10.57
N SER G 269 4.76 10.58 -10.23
CA SER G 269 5.22 11.27 -9.04
C SER G 269 5.09 12.78 -9.18
N LEU G 270 5.49 13.32 -10.33
CA LEU G 270 5.33 14.77 -10.52
C LEU G 270 3.86 15.16 -10.60
N LEU G 271 3.00 14.22 -10.93
CA LEU G 271 1.61 14.54 -11.22
C LEU G 271 0.74 14.41 -9.98
N ALA H 1 -13.03 60.36 -9.08
CA ALA H 1 -14.49 60.41 -9.13
C ALA H 1 -15.11 59.17 -8.53
N ILE H 2 -16.33 59.30 -8.03
CA ILE H 2 -17.10 58.19 -7.51
C ILE H 2 -18.28 58.00 -8.44
N THR H 3 -18.20 56.99 -9.31
CA THR H 3 -19.20 56.77 -10.34
C THR H 3 -19.80 55.38 -10.21
N VAL H 4 -21.01 55.23 -10.73
CA VAL H 4 -21.74 53.98 -10.64
C VAL H 4 -21.93 53.33 -12.01
N ASN H 5 -21.92 54.13 -13.07
CA ASN H 5 -22.36 53.64 -14.37
C ASN H 5 -21.27 52.89 -15.14
N THR H 6 -20.00 53.08 -14.78
CA THR H 6 -18.90 52.43 -15.47
C THR H 6 -17.86 52.02 -14.44
N ASN H 7 -17.30 50.83 -14.60
CA ASN H 7 -16.34 50.29 -13.64
C ASN H 7 -15.20 49.70 -14.45
N VAL H 8 -14.04 50.36 -14.41
CA VAL H 8 -12.93 49.98 -15.29
C VAL H 8 -12.05 48.93 -14.63
N THR H 9 -11.92 49.00 -13.31
CA THR H 9 -11.17 47.99 -12.57
C THR H 9 -11.75 46.61 -12.81
N SER H 10 -13.07 46.51 -12.88
CA SER H 10 -13.72 45.24 -13.14
C SER H 10 -13.39 44.74 -14.54
N LEU H 11 -13.37 45.63 -15.53
CA LEU H 11 -13.03 45.23 -16.89
C LEU H 11 -11.62 44.65 -16.97
N LYS H 12 -10.67 45.32 -16.32
CA LYS H 12 -9.30 44.84 -16.35
C LYS H 12 -9.13 43.52 -15.60
N ALA H 13 -9.82 43.38 -14.47
CA ALA H 13 -9.79 42.12 -13.73
C ALA H 13 -10.37 40.98 -14.56
N GLN H 14 -11.46 41.25 -15.28
CA GLN H 14 -12.05 40.25 -16.16
C GLN H 14 -11.03 39.78 -17.20
N LYS H 15 -10.31 40.72 -17.81
CA LYS H 15 -9.38 40.32 -18.86
C LYS H 15 -8.23 39.48 -18.29
N ASN H 16 -7.70 39.87 -17.12
CA ASN H 16 -6.63 39.06 -16.52
C ASN H 16 -7.13 37.65 -16.18
N LEU H 17 -8.33 37.55 -15.61
CA LEU H 17 -8.87 36.24 -15.23
C LEU H 17 -9.07 35.35 -16.45
N ASN H 18 -9.52 35.94 -17.56
CA ASN H 18 -9.68 35.16 -18.79
C ASN H 18 -8.34 34.66 -19.32
N THR H 19 -7.31 35.51 -19.28
CA THR H 19 -5.99 35.08 -19.74
C THR H 19 -5.49 33.90 -18.92
N SER H 20 -5.63 33.98 -17.60
CA SER H 20 -5.18 32.89 -16.74
C SER H 20 -5.94 31.59 -17.03
N ALA H 21 -7.26 31.68 -17.22
CA ALA H 21 -8.05 30.48 -17.50
C ALA H 21 -7.63 29.83 -18.81
N SER H 22 -7.38 30.64 -19.84
CA SER H 22 -6.93 30.08 -21.11
C SER H 22 -5.59 29.36 -20.96
N ASP H 23 -4.64 29.96 -20.25
CA ASP H 23 -3.35 29.30 -20.05
C ASP H 23 -3.50 27.97 -19.32
N LEU H 24 -4.36 27.93 -18.30
CA LEU H 24 -4.55 26.70 -17.55
C LEU H 24 -5.15 25.60 -18.42
N ALA H 25 -6.15 25.95 -19.24
CA ALA H 25 -6.75 24.97 -20.14
C ALA H 25 -5.71 24.39 -21.11
N THR H 26 -4.86 25.26 -21.67
CA THR H 26 -3.81 24.79 -22.57
C THR H 26 -2.89 23.78 -21.88
N SER H 27 -2.46 24.11 -20.67
CA SER H 27 -1.57 23.20 -19.92
C SER H 27 -2.25 21.86 -19.64
N MET H 28 -3.53 21.91 -19.25
CA MET H 28 -4.28 20.68 -18.97
C MET H 28 -4.32 19.77 -20.20
N GLU H 29 -4.61 20.36 -21.37
CA GLU H 29 -4.61 19.61 -22.61
C GLU H 29 -3.26 18.96 -22.89
N ARG H 30 -2.18 19.72 -22.71
CA ARG H 30 -0.85 19.20 -23.00
C ARG H 30 -0.48 18.04 -22.08
N LEU H 31 -0.87 18.13 -20.79
CA LEU H 31 -0.60 17.02 -19.88
C LEU H 31 -1.47 15.80 -20.19
N SER H 32 -2.70 16.02 -20.64
CA SER H 32 -3.56 14.89 -20.95
C SER H 32 -3.10 14.15 -22.20
N SER H 33 -2.56 14.87 -23.18
CA SER H 33 -2.18 14.26 -24.44
C SER H 33 -0.79 13.62 -24.39
N GLY H 34 0.16 14.28 -23.73
CA GLY H 34 1.54 13.86 -23.74
C GLY H 34 2.38 14.46 -24.84
N LEU H 35 1.84 15.42 -25.59
CA LEU H 35 2.51 16.02 -26.73
C LEU H 35 2.59 17.53 -26.55
N ARG H 36 3.69 18.12 -27.02
CA ARG H 36 3.82 19.56 -26.98
C ARG H 36 3.09 20.23 -28.14
N ILE H 37 3.09 19.60 -29.29
CA ILE H 37 2.49 20.16 -30.50
C ILE H 37 1.19 19.40 -30.76
N ASN H 38 0.06 20.01 -30.42
CA ASN H 38 -1.24 19.44 -30.73
C ASN H 38 -1.88 20.04 -31.96
N SER H 39 -1.40 21.18 -32.43
CA SER H 39 -1.93 21.85 -33.60
C SER H 39 -0.80 22.63 -34.25
N ALA H 40 -1.13 23.36 -35.31
CA ALA H 40 -0.13 24.25 -35.90
C ALA H 40 -0.10 25.62 -35.22
N LYS H 41 -1.09 25.91 -34.39
CA LYS H 41 -1.01 27.03 -33.46
C LYS H 41 0.25 26.98 -32.61
N ASP H 42 0.74 25.79 -32.32
CA ASP H 42 1.83 25.58 -31.36
C ASP H 42 3.19 25.80 -32.01
N ASP H 43 3.53 25.01 -33.02
CA ASP H 43 4.80 25.12 -33.71
C ASP H 43 4.60 24.58 -35.12
N ALA H 44 4.75 25.45 -36.13
CA ALA H 44 4.37 25.07 -37.48
C ALA H 44 5.51 24.37 -38.21
N ALA H 45 6.73 24.87 -38.06
CA ALA H 45 7.87 24.22 -38.71
C ALA H 45 8.21 22.88 -38.07
N GLY H 46 8.06 22.79 -36.75
CA GLY H 46 8.26 21.53 -36.07
C GLY H 46 7.25 20.47 -36.47
N LEU H 47 6.03 20.89 -36.79
CA LEU H 47 5.02 19.96 -37.28
C LEU H 47 5.48 19.26 -38.56
N ALA H 48 5.99 20.03 -39.52
CA ALA H 48 6.42 19.43 -40.79
C ALA H 48 7.69 18.61 -40.62
N ILE H 49 8.65 19.12 -39.82
CA ILE H 49 9.86 18.35 -39.58
C ILE H 49 9.51 17.01 -38.94
N SER H 50 8.55 17.01 -38.01
CA SER H 50 8.17 15.79 -37.32
C SER H 50 7.36 14.86 -38.21
N ASN H 51 6.56 15.40 -39.14
CA ASN H 51 5.91 14.55 -40.12
C ASN H 51 6.94 13.81 -40.97
N ARG H 52 8.00 14.48 -41.40
CA ARG H 52 9.02 13.81 -42.19
C ARG H 52 9.79 12.77 -41.37
N LEU H 53 10.12 13.10 -40.12
CA LEU H 53 10.82 12.11 -39.28
C LEU H 53 9.92 10.91 -39.01
N ASN H 54 8.61 11.14 -38.90
CA ASN H 54 7.67 10.05 -38.68
C ASN H 54 7.61 9.12 -39.89
N SER H 55 7.56 9.70 -41.10
CA SER H 55 7.65 8.89 -42.31
C SER H 55 8.92 8.04 -42.31
N GLN H 56 10.04 8.61 -41.89
CA GLN H 56 11.30 7.85 -41.89
C GLN H 56 11.25 6.68 -40.91
N VAL H 57 10.75 6.91 -39.69
CA VAL H 57 10.69 5.84 -38.70
C VAL H 57 9.82 4.68 -39.21
N ARG H 58 8.64 5.03 -39.72
CA ARG H 58 7.70 4.01 -40.16
C ARG H 58 8.24 3.24 -41.38
N GLY H 59 8.89 3.95 -42.29
CA GLY H 59 9.49 3.29 -43.44
C GLY H 59 10.61 2.35 -43.07
N LEU H 60 11.44 2.73 -42.08
CA LEU H 60 12.50 1.83 -41.64
C LEU H 60 11.92 0.55 -41.02
N GLU H 61 10.82 0.68 -40.29
CA GLU H 61 10.17 -0.52 -39.75
C GLU H 61 9.75 -1.48 -40.87
N VAL H 62 9.04 -0.95 -41.87
CA VAL H 62 8.60 -1.82 -42.97
C VAL H 62 9.78 -2.38 -43.76
N GLY H 63 10.86 -1.59 -43.89
CA GLY H 63 12.01 -2.06 -44.63
C GLY H 63 12.73 -3.22 -43.96
N MET H 64 12.81 -3.19 -42.63
CA MET H 64 13.36 -4.34 -41.91
C MET H 64 12.49 -5.58 -42.10
N ARG H 65 11.17 -5.38 -42.17
CA ARG H 65 10.31 -6.54 -42.47
C ARG H 65 10.65 -7.13 -43.84
N ASN H 66 10.80 -6.27 -44.87
CA ASN H 66 11.17 -6.77 -46.21
C ASN H 66 12.53 -7.47 -46.20
N ALA H 67 13.49 -6.93 -45.45
CA ALA H 67 14.80 -7.55 -45.39
C ALA H 67 14.75 -8.95 -44.79
N ASN H 68 13.90 -9.13 -43.78
CA ASN H 68 13.79 -10.45 -43.19
C ASN H 68 13.10 -11.43 -44.16
N ASP H 69 12.17 -10.94 -44.96
CA ASP H 69 11.60 -11.75 -46.04
C ASP H 69 12.66 -12.23 -47.02
N ALA H 70 13.57 -11.33 -47.43
CA ALA H 70 14.65 -11.72 -48.33
C ALA H 70 15.55 -12.78 -47.70
N ILE H 71 15.88 -12.62 -46.42
CA ILE H 71 16.71 -13.61 -45.74
C ILE H 71 16.02 -14.97 -45.74
N SER H 72 14.70 -14.99 -45.53
CA SER H 72 13.95 -16.24 -45.55
C SER H 72 14.06 -16.94 -46.90
N ILE H 73 13.83 -16.21 -47.99
CA ILE H 73 13.90 -16.80 -49.32
C ILE H 73 15.29 -17.40 -49.57
N ALA H 74 16.33 -16.62 -49.29
CA ALA H 74 17.69 -17.09 -49.55
C ALA H 74 18.02 -18.32 -48.72
N GLN H 75 17.54 -18.37 -47.49
CA GLN H 75 17.82 -19.48 -46.60
C GLN H 75 17.16 -20.77 -47.08
N ILE H 76 15.92 -20.69 -47.56
CA ILE H 76 15.25 -21.87 -48.12
C ILE H 76 15.99 -22.40 -49.33
N ALA H 77 16.33 -21.53 -50.29
CA ALA H 77 17.01 -22.01 -51.49
C ALA H 77 18.38 -22.60 -51.18
N GLU H 78 19.15 -21.93 -50.33
CA GLU H 78 20.46 -22.41 -49.96
C GLU H 78 20.38 -23.76 -49.26
N GLY H 79 19.35 -23.98 -48.43
CA GLY H 79 19.21 -25.28 -47.80
C GLY H 79 18.81 -26.38 -48.78
N ALA H 80 18.03 -26.02 -49.81
CA ALA H 80 17.67 -27.01 -50.83
C ALA H 80 18.88 -27.50 -51.60
N MET H 81 19.87 -26.64 -51.86
CA MET H 81 21.01 -27.06 -52.69
C MET H 81 21.94 -28.08 -52.01
N GLN H 82 21.86 -28.24 -50.69
CA GLN H 82 22.75 -29.15 -49.97
C GLN H 82 22.45 -30.62 -50.28
N GLU H 83 21.18 -31.00 -50.36
CA GLU H 83 20.83 -32.36 -50.71
C GLU H 83 21.23 -32.70 -52.14
N GLN H 84 21.18 -31.71 -53.03
CA GLN H 84 21.64 -31.90 -54.40
C GLN H 84 23.13 -32.20 -54.43
N THR H 85 23.92 -31.41 -53.68
CA THR H 85 25.35 -31.71 -53.54
C THR H 85 25.58 -33.13 -53.02
N ASN H 86 24.82 -33.54 -52.02
CA ASN H 86 24.98 -34.85 -51.41
C ASN H 86 24.74 -35.97 -52.42
N MET H 87 23.67 -35.85 -53.20
CA MET H 87 23.36 -36.86 -54.20
C MET H 87 24.40 -36.89 -55.31
N LEU H 88 24.94 -35.73 -55.70
CA LEU H 88 26.01 -35.74 -56.70
C LEU H 88 27.25 -36.46 -56.20
N GLN H 89 27.60 -36.29 -54.92
CA GLN H 89 28.72 -37.06 -54.36
C GLN H 89 28.46 -38.56 -54.45
N ARG H 90 27.23 -38.98 -54.16
CA ARG H 90 26.90 -40.40 -54.28
C ARG H 90 27.06 -40.90 -55.72
N MET H 91 26.58 -40.13 -56.70
CA MET H 91 26.75 -40.52 -58.10
C MET H 91 28.22 -40.60 -58.50
N ARG H 92 29.04 -39.69 -57.97
CA ARG H 92 30.48 -39.77 -58.23
C ARG H 92 31.07 -41.09 -57.74
N ASP H 93 30.67 -41.54 -56.55
CA ASP H 93 31.15 -42.83 -56.06
C ASP H 93 30.69 -43.98 -56.95
N LEU H 94 29.43 -43.95 -57.40
CA LEU H 94 28.93 -44.99 -58.28
C LEU H 94 29.70 -45.02 -59.61
N THR H 95 30.05 -43.84 -60.12
CA THR H 95 30.81 -43.79 -61.38
C THR H 95 32.23 -44.32 -61.20
N VAL H 96 32.88 -44.00 -60.08
CA VAL H 96 34.20 -44.57 -59.83
C VAL H 96 34.11 -46.08 -59.69
N GLN H 97 33.02 -46.58 -59.10
CA GLN H 97 32.85 -48.02 -58.96
C GLN H 97 32.60 -48.72 -60.29
N SER H 98 32.06 -48.01 -61.27
CA SER H 98 31.86 -48.61 -62.60
C SER H 98 33.16 -48.96 -63.31
N GLU H 99 34.28 -48.34 -62.93
CA GLU H 99 35.57 -48.58 -63.58
C GLU H 99 36.32 -49.74 -62.94
N ASN H 100 35.77 -50.94 -63.03
CA ASN H 100 36.29 -52.11 -62.34
C ASN H 100 36.25 -53.28 -63.31
N GLY H 101 37.43 -53.80 -63.67
CA GLY H 101 37.50 -54.85 -64.68
C GLY H 101 36.91 -56.18 -64.25
N ALA H 102 36.18 -56.21 -63.14
CA ALA H 102 35.48 -57.41 -62.71
C ALA H 102 33.98 -57.26 -62.80
N ASN H 103 33.49 -56.06 -63.07
CA ASN H 103 32.06 -55.86 -63.29
C ASN H 103 31.64 -56.50 -64.61
N SER H 104 30.39 -56.95 -64.66
CA SER H 104 29.78 -57.44 -65.87
C SER H 104 28.60 -56.53 -66.22
N SER H 105 27.86 -56.89 -67.28
CA SER H 105 26.80 -56.01 -67.76
C SER H 105 25.66 -55.88 -66.76
N ALA H 106 25.40 -56.93 -65.98
CA ALA H 106 24.34 -56.87 -64.98
C ALA H 106 24.72 -55.93 -63.83
N ASP H 107 25.97 -55.98 -63.39
CA ASP H 107 26.43 -55.07 -62.34
C ASP H 107 26.42 -53.64 -62.82
N LEU H 108 26.83 -53.41 -64.07
CA LEU H 108 26.78 -52.07 -64.64
C LEU H 108 25.35 -51.55 -64.72
N SER H 109 24.40 -52.44 -65.04
CA SER H 109 23.00 -52.04 -65.09
C SER H 109 22.48 -51.68 -63.70
N ALA H 110 22.90 -52.41 -62.67
CA ALA H 110 22.49 -52.06 -61.31
C ALA H 110 23.03 -50.69 -60.90
N LEU H 111 24.33 -50.47 -61.12
CA LEU H 111 24.93 -49.16 -60.84
C LEU H 111 24.19 -48.05 -61.56
N LYS H 112 23.87 -48.25 -62.84
CA LYS H 112 23.22 -47.18 -63.59
C LYS H 112 21.77 -46.96 -63.16
N ALA H 113 21.07 -48.01 -62.74
CA ALA H 113 19.72 -47.82 -62.22
C ALA H 113 19.72 -46.91 -60.99
N GLU H 114 20.70 -47.10 -60.11
CA GLU H 114 20.74 -46.17 -58.97
C GLU H 114 21.13 -44.75 -59.39
N MET H 115 22.05 -44.61 -60.36
CA MET H 115 22.36 -43.28 -60.87
C MET H 115 21.11 -42.57 -61.40
N ASP H 116 20.27 -43.29 -62.15
CA ASP H 116 19.06 -42.67 -62.70
C ASP H 116 18.11 -42.24 -61.61
N GLN H 117 17.93 -43.07 -60.58
CA GLN H 117 17.06 -42.62 -59.48
C GLN H 117 17.59 -41.37 -58.79
N LEU H 118 18.91 -41.27 -58.63
CA LEU H 118 19.46 -40.06 -58.02
C LEU H 118 19.27 -38.83 -58.89
N ALA H 119 19.40 -38.98 -60.21
CA ALA H 119 19.16 -37.85 -61.09
C ALA H 119 17.69 -37.42 -61.07
N ASN H 120 16.78 -38.38 -60.96
CA ASN H 120 15.36 -38.05 -60.80
C ASN H 120 15.11 -37.26 -59.52
N GLU H 121 15.75 -37.63 -58.42
CA GLU H 121 15.55 -36.86 -57.20
C GLU H 121 16.17 -35.47 -57.27
N ILE H 122 17.31 -35.31 -57.96
CA ILE H 122 17.85 -33.97 -58.19
C ILE H 122 16.86 -33.11 -58.96
N ASP H 123 16.24 -33.69 -60.00
CA ASP H 123 15.23 -32.93 -60.75
C ASP H 123 14.02 -32.59 -59.90
N GLU H 124 13.57 -33.53 -59.07
CA GLU H 124 12.42 -33.26 -58.22
C GLU H 124 12.68 -32.11 -57.25
N ILE H 125 13.84 -32.12 -56.59
CA ILE H 125 14.17 -31.00 -55.71
C ILE H 125 14.24 -29.70 -56.51
N GLY H 126 14.73 -29.77 -57.75
CA GLY H 126 14.78 -28.57 -58.56
C GLY H 126 13.42 -27.97 -58.87
N LYS H 127 12.42 -28.82 -59.13
CA LYS H 127 11.10 -28.29 -59.48
C LYS H 127 10.17 -28.10 -58.30
N THR H 128 10.51 -28.62 -57.12
CA THR H 128 9.54 -28.69 -56.03
C THR H 128 9.72 -27.56 -55.01
N THR H 129 10.94 -27.06 -54.84
CA THR H 129 11.24 -26.08 -53.80
C THR H 129 10.45 -24.79 -54.00
N ALA H 130 9.80 -24.32 -52.94
CA ALA H 130 8.90 -23.18 -53.03
C ALA H 130 8.91 -22.37 -51.75
N PHE H 131 8.44 -21.13 -51.86
CA PHE H 131 8.09 -20.28 -50.74
C PHE H 131 6.58 -20.11 -50.79
N GLY H 132 5.87 -20.96 -50.07
CA GLY H 132 4.43 -21.01 -50.19
C GLY H 132 4.03 -21.63 -51.51
N THR H 133 3.77 -20.81 -52.51
CA THR H 133 3.41 -21.32 -53.83
C THR H 133 4.31 -20.80 -54.95
N THR H 134 5.31 -19.96 -54.68
CA THR H 134 6.19 -19.47 -55.72
C THR H 134 7.45 -20.33 -55.77
N LYS H 135 7.83 -20.76 -56.97
CA LYS H 135 8.97 -21.63 -57.13
C LYS H 135 10.26 -20.82 -57.07
N LEU H 136 11.31 -21.44 -56.52
CA LEU H 136 12.58 -20.75 -56.30
C LEU H 136 13.71 -21.26 -57.19
N LEU H 137 13.78 -22.55 -57.47
CA LEU H 137 14.90 -23.09 -58.22
C LEU H 137 14.56 -23.44 -59.66
N ALA H 138 13.50 -22.85 -60.23
CA ALA H 138 13.08 -23.22 -61.57
C ALA H 138 13.44 -22.18 -62.62
N GLY H 139 13.91 -21.01 -62.20
CA GLY H 139 14.28 -19.95 -63.13
C GLY H 139 13.50 -18.67 -62.97
N GLY H 140 12.63 -18.54 -61.96
CA GLY H 140 11.87 -17.32 -61.78
C GLY H 140 12.65 -16.21 -61.12
N PHE H 141 13.76 -16.52 -60.47
CA PHE H 141 14.66 -15.53 -59.88
C PHE H 141 15.95 -15.38 -60.66
N SER H 142 16.01 -15.91 -61.89
CA SER H 142 17.24 -15.87 -62.66
C SER H 142 17.69 -14.44 -62.93
N ALA H 143 16.74 -13.56 -63.28
CA ALA H 143 16.91 -12.13 -63.11
C ALA H 143 16.29 -11.76 -61.79
N GLY H 144 17.08 -11.22 -60.87
CA GLY H 144 16.66 -11.16 -59.49
C GLY H 144 15.44 -10.31 -59.26
N LYS H 145 14.88 -10.44 -58.05
CA LYS H 145 13.79 -9.60 -57.58
C LYS H 145 14.31 -8.62 -56.55
N ASN H 146 13.70 -7.45 -56.49
CA ASN H 146 14.13 -6.41 -55.56
C ASN H 146 13.25 -6.38 -54.32
N PHE H 147 13.89 -6.14 -53.18
CA PHE H 147 13.21 -5.90 -51.91
C PHE H 147 13.62 -4.51 -51.46
N GLN H 148 12.66 -3.63 -51.22
CA GLN H 148 13.00 -2.30 -50.74
C GLN H 148 13.27 -2.36 -49.25
N VAL H 149 14.53 -2.15 -48.87
CA VAL H 149 14.95 -2.31 -47.48
C VAL H 149 15.10 -0.99 -46.76
N GLY H 150 14.75 0.13 -47.39
CA GLY H 150 14.79 1.42 -46.76
C GLY H 150 13.46 2.15 -46.85
N ALA H 151 13.48 3.41 -46.44
CA ALA H 151 12.28 4.22 -46.43
C ALA H 151 12.05 4.96 -47.73
N GLN H 152 13.08 5.18 -48.53
CA GLN H 152 12.99 5.94 -49.75
C GLN H 152 13.11 5.04 -50.97
N ASP H 153 12.63 5.55 -52.10
CA ASP H 153 12.64 4.79 -53.34
C ASP H 153 14.06 4.61 -53.86
N GLY H 154 14.36 3.39 -54.30
CA GLY H 154 15.67 3.08 -54.84
C GLY H 154 16.62 2.44 -53.86
N GLU H 155 16.26 2.40 -52.58
CA GLU H 155 17.09 1.78 -51.54
C GLU H 155 16.65 0.34 -51.38
N ASP H 156 17.29 -0.55 -52.13
CA ASP H 156 16.82 -1.92 -52.25
C ASP H 156 17.93 -2.87 -52.63
N ILE H 157 17.67 -4.17 -52.39
CA ILE H 157 18.64 -5.24 -52.57
C ILE H 157 18.03 -6.27 -53.50
N LYS H 158 18.85 -6.86 -54.35
CA LYS H 158 18.40 -7.80 -55.37
C LYS H 158 18.83 -9.21 -55.02
N VAL H 159 17.90 -10.15 -55.07
CA VAL H 159 18.15 -11.56 -54.77
C VAL H 159 18.03 -12.37 -56.05
N THR H 160 19.11 -13.05 -56.42
CA THR H 160 19.21 -13.76 -57.70
C THR H 160 19.45 -15.23 -57.44
N VAL H 161 18.63 -16.09 -58.05
CA VAL H 161 18.80 -17.54 -57.99
C VAL H 161 18.61 -18.08 -59.40
N LYS H 162 19.54 -18.89 -59.86
CA LYS H 162 19.43 -19.51 -61.17
C LYS H 162 18.81 -20.91 -61.05
N ALA H 163 18.39 -21.46 -62.17
CA ALA H 163 17.77 -22.77 -62.17
C ALA H 163 18.80 -23.86 -61.94
N SER H 164 18.45 -24.84 -61.10
CA SER H 164 19.33 -25.97 -60.82
C SER H 164 18.50 -27.24 -60.80
N ASN H 165 18.69 -28.06 -61.82
CA ASN H 165 17.95 -29.30 -62.03
C ASN H 165 18.81 -30.16 -62.93
N LYS H 166 18.34 -31.39 -63.22
CA LYS H 166 19.22 -32.31 -63.93
C LYS H 166 19.43 -31.90 -65.38
N SER H 167 18.68 -30.93 -65.88
CA SER H 167 18.83 -30.51 -67.26
C SER H 167 19.82 -29.36 -67.39
N SER H 168 19.79 -28.43 -66.45
CA SER H 168 20.73 -27.31 -66.49
C SER H 168 22.09 -27.69 -65.95
N LEU H 169 22.17 -28.72 -65.12
CA LEU H 169 23.43 -29.22 -64.60
C LEU H 169 24.08 -30.24 -65.53
N SER H 170 23.41 -30.64 -66.61
CA SER H 170 23.93 -31.56 -67.62
C SER H 170 24.23 -32.95 -67.05
N VAL H 171 23.46 -33.40 -66.05
CA VAL H 171 23.63 -34.74 -65.50
C VAL H 171 22.45 -35.64 -65.82
N GLY H 172 21.59 -35.24 -66.74
CA GLY H 172 20.38 -35.99 -67.04
C GLY H 172 20.51 -37.11 -68.06
N SER H 173 21.72 -37.36 -68.56
CA SER H 173 21.92 -38.42 -69.55
C SER H 173 23.32 -39.02 -69.44
N LEU H 174 23.64 -39.62 -68.30
CA LEU H 174 24.98 -40.13 -68.07
C LEU H 174 25.02 -41.62 -68.34
N GLY H 175 26.14 -42.09 -68.87
CA GLY H 175 26.31 -43.50 -69.17
C GLY H 175 27.54 -44.05 -68.48
N ASN H 176 27.59 -45.37 -68.42
CA ASN H 176 28.72 -46.04 -67.77
C ASN H 176 29.11 -47.32 -68.46
N THR H 177 28.67 -47.55 -69.70
CA THR H 177 28.88 -48.83 -70.34
C THR H 177 30.19 -48.89 -71.12
N THR H 178 30.86 -47.76 -71.30
CA THR H 178 32.10 -47.68 -72.07
C THR H 178 33.07 -46.77 -71.32
N SER H 179 34.37 -46.99 -71.55
CA SER H 179 35.41 -46.23 -70.89
C SER H 179 35.25 -44.72 -71.10
N ALA H 180 34.99 -44.31 -72.35
CA ALA H 180 34.82 -42.89 -72.64
C ALA H 180 33.56 -42.34 -71.99
N ALA H 181 32.51 -43.16 -71.87
CA ALA H 181 31.30 -42.70 -71.21
C ALA H 181 31.53 -42.46 -69.73
N ARG H 182 32.34 -43.31 -69.08
CA ARG H 182 32.68 -43.10 -67.69
C ARG H 182 33.50 -41.84 -67.51
N ALA H 183 34.49 -41.61 -68.38
CA ALA H 183 35.29 -40.39 -68.28
C ALA H 183 34.41 -39.15 -68.41
N SER H 184 33.49 -39.17 -69.39
CA SER H 184 32.62 -38.03 -69.60
C SER H 184 31.70 -37.80 -68.41
N SER H 185 31.17 -38.87 -67.83
CA SER H 185 30.28 -38.73 -66.67
C SER H 185 31.04 -38.16 -65.48
N LEU H 186 32.28 -38.60 -65.26
CA LEU H 186 33.06 -38.05 -64.17
C LEU H 186 33.25 -36.55 -64.33
N LYS H 187 33.62 -36.11 -65.55
CA LYS H 187 33.83 -34.68 -65.75
C LYS H 187 32.57 -33.87 -65.52
N LYS H 188 31.42 -34.35 -66.01
CA LYS H 188 30.21 -33.55 -65.82
C LYS H 188 29.72 -33.54 -64.37
N ILE H 189 29.89 -34.63 -63.62
CA ILE H 189 29.53 -34.57 -62.21
C ILE H 189 30.40 -33.58 -61.45
N ASP H 190 31.71 -33.56 -61.73
CA ASP H 190 32.57 -32.60 -61.06
C ASP H 190 32.18 -31.16 -61.41
N ALA H 191 31.84 -30.90 -62.67
CA ALA H 191 31.42 -29.56 -63.06
C ALA H 191 30.14 -29.15 -62.34
N ALA H 192 29.19 -30.07 -62.19
CA ALA H 192 27.94 -29.75 -61.50
C ALA H 192 28.19 -29.39 -60.04
N ILE H 193 29.07 -30.14 -59.37
CA ILE H 193 29.42 -29.80 -58.00
C ILE H 193 29.98 -28.38 -57.93
N LYS H 194 30.83 -28.03 -58.89
CA LYS H 194 31.40 -26.66 -58.91
C LYS H 194 30.32 -25.59 -59.05
N THR H 195 29.35 -25.77 -59.96
CA THR H 195 28.37 -24.71 -60.16
C THR H 195 27.47 -24.54 -58.95
N ILE H 196 27.10 -25.65 -58.29
CA ILE H 196 26.31 -25.51 -57.07
C ILE H 196 27.11 -24.78 -55.99
N ASP H 197 28.41 -25.06 -55.86
CA ASP H 197 29.22 -24.30 -54.91
C ASP H 197 29.16 -22.81 -55.19
N ALA H 198 29.27 -22.40 -56.46
CA ALA H 198 29.24 -20.97 -56.77
C ALA H 198 27.90 -20.33 -56.38
N GLN H 199 26.79 -21.01 -56.69
CA GLN H 199 25.49 -20.46 -56.30
C GLN H 199 25.37 -20.31 -54.79
N ARG H 200 25.82 -21.31 -54.03
CA ARG H 200 25.73 -21.22 -52.57
C ARG H 200 26.59 -20.10 -52.03
N ALA H 201 27.75 -19.85 -52.65
CA ALA H 201 28.59 -18.74 -52.25
C ALA H 201 27.87 -17.40 -52.38
N ASP H 202 27.24 -17.17 -53.54
CA ASP H 202 26.52 -15.90 -53.71
C ASP H 202 25.36 -15.74 -52.73
N LEU H 203 24.61 -16.80 -52.46
CA LEU H 203 23.52 -16.66 -51.50
C LEU H 203 24.04 -16.37 -50.09
N GLY H 204 25.16 -16.97 -49.71
CA GLY H 204 25.74 -16.66 -48.41
C GLY H 204 26.18 -15.21 -48.28
N ALA H 205 26.81 -14.68 -49.33
CA ALA H 205 27.18 -13.27 -49.32
C ALA H 205 25.96 -12.38 -49.16
N ILE H 206 24.87 -12.69 -49.86
CA ILE H 206 23.64 -11.91 -49.71
C ILE H 206 23.14 -11.92 -48.28
N GLN H 207 23.17 -13.09 -47.62
CA GLN H 207 22.66 -13.14 -46.26
C GLN H 207 23.51 -12.31 -45.29
N ASN H 208 24.83 -12.36 -45.43
CA ASN H 208 25.70 -11.53 -44.60
C ASN H 208 25.39 -10.04 -44.78
N ARG H 209 25.26 -9.62 -46.04
CA ARG H 209 24.92 -8.23 -46.34
C ARG H 209 23.61 -7.80 -45.69
N LEU H 210 22.58 -8.65 -45.78
CA LEU H 210 21.29 -8.27 -45.19
C LEU H 210 21.37 -8.19 -43.67
N ALA H 211 22.19 -9.01 -43.03
CA ALA H 211 22.37 -8.91 -41.59
C ALA H 211 22.95 -7.55 -41.20
N HIS H 212 24.04 -7.14 -41.85
CA HIS H 212 24.59 -5.81 -41.57
C HIS H 212 23.58 -4.69 -41.81
N ASN H 213 22.78 -4.81 -42.88
CA ASN H 213 21.84 -3.75 -43.20
C ASN H 213 20.74 -3.63 -42.14
N ILE H 214 20.24 -4.77 -41.64
CA ILE H 214 19.21 -4.71 -40.61
C ILE H 214 19.77 -4.11 -39.32
N SER H 215 21.01 -4.45 -38.98
CA SER H 215 21.64 -3.86 -37.79
C SER H 215 21.71 -2.34 -37.90
N ASN H 216 22.16 -1.84 -39.05
CA ASN H 216 22.26 -0.40 -39.24
C ASN H 216 20.88 0.28 -39.18
N SER H 217 19.85 -0.38 -39.71
CA SER H 217 18.51 0.22 -39.66
C SER H 217 17.99 0.31 -38.24
N ALA H 218 18.26 -0.69 -37.41
CA ALA H 218 17.84 -0.61 -36.01
C ALA H 218 18.52 0.55 -35.29
N ASN H 219 19.83 0.70 -35.48
CA ASN H 219 20.53 1.87 -34.93
C ASN H 219 19.87 3.18 -35.34
N THR H 220 19.65 3.35 -36.65
CA THR H 220 19.14 4.62 -37.15
C THR H 220 17.73 4.88 -36.65
N GLN H 221 16.91 3.85 -36.55
CA GLN H 221 15.56 4.02 -36.00
C GLN H 221 15.61 4.55 -34.58
N ALA H 222 16.47 3.97 -33.73
CA ALA H 222 16.59 4.49 -32.37
C ALA H 222 17.00 5.96 -32.35
N ASN H 223 18.02 6.33 -33.12
CA ASN H 223 18.49 7.72 -33.09
C ASN H 223 17.45 8.70 -33.64
N VAL H 224 16.71 8.30 -34.68
CA VAL H 224 15.71 9.20 -35.24
C VAL H 224 14.50 9.34 -34.35
N ALA H 225 14.12 8.27 -33.64
CA ALA H 225 13.02 8.40 -32.68
C ALA H 225 13.40 9.30 -31.51
N ASP H 226 14.65 9.21 -31.04
CA ASP H 226 15.15 10.19 -30.08
C ASP H 226 15.03 11.61 -30.60
N ALA H 227 15.48 11.84 -31.84
CA ALA H 227 15.41 13.17 -32.43
C ALA H 227 13.97 13.70 -32.49
N LYS H 228 13.03 12.84 -32.89
CA LYS H 228 11.62 13.27 -32.97
C LYS H 228 11.04 13.56 -31.60
N SER H 229 11.40 12.75 -30.61
CA SER H 229 10.91 12.97 -29.25
C SER H 229 11.37 14.31 -28.72
N ARG H 230 12.59 14.73 -29.05
CA ARG H 230 13.06 16.05 -28.62
C ARG H 230 12.18 17.18 -29.14
N ILE H 231 11.48 16.97 -30.24
CA ILE H 231 10.68 18.03 -30.85
C ILE H 231 9.21 17.95 -30.45
N VAL H 232 8.63 16.76 -30.37
CA VAL H 232 7.18 16.61 -30.31
C VAL H 232 6.68 16.43 -28.88
N ASP H 233 7.41 15.72 -28.04
CA ASP H 233 6.88 15.33 -26.73
C ASP H 233 6.93 16.46 -25.72
N VAL H 234 6.10 16.33 -24.68
CA VAL H 234 5.99 17.36 -23.65
C VAL H 234 6.96 17.03 -22.52
N ASP H 235 7.33 18.06 -21.77
CA ASP H 235 8.15 17.94 -20.57
C ASP H 235 7.23 18.03 -19.36
N PHE H 236 7.16 16.96 -18.58
CA PHE H 236 6.23 16.95 -17.45
C PHE H 236 6.70 17.86 -16.33
N ALA H 237 8.01 17.91 -16.07
CA ALA H 237 8.55 18.72 -14.99
C ALA H 237 8.25 20.20 -15.19
N LYS H 238 8.25 20.65 -16.44
CA LYS H 238 7.97 22.06 -16.74
C LYS H 238 6.48 22.33 -16.79
N GLU H 239 5.71 21.38 -17.32
CA GLU H 239 4.32 21.65 -17.61
C GLU H 239 3.48 21.58 -16.35
N THR H 240 3.85 20.72 -15.41
CA THR H 240 3.16 20.71 -14.11
C THR H 240 3.39 22.00 -13.33
N SER H 241 4.58 22.57 -13.44
CA SER H 241 4.86 23.84 -12.78
C SER H 241 4.01 24.96 -13.37
N GLN H 242 3.93 25.01 -14.70
CA GLN H 242 3.06 26.01 -15.32
C GLN H 242 1.61 25.84 -14.90
N MET H 243 1.15 24.58 -14.80
CA MET H 243 -0.23 24.34 -14.39
C MET H 243 -0.50 24.88 -12.99
N THR H 244 0.39 24.60 -12.04
CA THR H 244 0.18 25.08 -10.67
C THR H 244 0.20 26.59 -10.59
N LYS H 245 1.11 27.23 -11.33
CA LYS H 245 1.13 28.70 -11.35
C LYS H 245 -0.19 29.27 -11.83
N ASN H 246 -0.76 28.71 -12.92
CA ASN H 246 -2.01 29.27 -13.42
C ASN H 246 -3.19 28.96 -12.50
N GLN H 247 -3.16 27.84 -11.78
CA GLN H 247 -4.16 27.58 -10.75
C GLN H 247 -4.19 28.69 -9.71
N VAL H 248 -3.02 29.00 -9.14
CA VAL H 248 -2.98 30.04 -8.11
C VAL H 248 -3.43 31.38 -8.68
N LEU H 249 -3.02 31.71 -9.91
CA LEU H 249 -3.45 32.97 -10.49
C LEU H 249 -4.95 33.01 -10.71
N GLN H 250 -5.57 31.89 -11.05
CA GLN H 250 -7.02 31.86 -11.19
C GLN H 250 -7.71 32.20 -9.86
N GLN H 251 -7.25 31.59 -8.77
CA GLN H 251 -7.88 31.87 -7.48
C GLN H 251 -7.70 33.33 -7.08
N THR H 252 -6.50 33.88 -7.31
CA THR H 252 -6.26 35.29 -6.97
C THR H 252 -7.12 36.22 -7.82
N GLY H 253 -7.21 35.95 -9.13
CA GLY H 253 -7.98 36.83 -9.99
C GLY H 253 -9.47 36.75 -9.71
N SER H 254 -9.97 35.57 -9.34
CA SER H 254 -11.35 35.45 -8.92
C SER H 254 -11.63 36.29 -7.69
N ALA H 255 -10.78 36.17 -6.66
CA ALA H 255 -10.96 37.00 -5.46
C ALA H 255 -10.93 38.48 -5.80
N MET H 256 -10.02 38.89 -6.68
CA MET H 256 -9.85 40.31 -6.96
C MET H 256 -11.03 40.86 -7.75
N LEU H 257 -11.58 40.07 -8.67
CA LEU H 257 -12.75 40.51 -9.42
C LEU H 257 -13.99 40.58 -8.52
N ALA H 258 -14.15 39.62 -7.61
CA ALA H 258 -15.27 39.68 -6.68
C ALA H 258 -15.17 40.90 -5.79
N GLN H 259 -13.96 41.28 -5.39
CA GLN H 259 -13.80 42.49 -4.61
C GLN H 259 -13.98 43.75 -5.46
N ALA H 260 -13.70 43.66 -6.76
CA ALA H 260 -13.81 44.82 -7.63
C ALA H 260 -15.28 45.16 -7.93
N ASN H 261 -16.14 44.15 -8.01
CA ASN H 261 -17.56 44.44 -8.27
C ASN H 261 -18.28 45.12 -7.13
N GLN H 262 -17.64 45.39 -6.00
CA GLN H 262 -18.29 46.06 -4.88
C GLN H 262 -17.92 47.54 -4.76
N LEU H 263 -17.30 48.13 -5.78
CA LEU H 263 -16.89 49.53 -5.67
C LEU H 263 -18.01 50.55 -5.80
N PRO H 264 -19.05 50.35 -6.61
CA PRO H 264 -20.11 51.38 -6.69
C PRO H 264 -20.91 51.56 -5.42
N GLN H 265 -20.59 50.88 -4.32
CA GLN H 265 -21.37 51.01 -3.10
C GLN H 265 -20.92 52.15 -2.21
N VAL H 266 -19.91 52.92 -2.61
CA VAL H 266 -19.55 54.11 -1.84
C VAL H 266 -20.60 55.20 -2.04
N ALA H 267 -21.26 55.19 -3.19
CA ALA H 267 -22.28 56.18 -3.48
C ALA H 267 -23.45 56.08 -2.50
N LEU H 268 -23.84 54.86 -2.15
CA LEU H 268 -24.91 54.67 -1.17
C LEU H 268 -24.52 55.29 0.17
N SER H 269 -23.24 55.25 0.51
CA SER H 269 -22.79 55.92 1.72
C SER H 269 -22.90 57.44 1.59
N LEU H 270 -22.50 57.99 0.44
CA LEU H 270 -22.65 59.43 0.26
C LEU H 270 -24.11 59.84 0.17
N LEU H 271 -24.99 58.90 -0.17
CA LEU H 271 -26.38 59.22 -0.47
C LEU H 271 -27.26 59.09 0.77
N ALA I 1 -40.87 105.05 1.97
CA ALA I 1 -42.32 105.10 1.91
C ALA I 1 -42.96 103.85 2.49
N ILE I 2 -44.19 103.99 2.98
CA ILE I 2 -44.97 102.87 3.49
C ILE I 2 -46.13 102.69 2.54
N THR I 3 -46.04 101.70 1.66
CA THR I 3 -47.04 101.48 0.62
C THR I 3 -47.65 100.09 0.74
N VAL I 4 -48.86 99.97 0.20
CA VAL I 4 -49.59 98.70 0.28
C VAL I 4 -49.76 98.07 -1.10
N ASN I 5 -49.74 98.87 -2.17
CA ASN I 5 -50.16 98.40 -3.47
C ASN I 5 -49.07 97.65 -4.22
N THR I 6 -47.81 97.83 -3.86
CA THR I 6 -46.70 97.18 -4.54
C THR I 6 -45.67 96.77 -3.50
N ASN I 7 -45.11 95.58 -3.66
CA ASN I 7 -44.17 95.02 -2.70
C ASN I 7 -43.02 94.44 -3.50
N VAL I 8 -41.85 95.09 -3.45
CA VAL I 8 -40.74 94.72 -4.32
C VAL I 8 -39.87 93.66 -3.66
N THR I 9 -39.75 93.73 -2.33
CA THR I 9 -39.01 92.71 -1.60
C THR I 9 -39.59 91.33 -1.86
N SER I 10 -40.91 91.24 -1.94
CA SER I 10 -41.56 89.96 -2.22
C SER I 10 -41.23 89.47 -3.62
N LEU I 11 -41.20 90.37 -4.60
CA LEU I 11 -40.84 89.98 -5.97
C LEU I 11 -39.43 89.40 -6.02
N LYS I 12 -38.49 90.06 -5.36
CA LYS I 12 -37.10 89.58 -5.39
C LYS I 12 -36.96 88.26 -4.64
N ALA I 13 -37.66 88.10 -3.51
CA ALA I 13 -37.63 86.84 -2.79
C ALA I 13 -38.22 85.71 -3.64
N GLN I 14 -39.30 85.99 -4.36
CA GLN I 14 -39.87 84.99 -5.27
C GLN I 14 -38.86 84.53 -6.30
N LYS I 15 -38.12 85.47 -6.88
CA LYS I 15 -37.17 85.08 -7.92
C LYS I 15 -36.04 84.24 -7.36
N ASN I 16 -35.52 84.60 -6.18
CA ASN I 16 -34.47 83.79 -5.57
C ASN I 16 -34.96 82.38 -5.25
N LEU I 17 -36.17 82.28 -4.69
CA LEU I 17 -36.71 80.97 -4.33
C LEU I 17 -36.90 80.09 -5.56
N ASN I 18 -37.33 80.69 -6.68
CA ASN I 18 -37.49 79.93 -7.91
C ASN I 18 -36.16 79.42 -8.42
N THR I 19 -35.12 80.27 -8.38
CA THR I 19 -33.79 79.84 -8.82
C THR I 19 -33.30 78.65 -8.01
N SER I 20 -33.47 78.72 -6.69
CA SER I 20 -33.03 77.62 -5.84
C SER I 20 -33.79 76.33 -6.14
N ALA I 21 -35.10 76.42 -6.33
CA ALA I 21 -35.89 75.22 -6.64
C ALA I 21 -35.46 74.59 -7.95
N SER I 22 -35.21 75.40 -8.97
CA SER I 22 -34.73 74.86 -10.24
C SER I 22 -33.41 74.12 -10.09
N ASP I 23 -32.46 74.72 -9.36
CA ASP I 23 -31.16 74.05 -9.16
C ASP I 23 -31.33 72.71 -8.44
N LEU I 24 -32.19 72.67 -7.42
CA LEU I 24 -32.40 71.44 -6.68
C LEU I 24 -33.00 70.35 -7.57
N ALA I 25 -33.98 70.71 -8.39
CA ALA I 25 -34.58 69.72 -9.31
C ALA I 25 -33.54 69.16 -10.28
N THR I 26 -32.67 70.03 -10.82
CA THR I 26 -31.62 69.56 -11.72
C THR I 26 -30.71 68.54 -11.02
N SER I 27 -30.29 68.86 -9.79
CA SER I 27 -29.41 67.94 -9.06
C SER I 27 -30.10 66.61 -8.79
N MET I 28 -31.38 66.64 -8.41
CA MET I 28 -32.13 65.42 -8.16
C MET I 28 -32.16 64.54 -9.40
N GLU I 29 -32.44 65.13 -10.56
CA GLU I 29 -32.42 64.38 -11.81
C GLU I 29 -31.07 63.74 -12.07
N ARG I 30 -29.99 64.49 -11.88
CA ARG I 30 -28.66 63.96 -12.17
C ARG I 30 -28.31 62.80 -11.24
N LEU I 31 -28.71 62.87 -9.97
CA LEU I 31 -28.45 61.76 -9.05
C LEU I 31 -29.32 60.55 -9.38
N SER I 32 -30.55 60.78 -9.84
CA SER I 32 -31.41 59.65 -10.17
C SER I 32 -30.93 58.92 -11.42
N SER I 33 -30.38 59.65 -12.39
CA SER I 33 -30.00 59.04 -13.66
C SER I 33 -28.61 58.41 -13.60
N GLY I 34 -27.67 59.06 -12.92
CA GLY I 34 -26.29 58.62 -12.92
C GLY I 34 -25.43 59.23 -14.00
N LEU I 35 -25.97 60.19 -14.75
CA LEU I 35 -25.28 60.82 -15.88
C LEU I 35 -25.20 62.31 -15.69
N ARG I 36 -24.10 62.90 -16.15
CA ARG I 36 -23.95 64.36 -16.09
C ARG I 36 -24.67 65.03 -17.24
N ILE I 37 -24.67 64.41 -18.42
CA ILE I 37 -25.26 64.99 -19.62
C ILE I 37 -26.54 64.23 -19.90
N ASN I 38 -27.68 64.84 -19.56
CA ASN I 38 -28.98 64.27 -19.89
C ASN I 38 -29.61 64.89 -21.13
N SER I 39 -29.12 66.03 -21.58
CA SER I 39 -29.64 66.72 -22.74
C SER I 39 -28.50 67.49 -23.39
N ALA I 40 -28.81 68.24 -24.44
CA ALA I 40 -27.81 69.12 -25.01
C ALA I 40 -27.78 70.49 -24.32
N LYS I 41 -28.78 70.78 -23.49
CA LYS I 41 -28.70 71.89 -22.56
C LYS I 41 -27.45 71.82 -21.70
N ASP I 42 -26.96 70.62 -21.41
CA ASP I 42 -25.89 70.41 -20.45
C ASP I 42 -24.51 70.63 -21.08
N ASP I 43 -24.18 69.84 -22.09
CA ASP I 43 -22.89 69.96 -22.77
C ASP I 43 -23.08 69.44 -24.18
N ALA I 44 -22.92 70.31 -25.17
CA ALA I 44 -23.29 69.95 -26.54
C ALA I 44 -22.15 69.25 -27.27
N ALA I 45 -20.92 69.74 -27.09
CA ALA I 45 -19.78 69.09 -27.74
C ALA I 45 -19.45 67.75 -27.11
N GLY I 46 -19.61 67.65 -25.78
CA GLY I 46 -19.42 66.37 -25.12
C GLY I 46 -20.43 65.33 -25.54
N LEU I 47 -21.65 65.75 -25.86
CA LEU I 47 -22.65 64.83 -26.38
C LEU I 47 -22.18 64.15 -27.65
N ALA I 48 -21.66 64.91 -28.61
CA ALA I 48 -21.22 64.33 -29.87
C ALA I 48 -19.95 63.50 -29.70
N ILE I 49 -19.01 64.00 -28.89
CA ILE I 49 -17.80 63.22 -28.64
C ILE I 49 -18.15 61.88 -28.01
N SER I 50 -19.12 61.88 -27.09
CA SER I 50 -19.50 60.65 -26.42
C SER I 50 -20.31 59.74 -27.33
N ASN I 51 -21.10 60.29 -28.26
CA ASN I 51 -21.75 59.44 -29.25
C ASN I 51 -20.72 58.69 -30.10
N ARG I 52 -19.65 59.38 -30.50
CA ARG I 52 -18.62 58.71 -31.29
C ARG I 52 -17.87 57.66 -30.48
N LEU I 53 -17.54 57.97 -29.22
CA LEU I 53 -16.86 56.97 -28.39
C LEU I 53 -17.76 55.77 -28.12
N ASN I 54 -19.07 56.01 -28.02
CA ASN I 54 -20.02 54.93 -27.83
C ASN I 54 -20.07 54.02 -29.06
N SER I 55 -20.11 54.61 -30.26
CA SER I 55 -20.00 53.80 -31.47
C SER I 55 -18.74 52.94 -31.46
N GLN I 56 -17.61 53.51 -31.03
CA GLN I 56 -16.38 52.74 -31.02
C GLN I 56 -16.42 51.56 -30.05
N VAL I 57 -16.93 51.79 -28.84
CA VAL I 57 -17.00 50.70 -27.85
C VAL I 57 -17.88 49.56 -28.38
N ARG I 58 -19.05 49.91 -28.90
CA ARG I 58 -19.99 48.89 -29.36
C ARG I 58 -19.45 48.14 -30.58
N GLY I 59 -18.77 48.85 -31.48
CA GLY I 59 -18.17 48.20 -32.63
C GLY I 59 -17.05 47.25 -32.25
N LEU I 60 -16.24 47.62 -31.25
CA LEU I 60 -15.18 46.71 -30.81
C LEU I 60 -15.77 45.44 -30.22
N GLU I 61 -16.87 45.56 -29.48
CA GLU I 61 -17.54 44.35 -28.96
C GLU I 61 -17.95 43.40 -30.10
N VAL I 62 -18.65 43.94 -31.10
CA VAL I 62 -19.08 43.09 -32.21
C VAL I 62 -17.89 42.53 -32.99
N GLY I 63 -16.81 43.31 -33.11
CA GLY I 63 -15.65 42.85 -33.85
C GLY I 63 -14.95 41.69 -33.16
N MET I 64 -14.88 41.71 -31.83
CA MET I 64 -14.34 40.55 -31.12
C MET I 64 -15.21 39.31 -31.33
N ARG I 65 -16.53 39.51 -31.41
CA ARG I 65 -17.38 38.36 -31.74
C ARG I 65 -17.03 37.78 -33.11
N ASN I 66 -16.87 38.64 -34.12
CA ASN I 66 -16.49 38.16 -35.45
C ASN I 66 -15.14 37.46 -35.45
N ALA I 67 -14.17 37.98 -34.69
CA ALA I 67 -12.85 37.36 -34.62
C ALA I 67 -12.93 35.97 -34.02
N ASN I 68 -13.80 35.77 -33.03
CA ASN I 68 -13.92 34.44 -32.45
C ASN I 68 -14.58 33.48 -33.43
N ASP I 69 -15.52 33.98 -34.24
CA ASP I 69 -16.08 33.18 -35.33
C ASP I 69 -15.00 32.70 -36.30
N ALA I 70 -14.10 33.60 -36.69
CA ALA I 70 -13.00 33.21 -37.59
C ALA I 70 -12.11 32.14 -36.96
N ILE I 71 -11.79 32.30 -35.67
CA ILE I 71 -10.97 31.29 -35.00
C ILE I 71 -11.66 29.94 -35.00
N SER I 72 -12.98 29.93 -34.81
CA SER I 72 -13.74 28.68 -34.86
C SER I 72 -13.62 27.98 -36.21
N ILE I 73 -13.84 28.72 -37.29
CA ILE I 73 -13.75 28.15 -38.64
C ILE I 73 -12.37 27.54 -38.87
N ALA I 74 -11.32 28.32 -38.58
CA ALA I 74 -9.96 27.85 -38.82
C ALA I 74 -9.65 26.61 -38.00
N GLN I 75 -10.14 26.56 -36.77
CA GLN I 75 -9.87 25.43 -35.89
C GLN I 75 -10.53 24.15 -36.39
N ILE I 76 -11.77 24.24 -36.89
CA ILE I 76 -12.43 23.06 -37.44
C ILE I 76 -11.68 22.54 -38.66
N ALA I 77 -11.33 23.42 -39.61
CA ALA I 77 -10.65 22.95 -40.82
C ALA I 77 -9.28 22.34 -40.50
N GLU I 78 -8.51 23.01 -39.63
CA GLU I 78 -7.20 22.51 -39.24
C GLU I 78 -7.29 21.16 -38.56
N GLY I 79 -8.33 20.94 -37.74
CA GLY I 79 -8.49 19.64 -37.12
C GLY I 79 -8.88 18.55 -38.11
N ALA I 80 -9.65 18.91 -39.14
CA ALA I 80 -10.00 17.94 -40.18
C ALA I 80 -8.77 17.45 -40.94
N MET I 81 -7.78 18.31 -41.19
CA MET I 81 -6.63 17.89 -42.00
C MET I 81 -5.72 16.86 -41.33
N GLN I 82 -5.81 16.70 -40.00
CA GLN I 82 -4.92 15.77 -39.29
C GLN I 82 -5.22 14.31 -39.62
N GLU I 83 -6.51 13.94 -39.71
CA GLU I 83 -6.87 12.57 -40.08
C GLU I 83 -6.44 12.25 -41.50
N GLN I 84 -6.48 13.24 -42.39
CA GLN I 84 -6.00 13.06 -43.75
C GLN I 84 -4.51 12.76 -43.77
N THR I 85 -3.73 13.54 -43.01
CA THR I 85 -2.30 13.23 -42.84
C THR I 85 -2.08 11.82 -42.35
N ASN I 86 -2.86 11.40 -41.36
CA ASN I 86 -2.71 10.08 -40.75
C ASN I 86 -2.93 8.97 -41.78
N MET I 87 -4.00 9.10 -42.57
CA MET I 87 -4.30 8.10 -43.58
C MET I 87 -3.25 8.07 -44.68
N LEU I 88 -2.70 9.23 -45.06
CA LEU I 88 -1.63 9.24 -46.05
C LEU I 88 -0.38 8.51 -45.54
N GLN I 89 -0.06 8.66 -44.26
CA GLN I 89 1.06 7.89 -43.70
C GLN I 89 0.80 6.39 -43.79
N ARG I 90 -0.44 5.96 -43.51
CA ARG I 90 -0.77 4.55 -43.65
C ARG I 90 -0.60 4.06 -45.09
N MET I 91 -1.06 4.84 -46.07
CA MET I 91 -0.89 4.46 -47.48
C MET I 91 0.59 4.39 -47.86
N ARG I 92 1.41 5.27 -47.32
CA ARG I 92 2.85 5.20 -47.56
C ARG I 92 3.43 3.87 -47.07
N ASP I 93 3.02 3.43 -45.89
CA ASP I 93 3.49 2.13 -45.41
C ASP I 93 3.02 0.98 -46.31
N LEU I 94 1.77 1.03 -46.77
CA LEU I 94 1.29 -0.01 -47.68
C LEU I 94 2.07 -0.03 -48.99
N THR I 95 2.43 1.15 -49.49
CA THR I 95 3.20 1.21 -50.73
C THR I 95 4.61 0.67 -50.55
N VAL I 96 5.26 0.98 -49.42
CA VAL I 96 6.58 0.40 -49.17
C VAL I 96 6.48 -1.11 -49.03
N GLN I 97 5.37 -1.60 -48.46
CA GLN I 97 5.21 -3.04 -48.33
C GLN I 97 4.97 -3.73 -49.67
N SER I 98 4.43 -3.01 -50.66
CA SER I 98 4.25 -3.61 -51.99
C SER I 98 5.56 -3.95 -52.69
N GLU I 99 6.67 -3.34 -52.29
CA GLU I 99 7.97 -3.58 -52.93
C GLU I 99 8.71 -4.75 -52.29
N ASN I 100 8.16 -5.95 -52.40
CA ASN I 100 8.67 -7.12 -51.72
C ASN I 100 8.63 -8.28 -52.70
N GLY I 101 9.81 -8.81 -53.04
CA GLY I 101 9.89 -9.85 -54.05
C GLY I 101 9.29 -11.18 -53.66
N ALA I 102 8.56 -11.22 -52.55
CA ALA I 102 7.85 -12.41 -52.14
C ALA I 102 6.34 -12.26 -52.25
N ASN I 103 5.86 -11.06 -52.51
CA ASN I 103 4.44 -10.85 -52.74
C ASN I 103 4.03 -11.47 -54.06
N SER I 104 2.78 -11.93 -54.14
CA SER I 104 2.17 -12.41 -55.36
C SER I 104 1.00 -11.49 -55.71
N SER I 105 0.27 -11.83 -56.77
CA SER I 105 -0.78 -10.95 -57.26
C SER I 105 -1.93 -10.83 -56.26
N ALA I 106 -2.20 -11.88 -55.50
CA ALA I 106 -3.27 -11.82 -54.51
C ALA I 106 -2.90 -10.89 -53.36
N ASP I 107 -1.64 -10.95 -52.89
CA ASP I 107 -1.20 -10.06 -51.84
C ASP I 107 -1.20 -8.61 -52.31
N LEU I 108 -0.78 -8.38 -53.55
CA LEU I 108 -0.82 -7.03 -54.10
C LEU I 108 -2.24 -6.52 -54.20
N SER I 109 -3.19 -7.40 -54.53
CA SER I 109 -4.59 -6.99 -54.59
C SER I 109 -5.13 -6.63 -53.22
N ALA I 110 -4.72 -7.38 -52.19
CA ALA I 110 -5.15 -7.03 -50.83
C ALA I 110 -4.60 -5.67 -50.39
N LEU I 111 -3.30 -5.45 -50.59
CA LEU I 111 -2.71 -4.16 -50.30
C LEU I 111 -3.43 -3.03 -51.02
N LYS I 112 -3.74 -3.22 -52.31
CA LYS I 112 -4.38 -2.14 -53.06
C LYS I 112 -5.83 -1.93 -52.64
N ALA I 113 -6.53 -2.98 -52.23
CA ALA I 113 -7.88 -2.78 -51.72
C ALA I 113 -7.89 -1.89 -50.50
N GLU I 114 -6.93 -2.08 -49.60
CA GLU I 114 -6.90 -1.17 -48.45
C GLU I 114 -6.50 0.25 -48.85
N MET I 115 -5.57 0.41 -49.81
CA MET I 115 -5.26 1.74 -50.32
C MET I 115 -6.49 2.46 -50.85
N ASP I 116 -7.33 1.75 -51.61
CA ASP I 116 -8.53 2.38 -52.17
C ASP I 116 -9.50 2.80 -51.08
N GLN I 117 -9.69 1.97 -50.06
CA GLN I 117 -10.57 2.39 -48.96
C GLN I 117 -10.04 3.65 -48.27
N LEU I 118 -8.72 3.74 -48.09
CA LEU I 118 -8.17 4.94 -47.45
C LEU I 118 -8.35 6.18 -48.33
N ALA I 119 -8.20 6.04 -49.64
CA ALA I 119 -8.44 7.19 -50.52
C ALA I 119 -9.90 7.61 -50.51
N ASN I 120 -10.81 6.65 -50.41
CA ASN I 120 -12.23 6.98 -50.26
C ASN I 120 -12.50 7.77 -48.99
N GLU I 121 -11.87 7.38 -47.87
CA GLU I 121 -12.09 8.15 -46.65
C GLU I 121 -11.46 9.54 -46.71
N ILE I 122 -10.31 9.69 -47.38
CA ILE I 122 -9.77 11.03 -47.59
C ILE I 122 -10.74 11.90 -48.38
N ASP I 123 -11.36 11.34 -49.42
CA ASP I 123 -12.35 12.11 -50.18
C ASP I 123 -13.57 12.45 -49.34
N GLU I 124 -14.04 11.50 -48.52
CA GLU I 124 -15.20 11.77 -47.68
C GLU I 124 -14.93 12.90 -46.69
N ILE I 125 -13.78 12.89 -46.02
CA ILE I 125 -13.45 14.00 -45.14
C ILE I 125 -13.38 15.30 -45.92
N GLY I 126 -12.89 15.24 -47.16
CA GLY I 126 -12.81 16.45 -47.96
C GLY I 126 -14.17 17.05 -48.28
N LYS I 127 -15.16 16.21 -48.55
CA LYS I 127 -16.48 16.76 -48.91
C LYS I 127 -17.44 16.93 -47.73
N THR I 128 -17.10 16.40 -46.56
CA THR I 128 -18.08 16.33 -45.48
C THR I 128 -17.91 17.44 -44.45
N THR I 129 -16.68 17.94 -44.26
CA THR I 129 -16.40 18.91 -43.21
C THR I 129 -17.18 20.21 -43.41
N ALA I 130 -17.83 20.67 -42.34
CA ALA I 130 -18.74 21.80 -42.45
C ALA I 130 -18.73 22.61 -41.15
N PHE I 131 -19.19 23.85 -41.27
CA PHE I 131 -19.56 24.70 -40.13
C PHE I 131 -21.07 24.87 -40.19
N GLY I 132 -21.79 24.01 -39.49
CA GLY I 132 -23.23 23.96 -39.63
C GLY I 132 -23.61 23.35 -40.95
N THR I 133 -23.86 24.19 -41.95
CA THR I 133 -24.21 23.70 -43.29
C THR I 133 -23.30 24.21 -44.38
N THR I 134 -22.30 25.05 -44.09
CA THR I 134 -21.40 25.55 -45.13
C THR I 134 -20.16 24.68 -45.17
N LYS I 135 -19.76 24.27 -46.37
CA LYS I 135 -18.61 23.40 -46.54
C LYS I 135 -17.32 24.19 -46.45
N LEU I 136 -16.28 23.57 -45.88
CA LEU I 136 -15.02 24.25 -45.65
C LEU I 136 -13.88 23.75 -46.54
N LEU I 137 -13.81 22.46 -46.82
CA LEU I 137 -12.68 21.93 -47.58
C LEU I 137 -13.02 21.59 -49.02
N ALA I 138 -14.06 22.18 -49.59
CA ALA I 138 -14.48 21.83 -50.94
C ALA I 138 -14.11 22.87 -51.97
N GLY I 139 -13.63 24.04 -51.55
CA GLY I 139 -13.24 25.10 -52.45
C GLY I 139 -14.02 26.39 -52.29
N GLY I 140 -14.91 26.51 -51.30
CA GLY I 140 -15.66 27.73 -51.11
C GLY I 140 -14.88 28.84 -50.43
N PHE I 141 -13.77 28.52 -49.77
CA PHE I 141 -12.90 29.50 -49.17
C PHE I 141 -11.59 29.66 -49.93
N SER I 142 -11.51 29.13 -51.16
CA SER I 142 -10.27 29.18 -51.93
C SER I 142 -9.83 30.62 -52.18
N ALA I 143 -10.76 31.49 -52.54
CA ALA I 143 -10.58 32.92 -52.35
C ALA I 143 -11.23 33.29 -51.03
N GLY I 144 -10.45 33.81 -50.10
CA GLY I 144 -10.87 33.86 -48.72
C GLY I 144 -12.10 34.71 -48.50
N LYS I 145 -12.67 34.58 -47.30
CA LYS I 145 -13.76 35.40 -46.82
C LYS I 145 -13.25 36.38 -45.78
N ASN I 146 -13.85 37.56 -45.73
CA ASN I 146 -13.44 38.58 -44.78
C ASN I 146 -14.33 38.61 -43.55
N PHE I 147 -13.70 38.84 -42.40
CA PHE I 147 -14.39 39.07 -41.14
C PHE I 147 -13.98 40.45 -40.67
N GLN I 148 -14.94 41.33 -40.44
CA GLN I 148 -14.61 42.66 -39.94
C GLN I 148 -14.34 42.58 -38.45
N VAL I 149 -13.08 42.79 -38.05
CA VAL I 149 -12.69 42.61 -36.65
C VAL I 149 -12.54 43.93 -35.92
N GLY I 150 -12.88 45.06 -36.55
CA GLY I 150 -12.84 46.35 -35.91
C GLY I 150 -14.16 47.08 -36.01
N ALA I 151 -14.14 48.33 -35.58
CA ALA I 151 -15.34 49.15 -35.58
C ALA I 151 -15.57 49.91 -36.88
N GLN I 152 -14.52 50.12 -37.66
CA GLN I 152 -14.60 50.90 -38.88
C GLN I 152 -14.46 50.00 -40.10
N ASP I 153 -14.93 50.51 -41.24
CA ASP I 153 -14.91 49.76 -42.48
C ASP I 153 -13.48 49.59 -42.99
N GLY I 154 -13.18 48.38 -43.44
CA GLY I 154 -11.88 48.06 -43.97
C GLY I 154 -10.94 47.40 -42.98
N GLU I 155 -11.30 47.36 -41.71
CA GLU I 155 -10.49 46.74 -40.66
C GLU I 155 -10.94 45.29 -40.52
N ASP I 156 -10.29 44.41 -41.28
CA ASP I 156 -10.78 43.04 -41.40
C ASP I 156 -9.66 42.08 -41.79
N ILE I 157 -9.92 40.80 -41.55
CA ILE I 157 -8.95 39.72 -41.73
C ILE I 157 -9.56 38.69 -42.67
N LYS I 158 -8.73 38.11 -43.53
CA LYS I 158 -9.18 37.19 -44.56
C LYS I 158 -8.75 35.77 -44.22
N VAL I 159 -9.68 34.83 -44.28
CA VAL I 159 -9.43 33.42 -43.99
C VAL I 159 -9.55 32.62 -45.28
N THR I 160 -8.46 31.94 -45.65
CA THR I 160 -8.36 31.24 -46.93
C THR I 160 -8.13 29.76 -46.68
N VAL I 161 -8.94 28.91 -47.30
CA VAL I 161 -8.77 27.46 -47.26
C VAL I 161 -8.95 26.93 -48.67
N LYS I 162 -8.02 26.12 -49.14
CA LYS I 162 -8.12 25.51 -50.45
C LYS I 162 -8.74 24.12 -50.34
N ALA I 163 -9.15 23.58 -51.48
CA ALA I 163 -9.78 22.27 -51.49
C ALA I 163 -8.75 21.18 -51.26
N SER I 164 -9.11 20.19 -50.43
CA SER I 164 -8.23 19.05 -50.15
C SER I 164 -9.06 17.78 -50.14
N ASN I 165 -8.88 16.97 -51.17
CA ASN I 165 -9.61 15.74 -51.40
C ASN I 165 -8.74 14.88 -52.30
N LYS I 166 -9.21 13.66 -52.60
CA LYS I 166 -8.33 12.74 -53.31
C LYS I 166 -8.11 13.16 -54.76
N SER I 167 -8.84 14.15 -55.25
CA SER I 167 -8.69 14.57 -56.64
C SER I 167 -7.69 15.72 -56.74
N SER I 168 -7.73 16.65 -55.79
CA SER I 168 -6.79 17.76 -55.82
C SER I 168 -5.43 17.37 -55.27
N LEU I 169 -5.36 16.33 -54.44
CA LEU I 169 -4.10 15.82 -53.92
C LEU I 169 -3.45 14.81 -54.84
N SER I 170 -4.11 14.43 -55.94
CA SER I 170 -3.57 13.50 -56.94
C SER I 170 -3.29 12.11 -56.38
N VAL I 171 -4.07 11.66 -55.41
CA VAL I 171 -3.91 10.31 -54.86
C VAL I 171 -5.09 9.41 -55.19
N GLY I 172 -5.94 9.82 -56.13
CA GLY I 172 -7.15 9.08 -56.43
C GLY I 172 -7.01 7.98 -57.45
N SER I 173 -5.80 7.72 -57.96
CA SER I 173 -5.59 6.67 -58.95
C SER I 173 -4.19 6.06 -58.83
N LEU I 174 -3.89 5.45 -57.70
CA LEU I 174 -2.55 4.93 -57.46
C LEU I 174 -2.51 3.45 -57.73
N GLY I 175 -1.38 2.98 -58.26
CA GLY I 175 -1.22 1.57 -58.57
C GLY I 175 0.00 1.01 -57.89
N ASN I 176 0.05 -0.31 -57.83
CA ASN I 176 1.16 -0.98 -57.16
C ASN I 176 1.56 -2.26 -57.87
N THR I 177 1.13 -2.47 -59.11
CA THR I 177 1.34 -3.75 -59.76
C THR I 177 2.66 -3.81 -60.53
N THR I 178 3.34 -2.69 -60.69
CA THR I 178 4.58 -2.59 -61.45
C THR I 178 5.55 -1.70 -60.69
N SER I 179 6.85 -1.93 -60.90
CA SER I 179 7.89 -1.17 -60.22
C SER I 179 7.74 0.34 -60.43
N ALA I 180 7.48 0.76 -61.67
CA ALA I 180 7.32 2.19 -61.95
C ALA I 180 6.06 2.73 -61.30
N ALA I 181 5.01 1.92 -61.21
CA ALA I 181 3.79 2.36 -60.56
C ALA I 181 4.01 2.60 -59.08
N ARG I 182 4.80 1.74 -58.43
CA ARG I 182 5.13 1.94 -57.03
C ARG I 182 5.96 3.20 -56.82
N ALA I 183 6.95 3.43 -57.68
CA ALA I 183 7.75 4.65 -57.57
C ALA I 183 6.88 5.89 -57.70
N SER I 184 5.98 5.89 -58.68
CA SER I 184 5.10 7.03 -58.90
C SER I 184 4.18 7.26 -57.71
N SER I 185 3.63 6.17 -57.15
CA SER I 185 2.74 6.31 -55.99
C SER I 185 3.48 6.87 -54.79
N LEU I 186 4.72 6.41 -54.56
CA LEU I 186 5.50 6.97 -53.46
C LEU I 186 5.70 8.47 -53.61
N LYS I 187 6.08 8.91 -54.81
CA LYS I 187 6.29 10.35 -55.00
C LYS I 187 5.02 11.16 -54.78
N LYS I 188 3.88 10.69 -55.28
CA LYS I 188 2.68 11.49 -55.10
C LYS I 188 2.17 11.49 -53.66
N ILE I 189 2.34 10.39 -52.92
CA ILE I 189 1.95 10.44 -51.50
C ILE I 189 2.82 11.42 -50.74
N ASP I 190 4.13 11.43 -51.00
CA ASP I 190 5.00 12.39 -50.31
C ASP I 190 4.61 13.83 -50.65
N ALA I 191 4.29 14.10 -51.91
CA ALA I 191 3.87 15.44 -52.29
C ALA I 191 2.58 15.85 -51.59
N ALA I 192 1.63 14.93 -51.46
CA ALA I 192 0.37 15.25 -50.78
C ALA I 192 0.61 15.61 -49.31
N ILE I 193 1.47 14.85 -48.64
CA ILE I 193 1.81 15.18 -47.26
C ILE I 193 2.38 16.59 -47.18
N LYS I 194 3.24 16.95 -48.12
CA LYS I 194 3.81 18.30 -48.13
C LYS I 194 2.73 19.39 -48.27
N THR I 195 1.78 19.22 -49.19
CA THR I 195 0.80 20.28 -49.39
C THR I 195 -0.12 20.44 -48.18
N ILE I 196 -0.49 19.33 -47.53
CA ILE I 196 -1.29 19.46 -46.32
C ILE I 196 -0.51 20.18 -45.23
N ASP I 197 0.79 19.89 -45.09
CA ASP I 197 1.60 20.65 -44.13
C ASP I 197 1.55 22.15 -44.39
N ALA I 198 1.66 22.56 -45.66
CA ALA I 198 1.65 23.99 -45.96
C ALA I 198 0.31 24.63 -45.58
N GLN I 199 -0.80 23.97 -45.90
CA GLN I 199 -2.10 24.50 -45.51
C GLN I 199 -2.24 24.64 -44.01
N ARG I 200 -1.79 23.65 -43.25
CA ARG I 200 -1.90 23.72 -41.80
C ARG I 200 -1.04 24.84 -41.24
N ALA I 201 0.12 25.08 -41.85
CA ALA I 201 0.97 26.19 -41.42
C ALA I 201 0.24 27.53 -41.56
N ASP I 202 -0.38 27.77 -42.71
CA ASP I 202 -1.09 29.04 -42.88
C ASP I 202 -2.26 29.20 -41.91
N LEU I 203 -3.02 28.13 -41.66
CA LEU I 203 -4.12 28.27 -40.70
C LEU I 203 -3.62 28.56 -39.30
N GLY I 204 -2.49 27.95 -38.91
CA GLY I 204 -1.93 28.24 -37.60
C GLY I 204 -1.48 29.69 -37.46
N ALA I 205 -0.83 30.22 -38.50
CA ALA I 205 -0.46 31.63 -38.47
C ALA I 205 -1.68 32.53 -38.31
N ILE I 206 -2.77 32.22 -39.02
CA ILE I 206 -4.00 33.02 -38.88
C ILE I 206 -4.52 32.99 -37.45
N GLN I 207 -4.50 31.82 -36.81
CA GLN I 207 -5.01 31.75 -35.44
C GLN I 207 -4.17 32.58 -34.47
N ASN I 208 -2.84 32.52 -34.59
CA ASN I 208 -1.99 33.34 -33.75
C ASN I 208 -2.30 34.83 -33.92
N ARG I 209 -2.41 35.26 -35.17
CA ARG I 209 -2.73 36.66 -35.47
C ARG I 209 -4.06 37.08 -34.83
N LEU I 210 -5.09 36.25 -34.93
CA LEU I 210 -6.38 36.61 -34.35
C LEU I 210 -6.33 36.68 -32.83
N ALA I 211 -5.50 35.85 -32.20
CA ALA I 211 -5.34 35.94 -30.75
C ALA I 211 -4.77 37.30 -30.33
N HIS I 212 -3.66 37.72 -30.97
CA HIS I 212 -3.10 39.04 -30.68
C HIS I 212 -4.11 40.16 -30.92
N ASN I 213 -4.90 40.06 -31.99
CA ASN I 213 -5.84 41.13 -32.32
C ASN I 213 -6.95 41.23 -31.27
N ILE I 214 -7.46 40.10 -30.79
CA ILE I 214 -8.50 40.14 -29.75
C ILE I 214 -7.95 40.73 -28.46
N SER I 215 -6.71 40.38 -28.11
CA SER I 215 -6.10 40.97 -26.92
C SER I 215 -6.01 42.49 -27.01
N ASN I 216 -5.56 42.99 -28.15
CA ASN I 216 -5.46 44.44 -28.34
C ASN I 216 -6.82 45.12 -28.28
N SER I 217 -7.86 44.47 -28.82
CA SER I 217 -9.20 45.08 -28.79
C SER I 217 -9.73 45.16 -27.36
N ALA I 218 -9.47 44.14 -26.54
CA ALA I 218 -9.90 44.21 -25.15
C ALA I 218 -9.23 45.37 -24.41
N ASN I 219 -7.91 45.52 -24.59
CA ASN I 219 -7.22 46.68 -24.01
C ASN I 219 -7.87 47.98 -24.43
N THR I 220 -8.08 48.17 -25.73
CA THR I 220 -8.58 49.44 -26.23
C THR I 220 -10.00 49.71 -25.74
N GLN I 221 -10.82 48.68 -25.66
CA GLN I 221 -12.17 48.85 -25.12
C GLN I 221 -12.14 49.37 -23.69
N ALA I 222 -11.29 48.79 -22.85
CA ALA I 222 -11.17 49.28 -21.47
C ALA I 222 -10.77 50.76 -21.43
N ASN I 223 -9.72 51.13 -22.20
CA ASN I 223 -9.26 52.52 -22.15
C ASN I 223 -10.29 53.50 -22.70
N VAL I 224 -11.02 53.11 -23.75
CA VAL I 224 -12.01 54.03 -24.33
C VAL I 224 -13.23 54.16 -23.42
N ALA I 225 -13.63 53.08 -22.74
CA ALA I 225 -14.74 53.21 -21.79
C ALA I 225 -14.36 54.11 -20.61
N ASP I 226 -13.12 54.00 -20.13
CA ASP I 226 -12.62 54.97 -19.15
C ASP I 226 -12.74 56.40 -19.67
N ALA I 227 -12.27 56.64 -20.90
CA ALA I 227 -12.33 57.97 -21.49
C ALA I 227 -13.77 58.49 -21.55
N LYS I 228 -14.71 57.66 -21.96
CA LYS I 228 -16.11 58.09 -22.06
C LYS I 228 -16.71 58.37 -20.69
N SER I 229 -16.37 57.54 -19.69
CA SER I 229 -16.86 57.76 -18.35
C SER I 229 -16.41 59.10 -17.80
N ARG I 230 -15.18 59.51 -18.12
CA ARG I 230 -14.71 60.82 -17.67
C ARG I 230 -15.58 61.96 -18.19
N ILE I 231 -16.28 61.75 -19.30
CA ILE I 231 -17.06 62.83 -19.91
C ILE I 231 -18.54 62.75 -19.52
N VAL I 232 -19.11 61.56 -19.46
CA VAL I 232 -20.58 61.42 -19.41
C VAL I 232 -21.09 61.24 -17.99
N ASP I 233 -20.37 60.51 -17.14
CA ASP I 233 -20.91 60.10 -15.85
C ASP I 233 -20.86 61.23 -14.82
N VAL I 234 -21.70 61.10 -13.80
CA VAL I 234 -21.83 62.12 -12.76
C VAL I 234 -20.88 61.77 -11.62
N ASP I 235 -20.50 62.80 -10.86
CA ASP I 235 -19.70 62.66 -9.65
C ASP I 235 -20.63 62.76 -8.46
N PHE I 236 -20.71 61.67 -7.68
CA PHE I 236 -21.65 61.65 -6.56
C PHE I 236 -21.19 62.56 -5.42
N ALA I 237 -19.88 62.60 -5.16
CA ALA I 237 -19.35 63.40 -4.06
C ALA I 237 -19.65 64.88 -4.26
N LYS I 238 -19.63 65.35 -5.50
CA LYS I 238 -19.90 66.75 -5.79
C LYS I 238 -21.39 67.03 -5.84
N GLU I 239 -22.15 66.09 -6.40
CA GLU I 239 -23.55 66.36 -6.71
C GLU I 239 -24.40 66.29 -5.45
N THR I 240 -24.04 65.42 -4.51
CA THR I 240 -24.74 65.39 -3.22
C THR I 240 -24.52 66.68 -2.43
N SER I 241 -23.32 67.24 -2.51
CA SER I 241 -23.05 68.51 -1.85
C SER I 241 -23.88 69.63 -2.43
N GLN I 242 -23.96 69.71 -3.76
CA GLN I 242 -24.81 70.71 -4.38
C GLN I 242 -26.28 70.54 -3.98
N MET I 243 -26.74 69.28 -3.90
CA MET I 243 -28.12 69.04 -3.51
C MET I 243 -28.40 69.57 -2.10
N THR I 244 -27.52 69.28 -1.14
CA THR I 244 -27.75 69.74 0.23
C THR I 244 -27.72 71.26 0.32
N LYS I 245 -26.80 71.90 -0.41
CA LYS I 245 -26.78 73.37 -0.42
C LYS I 245 -28.11 73.95 -0.91
N ASN I 246 -28.64 73.39 -1.99
CA ASN I 246 -29.90 73.96 -2.51
C ASN I 246 -31.09 73.65 -1.60
N GLN I 247 -31.06 72.52 -0.89
CA GLN I 247 -32.07 72.25 0.12
C GLN I 247 -32.11 73.35 1.18
N VAL I 248 -30.95 73.66 1.76
CA VAL I 248 -30.91 74.69 2.79
C VAL I 248 -31.36 76.04 2.23
N LEU I 249 -30.93 76.37 1.02
CA LEU I 249 -31.35 77.64 0.44
C LEU I 249 -32.85 77.69 0.20
N GLN I 250 -33.47 76.57 -0.15
CA GLN I 250 -34.92 76.55 -0.30
C GLN I 250 -35.62 76.87 1.01
N GLN I 251 -35.17 76.26 2.10
CA GLN I 251 -35.82 76.53 3.39
C GLN I 251 -35.64 77.98 3.80
N THR I 252 -34.44 78.54 3.60
CA THR I 252 -34.19 79.94 3.94
C THR I 252 -35.04 80.88 3.09
N GLY I 253 -35.11 80.63 1.79
CA GLY I 253 -35.88 81.51 0.92
C GLY I 253 -37.38 81.44 1.19
N SER I 254 -37.88 80.26 1.54
CA SER I 254 -39.26 80.13 1.94
C SER I 254 -39.57 80.97 3.18
N ALA I 255 -38.72 80.83 4.22
CA ALA I 255 -38.90 81.65 5.42
C ALA I 255 -38.86 83.14 5.10
N MET I 256 -37.95 83.55 4.23
CA MET I 256 -37.77 84.97 3.96
C MET I 256 -38.94 85.54 3.16
N LEU I 257 -39.49 84.74 2.24
CA LEU I 257 -40.65 85.19 1.48
C LEU I 257 -41.89 85.27 2.36
N ALA I 258 -42.06 84.30 3.26
CA ALA I 258 -43.19 84.35 4.18
C ALA I 258 -43.10 85.57 5.09
N GLN I 259 -41.88 85.94 5.49
CA GLN I 259 -41.73 87.15 6.29
C GLN I 259 -41.90 88.42 5.45
N ALA I 260 -41.61 88.33 4.15
CA ALA I 260 -41.72 89.50 3.29
C ALA I 260 -43.17 89.84 2.99
N ASN I 261 -44.04 88.83 2.88
CA ASN I 261 -45.45 89.13 2.60
C ASN I 261 -46.19 89.81 3.76
N GLN I 262 -45.55 90.07 4.89
CA GLN I 262 -46.22 90.73 6.00
C GLN I 262 -45.85 92.21 6.14
N LEU I 263 -45.21 92.81 5.13
CA LEU I 263 -44.79 94.20 5.26
C LEU I 263 -45.90 95.23 5.12
N PRO I 264 -46.96 95.04 4.30
CA PRO I 264 -48.01 96.06 4.22
C PRO I 264 -48.83 96.24 5.49
N GLN I 265 -48.50 95.54 6.58
CA GLN I 265 -49.30 95.67 7.79
C GLN I 265 -48.85 96.80 8.70
N VAL I 266 -47.84 97.57 8.32
CA VAL I 266 -47.48 98.75 9.10
C VAL I 266 -48.52 99.84 8.90
N ALA I 267 -49.18 99.85 7.74
CA ALA I 267 -50.19 100.85 7.45
C ALA I 267 -51.37 100.74 8.41
N LEU I 268 -51.77 99.52 8.75
CA LEU I 268 -52.84 99.33 9.72
C LEU I 268 -52.48 99.94 11.07
N SER I 269 -51.19 99.90 11.42
CA SER I 269 -50.76 100.56 12.64
C SER I 269 -50.87 102.07 12.52
N LEU I 270 -50.45 102.63 11.39
CA LEU I 270 -50.59 104.08 11.22
C LEU I 270 -52.05 104.48 11.12
N LEU I 271 -52.92 103.55 10.75
CA LEU I 271 -54.31 103.88 10.45
C LEU I 271 -55.19 103.74 11.66
N ALA J 1 -13.70 33.36 -21.44
CA ALA J 1 -15.01 33.34 -20.81
C ALA J 1 -15.07 32.32 -19.69
N ILE J 2 -15.97 32.56 -18.73
CA ILE J 2 -16.21 31.64 -17.64
C ILE J 2 -17.63 31.12 -17.83
N THR J 3 -17.76 29.89 -18.34
CA THR J 3 -19.05 29.34 -18.68
C THR J 3 -19.28 28.03 -17.93
N VAL J 4 -20.55 27.68 -17.76
CA VAL J 4 -20.93 26.50 -17.02
C VAL J 4 -21.58 25.45 -17.92
N ASN J 5 -22.18 25.86 -19.03
CA ASN J 5 -23.04 24.98 -19.80
C ASN J 5 -22.27 24.08 -20.75
N THR J 6 -21.04 24.41 -21.10
CA THR J 6 -20.24 23.61 -22.03
C THR J 6 -18.80 23.60 -21.54
N ASN J 7 -18.18 22.43 -21.63
CA ASN J 7 -16.81 22.25 -21.12
C ASN J 7 -16.05 21.48 -22.19
N VAL J 8 -15.13 22.16 -22.88
CA VAL J 8 -14.47 21.58 -24.04
C VAL J 8 -13.22 20.82 -23.62
N THR J 9 -12.53 21.30 -22.58
CA THR J 9 -11.36 20.60 -22.06
C THR J 9 -11.74 19.19 -21.63
N SER J 10 -12.93 19.03 -21.04
CA SER J 10 -13.38 17.72 -20.63
C SER J 10 -13.61 16.81 -21.83
N LEU J 11 -14.19 17.35 -22.91
CA LEU J 11 -14.41 16.56 -24.11
C LEU J 11 -13.09 16.05 -24.68
N LYS J 12 -12.09 16.91 -24.76
CA LYS J 12 -10.81 16.49 -25.31
C LYS J 12 -10.11 15.49 -24.40
N ALA J 13 -10.19 15.69 -23.09
CA ALA J 13 -9.62 14.72 -22.16
C ALA J 13 -10.30 13.35 -22.28
N GLN J 14 -11.62 13.34 -22.45
CA GLN J 14 -12.33 12.09 -22.67
C GLN J 14 -11.81 11.37 -23.89
N LYS J 15 -11.60 12.10 -25.00
CA LYS J 15 -11.16 11.43 -26.21
C LYS J 15 -9.75 10.84 -26.06
N ASN J 16 -8.84 11.59 -25.41
CA ASN J 16 -7.51 11.05 -25.19
C ASN J 16 -7.54 9.81 -24.31
N LEU J 17 -8.33 9.84 -23.24
CA LEU J 17 -8.40 8.70 -22.33
C LEU J 17 -8.96 7.47 -23.04
N ASN J 18 -9.94 7.67 -23.92
CA ASN J 18 -10.48 6.54 -24.67
C ASN J 18 -9.44 5.95 -25.62
N THR J 19 -8.68 6.80 -26.29
CA THR J 19 -7.63 6.30 -27.19
C THR J 19 -6.62 5.46 -26.42
N SER J 20 -6.19 5.93 -25.26
CA SER J 20 -5.23 5.19 -24.45
C SER J 20 -5.78 3.84 -24.02
N ALA J 21 -7.05 3.81 -23.57
CA ALA J 21 -7.65 2.56 -23.13
C ALA J 21 -7.74 1.54 -24.27
N SER J 22 -8.12 2.00 -25.46
CA SER J 22 -8.17 1.09 -26.61
C SER J 22 -6.79 0.50 -26.91
N ASP J 23 -5.75 1.33 -26.91
CA ASP J 23 -4.40 0.81 -27.18
C ASP J 23 -3.98 -0.23 -26.16
N LEU J 24 -4.29 0.02 -24.88
CA LEU J 24 -3.91 -0.92 -23.84
C LEU J 24 -4.63 -2.25 -24.01
N ALA J 25 -5.93 -2.22 -24.32
CA ALA J 25 -6.67 -3.46 -24.55
C ALA J 25 -6.08 -4.26 -25.70
N THR J 26 -5.73 -3.58 -26.79
CA THR J 26 -5.10 -4.28 -27.93
C THR J 26 -3.82 -4.99 -27.51
N SER J 27 -2.96 -4.28 -26.77
CA SER J 27 -1.71 -4.87 -26.33
C SER J 27 -1.94 -6.08 -25.42
N MET J 28 -2.90 -5.97 -24.51
CA MET J 28 -3.23 -7.07 -23.61
C MET J 28 -3.64 -8.31 -24.39
N GLU J 29 -4.50 -8.13 -25.39
CA GLU J 29 -4.90 -9.24 -26.25
C GLU J 29 -3.72 -9.88 -26.94
N ARG J 30 -2.83 -9.06 -27.50
CA ARG J 30 -1.68 -9.61 -28.23
C ARG J 30 -0.76 -10.40 -27.32
N LEU J 31 -0.55 -9.94 -26.08
CA LEU J 31 0.28 -10.70 -25.14
C LEU J 31 -0.40 -11.98 -24.68
N SER J 32 -1.73 -11.96 -24.54
CA SER J 32 -2.42 -13.16 -24.11
C SER J 32 -2.42 -14.23 -25.19
N SER J 33 -2.50 -13.83 -26.46
CA SER J 33 -2.61 -14.79 -27.54
C SER J 33 -1.26 -15.33 -27.98
N GLY J 34 -0.24 -14.47 -28.04
CA GLY J 34 1.04 -14.82 -28.58
C GLY J 34 1.20 -14.56 -30.07
N LEU J 35 0.23 -13.91 -30.70
CA LEU J 35 0.22 -13.66 -32.12
C LEU J 35 0.10 -12.17 -32.39
N ARG J 36 0.75 -11.71 -33.47
CA ARG J 36 0.64 -10.32 -33.87
C ARG J 36 -0.63 -10.08 -34.67
N ILE J 37 -1.02 -11.05 -35.49
CA ILE J 37 -2.18 -10.91 -36.37
C ILE J 37 -3.30 -11.75 -35.79
N ASN J 38 -4.25 -11.12 -35.13
CA ASN J 38 -5.43 -11.80 -34.63
C ASN J 38 -6.65 -11.64 -35.52
N SER J 39 -6.63 -10.68 -36.46
CA SER J 39 -7.73 -10.43 -37.36
C SER J 39 -7.15 -9.86 -38.65
N ALA J 40 -8.03 -9.50 -39.57
CA ALA J 40 -7.56 -8.81 -40.77
C ALA J 40 -7.49 -7.30 -40.57
N LYS J 41 -8.05 -6.80 -39.48
CA LYS J 41 -7.77 -5.44 -39.01
C LYS J 41 -6.27 -5.18 -38.88
N ASP J 42 -5.50 -6.20 -38.54
CA ASP J 42 -4.10 -6.06 -38.20
C ASP J 42 -3.21 -6.00 -39.44
N ASP J 43 -3.22 -7.06 -40.25
CA ASP J 43 -2.41 -7.11 -41.46
C ASP J 43 -3.10 -8.07 -42.42
N ALA J 44 -3.57 -7.55 -43.55
CA ALA J 44 -4.42 -8.36 -44.43
C ALA J 44 -3.61 -9.21 -45.40
N ALA J 45 -2.55 -8.64 -45.97
CA ALA J 45 -1.72 -9.42 -46.88
C ALA J 45 -0.91 -10.48 -46.15
N GLY J 46 -0.44 -10.16 -44.94
CA GLY J 46 0.26 -11.14 -44.14
C GLY J 46 -0.62 -12.30 -43.74
N LEU J 47 -1.92 -12.04 -43.52
CA LEU J 47 -2.86 -13.12 -43.23
C LEU J 47 -2.89 -14.16 -44.36
N ALA J 48 -2.99 -13.72 -45.61
CA ALA J 48 -3.05 -14.65 -46.72
C ALA J 48 -1.71 -15.34 -46.96
N ILE J 49 -0.62 -14.58 -46.86
CA ILE J 49 0.71 -15.19 -47.02
C ILE J 49 0.92 -16.27 -45.97
N SER J 50 0.47 -16.01 -44.75
CA SER J 50 0.66 -16.97 -43.67
C SER J 50 -0.29 -18.17 -43.80
N ASN J 51 -1.48 -17.97 -44.35
CA ASN J 51 -2.34 -19.12 -44.65
C ASN J 51 -1.68 -20.05 -45.65
N ARG J 52 -1.05 -19.49 -46.68
CA ARG J 52 -0.36 -20.35 -47.66
C ARG J 52 0.85 -21.05 -47.06
N LEU J 53 1.64 -20.33 -46.25
CA LEU J 53 2.78 -20.98 -45.60
C LEU J 53 2.34 -22.07 -44.64
N ASN J 54 1.18 -21.87 -43.99
CA ASN J 54 0.63 -22.87 -43.09
C ASN J 54 0.21 -24.13 -43.84
N SER J 55 -0.46 -23.95 -44.98
CA SER J 55 -0.75 -25.10 -45.85
C SER J 55 0.51 -25.85 -46.21
N GLN J 56 1.59 -25.15 -46.54
CA GLN J 56 2.82 -25.82 -46.93
C GLN J 56 3.43 -26.63 -45.78
N VAL J 57 3.48 -26.05 -44.58
CA VAL J 57 4.05 -26.76 -43.43
C VAL J 57 3.25 -28.04 -43.15
N ARG J 58 1.93 -27.92 -43.12
CA ARG J 58 1.10 -29.07 -42.79
C ARG J 58 1.18 -30.15 -43.86
N GLY J 59 1.23 -29.74 -45.13
CA GLY J 59 1.37 -30.70 -46.20
C GLY J 59 2.70 -31.44 -46.17
N LEU J 60 3.78 -30.73 -45.83
CA LEU J 60 5.07 -31.42 -45.71
C LEU J 60 5.06 -32.45 -44.60
N GLU J 61 4.39 -32.15 -43.49
CA GLU J 61 4.25 -33.15 -42.42
C GLU J 61 3.57 -34.41 -42.92
N VAL J 62 2.41 -34.26 -43.57
CA VAL J 62 1.70 -35.44 -44.07
C VAL J 62 2.50 -36.17 -45.15
N GLY J 63 3.25 -35.43 -45.97
CA GLY J 63 4.03 -36.06 -47.01
C GLY J 63 5.16 -36.92 -46.48
N MET J 64 5.81 -36.47 -45.40
CA MET J 64 6.81 -37.32 -44.75
C MET J 64 6.18 -38.58 -44.18
N ARG J 65 4.95 -38.48 -43.67
CA ARG J 65 4.26 -39.69 -43.23
C ARG J 65 4.06 -40.67 -44.39
N ASN J 66 3.61 -40.18 -45.55
CA ASN J 66 3.44 -41.05 -46.72
C ASN J 66 4.76 -41.66 -47.17
N ALA J 67 5.84 -40.89 -47.13
CA ALA J 67 7.15 -41.40 -47.54
C ALA J 67 7.60 -42.54 -46.64
N ASN J 68 7.31 -42.44 -45.34
CA ASN J 68 7.71 -43.51 -44.44
C ASN J 68 6.87 -44.76 -44.69
N ASP J 69 5.60 -44.58 -45.05
CA ASP J 69 4.77 -45.71 -45.49
C ASP J 69 5.37 -46.43 -46.70
N ALA J 70 5.83 -45.67 -47.69
CA ALA J 70 6.46 -46.29 -48.86
C ALA J 70 7.72 -47.06 -48.48
N ILE J 71 8.54 -46.49 -47.60
CA ILE J 71 9.76 -47.20 -47.15
C ILE J 71 9.39 -48.51 -46.47
N SER J 72 8.32 -48.51 -45.67
CA SER J 72 7.86 -49.73 -45.02
C SER J 72 7.49 -50.82 -46.03
N ILE J 73 6.69 -50.47 -47.03
CA ILE J 73 6.27 -51.44 -48.04
C ILE J 73 7.50 -52.05 -48.74
N ALA J 74 8.40 -51.17 -49.20
CA ALA J 74 9.58 -51.65 -49.93
C ALA J 74 10.45 -52.55 -49.07
N GLN J 75 10.56 -52.22 -47.78
CA GLN J 75 11.40 -53.00 -46.87
C GLN J 75 10.83 -54.40 -46.63
N ILE J 76 9.51 -54.51 -46.48
CA ILE J 76 8.89 -55.83 -46.32
C ILE J 76 9.11 -56.69 -47.57
N ALA J 77 8.84 -56.14 -48.76
CA ALA J 77 9.00 -56.94 -49.98
C ALA J 77 10.45 -57.38 -50.20
N GLU J 78 11.38 -56.43 -50.02
CA GLU J 78 12.79 -56.73 -50.18
C GLU J 78 13.25 -57.80 -49.21
N GLY J 79 12.76 -57.79 -47.97
CA GLY J 79 13.12 -58.83 -47.04
C GLY J 79 12.55 -60.18 -47.39
N ALA J 80 11.35 -60.21 -47.98
CA ALA J 80 10.77 -61.46 -48.42
C ALA J 80 11.58 -62.13 -49.52
N MET J 81 12.19 -61.35 -50.42
CA MET J 81 12.91 -61.96 -51.54
C MET J 81 14.20 -62.70 -51.14
N GLN J 82 14.75 -62.44 -49.95
CA GLN J 82 16.00 -63.05 -49.52
C GLN J 82 15.87 -64.55 -49.26
N GLU J 83 14.77 -64.97 -48.64
CA GLU J 83 14.54 -66.40 -48.42
C GLU J 83 14.34 -67.14 -49.72
N GLN J 84 13.73 -66.49 -50.71
CA GLN J 84 13.58 -67.09 -52.03
C GLN J 84 14.95 -67.31 -52.67
N THR J 85 15.82 -66.31 -52.62
CA THR J 85 17.20 -66.49 -53.09
C THR J 85 17.88 -67.67 -52.40
N ASN J 86 17.71 -67.77 -51.08
CA ASN J 86 18.35 -68.82 -50.31
C ASN J 86 17.90 -70.21 -50.76
N MET J 87 16.59 -70.38 -50.94
CA MET J 87 16.07 -71.67 -51.38
C MET J 87 16.51 -72.00 -52.80
N LEU J 88 16.61 -70.99 -53.68
CA LEU J 88 17.11 -71.27 -55.02
C LEU J 88 18.56 -71.75 -55.00
N GLN J 89 19.39 -71.19 -54.13
CA GLN J 89 20.75 -71.70 -53.98
C GLN J 89 20.76 -73.16 -53.54
N ARG J 90 19.88 -73.51 -52.61
CA ARG J 90 19.78 -74.91 -52.18
C ARG J 90 19.39 -75.83 -53.35
N MET J 91 18.40 -75.42 -54.15
CA MET J 91 18.01 -76.22 -55.31
C MET J 91 19.14 -76.37 -56.31
N ARG J 92 19.94 -75.31 -56.49
CA ARG J 92 21.11 -75.41 -57.36
C ARG J 92 22.09 -76.49 -56.89
N ASP J 93 22.33 -76.56 -55.57
CA ASP J 93 23.19 -77.61 -55.04
C ASP J 93 22.60 -79.00 -55.28
N LEU J 94 21.29 -79.16 -55.08
CA LEU J 94 20.65 -80.45 -55.34
C LEU J 94 20.76 -80.85 -56.80
N THR J 95 20.64 -79.89 -57.71
CA THR J 95 20.75 -80.19 -59.14
C THR J 95 22.17 -80.59 -59.51
N VAL J 96 23.18 -79.92 -58.95
CA VAL J 96 24.55 -80.34 -59.22
C VAL J 96 24.81 -81.73 -58.66
N GLN J 97 24.18 -82.05 -57.52
CA GLN J 97 24.36 -83.38 -56.95
C GLN J 97 23.69 -84.47 -57.77
N SER J 98 22.64 -84.12 -58.54
CA SER J 98 22.01 -85.11 -59.41
C SER J 98 22.91 -85.62 -60.52
N GLU J 99 23.95 -84.88 -60.89
CA GLU J 99 24.85 -85.25 -61.98
C GLU J 99 25.99 -86.13 -61.49
N ASN J 100 25.68 -87.32 -61.01
CA ASN J 100 26.64 -88.20 -60.36
C ASN J 100 26.40 -89.61 -60.86
N GLY J 101 27.37 -90.18 -61.57
CA GLY J 101 27.18 -91.48 -62.19
C GLY J 101 27.08 -92.63 -61.20
N ALA J 102 26.94 -92.34 -59.92
CA ALA J 102 26.72 -93.37 -58.92
C ALA J 102 25.32 -93.32 -58.33
N ASN J 103 24.55 -92.28 -58.64
CA ASN J 103 23.17 -92.21 -58.21
C ASN J 103 22.33 -93.25 -58.95
N SER J 104 21.29 -93.74 -58.29
CA SER J 104 20.30 -94.60 -58.91
C SER J 104 18.95 -93.90 -58.89
N SER J 105 17.91 -94.59 -59.34
CA SER J 105 16.60 -93.94 -59.49
C SER J 105 16.01 -93.55 -58.13
N ALA J 106 16.30 -94.32 -57.08
CA ALA J 106 15.80 -93.97 -55.76
C ALA J 106 16.46 -92.72 -55.21
N ASP J 107 17.77 -92.58 -55.41
CA ASP J 107 18.47 -91.37 -54.98
C ASP J 107 18.00 -90.16 -55.75
N LEU J 108 17.78 -90.32 -57.05
CA LEU J 108 17.24 -89.23 -57.86
C LEU J 108 15.85 -88.82 -57.39
N SER J 109 15.04 -89.80 -56.98
CA SER J 109 13.71 -89.49 -56.47
C SER J 109 13.79 -88.73 -55.15
N ALA J 110 14.74 -89.08 -54.29
CA ALA J 110 14.91 -88.34 -53.04
C ALA J 110 15.31 -86.89 -53.30
N LEU J 111 16.33 -86.70 -54.15
CA LEU J 111 16.75 -85.35 -54.53
C LEU J 111 15.58 -84.55 -55.08
N LYS J 112 14.77 -85.15 -55.97
CA LYS J 112 13.69 -84.40 -56.58
C LYS J 112 12.56 -84.10 -55.59
N ALA J 113 12.31 -85.00 -54.63
CA ALA J 113 11.31 -84.70 -53.61
C ALA J 113 11.68 -83.46 -52.81
N GLU J 114 12.97 -83.32 -52.47
CA GLU J 114 13.33 -82.09 -51.77
C GLU J 114 13.24 -80.85 -52.68
N MET J 115 13.60 -80.99 -53.96
CA MET J 115 13.42 -79.87 -54.88
C MET J 115 11.97 -79.41 -54.93
N ASP J 116 11.02 -80.35 -54.99
CA ASP J 116 9.61 -79.98 -55.04
C ASP J 116 9.16 -79.27 -53.78
N GLN J 117 9.60 -79.74 -52.60
CA GLN J 117 9.23 -79.02 -51.39
C GLN J 117 9.77 -77.59 -51.38
N LEU J 118 11.00 -77.39 -51.90
CA LEU J 118 11.54 -76.03 -51.94
C LEU J 118 10.77 -75.15 -52.91
N ALA J 119 10.33 -75.69 -54.05
CA ALA J 119 9.53 -74.90 -54.98
C ALA J 119 8.17 -74.54 -54.39
N ASN J 120 7.58 -75.46 -53.61
CA ASN J 120 6.36 -75.15 -52.90
C ASN J 120 6.54 -74.00 -51.91
N GLU J 121 7.65 -73.99 -51.18
CA GLU J 121 7.87 -72.88 -50.25
C GLU J 121 8.14 -71.56 -50.97
N ILE J 122 8.81 -71.59 -52.12
CA ILE J 122 8.96 -70.36 -52.91
C ILE J 122 7.58 -69.83 -53.33
N ASP J 123 6.70 -70.72 -53.77
CA ASP J 123 5.35 -70.28 -54.13
C ASP J 123 4.58 -69.74 -52.92
N GLU J 124 4.71 -70.38 -51.77
CA GLU J 124 4.02 -69.90 -50.59
C GLU J 124 4.47 -68.50 -50.19
N ILE J 125 5.78 -68.26 -50.16
CA ILE J 125 6.26 -66.90 -49.88
C ILE J 125 5.73 -65.93 -50.91
N GLY J 126 5.64 -66.36 -52.17
CA GLY J 126 5.12 -65.47 -53.21
C GLY J 126 3.68 -65.06 -52.97
N LYS J 127 2.84 -65.97 -52.50
CA LYS J 127 1.43 -65.62 -52.33
C LYS J 127 1.08 -65.11 -50.94
N THR J 128 1.99 -65.23 -49.96
CA THR J 128 1.61 -64.99 -48.57
C THR J 128 2.02 -63.59 -48.09
N THR J 129 3.09 -63.02 -48.64
CA THR J 129 3.63 -61.75 -48.16
C THR J 129 2.61 -60.62 -48.29
N ALA J 130 2.42 -59.87 -47.22
CA ALA J 130 1.38 -58.85 -47.17
C ALA J 130 1.80 -57.68 -46.30
N PHE J 131 1.12 -56.56 -46.51
CA PHE J 131 1.14 -55.41 -45.61
C PHE J 131 -0.23 -55.32 -44.98
N GLY J 132 -0.41 -55.93 -43.82
CA GLY J 132 -1.72 -56.07 -43.24
C GLY J 132 -2.52 -57.09 -44.00
N THR J 133 -3.34 -56.62 -44.94
CA THR J 133 -4.14 -57.53 -45.76
C THR J 133 -3.92 -57.36 -47.25
N THR J 134 -3.07 -56.44 -47.70
CA THR J 134 -2.84 -56.26 -49.13
C THR J 134 -1.60 -57.05 -49.53
N LYS J 135 -1.72 -57.82 -50.62
CA LYS J 135 -0.62 -58.65 -51.07
C LYS J 135 0.41 -57.83 -51.82
N LEU J 136 1.68 -58.19 -51.69
CA LEU J 136 2.77 -57.43 -52.28
C LEU J 136 3.47 -58.14 -53.43
N LEU J 137 3.65 -59.46 -53.36
CA LEU J 137 4.40 -60.16 -54.39
C LEU J 137 3.53 -60.95 -55.35
N ALA J 138 2.26 -60.62 -55.49
CA ALA J 138 1.36 -61.39 -56.33
C ALA J 138 1.03 -60.72 -57.64
N GLY J 139 1.43 -59.46 -57.82
CA GLY J 139 1.16 -58.73 -59.05
C GLY J 139 0.32 -57.49 -58.89
N GLY J 140 -0.04 -57.09 -57.66
CA GLY J 140 -0.84 -55.90 -57.47
C GLY J 140 -0.07 -54.61 -57.57
N PHE J 141 1.26 -54.66 -57.45
CA PHE J 141 2.12 -53.50 -57.63
C PHE J 141 2.90 -53.56 -58.93
N SER J 142 2.51 -54.44 -59.86
CA SER J 142 3.26 -54.60 -61.12
C SER J 142 3.27 -53.30 -61.92
N ALA J 143 2.13 -52.63 -62.00
CA ALA J 143 2.11 -51.20 -62.30
C ALA J 143 2.05 -50.45 -60.98
N GLY J 144 3.07 -49.63 -60.72
CA GLY J 144 3.29 -49.16 -59.38
C GLY J 144 2.15 -48.33 -58.82
N LYS J 145 2.22 -48.09 -57.52
CA LYS J 145 1.31 -47.20 -56.81
C LYS J 145 2.04 -45.92 -56.45
N ASN J 146 1.32 -44.80 -56.42
CA ASN J 146 1.92 -43.52 -56.10
C ASN J 146 1.67 -43.14 -54.65
N PHE J 147 2.69 -42.54 -54.05
CA PHE J 147 2.61 -41.94 -52.73
C PHE J 147 2.92 -40.46 -52.89
N GLN J 148 2.02 -39.58 -52.47
CA GLN J 148 2.28 -38.15 -52.57
C GLN J 148 3.19 -37.74 -51.42
N VAL J 149 4.43 -37.37 -51.74
CA VAL J 149 5.43 -37.08 -50.72
C VAL J 149 5.64 -35.59 -50.52
N GLY J 150 4.86 -34.74 -51.18
CA GLY J 150 4.94 -33.31 -51.02
C GLY J 150 3.59 -32.70 -50.65
N ALA J 151 3.58 -31.37 -50.64
CA ALA J 151 2.37 -30.64 -50.27
C ALA J 151 1.46 -30.35 -51.46
N GLN J 152 2.00 -30.36 -52.68
CA GLN J 152 1.24 -30.03 -53.87
C GLN J 152 0.98 -31.25 -54.72
N ASP J 153 -0.03 -31.15 -55.58
CA ASP J 153 -0.42 -32.25 -56.43
C ASP J 153 0.64 -32.54 -57.49
N GLY J 154 0.93 -33.82 -57.69
CA GLY J 154 1.90 -34.24 -58.67
C GLY J 154 3.29 -34.50 -58.13
N GLU J 155 3.53 -34.15 -56.87
CA GLU J 155 4.83 -34.38 -56.22
C GLU J 155 4.76 -35.72 -55.50
N ASP J 156 5.15 -36.77 -56.21
CA ASP J 156 4.93 -38.12 -55.73
C ASP J 156 5.91 -39.11 -56.32
N ILE J 157 6.02 -40.26 -55.67
CA ILE J 157 7.00 -41.30 -55.99
C ILE J 157 6.24 -42.60 -56.21
N LYS J 158 6.69 -43.40 -57.17
CA LYS J 158 6.01 -44.61 -57.58
C LYS J 158 6.80 -45.84 -57.13
N VAL J 159 6.11 -46.78 -56.48
CA VAL J 159 6.73 -48.01 -55.98
C VAL J 159 6.20 -49.18 -56.80
N THR J 160 7.12 -49.91 -57.44
CA THR J 160 6.78 -50.97 -58.38
C THR J 160 7.36 -52.29 -57.89
N VAL J 161 6.53 -53.32 -57.80
CA VAL J 161 6.97 -54.67 -57.46
C VAL J 161 6.27 -55.63 -58.42
N LYS J 162 7.04 -56.52 -59.04
CA LYS J 162 6.48 -57.52 -59.93
C LYS J 162 6.24 -58.81 -59.17
N ALA J 163 5.48 -59.71 -59.78
CA ALA J 163 5.15 -60.98 -59.14
C ALA J 163 6.36 -61.90 -59.15
N SER J 164 6.59 -62.58 -58.03
CA SER J 164 7.70 -63.54 -57.91
C SER J 164 7.20 -64.78 -57.17
N ASN J 165 7.07 -65.86 -57.91
CA ASN J 165 6.54 -67.12 -57.42
C ASN J 165 7.06 -68.20 -58.36
N LYS J 166 6.75 -69.46 -58.06
CA LYS J 166 7.37 -70.53 -58.84
C LYS J 166 6.85 -70.59 -60.27
N SER J 167 5.80 -69.84 -60.59
CA SER J 167 5.25 -69.88 -61.94
C SER J 167 5.87 -68.79 -62.81
N SER J 168 6.09 -67.60 -62.24
CA SER J 168 6.69 -66.53 -63.00
C SER J 168 8.21 -66.67 -63.09
N LEU J 169 8.82 -67.39 -62.15
CA LEU J 169 10.25 -67.65 -62.18
C LEU J 169 10.60 -68.89 -63.00
N SER J 170 9.60 -69.63 -63.50
CA SER J 170 9.80 -70.80 -64.35
C SER J 170 10.56 -71.92 -63.65
N VAL J 171 10.39 -72.08 -62.33
CA VAL J 171 11.02 -73.16 -61.60
C VAL J 171 10.00 -74.17 -61.09
N GLY J 172 8.76 -74.10 -61.57
CA GLY J 172 7.69 -74.95 -61.05
C GLY J 172 7.57 -76.32 -61.68
N SER J 173 8.46 -76.68 -62.60
CA SER J 173 8.40 -77.99 -63.26
C SER J 173 9.78 -78.47 -63.66
N LEU J 174 10.67 -78.67 -62.70
CA LEU J 174 12.04 -79.03 -63.01
C LEU J 174 12.24 -80.53 -62.86
N GLY J 175 13.07 -81.10 -63.72
CA GLY J 175 13.33 -82.52 -63.68
C GLY J 175 14.81 -82.79 -63.53
N ASN J 176 15.13 -84.02 -63.17
CA ASN J 176 16.52 -84.40 -62.97
C ASN J 176 16.79 -85.83 -63.40
N THR J 177 15.91 -86.44 -64.18
CA THR J 177 16.04 -87.86 -64.49
C THR J 177 16.86 -88.11 -65.76
N THR J 178 17.19 -87.07 -66.51
CA THR J 178 17.92 -87.18 -67.76
C THR J 178 18.94 -86.05 -67.82
N SER J 179 20.04 -86.29 -68.56
CA SER J 179 21.11 -85.31 -68.69
C SER J 179 20.61 -83.96 -69.19
N ALA J 180 19.76 -83.96 -70.22
CA ALA J 180 19.23 -82.72 -70.76
C ALA J 180 18.31 -82.03 -69.76
N ALA J 181 17.57 -82.82 -68.96
CA ALA J 181 16.70 -82.23 -67.95
C ALA J 181 17.52 -81.52 -66.87
N ARG J 182 18.66 -82.10 -66.49
CA ARG J 182 19.53 -81.46 -65.52
C ARG J 182 20.12 -80.17 -66.07
N ALA J 183 20.57 -80.19 -67.34
CA ALA J 183 21.09 -78.96 -67.94
C ALA J 183 20.04 -77.86 -67.96
N SER J 184 18.82 -78.22 -68.36
CA SER J 184 17.74 -77.24 -68.42
C SER J 184 17.42 -76.68 -67.04
N SER J 185 17.38 -77.54 -66.02
CA SER J 185 17.09 -77.07 -64.67
C SER J 185 18.17 -76.13 -64.17
N LEU J 186 19.43 -76.44 -64.44
CA LEU J 186 20.51 -75.53 -64.04
C LEU J 186 20.33 -74.16 -64.65
N LYS J 187 20.06 -74.10 -65.96
CA LYS J 187 19.89 -72.80 -66.61
C LYS J 187 18.74 -72.00 -66.03
N LYS J 188 17.60 -72.66 -65.78
CA LYS J 188 16.47 -71.89 -65.26
C LYS J 188 16.67 -71.44 -63.82
N ILE J 189 17.34 -72.24 -62.97
CA ILE J 189 17.62 -71.76 -61.62
C ILE J 189 18.54 -70.54 -61.65
N ASP J 190 19.58 -70.57 -62.51
CA ASP J 190 20.47 -69.41 -62.60
C ASP J 190 19.71 -68.17 -63.08
N ALA J 191 18.82 -68.33 -64.06
CA ALA J 191 18.03 -67.20 -64.53
C ALA J 191 17.14 -66.62 -63.43
N ALA J 192 16.53 -67.50 -62.63
CA ALA J 192 15.68 -67.02 -61.54
C ALA J 192 16.46 -66.22 -60.51
N ILE J 193 17.66 -66.69 -60.17
CA ILE J 193 18.50 -65.92 -59.26
C ILE J 193 18.78 -64.52 -59.83
N LYS J 194 19.05 -64.45 -61.14
CA LYS J 194 19.29 -63.16 -61.77
C LYS J 194 18.09 -62.22 -61.66
N THR J 195 16.88 -62.71 -61.93
CA THR J 195 15.74 -61.80 -61.91
C THR J 195 15.44 -61.30 -60.50
N ILE J 196 15.60 -62.16 -59.49
CA ILE J 196 15.42 -61.67 -58.12
C ILE J 196 16.45 -60.61 -57.78
N ASP J 197 17.70 -60.79 -58.20
CA ASP J 197 18.70 -59.74 -57.99
C ASP J 197 18.26 -58.40 -58.58
N ALA J 198 17.73 -58.43 -59.80
CA ALA J 198 17.31 -57.16 -60.42
C ALA J 198 16.19 -56.48 -59.63
N GLN J 199 15.20 -57.26 -59.20
CA GLN J 199 14.13 -56.67 -58.39
C GLN J 199 14.65 -56.05 -57.11
N ARG J 200 15.55 -56.74 -56.42
CA ARG J 200 16.09 -56.22 -55.18
C ARG J 200 16.89 -54.94 -55.41
N ALA J 201 17.60 -54.87 -56.54
CA ALA J 201 18.32 -53.64 -56.88
C ALA J 201 17.38 -52.46 -57.00
N ASP J 202 16.28 -52.62 -57.74
CA ASP J 202 15.34 -51.50 -57.88
C ASP J 202 14.72 -51.07 -56.56
N LEU J 203 14.36 -52.03 -55.70
CA LEU J 203 13.79 -51.64 -54.41
C LEU J 203 14.82 -50.90 -53.54
N GLY J 204 16.08 -51.30 -53.59
CA GLY J 204 17.10 -50.59 -52.84
C GLY J 204 17.28 -49.16 -53.32
N ALA J 205 17.29 -48.96 -54.64
CA ALA J 205 17.37 -47.61 -55.17
C ALA J 205 16.21 -46.75 -54.69
N ILE J 206 14.99 -47.30 -54.69
CA ILE J 206 13.83 -46.56 -54.19
C ILE J 206 14.01 -46.14 -52.74
N GLN J 207 14.53 -47.04 -51.90
CA GLN J 207 14.69 -46.70 -50.49
C GLN J 207 15.71 -45.57 -50.29
N ASN J 208 16.83 -45.61 -51.02
CA ASN J 208 17.81 -44.53 -50.93
C ASN J 208 17.19 -43.19 -51.33
N ARG J 209 16.45 -43.18 -52.44
CA ARG J 209 15.78 -41.97 -52.90
C ARG J 209 14.83 -41.41 -51.85
N LEU J 210 14.03 -42.27 -51.21
CA LEU J 210 13.09 -41.79 -50.21
C LEU J 210 13.79 -41.23 -48.99
N ALA J 211 14.95 -41.79 -48.64
CA ALA J 211 15.71 -41.23 -47.52
C ALA J 211 16.15 -39.79 -47.80
N HIS J 212 16.76 -39.57 -48.97
CA HIS J 212 17.14 -38.19 -49.35
C HIS J 212 15.93 -37.25 -49.36
N ASN J 213 14.80 -37.72 -49.85
CA ASN J 213 13.63 -36.85 -49.96
C ASN J 213 13.10 -36.45 -48.58
N ILE J 214 13.07 -37.39 -47.64
CA ILE J 214 12.61 -37.05 -46.29
C ILE J 214 13.56 -36.06 -45.62
N SER J 215 14.87 -36.23 -45.83
CA SER J 215 15.82 -35.28 -45.26
C SER J 215 15.57 -33.87 -45.79
N ASN J 216 15.37 -33.74 -47.11
CA ASN J 216 15.12 -32.42 -47.68
C ASN J 216 13.81 -31.81 -47.17
N SER J 217 12.79 -32.63 -46.96
CA SER J 217 11.53 -32.10 -46.45
C SER J 217 11.65 -31.59 -45.02
N ALA J 218 12.45 -32.28 -44.19
CA ALA J 218 12.67 -31.78 -42.83
C ALA J 218 13.37 -30.42 -42.85
N ASN J 219 14.43 -30.29 -43.65
CA ASN J 219 15.08 -28.98 -43.82
C ASN J 219 14.07 -27.90 -44.20
N THR J 220 13.28 -28.15 -45.25
CA THR J 220 12.39 -27.12 -45.75
C THR J 220 11.32 -26.76 -44.75
N GLN J 221 10.82 -27.75 -44.00
CA GLN J 221 9.83 -27.46 -42.96
C GLN J 221 10.40 -26.52 -41.92
N ALA J 222 11.63 -26.77 -41.46
CA ALA J 222 12.25 -25.85 -40.50
C ALA J 222 12.34 -24.43 -41.04
N ASN J 223 12.85 -24.28 -42.27
CA ASN J 223 13.03 -22.94 -42.83
C ASN J 223 11.70 -22.22 -43.05
N VAL J 224 10.67 -22.94 -43.48
CA VAL J 224 9.38 -22.30 -43.74
C VAL J 224 8.69 -21.93 -42.44
N ALA J 225 8.83 -22.74 -41.38
CA ALA J 225 8.26 -22.37 -40.10
C ALA J 225 8.94 -21.13 -39.52
N ASP J 226 10.27 -21.03 -39.68
CA ASP J 226 10.96 -19.77 -39.37
C ASP J 226 10.36 -18.59 -40.11
N ALA J 227 10.20 -18.74 -41.44
CA ALA J 227 9.62 -17.67 -42.25
C ALA J 227 8.25 -17.24 -41.76
N LYS J 228 7.39 -18.21 -41.42
CA LYS J 228 6.04 -17.87 -40.95
C LYS J 228 6.07 -17.20 -39.60
N SER J 229 6.96 -17.64 -38.72
CA SER J 229 7.08 -17.04 -37.40
C SER J 229 7.47 -15.57 -37.51
N ARG J 230 8.34 -15.24 -38.48
CA ARG J 230 8.71 -13.83 -38.67
C ARG J 230 7.51 -12.96 -39.00
N ILE J 231 6.44 -13.53 -39.54
CA ILE J 231 5.28 -12.74 -39.96
C ILE J 231 4.18 -12.74 -38.91
N VAL J 232 3.91 -13.87 -38.26
CA VAL J 232 2.69 -14.05 -37.50
C VAL J 232 2.89 -13.78 -36.00
N ASP J 233 4.03 -14.17 -35.44
CA ASP J 233 4.20 -14.16 -34.00
C ASP J 233 4.49 -12.77 -33.46
N VAL J 234 4.22 -12.59 -32.16
CA VAL J 234 4.39 -11.30 -31.51
C VAL J 234 5.80 -11.22 -30.91
N ASP J 235 6.27 -10.00 -30.73
CA ASP J 235 7.53 -9.70 -30.07
C ASP J 235 7.23 -9.27 -28.64
N PHE J 236 7.70 -10.05 -27.67
CA PHE J 236 7.38 -9.75 -26.27
C PHE J 236 8.12 -8.51 -25.78
N ALA J 237 9.37 -8.34 -26.19
CA ALA J 237 10.18 -7.20 -25.74
C ALA J 237 9.56 -5.88 -26.15
N LYS J 238 8.94 -5.84 -27.32
CA LYS J 238 8.31 -4.62 -27.81
C LYS J 238 6.92 -4.42 -27.22
N GLU J 239 6.19 -5.52 -27.07
CA GLU J 239 4.78 -5.40 -26.74
C GLU J 239 4.61 -5.09 -25.25
N THR J 240 5.50 -5.61 -24.41
CA THR J 240 5.45 -5.26 -22.99
C THR J 240 5.76 -3.78 -22.77
N SER J 241 6.67 -3.21 -23.57
CA SER J 241 6.98 -1.80 -23.48
C SER J 241 5.77 -0.95 -23.87
N GLN J 242 5.10 -1.32 -24.96
CA GLN J 242 3.89 -0.59 -25.34
C GLN J 242 2.82 -0.68 -24.25
N MET J 243 2.69 -1.85 -23.63
CA MET J 243 1.69 -2.01 -22.58
C MET J 243 1.96 -1.07 -21.41
N THR J 244 3.22 -1.01 -20.95
CA THR J 244 3.54 -0.15 -19.82
C THR J 244 3.33 1.33 -20.16
N LYS J 245 3.69 1.74 -21.38
CA LYS J 245 3.44 3.12 -21.77
C LYS J 245 1.95 3.46 -21.71
N ASN J 246 1.09 2.58 -22.22
CA ASN J 246 -0.34 2.89 -22.20
C ASN J 246 -0.92 2.85 -20.80
N GLN J 247 -0.38 2.02 -19.91
CA GLN J 247 -0.78 2.05 -18.51
C GLN J 247 -0.54 3.43 -17.89
N VAL J 248 0.68 3.95 -18.04
CA VAL J 248 0.99 5.26 -17.47
C VAL J 248 0.10 6.34 -18.08
N LEU J 249 -0.13 6.27 -19.40
CA LEU J 249 -0.98 7.27 -20.02
C LEU J 249 -2.42 7.20 -19.51
N GLN J 250 -2.91 5.98 -19.21
CA GLN J 250 -4.24 5.88 -18.64
C GLN J 250 -4.33 6.57 -17.30
N GLN J 251 -3.35 6.36 -16.43
CA GLN J 251 -3.40 7.00 -15.11
C GLN J 251 -3.32 8.52 -15.24
N THR J 252 -2.46 9.02 -16.14
CA THR J 252 -2.35 10.47 -16.33
C THR J 252 -3.64 11.06 -16.89
N GLY J 253 -4.24 10.40 -17.88
CA GLY J 253 -5.45 10.92 -18.47
C GLY J 253 -6.63 10.89 -17.51
N SER J 254 -6.70 9.86 -16.67
CA SER J 254 -7.72 9.82 -15.63
C SER J 254 -7.59 11.00 -14.68
N ALA J 255 -6.37 11.24 -14.17
CA ALA J 255 -6.14 12.39 -13.30
C ALA J 255 -6.52 13.70 -13.98
N MET J 256 -6.18 13.85 -15.26
CA MET J 256 -6.40 15.11 -15.93
C MET J 256 -7.89 15.34 -16.21
N LEU J 257 -8.63 14.27 -16.50
CA LEU J 257 -10.08 14.42 -16.69
C LEU J 257 -10.79 14.73 -15.39
N ALA J 258 -10.37 14.09 -14.29
CA ALA J 258 -10.95 14.40 -13.00
C ALA J 258 -10.70 15.84 -12.60
N GLN J 259 -9.52 16.36 -12.94
CA GLN J 259 -9.25 17.77 -12.67
C GLN J 259 -10.00 18.69 -13.63
N ALA J 260 -10.31 18.20 -14.84
CA ALA J 260 -11.00 19.03 -15.82
C ALA J 260 -12.47 19.21 -15.48
N ASN J 261 -13.10 18.19 -14.87
CA ASN J 261 -14.51 18.33 -14.51
C ASN J 261 -14.78 19.31 -13.38
N GLN J 262 -13.76 19.94 -12.79
CA GLN J 262 -13.97 20.91 -11.72
C GLN J 262 -13.85 22.36 -12.18
N LEU J 263 -13.86 22.63 -13.48
CA LEU J 263 -13.69 24.00 -13.95
C LEU J 263 -14.92 24.89 -13.79
N PRO J 264 -16.16 24.41 -13.94
CA PRO J 264 -17.31 25.31 -13.77
C PRO J 264 -17.50 25.86 -12.37
N GLN J 265 -16.61 25.56 -11.42
CA GLN J 265 -16.80 26.04 -10.06
C GLN J 265 -16.21 27.42 -9.80
N VAL J 266 -15.64 28.06 -10.82
CA VAL J 266 -15.19 29.44 -10.65
C VAL J 266 -16.39 30.38 -10.61
N ALA J 267 -17.49 29.98 -11.27
CA ALA J 267 -18.68 30.80 -11.29
C ALA J 267 -19.27 30.95 -9.89
N LEU J 268 -19.25 29.90 -9.10
CA LEU J 268 -19.73 29.99 -7.72
C LEU J 268 -18.92 31.01 -6.93
N SER J 269 -17.63 31.13 -7.23
CA SER J 269 -16.82 32.16 -6.60
C SER J 269 -17.26 33.55 -7.04
N LEU J 270 -17.49 33.73 -8.34
CA LEU J 270 -17.96 35.04 -8.80
C LEU J 270 -19.36 35.34 -8.29
N LEU J 271 -20.11 34.31 -7.94
CA LEU J 271 -21.53 34.48 -7.62
C LEU J 271 -21.75 34.70 -6.13
N ALA K 1 -68.74 123.18 0.34
CA ALA K 1 -70.07 123.15 0.94
C ALA K 1 -70.16 122.12 2.05
N ILE K 2 -71.06 122.36 2.99
CA ILE K 2 -71.33 121.43 4.07
C ILE K 2 -72.76 120.92 3.85
N THR K 3 -72.89 119.71 3.32
CA THR K 3 -74.18 119.16 2.95
C THR K 3 -74.43 117.85 3.68
N VAL K 4 -75.71 117.51 3.82
CA VAL K 4 -76.11 116.32 4.54
C VAL K 4 -76.75 115.29 3.62
N ASN K 5 -77.33 115.73 2.51
CA ASN K 5 -78.19 114.87 1.71
C ASN K 5 -77.42 113.97 0.75
N THR K 6 -76.17 114.30 0.43
CA THR K 6 -75.38 113.51 -0.50
C THR K 6 -73.95 113.47 0.01
N ASN K 7 -73.32 112.30 -0.09
CA ASN K 7 -71.97 112.09 0.44
C ASN K 7 -71.21 111.34 -0.63
N VAL K 8 -70.26 112.02 -1.30
CA VAL K 8 -69.59 111.44 -2.46
C VAL K 8 -68.36 110.66 -2.03
N THR K 9 -67.68 111.12 -0.98
CA THR K 9 -66.53 110.41 -0.45
C THR K 9 -66.92 108.99 -0.04
N SER K 10 -68.12 108.84 0.53
CA SER K 10 -68.60 107.52 0.91
C SER K 10 -68.83 106.63 -0.31
N LEU K 11 -69.37 107.19 -1.39
CA LEU K 11 -69.58 106.42 -2.61
C LEU K 11 -68.26 105.91 -3.17
N LYS K 12 -67.25 106.76 -3.21
CA LYS K 12 -65.97 106.34 -3.76
C LYS K 12 -65.28 105.31 -2.85
N ALA K 13 -65.39 105.49 -1.53
CA ALA K 13 -64.84 104.51 -0.61
C ALA K 13 -65.52 103.16 -0.77
N GLN K 14 -66.85 103.16 -0.95
CA GLN K 14 -67.57 101.92 -1.20
C GLN K 14 -67.04 101.21 -2.43
N LYS K 15 -66.81 101.95 -3.52
CA LYS K 15 -66.36 101.30 -4.74
C LYS K 15 -64.96 100.69 -4.57
N ASN K 16 -64.05 101.42 -3.91
CA ASN K 16 -62.72 100.86 -3.67
C ASN K 16 -62.77 99.61 -2.81
N LEU K 17 -63.59 99.63 -1.75
CA LEU K 17 -63.68 98.48 -0.86
C LEU K 17 -64.24 97.26 -1.60
N ASN K 18 -65.21 97.48 -2.49
CA ASN K 18 -65.75 96.38 -3.27
C ASN K 18 -64.70 95.79 -4.21
N THR K 19 -63.91 96.64 -4.85
CA THR K 19 -62.86 96.14 -5.74
C THR K 19 -61.86 95.28 -4.98
N SER K 20 -61.45 95.74 -3.80
CA SER K 20 -60.51 94.97 -3.00
C SER K 20 -61.08 93.62 -2.59
N ALA K 21 -62.36 93.60 -2.15
CA ALA K 21 -62.97 92.34 -1.74
C ALA K 21 -63.05 91.35 -2.90
N SER K 22 -63.41 91.83 -4.09
CA SER K 22 -63.46 90.94 -5.25
C SER K 22 -62.08 90.34 -5.55
N ASP K 23 -61.03 91.15 -5.52
CA ASP K 23 -59.69 90.63 -5.78
C ASP K 23 -59.30 89.57 -4.76
N LEU K 24 -59.62 89.80 -3.48
CA LEU K 24 -59.26 88.83 -2.45
C LEU K 24 -59.99 87.51 -2.64
N ALA K 25 -61.29 87.58 -2.99
CA ALA K 25 -62.03 86.35 -3.24
C ALA K 25 -61.44 85.56 -4.39
N THR K 26 -61.07 86.23 -5.48
CA THR K 26 -60.43 85.55 -6.61
C THR K 26 -59.15 84.83 -6.18
N SER K 27 -58.31 85.51 -5.42
CA SER K 27 -57.06 84.90 -4.97
C SER K 27 -57.31 83.69 -4.09
N MET K 28 -58.29 83.80 -3.18
CA MET K 28 -58.64 82.68 -2.31
C MET K 28 -59.05 81.45 -3.11
N GLU K 29 -59.90 81.66 -4.13
CA GLU K 29 -60.31 80.57 -5.02
C GLU K 29 -59.11 79.92 -5.70
N ARG K 30 -58.20 80.74 -6.22
CA ARG K 30 -57.06 80.20 -6.94
C ARG K 30 -56.14 79.38 -6.04
N LEU K 31 -55.96 79.82 -4.78
CA LEU K 31 -55.15 79.04 -3.85
C LEU K 31 -55.85 77.76 -3.42
N SER K 32 -57.18 77.79 -3.30
CA SER K 32 -57.90 76.59 -2.89
C SER K 32 -57.89 75.54 -3.98
N SER K 33 -57.95 75.96 -5.25
CA SER K 33 -58.05 75.01 -6.36
C SER K 33 -56.68 74.47 -6.79
N GLY K 34 -55.66 75.33 -6.81
CA GLY K 34 -54.38 74.96 -7.34
C GLY K 34 -54.19 75.25 -8.81
N LEU K 35 -55.15 75.92 -9.45
CA LEU K 35 -55.13 76.19 -10.87
C LEU K 35 -55.24 77.68 -11.13
N ARG K 36 -54.56 78.15 -12.18
CA ARG K 36 -54.65 79.55 -12.57
C ARG K 36 -55.90 79.82 -13.38
N ILE K 37 -56.30 78.86 -14.22
CA ILE K 37 -57.44 79.03 -15.11
C ILE K 37 -58.57 78.18 -14.56
N ASN K 38 -59.54 78.82 -13.91
CA ASN K 38 -60.74 78.14 -13.43
C ASN K 38 -61.93 78.33 -14.35
N SER K 39 -61.89 79.29 -15.25
CA SER K 39 -62.98 79.57 -16.18
C SER K 39 -62.37 80.16 -17.44
N ALA K 40 -63.22 80.54 -18.38
CA ALA K 40 -62.74 81.25 -19.55
C ALA K 40 -62.65 82.75 -19.33
N LYS K 41 -63.23 83.25 -18.24
CA LYS K 41 -62.94 84.59 -17.75
C LYS K 41 -61.45 84.84 -17.59
N ASP K 42 -60.69 83.80 -17.26
CA ASP K 42 -59.29 83.92 -16.89
C ASP K 42 -58.38 83.99 -18.12
N ASP K 43 -58.39 82.95 -18.94
CA ASP K 43 -57.56 82.90 -20.14
C ASP K 43 -58.25 81.97 -21.13
N ALA K 44 -58.69 82.50 -22.27
CA ALA K 44 -59.54 81.73 -23.16
C ALA K 44 -58.72 80.89 -24.13
N ALA K 45 -57.65 81.44 -24.68
CA ALA K 45 -56.81 80.68 -25.59
C ALA K 45 -56.02 79.59 -24.86
N GLY K 46 -55.57 79.89 -23.65
CA GLY K 46 -54.89 78.89 -22.85
C GLY K 46 -55.79 77.74 -22.48
N LEU K 47 -57.09 78.00 -22.28
CA LEU K 47 -58.04 76.93 -22.02
C LEU K 47 -58.06 75.91 -23.15
N ALA K 48 -58.15 76.37 -24.40
CA ALA K 48 -58.20 75.44 -25.52
C ALA K 48 -56.86 74.75 -25.76
N ILE K 49 -55.76 75.50 -25.63
CA ILE K 49 -54.45 74.89 -25.79
C ILE K 49 -54.26 73.78 -24.75
N SER K 50 -54.73 74.02 -23.52
CA SER K 50 -54.56 73.04 -22.46
C SER K 50 -55.51 71.86 -22.62
N ASN K 51 -56.70 72.09 -23.18
CA ASN K 51 -57.57 70.95 -23.52
C ASN K 51 -56.90 70.03 -24.53
N ARG K 52 -56.24 70.59 -25.53
CA ARG K 52 -55.56 69.75 -26.52
C ARG K 52 -54.36 69.02 -25.91
N LEU K 53 -53.57 69.72 -25.07
CA LEU K 53 -52.45 69.04 -24.43
C LEU K 53 -52.93 67.95 -23.48
N ASN K 54 -54.08 68.15 -22.85
CA ASN K 54 -54.66 67.14 -21.97
C ASN K 54 -55.07 65.90 -22.75
N SER K 55 -55.72 66.10 -23.90
CA SER K 55 -56.02 64.98 -24.79
C SER K 55 -54.76 64.21 -25.14
N GLN K 56 -53.66 64.91 -25.44
CA GLN K 56 -52.43 64.23 -25.82
C GLN K 56 -51.86 63.41 -24.68
N VAL K 57 -51.81 63.97 -23.47
CA VAL K 57 -51.28 63.22 -22.33
C VAL K 57 -52.08 61.95 -22.08
N ARG K 58 -53.40 62.07 -22.06
CA ARG K 58 -54.26 60.94 -21.76
C ARG K 58 -54.17 59.87 -22.85
N GLY K 59 -54.09 60.30 -24.11
CA GLY K 59 -53.94 59.35 -25.20
C GLY K 59 -52.62 58.61 -25.16
N LEU K 60 -51.54 59.29 -24.78
CA LEU K 60 -50.26 58.59 -24.66
C LEU K 60 -50.29 57.54 -23.57
N GLU K 61 -50.98 57.83 -22.47
CA GLU K 61 -51.15 56.83 -21.42
C GLU K 61 -51.83 55.57 -21.95
N VAL K 62 -52.98 55.74 -22.61
CA VAL K 62 -53.70 54.57 -23.14
C VAL K 62 -52.89 53.86 -24.21
N GLY K 63 -52.12 54.60 -25.00
CA GLY K 63 -51.33 53.98 -26.05
C GLY K 63 -50.22 53.10 -25.50
N MET K 64 -49.58 53.53 -24.41
CA MET K 64 -48.60 52.65 -23.77
C MET K 64 -49.25 51.40 -23.22
N ARG K 65 -50.48 51.50 -22.73
CA ARG K 65 -51.19 50.28 -22.32
C ARG K 65 -51.38 49.32 -23.50
N ASN K 66 -51.82 49.84 -24.65
CA ASN K 66 -51.97 49.00 -25.84
C ASN K 66 -50.65 48.37 -26.29
N ALA K 67 -49.56 49.14 -26.22
CA ALA K 67 -48.26 48.61 -26.62
C ALA K 67 -47.83 47.46 -25.72
N ASN K 68 -48.13 47.55 -24.44
CA ASN K 68 -47.76 46.46 -23.54
C ASN K 68 -48.60 45.22 -23.82
N ASP K 69 -49.88 45.42 -24.21
CA ASP K 69 -50.70 44.30 -24.68
C ASP K 69 -50.09 43.59 -25.88
N ALA K 70 -49.61 44.36 -26.85
CA ALA K 70 -48.97 43.75 -28.02
C ALA K 70 -47.72 42.97 -27.64
N ILE K 71 -46.91 43.51 -26.72
CA ILE K 71 -45.72 42.79 -26.27
C ILE K 71 -46.10 41.47 -25.62
N SER K 72 -47.18 41.47 -24.84
CA SER K 72 -47.66 40.24 -24.21
C SER K 72 -48.02 39.18 -25.24
N ILE K 73 -48.82 39.55 -26.25
CA ILE K 73 -49.22 38.59 -27.28
C ILE K 73 -47.99 38.00 -27.97
N ALA K 74 -47.07 38.86 -28.41
CA ALA K 74 -45.89 38.38 -29.13
C ALA K 74 -45.04 37.46 -28.26
N GLN K 75 -44.94 37.77 -26.97
CA GLN K 75 -44.13 36.98 -26.07
C GLN K 75 -44.71 35.58 -25.86
N ILE K 76 -46.04 35.47 -25.73
CA ILE K 76 -46.67 34.15 -25.61
C ILE K 76 -46.44 33.31 -26.85
N ALA K 77 -46.69 33.88 -28.04
CA ALA K 77 -46.52 33.09 -29.26
C ALA K 77 -45.08 32.66 -29.47
N GLU K 78 -44.14 33.59 -29.27
CA GLU K 78 -42.73 33.27 -29.42
C GLU K 78 -42.28 32.19 -28.45
N GLY K 79 -42.80 32.19 -27.22
CA GLY K 79 -42.46 31.13 -26.29
C GLY K 79 -43.05 29.79 -26.68
N ALA K 80 -44.23 29.79 -27.28
CA ALA K 80 -44.82 28.54 -27.75
C ALA K 80 -44.00 27.88 -28.86
N MET K 81 -43.37 28.67 -29.74
CA MET K 81 -42.64 28.06 -30.85
C MET K 81 -41.35 27.30 -30.45
N GLN K 82 -40.83 27.55 -29.24
CA GLN K 82 -39.58 26.92 -28.80
C GLN K 82 -39.74 25.41 -28.57
N GLU K 83 -40.85 24.99 -27.97
CA GLU K 83 -41.09 23.56 -27.77
C GLU K 83 -41.27 22.84 -29.10
N GLN K 84 -41.88 23.52 -30.08
CA GLN K 84 -42.01 22.95 -31.41
C GLN K 84 -40.64 22.72 -32.04
N THR K 85 -39.74 23.71 -31.95
CA THR K 85 -38.37 23.51 -32.41
C THR K 85 -37.70 22.32 -31.73
N ASN K 86 -37.90 22.20 -30.42
CA ASN K 86 -37.28 21.13 -29.64
C ASN K 86 -37.74 19.76 -30.12
N MET K 87 -39.05 19.61 -30.33
CA MET K 87 -39.58 18.34 -30.80
C MET K 87 -39.12 18.01 -32.21
N LEU K 88 -39.01 19.02 -33.07
CA LEU K 88 -38.47 18.76 -34.42
C LEU K 88 -37.03 18.27 -34.38
N GLN K 89 -36.21 18.81 -33.48
CA GLN K 89 -34.86 18.29 -33.33
C GLN K 89 -34.87 16.82 -32.92
N ARG K 90 -35.77 16.46 -32.00
CA ARG K 90 -35.88 15.06 -31.59
C ARG K 90 -36.27 14.16 -32.78
N MET K 91 -37.24 14.59 -33.59
CA MET K 91 -37.63 13.81 -34.77
C MET K 91 -36.48 13.67 -35.76
N ARG K 92 -35.66 14.71 -35.91
CA ARG K 92 -34.48 14.62 -36.76
C ARG K 92 -33.53 13.52 -36.29
N ASP K 93 -33.30 13.44 -34.98
CA ASP K 93 -32.46 12.36 -34.46
C ASP K 93 -33.07 10.99 -34.72
N LEU K 94 -34.38 10.84 -34.53
CA LEU K 94 -35.03 9.56 -34.82
C LEU K 94 -34.90 9.17 -36.29
N THR K 95 -34.99 10.16 -37.19
CA THR K 95 -34.86 9.88 -38.62
C THR K 95 -33.44 9.46 -38.97
N VAL K 96 -32.44 10.12 -38.39
CA VAL K 96 -31.06 9.70 -38.64
C VAL K 96 -30.83 8.29 -38.10
N GLN K 97 -31.47 7.95 -36.98
CA GLN K 97 -31.33 6.61 -36.42
C GLN K 97 -32.00 5.55 -37.28
N SER K 98 -33.02 5.91 -38.05
CA SER K 98 -33.65 4.94 -38.94
C SER K 98 -32.74 4.45 -40.06
N GLU K 99 -31.69 5.18 -40.40
CA GLU K 99 -30.77 4.81 -41.48
C GLU K 99 -29.64 3.92 -40.98
N ASN K 100 -29.98 2.73 -40.52
CA ASN K 100 -29.03 1.84 -39.88
C ASN K 100 -29.28 0.42 -40.39
N GLY K 101 -28.31 -0.13 -41.11
CA GLY K 101 -28.50 -1.43 -41.74
C GLY K 101 -28.62 -2.59 -40.79
N ALA K 102 -28.79 -2.33 -39.50
CA ALA K 102 -29.03 -3.37 -38.51
C ALA K 102 -30.44 -3.31 -37.95
N ASN K 103 -31.19 -2.26 -38.25
CA ASN K 103 -32.58 -2.18 -37.83
C ASN K 103 -33.41 -3.19 -38.60
N SER K 104 -34.47 -3.68 -37.97
CA SER K 104 -35.46 -4.53 -38.61
C SER K 104 -36.80 -3.81 -38.60
N SER K 105 -37.85 -4.49 -39.09
CA SER K 105 -39.14 -3.83 -39.23
C SER K 105 -39.75 -3.45 -37.89
N ALA K 106 -39.48 -4.24 -36.84
CA ALA K 106 -40.00 -3.92 -35.52
C ALA K 106 -39.34 -2.67 -34.95
N ASP K 107 -38.02 -2.54 -35.12
CA ASP K 107 -37.31 -1.35 -34.66
C ASP K 107 -37.76 -0.11 -35.42
N LEU K 108 -37.97 -0.25 -36.74
CA LEU K 108 -38.47 0.86 -37.52
C LEU K 108 -39.86 1.27 -37.07
N SER K 109 -40.70 0.29 -36.69
CA SER K 109 -42.03 0.62 -36.20
C SER K 109 -41.97 1.36 -34.87
N ALA K 110 -41.04 0.98 -33.99
CA ALA K 110 -40.88 1.70 -32.73
C ALA K 110 -40.45 3.14 -32.96
N LEU K 111 -39.43 3.33 -33.78
CA LEU K 111 -38.99 4.68 -34.14
C LEU K 111 -40.13 5.51 -34.71
N LYS K 112 -40.93 4.93 -35.61
CA LYS K 112 -42.00 5.70 -36.22
C LYS K 112 -43.15 5.99 -35.25
N ALA K 113 -43.42 5.09 -34.31
CA ALA K 113 -44.43 5.38 -33.29
C ALA K 113 -44.05 6.60 -32.47
N GLU K 114 -42.77 6.72 -32.11
CA GLU K 114 -42.41 7.94 -31.39
C GLU K 114 -42.47 9.19 -32.27
N MET K 115 -42.10 9.07 -33.55
CA MET K 115 -42.26 10.21 -34.46
C MET K 115 -43.71 10.68 -34.53
N ASP K 116 -44.65 9.75 -34.61
CA ASP K 116 -46.06 10.13 -34.68
C ASP K 116 -46.53 10.82 -33.41
N GLN K 117 -46.11 10.34 -32.24
CA GLN K 117 -46.48 11.05 -31.02
C GLN K 117 -45.93 12.47 -30.99
N LEU K 118 -44.70 12.67 -31.47
CA LEU K 118 -44.14 14.01 -31.49
C LEU K 118 -44.89 14.93 -32.46
N ALA K 119 -45.31 14.40 -33.61
CA ALA K 119 -46.09 15.22 -34.54
C ALA K 119 -47.45 15.57 -33.96
N ASN K 120 -48.07 14.66 -33.21
CA ASN K 120 -49.30 14.98 -32.51
C ASN K 120 -49.12 16.09 -31.49
N GLU K 121 -48.02 16.08 -30.75
CA GLU K 121 -47.81 17.18 -29.80
C GLU K 121 -47.52 18.51 -30.50
N ILE K 122 -46.81 18.49 -31.63
CA ILE K 122 -46.65 19.72 -32.42
C ILE K 122 -48.01 20.28 -32.84
N ASP K 123 -48.91 19.40 -33.30
CA ASP K 123 -50.24 19.87 -33.68
C ASP K 123 -51.02 20.40 -32.49
N GLU K 124 -50.91 19.74 -31.33
CA GLU K 124 -51.62 20.20 -30.15
C GLU K 124 -51.16 21.58 -29.72
N ILE K 125 -49.84 21.82 -29.68
CA ILE K 125 -49.35 23.16 -29.36
C ILE K 125 -49.86 24.17 -30.39
N GLY K 126 -49.95 23.75 -31.65
CA GLY K 126 -50.43 24.66 -32.68
C GLY K 126 -51.88 25.09 -32.47
N LYS K 127 -52.73 24.18 -32.03
CA LYS K 127 -54.15 24.54 -31.87
C LYS K 127 -54.50 25.03 -30.46
N THR K 128 -53.61 24.89 -29.48
CA THR K 128 -54.00 25.11 -28.10
C THR K 128 -53.59 26.49 -27.58
N THR K 129 -52.51 27.06 -28.11
CA THR K 129 -51.97 28.32 -27.61
C THR K 129 -52.97 29.46 -27.73
N ALA K 130 -53.17 30.20 -26.65
CA ALA K 130 -54.21 31.22 -26.61
C ALA K 130 -53.78 32.38 -25.71
N PHE K 131 -54.45 33.51 -25.90
CA PHE K 131 -54.42 34.65 -24.99
C PHE K 131 -55.82 34.74 -24.38
N GLY K 132 -56.00 34.11 -23.23
CA GLY K 132 -57.32 33.98 -22.68
C GLY K 132 -58.14 32.97 -23.46
N THR K 133 -58.93 33.46 -24.41
CA THR K 133 -59.72 32.58 -25.25
C THR K 133 -59.49 32.77 -26.74
N THR K 134 -58.62 33.69 -27.16
CA THR K 134 -58.36 33.89 -28.58
C THR K 134 -57.13 33.08 -28.99
N LYS K 135 -57.23 32.35 -30.08
CA LYS K 135 -56.14 31.51 -30.53
C LYS K 135 -55.09 32.33 -31.26
N LEU K 136 -53.82 31.95 -31.11
CA LEU K 136 -52.71 32.71 -31.66
C LEU K 136 -52.01 32.01 -32.82
N LEU K 137 -51.85 30.68 -32.77
CA LEU K 137 -51.09 30.00 -33.79
C LEU K 137 -51.95 29.23 -34.78
N ALA K 138 -53.22 29.59 -34.93
CA ALA K 138 -54.11 28.82 -35.79
C ALA K 138 -54.41 29.52 -37.11
N GLY K 139 -53.99 30.77 -37.26
CA GLY K 139 -54.24 31.52 -38.48
C GLY K 139 -55.07 32.78 -38.30
N GLY K 140 -55.44 33.16 -37.08
CA GLY K 140 -56.24 34.35 -36.88
C GLY K 140 -55.45 35.64 -36.95
N PHE K 141 -54.12 35.57 -36.82
CA PHE K 141 -53.25 36.72 -36.96
C PHE K 141 -52.46 36.68 -38.26
N SER K 142 -52.83 35.82 -39.21
CA SER K 142 -52.08 35.68 -40.45
C SER K 142 -52.04 36.97 -41.23
N ALA K 143 -53.17 37.67 -41.31
CA ALA K 143 -53.17 39.10 -41.60
C ALA K 143 -53.24 39.82 -40.27
N GLY K 144 -52.22 40.63 -39.99
CA GLY K 144 -52.01 41.08 -38.63
C GLY K 144 -53.15 41.91 -38.08
N LYS K 145 -53.10 42.13 -36.77
CA LYS K 145 -54.01 43.03 -36.06
C LYS K 145 -53.27 44.29 -35.67
N ASN K 146 -53.98 45.40 -35.64
CA ASN K 146 -53.38 46.69 -35.28
C ASN K 146 -53.64 47.05 -33.83
N PHE K 147 -52.63 47.63 -33.20
CA PHE K 147 -52.73 48.21 -31.87
C PHE K 147 -52.39 49.68 -32.02
N GLN K 148 -53.30 50.57 -31.60
CA GLN K 148 -53.02 51.99 -31.66
C GLN K 148 -52.12 52.38 -30.50
N VAL K 149 -50.87 52.73 -30.80
CA VAL K 149 -49.89 53.00 -29.76
C VAL K 149 -49.67 54.48 -29.53
N GLY K 150 -50.43 55.35 -30.19
CA GLY K 150 -50.33 56.78 -29.99
C GLY K 150 -51.68 57.40 -29.64
N ALA K 151 -51.68 58.73 -29.61
CA ALA K 151 -52.89 59.46 -29.25
C ALA K 151 -53.77 59.79 -30.45
N GLN K 152 -53.22 59.78 -31.66
CA GLN K 152 -53.96 60.15 -32.86
C GLN K 152 -54.22 58.93 -33.73
N ASP K 153 -55.20 59.07 -34.59
CA ASP K 153 -55.60 57.98 -35.48
C ASP K 153 -54.53 57.70 -36.52
N GLY K 154 -54.25 56.42 -36.74
CA GLY K 154 -53.26 56.00 -37.71
C GLY K 154 -51.90 55.72 -37.15
N GLU K 155 -51.66 56.04 -35.89
CA GLU K 155 -50.39 55.79 -35.22
C GLU K 155 -50.47 54.44 -34.52
N ASP K 156 -50.08 53.40 -35.24
CA ASP K 156 -50.32 52.05 -34.78
C ASP K 156 -49.33 51.05 -35.38
N ILE K 157 -49.24 49.90 -34.74
CA ILE K 157 -48.28 48.84 -35.06
C ILE K 157 -49.06 47.56 -35.32
N LYS K 158 -48.59 46.77 -36.29
CA LYS K 158 -49.28 45.57 -36.73
C LYS K 158 -48.51 44.33 -36.27
N VAL K 159 -49.20 43.38 -35.65
CA VAL K 159 -48.62 42.14 -35.16
C VAL K 159 -49.14 40.99 -36.01
N THR K 160 -48.23 40.27 -36.65
CA THR K 160 -48.56 39.21 -37.61
C THR K 160 -47.99 37.89 -37.13
N VAL K 161 -48.84 36.87 -37.07
CA VAL K 161 -48.43 35.51 -36.74
C VAL K 161 -49.10 34.56 -37.72
N LYS K 162 -48.34 33.69 -38.35
CA LYS K 162 -48.90 32.70 -39.26
C LYS K 162 -49.17 31.40 -38.52
N ALA K 163 -49.93 30.51 -39.17
CA ALA K 163 -50.27 29.24 -38.55
C ALA K 163 -49.07 28.30 -38.56
N SER K 164 -48.86 27.60 -37.44
CA SER K 164 -47.77 26.64 -37.31
C SER K 164 -48.29 25.40 -36.61
N ASN K 165 -48.43 24.32 -37.37
CA ASN K 165 -48.97 23.06 -36.90
C ASN K 165 -48.44 21.99 -37.85
N LYS K 166 -48.78 20.73 -37.58
CA LYS K 166 -48.16 19.66 -38.36
C LYS K 166 -48.65 19.63 -39.80
N SER K 167 -49.69 20.40 -40.12
CA SER K 167 -50.21 20.39 -41.48
C SER K 167 -49.58 21.48 -42.33
N SER K 168 -49.36 22.65 -41.73
CA SER K 168 -48.73 23.74 -42.47
C SER K 168 -47.21 23.58 -42.54
N LEU K 169 -46.63 22.84 -41.61
CA LEU K 169 -45.20 22.56 -41.62
C LEU K 169 -44.85 21.34 -42.45
N SER K 170 -45.84 20.62 -42.97
CA SER K 170 -45.64 19.46 -43.84
C SER K 170 -44.91 18.32 -43.15
N VAL K 171 -45.10 18.14 -41.84
CA VAL K 171 -44.49 17.03 -41.11
C VAL K 171 -45.53 16.03 -40.62
N GLY K 172 -46.77 16.12 -41.13
CA GLY K 172 -47.84 15.27 -40.64
C GLY K 172 -47.96 13.92 -41.29
N SER K 173 -47.07 13.56 -42.21
CA SER K 173 -47.13 12.27 -42.88
C SER K 173 -45.75 11.77 -43.28
N LEU K 174 -44.87 11.55 -42.30
CA LEU K 174 -43.50 11.18 -42.59
C LEU K 174 -43.33 9.67 -42.46
N GLY K 175 -42.48 9.12 -43.32
CA GLY K 175 -42.24 7.69 -43.30
C GLY K 175 -40.76 7.40 -43.14
N ASN K 176 -40.46 6.16 -42.79
CA ASN K 176 -39.08 5.77 -42.57
C ASN K 176 -38.81 4.34 -43.02
N THR K 177 -39.69 3.75 -43.83
CA THR K 177 -39.57 2.34 -44.16
C THR K 177 -38.74 2.10 -45.40
N THR K 178 -38.39 3.15 -46.15
CA THR K 178 -37.63 3.05 -47.39
C THR K 178 -36.59 4.17 -47.42
N SER K 179 -35.50 3.93 -48.15
CA SER K 179 -34.42 4.90 -48.24
C SER K 179 -34.90 6.27 -48.73
N ALA K 180 -35.74 6.29 -49.77
CA ALA K 180 -36.24 7.54 -50.29
C ALA K 180 -37.17 8.23 -49.29
N ALA K 181 -37.92 7.44 -48.53
CA ALA K 181 -38.80 8.02 -47.52
C ALA K 181 -38.00 8.70 -46.42
N ARG K 182 -36.87 8.10 -46.03
CA ARG K 182 -36.00 8.72 -45.03
C ARG K 182 -35.40 10.01 -45.56
N ALA K 183 -34.93 10.01 -46.81
CA ALA K 183 -34.38 11.24 -47.40
C ALA K 183 -35.42 12.35 -47.42
N SER K 184 -36.64 12.01 -47.83
CA SER K 184 -37.71 13.01 -47.90
C SER K 184 -38.05 13.55 -46.52
N SER K 185 -38.11 12.67 -45.51
CA SER K 185 -38.42 13.12 -44.15
C SER K 185 -37.32 14.04 -43.62
N LEU K 186 -36.07 13.73 -43.88
CA LEU K 186 -34.99 14.61 -43.44
C LEU K 186 -35.14 15.99 -44.05
N LYS K 187 -35.40 16.07 -45.36
CA LYS K 187 -35.53 17.39 -45.98
C LYS K 187 -36.69 18.18 -45.41
N LYS K 188 -37.84 17.54 -45.18
CA LYS K 188 -38.97 18.32 -44.67
C LYS K 188 -38.79 18.74 -43.22
N ILE K 189 -38.14 17.92 -42.38
CA ILE K 189 -37.88 18.38 -41.01
C ILE K 189 -36.94 19.59 -41.01
N ASP K 190 -35.90 19.55 -41.86
CA ASP K 190 -35.00 20.72 -41.92
C ASP K 190 -35.73 21.97 -42.38
N ALA K 191 -36.61 21.83 -43.37
CA ALA K 191 -37.37 22.98 -43.84
C ALA K 191 -38.28 23.54 -42.75
N ALA K 192 -38.91 22.66 -41.96
CA ALA K 192 -39.78 23.13 -40.89
C ALA K 192 -39.00 23.92 -39.83
N ILE K 193 -37.81 23.43 -39.48
CA ILE K 193 -36.97 24.17 -38.55
C ILE K 193 -36.66 25.57 -39.10
N LYS K 194 -36.38 25.66 -40.40
CA LYS K 194 -36.11 26.96 -41.01
C LYS K 194 -37.30 27.91 -40.90
N THR K 195 -38.52 27.43 -41.19
CA THR K 195 -39.65 28.36 -41.18
C THR K 195 -39.97 28.84 -39.76
N ILE K 196 -39.83 27.97 -38.76
CA ILE K 196 -40.03 28.43 -37.40
C ILE K 196 -38.99 29.48 -37.02
N ASP K 197 -37.73 29.29 -37.43
CA ASP K 197 -36.73 30.33 -37.18
C ASP K 197 -37.15 31.68 -37.75
N ALA K 198 -37.66 31.68 -38.98
CA ALA K 198 -38.05 32.95 -39.59
C ALA K 198 -39.19 33.63 -38.82
N GLN K 199 -40.19 32.87 -38.41
CA GLN K 199 -41.27 33.45 -37.61
C GLN K 199 -40.76 34.04 -36.30
N ARG K 200 -39.87 33.33 -35.61
CA ARG K 200 -39.35 33.83 -34.35
C ARG K 200 -38.54 35.10 -34.55
N ALA K 201 -37.81 35.19 -35.67
CA ALA K 201 -37.06 36.40 -35.98
C ALA K 201 -37.99 37.61 -36.11
N ASP K 202 -39.08 37.47 -36.85
CA ASP K 202 -40.01 38.61 -36.99
C ASP K 202 -40.65 39.01 -35.67
N LEU K 203 -41.03 38.03 -34.83
CA LEU K 203 -41.61 38.42 -33.54
C LEU K 203 -40.60 39.14 -32.65
N GLY K 204 -39.33 38.72 -32.69
CA GLY K 204 -38.32 39.41 -31.91
C GLY K 204 -38.11 40.85 -32.36
N ALA K 205 -38.07 41.07 -33.68
CA ALA K 205 -37.98 42.43 -34.20
C ALA K 205 -39.14 43.29 -33.71
N ILE K 206 -40.36 42.75 -33.74
CA ILE K 206 -41.52 43.50 -33.25
C ILE K 206 -41.35 43.89 -31.78
N GLN K 207 -40.87 42.97 -30.95
CA GLN K 207 -40.71 43.30 -29.54
C GLN K 207 -39.69 44.41 -29.31
N ASN K 208 -38.56 44.36 -30.01
CA ASN K 208 -37.58 45.44 -29.90
C ASN K 208 -38.18 46.79 -30.29
N ARG K 209 -38.90 46.82 -31.40
CA ARG K 209 -39.54 48.05 -31.85
C ARG K 209 -40.52 48.60 -30.81
N LEU K 210 -41.32 47.73 -30.21
CA LEU K 210 -42.28 48.21 -29.21
C LEU K 210 -41.59 48.74 -27.97
N ALA K 211 -40.44 48.17 -27.59
CA ALA K 211 -39.68 48.71 -26.47
C ALA K 211 -39.23 50.14 -26.72
N HIS K 212 -38.60 50.38 -27.88
CA HIS K 212 -38.21 51.75 -28.23
C HIS K 212 -39.40 52.70 -28.25
N ASN K 213 -40.54 52.26 -28.76
CA ASN K 213 -41.68 53.14 -28.88
C ASN K 213 -42.24 53.53 -27.50
N ILE K 214 -42.29 52.57 -26.57
CA ILE K 214 -42.77 52.89 -25.22
C ILE K 214 -41.82 53.86 -24.52
N SER K 215 -40.51 53.69 -24.71
CA SER K 215 -39.55 54.61 -24.12
C SER K 215 -39.78 56.04 -24.63
N ASN K 216 -39.97 56.20 -25.94
CA ASN K 216 -40.18 57.52 -26.50
C ASN K 216 -41.50 58.14 -26.00
N SER K 217 -42.54 57.32 -25.82
CA SER K 217 -43.80 57.86 -25.31
C SER K 217 -43.68 58.34 -23.88
N ALA K 218 -42.92 57.64 -23.05
CA ALA K 218 -42.70 58.11 -21.68
C ALA K 218 -41.99 59.46 -21.66
N ASN K 219 -40.92 59.59 -22.45
CA ASN K 219 -40.26 60.90 -22.58
C ASN K 219 -41.25 61.99 -22.97
N THR K 220 -42.03 61.76 -24.02
CA THR K 220 -42.90 62.82 -24.53
C THR K 220 -43.99 63.17 -23.54
N GLN K 221 -44.50 62.18 -22.81
CA GLN K 221 -45.49 62.45 -21.78
C GLN K 221 -44.94 63.38 -20.72
N ALA K 222 -43.71 63.12 -20.24
CA ALA K 222 -43.10 64.01 -19.25
C ALA K 222 -42.98 65.44 -19.78
N ASN K 223 -42.46 65.60 -21.01
CA ASN K 223 -42.25 66.95 -21.54
C ASN K 223 -43.58 67.68 -21.77
N VAL K 224 -44.61 66.98 -22.23
CA VAL K 224 -45.89 67.63 -22.48
C VAL K 224 -46.61 67.99 -21.19
N ALA K 225 -46.47 67.17 -20.15
CA ALA K 225 -47.06 67.52 -18.87
C ALA K 225 -46.38 68.74 -18.26
N ASP K 226 -45.05 68.84 -18.40
CA ASP K 226 -44.35 70.07 -18.06
C ASP K 226 -44.93 71.28 -18.80
N ALA K 227 -45.08 71.15 -20.12
CA ALA K 227 -45.62 72.24 -20.92
C ALA K 227 -47.00 72.67 -20.45
N LYS K 228 -47.88 71.72 -20.14
CA LYS K 228 -49.22 72.05 -19.69
C LYS K 228 -49.21 72.71 -18.32
N SER K 229 -48.34 72.22 -17.42
CA SER K 229 -48.23 72.82 -16.11
C SER K 229 -47.82 74.29 -16.19
N ARG K 230 -46.94 74.62 -17.14
CA ARG K 230 -46.55 76.03 -17.29
C ARG K 230 -47.74 76.92 -17.63
N ILE K 231 -48.81 76.37 -18.19
CA ILE K 231 -49.95 77.18 -18.62
C ILE K 231 -51.08 77.17 -17.58
N VAL K 232 -51.35 76.03 -16.96
CA VAL K 232 -52.60 75.86 -16.21
C VAL K 232 -52.42 76.10 -14.71
N ASP K 233 -51.28 75.69 -14.15
CA ASP K 233 -51.13 75.67 -12.69
C ASP K 233 -50.84 77.06 -12.12
N VAL K 234 -51.13 77.22 -10.84
CA VAL K 234 -50.95 78.50 -10.16
C VAL K 234 -49.56 78.54 -9.54
N ASP K 235 -49.07 79.77 -9.34
CA ASP K 235 -47.82 80.04 -8.65
C ASP K 235 -48.13 80.45 -7.22
N PHE K 236 -47.69 79.65 -6.25
CA PHE K 236 -48.03 79.94 -4.85
C PHE K 236 -47.28 81.15 -4.33
N ALA K 237 -46.01 81.32 -4.72
CA ALA K 237 -45.21 82.44 -4.24
C ALA K 237 -45.81 83.78 -4.65
N LYS K 238 -46.41 83.85 -5.83
CA LYS K 238 -47.01 85.09 -6.30
C LYS K 238 -48.41 85.29 -5.73
N GLU K 239 -49.16 84.19 -5.61
CA GLU K 239 -50.57 84.31 -5.30
C GLU K 239 -50.77 84.60 -3.81
N THR K 240 -49.89 84.06 -2.96
CA THR K 240 -49.96 84.40 -1.54
C THR K 240 -49.64 85.88 -1.29
N SER K 241 -48.71 86.43 -2.06
CA SER K 241 -48.40 87.85 -1.95
C SER K 241 -49.58 88.71 -2.34
N GLN K 242 -50.23 88.37 -3.45
CA GLN K 242 -51.44 89.11 -3.83
C GLN K 242 -52.52 89.02 -2.76
N MET K 243 -52.68 87.83 -2.16
CA MET K 243 -53.69 87.67 -1.13
C MET K 243 -53.42 88.59 0.06
N THR K 244 -52.18 88.63 0.54
CA THR K 244 -51.86 89.48 1.69
C THR K 244 -52.05 90.96 1.37
N LYS K 245 -51.68 91.38 0.16
CA LYS K 245 -51.91 92.77 -0.23
C LYS K 245 -53.38 93.13 -0.17
N ASN K 246 -54.25 92.26 -0.70
CA ASN K 246 -55.67 92.60 -0.70
C ASN K 246 -56.28 92.54 0.70
N GLN K 247 -55.75 91.68 1.57
CA GLN K 247 -56.18 91.69 2.97
C GLN K 247 -55.93 93.06 3.61
N VAL K 248 -54.71 93.57 3.49
CA VAL K 248 -54.39 94.87 4.08
C VAL K 248 -55.27 95.95 3.48
N LEU K 249 -55.48 95.92 2.15
CA LEU K 249 -56.31 96.94 1.54
C LEU K 249 -57.75 96.87 2.02
N GLN K 250 -58.25 95.67 2.29
CA GLN K 250 -59.61 95.56 2.84
C GLN K 250 -59.71 96.23 4.20
N GLN K 251 -58.73 95.99 5.08
CA GLN K 251 -58.80 96.63 6.40
C GLN K 251 -58.70 98.14 6.30
N THR K 252 -57.82 98.64 5.43
CA THR K 252 -57.70 100.09 5.26
C THR K 252 -58.98 100.71 4.68
N GLY K 253 -59.57 100.07 3.69
CA GLY K 253 -60.77 100.61 3.08
C GLY K 253 -61.96 100.58 4.02
N SER K 254 -62.05 99.54 4.84
CA SER K 254 -63.09 99.49 5.87
C SER K 254 -62.95 100.65 6.84
N ALA K 255 -61.74 100.87 7.36
CA ALA K 255 -61.52 102.00 8.26
C ALA K 255 -61.88 103.32 7.60
N MET K 256 -61.52 103.49 6.33
CA MET K 256 -61.71 104.77 5.66
C MET K 256 -63.19 105.01 5.37
N LEU K 257 -63.94 103.96 5.04
CA LEU K 257 -65.38 104.12 4.83
C LEU K 257 -66.11 104.42 6.14
N ALA K 258 -65.71 103.76 7.23
CA ALA K 258 -66.31 104.05 8.52
C ALA K 258 -66.05 105.49 8.94
N GLN K 259 -64.86 106.01 8.63
CA GLN K 259 -64.59 107.41 8.92
C GLN K 259 -65.31 108.35 7.97
N ALA K 260 -65.60 107.88 6.75
CA ALA K 260 -66.27 108.74 5.78
C ALA K 260 -67.75 108.92 6.10
N ASN K 261 -68.39 107.90 6.67
CA ASN K 261 -69.80 108.05 7.01
C ASN K 261 -70.08 109.02 8.16
N GLN K 262 -69.07 109.63 8.77
CA GLN K 262 -69.29 110.58 9.86
C GLN K 262 -69.15 112.04 9.42
N LEU K 263 -69.12 112.33 8.13
CA LEU K 263 -68.94 113.71 7.68
C LEU K 263 -70.16 114.60 7.83
N PRO K 264 -71.40 114.13 7.66
CA PRO K 264 -72.55 115.05 7.82
C PRO K 264 -72.76 115.57 9.24
N GLN K 265 -71.89 115.25 10.19
CA GLN K 265 -72.09 115.71 11.55
C GLN K 265 -71.49 117.08 11.84
N VAL K 266 -70.89 117.74 10.84
CA VAL K 266 -70.43 119.11 11.04
C VAL K 266 -71.63 120.05 11.08
N ALA K 267 -72.71 119.68 10.39
CA ALA K 267 -73.91 120.51 10.38
C ALA K 267 -74.51 120.65 11.76
N LEU K 268 -74.51 119.57 12.55
CA LEU K 268 -75.01 119.66 13.91
C LEU K 268 -74.20 120.66 14.73
N SER K 269 -72.91 120.77 14.45
CA SER K 269 -72.09 121.78 15.12
C SER K 269 -72.52 123.18 14.68
N LEU K 270 -72.73 123.39 13.38
CA LEU K 270 -73.17 124.70 12.93
C LEU K 270 -74.58 125.01 13.43
N LEU K 271 -75.35 123.98 13.75
CA LEU K 271 -76.76 124.15 14.06
C LEU K 271 -77.00 124.37 15.55
N ALA L 1 -42.74 48.68 -14.09
CA ALA L 1 -43.64 48.80 -12.95
C ALA L 1 -43.04 48.18 -11.71
N ILE L 2 -43.46 48.66 -10.55
CA ILE L 2 -43.06 48.11 -9.26
C ILE L 2 -44.31 47.50 -8.64
N THR L 3 -44.43 46.17 -8.71
CA THR L 3 -45.63 45.48 -8.27
C THR L 3 -45.29 44.47 -7.18
N VAL L 4 -46.29 44.14 -6.38
CA VAL L 4 -46.09 43.21 -5.26
C VAL L 4 -46.87 41.93 -5.47
N ASN L 5 -47.95 41.96 -6.24
CA ASN L 5 -48.90 40.85 -6.29
C ASN L 5 -48.47 39.72 -7.21
N THR L 6 -47.57 39.99 -8.16
CA THR L 6 -47.13 38.97 -9.11
C THR L 6 -45.64 39.16 -9.35
N ASN L 7 -44.91 38.05 -9.43
CA ASN L 7 -43.46 38.08 -9.56
C ASN L 7 -43.11 37.05 -10.63
N VAL L 8 -42.70 37.53 -11.81
CA VAL L 8 -42.50 36.63 -12.95
C VAL L 8 -41.08 36.09 -12.98
N THR L 9 -40.11 36.90 -12.53
CA THR L 9 -38.74 36.44 -12.44
C THR L 9 -38.64 35.22 -11.54
N SER L 10 -39.42 35.20 -10.46
CA SER L 10 -39.41 34.05 -9.57
C SER L 10 -39.98 32.81 -10.25
N LEU L 11 -41.04 32.98 -11.04
CA LEU L 11 -41.62 31.84 -11.77
C LEU L 11 -40.60 31.23 -12.73
N LYS L 12 -39.89 32.08 -13.47
CA LYS L 12 -38.92 31.56 -14.42
C LYS L 12 -37.73 30.90 -13.72
N ALA L 13 -37.28 31.49 -12.60
CA ALA L 13 -36.20 30.87 -11.83
C ALA L 13 -36.63 29.52 -11.28
N GLN L 14 -37.88 29.40 -10.81
CA GLN L 14 -38.38 28.12 -10.35
C GLN L 14 -38.32 27.07 -11.45
N LYS L 15 -38.73 27.45 -12.66
CA LYS L 15 -38.74 26.45 -13.74
C LYS L 15 -37.33 26.00 -14.09
N ASN L 16 -36.37 26.94 -14.16
CA ASN L 16 -34.99 26.55 -14.45
C ASN L 16 -34.43 25.63 -13.37
N LEU L 17 -34.69 25.96 -12.09
CA LEU L 17 -34.17 25.14 -11.00
C LEU L 17 -34.75 23.74 -11.03
N ASN L 18 -36.03 23.61 -11.38
CA ASN L 18 -36.65 22.30 -11.50
C ASN L 18 -36.02 21.48 -12.62
N THR L 19 -35.77 22.11 -13.77
CA THR L 19 -35.14 21.41 -14.87
C THR L 19 -33.77 20.87 -14.48
N SER L 20 -32.97 21.71 -13.81
CA SER L 20 -31.65 21.27 -13.38
C SER L 20 -31.72 20.11 -12.40
N ALA L 21 -32.65 20.16 -11.44
CA ALA L 21 -32.78 19.08 -10.47
C ALA L 21 -33.17 17.76 -11.13
N SER L 22 -34.08 17.82 -12.10
CA SER L 22 -34.47 16.61 -12.82
C SER L 22 -33.28 16.00 -13.56
N ASP L 23 -32.49 16.83 -14.25
CA ASP L 23 -31.33 16.31 -14.96
C ASP L 23 -30.34 15.65 -14.00
N LEU L 24 -30.11 16.27 -12.85
CA LEU L 24 -29.17 15.70 -11.89
C LEU L 24 -29.64 14.36 -11.36
N ALA L 25 -30.93 14.24 -11.05
CA ALA L 25 -31.47 12.97 -10.59
C ALA L 25 -31.31 11.87 -11.63
N THR L 26 -31.58 12.20 -12.90
CA THR L 26 -31.39 11.21 -13.97
C THR L 26 -29.95 10.72 -14.03
N SER L 27 -28.99 11.65 -13.97
CA SER L 27 -27.58 11.26 -14.02
C SER L 27 -27.19 10.39 -12.84
N MET L 28 -27.67 10.73 -11.63
CA MET L 28 -27.40 9.95 -10.45
C MET L 28 -27.88 8.51 -10.60
N GLU L 29 -29.10 8.35 -11.11
CA GLU L 29 -29.64 7.01 -11.37
C GLU L 29 -28.77 6.23 -12.35
N ARG L 30 -28.35 6.87 -13.43
CA ARG L 30 -27.55 6.18 -14.44
C ARG L 30 -26.21 5.74 -13.89
N LEU L 31 -25.58 6.57 -13.04
CA LEU L 31 -24.31 6.16 -12.44
C LEU L 31 -24.50 5.06 -11.40
N SER L 32 -25.62 5.07 -10.68
CA SER L 32 -25.84 4.03 -9.69
C SER L 32 -26.12 2.68 -10.33
N SER L 33 -26.80 2.68 -11.48
CA SER L 33 -27.19 1.42 -12.11
C SER L 33 -26.08 0.83 -12.97
N GLY L 34 -25.36 1.67 -13.71
CA GLY L 34 -24.38 1.21 -14.66
C GLY L 34 -24.92 1.03 -16.07
N LEU L 35 -26.17 1.41 -16.32
CA LEU L 35 -26.83 1.21 -17.60
C LEU L 35 -27.31 2.54 -18.15
N ARG L 36 -27.26 2.67 -19.48
CA ARG L 36 -27.77 3.86 -20.13
C ARG L 36 -29.28 3.81 -20.30
N ILE L 37 -29.82 2.62 -20.56
CA ILE L 37 -31.24 2.44 -20.81
C ILE L 37 -31.84 1.76 -19.59
N ASN L 38 -32.53 2.55 -18.76
CA ASN L 38 -33.24 1.99 -17.61
C ASN L 38 -34.73 1.82 -17.87
N SER L 39 -35.27 2.46 -18.91
CA SER L 39 -36.68 2.38 -19.24
C SER L 39 -36.80 2.56 -20.75
N ALA L 40 -38.04 2.58 -21.23
CA ALA L 40 -38.26 2.90 -22.63
C ALA L 40 -38.36 4.39 -22.88
N LYS L 41 -38.49 5.19 -21.81
CA LYS L 41 -38.28 6.62 -21.90
C LYS L 41 -36.94 6.97 -22.53
N ASP L 42 -35.93 6.13 -22.35
CA ASP L 42 -34.56 6.42 -22.73
C ASP L 42 -34.32 6.14 -24.21
N ASP L 43 -34.49 4.89 -24.62
CA ASP L 43 -34.26 4.49 -26.01
C ASP L 43 -35.13 3.27 -26.26
N ALA L 44 -36.12 3.39 -27.15
CA ALA L 44 -37.12 2.33 -27.30
C ALA L 44 -36.67 1.26 -28.28
N ALA L 45 -36.06 1.66 -29.40
CA ALA L 45 -35.57 0.67 -30.36
C ALA L 45 -34.35 -0.08 -29.84
N GLY L 46 -33.47 0.61 -29.10
CA GLY L 46 -32.35 -0.05 -28.49
C GLY L 46 -32.76 -1.07 -27.45
N LEU L 47 -33.86 -0.81 -26.74
CA LEU L 47 -34.39 -1.78 -25.79
C LEU L 47 -34.71 -3.12 -26.46
N ALA L 48 -35.42 -3.08 -27.60
CA ALA L 48 -35.78 -4.32 -28.26
C ALA L 48 -34.57 -4.99 -28.92
N ILE L 49 -33.69 -4.19 -29.53
CA ILE L 49 -32.48 -4.77 -30.12
C ILE L 49 -31.66 -5.47 -29.05
N SER L 50 -31.58 -4.87 -27.86
CA SER L 50 -30.79 -5.45 -26.79
C SER L 50 -31.48 -6.66 -26.17
N ASN L 51 -32.81 -6.69 -26.13
CA ASN L 51 -33.50 -7.90 -25.70
C ASN L 51 -33.18 -9.07 -26.63
N ARG L 52 -33.15 -8.82 -27.94
CA ARG L 52 -32.82 -9.91 -28.86
C ARG L 52 -31.35 -10.35 -28.73
N LEU L 53 -30.44 -9.40 -28.58
CA LEU L 53 -29.04 -9.78 -28.40
C LEU L 53 -28.84 -10.53 -27.08
N ASN L 54 -29.62 -10.19 -26.06
CA ASN L 54 -29.56 -10.88 -24.78
C ASN L 54 -30.03 -12.33 -24.92
N SER L 55 -31.14 -12.53 -25.63
CA SER L 55 -31.57 -13.89 -25.93
C SER L 55 -30.47 -14.69 -26.63
N GLN L 56 -29.78 -14.07 -27.58
CA GLN L 56 -28.72 -14.77 -28.30
C GLN L 56 -27.56 -15.17 -27.39
N VAL L 57 -27.11 -14.25 -26.55
CA VAL L 57 -25.99 -14.56 -25.65
C VAL L 57 -26.35 -15.72 -24.73
N ARG L 58 -27.53 -15.65 -24.12
CA ARG L 58 -27.94 -16.67 -23.15
C ARG L 58 -28.14 -18.03 -23.83
N GLY L 59 -28.71 -18.01 -25.05
CA GLY L 59 -28.87 -19.26 -25.78
C GLY L 59 -27.56 -19.89 -26.18
N LEU L 60 -26.56 -19.08 -26.55
CA LEU L 60 -25.25 -19.64 -26.87
C LEU L 60 -24.61 -20.30 -25.66
N GLU L 61 -24.79 -19.69 -24.48
CA GLU L 61 -24.27 -20.32 -23.26
C GLU L 61 -24.89 -21.71 -23.05
N VAL L 62 -26.21 -21.80 -23.10
CA VAL L 62 -26.85 -23.11 -22.90
C VAL L 62 -26.47 -24.09 -24.00
N GLY L 63 -26.29 -23.61 -25.23
CA GLY L 63 -25.93 -24.50 -26.32
C GLY L 63 -24.55 -25.11 -26.16
N MET L 64 -23.59 -24.33 -25.66
CA MET L 64 -22.28 -24.91 -25.35
C MET L 64 -22.38 -25.96 -24.25
N ARG L 65 -23.27 -25.74 -23.28
CA ARG L 65 -23.48 -26.80 -22.28
C ARG L 65 -23.98 -28.09 -22.93
N ASN L 66 -24.96 -27.99 -23.83
CA ASN L 66 -25.46 -29.18 -24.53
C ASN L 66 -24.38 -29.85 -25.37
N ALA L 67 -23.53 -29.05 -26.03
CA ALA L 67 -22.46 -29.63 -26.84
C ALA L 67 -21.49 -30.42 -25.99
N ASN L 68 -21.19 -29.93 -24.78
CA ASN L 68 -20.28 -30.67 -23.92
C ASN L 68 -20.92 -31.96 -23.43
N ASP L 69 -22.23 -31.95 -23.21
CA ASP L 69 -22.96 -33.19 -22.91
C ASP L 69 -22.81 -34.23 -24.03
N ALA L 70 -22.96 -33.79 -25.28
CA ALA L 70 -22.79 -34.70 -26.41
C ALA L 70 -21.37 -35.28 -26.46
N ILE L 71 -20.36 -34.43 -26.23
CA ILE L 71 -18.99 -34.92 -26.22
C ILE L 71 -18.79 -35.98 -25.14
N SER L 72 -19.41 -35.78 -23.97
CA SER L 72 -19.32 -36.75 -22.89
C SER L 72 -19.89 -38.11 -23.31
N ILE L 73 -21.09 -38.11 -23.89
CA ILE L 73 -21.72 -39.36 -24.31
C ILE L 73 -20.83 -40.10 -25.32
N ALA L 74 -20.37 -39.38 -26.35
CA ALA L 74 -19.55 -40.01 -27.38
C ALA L 74 -18.26 -40.57 -26.81
N GLN L 75 -17.66 -39.86 -25.86
CA GLN L 75 -16.40 -40.28 -25.26
C GLN L 75 -16.56 -41.57 -24.45
N ILE L 76 -17.66 -41.68 -23.68
CA ILE L 76 -17.91 -42.92 -22.94
C ILE L 76 -18.10 -44.11 -23.87
N ALA L 77 -18.93 -43.96 -24.90
CA ALA L 77 -19.18 -45.09 -25.80
C ALA L 77 -17.91 -45.50 -26.55
N GLU L 78 -17.17 -44.53 -27.06
CA GLU L 78 -15.93 -44.80 -27.77
C GLU L 78 -14.93 -45.50 -26.89
N GLY L 79 -14.84 -45.13 -25.60
CA GLY L 79 -13.93 -45.83 -24.71
C GLY L 79 -14.37 -47.24 -24.40
N ALA L 80 -15.68 -47.49 -24.35
CA ALA L 80 -16.16 -48.84 -24.14
C ALA L 80 -15.79 -49.78 -25.29
N MET L 81 -15.77 -49.30 -26.53
CA MET L 81 -15.50 -50.20 -27.65
C MET L 81 -14.05 -50.73 -27.72
N GLN L 82 -13.12 -50.08 -27.02
CA GLN L 82 -11.71 -50.49 -27.07
C GLN L 82 -11.47 -51.84 -26.41
N GLU L 83 -12.09 -52.10 -25.27
CA GLU L 83 -11.96 -53.40 -24.61
C GLU L 83 -12.56 -54.51 -25.45
N GLN L 84 -13.64 -54.21 -26.17
CA GLN L 84 -14.23 -55.18 -27.08
C GLN L 84 -13.26 -55.54 -28.19
N THR L 85 -12.63 -54.54 -28.79
CA THR L 85 -11.57 -54.81 -29.79
C THR L 85 -10.48 -55.69 -29.21
N ASN L 86 -10.04 -55.39 -27.98
CA ASN L 86 -8.96 -56.13 -27.35
C ASN L 86 -9.32 -57.60 -27.17
N MET L 87 -10.53 -57.86 -26.69
CA MET L 87 -10.96 -59.24 -26.49
C MET L 87 -11.12 -59.98 -27.82
N LEU L 88 -11.58 -59.30 -28.87
CA LEU L 88 -11.65 -59.95 -30.18
C LEU L 88 -10.27 -60.34 -30.70
N GLN L 89 -9.27 -59.51 -30.47
CA GLN L 89 -7.90 -59.89 -30.85
C GLN L 89 -7.45 -61.15 -30.11
N ARG L 90 -7.77 -61.24 -28.82
CA ARG L 90 -7.44 -62.44 -28.06
C ARG L 90 -8.12 -63.69 -28.63
N MET L 91 -9.42 -63.59 -28.97
CA MET L 91 -10.13 -64.72 -29.57
C MET L 91 -9.51 -65.11 -30.91
N ARG L 92 -9.07 -64.14 -31.69
CA ARG L 92 -8.38 -64.46 -32.94
C ARG L 92 -7.13 -65.29 -32.70
N ASP L 93 -6.35 -64.94 -31.69
CA ASP L 93 -5.17 -65.76 -31.37
C ASP L 93 -5.56 -67.18 -30.95
N LEU L 94 -6.61 -67.31 -30.13
CA LEU L 94 -7.07 -68.64 -29.72
C LEU L 94 -7.52 -69.47 -30.92
N THR L 95 -8.18 -68.83 -31.89
CA THR L 95 -8.63 -69.55 -33.07
C THR L 95 -7.47 -70.00 -33.94
N VAL L 96 -6.45 -69.15 -34.10
CA VAL L 96 -5.27 -69.56 -34.85
C VAL L 96 -4.57 -70.71 -34.14
N GLN L 97 -4.58 -70.70 -32.80
CA GLN L 97 -3.95 -71.79 -32.06
C GLN L 97 -4.71 -73.10 -32.17
N SER L 98 -6.02 -73.04 -32.43
CA SER L 98 -6.79 -74.28 -32.62
C SER L 98 -6.38 -75.06 -33.86
N GLU L 99 -5.74 -74.42 -34.84
CA GLU L 99 -5.33 -75.08 -36.08
C GLU L 99 -3.96 -75.72 -35.97
N ASN L 100 -3.83 -76.71 -35.11
CA ASN L 100 -2.54 -77.31 -34.78
C ASN L 100 -2.73 -78.82 -34.73
N GLY L 101 -2.07 -79.54 -35.64
CA GLY L 101 -2.27 -80.97 -35.74
C GLY L 101 -1.75 -81.78 -34.57
N ALA L 102 -1.38 -81.12 -33.48
CA ALA L 102 -0.97 -81.80 -32.27
C ALA L 102 -1.97 -81.63 -31.14
N ASN L 103 -2.96 -80.76 -31.32
CA ASN L 103 -4.02 -80.61 -30.33
C ASN L 103 -4.91 -81.85 -30.32
N SER L 104 -5.46 -82.17 -29.16
CA SER L 104 -6.45 -83.21 -29.01
C SER L 104 -7.76 -82.58 -28.55
N SER L 105 -8.77 -83.43 -28.28
CA SER L 105 -10.10 -82.89 -27.97
C SER L 105 -10.11 -82.13 -26.65
N ALA L 106 -9.27 -82.54 -25.69
CA ALA L 106 -9.22 -81.83 -24.41
C ALA L 106 -8.62 -80.44 -24.57
N ASP L 107 -7.55 -80.32 -25.38
CA ASP L 107 -6.95 -79.01 -25.64
C ASP L 107 -7.92 -78.10 -26.39
N LEU L 108 -8.64 -78.67 -27.35
CA LEU L 108 -9.64 -77.90 -28.08
C LEU L 108 -10.74 -77.42 -27.15
N SER L 109 -11.13 -78.25 -26.18
CA SER L 109 -12.15 -77.85 -25.22
C SER L 109 -11.66 -76.73 -24.32
N ALA L 110 -10.38 -76.76 -23.92
CA ALA L 110 -9.83 -75.67 -23.13
C ALA L 110 -9.82 -74.35 -23.91
N LEU L 111 -9.31 -74.39 -25.14
CA LEU L 111 -9.34 -73.21 -26.00
C LEU L 111 -10.75 -72.65 -26.14
N LYS L 112 -11.74 -73.54 -26.37
CA LYS L 112 -13.09 -73.04 -26.59
C LYS L 112 -13.72 -72.51 -25.31
N ALA L 113 -13.38 -73.07 -24.15
CA ALA L 113 -13.88 -72.52 -22.90
C ALA L 113 -13.43 -71.08 -22.71
N GLU L 114 -12.17 -70.79 -23.03
CA GLU L 114 -11.77 -69.39 -22.92
C GLU L 114 -12.43 -68.50 -23.97
N MET L 115 -12.64 -69.01 -25.18
CA MET L 115 -13.40 -68.22 -26.18
C MET L 115 -14.78 -67.86 -25.67
N ASP L 116 -15.48 -68.82 -25.04
CA ASP L 116 -16.82 -68.53 -24.54
C ASP L 116 -16.80 -67.48 -23.43
N GLN L 117 -15.83 -67.56 -22.53
CA GLN L 117 -15.77 -66.52 -21.50
C GLN L 117 -15.53 -65.13 -22.10
N LEU L 118 -14.69 -65.05 -23.15
CA LEU L 118 -14.48 -63.75 -23.79
C LEU L 118 -15.73 -63.23 -24.49
N ALA L 119 -16.49 -64.12 -25.12
CA ALA L 119 -17.74 -63.67 -25.74
C ALA L 119 -18.75 -63.21 -24.71
N ASN L 120 -18.79 -63.87 -23.55
CA ASN L 120 -19.63 -63.40 -22.45
C ASN L 120 -19.24 -62.01 -21.97
N GLU L 121 -17.94 -61.73 -21.87
CA GLU L 121 -17.56 -60.38 -21.47
C GLU L 121 -17.84 -59.33 -22.54
N ILE L 122 -17.73 -59.68 -23.82
CA ILE L 122 -18.15 -58.76 -24.88
C ILE L 122 -19.64 -58.43 -24.73
N ASP L 123 -20.47 -59.44 -24.47
CA ASP L 123 -21.89 -59.17 -24.28
C ASP L 123 -22.16 -58.32 -23.04
N GLU L 124 -21.43 -58.58 -21.95
CA GLU L 124 -21.63 -57.79 -20.74
C GLU L 124 -21.29 -56.32 -20.96
N ILE L 125 -20.16 -56.04 -21.62
CA ILE L 125 -19.85 -54.64 -21.93
C ILE L 125 -20.92 -54.05 -22.83
N GLY L 126 -21.47 -54.84 -23.74
CA GLY L 126 -22.53 -54.34 -24.61
C GLY L 126 -23.78 -53.92 -23.86
N LYS L 127 -24.17 -54.68 -22.84
CA LYS L 127 -25.41 -54.34 -22.13
C LYS L 127 -25.21 -53.44 -20.91
N THR L 128 -23.97 -53.23 -20.47
CA THR L 128 -23.75 -52.59 -19.18
C THR L 128 -23.42 -51.10 -19.31
N THR L 129 -22.81 -50.69 -20.42
CA THR L 129 -22.35 -49.30 -20.58
C THR L 129 -23.50 -48.31 -20.51
N ALA L 130 -23.34 -47.27 -19.70
CA ALA L 130 -24.42 -46.34 -19.44
C ALA L 130 -23.88 -44.94 -19.19
N PHE L 131 -24.76 -43.96 -19.34
CA PHE L 131 -24.55 -42.59 -18.87
C PHE L 131 -25.53 -42.37 -17.73
N GLY L 132 -25.07 -42.61 -16.52
CA GLY L 132 -25.97 -42.61 -15.38
C GLY L 132 -26.84 -43.84 -15.40
N THR L 133 -28.04 -43.72 -15.94
CA THR L 133 -28.95 -44.86 -16.05
C THR L 133 -29.42 -45.15 -17.46
N THR L 134 -29.02 -44.38 -18.47
CA THR L 134 -29.44 -44.64 -19.84
C THR L 134 -28.38 -45.47 -20.54
N LYS L 135 -28.82 -46.52 -21.23
CA LYS L 135 -27.90 -47.42 -21.90
C LYS L 135 -27.44 -46.81 -23.23
N LEU L 136 -26.19 -47.08 -23.59
CA LEU L 136 -25.60 -46.48 -24.79
C LEU L 136 -25.35 -47.50 -25.91
N LEU L 137 -24.94 -48.72 -25.59
CA LEU L 137 -24.58 -49.67 -26.64
C LEU L 137 -25.63 -50.75 -26.86
N ALA L 138 -26.89 -50.51 -26.47
CA ALA L 138 -27.90 -51.55 -26.58
C ALA L 138 -28.86 -51.32 -27.73
N GLY L 139 -28.81 -50.16 -28.38
CA GLY L 139 -29.70 -49.86 -29.49
C GLY L 139 -30.58 -48.66 -29.27
N GLY L 140 -30.45 -47.92 -28.17
CA GLY L 140 -31.28 -46.75 -27.94
C GLY L 140 -30.86 -45.52 -28.71
N PHE L 141 -29.63 -45.49 -29.21
CA PHE L 141 -29.14 -44.41 -30.05
C PHE L 141 -29.00 -44.83 -31.50
N SER L 142 -29.58 -45.97 -31.89
CA SER L 142 -29.43 -46.47 -33.26
C SER L 142 -29.98 -45.48 -34.28
N ALA L 143 -31.14 -44.91 -34.00
CA ALA L 143 -31.54 -43.65 -34.61
C ALA L 143 -31.15 -42.53 -33.65
N GLY L 144 -30.29 -41.64 -34.11
CA GLY L 144 -29.59 -40.77 -33.18
C GLY L 144 -30.51 -39.85 -32.39
N LYS L 145 -29.94 -39.22 -31.38
CA LYS L 145 -30.60 -38.19 -30.59
C LYS L 145 -30.01 -36.83 -30.94
N ASN L 146 -30.84 -35.79 -30.87
CA ASN L 146 -30.40 -34.45 -31.19
C ASN L 146 -30.06 -33.65 -29.94
N PHE L 147 -29.00 -32.85 -30.05
CA PHE L 147 -28.61 -31.88 -29.04
C PHE L 147 -28.66 -30.52 -29.70
N GLN L 148 -29.44 -29.60 -29.15
CA GLN L 148 -29.49 -28.26 -29.72
C GLN L 148 -28.26 -27.48 -29.27
N VAL L 149 -27.36 -27.18 -30.20
CA VAL L 149 -26.09 -26.56 -29.86
C VAL L 149 -26.07 -25.06 -30.17
N GLY L 150 -27.20 -24.49 -30.59
CA GLY L 150 -27.31 -23.07 -30.84
C GLY L 150 -28.45 -22.43 -30.08
N ALA L 151 -28.68 -21.16 -30.40
CA ALA L 151 -29.72 -20.40 -29.72
C ALA L 151 -31.08 -20.52 -30.39
N GLN L 152 -31.13 -20.89 -31.67
CA GLN L 152 -32.38 -20.95 -32.42
C GLN L 152 -32.75 -22.40 -32.71
N ASP L 153 -34.03 -22.59 -33.01
CA ASP L 153 -34.56 -23.92 -33.28
C ASP L 153 -34.01 -24.47 -34.59
N GLY L 154 -33.63 -25.74 -34.57
CA GLY L 154 -33.11 -26.40 -35.75
C GLY L 154 -31.60 -26.44 -35.84
N GLU L 155 -30.90 -25.71 -34.98
CA GLU L 155 -29.44 -25.68 -34.96
C GLU L 155 -28.96 -26.74 -33.97
N ASP L 156 -28.72 -27.94 -34.49
CA ASP L 156 -28.50 -29.08 -33.63
C ASP L 156 -27.69 -30.17 -34.34
N ILE L 157 -27.12 -31.06 -33.54
CA ILE L 157 -26.22 -32.12 -33.99
C ILE L 157 -26.77 -33.45 -33.51
N LYS L 158 -26.63 -34.47 -34.33
CA LYS L 158 -27.20 -35.79 -34.06
C LYS L 158 -26.10 -36.78 -33.71
N VAL L 159 -26.26 -37.51 -32.62
CA VAL L 159 -25.29 -38.50 -32.16
C VAL L 159 -25.90 -39.89 -32.31
N THR L 160 -25.25 -40.74 -33.10
CA THR L 160 -25.76 -42.05 -33.47
C THR L 160 -24.80 -43.13 -32.99
N VAL L 161 -25.33 -44.12 -32.26
CA VAL L 161 -24.56 -45.29 -31.83
C VAL L 161 -25.42 -46.52 -32.08
N LYS L 162 -24.86 -47.51 -32.74
CA LYS L 162 -25.56 -48.77 -32.98
C LYS L 162 -25.22 -49.78 -31.89
N ALA L 163 -26.00 -50.85 -31.84
CA ALA L 163 -25.80 -51.87 -30.82
C ALA L 163 -24.58 -52.71 -31.16
N SER L 164 -23.77 -53.00 -30.13
CA SER L 164 -22.58 -53.82 -30.28
C SER L 164 -22.48 -54.79 -29.12
N ASN L 165 -22.74 -56.07 -29.41
CA ASN L 165 -22.78 -57.14 -28.43
C ASN L 165 -22.52 -58.43 -29.20
N LYS L 166 -22.47 -59.55 -28.48
CA LYS L 166 -22.06 -60.78 -29.15
C LYS L 166 -23.11 -61.30 -30.12
N SER L 167 -24.31 -60.72 -30.10
CA SER L 167 -25.37 -61.19 -30.99
C SER L 167 -25.38 -60.39 -32.29
N SER L 168 -25.15 -59.08 -32.20
CA SER L 168 -25.12 -58.26 -33.40
C SER L 168 -23.79 -58.38 -34.14
N LEU L 169 -22.73 -58.74 -33.43
CA LEU L 169 -21.43 -58.95 -34.06
C LEU L 169 -21.24 -60.37 -34.59
N SER L 170 -22.21 -61.25 -34.38
CA SER L 170 -22.20 -62.62 -34.89
C SER L 170 -21.04 -63.44 -34.35
N VAL L 171 -20.60 -63.20 -33.12
CA VAL L 171 -19.54 -63.99 -32.50
C VAL L 171 -20.06 -64.82 -31.34
N GLY L 172 -21.38 -64.96 -31.20
CA GLY L 172 -21.95 -65.65 -30.06
C GLY L 172 -22.09 -67.15 -30.19
N SER L 173 -21.63 -67.74 -31.29
CA SER L 173 -21.74 -69.18 -31.49
C SER L 173 -20.60 -69.71 -32.35
N LEU L 174 -19.36 -69.57 -31.88
CA LEU L 174 -18.22 -69.96 -32.68
C LEU L 174 -17.73 -71.34 -32.26
N GLY L 175 -17.25 -72.11 -33.23
CA GLY L 175 -16.76 -73.44 -32.95
C GLY L 175 -15.34 -73.60 -33.44
N ASN L 176 -14.68 -74.64 -32.96
CA ASN L 176 -13.30 -74.89 -33.33
C ASN L 176 -12.99 -76.37 -33.46
N THR L 177 -14.00 -77.22 -33.56
CA THR L 177 -13.78 -78.66 -33.53
C THR L 177 -13.54 -79.25 -34.91
N THR L 178 -13.76 -78.48 -35.98
CA THR L 178 -13.61 -78.93 -37.35
C THR L 178 -12.93 -77.84 -38.15
N SER L 179 -12.24 -78.26 -39.22
CA SER L 179 -11.50 -77.31 -40.07
C SER L 179 -12.40 -76.21 -40.61
N ALA L 180 -13.60 -76.56 -41.10
CA ALA L 180 -14.50 -75.56 -41.63
C ALA L 180 -15.02 -74.63 -40.53
N ALA L 181 -15.19 -75.17 -39.32
CA ALA L 181 -15.63 -74.33 -38.21
C ALA L 181 -14.57 -73.30 -37.84
N ARG L 182 -13.30 -73.69 -37.89
CA ARG L 182 -12.22 -72.75 -37.63
C ARG L 182 -12.16 -71.67 -38.71
N ALA L 183 -12.29 -72.06 -39.98
CA ALA L 183 -12.30 -71.06 -41.04
C ALA L 183 -13.43 -70.06 -40.86
N SER L 184 -14.63 -70.56 -40.55
CA SER L 184 -15.78 -69.69 -40.36
C SER L 184 -15.58 -68.75 -39.18
N SER L 185 -15.03 -69.25 -38.07
CA SER L 185 -14.78 -68.41 -36.91
C SER L 185 -13.77 -67.32 -37.20
N LEU L 186 -12.71 -67.65 -37.95
CA LEU L 186 -11.74 -66.63 -38.32
C LEU L 186 -12.40 -65.51 -39.12
N LYS L 187 -13.22 -65.87 -40.12
CA LYS L 187 -13.85 -64.84 -40.93
C LYS L 187 -14.77 -63.94 -40.10
N LYS L 188 -15.56 -64.53 -39.20
CA LYS L 188 -16.48 -63.68 -38.44
C LYS L 188 -15.77 -62.81 -37.41
N ILE L 189 -14.67 -63.29 -36.81
CA ILE L 189 -13.93 -62.41 -35.90
C ILE L 189 -13.34 -61.22 -36.66
N ASP L 190 -12.77 -61.48 -37.85
CA ASP L 190 -12.23 -60.35 -38.63
C ASP L 190 -13.31 -59.35 -39.01
N ALA L 191 -14.50 -59.84 -39.40
CA ALA L 191 -15.59 -58.93 -39.73
C ALA L 191 -16.01 -58.10 -38.54
N ALA L 192 -16.05 -58.70 -37.34
CA ALA L 192 -16.44 -57.95 -36.14
C ALA L 192 -15.45 -56.83 -35.84
N ILE L 193 -14.15 -57.13 -35.96
CA ILE L 193 -13.14 -56.08 -35.78
C ILE L 193 -13.39 -54.93 -36.76
N LYS L 194 -13.71 -55.25 -38.00
CA LYS L 194 -13.99 -54.20 -38.99
C LYS L 194 -15.17 -53.32 -38.59
N THR L 195 -16.27 -53.92 -38.14
CA THR L 195 -17.45 -53.09 -37.82
C THR L 195 -17.20 -52.20 -36.62
N ILE L 196 -16.47 -52.70 -35.60
CA ILE L 196 -16.14 -51.82 -34.48
C ILE L 196 -15.25 -50.67 -34.93
N ASP L 197 -14.29 -50.92 -35.82
CA ASP L 197 -13.50 -49.82 -36.36
C ASP L 197 -14.37 -48.75 -37.00
N ALA L 198 -15.36 -49.15 -37.80
CA ALA L 198 -16.21 -48.16 -38.46
C ALA L 198 -16.99 -47.32 -37.45
N GLN L 199 -17.55 -47.97 -36.42
CA GLN L 199 -18.26 -47.20 -35.40
C GLN L 199 -17.36 -46.19 -34.69
N ARG L 200 -16.14 -46.61 -34.35
CA ARG L 200 -15.22 -45.71 -33.67
C ARG L 200 -14.83 -44.53 -34.55
N ALA L 201 -14.70 -44.79 -35.86
CA ALA L 201 -14.41 -43.70 -36.80
C ALA L 201 -15.50 -42.64 -36.78
N ASP L 202 -16.77 -43.06 -36.86
CA ASP L 202 -17.85 -42.06 -36.83
C ASP L 202 -17.91 -41.29 -35.52
N LEU L 203 -17.70 -41.96 -34.38
CA LEU L 203 -17.72 -41.21 -33.12
C LEU L 203 -16.57 -40.20 -33.04
N GLY L 204 -15.41 -40.56 -33.57
CA GLY L 204 -14.30 -39.60 -33.57
C GLY L 204 -14.58 -38.38 -34.43
N ALA L 205 -15.17 -38.59 -35.61
CA ALA L 205 -15.57 -37.47 -36.44
C ALA L 205 -16.54 -36.54 -35.72
N ILE L 206 -17.53 -37.12 -35.02
CA ILE L 206 -18.47 -36.31 -34.26
C ILE L 206 -17.76 -35.46 -33.21
N GLN L 207 -16.79 -36.04 -32.50
CA GLN L 207 -16.11 -35.26 -31.46
C GLN L 207 -15.31 -34.10 -32.05
N ASN L 208 -14.61 -34.32 -33.17
CA ASN L 208 -13.91 -33.23 -33.82
C ASN L 208 -14.86 -32.09 -34.21
N ARG L 209 -15.98 -32.45 -34.82
CA ARG L 209 -16.98 -31.47 -35.21
C ARG L 209 -17.49 -30.65 -34.03
N LEU L 210 -17.76 -31.31 -32.91
CA LEU L 210 -18.26 -30.59 -31.74
C LEU L 210 -17.21 -29.65 -31.16
N ALA L 211 -15.93 -30.03 -31.24
CA ALA L 211 -14.87 -29.13 -30.80
C ALA L 211 -14.86 -27.83 -31.61
N HIS L 212 -14.86 -27.94 -32.94
CA HIS L 212 -14.91 -26.74 -33.77
C HIS L 212 -16.15 -25.89 -33.48
N ASN L 213 -17.30 -26.54 -33.25
CA ASN L 213 -18.53 -25.78 -33.03
C ASN L 213 -18.49 -25.00 -31.72
N ILE L 214 -17.94 -25.60 -30.66
CA ILE L 214 -17.83 -24.90 -29.39
C ILE L 214 -16.87 -23.71 -29.50
N SER L 215 -15.77 -23.88 -30.24
CA SER L 215 -14.85 -22.78 -30.44
C SER L 215 -15.53 -21.59 -31.13
N ASN L 216 -16.30 -21.88 -32.19
CA ASN L 216 -16.99 -20.82 -32.90
C ASN L 216 -18.03 -20.13 -32.02
N SER L 217 -18.72 -20.89 -31.16
CA SER L 217 -19.72 -20.27 -30.28
C SER L 217 -19.07 -19.34 -29.26
N ALA L 218 -17.90 -19.72 -28.74
CA ALA L 218 -17.21 -18.82 -27.81
C ALA L 218 -16.83 -17.51 -28.49
N ASN L 219 -16.26 -17.59 -29.70
CA ASN L 219 -15.98 -16.38 -30.47
C ASN L 219 -17.21 -15.49 -30.61
N THR L 220 -18.32 -16.08 -31.06
CA THR L 220 -19.50 -15.29 -31.36
C THR L 220 -20.09 -14.69 -30.10
N GLN L 221 -20.05 -15.41 -28.98
CA GLN L 221 -20.52 -14.86 -27.72
C GLN L 221 -19.75 -13.62 -27.33
N ALA L 222 -18.41 -13.66 -27.44
CA ALA L 222 -17.62 -12.47 -27.14
C ALA L 222 -18.00 -11.29 -28.02
N ASN L 223 -18.11 -11.51 -29.33
CA ASN L 223 -18.41 -10.38 -30.23
C ASN L 223 -19.81 -9.83 -30.00
N VAL L 224 -20.79 -10.68 -29.71
CA VAL L 224 -22.15 -10.21 -29.49
C VAL L 224 -22.29 -9.49 -28.15
N ALA L 225 -21.56 -9.92 -27.13
CA ALA L 225 -21.59 -9.20 -25.86
C ALA L 225 -20.95 -7.82 -25.99
N ASP L 226 -19.86 -7.72 -26.77
CA ASP L 226 -19.33 -6.41 -27.14
C ASP L 226 -20.37 -5.53 -27.80
N ALA L 227 -21.07 -6.08 -28.80
CA ALA L 227 -22.10 -5.33 -29.51
C ALA L 227 -23.19 -4.83 -28.58
N LYS L 228 -23.65 -5.68 -27.65
CA LYS L 228 -24.70 -5.27 -26.71
C LYS L 228 -24.21 -4.21 -25.74
N SER L 229 -22.96 -4.34 -25.28
CA SER L 229 -22.41 -3.34 -24.38
C SER L 229 -22.36 -1.97 -25.03
N ARG L 230 -22.06 -1.92 -26.33
CA ARG L 230 -22.05 -0.62 -27.02
C ARG L 230 -23.41 0.06 -26.97
N ILE L 231 -24.49 -0.69 -26.80
CA ILE L 231 -25.83 -0.11 -26.83
C ILE L 231 -26.37 0.17 -25.42
N VAL L 232 -26.13 -0.72 -24.46
CA VAL L 232 -26.86 -0.70 -23.20
C VAL L 232 -26.09 0.01 -22.10
N ASP L 233 -24.77 -0.15 -22.04
CA ASP L 233 -24.01 0.32 -20.89
C ASP L 233 -23.76 1.82 -20.92
N VAL L 234 -23.48 2.37 -19.74
CA VAL L 234 -23.26 3.81 -19.59
C VAL L 234 -21.78 4.11 -19.74
N ASP L 235 -21.49 5.36 -20.12
CA ASP L 235 -20.13 5.88 -20.20
C ASP L 235 -19.87 6.72 -18.96
N PHE L 236 -18.91 6.30 -18.14
CA PHE L 236 -18.65 7.00 -16.89
C PHE L 236 -18.00 8.35 -17.13
N ALA L 237 -17.09 8.43 -18.09
CA ALA L 237 -16.37 9.68 -18.37
C ALA L 237 -17.34 10.80 -18.77
N LYS L 238 -18.39 10.45 -19.50
CA LYS L 238 -19.37 11.45 -19.94
C LYS L 238 -20.37 11.76 -18.85
N GLU L 239 -20.78 10.73 -18.10
CA GLU L 239 -21.90 10.88 -17.20
C GLU L 239 -21.49 11.62 -15.93
N THR L 240 -20.24 11.42 -15.49
CA THR L 240 -19.74 12.20 -14.36
C THR L 240 -19.63 13.68 -14.69
N SER L 241 -19.25 14.00 -15.92
CA SER L 241 -19.19 15.39 -16.35
C SER L 241 -20.57 16.03 -16.34
N GLN L 242 -21.57 15.32 -16.88
CA GLN L 242 -22.93 15.85 -16.83
C GLN L 242 -23.39 16.06 -15.40
N MET L 243 -23.05 15.13 -14.50
CA MET L 243 -23.46 15.26 -13.11
C MET L 243 -22.89 16.53 -12.47
N THR L 244 -21.59 16.77 -12.68
CA THR L 244 -20.97 17.95 -12.08
C THR L 244 -21.55 19.25 -12.65
N LYS L 245 -21.83 19.28 -13.96
CA LYS L 245 -22.46 20.45 -14.54
C LYS L 245 -23.80 20.75 -13.88
N ASN L 246 -24.63 19.72 -13.70
CA ASN L 246 -25.95 19.97 -13.11
C ASN L 246 -25.86 20.34 -11.63
N GLN L 247 -24.85 19.83 -10.92
CA GLN L 247 -24.62 20.27 -9.54
C GLN L 247 -24.38 21.78 -9.49
N VAL L 248 -23.45 22.28 -10.30
CA VAL L 248 -23.17 23.71 -10.29
C VAL L 248 -24.40 24.51 -10.68
N LEU L 249 -25.15 24.04 -11.67
CA LEU L 249 -26.35 24.78 -12.06
C LEU L 249 -27.39 24.81 -10.96
N GLN L 250 -27.49 23.73 -10.17
CA GLN L 250 -28.42 23.74 -9.05
C GLN L 250 -28.04 24.81 -8.03
N GLN L 251 -26.75 24.90 -7.69
CA GLN L 251 -26.36 25.92 -6.71
C GLN L 251 -26.60 27.33 -7.24
N THR L 252 -26.30 27.57 -8.52
CA THR L 252 -26.54 28.89 -9.11
C THR L 252 -28.02 29.24 -9.15
N GLY L 253 -28.86 28.27 -9.55
CA GLY L 253 -30.29 28.55 -9.63
C GLY L 253 -30.92 28.77 -8.27
N SER L 254 -30.44 28.04 -7.25
CA SER L 254 -30.91 28.28 -5.89
C SER L 254 -30.57 29.70 -5.44
N ALA L 255 -29.32 30.13 -5.63
CA ALA L 255 -28.94 31.50 -5.28
C ALA L 255 -29.81 32.52 -6.02
N MET L 256 -30.06 32.28 -7.30
CA MET L 256 -30.77 33.27 -8.10
C MET L 256 -32.24 33.35 -7.71
N LEU L 257 -32.85 32.22 -7.36
CA LEU L 257 -34.24 32.24 -6.89
C LEU L 257 -34.36 32.90 -5.53
N ALA L 258 -33.42 32.65 -4.63
CA ALA L 258 -33.44 33.31 -3.34
C ALA L 258 -33.29 34.82 -3.49
N GLN L 259 -32.48 35.26 -4.44
CA GLN L 259 -32.37 36.69 -4.70
C GLN L 259 -33.60 37.24 -5.40
N ALA L 260 -34.30 36.40 -6.17
CA ALA L 260 -35.48 36.86 -6.89
C ALA L 260 -36.67 37.08 -5.97
N ASN L 261 -36.79 36.27 -4.91
CA ASN L 261 -37.92 36.45 -4.00
C ASN L 261 -37.84 37.73 -3.16
N GLN L 262 -36.80 38.55 -3.29
CA GLN L 262 -36.70 39.78 -2.52
C GLN L 262 -37.04 41.03 -3.33
N LEU L 263 -37.64 40.89 -4.50
CA LEU L 263 -37.92 42.07 -5.33
C LEU L 263 -39.11 42.90 -4.87
N PRO L 264 -40.19 42.36 -4.29
CA PRO L 264 -41.29 43.22 -3.86
C PRO L 264 -40.96 44.16 -2.71
N GLN L 265 -39.71 44.20 -2.24
CA GLN L 265 -39.39 45.06 -1.12
C GLN L 265 -38.99 46.47 -1.52
N VAL L 266 -39.03 46.81 -2.82
CA VAL L 266 -38.79 48.19 -3.22
C VAL L 266 -40.00 49.04 -2.88
N ALA L 267 -41.19 48.42 -2.83
CA ALA L 267 -42.40 49.15 -2.51
C ALA L 267 -42.36 49.71 -1.10
N LEU L 268 -41.81 48.94 -0.15
CA LEU L 268 -41.66 49.43 1.21
C LEU L 268 -40.79 50.67 1.26
N SER L 269 -39.79 50.74 0.38
CA SER L 269 -38.98 51.95 0.29
C SER L 269 -39.80 53.11 -0.25
N LEU L 270 -40.59 52.89 -1.29
CA LEU L 270 -41.42 53.98 -1.80
C LEU L 270 -42.51 54.36 -0.80
N LEU L 271 -42.85 53.46 0.10
CA LEU L 271 -44.00 53.66 0.98
C LEU L 271 -43.60 54.32 2.28
N ALA M 1 -14.86 3.86 -24.57
CA ALA M 1 -15.74 3.98 -23.42
C ALA M 1 -15.12 3.37 -22.18
N ILE M 2 -15.53 3.86 -21.01
CA ILE M 2 -15.12 3.32 -19.73
C ILE M 2 -16.36 2.71 -19.09
N THR M 3 -16.47 1.38 -19.14
CA THR M 3 -17.67 0.68 -18.69
C THR M 3 -17.31 -0.31 -17.60
N VAL M 4 -18.30 -0.64 -16.77
CA VAL M 4 -18.09 -1.56 -15.66
C VAL M 4 -18.87 -2.85 -15.85
N ASN M 5 -19.95 -2.82 -16.61
CA ASN M 5 -20.89 -3.93 -16.63
C ASN M 5 -20.47 -5.06 -17.56
N THR M 6 -19.59 -4.81 -18.52
CA THR M 6 -19.15 -5.83 -19.46
C THR M 6 -17.67 -5.64 -19.72
N ASN M 7 -16.93 -6.75 -19.79
CA ASN M 7 -15.49 -6.71 -19.95
C ASN M 7 -15.15 -7.75 -21.02
N VAL M 8 -14.75 -7.28 -22.20
CA VAL M 8 -14.56 -8.18 -23.34
C VAL M 8 -13.14 -8.72 -23.38
N THR M 9 -12.18 -7.91 -22.95
CA THR M 9 -10.80 -8.36 -22.87
C THR M 9 -10.68 -9.58 -21.97
N SER M 10 -11.45 -9.59 -20.87
CA SER M 10 -11.44 -10.73 -19.97
C SER M 10 -12.01 -11.98 -20.64
N LEU M 11 -13.08 -11.82 -21.42
CA LEU M 11 -13.66 -12.95 -22.13
C LEU M 11 -12.65 -13.57 -23.10
N LYS M 12 -11.96 -12.73 -23.85
CA LYS M 12 -10.98 -13.25 -24.81
C LYS M 12 -9.79 -13.90 -24.12
N ALA M 13 -9.33 -13.31 -23.01
CA ALA M 13 -8.24 -13.92 -22.25
C ALA M 13 -8.65 -15.27 -21.68
N GLN M 14 -9.90 -15.38 -21.20
CA GLN M 14 -10.40 -16.67 -20.73
C GLN M 14 -10.34 -17.71 -21.82
N LYS M 15 -10.78 -17.36 -23.03
CA LYS M 15 -10.79 -18.36 -24.09
C LYS M 15 -9.38 -18.81 -24.47
N ASN M 16 -8.43 -17.87 -24.55
CA ASN M 16 -7.05 -18.26 -24.85
C ASN M 16 -6.48 -19.16 -23.76
N LEU M 17 -6.72 -18.83 -22.50
CA LEU M 17 -6.19 -19.64 -21.40
C LEU M 17 -6.76 -21.05 -21.42
N ASN M 18 -8.04 -21.17 -21.76
CA ASN M 18 -8.66 -22.49 -21.85
C ASN M 18 -8.04 -23.32 -22.98
N THR M 19 -7.81 -22.68 -24.13
CA THR M 19 -7.18 -23.39 -25.24
C THR M 19 -5.81 -23.93 -24.86
N SER M 20 -5.01 -23.09 -24.20
CA SER M 20 -3.68 -23.51 -23.78
C SER M 20 -3.74 -24.68 -22.79
N ALA M 21 -4.66 -24.62 -21.82
CA ALA M 21 -4.77 -25.70 -20.84
C ALA M 21 -5.16 -27.01 -21.50
N SER M 22 -6.09 -26.97 -22.45
CA SER M 22 -6.48 -28.18 -23.16
C SER M 22 -5.29 -28.79 -23.90
N ASP M 23 -4.52 -27.97 -24.61
CA ASP M 23 -3.37 -28.49 -25.34
C ASP M 23 -2.36 -29.14 -24.39
N LEU M 24 -2.11 -28.51 -23.24
CA LEU M 24 -1.16 -29.07 -22.29
C LEU M 24 -1.63 -30.41 -21.74
N ALA M 25 -2.92 -30.52 -21.41
CA ALA M 25 -3.45 -31.80 -20.94
C ALA M 25 -3.30 -32.90 -21.97
N THR M 26 -3.58 -32.59 -23.24
CA THR M 26 -3.40 -33.58 -24.31
C THR M 26 -1.96 -34.07 -24.38
N SER M 27 -1.00 -33.14 -24.33
CA SER M 27 0.41 -33.52 -24.40
C SER M 27 0.81 -34.38 -23.22
N MET M 28 0.34 -34.04 -22.01
CA MET M 28 0.64 -34.81 -20.81
C MET M 28 0.16 -36.25 -20.97
N GLU M 29 -1.08 -36.42 -21.45
CA GLU M 29 -1.61 -37.76 -21.71
C GLU M 29 -0.74 -38.54 -22.67
N ARG M 30 -0.35 -37.91 -23.77
CA ARG M 30 0.44 -38.61 -24.78
C ARG M 30 1.80 -39.03 -24.25
N LEU M 31 2.43 -38.21 -23.42
CA LEU M 31 3.72 -38.60 -22.82
C LEU M 31 3.54 -39.70 -21.78
N SER M 32 2.42 -39.68 -21.04
CA SER M 32 2.21 -40.72 -20.03
C SER M 32 1.93 -42.07 -20.67
N SER M 33 1.24 -42.09 -21.81
CA SER M 33 0.84 -43.35 -22.43
C SER M 33 1.94 -43.94 -23.30
N GLY M 34 2.66 -43.10 -24.04
CA GLY M 34 3.63 -43.56 -25.01
C GLY M 34 3.07 -43.77 -26.40
N LEU M 35 1.82 -43.38 -26.65
CA LEU M 35 1.14 -43.60 -27.92
C LEU M 35 0.66 -42.28 -28.47
N ARG M 36 0.69 -42.15 -29.80
CA ARG M 36 0.17 -40.96 -30.46
C ARG M 36 -1.35 -41.03 -30.60
N ILE M 37 -1.88 -42.21 -30.86
CA ILE M 37 -3.31 -42.41 -31.09
C ILE M 37 -3.89 -43.07 -29.85
N ASN M 38 -4.57 -42.29 -29.01
CA ASN M 38 -5.26 -42.83 -27.87
C ASN M 38 -6.75 -43.00 -28.10
N SER M 39 -7.30 -42.38 -29.13
CA SER M 39 -8.72 -42.47 -29.45
C SER M 39 -8.87 -42.30 -30.95
N ALA M 40 -10.11 -42.28 -31.42
CA ALA M 40 -10.35 -41.98 -32.83
C ALA M 40 -10.46 -40.49 -33.08
N LYS M 41 -10.58 -39.68 -32.03
CA LYS M 41 -10.37 -38.25 -32.12
C LYS M 41 -9.04 -37.89 -32.78
N ASP M 42 -8.03 -38.74 -32.59
CA ASP M 42 -6.66 -38.44 -32.99
C ASP M 42 -6.43 -38.74 -34.48
N ASP M 43 -6.60 -39.99 -34.88
CA ASP M 43 -6.40 -40.39 -36.26
C ASP M 43 -7.26 -41.63 -36.50
N ALA M 44 -8.26 -41.51 -37.38
CA ALA M 44 -9.26 -42.57 -37.51
C ALA M 44 -8.81 -43.65 -38.48
N ALA M 45 -8.22 -43.26 -39.61
CA ALA M 45 -7.74 -44.25 -40.57
C ALA M 45 -6.52 -44.99 -40.06
N GLY M 46 -5.63 -44.30 -39.34
CA GLY M 46 -4.49 -44.96 -38.73
C GLY M 46 -4.89 -45.97 -37.68
N LEU M 47 -5.98 -45.70 -36.96
CA LEU M 47 -6.50 -46.67 -36.00
C LEU M 47 -6.82 -48.01 -36.66
N ALA M 48 -7.54 -47.98 -37.77
CA ALA M 48 -7.91 -49.22 -38.45
C ALA M 48 -6.72 -49.89 -39.10
N ILE M 49 -5.84 -49.10 -39.74
CA ILE M 49 -4.63 -49.67 -40.33
C ILE M 49 -3.80 -50.38 -39.26
N SER M 50 -3.70 -49.77 -38.08
CA SER M 50 -2.90 -50.33 -37.01
C SER M 50 -3.58 -51.54 -36.37
N ASN M 51 -4.91 -51.56 -36.32
CA ASN M 51 -5.60 -52.78 -35.88
C ASN M 51 -5.28 -53.95 -36.79
N ARG M 52 -5.26 -53.72 -38.11
CA ARG M 52 -4.95 -54.81 -39.03
C ARG M 52 -3.48 -55.24 -38.91
N LEU M 53 -2.56 -54.29 -38.78
CA LEU M 53 -1.16 -54.67 -38.60
C LEU M 53 -0.94 -55.41 -37.29
N ASN M 54 -1.71 -55.07 -36.26
CA ASN M 54 -1.63 -55.75 -34.98
C ASN M 54 -2.10 -57.19 -35.10
N SER M 55 -3.22 -57.41 -35.79
CA SER M 55 -3.65 -58.78 -36.08
C SER M 55 -2.56 -59.57 -36.78
N GLN M 56 -1.87 -58.94 -37.75
CA GLN M 56 -0.83 -59.67 -38.49
C GLN M 56 0.34 -60.04 -37.59
N VAL M 57 0.81 -59.12 -36.75
CA VAL M 57 1.93 -59.42 -35.85
C VAL M 57 1.59 -60.58 -34.92
N ARG M 58 0.41 -60.50 -34.31
CA ARG M 58 0.02 -61.52 -33.33
C ARG M 58 -0.19 -62.88 -33.99
N GLY M 59 -0.77 -62.88 -35.20
CA GLY M 59 -0.92 -64.12 -35.93
C GLY M 59 0.38 -64.76 -36.33
N LEU M 60 1.36 -63.96 -36.73
CA LEU M 60 2.67 -64.52 -37.06
C LEU M 60 3.33 -65.15 -35.85
N GLU M 61 3.17 -64.54 -34.67
CA GLU M 61 3.69 -65.15 -33.45
C GLU M 61 3.09 -66.55 -33.22
N VAL M 62 1.76 -66.65 -33.26
CA VAL M 62 1.13 -67.94 -33.04
C VAL M 62 1.50 -68.94 -34.14
N GLY M 63 1.67 -68.47 -35.38
CA GLY M 63 2.02 -69.36 -36.46
C GLY M 63 3.40 -69.97 -36.31
N MET M 64 4.36 -69.18 -35.83
CA MET M 64 5.67 -69.75 -35.53
C MET M 64 5.59 -70.79 -34.42
N ARG M 65 4.71 -70.58 -33.44
CA ARG M 65 4.52 -71.63 -32.43
C ARG M 65 4.01 -72.93 -33.07
N ASN M 66 3.02 -72.83 -33.96
CA ASN M 66 2.51 -74.04 -34.65
C ASN M 66 3.59 -74.71 -35.50
N ALA M 67 4.43 -73.91 -36.16
CA ALA M 67 5.48 -74.49 -36.98
C ALA M 67 6.48 -75.27 -36.14
N ASN M 68 6.78 -74.77 -34.94
CA ASN M 68 7.71 -75.50 -34.09
C ASN M 68 7.08 -76.80 -33.57
N ASP M 69 5.76 -76.78 -33.33
CA ASP M 69 5.05 -78.03 -33.03
C ASP M 69 5.18 -79.07 -34.13
N ALA M 70 5.02 -78.64 -35.39
CA ALA M 70 5.18 -79.57 -36.51
C ALA M 70 6.60 -80.13 -36.58
N ILE M 71 7.61 -79.29 -36.36
CA ILE M 71 8.99 -79.76 -36.37
C ILE M 71 9.19 -80.82 -35.29
N SER M 72 8.59 -80.60 -34.12
CA SER M 72 8.69 -81.58 -33.03
C SER M 72 8.13 -82.94 -33.42
N ILE M 73 6.92 -82.95 -33.98
CA ILE M 73 6.29 -84.21 -34.39
C ILE M 73 7.17 -84.95 -35.40
N ALA M 74 7.61 -84.24 -36.44
CA ALA M 74 8.41 -84.87 -37.48
C ALA M 74 9.72 -85.42 -36.92
N GLN M 75 10.33 -84.71 -35.98
CA GLN M 75 11.59 -85.12 -35.40
C GLN M 75 11.45 -86.40 -34.58
N ILE M 76 10.36 -86.51 -33.80
CA ILE M 76 10.12 -87.74 -33.04
C ILE M 76 9.93 -88.94 -33.96
N ALA M 77 9.07 -88.79 -34.98
CA ALA M 77 8.82 -89.93 -35.87
C ALA M 77 10.08 -90.35 -36.63
N GLU M 78 10.81 -89.37 -37.16
CA GLU M 78 12.04 -89.65 -37.88
C GLU M 78 13.07 -90.34 -37.00
N GLY M 79 13.17 -89.96 -35.73
CA GLY M 79 14.08 -90.64 -34.83
C GLY M 79 13.66 -92.06 -34.51
N ALA M 80 12.36 -92.31 -34.45
CA ALA M 80 11.88 -93.67 -34.22
C ALA M 80 12.23 -94.62 -35.36
N MET M 81 12.24 -94.14 -36.61
CA MET M 81 12.50 -95.04 -37.73
C MET M 81 13.94 -95.56 -37.81
N GLN M 82 14.89 -94.92 -37.13
CA GLN M 82 16.29 -95.32 -37.19
C GLN M 82 16.55 -96.67 -36.52
N GLU M 83 15.93 -96.91 -35.37
CA GLU M 83 16.08 -98.21 -34.71
C GLU M 83 15.48 -99.34 -35.53
N GLN M 84 14.38 -99.05 -36.24
CA GLN M 84 13.78 -100.02 -37.14
C GLN M 84 14.74 -100.39 -38.26
N THR M 85 15.37 -99.39 -38.88
CA THR M 85 16.41 -99.67 -39.87
C THR M 85 17.52 -100.54 -39.31
N ASN M 86 17.97 -100.23 -38.09
CA ASN M 86 19.05 -100.96 -37.45
C ASN M 86 18.70 -102.43 -37.27
N MET M 87 17.50 -102.70 -36.77
CA MET M 87 17.08 -104.07 -36.56
C MET M 87 16.91 -104.82 -37.88
N LEU M 88 16.43 -104.15 -38.93
CA LEU M 88 16.35 -104.81 -40.23
C LEU M 88 17.72 -105.20 -40.77
N GLN M 89 18.73 -104.36 -40.55
CA GLN M 89 20.08 -104.75 -40.95
C GLN M 89 20.55 -106.00 -40.20
N ARG M 90 20.23 -106.07 -38.90
CA ARG M 90 20.58 -107.28 -38.14
C ARG M 90 19.89 -108.52 -38.70
N MET M 91 18.59 -108.42 -39.02
CA MET M 91 17.89 -109.57 -39.61
C MET M 91 18.47 -109.96 -40.95
N ARG M 92 18.92 -109.00 -41.74
CA ARG M 92 19.60 -109.32 -43.00
C ARG M 92 20.85 -110.16 -42.78
N ASP M 93 21.64 -109.79 -41.77
CA ASP M 93 22.82 -110.61 -41.45
C ASP M 93 22.44 -112.02 -41.01
N LEU M 94 21.41 -112.15 -40.18
CA LEU M 94 20.96 -113.48 -39.77
C LEU M 94 20.50 -114.32 -40.96
N THR M 95 19.81 -113.69 -41.91
CA THR M 95 19.35 -114.42 -43.09
C THR M 95 20.51 -114.87 -43.97
N VAL M 96 21.52 -114.01 -44.14
CA VAL M 96 22.70 -114.44 -44.91
C VAL M 96 23.41 -115.58 -44.19
N GLN M 97 23.41 -115.56 -42.87
CA GLN M 97 24.05 -116.63 -42.10
C GLN M 97 23.29 -117.95 -42.21
N SER M 98 21.98 -117.90 -42.45
CA SER M 98 21.22 -119.14 -42.63
C SER M 98 21.61 -119.93 -43.87
N GLU M 99 22.24 -119.30 -44.86
CA GLU M 99 22.63 -119.97 -46.10
C GLU M 99 24.01 -120.60 -45.99
N ASN M 100 24.16 -121.59 -45.13
CA ASN M 100 25.45 -122.18 -44.82
C ASN M 100 25.26 -123.69 -44.75
N GLY M 101 25.91 -124.40 -45.66
CA GLY M 101 25.71 -125.85 -45.75
C GLY M 101 26.25 -126.63 -44.58
N ALA M 102 26.63 -125.97 -43.50
CA ALA M 102 27.05 -126.65 -42.29
C ALA M 102 26.07 -126.47 -41.15
N ASN M 103 25.07 -125.60 -41.31
CA ASN M 103 24.02 -125.45 -40.32
C ASN M 103 23.15 -126.69 -40.29
N SER M 104 22.60 -126.99 -39.12
CA SER M 104 21.62 -128.05 -38.96
C SER M 104 20.31 -127.42 -38.48
N SER M 105 19.31 -128.26 -38.19
CA SER M 105 17.99 -127.73 -37.88
C SER M 105 17.99 -126.96 -36.56
N ALA M 106 18.83 -127.35 -35.61
CA ALA M 106 18.90 -126.63 -34.34
C ALA M 106 19.50 -125.25 -34.52
N ASP M 107 20.55 -125.14 -35.34
CA ASP M 107 21.14 -123.83 -35.61
C ASP M 107 20.17 -122.93 -36.35
N LEU M 108 19.43 -123.49 -37.31
CA LEU M 108 18.42 -122.72 -38.03
C LEU M 108 17.33 -122.25 -37.08
N SER M 109 16.96 -123.08 -36.10
CA SER M 109 15.95 -122.67 -35.13
C SER M 109 16.46 -121.54 -34.25
N ALA M 110 17.73 -121.57 -33.88
CA ALA M 110 18.29 -120.47 -33.09
C ALA M 110 18.28 -119.16 -33.87
N LEU M 111 18.78 -119.20 -35.11
CA LEU M 111 18.74 -118.03 -35.98
C LEU M 111 17.32 -117.48 -36.12
N LYS M 112 16.34 -118.37 -36.33
CA LYS M 112 14.98 -117.87 -36.52
C LYS M 112 14.36 -117.33 -35.24
N ALA M 113 14.71 -117.89 -34.09
CA ALA M 113 14.23 -117.32 -32.83
C ALA M 113 14.68 -115.88 -32.65
N GLU M 114 15.94 -115.60 -33.01
CA GLU M 114 16.34 -114.20 -32.90
C GLU M 114 15.66 -113.32 -33.95
N MET M 115 15.43 -113.83 -35.16
CA MET M 115 14.67 -113.06 -36.14
C MET M 115 13.28 -112.69 -35.63
N ASP M 116 12.60 -113.64 -34.99
CA ASP M 116 11.26 -113.36 -34.46
C ASP M 116 11.29 -112.31 -33.37
N GLN M 117 12.27 -112.37 -32.47
CA GLN M 117 12.34 -111.32 -31.46
C GLN M 117 12.57 -109.94 -32.08
N LEU M 118 13.39 -109.87 -33.13
CA LEU M 118 13.61 -108.57 -33.78
C LEU M 118 12.35 -108.06 -34.46
N ALA M 119 11.56 -108.95 -35.09
CA ALA M 119 10.32 -108.51 -35.70
C ALA M 119 9.31 -108.05 -34.65
N ASN M 120 9.30 -108.70 -33.48
CA ASN M 120 8.45 -108.23 -32.38
C ASN M 120 8.85 -106.83 -31.92
N GLU M 121 10.15 -106.54 -31.84
CA GLU M 121 10.54 -105.19 -31.45
C GLU M 121 10.24 -104.15 -32.52
N ILE M 122 10.34 -104.51 -33.80
CA ILE M 122 9.90 -103.59 -34.86
C ILE M 122 8.42 -103.27 -34.70
N ASP M 123 7.59 -104.28 -34.43
CA ASP M 123 6.17 -104.02 -34.22
C ASP M 123 5.92 -103.16 -32.98
N GLU M 124 6.65 -103.40 -31.89
CA GLU M 124 6.47 -102.61 -30.70
C GLU M 124 6.80 -101.14 -30.93
N ILE M 125 7.92 -100.85 -31.59
CA ILE M 125 8.23 -99.46 -31.93
C ILE M 125 7.13 -98.87 -32.81
N GLY M 126 6.59 -99.68 -33.72
CA GLY M 126 5.52 -99.18 -34.57
C GLY M 126 4.28 -98.76 -33.82
N LYS M 127 3.90 -99.52 -32.79
CA LYS M 127 2.66 -99.18 -32.07
C LYS M 127 2.87 -98.28 -30.86
N THR M 128 4.12 -98.05 -30.43
CA THR M 128 4.35 -97.40 -29.15
C THR M 128 4.67 -95.91 -29.30
N THR M 129 5.27 -95.50 -30.41
CA THR M 129 5.73 -94.12 -30.57
C THR M 129 4.58 -93.13 -30.51
N ALA M 130 4.74 -92.09 -29.71
CA ALA M 130 3.66 -91.15 -29.45
C ALA M 130 4.20 -89.75 -29.22
N PHE M 131 3.32 -88.77 -29.35
CA PHE M 131 3.52 -87.40 -28.91
C PHE M 131 2.56 -87.17 -27.75
N GLY M 132 3.03 -87.39 -26.54
CA GLY M 132 2.14 -87.39 -25.39
C GLY M 132 1.29 -88.63 -25.39
N THR M 133 0.07 -88.53 -25.93
CA THR M 133 -0.83 -89.66 -26.01
C THR M 133 -1.33 -89.96 -27.42
N THR M 134 -0.93 -89.20 -28.43
CA THR M 134 -1.37 -89.47 -29.80
C THR M 134 -0.32 -90.30 -30.52
N LYS M 135 -0.75 -91.36 -31.18
CA LYS M 135 0.16 -92.26 -31.86
C LYS M 135 0.59 -91.67 -33.19
N LEU M 136 1.85 -91.92 -33.57
CA LEU M 136 2.42 -91.34 -34.78
C LEU M 136 2.66 -92.35 -35.90
N LEU M 137 3.08 -93.57 -35.58
CA LEU M 137 3.42 -94.53 -36.61
C LEU M 137 2.37 -95.62 -36.81
N ALA M 138 1.13 -95.38 -36.42
CA ALA M 138 0.11 -96.43 -36.51
C ALA M 138 -0.87 -96.21 -37.65
N GLY M 139 -0.82 -95.06 -38.31
CA GLY M 139 -1.72 -94.76 -39.41
C GLY M 139 -2.61 -93.55 -39.19
N GLY M 140 -2.47 -92.81 -38.09
CA GLY M 140 -3.30 -91.65 -37.86
C GLY M 140 -2.89 -90.42 -38.65
N PHE M 141 -1.67 -90.39 -39.16
CA PHE M 141 -1.18 -89.32 -40.01
C PHE M 141 -1.06 -89.74 -41.46
N SER M 142 -1.65 -90.89 -41.84
CA SER M 142 -1.51 -91.39 -43.20
C SER M 142 -2.07 -90.42 -44.22
N ALA M 143 -3.23 -89.85 -43.93
CA ALA M 143 -3.64 -88.59 -44.55
C ALA M 143 -3.24 -87.47 -43.61
N GLY M 144 -2.38 -86.57 -44.08
CA GLY M 144 -1.69 -85.69 -43.16
C GLY M 144 -2.60 -84.78 -42.37
N LYS M 145 -2.02 -84.14 -41.36
CA LYS M 145 -2.67 -83.10 -40.58
C LYS M 145 -2.08 -81.75 -40.95
N ASN M 146 -2.92 -80.71 -40.87
CA ASN M 146 -2.48 -79.36 -41.21
C ASN M 146 -2.13 -78.56 -39.97
N PHE M 147 -1.08 -77.76 -40.09
CA PHE M 147 -0.68 -76.78 -39.09
C PHE M 147 -0.74 -75.41 -39.77
N GLN M 148 -1.52 -74.49 -39.22
CA GLN M 148 -1.57 -73.16 -39.80
C GLN M 148 -0.35 -72.37 -39.36
N VAL M 149 0.55 -72.08 -40.30
CA VAL M 149 1.82 -71.44 -39.99
C VAL M 149 1.83 -69.96 -40.30
N GLY M 150 0.69 -69.38 -40.72
CA GLY M 150 0.59 -67.97 -40.98
C GLY M 150 -0.55 -67.33 -40.20
N ALA M 151 -0.80 -66.07 -40.53
CA ALA M 151 -1.83 -65.31 -39.85
C ALA M 151 -3.20 -65.44 -40.50
N GLN M 152 -3.26 -65.81 -41.77
CA GLN M 152 -4.50 -65.88 -42.51
C GLN M 152 -4.89 -67.33 -42.79
N ASP M 153 -6.16 -67.53 -43.07
CA ASP M 153 -6.68 -68.86 -43.32
C ASP M 153 -6.16 -69.42 -44.64
N GLY M 154 -5.77 -70.69 -44.61
CA GLY M 154 -5.26 -71.35 -45.79
C GLY M 154 -3.76 -71.39 -45.90
N GLU M 155 -3.05 -70.65 -45.05
CA GLU M 155 -1.58 -70.62 -45.05
C GLU M 155 -1.10 -71.67 -44.07
N ASP M 156 -0.87 -72.88 -44.57
CA ASP M 156 -0.62 -74.01 -43.71
C ASP M 156 0.18 -75.10 -44.42
N ILE M 157 0.76 -75.99 -43.62
CA ILE M 157 1.66 -77.03 -44.07
C ILE M 157 1.12 -78.37 -43.57
N LYS M 158 1.25 -79.40 -44.39
CA LYS M 158 0.68 -80.72 -44.10
C LYS M 158 1.79 -81.71 -43.76
N VAL M 159 1.65 -82.42 -42.66
CA VAL M 159 2.62 -83.41 -42.20
C VAL M 159 2.01 -84.80 -42.34
N THR M 160 2.67 -85.66 -43.13
CA THR M 160 2.15 -86.97 -43.48
C THR M 160 3.11 -88.04 -43.00
N VAL M 161 2.60 -89.02 -42.27
CA VAL M 161 3.37 -90.18 -41.83
C VAL M 161 2.52 -91.42 -42.07
N LYS M 162 3.08 -92.42 -42.72
CA LYS M 162 2.37 -93.67 -42.95
C LYS M 162 2.73 -94.68 -41.86
N ALA M 163 1.94 -95.75 -41.79
CA ALA M 163 2.16 -96.77 -40.78
C ALA M 163 3.39 -97.61 -41.11
N SER M 164 4.21 -97.89 -40.09
CA SER M 164 5.40 -98.71 -40.26
C SER M 164 5.50 -99.67 -39.08
N ASN M 165 5.26 -100.94 -39.37
CA ASN M 165 5.23 -102.01 -38.38
C ASN M 165 5.46 -103.31 -39.13
N LYS M 166 5.54 -104.42 -38.41
CA LYS M 166 5.95 -105.66 -39.08
C LYS M 166 4.88 -106.18 -40.02
N SER M 167 3.68 -105.60 -40.00
CA SER M 167 2.62 -106.09 -40.87
C SER M 167 2.59 -105.30 -42.18
N SER M 168 2.82 -103.99 -42.11
CA SER M 168 2.83 -103.18 -43.32
C SER M 168 4.15 -103.29 -44.06
N LEU M 169 5.23 -103.65 -43.36
CA LEU M 169 6.53 -103.87 -44.00
C LEU M 169 6.70 -105.28 -44.53
N SER M 170 5.74 -106.16 -44.30
CA SER M 170 5.74 -107.54 -44.79
C SER M 170 6.91 -108.36 -44.27
N VAL M 171 7.36 -108.10 -43.05
CA VAL M 171 8.43 -108.89 -42.43
C VAL M 171 7.93 -109.71 -41.25
N GLY M 172 6.62 -109.85 -41.11
CA GLY M 172 6.07 -110.54 -39.96
C GLY M 172 5.92 -112.03 -40.07
N SER M 173 6.36 -112.63 -41.18
CA SER M 173 6.26 -114.07 -41.35
C SER M 173 7.39 -114.61 -42.23
N LEU M 174 8.64 -114.47 -41.77
CA LEU M 174 9.77 -114.86 -42.58
C LEU M 174 10.27 -116.23 -42.15
N GLY M 175 10.74 -117.00 -43.13
CA GLY M 175 11.24 -118.33 -42.84
C GLY M 175 12.66 -118.49 -43.36
N ASN M 176 13.32 -119.52 -42.87
CA ASN M 176 14.70 -119.77 -43.25
C ASN M 176 15.01 -121.25 -43.39
N THR M 177 13.99 -122.10 -43.46
CA THR M 177 14.23 -123.55 -43.43
C THR M 177 14.45 -124.15 -44.80
N THR M 178 14.21 -123.38 -45.86
CA THR M 178 14.35 -123.86 -47.24
C THR M 178 15.02 -122.76 -48.07
N SER M 179 15.70 -123.17 -49.14
CA SER M 179 16.42 -122.25 -50.00
C SER M 179 15.51 -121.14 -50.54
N ALA M 180 14.32 -121.50 -51.01
CA ALA M 180 13.39 -120.50 -51.53
C ALA M 180 12.89 -119.57 -50.43
N ALA M 181 12.73 -120.09 -49.22
CA ALA M 181 12.31 -119.26 -48.11
C ALA M 181 13.37 -118.22 -47.76
N ARG M 182 14.64 -118.60 -47.83
CA ARG M 182 15.72 -117.65 -47.59
C ARG M 182 15.76 -116.59 -48.66
N ALA M 183 15.61 -116.98 -49.94
CA ALA M 183 15.60 -116.00 -51.01
C ALA M 183 14.46 -114.99 -50.82
N SER M 184 13.28 -115.49 -50.48
CA SER M 184 12.13 -114.62 -50.30
C SER M 184 12.33 -113.67 -49.12
N SER M 185 12.90 -114.18 -48.02
CA SER M 185 13.15 -113.32 -46.86
C SER M 185 14.16 -112.23 -47.18
N LEU M 186 15.21 -112.56 -47.93
CA LEU M 186 16.17 -111.54 -48.33
C LEU M 186 15.50 -110.44 -49.12
N LYS M 187 14.68 -110.80 -50.11
CA LYS M 187 14.03 -109.77 -50.92
C LYS M 187 13.12 -108.88 -50.08
N LYS M 188 12.34 -109.46 -49.18
CA LYS M 188 11.43 -108.61 -48.41
C LYS M 188 12.15 -107.73 -47.40
N ILE M 189 13.25 -108.19 -46.80
CA ILE M 189 14.00 -107.31 -45.91
C ILE M 189 14.59 -106.13 -46.69
N ASP M 190 15.14 -106.38 -47.88
CA ASP M 190 15.66 -105.28 -48.68
C ASP M 190 14.57 -104.27 -49.05
N ALA M 191 13.39 -104.78 -49.41
CA ALA M 191 12.29 -103.87 -49.74
C ALA M 191 11.88 -103.02 -48.54
N ALA M 192 11.85 -103.61 -47.35
CA ALA M 192 11.48 -102.85 -46.16
C ALA M 192 12.47 -101.74 -45.87
N ILE M 193 13.77 -102.03 -46.01
CA ILE M 193 14.77 -100.99 -45.85
C ILE M 193 14.52 -99.84 -46.82
N LYS M 194 14.18 -100.17 -48.07
CA LYS M 194 13.89 -99.13 -49.05
C LYS M 194 12.71 -98.25 -48.63
N THR M 195 11.61 -98.85 -48.17
CA THR M 195 10.45 -98.02 -47.85
C THR M 195 10.70 -97.12 -46.66
N ILE M 196 11.44 -97.60 -45.66
CA ILE M 196 11.78 -96.72 -44.54
C ILE M 196 12.66 -95.56 -45.01
N ASP M 197 13.61 -95.83 -45.91
CA ASP M 197 14.40 -94.72 -46.46
C ASP M 197 13.51 -93.66 -47.11
N ALA M 198 12.52 -94.07 -47.88
CA ALA M 198 11.66 -93.09 -48.54
C ALA M 198 10.89 -92.24 -47.53
N GLN M 199 10.34 -92.87 -46.49
CA GLN M 199 9.64 -92.11 -45.47
C GLN M 199 10.55 -91.10 -44.77
N ARG M 200 11.77 -91.51 -44.45
CA ARG M 200 12.69 -90.60 -43.78
C ARG M 200 13.07 -89.43 -44.68
N ALA M 201 13.19 -89.69 -45.98
CA ALA M 201 13.46 -88.61 -46.94
C ALA M 201 12.36 -87.55 -46.90
N ASP M 202 11.10 -87.97 -46.97
CA ASP M 202 10.02 -86.98 -46.94
C ASP M 202 9.98 -86.20 -45.64
N LEU M 203 10.19 -86.85 -44.50
CA LEU M 203 10.18 -86.10 -43.24
C LEU M 203 11.33 -85.08 -43.18
N GLY M 204 12.50 -85.45 -43.72
CA GLY M 204 13.60 -84.49 -43.75
C GLY M 204 13.30 -83.27 -44.61
N ALA M 205 12.71 -83.50 -45.77
CA ALA M 205 12.29 -82.38 -46.62
C ALA M 205 11.32 -81.45 -45.88
N ILE M 206 10.35 -82.03 -45.17
CA ILE M 206 9.40 -81.21 -44.41
C ILE M 206 10.13 -80.35 -43.36
N GLN M 207 11.11 -80.93 -42.67
CA GLN M 207 11.81 -80.14 -41.64
C GLN M 207 12.59 -78.98 -42.24
N ASN M 208 13.27 -79.21 -43.37
CA ASN M 208 13.97 -78.12 -44.04
C ASN M 208 13.02 -76.99 -44.42
N ARG M 209 11.88 -77.36 -45.02
CA ARG M 209 10.88 -76.38 -45.42
C ARG M 209 10.39 -75.55 -44.22
N LEU M 210 10.13 -76.20 -43.09
CA LEU M 210 9.64 -75.47 -41.93
C LEU M 210 10.69 -74.53 -41.37
N ALA M 211 11.97 -74.91 -41.47
CA ALA M 211 13.03 -73.99 -41.03
C ALA M 211 13.03 -72.70 -41.85
N HIS M 212 13.02 -72.83 -43.18
CA HIS M 212 12.95 -71.64 -44.02
C HIS M 212 11.72 -70.79 -43.72
N ASN M 213 10.57 -71.43 -43.48
CA ASN M 213 9.35 -70.67 -43.25
C ASN M 213 9.40 -69.89 -41.94
N ILE M 214 9.96 -70.48 -40.89
CA ILE M 214 10.08 -69.76 -39.61
C ILE M 214 11.03 -68.57 -39.75
N SER M 215 12.12 -68.75 -40.50
CA SER M 215 13.04 -67.63 -40.72
C SER M 215 12.35 -66.47 -41.42
N ASN M 216 11.57 -66.76 -42.46
CA ASN M 216 10.86 -65.71 -43.18
C ASN M 216 9.83 -65.02 -42.29
N SER M 217 9.15 -65.78 -41.41
CA SER M 217 8.17 -65.15 -40.52
C SER M 217 8.82 -64.22 -39.52
N ALA M 218 10.00 -64.57 -39.01
CA ALA M 218 10.70 -63.67 -38.09
C ALA M 218 11.07 -62.37 -38.79
N ASN M 219 11.63 -62.45 -40.00
CA ASN M 219 11.89 -61.24 -40.78
C ASN M 219 10.66 -60.37 -40.91
N THR M 220 9.55 -60.97 -41.36
CA THR M 220 8.35 -60.17 -41.64
C THR M 220 7.78 -59.56 -40.37
N GLN M 221 7.83 -60.28 -39.26
CA GLN M 221 7.37 -59.72 -38.00
C GLN M 221 8.16 -58.47 -37.63
N ALA M 222 9.49 -58.52 -37.74
CA ALA M 222 10.28 -57.33 -37.46
C ALA M 222 9.89 -56.15 -38.34
N ASN M 223 9.77 -56.37 -39.66
CA ASN M 223 9.45 -55.26 -40.56
C ASN M 223 8.05 -54.70 -40.30
N VAL M 224 7.07 -55.57 -40.00
CA VAL M 224 5.72 -55.09 -39.78
C VAL M 224 5.59 -54.35 -38.44
N ALA M 225 6.34 -54.79 -37.42
CA ALA M 225 6.32 -54.05 -36.16
C ALA M 225 6.95 -52.67 -36.32
N ASP M 226 8.03 -52.57 -37.10
CA ASP M 226 8.56 -51.27 -37.48
C ASP M 226 7.50 -50.39 -38.15
N ALA M 227 6.79 -50.95 -39.14
CA ALA M 227 5.76 -50.21 -39.83
C ALA M 227 4.68 -49.71 -38.89
N LYS M 228 4.23 -50.55 -37.95
CA LYS M 228 3.19 -50.14 -37.01
C LYS M 228 3.68 -49.07 -36.05
N SER M 229 4.94 -49.19 -35.61
CA SER M 229 5.50 -48.19 -34.71
C SER M 229 5.55 -46.82 -35.37
N ARG M 230 5.83 -46.78 -36.68
CA ARG M 230 5.82 -45.48 -37.37
C ARG M 230 4.46 -44.80 -37.32
N ILE M 231 3.38 -45.55 -37.13
CA ILE M 231 2.04 -44.98 -37.15
C ILE M 231 1.52 -44.69 -35.74
N VAL M 232 1.77 -45.58 -34.78
CA VAL M 232 1.05 -45.55 -33.51
C VAL M 232 1.84 -44.83 -32.41
N ASP M 233 3.16 -44.97 -32.37
CA ASP M 233 3.93 -44.51 -31.23
C ASP M 233 4.18 -43.00 -31.27
N VAL M 234 4.47 -42.43 -30.10
CA VAL M 234 4.68 -41.01 -29.97
C VAL M 234 6.16 -40.69 -30.14
N ASP M 235 6.44 -39.46 -30.52
CA ASP M 235 7.79 -38.93 -30.63
C ASP M 235 8.07 -38.08 -29.39
N PHE M 236 9.04 -38.50 -28.58
CA PHE M 236 9.32 -37.78 -27.34
C PHE M 236 9.97 -36.43 -27.59
N ALA M 237 10.87 -36.35 -28.58
CA ALA M 237 11.57 -35.11 -28.87
C ALA M 237 10.60 -33.99 -29.27
N LYS M 238 9.54 -34.34 -29.98
CA LYS M 238 8.56 -33.36 -30.41
C LYS M 238 7.56 -33.04 -29.32
N GLU M 239 7.16 -34.06 -28.56
CA GLU M 239 6.05 -33.91 -27.64
C GLU M 239 6.48 -33.15 -26.39
N THR M 240 7.73 -33.35 -25.96
CA THR M 240 8.25 -32.57 -24.83
C THR M 240 8.34 -31.08 -25.17
N SER M 241 8.71 -30.77 -26.42
CA SER M 241 8.76 -29.38 -26.86
C SER M 241 7.38 -28.75 -26.84
N GLN M 242 6.38 -29.46 -27.36
CA GLN M 242 5.01 -28.93 -27.30
C GLN M 242 4.57 -28.72 -25.85
N MET M 243 4.92 -29.64 -24.96
CA MET M 243 4.53 -29.50 -23.56
C MET M 243 5.11 -28.24 -22.95
N THR M 244 6.40 -27.99 -23.17
CA THR M 244 7.03 -26.80 -22.59
C THR M 244 6.43 -25.51 -23.16
N LYS M 245 6.15 -25.50 -24.46
CA LYS M 245 5.51 -24.32 -25.04
C LYS M 245 4.16 -24.02 -24.37
N ASN M 246 3.34 -25.05 -24.17
CA ASN M 246 2.03 -24.80 -23.57
C ASN M 246 2.13 -24.43 -22.10
N GLN M 247 3.14 -24.93 -21.39
CA GLN M 247 3.40 -24.47 -20.02
C GLN M 247 3.63 -22.96 -19.97
N VAL M 248 4.56 -22.46 -20.81
CA VAL M 248 4.84 -21.03 -20.81
C VAL M 248 3.60 -20.24 -21.18
N LEU M 249 2.83 -20.72 -22.18
CA LEU M 249 1.62 -19.99 -22.56
C LEU M 249 0.60 -19.95 -21.44
N GLN M 250 0.51 -21.03 -20.64
CA GLN M 250 -0.40 -21.01 -19.51
C GLN M 250 -0.02 -19.93 -18.51
N GLN M 251 1.28 -19.83 -18.18
CA GLN M 251 1.68 -18.80 -17.22
C GLN M 251 1.42 -17.40 -17.75
N THR M 252 1.70 -17.17 -19.04
CA THR M 252 1.46 -15.85 -19.63
C THR M 252 -0.03 -15.51 -19.65
N GLY M 253 -0.87 -16.47 -20.03
CA GLY M 253 -2.29 -16.21 -20.10
C GLY M 253 -2.91 -15.98 -18.73
N SER M 254 -2.42 -16.70 -17.72
CA SER M 254 -2.87 -16.45 -16.36
C SER M 254 -2.54 -15.03 -15.93
N ALA M 255 -1.28 -14.60 -16.13
CA ALA M 255 -0.91 -13.23 -15.79
C ALA M 255 -1.78 -12.21 -16.52
N MET M 256 -2.05 -12.47 -17.81
CA MET M 256 -2.78 -11.48 -18.61
C MET M 256 -4.24 -11.40 -18.19
N LEU M 257 -4.84 -12.53 -17.82
CA LEU M 257 -6.22 -12.51 -17.35
C LEU M 257 -6.33 -11.84 -15.99
N ALA M 258 -5.38 -12.09 -15.10
CA ALA M 258 -5.39 -11.41 -13.81
C ALA M 258 -5.25 -9.91 -13.97
N GLN M 259 -4.44 -9.47 -14.94
CA GLN M 259 -4.34 -8.04 -15.21
C GLN M 259 -5.58 -7.50 -15.90
N ALA M 260 -6.28 -8.34 -16.65
CA ALA M 260 -7.48 -7.89 -17.36
C ALA M 260 -8.66 -7.67 -16.43
N ASN M 261 -8.77 -8.47 -15.37
CA ASN M 261 -9.88 -8.29 -14.44
C ASN M 261 -9.80 -7.00 -13.61
N GLN M 262 -8.76 -6.18 -13.75
CA GLN M 262 -8.66 -4.94 -13.00
C GLN M 262 -9.00 -3.70 -13.81
N LEU M 263 -9.62 -3.86 -14.98
CA LEU M 263 -9.92 -2.68 -15.81
C LEU M 263 -11.10 -1.85 -15.34
N PRO M 264 -12.17 -2.39 -14.76
CA PRO M 264 -13.27 -1.53 -14.31
C PRO M 264 -12.93 -0.58 -13.18
N GLN M 265 -11.68 -0.54 -12.72
CA GLN M 265 -11.34 0.34 -11.60
C GLN M 265 -10.95 1.75 -12.03
N VAL M 266 -11.00 2.07 -13.32
CA VAL M 266 -10.78 3.45 -13.74
C VAL M 266 -11.98 4.30 -13.39
N ALA M 267 -13.16 3.69 -13.33
CA ALA M 267 -14.38 4.41 -12.99
C ALA M 267 -14.32 4.97 -11.59
N LEU M 268 -13.76 4.22 -10.64
CA LEU M 268 -13.60 4.72 -9.28
C LEU M 268 -12.72 5.96 -9.25
N SER M 269 -11.74 6.03 -10.14
CA SER M 269 -10.93 7.24 -10.26
C SER M 269 -11.76 8.40 -10.79
N LEU M 270 -12.57 8.16 -11.83
CA LEU M 270 -13.41 9.24 -12.33
C LEU M 270 -14.48 9.63 -11.32
N LEU M 271 -14.81 8.73 -10.41
CA LEU M 271 -15.94 8.94 -9.51
C LEU M 271 -15.53 9.61 -8.21
N ALA N 1 -70.36 93.62 -3.59
CA ALA N 1 -71.27 93.73 -2.46
C ALA N 1 -70.68 93.09 -1.21
N ILE N 2 -71.11 93.58 -0.05
CA ILE N 2 -70.72 93.01 1.23
C ILE N 2 -71.98 92.41 1.84
N THR N 3 -72.11 91.08 1.76
CA THR N 3 -73.32 90.40 2.18
C THR N 3 -72.99 89.37 3.26
N VAL N 4 -74.00 89.04 4.06
CA VAL N 4 -73.83 88.11 5.16
C VAL N 4 -74.61 86.81 4.94
N ASN N 5 -75.68 86.87 4.15
CA ASN N 5 -76.62 85.77 4.10
C ASN N 5 -76.19 84.64 3.17
N THR N 6 -75.29 84.90 2.23
CA THR N 6 -74.84 83.91 1.28
C THR N 6 -73.35 84.08 1.06
N ASN N 7 -72.62 82.96 0.99
CA ASN N 7 -71.17 83.00 0.86
C ASN N 7 -70.81 81.97 -0.22
N VAL N 8 -70.39 82.45 -1.39
CA VAL N 8 -70.19 81.57 -2.53
C VAL N 8 -68.77 81.01 -2.55
N THR N 9 -67.81 81.81 -2.09
CA THR N 9 -66.44 81.34 -1.99
C THR N 9 -66.35 80.11 -1.10
N SER N 10 -67.14 80.10 -0.03
CA SER N 10 -67.16 78.94 0.86
C SER N 10 -67.72 77.71 0.17
N LEU N 11 -68.77 77.88 -0.63
CA LEU N 11 -69.35 76.76 -1.38
C LEU N 11 -68.33 76.15 -2.33
N LYS N 12 -67.61 77.00 -3.05
CA LYS N 12 -66.62 76.48 -4.00
C LYS N 12 -65.44 75.81 -3.29
N ALA N 13 -65.00 76.39 -2.17
CA ALA N 13 -63.94 75.76 -1.39
C ALA N 13 -64.37 74.40 -0.86
N GLN N 14 -65.62 74.30 -0.39
CA GLN N 14 -66.14 73.01 0.05
C GLN N 14 -66.08 71.97 -1.06
N LYS N 15 -66.48 72.35 -2.27
CA LYS N 15 -66.48 71.36 -3.35
C LYS N 15 -65.06 70.90 -3.70
N ASN N 16 -64.11 71.84 -3.75
CA ASN N 16 -62.73 71.44 -4.03
C ASN N 16 -62.18 70.52 -2.94
N LEU N 17 -62.45 70.84 -1.67
CA LEU N 17 -61.94 70.02 -0.58
C LEU N 17 -62.53 68.61 -0.63
N ASN N 18 -63.81 68.49 -1.00
CA ASN N 18 -64.43 67.18 -1.12
C ASN N 18 -63.80 66.37 -2.25
N THR N 19 -63.53 67.02 -3.38
CA THR N 19 -62.89 66.31 -4.49
C THR N 19 -61.52 65.76 -4.08
N SER N 20 -60.74 66.59 -3.40
CA SER N 20 -59.42 66.15 -2.96
C SER N 20 -59.50 64.97 -1.99
N ALA N 21 -60.44 65.03 -1.04
CA ALA N 21 -60.59 63.94 -0.08
C ALA N 21 -60.97 62.64 -0.76
N SER N 22 -61.89 62.70 -1.72
CA SER N 22 -62.27 61.50 -2.46
C SER N 22 -61.07 60.89 -3.19
N ASP N 23 -60.27 61.72 -3.87
CA ASP N 23 -59.11 61.19 -4.58
C ASP N 23 -58.13 60.52 -3.62
N LEU N 24 -57.91 61.13 -2.46
CA LEU N 24 -56.97 60.55 -1.49
C LEU N 24 -57.47 59.21 -0.97
N ALA N 25 -58.77 59.10 -0.67
CA ALA N 25 -59.31 57.83 -0.23
C ALA N 25 -59.15 56.74 -1.28
N THR N 26 -59.40 57.07 -2.55
CA THR N 26 -59.20 56.09 -3.62
C THR N 26 -57.76 55.59 -3.67
N SER N 27 -56.81 56.51 -3.60
CA SER N 27 -55.40 56.12 -3.64
C SER N 27 -55.03 55.23 -2.45
N MET N 28 -55.52 55.57 -1.26
CA MET N 28 -55.25 54.77 -0.06
C MET N 28 -55.74 53.34 -0.25
N GLU N 29 -56.96 53.19 -0.77
CA GLU N 29 -57.51 51.86 -1.04
C GLU N 29 -56.63 51.08 -2.00
N ARG N 30 -56.20 51.73 -3.09
CA ARG N 30 -55.40 51.04 -4.09
C ARG N 30 -54.05 50.59 -3.53
N LEU N 31 -53.43 51.40 -2.68
CA LEU N 31 -52.17 50.99 -2.05
C LEU N 31 -52.37 49.88 -1.03
N SER N 32 -53.50 49.90 -0.32
CA SER N 32 -53.74 48.85 0.66
C SER N 32 -54.02 47.51 0.00
N SER N 33 -54.69 47.51 -1.15
CA SER N 33 -55.08 46.26 -1.79
C SER N 33 -53.97 45.67 -2.65
N GLY N 34 -53.23 46.52 -3.36
CA GLY N 34 -52.25 46.06 -4.33
C GLY N 34 -52.77 45.89 -5.73
N LEU N 35 -54.01 46.28 -6.00
CA LEU N 35 -54.66 46.09 -7.28
C LEU N 35 -55.13 47.43 -7.82
N ARG N 36 -55.07 47.57 -9.15
CA ARG N 36 -55.57 48.77 -9.80
C ARG N 36 -57.07 48.72 -9.98
N ILE N 37 -57.61 47.54 -10.26
CA ILE N 37 -59.04 47.36 -10.52
C ILE N 37 -59.66 46.68 -9.31
N ASN N 38 -60.34 47.46 -8.48
CA ASN N 38 -61.06 46.91 -7.34
C ASN N 38 -62.56 46.75 -7.61
N SER N 39 -63.09 47.39 -8.65
CA SER N 39 -64.49 47.32 -9.00
C SER N 39 -64.60 47.51 -10.51
N ALA N 40 -65.84 47.54 -10.99
CA ALA N 40 -66.04 47.86 -12.40
C ALA N 40 -66.13 49.37 -12.63
N LYS N 41 -66.26 50.16 -11.57
CA LYS N 41 -66.04 51.59 -11.65
C LYS N 41 -64.70 51.93 -12.26
N ASP N 42 -63.70 51.08 -12.07
CA ASP N 42 -62.32 51.38 -12.44
C ASP N 42 -62.06 51.10 -13.92
N ASP N 43 -62.24 49.85 -14.35
CA ASP N 43 -62.01 49.46 -15.73
C ASP N 43 -62.88 48.25 -16.00
N ALA N 44 -63.85 48.38 -16.90
CA ALA N 44 -64.85 47.32 -17.06
C ALA N 44 -64.39 46.26 -18.05
N ALA N 45 -63.78 46.67 -19.16
CA ALA N 45 -63.29 45.69 -20.12
C ALA N 45 -62.08 44.92 -19.60
N GLY N 46 -61.21 45.60 -18.85
CA GLY N 46 -60.09 44.93 -18.23
C GLY N 46 -60.51 43.91 -17.19
N LEU N 47 -61.62 44.16 -16.50
CA LEU N 47 -62.16 43.19 -15.56
C LEU N 47 -62.48 41.86 -16.24
N ALA N 48 -63.18 41.91 -17.38
CA ALA N 48 -63.54 40.68 -18.07
C ALA N 48 -62.33 40.02 -18.71
N ILE N 49 -61.44 40.81 -19.31
CA ILE N 49 -60.23 40.22 -19.90
C ILE N 49 -59.42 39.51 -18.82
N SER N 50 -59.35 40.11 -17.62
CA SER N 50 -58.57 39.51 -16.55
C SER N 50 -59.28 38.30 -15.93
N ASN N 51 -60.61 38.28 -15.92
CA ASN N 51 -61.31 37.07 -15.50
C ASN N 51 -60.98 35.91 -16.43
N ARG N 52 -60.94 36.15 -17.74
CA ARG N 52 -60.61 35.07 -18.67
C ARG N 52 -59.15 34.63 -18.53
N LEU N 53 -58.23 35.58 -18.36
CA LEU N 53 -56.83 35.19 -18.16
C LEU N 53 -56.65 34.42 -16.86
N ASN N 54 -57.43 34.76 -15.83
CA ASN N 54 -57.38 34.06 -14.57
C ASN N 54 -57.86 32.62 -14.71
N SER N 55 -58.97 32.42 -15.44
CA SER N 55 -59.41 31.06 -15.75
C SER N 55 -58.31 30.28 -16.44
N GLN N 56 -57.60 30.90 -17.39
CA GLN N 56 -56.55 30.18 -18.11
C GLN N 56 -55.39 29.78 -17.19
N VAL N 57 -54.94 30.69 -16.33
CA VAL N 57 -53.84 30.37 -15.42
C VAL N 57 -54.21 29.21 -14.51
N ARG N 58 -55.40 29.28 -13.91
CA ARG N 58 -55.82 28.26 -12.97
C ARG N 58 -56.01 26.90 -13.66
N GLY N 59 -56.57 26.92 -14.87
CA GLY N 59 -56.73 25.69 -15.61
C GLY N 59 -55.42 25.05 -16.00
N LEU N 60 -54.42 25.85 -16.36
CA LEU N 60 -53.11 25.28 -16.68
C LEU N 60 -52.48 24.63 -15.46
N GLU N 61 -52.66 25.22 -14.28
CA GLU N 61 -52.17 24.59 -13.06
C GLU N 61 -52.79 23.20 -12.86
N VAL N 62 -54.12 23.11 -12.93
CA VAL N 62 -54.77 21.81 -12.75
C VAL N 62 -54.38 20.83 -13.85
N GLY N 63 -54.17 21.32 -15.07
CA GLY N 63 -53.82 20.43 -16.16
C GLY N 63 -52.44 19.82 -15.99
N MET N 64 -51.48 20.58 -15.48
CA MET N 64 -50.18 20.00 -15.16
C MET N 64 -50.30 18.94 -14.06
N ARG N 65 -51.20 19.16 -13.11
CA ARG N 65 -51.42 18.10 -12.12
C ARG N 65 -51.92 16.81 -12.77
N ASN N 66 -52.90 16.92 -13.69
CA ASN N 66 -53.39 15.74 -14.40
C ASN N 66 -52.31 15.07 -15.24
N ALA N 67 -51.45 15.86 -15.88
CA ALA N 67 -50.38 15.29 -16.69
C ALA N 67 -49.41 14.49 -15.83
N ASN N 68 -49.12 14.97 -14.62
CA ASN N 68 -48.22 14.22 -13.76
C ASN N 68 -48.87 12.92 -13.28
N ASP N 69 -50.19 12.94 -13.07
CA ASP N 69 -50.93 11.70 -12.79
C ASP N 69 -50.77 10.68 -13.91
N ALA N 70 -50.90 11.12 -15.16
CA ALA N 70 -50.73 10.21 -16.29
C ALA N 70 -49.32 9.64 -16.34
N ILE N 71 -48.31 10.47 -16.09
CA ILE N 71 -46.93 9.97 -16.07
C ILE N 71 -46.75 8.92 -15.00
N SER N 72 -47.38 9.11 -13.83
CA SER N 72 -47.30 8.12 -12.76
C SER N 72 -47.87 6.77 -13.19
N ILE N 73 -49.08 6.78 -13.77
CA ILE N 73 -49.71 5.53 -14.21
C ILE N 73 -48.81 4.80 -15.21
N ALA N 74 -48.34 5.52 -16.24
CA ALA N 74 -47.51 4.90 -17.27
C ALA N 74 -46.23 4.33 -16.69
N GLN N 75 -45.64 5.02 -15.72
CA GLN N 75 -44.39 4.59 -15.13
C GLN N 75 -44.56 3.30 -14.32
N ILE N 76 -45.66 3.19 -13.56
CA ILE N 76 -45.92 1.95 -12.83
C ILE N 76 -46.11 0.77 -13.78
N ALA N 77 -46.94 0.93 -14.81
CA ALA N 77 -47.18 -0.20 -15.72
C ALA N 77 -45.91 -0.61 -16.47
N GLU N 78 -45.16 0.37 -16.96
CA GLU N 78 -43.92 0.09 -17.66
C GLU N 78 -42.92 -0.62 -16.77
N GLY N 79 -42.84 -0.26 -15.48
CA GLY N 79 -41.95 -0.96 -14.58
C GLY N 79 -42.39 -2.38 -14.29
N ALA N 80 -43.70 -2.62 -14.26
CA ALA N 80 -44.20 -3.97 -14.06
C ALA N 80 -43.82 -4.91 -15.21
N MET N 81 -43.79 -4.41 -16.44
CA MET N 81 -43.51 -5.30 -17.58
C MET N 81 -42.07 -5.84 -17.63
N GLN N 82 -41.13 -5.21 -16.92
CA GLN N 82 -39.73 -5.62 -16.96
C GLN N 82 -39.50 -6.98 -16.30
N GLU N 83 -40.14 -7.24 -15.17
CA GLU N 83 -40.01 -8.55 -14.52
C GLU N 83 -40.62 -9.65 -15.37
N GLN N 84 -41.68 -9.34 -16.10
CA GLN N 84 -42.27 -10.30 -17.02
C GLN N 84 -41.29 -10.66 -18.13
N THR N 85 -40.65 -9.66 -18.72
CA THR N 85 -39.59 -9.92 -19.70
C THR N 85 -38.50 -10.82 -19.12
N ASN N 86 -38.09 -10.53 -17.89
CA ASN N 86 -37.01 -11.28 -17.24
C ASN N 86 -37.37 -12.75 -17.09
N MET N 87 -38.59 -13.02 -16.62
CA MET N 87 -39.03 -14.39 -16.44
C MET N 87 -39.18 -15.12 -17.77
N LEU N 88 -39.62 -14.42 -18.82
CA LEU N 88 -39.69 -15.06 -20.13
C LEU N 88 -38.31 -15.46 -20.65
N GLN N 89 -37.29 -14.63 -20.40
CA GLN N 89 -35.94 -15.02 -20.76
C GLN N 89 -35.50 -16.29 -20.03
N ARG N 90 -35.83 -16.38 -18.74
CA ARG N 90 -35.51 -17.59 -17.99
C ARG N 90 -36.20 -18.83 -18.58
N MET N 91 -37.49 -18.72 -18.92
CA MET N 91 -38.20 -19.85 -19.54
C MET N 91 -37.58 -20.23 -20.87
N ARG N 92 -37.11 -19.26 -21.65
CA ARG N 92 -36.42 -19.57 -22.90
C ARG N 92 -35.18 -20.42 -22.66
N ASP N 93 -34.40 -20.08 -21.63
CA ASP N 93 -33.24 -20.90 -21.30
C ASP N 93 -33.63 -22.32 -20.89
N LEU N 94 -34.69 -22.45 -20.09
CA LEU N 94 -35.15 -23.78 -19.69
C LEU N 94 -35.60 -24.60 -20.91
N THR N 95 -36.26 -23.95 -21.87
CA THR N 95 -36.70 -24.66 -23.06
C THR N 95 -35.52 -25.11 -23.93
N VAL N 96 -34.50 -24.26 -24.07
CA VAL N 96 -33.32 -24.69 -24.82
C VAL N 96 -32.62 -25.84 -24.10
N GLN N 97 -32.65 -25.84 -22.76
CA GLN N 97 -32.04 -26.92 -22.01
C GLN N 97 -32.81 -28.23 -22.16
N SER N 98 -34.11 -28.17 -22.42
CA SER N 98 -34.88 -29.39 -22.63
C SER N 98 -34.46 -30.18 -23.87
N GLU N 99 -33.81 -29.54 -24.84
CA GLU N 99 -33.40 -30.19 -26.09
C GLU N 99 -32.02 -30.84 -25.96
N ASN N 100 -31.91 -31.84 -25.10
CA ASN N 100 -30.63 -32.45 -24.77
C ASN N 100 -30.82 -33.96 -24.72
N GLY N 101 -30.16 -34.67 -25.63
CA GLY N 101 -30.37 -36.09 -25.75
C GLY N 101 -29.86 -36.91 -24.59
N ALA N 102 -29.50 -36.26 -23.49
CA ALA N 102 -29.11 -36.95 -22.28
C ALA N 102 -30.12 -36.79 -21.15
N ASN N 103 -31.10 -35.90 -21.33
CA ASN N 103 -32.17 -35.76 -20.36
C ASN N 103 -33.05 -37.00 -20.36
N SER N 104 -33.63 -37.32 -19.20
CA SER N 104 -34.61 -38.36 -19.07
C SER N 104 -35.93 -37.73 -18.62
N SER N 105 -36.95 -38.57 -18.36
CA SER N 105 -38.27 -38.03 -18.06
C SER N 105 -38.30 -37.28 -16.74
N ALA N 106 -37.47 -37.70 -15.78
CA ALA N 106 -37.43 -36.99 -14.50
C ALA N 106 -36.81 -35.60 -14.64
N ASP N 107 -35.74 -35.49 -15.43
CA ASP N 107 -35.14 -34.18 -15.68
C ASP N 107 -36.09 -33.26 -16.43
N LEU N 108 -36.81 -33.82 -17.41
CA LEU N 108 -37.80 -33.03 -18.13
C LEU N 108 -38.91 -32.56 -17.21
N SER N 109 -39.30 -33.39 -16.25
CA SER N 109 -40.33 -32.99 -15.29
C SER N 109 -39.83 -31.88 -14.38
N ALA N 110 -38.57 -31.92 -13.98
CA ALA N 110 -38.01 -30.84 -13.17
C ALA N 110 -37.99 -29.52 -13.94
N LEU N 111 -37.47 -29.55 -15.17
CA LEU N 111 -37.48 -28.36 -16.02
C LEU N 111 -38.89 -27.80 -16.18
N LYS N 112 -39.88 -28.67 -16.42
CA LYS N 112 -41.23 -28.17 -16.64
C LYS N 112 -41.87 -27.64 -15.36
N ALA N 113 -41.54 -28.22 -14.20
CA ALA N 113 -42.06 -27.66 -12.96
C ALA N 113 -41.59 -26.24 -12.75
N GLU N 114 -40.33 -25.96 -13.07
CA GLU N 114 -39.92 -24.56 -12.94
C GLU N 114 -40.56 -23.65 -13.98
N MET N 115 -40.77 -24.14 -15.21
CA MET N 115 -41.51 -23.36 -16.20
C MET N 115 -42.91 -22.99 -15.71
N ASP N 116 -43.62 -23.94 -15.09
CA ASP N 116 -44.96 -23.65 -14.60
C ASP N 116 -44.94 -22.62 -13.48
N GLN N 117 -43.98 -22.70 -12.57
CA GLN N 117 -43.92 -21.66 -11.54
C GLN N 117 -43.66 -20.28 -12.13
N LEU N 118 -42.83 -20.20 -13.16
CA LEU N 118 -42.58 -18.89 -13.80
C LEU N 118 -43.83 -18.37 -14.50
N ALA N 119 -44.60 -19.24 -15.15
CA ALA N 119 -45.83 -18.78 -15.78
C ALA N 119 -46.86 -18.33 -14.74
N ASN N 120 -46.90 -18.99 -13.59
CA ASN N 120 -47.76 -18.53 -12.50
C ASN N 120 -47.36 -17.13 -12.02
N GLU N 121 -46.07 -16.87 -11.90
CA GLU N 121 -45.67 -15.52 -11.47
C GLU N 121 -45.95 -14.46 -12.54
N ILE N 122 -45.83 -14.81 -13.82
CA ILE N 122 -46.23 -13.87 -14.88
C ILE N 122 -47.72 -13.53 -14.75
N ASP N 123 -48.56 -14.55 -14.50
CA ASP N 123 -49.98 -14.28 -14.32
C ASP N 123 -50.25 -13.43 -13.08
N GLU N 124 -49.54 -13.70 -11.99
CA GLU N 124 -49.74 -12.91 -10.77
C GLU N 124 -49.40 -11.45 -10.99
N ILE N 125 -48.26 -11.16 -11.62
CA ILE N 125 -47.94 -9.77 -11.93
C ILE N 125 -49.01 -9.16 -12.82
N GLY N 126 -49.54 -9.96 -13.75
CA GLY N 126 -50.58 -9.43 -14.62
C GLY N 126 -51.85 -9.01 -13.88
N LYS N 127 -52.25 -9.77 -12.87
CA LYS N 127 -53.49 -9.45 -12.17
C LYS N 127 -53.30 -8.56 -10.95
N THR N 128 -52.07 -8.35 -10.50
CA THR N 128 -51.85 -7.72 -9.20
C THR N 128 -51.52 -6.22 -9.32
N THR N 129 -50.89 -5.81 -10.41
CA THR N 129 -50.42 -4.44 -10.56
C THR N 129 -51.56 -3.43 -10.49
N ALA N 130 -51.41 -2.40 -9.68
CA ALA N 130 -52.49 -1.46 -9.42
C ALA N 130 -51.94 -0.06 -9.16
N PHE N 131 -52.82 0.93 -9.31
CA PHE N 131 -52.60 2.29 -8.83
C PHE N 131 -53.59 2.50 -7.70
N GLY N 132 -53.15 2.26 -6.48
CA GLY N 132 -54.06 2.25 -5.35
C GLY N 132 -54.93 1.02 -5.38
N THR N 133 -56.13 1.15 -5.95
CA THR N 133 -57.04 0.02 -6.05
C THR N 133 -57.50 -0.26 -7.48
N THR N 134 -57.08 0.52 -8.48
CA THR N 134 -57.50 0.27 -9.85
C THR N 134 -56.44 -0.56 -10.56
N LYS N 135 -56.87 -1.60 -11.25
CA LYS N 135 -55.94 -2.50 -11.92
C LYS N 135 -55.48 -1.89 -13.24
N LEU N 136 -54.22 -2.16 -13.60
CA LEU N 136 -53.61 -1.57 -14.78
C LEU N 136 -53.36 -2.56 -15.90
N LEU N 137 -52.96 -3.80 -15.60
CA LEU N 137 -52.60 -4.74 -16.65
C LEU N 137 -53.65 -5.81 -16.88
N ALA N 138 -54.91 -5.58 -16.51
CA ALA N 138 -55.92 -6.60 -16.63
C ALA N 138 -56.88 -6.36 -17.79
N GLY N 139 -56.82 -5.21 -18.43
CA GLY N 139 -57.69 -4.88 -19.54
C GLY N 139 -58.57 -3.68 -19.32
N GLY N 140 -58.45 -2.95 -18.22
CA GLY N 140 -59.27 -1.78 -17.99
C GLY N 140 -58.84 -0.55 -18.74
N PHE N 141 -57.60 -0.52 -19.23
CA PHE N 141 -57.09 0.56 -20.06
C PHE N 141 -56.94 0.16 -21.52
N SER N 142 -57.53 -0.98 -21.91
CA SER N 142 -57.36 -1.48 -23.28
C SER N 142 -57.90 -0.47 -24.30
N ALA N 143 -59.07 0.11 -24.02
CA ALA N 143 -59.45 1.37 -24.64
C ALA N 143 -59.06 2.48 -23.66
N GLY N 144 -58.19 3.37 -24.10
CA GLY N 144 -57.50 4.24 -23.17
C GLY N 144 -58.43 5.14 -22.39
N LYS N 145 -57.86 5.76 -21.35
CA LYS N 145 -58.52 6.79 -20.57
C LYS N 145 -57.92 8.15 -20.90
N ASN N 146 -58.74 9.19 -20.82
CA ASN N 146 -58.29 10.54 -21.15
C ASN N 146 -57.95 11.33 -19.89
N PHE N 147 -56.90 12.12 -19.97
CA PHE N 147 -56.51 13.08 -18.95
C PHE N 147 -56.55 14.45 -19.61
N GLN N 148 -57.33 15.37 -19.06
CA GLN N 148 -57.36 16.72 -19.63
C GLN N 148 -56.14 17.49 -19.15
N VAL N 149 -55.23 17.79 -20.08
CA VAL N 149 -53.96 18.41 -19.72
C VAL N 149 -53.93 19.90 -20.01
N GLY N 150 -55.05 20.48 -20.44
CA GLY N 150 -55.14 21.90 -20.70
C GLY N 150 -56.29 22.54 -19.93
N ALA N 151 -56.52 23.81 -20.24
CA ALA N 151 -57.56 24.57 -19.57
C ALA N 151 -58.91 24.47 -20.25
N GLN N 152 -58.95 24.11 -21.53
CA GLN N 152 -60.18 24.06 -22.29
C GLN N 152 -60.56 22.61 -22.61
N ASP N 153 -61.85 22.43 -22.91
CA ASP N 153 -62.37 21.10 -23.20
C ASP N 153 -61.82 20.56 -24.51
N GLY N 154 -61.44 19.28 -24.49
CA GLY N 154 -60.91 18.63 -25.66
C GLY N 154 -59.41 18.59 -25.75
N GLU N 155 -58.71 19.32 -24.87
CA GLU N 155 -57.25 19.33 -24.84
C GLU N 155 -56.79 18.26 -23.86
N ASP N 156 -56.56 17.07 -24.37
CA ASP N 156 -56.33 15.91 -23.52
C ASP N 156 -55.53 14.82 -24.24
N ILE N 157 -54.97 13.92 -23.44
CA ILE N 157 -54.08 12.87 -23.89
C ILE N 157 -54.64 11.54 -23.42
N LYS N 158 -54.50 10.51 -24.25
CA LYS N 158 -55.08 9.20 -23.99
C LYS N 158 -53.99 8.20 -23.64
N VAL N 159 -54.16 7.47 -22.55
CA VAL N 159 -53.20 6.47 -22.09
C VAL N 159 -53.81 5.08 -22.26
N THR N 160 -53.15 4.23 -23.04
CA THR N 160 -53.67 2.93 -23.43
C THR N 160 -52.73 1.84 -22.94
N VAL N 161 -53.27 0.85 -22.23
CA VAL N 161 -52.51 -0.32 -21.80
C VAL N 161 -53.37 -1.55 -22.06
N LYS N 162 -52.80 -2.54 -22.72
CA LYS N 162 -53.52 -3.79 -22.98
C LYS N 162 -53.18 -4.81 -21.90
N ALA N 163 -53.98 -5.88 -21.86
CA ALA N 163 -53.79 -6.91 -20.86
C ALA N 163 -52.56 -7.75 -21.18
N SER N 164 -51.77 -8.05 -20.15
CA SER N 164 -50.58 -8.88 -20.30
C SER N 164 -50.51 -9.86 -19.13
N ASN N 165 -50.76 -11.12 -19.44
CA ASN N 165 -50.81 -12.20 -18.47
C ASN N 165 -50.57 -13.49 -19.24
N LYS N 166 -50.52 -14.62 -18.53
CA LYS N 166 -50.11 -15.84 -19.21
C LYS N 166 -51.16 -16.35 -20.18
N SER N 167 -52.36 -15.77 -20.18
CA SER N 167 -53.41 -16.23 -21.08
C SER N 167 -53.41 -15.43 -22.37
N SER N 168 -53.17 -14.11 -22.28
CA SER N 168 -53.12 -13.29 -23.48
C SER N 168 -51.79 -13.40 -24.18
N LEU N 169 -50.72 -13.78 -23.48
CA LEU N 169 -49.42 -13.99 -24.09
C LEU N 169 -49.24 -15.40 -24.64
N SER N 170 -50.22 -16.28 -24.44
CA SER N 170 -50.21 -17.65 -24.96
C SER N 170 -49.06 -18.49 -24.42
N VAL N 171 -48.64 -18.25 -23.18
CA VAL N 171 -47.58 -19.05 -22.55
C VAL N 171 -48.11 -19.89 -21.40
N GLY N 172 -49.43 -20.01 -21.27
CA GLY N 172 -50.02 -20.71 -20.14
C GLY N 172 -50.17 -22.21 -20.29
N SER N 173 -49.70 -22.80 -21.39
CA SER N 173 -49.82 -24.24 -21.60
C SER N 173 -48.67 -24.77 -22.45
N LEU N 174 -47.44 -24.64 -21.96
CA LEU N 174 -46.29 -25.02 -22.76
C LEU N 174 -45.80 -26.41 -22.34
N GLY N 175 -45.33 -27.18 -23.31
CA GLY N 175 -44.85 -28.51 -23.05
C GLY N 175 -43.42 -28.66 -23.52
N ASN N 176 -42.78 -29.72 -23.04
CA ASN N 176 -41.38 -29.98 -23.39
C ASN N 176 -41.09 -31.46 -23.55
N THR N 177 -42.11 -32.30 -23.66
CA THR N 177 -41.88 -33.74 -23.62
C THR N 177 -41.64 -34.33 -25.02
N THR N 178 -41.84 -33.55 -26.07
CA THR N 178 -41.69 -34.00 -27.45
C THR N 178 -40.99 -32.91 -28.24
N SER N 179 -40.29 -33.31 -29.31
CA SER N 179 -39.54 -32.37 -30.15
C SER N 179 -40.43 -31.24 -30.68
N ALA N 180 -41.62 -31.59 -31.18
CA ALA N 180 -42.52 -30.57 -31.72
C ALA N 180 -43.03 -29.66 -30.62
N ALA N 181 -43.23 -30.20 -29.41
CA ALA N 181 -43.67 -29.37 -28.30
C ALA N 181 -42.61 -28.35 -27.91
N ARG N 182 -41.34 -28.74 -27.96
CA ARG N 182 -40.26 -27.81 -27.68
C ARG N 182 -40.18 -26.72 -28.74
N ALA N 183 -40.31 -27.10 -30.02
CA ALA N 183 -40.29 -26.09 -31.08
C ALA N 183 -41.42 -25.09 -30.90
N SER N 184 -42.63 -25.59 -30.60
CA SER N 184 -43.77 -24.71 -30.41
C SER N 184 -43.58 -23.78 -29.22
N SER N 185 -43.04 -24.30 -28.12
CA SER N 185 -42.81 -23.46 -26.95
C SER N 185 -41.78 -22.38 -27.23
N LEU N 186 -40.73 -22.71 -27.96
CA LEU N 186 -39.74 -21.68 -28.32
C LEU N 186 -40.39 -20.56 -29.12
N LYS N 187 -41.20 -20.91 -30.13
CA LYS N 187 -41.82 -19.86 -30.94
C LYS N 187 -42.74 -18.97 -30.11
N LYS N 188 -43.54 -19.56 -29.22
CA LYS N 188 -44.46 -18.72 -28.46
C LYS N 188 -43.75 -17.85 -27.42
N ILE N 189 -42.67 -18.34 -26.81
CA ILE N 189 -41.93 -17.47 -25.90
C ILE N 189 -41.32 -16.29 -26.64
N ASP N 190 -40.75 -16.53 -27.83
CA ASP N 190 -40.19 -15.41 -28.59
C ASP N 190 -41.27 -14.40 -28.98
N ALA N 191 -42.45 -14.88 -29.37
CA ALA N 191 -43.53 -13.96 -29.71
C ALA N 191 -43.96 -13.13 -28.51
N ALA N 192 -44.02 -13.74 -27.33
CA ALA N 192 -44.41 -13.00 -26.13
C ALA N 192 -43.42 -11.89 -25.80
N ILE N 193 -42.12 -12.19 -25.92
CA ILE N 193 -41.11 -11.16 -25.73
C ILE N 193 -41.33 -10.00 -26.68
N LYS N 194 -41.65 -10.30 -27.95
CA LYS N 194 -41.92 -9.24 -28.92
C LYS N 194 -43.10 -8.36 -28.52
N THR N 195 -44.21 -8.96 -28.09
CA THR N 195 -45.38 -8.12 -27.78
C THR N 195 -45.13 -7.24 -26.57
N ILE N 196 -44.42 -7.75 -25.55
CA ILE N 196 -44.10 -6.89 -24.42
C ILE N 196 -43.21 -5.73 -24.85
N ASP N 197 -42.23 -5.99 -25.74
CA ASP N 197 -41.42 -4.88 -26.26
C ASP N 197 -42.28 -3.80 -26.90
N ALA N 198 -43.27 -4.20 -27.71
CA ALA N 198 -44.11 -3.19 -28.38
C ALA N 198 -44.89 -2.36 -27.36
N GLN N 199 -45.47 -3.00 -26.35
CA GLN N 199 -46.19 -2.24 -25.32
C GLN N 199 -45.28 -1.25 -24.60
N ARG N 200 -44.07 -1.68 -24.25
CA ARG N 200 -43.16 -0.78 -23.55
C ARG N 200 -42.75 0.39 -24.44
N ALA N 201 -42.61 0.15 -25.74
CA ALA N 201 -42.31 1.24 -26.67
C ALA N 201 -43.39 2.31 -26.65
N ASP N 202 -44.65 1.90 -26.74
CA ASP N 202 -45.73 2.90 -26.72
C ASP N 202 -45.80 3.67 -25.41
N LEU N 203 -45.61 2.99 -24.28
CA LEU N 203 -45.64 3.73 -23.01
C LEU N 203 -44.48 4.73 -22.91
N GLY N 204 -43.31 4.37 -23.42
CA GLY N 204 -42.20 5.32 -23.41
C GLY N 204 -42.47 6.55 -24.26
N ALA N 205 -43.05 6.34 -25.45
CA ALA N 205 -43.43 7.49 -26.28
C ALA N 205 -44.40 8.40 -25.55
N ILE N 206 -45.40 7.83 -24.87
CA ILE N 206 -46.35 8.64 -24.12
C ILE N 206 -45.64 9.48 -23.05
N GLN N 207 -44.68 8.88 -22.33
CA GLN N 207 -44.01 9.65 -21.29
C GLN N 207 -43.20 10.82 -21.87
N ASN N 208 -42.50 10.60 -22.98
CA ASN N 208 -41.77 11.69 -23.62
C ASN N 208 -42.70 12.84 -24.01
N ARG N 209 -43.83 12.49 -24.63
CA ARG N 209 -44.82 13.48 -25.02
C ARG N 209 -45.33 14.29 -23.83
N LEU N 210 -45.62 13.63 -22.72
CA LEU N 210 -46.13 14.34 -21.56
C LEU N 210 -45.08 15.28 -20.96
N ALA N 211 -43.81 14.89 -21.03
CA ALA N 211 -42.75 15.78 -20.57
C ALA N 211 -42.71 17.08 -21.37
N HIS N 212 -42.70 16.98 -22.69
CA HIS N 212 -42.75 18.18 -23.52
C HIS N 212 -43.98 19.04 -23.24
N ASN N 213 -45.13 18.39 -23.03
CA ASN N 213 -46.36 19.16 -22.82
C ASN N 213 -46.32 19.93 -21.49
N ILE N 214 -45.79 19.32 -20.44
CA ILE N 214 -45.69 20.01 -19.16
C ILE N 214 -44.74 21.19 -19.26
N SER N 215 -43.62 21.02 -19.97
CA SER N 215 -42.68 22.13 -20.17
C SER N 215 -43.36 23.31 -20.86
N ASN N 216 -44.12 23.04 -21.92
CA ASN N 216 -44.80 24.11 -22.64
C ASN N 216 -45.85 24.80 -21.76
N SER N 217 -46.54 24.04 -20.91
CA SER N 217 -47.54 24.65 -20.04
C SER N 217 -46.91 25.57 -19.00
N ALA N 218 -45.75 25.19 -18.48
CA ALA N 218 -45.06 26.07 -17.54
C ALA N 218 -44.66 27.40 -18.20
N ASN N 219 -44.08 27.32 -19.40
CA ASN N 219 -43.79 28.54 -20.16
C ASN N 219 -45.02 29.43 -20.31
N THR N 220 -46.12 28.84 -20.79
CA THR N 220 -47.30 29.64 -21.08
C THR N 220 -47.90 30.24 -19.82
N GLN N 221 -47.87 29.51 -18.71
CA GLN N 221 -48.35 30.05 -17.45
C GLN N 221 -47.56 31.29 -17.05
N ALA N 222 -46.23 31.23 -17.14
CA ALA N 222 -45.44 32.42 -16.83
C ALA N 222 -45.81 33.61 -17.69
N ASN N 223 -45.90 33.41 -19.02
CA ASN N 223 -46.19 34.54 -19.90
C ASN N 223 -47.59 35.11 -19.68
N VAL N 224 -48.57 34.24 -19.41
CA VAL N 224 -49.94 34.73 -19.20
C VAL N 224 -50.08 35.44 -17.86
N ALA N 225 -49.36 35.00 -16.83
CA ALA N 225 -49.40 35.71 -15.56
C ALA N 225 -48.76 37.09 -15.68
N ASP N 226 -47.66 37.19 -16.44
CA ASP N 226 -47.11 38.50 -16.79
C ASP N 226 -48.15 39.39 -17.47
N ALA N 227 -48.84 38.84 -18.48
CA ALA N 227 -49.85 39.60 -19.19
C ALA N 227 -50.95 40.10 -18.25
N LYS N 228 -51.42 39.25 -17.34
CA LYS N 228 -52.48 39.65 -16.41
C LYS N 228 -51.99 40.71 -15.43
N SER N 229 -50.76 40.57 -14.96
CA SER N 229 -50.20 41.55 -14.04
C SER N 229 -50.13 42.93 -14.69
N ARG N 230 -49.83 42.99 -15.98
CA ARG N 230 -49.81 44.29 -16.66
C ARG N 230 -51.16 44.98 -16.62
N ILE N 231 -52.25 44.24 -16.47
CA ILE N 231 -53.58 44.83 -16.50
C ILE N 231 -54.13 45.10 -15.11
N VAL N 232 -53.91 44.20 -14.15
CA VAL N 232 -54.66 44.22 -12.89
C VAL N 232 -53.89 44.92 -11.78
N ASP N 233 -52.57 44.76 -11.70
CA ASP N 233 -51.82 45.20 -10.54
C ASP N 233 -51.56 46.70 -10.57
N VAL N 234 -51.29 47.25 -9.38
CA VAL N 234 -51.07 48.68 -9.21
C VAL N 234 -49.58 48.98 -9.35
N ASP N 235 -49.28 50.22 -9.72
CA ASP N 235 -47.92 50.75 -9.79
C ASP N 235 -47.66 51.57 -8.53
N PHE N 236 -46.71 51.14 -7.71
CA PHE N 236 -46.46 51.82 -6.45
C PHE N 236 -45.80 53.18 -6.67
N ALA N 237 -44.88 53.26 -7.64
CA ALA N 237 -44.16 54.51 -7.90
C ALA N 237 -45.11 55.63 -8.29
N LYS N 238 -46.16 55.30 -9.04
CA LYS N 238 -47.12 56.30 -9.48
C LYS N 238 -48.14 56.61 -8.39
N GLU N 239 -48.56 55.58 -7.66
CA GLU N 239 -49.69 55.73 -6.77
C GLU N 239 -49.28 56.46 -5.49
N THR N 240 -48.04 56.25 -5.04
CA THR N 240 -47.55 57.01 -3.90
C THR N 240 -47.43 58.50 -4.21
N SER N 241 -47.04 58.83 -5.45
CA SER N 241 -46.96 60.23 -5.86
C SER N 241 -48.34 60.87 -5.87
N GLN N 242 -49.34 60.18 -6.41
CA GLN N 242 -50.69 60.71 -6.37
C GLN N 242 -51.18 60.91 -4.94
N MET N 243 -50.84 59.97 -4.05
CA MET N 243 -51.26 60.09 -2.66
C MET N 243 -50.69 61.34 -2.01
N THR N 244 -49.39 61.59 -2.20
CA THR N 244 -48.77 62.76 -1.59
C THR N 244 -49.34 64.06 -2.16
N LYS N 245 -49.59 64.10 -3.46
CA LYS N 245 -50.21 65.28 -4.04
C LYS N 245 -51.56 65.58 -3.40
N ASN N 246 -52.41 64.56 -3.23
CA ASN N 246 -53.72 64.81 -2.65
C ASN N 246 -53.65 65.17 -1.17
N GLN N 247 -52.65 64.65 -0.45
CA GLN N 247 -52.42 65.08 0.93
C GLN N 247 -52.18 66.59 1.00
N VAL N 248 -51.24 67.09 0.20
CA VAL N 248 -50.95 68.52 0.23
C VAL N 248 -52.18 69.33 -0.17
N LEU N 249 -52.92 68.88 -1.18
CA LEU N 249 -54.11 69.62 -1.58
C LEU N 249 -55.16 69.64 -0.48
N GLN N 250 -55.27 68.56 0.30
CA GLN N 250 -56.21 68.57 1.42
C GLN N 250 -55.84 69.63 2.44
N GLN N 251 -54.56 69.72 2.79
CA GLN N 251 -54.16 70.72 3.78
C GLN N 251 -54.39 72.14 3.26
N THR N 252 -54.08 72.38 1.99
CA THR N 252 -54.31 73.71 1.41
C THR N 252 -55.79 74.06 1.35
N GLY N 253 -56.63 73.11 0.94
CA GLY N 253 -58.06 73.39 0.86
C GLY N 253 -58.70 73.60 2.21
N SER N 254 -58.23 72.87 3.22
CA SER N 254 -58.71 73.10 4.58
C SER N 254 -58.37 74.52 5.04
N ALA N 255 -57.11 74.94 4.86
CA ALA N 255 -56.73 76.30 5.22
C ALA N 255 -57.58 77.34 4.49
N MET N 256 -57.84 77.11 3.20
CA MET N 256 -58.53 78.10 2.40
C MET N 256 -60.00 78.19 2.78
N LEU N 257 -60.62 77.05 3.13
CA LEU N 257 -62.01 77.08 3.57
C LEU N 257 -62.15 77.74 4.94
N ALA N 258 -61.21 77.47 5.84
CA ALA N 258 -61.23 78.12 7.15
C ALA N 258 -61.08 79.63 7.01
N GLN N 259 -60.25 80.08 6.05
CA GLN N 259 -60.14 81.51 5.82
C GLN N 259 -61.37 82.07 5.10
N ALA N 260 -62.06 81.24 4.32
CA ALA N 260 -63.23 81.71 3.59
C ALA N 260 -64.42 81.93 4.51
N ASN N 261 -64.56 81.11 5.56
CA ASN N 261 -65.70 81.30 6.47
C ASN N 261 -65.62 82.57 7.31
N GLN N 262 -64.57 83.37 7.20
CA GLN N 262 -64.47 84.61 7.98
C GLN N 262 -64.80 85.87 7.17
N LEU N 263 -65.39 85.73 5.98
CA LEU N 263 -65.66 86.91 5.16
C LEU N 263 -66.84 87.76 5.63
N PRO N 264 -67.93 87.21 6.18
CA PRO N 264 -69.03 88.08 6.62
C PRO N 264 -68.71 89.01 7.78
N GLN N 265 -67.46 89.04 8.26
CA GLN N 265 -67.14 89.89 9.40
C GLN N 265 -66.74 91.30 8.99
N VAL N 266 -66.75 91.65 7.70
CA VAL N 266 -66.52 93.03 7.31
C VAL N 266 -67.72 93.88 7.65
N ALA N 267 -68.91 93.28 7.67
CA ALA N 267 -70.13 94.01 8.00
C ALA N 267 -70.09 94.55 9.41
N LEU N 268 -69.55 93.77 10.35
CA LEU N 268 -69.43 94.26 11.73
C LEU N 268 -68.54 95.49 11.79
N SER N 269 -67.53 95.57 10.92
CA SER N 269 -66.72 96.78 10.85
C SER N 269 -67.52 97.94 10.31
N LEU N 270 -68.31 97.73 9.25
CA LEU N 270 -69.13 98.83 8.74
C LEU N 270 -70.23 99.20 9.74
N LEU N 271 -70.57 98.30 10.64
CA LEU N 271 -71.73 98.50 11.50
C LEU N 271 -71.33 99.15 12.82
N ALA O 1 -41.53 78.16 -10.70
CA ALA O 1 -42.85 78.14 -10.09
C ALA O 1 -42.93 77.11 -8.98
N ILE O 2 -43.82 77.35 -8.03
CA ILE O 2 -44.09 76.43 -6.94
C ILE O 2 -45.50 75.90 -7.15
N THR O 3 -45.63 74.69 -7.68
CA THR O 3 -46.92 74.13 -8.04
C THR O 3 -47.16 72.83 -7.30
N VAL O 4 -48.44 72.48 -7.15
CA VAL O 4 -48.83 71.28 -6.42
C VAL O 4 -49.47 70.24 -7.34
N ASN O 5 -50.05 70.67 -8.44
CA ASN O 5 -50.91 69.80 -9.23
C ASN O 5 -50.13 68.90 -10.19
N THR O 6 -48.89 69.23 -10.51
CA THR O 6 -48.10 68.44 -11.44
C THR O 6 -46.66 68.41 -10.94
N ASN O 7 -46.02 67.25 -11.03
CA ASN O 7 -44.68 67.06 -10.50
C ASN O 7 -43.91 66.30 -11.58
N VAL O 8 -42.96 66.98 -12.24
CA VAL O 8 -42.30 66.39 -13.40
C VAL O 8 -41.05 65.64 -12.98
N THR O 9 -40.38 66.11 -11.93
CA THR O 9 -39.22 65.40 -11.39
C THR O 9 -39.60 63.99 -10.97
N SER O 10 -40.79 63.84 -10.41
CA SER O 10 -41.26 62.52 -10.01
C SER O 10 -41.49 61.61 -11.22
N LEU O 11 -42.04 62.17 -12.29
CA LEU O 11 -42.25 61.39 -13.51
C LEU O 11 -40.93 60.87 -14.07
N LYS O 12 -39.92 61.73 -14.12
CA LYS O 12 -38.64 61.32 -14.66
C LYS O 12 -37.95 60.30 -13.77
N ALA O 13 -38.05 60.49 -12.44
CA ALA O 13 -37.49 59.52 -11.52
C ALA O 13 -38.17 58.16 -11.66
N GLN O 14 -39.48 58.15 -11.84
CA GLN O 14 -40.20 56.90 -12.08
C GLN O 14 -39.67 56.18 -13.30
N LYS O 15 -39.45 56.92 -14.40
CA LYS O 15 -38.99 56.26 -15.61
C LYS O 15 -37.59 55.68 -15.44
N ASN O 16 -36.69 56.41 -14.79
CA ASN O 16 -35.35 55.87 -14.56
C ASN O 16 -35.39 54.62 -13.68
N LEU O 17 -36.21 54.64 -12.62
CA LEU O 17 -36.30 53.50 -11.72
C LEU O 17 -36.84 52.27 -12.45
N ASN O 18 -37.81 52.48 -13.34
CA ASN O 18 -38.35 51.36 -14.10
C ASN O 18 -37.30 50.77 -15.04
N THR O 19 -36.52 51.63 -15.70
CA THR O 19 -35.47 51.13 -16.59
C THR O 19 -34.46 50.28 -15.82
N SER O 20 -34.05 50.74 -14.65
CA SER O 20 -33.10 49.99 -13.83
C SER O 20 -33.66 48.64 -13.42
N ALA O 21 -34.93 48.62 -12.98
CA ALA O 21 -35.54 47.35 -12.57
C ALA O 21 -35.61 46.36 -13.71
N SER O 22 -35.98 46.82 -14.90
CA SER O 22 -36.02 45.92 -16.06
C SER O 22 -34.65 45.33 -16.35
N ASP O 23 -33.60 46.15 -16.34
CA ASP O 23 -32.25 45.63 -16.60
C ASP O 23 -31.85 44.58 -15.57
N LEU O 24 -32.17 44.83 -14.28
CA LEU O 24 -31.80 43.88 -13.25
C LEU O 24 -32.53 42.55 -13.43
N ALA O 25 -33.82 42.59 -13.76
CA ALA O 25 -34.56 41.35 -14.00
C ALA O 25 -33.96 40.56 -15.17
N THR O 26 -33.59 41.24 -16.26
CA THR O 26 -32.97 40.55 -17.38
C THR O 26 -31.68 39.84 -16.95
N SER O 27 -30.83 40.54 -16.20
CA SER O 27 -29.58 39.94 -15.75
C SER O 27 -29.83 38.72 -14.85
N MET O 28 -30.80 38.83 -13.95
CA MET O 28 -31.14 37.72 -13.06
C MET O 28 -31.54 36.49 -13.86
N GLU O 29 -32.40 36.68 -14.87
CA GLU O 29 -32.80 35.58 -15.74
C GLU O 29 -31.60 34.94 -16.42
N ARG O 30 -30.70 35.76 -16.96
CA ARG O 30 -29.55 35.21 -17.68
C ARG O 30 -28.63 34.41 -16.77
N LEU O 31 -28.44 34.86 -15.52
CA LEU O 31 -27.62 34.10 -14.58
C LEU O 31 -28.31 32.81 -14.13
N SER O 32 -29.64 32.84 -14.01
CA SER O 32 -30.34 31.63 -13.60
C SER O 32 -30.34 30.57 -14.69
N SER O 33 -30.40 30.99 -15.95
CA SER O 33 -30.50 30.02 -17.04
C SER O 33 -29.14 29.49 -17.48
N GLY O 34 -28.12 30.35 -17.51
CA GLY O 34 -26.83 30.00 -18.05
C GLY O 34 -26.66 30.27 -19.52
N LEU O 35 -27.61 30.93 -20.16
CA LEU O 35 -27.61 31.19 -21.59
C LEU O 35 -27.73 32.68 -21.85
N ARG O 36 -27.06 33.14 -22.91
CA ARG O 36 -27.16 34.53 -23.31
C ARG O 36 -28.42 34.79 -24.12
N ILE O 37 -28.81 33.84 -24.95
CA ILE O 37 -29.96 33.97 -25.84
C ILE O 37 -31.08 33.13 -25.28
N ASN O 38 -32.05 33.77 -24.62
CA ASN O 38 -33.23 33.08 -24.14
C ASN O 38 -34.44 33.25 -25.06
N SER O 39 -34.40 34.21 -25.97
CA SER O 39 -35.50 34.48 -26.89
C SER O 39 -34.90 35.06 -28.16
N ALA O 40 -35.77 35.42 -29.10
CA ALA O 40 -35.29 36.13 -30.28
C ALA O 40 -35.21 37.63 -30.07
N LYS O 41 -35.79 38.13 -28.97
CA LYS O 41 -35.50 39.48 -28.51
C LYS O 41 -34.02 39.74 -28.35
N ASP O 42 -33.24 38.70 -28.02
CA ASP O 42 -31.85 38.85 -27.65
C ASP O 42 -30.94 38.92 -28.88
N ASP O 43 -30.95 37.86 -29.70
CA ASP O 43 -30.12 37.81 -30.90
C ASP O 43 -30.81 36.86 -31.87
N ALA O 44 -31.25 37.39 -33.02
CA ALA O 44 -32.11 36.60 -33.91
C ALA O 44 -31.29 35.75 -34.87
N ALA O 45 -30.22 36.32 -35.42
CA ALA O 45 -29.37 35.55 -36.33
C ALA O 45 -28.58 34.48 -35.59
N GLY O 46 -28.12 34.79 -34.39
CA GLY O 46 -27.43 33.80 -33.58
C GLY O 46 -28.32 32.64 -33.20
N LEU O 47 -29.62 32.89 -33.00
CA LEU O 47 -30.56 31.82 -32.72
C LEU O 47 -30.58 30.79 -33.85
N ALA O 48 -30.67 31.24 -35.10
CA ALA O 48 -30.73 30.30 -36.22
C ALA O 48 -29.38 29.63 -36.45
N ILE O 49 -28.28 30.38 -36.34
CA ILE O 49 -26.97 29.77 -36.49
C ILE O 49 -26.77 28.68 -35.44
N SER O 50 -27.23 28.92 -34.22
CA SER O 50 -27.06 27.95 -33.16
C SER O 50 -28.01 26.77 -33.30
N ASN O 51 -29.19 26.98 -33.86
CA ASN O 51 -30.05 25.84 -34.18
C ASN O 51 -29.38 24.91 -35.18
N ARG O 52 -28.73 25.47 -36.20
CA ARG O 52 -28.04 24.63 -37.18
C ARG O 52 -26.84 23.91 -36.57
N LEU O 53 -26.06 24.61 -35.74
CA LEU O 53 -24.92 23.95 -35.10
C LEU O 53 -25.39 22.86 -34.14
N ASN O 54 -26.54 23.07 -33.51
CA ASN O 54 -27.11 22.06 -32.61
C ASN O 54 -27.52 20.80 -33.38
N SER O 55 -28.17 20.99 -34.54
CA SER O 55 -28.46 19.86 -35.41
C SER O 55 -27.21 19.10 -35.77
N GLN O 56 -26.11 19.81 -36.07
CA GLN O 56 -24.88 19.13 -36.46
C GLN O 56 -24.29 18.32 -35.30
N VAL O 57 -24.25 18.89 -34.09
CA VAL O 57 -23.70 18.16 -32.95
C VAL O 57 -24.49 16.88 -32.69
N ARG O 58 -25.82 17.00 -32.67
CA ARG O 58 -26.67 15.86 -32.35
C ARG O 58 -26.57 14.79 -33.44
N GLY O 59 -26.50 15.21 -34.70
CA GLY O 59 -26.34 14.25 -35.78
C GLY O 59 -25.02 13.52 -35.74
N LEU O 60 -23.94 14.20 -35.38
CA LEU O 60 -22.66 13.52 -35.25
C LEU O 60 -22.69 12.48 -34.15
N GLU O 61 -23.37 12.77 -33.04
CA GLU O 61 -23.51 11.77 -31.98
C GLU O 61 -24.20 10.50 -32.51
N VAL O 62 -25.35 10.67 -33.16
CA VAL O 62 -26.06 9.49 -33.68
C VAL O 62 -25.25 8.77 -34.75
N GLY O 63 -24.49 9.52 -35.56
CA GLY O 63 -23.70 8.89 -36.60
C GLY O 63 -22.58 8.02 -36.05
N MET O 64 -21.93 8.46 -34.97
CA MET O 64 -20.96 7.60 -34.31
C MET O 64 -21.59 6.34 -33.76
N ARG O 65 -22.82 6.45 -33.26
CA ARG O 65 -23.51 5.22 -32.84
C ARG O 65 -23.70 4.25 -34.01
N ASN O 66 -24.14 4.76 -35.17
CA ASN O 66 -24.30 3.90 -36.35
C ASN O 66 -22.98 3.29 -36.80
N ALA O 67 -21.89 4.06 -36.73
CA ALA O 67 -20.59 3.55 -37.13
C ALA O 67 -20.14 2.40 -36.24
N ASN O 68 -20.44 2.49 -34.94
CA ASN O 68 -20.06 1.41 -34.04
C ASN O 68 -20.90 0.17 -34.31
N ASP O 69 -22.17 0.35 -34.69
CA ASP O 69 -22.99 -0.77 -35.15
C ASP O 69 -22.38 -1.49 -36.35
N ALA O 70 -21.91 -0.73 -37.33
CA ALA O 70 -21.26 -1.33 -38.49
C ALA O 70 -20.02 -2.11 -38.12
N ILE O 71 -19.20 -1.56 -37.20
CA ILE O 71 -18.01 -2.26 -36.76
C ILE O 71 -18.37 -3.58 -36.09
N SER O 72 -19.46 -3.58 -35.31
CA SER O 72 -19.92 -4.81 -34.67
C SER O 72 -20.29 -5.89 -35.68
N ILE O 73 -21.08 -5.52 -36.68
CA ILE O 73 -21.47 -6.49 -37.71
C ILE O 73 -20.25 -7.08 -38.41
N ALA O 74 -19.33 -6.22 -38.86
CA ALA O 74 -18.16 -6.69 -39.58
C ALA O 74 -17.30 -7.60 -38.70
N GLN O 75 -17.19 -7.28 -37.41
CA GLN O 75 -16.38 -8.06 -36.50
C GLN O 75 -16.95 -9.46 -36.29
N ILE O 76 -18.28 -9.57 -36.15
CA ILE O 76 -18.89 -10.90 -36.01
C ILE O 76 -18.66 -11.75 -37.25
N ALA O 77 -18.92 -11.19 -38.44
CA ALA O 77 -18.76 -11.98 -39.67
C ALA O 77 -17.30 -12.41 -39.87
N GLU O 78 -16.37 -11.47 -39.68
CA GLU O 78 -14.96 -11.78 -39.82
C GLU O 78 -14.50 -12.85 -38.85
N GLY O 79 -15.02 -12.85 -37.62
CA GLY O 79 -14.66 -13.90 -36.69
C GLY O 79 -15.24 -15.24 -37.06
N ALA O 80 -16.43 -15.26 -37.67
CA ALA O 80 -17.01 -16.52 -38.12
C ALA O 80 -16.18 -17.18 -39.22
N MET O 81 -15.56 -16.40 -40.11
CA MET O 81 -14.83 -17.01 -41.23
C MET O 81 -13.54 -17.74 -40.81
N GLN O 82 -13.02 -17.49 -39.61
CA GLN O 82 -11.77 -18.11 -39.18
C GLN O 82 -11.91 -19.61 -38.93
N GLU O 83 -13.01 -20.04 -38.32
CA GLU O 83 -13.24 -21.47 -38.11
C GLU O 83 -13.43 -22.20 -39.43
N GLN O 84 -14.03 -21.54 -40.42
CA GLN O 84 -14.17 -22.12 -41.74
C GLN O 84 -12.81 -22.35 -42.38
N THR O 85 -11.92 -21.35 -42.30
CA THR O 85 -10.53 -21.53 -42.76
C THR O 85 -9.87 -22.71 -42.07
N ASN O 86 -10.05 -22.83 -40.76
CA ASN O 86 -9.42 -23.88 -39.98
C ASN O 86 -9.88 -25.26 -40.44
N MET O 87 -11.18 -25.42 -40.64
CA MET O 87 -11.70 -26.71 -41.10
C MET O 87 -11.25 -27.04 -42.52
N LEU O 88 -11.14 -26.03 -43.39
CA LEU O 88 -10.61 -26.30 -44.73
C LEU O 88 -9.17 -26.78 -44.70
N GLN O 89 -8.35 -26.23 -43.80
CA GLN O 89 -6.99 -26.74 -43.65
C GLN O 89 -6.99 -28.21 -43.22
N ARG O 90 -7.88 -28.57 -42.30
CA ARG O 90 -7.98 -29.96 -41.89
C ARG O 90 -8.37 -30.88 -43.06
N MET O 91 -9.35 -30.46 -43.87
CA MET O 91 -9.73 -31.26 -45.04
C MET O 91 -8.58 -31.39 -46.04
N ARG O 92 -7.78 -30.34 -46.19
CA ARG O 92 -6.60 -30.44 -47.06
C ARG O 92 -5.63 -31.51 -46.58
N ASP O 93 -5.41 -31.59 -45.26
CA ASP O 93 -4.56 -32.66 -44.74
C ASP O 93 -5.14 -34.04 -44.99
N LEU O 94 -6.46 -34.19 -44.80
CA LEU O 94 -7.10 -35.48 -45.07
C LEU O 94 -6.97 -35.88 -46.54
N THR O 95 -7.09 -34.90 -47.45
CA THR O 95 -6.95 -35.19 -48.87
C THR O 95 -5.53 -35.60 -49.23
N VAL O 96 -4.53 -34.93 -48.66
CA VAL O 96 -3.15 -35.35 -48.91
C VAL O 96 -2.90 -36.75 -48.36
N GLN O 97 -3.54 -37.08 -47.23
CA GLN O 97 -3.39 -38.41 -46.67
C GLN O 97 -4.05 -39.49 -47.51
N SER O 98 -5.08 -39.14 -48.28
CA SER O 98 -5.71 -40.13 -49.16
C SER O 98 -4.79 -40.62 -50.28
N GLU O 99 -3.75 -39.88 -50.63
CA GLU O 99 -2.84 -40.25 -51.70
C GLU O 99 -1.70 -41.14 -51.21
N ASN O 100 -2.02 -42.32 -50.73
CA ASN O 100 -1.06 -43.21 -50.08
C ASN O 100 -1.31 -44.62 -50.60
N GLY O 101 -0.34 -45.19 -51.31
CA GLY O 101 -0.52 -46.48 -51.93
C GLY O 101 -0.63 -47.63 -50.97
N ALA O 102 -0.80 -47.36 -49.67
CA ALA O 102 -1.02 -48.39 -48.68
C ALA O 102 -2.43 -48.34 -48.11
N ASN O 103 -3.19 -47.29 -48.42
CA ASN O 103 -4.58 -47.23 -48.00
C ASN O 103 -5.41 -48.25 -48.77
N SER O 104 -6.46 -48.75 -48.13
CA SER O 104 -7.44 -49.61 -48.75
C SER O 104 -8.79 -48.90 -48.73
N SER O 105 -9.83 -49.58 -49.21
CA SER O 105 -11.14 -48.92 -49.36
C SER O 105 -11.74 -48.54 -48.01
N ALA O 106 -11.46 -49.33 -46.97
CA ALA O 106 -11.98 -48.99 -45.65
C ALA O 106 -11.32 -47.74 -45.09
N ASP O 107 -10.00 -47.60 -45.26
CA ASP O 107 -9.31 -46.40 -44.81
C ASP O 107 -9.77 -45.17 -45.58
N LEU O 108 -9.98 -45.33 -46.89
CA LEU O 108 -10.49 -44.23 -47.69
C LEU O 108 -11.88 -43.82 -47.24
N SER O 109 -12.71 -44.80 -46.85
CA SER O 109 -14.04 -44.48 -46.35
C SER O 109 -13.99 -43.74 -45.03
N ALA O 110 -13.04 -44.11 -44.15
CA ALA O 110 -12.89 -43.37 -42.90
C ALA O 110 -12.47 -41.92 -43.14
N LEU O 111 -11.45 -41.73 -43.97
CA LEU O 111 -11.02 -40.39 -44.34
C LEU O 111 -12.19 -39.56 -44.91
N LYS O 112 -12.98 -40.16 -45.80
CA LYS O 112 -14.05 -39.40 -46.42
C LYS O 112 -15.19 -39.11 -45.44
N ALA O 113 -15.46 -40.01 -44.49
CA ALA O 113 -16.46 -39.72 -43.48
C ALA O 113 -16.10 -38.49 -42.67
N GLU O 114 -14.81 -38.35 -42.32
CA GLU O 114 -14.46 -37.13 -41.61
C GLU O 114 -14.53 -35.89 -42.49
N MET O 115 -14.16 -36.01 -43.77
CA MET O 115 -14.34 -34.88 -44.70
C MET O 115 -15.79 -34.42 -44.76
N ASP O 116 -16.73 -35.37 -44.83
CA ASP O 116 -18.14 -34.99 -44.90
C ASP O 116 -18.61 -34.28 -43.64
N GLN O 117 -18.18 -34.76 -42.46
CA GLN O 117 -18.55 -34.04 -41.24
C GLN O 117 -18.01 -32.62 -41.22
N LEU O 118 -16.79 -32.42 -41.71
CA LEU O 118 -16.23 -31.07 -41.75
C LEU O 118 -17.00 -30.16 -42.72
N ALA O 119 -17.41 -30.71 -43.87
CA ALA O 119 -18.20 -29.90 -44.80
C ALA O 119 -19.57 -29.55 -44.21
N ASN O 120 -20.16 -30.47 -43.45
CA ASN O 120 -21.41 -30.16 -42.76
C ASN O 120 -21.24 -29.03 -41.75
N GLU O 121 -20.12 -29.02 -41.00
CA GLU O 121 -19.91 -27.92 -40.08
C GLU O 121 -19.63 -26.59 -40.78
N ILE O 122 -18.94 -26.61 -41.92
CA ILE O 122 -18.79 -25.39 -42.70
C ILE O 122 -20.16 -24.85 -43.13
N ASP O 123 -21.05 -25.72 -43.59
CA ASP O 123 -22.39 -25.28 -43.96
C ASP O 123 -23.16 -24.73 -42.76
N GLU O 124 -23.05 -25.39 -41.61
CA GLU O 124 -23.76 -24.92 -40.43
C GLU O 124 -23.30 -23.53 -40.01
N ILE O 125 -21.99 -23.29 -39.97
CA ILE O 125 -21.51 -21.94 -39.67
C ILE O 125 -22.02 -20.95 -40.71
N GLY O 126 -22.11 -21.37 -41.97
CA GLY O 126 -22.61 -20.48 -42.99
C GLY O 126 -24.05 -20.05 -42.78
N LYS O 127 -24.90 -20.97 -42.33
CA LYS O 127 -26.32 -20.62 -42.16
C LYS O 127 -26.68 -20.12 -40.77
N THR O 128 -25.78 -20.25 -39.79
CA THR O 128 -26.17 -20.01 -38.41
C THR O 128 -25.77 -18.63 -37.91
N THR O 129 -24.69 -18.05 -38.45
CA THR O 129 -24.16 -16.79 -37.95
C THR O 129 -25.16 -15.66 -38.08
N ALA O 130 -25.37 -14.91 -37.00
CA ALA O 130 -26.41 -13.89 -36.96
C ALA O 130 -25.99 -12.73 -36.08
N PHE O 131 -26.66 -11.60 -36.28
CA PHE O 131 -26.64 -10.46 -35.37
C PHE O 131 -28.04 -10.37 -34.76
N GLY O 132 -28.21 -10.99 -33.61
CA GLY O 132 -29.53 -11.13 -33.04
C GLY O 132 -30.34 -12.14 -33.82
N THR O 133 -31.14 -11.67 -34.76
CA THR O 133 -31.94 -12.57 -35.60
C THR O 133 -31.70 -12.39 -37.09
N THR O 134 -30.85 -11.47 -37.53
CA THR O 134 -30.58 -11.28 -38.95
C THR O 134 -29.35 -12.07 -39.34
N LYS O 135 -29.46 -12.82 -40.43
CA LYS O 135 -28.36 -13.66 -40.89
C LYS O 135 -27.32 -12.82 -41.62
N LEU O 136 -26.04 -13.20 -41.47
CA LEU O 136 -24.95 -12.43 -42.04
C LEU O 136 -24.24 -13.14 -43.19
N LEU O 137 -24.07 -14.46 -43.13
CA LEU O 137 -23.31 -15.15 -44.16
C LEU O 137 -24.17 -15.94 -45.13
N ALA O 138 -25.44 -15.60 -45.28
CA ALA O 138 -26.32 -16.37 -46.14
C ALA O 138 -26.64 -15.68 -47.45
N GLY O 139 -26.24 -14.43 -47.62
CA GLY O 139 -26.49 -13.68 -48.84
C GLY O 139 -27.33 -12.44 -48.67
N GLY O 140 -27.70 -12.05 -47.45
CA GLY O 140 -28.51 -10.86 -47.25
C GLY O 140 -27.72 -9.57 -47.34
N PHE O 141 -26.40 -9.63 -47.22
CA PHE O 141 -25.53 -8.47 -47.37
C PHE O 141 -24.74 -8.51 -48.67
N SER O 142 -25.12 -9.39 -49.60
CA SER O 142 -24.36 -9.54 -50.85
C SER O 142 -24.33 -8.24 -51.63
N ALA O 143 -25.46 -7.56 -51.72
CA ALA O 143 -25.49 -6.14 -52.03
C ALA O 143 -25.55 -5.39 -50.70
N GLY O 144 -24.54 -4.58 -50.43
CA GLY O 144 -24.33 -4.12 -49.07
C GLY O 144 -25.48 -3.28 -48.53
N LYS O 145 -25.42 -3.07 -47.21
CA LYS O 145 -26.33 -2.17 -46.52
C LYS O 145 -25.60 -0.89 -46.13
N ASN O 146 -26.32 0.21 -46.10
CA ASN O 146 -25.73 1.50 -45.77
C ASN O 146 -25.99 1.87 -44.32
N PHE O 147 -24.98 2.47 -43.69
CA PHE O 147 -25.07 3.06 -42.37
C PHE O 147 -24.75 4.54 -42.53
N GLN O 148 -25.66 5.42 -42.11
CA GLN O 148 -25.38 6.84 -42.20
C GLN O 148 -24.49 7.25 -41.03
N VAL O 149 -23.24 7.61 -41.34
CA VAL O 149 -22.26 7.89 -40.30
C VAL O 149 -22.05 9.39 -40.09
N GLY O 150 -22.82 10.24 -40.75
CA GLY O 150 -22.74 11.66 -40.57
C GLY O 150 -24.08 12.27 -40.22
N ALA O 151 -24.10 13.61 -40.20
CA ALA O 151 -25.30 14.33 -39.84
C ALA O 151 -26.19 14.64 -41.03
N GLN O 152 -25.65 14.63 -42.25
CA GLN O 152 -26.40 14.98 -43.44
C GLN O 152 -26.65 13.76 -44.30
N ASP O 153 -27.64 13.88 -45.17
CA ASP O 153 -28.03 12.78 -46.04
C ASP O 153 -26.96 12.50 -47.09
N GLY O 154 -26.67 11.22 -47.29
CA GLY O 154 -25.69 10.81 -48.27
C GLY O 154 -24.31 10.53 -47.71
N GLU O 155 -24.08 10.87 -46.44
CA GLU O 155 -22.79 10.64 -45.78
C GLU O 155 -22.87 9.29 -45.08
N ASP O 156 -22.47 8.25 -45.79
CA ASP O 156 -22.71 6.89 -45.32
C ASP O 156 -21.71 5.91 -45.91
N ILE O 157 -21.62 4.75 -45.26
CA ILE O 157 -20.65 3.70 -45.59
C ILE O 157 -21.41 2.41 -45.83
N LYS O 158 -20.94 1.62 -46.79
CA LYS O 158 -21.62 0.41 -47.22
C LYS O 158 -20.84 -0.82 -46.76
N VAL O 159 -21.54 -1.77 -46.12
CA VAL O 159 -20.93 -2.99 -45.63
C VAL O 159 -21.44 -4.17 -46.46
N THR O 160 -20.53 -4.89 -47.10
CA THR O 160 -20.86 -5.95 -48.05
C THR O 160 -20.28 -7.27 -47.56
N VAL O 161 -21.13 -8.30 -47.49
CA VAL O 161 -20.69 -9.65 -47.16
C VAL O 161 -21.38 -10.60 -48.12
N LYS O 162 -20.60 -11.48 -48.75
CA LYS O 162 -21.16 -12.47 -49.64
C LYS O 162 -21.42 -13.78 -48.90
N ALA O 163 -22.17 -14.67 -49.53
CA ALA O 163 -22.50 -15.95 -48.90
C ALA O 163 -21.29 -16.87 -48.90
N SER O 164 -21.07 -17.56 -47.79
CA SER O 164 -19.98 -18.51 -47.66
C SER O 164 -20.48 -19.75 -46.93
N ASN O 165 -20.61 -20.84 -47.69
CA ASN O 165 -21.15 -22.10 -47.21
C ASN O 165 -20.62 -23.17 -48.15
N LYS O 166 -20.95 -24.43 -47.88
CA LYS O 166 -20.31 -25.50 -48.65
C LYS O 166 -20.82 -25.55 -50.08
N SER O 167 -21.86 -24.79 -50.41
CA SER O 167 -22.40 -24.82 -51.77
C SER O 167 -21.77 -23.73 -52.62
N SER O 168 -21.55 -22.54 -52.04
CA SER O 168 -20.93 -21.46 -52.79
C SER O 168 -19.42 -21.61 -52.86
N LEU O 169 -18.82 -22.34 -51.92
CA LEU O 169 -17.39 -22.60 -51.94
C LEU O 169 -17.03 -23.84 -52.75
N SER O 170 -18.02 -24.56 -53.28
CA SER O 170 -17.83 -25.74 -54.13
C SER O 170 -17.08 -26.86 -53.44
N VAL O 171 -17.26 -27.03 -52.12
CA VAL O 171 -16.65 -28.13 -51.39
C VAL O 171 -17.67 -29.13 -50.89
N GLY O 172 -18.90 -29.06 -51.39
CA GLY O 172 -19.97 -29.90 -50.89
C GLY O 172 -20.10 -31.26 -51.53
N SER O 173 -19.20 -31.63 -52.45
CA SER O 173 -19.26 -32.93 -53.11
C SER O 173 -17.86 -33.41 -53.51
N LEU O 174 -16.99 -33.63 -52.53
CA LEU O 174 -15.61 -33.99 -52.83
C LEU O 174 -15.43 -35.49 -52.69
N GLY O 175 -14.59 -36.05 -53.54
CA GLY O 175 -14.32 -37.47 -53.51
C GLY O 175 -12.85 -37.75 -53.36
N ASN O 176 -12.54 -38.98 -52.99
CA ASN O 176 -11.15 -39.36 -52.77
C ASN O 176 -10.88 -40.79 -53.22
N THR O 177 -11.75 -41.39 -54.02
CA THR O 177 -11.62 -42.81 -54.34
C THR O 177 -10.79 -43.05 -55.58
N THR O 178 -10.45 -42.00 -56.34
CA THR O 178 -9.70 -42.11 -57.57
C THR O 178 -8.67 -40.98 -57.62
N SER O 179 -7.58 -41.22 -58.35
CA SER O 179 -6.50 -40.24 -58.46
C SER O 179 -7.00 -38.88 -58.96
N ALA O 180 -7.84 -38.88 -59.99
CA ALA O 180 -8.35 -37.62 -60.52
C ALA O 180 -9.29 -36.95 -59.53
N ALA O 181 -10.03 -37.73 -58.76
CA ALA O 181 -10.90 -37.15 -57.74
C ALA O 181 -10.11 -36.46 -56.65
N ARG O 182 -8.97 -37.04 -56.26
CA ARG O 182 -8.10 -36.40 -55.27
C ARG O 182 -7.51 -35.11 -55.82
N ALA O 183 -7.04 -35.13 -57.07
CA ALA O 183 -6.52 -33.90 -57.66
C ALA O 183 -7.56 -32.80 -57.69
N SER O 184 -8.78 -33.14 -58.10
CA SER O 184 -9.86 -32.15 -58.17
C SER O 184 -10.19 -31.61 -56.78
N SER O 185 -10.25 -32.48 -55.78
CA SER O 185 -10.55 -32.02 -54.43
C SER O 185 -9.47 -31.08 -53.89
N LEU O 186 -8.20 -31.40 -54.16
CA LEU O 186 -7.13 -30.50 -53.73
C LEU O 186 -7.30 -29.12 -54.35
N LYS O 187 -7.56 -29.06 -55.66
CA LYS O 187 -7.70 -27.75 -56.29
C LYS O 187 -8.88 -26.95 -55.72
N LYS O 188 -10.01 -27.60 -55.49
CA LYS O 188 -11.15 -26.83 -54.97
C LYS O 188 -10.96 -26.41 -53.53
N ILE O 189 -10.30 -27.20 -52.69
CA ILE O 189 -10.04 -26.73 -51.33
C ILE O 189 -9.11 -25.53 -51.34
N ASP O 190 -8.07 -25.55 -52.18
CA ASP O 190 -7.18 -24.39 -52.26
C ASP O 190 -7.92 -23.14 -52.73
N ALA O 191 -8.80 -23.29 -53.72
CA ALA O 191 -9.58 -22.15 -54.19
C ALA O 191 -10.48 -21.59 -53.10
N ALA O 192 -11.10 -22.47 -52.30
CA ALA O 192 -11.97 -21.99 -51.22
C ALA O 192 -11.20 -21.19 -50.19
N ILE O 193 -10.00 -21.67 -49.83
CA ILE O 193 -9.16 -20.91 -48.91
C ILE O 193 -8.87 -19.52 -49.47
N LYS O 194 -8.59 -19.45 -50.77
CA LYS O 194 -8.34 -18.14 -51.39
C LYS O 194 -9.54 -17.19 -51.29
N THR O 195 -10.75 -17.68 -51.58
CA THR O 195 -11.89 -16.77 -51.56
C THR O 195 -12.21 -16.28 -50.15
N ILE O 196 -12.05 -17.14 -49.15
CA ILE O 196 -12.25 -16.67 -47.79
C ILE O 196 -11.22 -15.61 -47.41
N ASP O 197 -9.96 -15.79 -47.82
CA ASP O 197 -8.97 -14.75 -47.58
C ASP O 197 -9.40 -13.42 -48.18
N ALA O 198 -9.91 -13.41 -49.40
CA ALA O 198 -10.32 -12.15 -50.02
C ALA O 198 -11.45 -11.47 -49.25
N GLN O 199 -12.44 -12.24 -48.82
CA GLN O 199 -13.53 -11.66 -48.03
C GLN O 199 -13.02 -11.06 -46.73
N ARG O 200 -12.11 -11.76 -46.04
CA ARG O 200 -11.61 -11.24 -44.78
C ARG O 200 -10.80 -9.97 -45.00
N ALA O 201 -10.08 -9.89 -46.11
CA ALA O 201 -9.34 -8.67 -46.44
C ALA O 201 -10.28 -7.47 -46.56
N ASP O 202 -11.37 -7.62 -47.32
CA ASP O 202 -12.30 -6.49 -47.46
C ASP O 202 -12.95 -6.08 -46.13
N LEU O 203 -13.31 -7.05 -45.29
CA LEU O 203 -13.90 -6.66 -44.00
C LEU O 203 -12.88 -5.93 -43.12
N GLY O 204 -11.62 -6.34 -43.16
CA GLY O 204 -10.60 -5.62 -42.39
C GLY O 204 -10.41 -4.20 -42.86
N ALA O 205 -10.38 -3.99 -44.18
CA ALA O 205 -10.29 -2.63 -44.70
C ALA O 205 -11.46 -1.78 -44.22
N ILE O 206 -12.68 -2.32 -44.24
CA ILE O 206 -13.84 -1.58 -43.75
C ILE O 206 -13.67 -1.18 -42.29
N GLN O 207 -13.16 -2.09 -41.46
CA GLN O 207 -13.02 -1.74 -40.04
C GLN O 207 -12.01 -0.62 -39.82
N ASN O 208 -10.88 -0.67 -40.53
CA ASN O 208 -9.89 0.41 -40.43
C ASN O 208 -10.51 1.76 -40.82
N ARG O 209 -11.23 1.78 -41.94
CA ARG O 209 -11.89 3.00 -42.40
C ARG O 209 -12.86 3.55 -41.36
N LEU O 210 -13.66 2.68 -40.74
CA LEU O 210 -14.62 3.15 -39.75
C LEU O 210 -13.92 3.71 -38.50
N ALA O 211 -12.77 3.15 -38.14
CA ALA O 211 -12.02 3.69 -37.02
C ALA O 211 -11.57 5.13 -37.28
N HIS O 212 -10.95 5.36 -38.44
CA HIS O 212 -10.57 6.74 -38.80
C HIS O 212 -11.76 7.68 -38.83
N ASN O 213 -12.91 7.23 -39.34
CA ASN O 213 -14.07 8.10 -39.46
C ASN O 213 -14.61 8.49 -38.07
N ILE O 214 -14.65 7.54 -37.13
CA ILE O 214 -15.13 7.87 -35.78
C ILE O 214 -14.19 8.86 -35.10
N SER O 215 -12.88 8.68 -35.29
CA SER O 215 -11.93 9.63 -34.71
C SER O 215 -12.16 11.05 -35.24
N ASN O 216 -12.35 11.18 -36.55
CA ASN O 216 -12.59 12.51 -37.12
C ASN O 216 -13.90 13.12 -36.61
N SER O 217 -14.93 12.29 -36.42
CA SER O 217 -16.20 12.82 -35.92
C SER O 217 -16.07 13.33 -34.50
N ALA O 218 -15.31 12.63 -33.66
CA ALA O 218 -15.09 13.12 -32.30
C ALA O 218 -14.39 14.47 -32.29
N ASN O 219 -13.32 14.61 -33.09
CA ASN O 219 -12.67 15.91 -33.23
C ASN O 219 -13.66 17.00 -33.62
N THR O 220 -14.44 16.75 -34.67
CA THR O 220 -15.33 17.80 -35.18
C THR O 220 -16.41 18.15 -34.18
N GLN O 221 -16.92 17.17 -33.45
CA GLN O 221 -17.91 17.44 -32.42
C GLN O 221 -17.35 18.38 -31.36
N ALA O 222 -16.13 18.13 -30.89
CA ALA O 222 -15.53 19.04 -29.92
C ALA O 222 -15.41 20.45 -30.45
N ASN O 223 -14.90 20.62 -31.68
CA ASN O 223 -14.71 21.96 -32.22
C ASN O 223 -16.03 22.69 -32.45
N VAL O 224 -17.06 21.96 -32.90
CA VAL O 224 -18.34 22.61 -33.17
C VAL O 224 -19.06 22.97 -31.87
N ALA O 225 -18.92 22.15 -30.82
CA ALA O 225 -19.51 22.52 -29.53
C ALA O 225 -18.83 23.75 -28.95
N ASP O 226 -17.50 23.85 -29.10
CA ASP O 226 -16.80 25.10 -28.76
C ASP O 226 -17.39 26.29 -29.51
N ALA O 227 -17.56 26.15 -30.82
CA ALA O 227 -18.10 27.23 -31.64
C ALA O 227 -19.48 27.66 -31.16
N LYS O 228 -20.35 26.69 -30.85
CA LYS O 228 -21.71 27.02 -30.38
C LYS O 228 -21.69 27.69 -29.02
N SER O 229 -20.81 27.23 -28.14
CA SER O 229 -20.70 27.84 -26.81
C SER O 229 -20.30 29.30 -26.91
N ARG O 230 -19.43 29.63 -27.87
CA ARG O 230 -19.06 31.04 -28.04
C ARG O 230 -20.25 31.92 -28.37
N ILE O 231 -21.31 31.36 -28.93
CA ILE O 231 -22.46 32.15 -29.36
C ILE O 231 -23.58 32.15 -28.33
N VAL O 232 -23.85 31.02 -27.68
CA VAL O 232 -25.09 30.84 -26.93
C VAL O 232 -24.90 31.09 -25.44
N ASP O 233 -23.77 30.69 -24.87
CA ASP O 233 -23.62 30.69 -23.42
C ASP O 233 -23.32 32.09 -22.87
N VAL O 234 -23.61 32.25 -21.57
CA VAL O 234 -23.44 33.54 -20.90
C VAL O 234 -22.04 33.60 -20.30
N ASP O 235 -21.56 34.82 -20.10
CA ASP O 235 -20.31 35.11 -19.42
C ASP O 235 -20.63 35.54 -18.00
N PHE O 236 -20.18 34.74 -17.01
CA PHE O 236 -20.51 35.04 -15.63
C PHE O 236 -19.77 36.27 -15.11
N ALA O 237 -18.51 36.44 -15.51
CA ALA O 237 -17.71 37.57 -15.04
C ALA O 237 -18.32 38.90 -15.46
N LYS O 238 -18.93 38.95 -16.64
CA LYS O 238 -19.54 40.19 -17.12
C LYS O 238 -20.94 40.38 -16.53
N GLU O 239 -21.68 39.27 -16.41
CA GLU O 239 -23.09 39.39 -16.09
C GLU O 239 -23.28 39.69 -14.61
N THR O 240 -22.40 39.16 -13.75
CA THR O 240 -22.46 39.51 -12.33
C THR O 240 -22.16 40.99 -12.10
N SER O 241 -21.23 41.54 -12.88
CA SER O 241 -20.92 42.96 -12.78
C SER O 241 -22.13 43.82 -13.17
N GLN O 242 -22.78 43.47 -14.28
CA GLN O 242 -23.98 44.20 -14.66
C GLN O 242 -25.07 44.10 -13.59
N MET O 243 -25.21 42.92 -12.98
CA MET O 243 -26.22 42.76 -11.94
C MET O 243 -25.96 43.69 -10.76
N THR O 244 -24.71 43.74 -10.29
CA THR O 244 -24.39 44.60 -9.15
C THR O 244 -24.59 46.08 -9.47
N LYS O 245 -24.23 46.50 -10.69
CA LYS O 245 -24.46 47.88 -11.08
C LYS O 245 -25.95 48.23 -11.02
N ASN O 246 -26.81 47.35 -11.55
CA ASN O 246 -28.23 47.67 -11.55
C ASN O 246 -28.83 47.62 -10.15
N GLN O 247 -28.31 46.77 -9.26
CA GLN O 247 -28.72 46.80 -7.87
C GLN O 247 -28.48 48.17 -7.23
N VAL O 248 -27.26 48.69 -7.36
CA VAL O 248 -26.96 49.99 -6.78
C VAL O 248 -27.84 51.08 -7.40
N LEU O 249 -28.05 51.02 -8.71
CA LEU O 249 -28.90 52.03 -9.34
C LEU O 249 -30.34 51.96 -8.85
N GLN O 250 -30.83 50.75 -8.57
CA GLN O 250 -32.18 50.63 -8.01
C GLN O 250 -32.28 51.32 -6.66
N GLN O 251 -31.30 51.09 -5.78
CA GLN O 251 -31.36 51.73 -4.47
C GLN O 251 -31.28 53.25 -4.57
N THR O 252 -30.41 53.76 -5.45
CA THR O 252 -30.30 55.20 -5.63
C THR O 252 -31.58 55.81 -6.21
N GLY O 253 -32.17 55.15 -7.21
CA GLY O 253 -33.38 55.68 -7.81
C GLY O 253 -34.56 55.65 -6.87
N SER O 254 -34.64 54.61 -6.03
CA SER O 254 -35.68 54.57 -5.01
C SER O 254 -35.55 55.74 -4.04
N ALA O 255 -34.33 55.98 -3.53
CA ALA O 255 -34.12 57.11 -2.64
C ALA O 255 -34.50 58.43 -3.31
N MET O 256 -34.13 58.58 -4.59
CA MET O 256 -34.34 59.86 -5.26
C MET O 256 -35.82 60.09 -5.54
N LEU O 257 -36.56 59.03 -5.86
CA LEU O 257 -38.01 59.18 -6.07
C LEU O 257 -38.73 59.47 -4.75
N ALA O 258 -38.33 58.83 -3.67
CA ALA O 258 -38.93 59.13 -2.38
C ALA O 258 -38.67 60.57 -1.97
N GLN O 259 -37.49 61.10 -2.29
CA GLN O 259 -37.22 62.50 -2.01
C GLN O 259 -37.95 63.42 -2.97
N ALA O 260 -38.25 62.95 -4.18
CA ALA O 260 -38.93 63.79 -5.16
C ALA O 260 -40.40 63.96 -4.83
N ASN O 261 -41.04 62.95 -4.25
CA ASN O 261 -42.45 63.08 -3.90
C ASN O 261 -42.73 64.06 -2.76
N GLN O 262 -41.71 64.68 -2.16
CA GLN O 262 -41.95 65.64 -1.08
C GLN O 262 -41.82 67.09 -1.53
N LEU O 263 -41.80 67.37 -2.82
CA LEU O 263 -41.62 68.76 -3.28
C LEU O 263 -42.86 69.65 -3.14
N PRO O 264 -44.10 69.16 -3.30
CA PRO O 264 -45.24 70.07 -3.14
C PRO O 264 -45.45 70.60 -1.73
N GLN O 265 -44.57 70.29 -0.78
CA GLN O 265 -44.77 70.76 0.58
C GLN O 265 -44.19 72.14 0.85
N VAL O 266 -43.59 72.80 -0.15
CA VAL O 266 -43.15 74.17 0.03
C VAL O 266 -44.35 75.10 0.07
N ALA O 267 -45.44 74.72 -0.61
CA ALA O 267 -46.63 75.54 -0.63
C ALA O 267 -47.23 75.69 0.76
N LEU O 268 -47.22 74.63 1.55
CA LEU O 268 -47.72 74.71 2.92
C LEU O 268 -46.92 75.72 3.73
N SER O 269 -45.62 75.84 3.45
CA SER O 269 -44.82 76.87 4.10
C SER O 269 -45.25 78.26 3.65
N LEU O 270 -45.47 78.45 2.36
CA LEU O 270 -45.93 79.76 1.91
C LEU O 270 -47.33 80.06 2.39
N LEU O 271 -48.10 79.03 2.73
CA LEU O 271 -49.51 79.19 3.04
C LEU O 271 -49.73 79.41 4.52
N ALA P 1 -40.03 19.60 -8.72
CA ALA P 1 -40.34 20.03 -7.37
C ALA P 1 -39.16 19.84 -6.43
N ILE P 2 -39.11 20.66 -5.38
CA ILE P 2 -38.10 20.55 -4.34
C ILE P 2 -38.82 20.11 -3.08
N THR P 3 -38.72 18.84 -2.73
CA THR P 3 -39.47 18.27 -1.62
C THR P 3 -38.51 17.65 -0.60
N VAL P 4 -38.99 17.56 0.64
CA VAL P 4 -38.17 17.04 1.72
C VAL P 4 -38.71 15.72 2.25
N ASN P 5 -40.01 15.48 2.09
CA ASN P 5 -40.66 14.37 2.79
C ASN P 5 -40.49 13.03 2.09
N THR P 6 -40.15 13.01 0.81
CA THR P 6 -40.00 11.78 0.06
C THR P 6 -38.82 11.93 -0.89
N ASN P 7 -38.01 10.89 -1.00
CA ASN P 7 -36.80 10.93 -1.81
C ASN P 7 -36.77 9.63 -2.61
N VAL P 8 -37.00 9.72 -3.92
CA VAL P 8 -37.17 8.53 -4.75
C VAL P 8 -35.83 8.06 -5.29
N THR P 9 -34.93 9.00 -5.57
CA THR P 9 -33.59 8.64 -6.02
C THR P 9 -32.90 7.77 -4.99
N SER P 10 -33.10 8.06 -3.71
CA SER P 10 -32.51 7.25 -2.66
C SER P 10 -33.09 5.84 -2.65
N LEU P 11 -34.40 5.71 -2.86
CA LEU P 11 -35.02 4.39 -2.92
C LEU P 11 -34.43 3.54 -4.04
N LYS P 12 -34.28 4.14 -5.22
CA LYS P 12 -33.73 3.39 -6.35
C LYS P 12 -32.27 3.03 -6.13
N ALA P 13 -31.49 3.96 -5.56
CA ALA P 13 -30.10 3.65 -5.25
C ALA P 13 -29.99 2.51 -4.24
N GLN P 14 -30.86 2.51 -3.23
CA GLN P 14 -30.89 1.41 -2.26
C GLN P 14 -31.12 0.08 -2.96
N LYS P 15 -32.08 0.03 -3.88
CA LYS P 15 -32.37 -1.24 -4.53
C LYS P 15 -31.20 -1.72 -5.38
N ASN P 16 -30.55 -0.82 -6.12
CA ASN P 16 -29.40 -1.23 -6.91
C ASN P 16 -28.26 -1.74 -6.01
N LEU P 17 -28.00 -1.04 -4.91
CA LEU P 17 -26.92 -1.46 -4.01
C LEU P 17 -27.19 -2.82 -3.41
N ASN P 18 -28.46 -3.10 -3.07
CA ASN P 18 -28.81 -4.41 -2.54
C ASN P 18 -28.60 -5.51 -3.57
N THR P 19 -29.00 -5.25 -4.82
CA THR P 19 -28.80 -6.25 -5.87
C THR P 19 -27.32 -6.58 -6.03
N SER P 20 -26.47 -5.55 -6.06
CA SER P 20 -25.04 -5.78 -6.20
C SER P 20 -24.47 -6.59 -5.03
N ALA P 21 -24.88 -6.26 -3.80
CA ALA P 21 -24.38 -6.99 -2.64
C ALA P 21 -24.78 -8.47 -2.69
N SER P 22 -26.02 -8.75 -3.08
CA SER P 22 -26.45 -10.13 -3.21
C SER P 22 -25.62 -10.90 -4.23
N ASP P 23 -25.37 -10.29 -5.38
CA ASP P 23 -24.56 -10.96 -6.40
C ASP P 23 -23.16 -11.26 -5.89
N LEU P 24 -22.56 -10.31 -5.18
CA LEU P 24 -21.21 -10.51 -4.67
C LEU P 24 -21.16 -11.64 -3.64
N ALA P 25 -22.15 -11.70 -2.75
CA ALA P 25 -22.19 -12.78 -1.77
C ALA P 25 -22.31 -14.14 -2.45
N THR P 26 -23.15 -14.25 -3.48
CA THR P 26 -23.27 -15.50 -4.21
C THR P 26 -21.94 -15.94 -4.81
N SER P 27 -21.23 -15.00 -5.45
CA SER P 27 -19.95 -15.33 -6.05
C SER P 27 -18.93 -15.78 -5.00
N MET P 28 -18.90 -15.09 -3.86
CA MET P 28 -17.99 -15.46 -2.78
C MET P 28 -18.23 -16.88 -2.32
N GLU P 29 -19.50 -17.25 -2.13
CA GLU P 29 -19.86 -18.61 -1.75
C GLU P 29 -19.37 -19.63 -2.77
N ARG P 30 -19.59 -19.34 -4.06
CA ARG P 30 -19.20 -20.28 -5.10
C ARG P 30 -17.68 -20.48 -5.16
N LEU P 31 -16.91 -19.40 -4.95
CA LEU P 31 -15.46 -19.55 -4.93
C LEU P 31 -14.98 -20.28 -3.68
N SER P 32 -15.66 -20.09 -2.55
CA SER P 32 -15.24 -20.78 -1.33
C SER P 32 -15.52 -22.27 -1.40
N SER P 33 -16.63 -22.65 -2.04
CA SER P 33 -17.02 -24.06 -2.07
C SER P 33 -16.31 -24.84 -3.17
N GLY P 34 -16.13 -24.25 -4.34
CA GLY P 34 -15.61 -24.95 -5.49
C GLY P 34 -16.66 -25.59 -6.37
N LEU P 35 -17.94 -25.34 -6.10
CA LEU P 35 -19.05 -25.96 -6.83
C LEU P 35 -19.95 -24.89 -7.41
N ARG P 36 -20.51 -25.18 -8.58
CA ARG P 36 -21.45 -24.26 -9.21
C ARG P 36 -22.85 -24.44 -8.62
N ILE P 37 -23.23 -25.66 -8.29
CA ILE P 37 -24.56 -25.96 -7.79
C ILE P 37 -24.44 -26.24 -6.30
N ASN P 38 -24.81 -25.27 -5.47
CA ASN P 38 -24.85 -25.46 -4.03
C ASN P 38 -26.25 -25.75 -3.50
N SER P 39 -27.29 -25.50 -4.29
CA SER P 39 -28.67 -25.73 -3.89
C SER P 39 -29.46 -26.04 -5.15
N ALA P 40 -30.77 -26.21 -4.98
CA ALA P 40 -31.62 -26.36 -6.15
C ALA P 40 -32.10 -25.02 -6.70
N LYS P 41 -31.88 -23.94 -5.95
CA LYS P 41 -31.99 -22.60 -6.49
C LYS P 41 -31.15 -22.41 -7.74
N ASP P 42 -30.02 -23.13 -7.84
CA ASP P 42 -29.03 -22.90 -8.88
C ASP P 42 -29.41 -23.63 -10.17
N ASP P 43 -29.52 -24.96 -10.11
CA ASP P 43 -29.87 -25.75 -11.29
C ASP P 43 -30.51 -27.03 -10.78
N ALA P 44 -31.79 -27.23 -11.10
CA ALA P 44 -32.55 -28.31 -10.49
C ALA P 44 -32.38 -29.62 -11.24
N ALA P 45 -32.40 -29.57 -12.58
CA ALA P 45 -32.22 -30.79 -13.36
C ALA P 45 -30.78 -31.30 -13.29
N GLY P 46 -29.81 -30.38 -13.26
CA GLY P 46 -28.43 -30.77 -13.10
C GLY P 46 -28.16 -31.43 -11.76
N LEU P 47 -28.87 -31.00 -10.72
CA LEU P 47 -28.75 -31.64 -9.41
C LEU P 47 -29.08 -33.13 -9.49
N ALA P 48 -30.21 -33.47 -10.13
CA ALA P 48 -30.61 -34.88 -10.20
C ALA P 48 -29.70 -35.67 -11.14
N ILE P 49 -29.34 -35.08 -12.28
CA ILE P 49 -28.42 -35.76 -13.19
C ILE P 49 -27.10 -36.06 -12.49
N SER P 50 -26.62 -35.12 -11.68
CA SER P 50 -25.35 -35.31 -10.99
C SER P 50 -25.47 -36.27 -9.83
N ASN P 51 -26.63 -36.34 -9.17
CA ASN P 51 -26.84 -37.39 -8.17
C ASN P 51 -26.75 -38.77 -8.79
N ARG P 52 -27.34 -38.96 -9.99
CA ARG P 52 -27.25 -40.26 -10.64
C ARG P 52 -25.83 -40.57 -11.09
N LEU P 53 -25.12 -39.60 -11.65
CA LEU P 53 -23.73 -39.84 -12.05
C LEU P 53 -22.85 -40.14 -10.84
N ASN P 54 -23.16 -39.52 -9.70
CA ASN P 54 -22.42 -39.79 -8.47
C ASN P 54 -22.65 -41.21 -7.98
N SER P 55 -23.89 -41.68 -8.01
CA SER P 55 -24.17 -43.08 -7.71
C SER P 55 -23.37 -44.00 -8.61
N GLN P 56 -23.27 -43.69 -9.90
CA GLN P 56 -22.53 -44.55 -10.83
C GLN P 56 -21.04 -44.60 -10.49
N VAL P 57 -20.43 -43.44 -10.23
CA VAL P 57 -19.00 -43.41 -9.92
C VAL P 57 -18.70 -44.24 -8.66
N ARG P 58 -19.50 -44.03 -7.61
CA ARG P 58 -19.26 -44.71 -6.35
C ARG P 58 -19.49 -46.21 -6.48
N GLY P 59 -20.52 -46.61 -7.23
CA GLY P 59 -20.75 -48.02 -7.46
C GLY P 59 -19.66 -48.70 -8.25
N LEU P 60 -19.09 -48.01 -9.24
CA LEU P 60 -17.97 -48.60 -9.98
C LEU P 60 -16.76 -48.80 -9.09
N GLU P 61 -16.51 -47.87 -8.16
CA GLU P 61 -15.42 -48.06 -7.21
C GLU P 61 -15.62 -49.34 -6.39
N VAL P 62 -16.80 -49.51 -5.78
CA VAL P 62 -17.04 -50.70 -4.97
C VAL P 62 -17.01 -51.97 -5.82
N GLY P 63 -17.47 -51.89 -7.08
CA GLY P 63 -17.46 -53.06 -7.94
C GLY P 63 -16.06 -53.54 -8.29
N MET P 64 -15.14 -52.60 -8.51
CA MET P 64 -13.75 -53.00 -8.71
C MET P 64 -13.17 -53.65 -7.47
N ARG P 65 -13.57 -53.19 -6.28
CA ARG P 65 -13.14 -53.88 -5.07
C ARG P 65 -13.64 -55.33 -5.04
N ASN P 66 -14.92 -55.56 -5.37
CA ASN P 66 -15.45 -56.92 -5.42
C ASN P 66 -14.73 -57.77 -6.47
N ALA P 67 -14.41 -57.20 -7.63
CA ALA P 67 -13.72 -57.95 -8.66
C ALA P 67 -12.34 -58.40 -8.20
N ASN P 68 -11.65 -57.55 -7.44
CA ASN P 68 -10.34 -57.94 -6.95
C ASN P 68 -10.45 -59.05 -5.90
N ASP P 69 -11.52 -59.01 -5.10
CA ASP P 69 -11.82 -60.13 -4.19
C ASP P 69 -11.99 -61.45 -4.93
N ALA P 70 -12.74 -61.43 -6.04
CA ALA P 70 -12.92 -62.65 -6.82
C ALA P 70 -11.59 -63.16 -7.39
N ILE P 71 -10.75 -62.25 -7.88
CA ILE P 71 -9.44 -62.66 -8.40
C ILE P 71 -8.61 -63.31 -7.31
N SER P 72 -8.68 -62.78 -6.08
CA SER P 72 -7.96 -63.37 -4.96
C SER P 72 -8.40 -64.81 -4.69
N ILE P 73 -9.71 -65.04 -4.61
CA ILE P 73 -10.23 -66.38 -4.35
C ILE P 73 -9.75 -67.35 -5.42
N ALA P 74 -9.92 -66.98 -6.70
CA ALA P 74 -9.54 -67.87 -7.79
C ALA P 74 -8.05 -68.18 -7.77
N GLN P 75 -7.23 -67.18 -7.42
CA GLN P 75 -5.78 -67.35 -7.41
C GLN P 75 -5.36 -68.32 -6.31
N ILE P 76 -5.95 -68.23 -5.12
CA ILE P 76 -5.63 -69.18 -4.05
C ILE P 76 -6.00 -70.61 -4.45
N ALA P 77 -7.22 -70.82 -4.96
CA ALA P 77 -7.61 -72.18 -5.32
C ALA P 77 -6.75 -72.76 -6.43
N GLU P 78 -6.49 -71.96 -7.46
CA GLU P 78 -5.66 -72.40 -8.57
C GLU P 78 -4.26 -72.75 -8.11
N GLY P 79 -3.69 -72.00 -7.16
CA GLY P 79 -2.38 -72.34 -6.66
C GLY P 79 -2.38 -73.60 -5.84
N ALA P 80 -3.46 -73.87 -5.11
CA ALA P 80 -3.56 -75.11 -4.35
C ALA P 80 -3.57 -76.35 -5.25
N MET P 81 -4.17 -76.27 -6.43
CA MET P 81 -4.27 -77.47 -7.27
C MET P 81 -2.93 -77.94 -7.87
N GLN P 82 -1.91 -77.07 -7.89
CA GLN P 82 -0.62 -77.42 -8.49
C GLN P 82 0.13 -78.50 -7.69
N GLU P 83 0.12 -78.40 -6.36
CA GLU P 83 0.76 -79.42 -5.54
C GLU P 83 0.05 -80.77 -5.67
N GLN P 84 -1.26 -80.75 -5.85
CA GLN P 84 -2.00 -81.98 -6.09
C GLN P 84 -1.57 -82.64 -7.40
N THR P 85 -1.45 -81.85 -8.46
CA THR P 85 -0.90 -82.36 -9.72
C THR P 85 0.47 -82.99 -9.52
N ASN P 86 1.33 -82.30 -8.77
CA ASN P 86 2.70 -82.76 -8.54
C ASN P 86 2.73 -84.12 -7.84
N MET P 87 1.91 -84.27 -6.80
CA MET P 87 1.86 -85.53 -6.08
C MET P 87 1.27 -86.65 -6.93
N LEU P 88 0.29 -86.34 -7.77
CA LEU P 88 -0.23 -87.37 -8.68
C LEU P 88 0.83 -87.86 -9.66
N GLN P 89 1.67 -86.95 -10.16
CA GLN P 89 2.78 -87.39 -11.02
C GLN P 89 3.72 -88.34 -10.27
N ARG P 90 4.01 -88.03 -9.01
CA ARG P 90 4.85 -88.92 -8.21
C ARG P 90 4.22 -90.31 -8.05
N MET P 91 2.92 -90.36 -7.76
CA MET P 91 2.23 -91.65 -7.65
C MET P 91 2.25 -92.42 -8.96
N ARG P 92 2.14 -91.72 -10.09
CA ARG P 92 2.25 -92.39 -11.38
C ARG P 92 3.61 -93.07 -11.55
N ASP P 93 4.68 -92.39 -11.15
CA ASP P 93 6.00 -93.01 -11.22
C ASP P 93 6.11 -94.24 -10.31
N LEU P 94 5.56 -94.15 -9.09
CA LEU P 94 5.57 -95.31 -8.19
C LEU P 94 4.79 -96.49 -8.78
N THR P 95 3.67 -96.21 -9.44
CA THR P 95 2.88 -97.28 -10.05
C THR P 95 3.62 -97.92 -11.22
N VAL P 96 4.29 -97.13 -12.05
CA VAL P 96 5.08 -97.73 -13.12
C VAL P 96 6.22 -98.55 -12.56
N GLN P 97 6.79 -98.13 -11.42
CA GLN P 97 7.86 -98.90 -10.80
C GLN P 97 7.37 -100.21 -10.20
N SER P 98 6.09 -100.29 -9.82
CA SER P 98 5.55 -101.55 -9.30
C SER P 98 5.52 -102.68 -10.34
N GLU P 99 5.54 -102.35 -11.63
CA GLU P 99 5.47 -103.35 -12.70
C GLU P 99 6.85 -103.87 -13.08
N ASN P 100 7.53 -104.53 -12.16
CA ASN P 100 8.90 -104.95 -12.33
C ASN P 100 9.03 -106.37 -11.80
N GLY P 101 9.34 -107.31 -12.70
CA GLY P 101 9.37 -108.71 -12.31
C GLY P 101 10.49 -109.09 -11.37
N ALA P 102 11.17 -108.11 -10.78
CA ALA P 102 12.18 -108.36 -9.78
C ALA P 102 11.76 -107.88 -8.40
N ASN P 103 10.65 -107.15 -8.31
CA ASN P 103 10.12 -106.75 -7.02
C ASN P 103 9.57 -107.96 -6.28
N SER P 104 9.64 -107.91 -4.95
CA SER P 104 9.02 -108.89 -4.09
C SER P 104 7.94 -108.20 -3.25
N SER P 105 7.33 -108.95 -2.33
CA SER P 105 6.20 -108.41 -1.59
C SER P 105 6.62 -107.27 -0.66
N ALA P 106 7.85 -107.32 -0.14
CA ALA P 106 8.32 -106.25 0.73
C ALA P 106 8.54 -104.96 -0.06
N ASP P 107 9.10 -105.06 -1.27
CA ASP P 107 9.29 -103.87 -2.10
C ASP P 107 7.95 -103.28 -2.52
N LEU P 108 6.98 -104.15 -2.85
CA LEU P 108 5.65 -103.68 -3.19
C LEU P 108 5.00 -102.97 -2.01
N SER P 109 5.23 -103.48 -0.80
CA SER P 109 4.68 -102.83 0.39
C SER P 109 5.31 -101.46 0.62
N ALA P 110 6.61 -101.33 0.37
CA ALA P 110 7.25 -100.02 0.50
C ALA P 110 6.68 -99.01 -0.50
N LEU P 111 6.59 -99.42 -1.77
CA LEU P 111 6.00 -98.57 -2.79
C LEU P 111 4.58 -98.14 -2.40
N LYS P 112 3.77 -99.08 -1.90
CA LYS P 112 2.40 -98.74 -1.58
C LYS P 112 2.30 -97.85 -0.34
N ALA P 113 3.21 -98.01 0.63
CA ALA P 113 3.21 -97.11 1.77
C ALA P 113 3.44 -95.67 1.36
N GLU P 114 4.35 -95.45 0.41
CA GLU P 114 4.51 -94.07 -0.04
C GLU P 114 3.32 -93.57 -0.85
N MET P 115 2.68 -94.44 -1.66
CA MET P 115 1.46 -94.04 -2.33
C MET P 115 0.38 -93.60 -1.35
N ASP P 116 0.21 -94.33 -0.24
CA ASP P 116 -0.81 -93.95 0.73
C ASP P 116 -0.50 -92.61 1.38
N GLN P 117 0.76 -92.36 1.72
CA GLN P 117 1.08 -91.05 2.28
C GLN P 117 0.78 -89.92 1.30
N LEU P 118 1.05 -90.13 0.00
CA LEU P 118 0.74 -89.09 -0.97
C LEU P 118 -0.76 -88.86 -1.11
N ALA P 119 -1.56 -89.93 -1.05
CA ALA P 119 -3.01 -89.75 -1.11
C ALA P 119 -3.53 -89.02 0.12
N ASN P 120 -2.94 -89.28 1.28
CA ASN P 120 -3.30 -88.53 2.48
C ASN P 120 -2.99 -87.05 2.33
N GLU P 121 -1.85 -86.70 1.75
CA GLU P 121 -1.57 -85.28 1.55
C GLU P 121 -2.48 -84.63 0.52
N ILE P 122 -2.87 -85.36 -0.53
CA ILE P 122 -3.87 -84.83 -1.47
C ILE P 122 -5.18 -84.53 -0.73
N ASP P 123 -5.62 -85.44 0.14
CA ASP P 123 -6.84 -85.18 0.90
C ASP P 123 -6.68 -83.99 1.85
N GLU P 124 -5.53 -83.87 2.49
CA GLU P 124 -5.31 -82.75 3.40
C GLU P 124 -5.38 -81.41 2.68
N ILE P 125 -4.71 -81.30 1.52
CA ILE P 125 -4.82 -80.07 0.75
C ILE P 125 -6.27 -79.82 0.35
N GLY P 126 -7.01 -80.88 0.03
CA GLY P 126 -8.40 -80.71 -0.34
C GLY P 126 -9.26 -80.13 0.77
N LYS P 127 -9.02 -80.55 2.01
CA LYS P 127 -9.87 -80.06 3.11
C LYS P 127 -9.32 -78.81 3.81
N THR P 128 -8.08 -78.42 3.54
CA THR P 128 -7.43 -77.40 4.37
C THR P 128 -7.47 -76.03 3.72
N THR P 129 -7.48 -75.95 2.39
CA THR P 129 -7.38 -74.67 1.68
C THR P 129 -8.55 -73.75 2.02
N ALA P 130 -8.25 -72.50 2.36
CA ALA P 130 -9.25 -71.57 2.84
C ALA P 130 -8.91 -70.15 2.43
N PHE P 131 -9.94 -69.30 2.46
CA PHE P 131 -9.79 -67.84 2.41
C PHE P 131 -10.20 -67.31 3.77
N GLY P 132 -9.22 -67.15 4.65
CA GLY P 132 -9.52 -66.83 6.02
C GLY P 132 -10.08 -68.04 6.74
N THR P 133 -11.39 -68.14 6.81
CA THR P 133 -12.04 -69.28 7.44
C THR P 133 -13.01 -70.02 6.55
N THR P 134 -13.24 -69.59 5.30
CA THR P 134 -14.16 -70.28 4.42
C THR P 134 -13.38 -71.24 3.53
N LYS P 135 -13.87 -72.48 3.44
CA LYS P 135 -13.19 -73.49 2.67
C LYS P 135 -13.48 -73.33 1.17
N LEU P 136 -12.49 -73.64 0.35
CA LEU P 136 -12.60 -73.43 -1.09
C LEU P 136 -12.68 -74.73 -1.89
N LEU P 137 -11.97 -75.78 -1.50
CA LEU P 137 -11.94 -77.00 -2.30
C LEU P 137 -12.76 -78.13 -1.71
N ALA P 138 -13.74 -77.84 -0.87
CA ALA P 138 -14.49 -78.89 -0.21
C ALA P 138 -15.90 -79.06 -0.79
N GLY P 139 -16.33 -78.18 -1.66
CA GLY P 139 -17.66 -78.25 -2.26
C GLY P 139 -18.56 -77.08 -1.98
N GLY P 140 -18.10 -76.03 -1.30
CA GLY P 140 -18.94 -74.88 -1.02
C GLY P 140 -19.12 -73.95 -2.18
N PHE P 141 -18.25 -74.03 -3.19
CA PHE P 141 -18.37 -73.24 -4.41
C PHE P 141 -18.81 -74.08 -5.59
N SER P 142 -19.29 -75.31 -5.35
CA SER P 142 -19.66 -76.22 -6.45
C SER P 142 -20.76 -75.61 -7.31
N ALA P 143 -21.76 -75.02 -6.68
CA ALA P 143 -22.62 -74.04 -7.33
C ALA P 143 -22.05 -72.66 -6.99
N GLY P 144 -21.65 -71.92 -8.01
CA GLY P 144 -20.79 -70.78 -7.79
C GLY P 144 -21.43 -69.70 -6.93
N LYS P 145 -20.59 -68.77 -6.49
CA LYS P 145 -21.01 -67.57 -5.79
C LYS P 145 -20.88 -66.37 -6.72
N ASN P 146 -21.76 -65.38 -6.54
CA ASN P 146 -21.75 -64.19 -7.37
C ASN P 146 -21.05 -63.03 -6.68
N PHE P 147 -20.31 -62.27 -7.47
CA PHE P 147 -19.70 -61.02 -7.06
C PHE P 147 -20.28 -59.93 -7.95
N GLN P 148 -20.89 -58.91 -7.36
CA GLN P 148 -21.42 -57.82 -8.16
C GLN P 148 -20.28 -56.88 -8.55
N VAL P 149 -19.94 -56.87 -9.85
CA VAL P 149 -18.79 -56.12 -10.31
C VAL P 149 -19.17 -54.80 -10.96
N GLY P 150 -20.45 -54.43 -10.95
CA GLY P 150 -20.91 -53.17 -11.48
C GLY P 150 -21.69 -52.36 -10.46
N ALA P 151 -22.26 -51.27 -10.95
CA ALA P 151 -23.02 -50.37 -10.09
C ALA P 151 -24.49 -50.75 -9.98
N GLN P 152 -25.02 -51.49 -10.94
CA GLN P 152 -26.44 -51.84 -10.98
C GLN P 152 -26.64 -53.32 -10.67
N ASP P 153 -27.86 -53.64 -10.28
CA ASP P 153 -28.20 -55.00 -9.92
C ASP P 153 -28.20 -55.92 -11.13
N GLY P 154 -27.63 -57.10 -10.97
CA GLY P 154 -27.56 -58.07 -12.03
C GLY P 154 -26.26 -58.08 -12.81
N GLU P 155 -25.40 -57.09 -12.60
CA GLU P 155 -24.10 -57.01 -13.28
C GLU P 155 -23.07 -57.69 -12.39
N ASP P 156 -22.88 -58.98 -12.62
CA ASP P 156 -22.09 -59.79 -11.71
C ASP P 156 -21.51 -61.01 -12.41
N ILE P 157 -20.49 -61.59 -11.76
CA ILE P 157 -19.70 -62.69 -12.29
C ILE P 157 -19.74 -63.82 -11.28
N LYS P 158 -19.80 -65.05 -11.78
CA LYS P 158 -19.94 -66.24 -10.94
C LYS P 158 -18.64 -67.03 -10.91
N VAL P 159 -18.18 -67.39 -9.71
CA VAL P 159 -16.95 -68.15 -9.53
C VAL P 159 -17.31 -69.53 -9.01
N THR P 160 -16.92 -70.57 -9.76
CA THR P 160 -17.30 -71.94 -9.49
C THR P 160 -16.06 -72.78 -9.25
N VAL P 161 -16.03 -73.51 -8.14
CA VAL P 161 -14.96 -74.45 -7.83
C VAL P 161 -15.60 -75.73 -7.32
N LYS P 162 -15.21 -76.86 -7.88
CA LYS P 162 -15.72 -78.15 -7.43
C LYS P 162 -14.76 -78.76 -6.41
N ALA P 163 -15.25 -79.79 -5.72
CA ALA P 163 -14.44 -80.44 -4.69
C ALA P 163 -13.35 -81.29 -5.33
N SER P 164 -12.14 -81.22 -4.77
CA SER P 164 -11.00 -82.00 -5.24
C SER P 164 -10.25 -82.56 -4.04
N ASN P 165 -10.37 -83.86 -3.84
CA ASN P 165 -9.79 -84.57 -2.72
C ASN P 165 -9.67 -86.03 -3.15
N LYS P 166 -9.11 -86.87 -2.27
CA LYS P 166 -8.83 -88.23 -2.72
C LYS P 166 -10.08 -89.06 -2.91
N SER P 167 -11.24 -88.55 -2.48
CA SER P 167 -12.47 -89.31 -2.62
C SER P 167 -13.19 -88.98 -3.91
N SER P 168 -13.18 -87.69 -4.29
CA SER P 168 -13.83 -87.29 -5.53
C SER P 168 -12.94 -87.57 -6.74
N LEU P 169 -11.63 -87.66 -6.55
CA LEU P 169 -10.72 -88.01 -7.63
C LEU P 169 -10.55 -89.50 -7.80
N SER P 170 -11.15 -90.32 -6.94
CA SER P 170 -11.12 -91.78 -7.02
C SER P 170 -9.71 -92.35 -6.90
N VAL P 171 -8.83 -91.72 -6.12
CA VAL P 171 -7.49 -92.24 -5.90
C VAL P 171 -7.28 -92.68 -4.45
N GLY P 172 -8.36 -92.82 -3.69
CA GLY P 172 -8.25 -93.13 -2.27
C GLY P 172 -8.17 -94.60 -1.93
N SER P 173 -8.13 -95.49 -2.92
CA SER P 173 -8.06 -96.93 -2.66
C SER P 173 -7.33 -97.66 -3.78
N LEU P 174 -6.07 -97.33 -4.00
CA LEU P 174 -5.33 -97.91 -5.11
C LEU P 174 -4.47 -99.07 -4.63
N GLY P 175 -4.33 -100.08 -5.47
CA GLY P 175 -3.54 -101.24 -5.13
C GLY P 175 -2.47 -101.49 -6.17
N ASN P 176 -1.50 -102.30 -5.79
CA ASN P 176 -0.39 -102.59 -6.69
C ASN P 176 0.09 -104.04 -6.57
N THR P 177 -0.70 -104.91 -5.96
CA THR P 177 -0.23 -106.25 -5.65
C THR P 177 -0.52 -107.24 -6.78
N THR P 178 -1.31 -106.85 -7.78
CA THR P 178 -1.70 -107.71 -8.88
C THR P 178 -1.64 -106.90 -10.17
N SER P 179 -1.42 -107.59 -11.30
CA SER P 179 -1.31 -106.95 -12.60
C SER P 179 -2.54 -106.09 -12.91
N ALA P 180 -3.74 -106.63 -12.68
CA ALA P 180 -4.95 -105.87 -12.96
C ALA P 180 -5.09 -104.68 -12.03
N ALA P 181 -4.62 -104.80 -10.79
CA ALA P 181 -4.67 -103.69 -9.86
C ALA P 181 -3.77 -102.55 -10.31
N ARG P 182 -2.59 -102.90 -10.86
CA ARG P 182 -1.70 -101.87 -11.39
C ARG P 182 -2.31 -101.18 -12.60
N ALA P 183 -2.91 -101.95 -13.51
CA ALA P 183 -3.55 -101.34 -14.67
C ALA P 183 -4.65 -100.38 -14.25
N SER P 184 -5.48 -100.79 -13.28
CA SER P 184 -6.57 -99.95 -12.82
C SER P 184 -6.04 -98.68 -12.15
N SER P 185 -4.98 -98.80 -11.35
CA SER P 185 -4.42 -97.62 -10.70
C SER P 185 -3.84 -96.64 -11.71
N LEU P 186 -3.18 -97.15 -12.75
CA LEU P 186 -2.67 -96.26 -13.78
C LEU P 186 -3.79 -95.48 -14.44
N LYS P 187 -4.88 -96.16 -14.81
CA LYS P 187 -5.98 -95.45 -15.46
C LYS P 187 -6.59 -94.39 -14.56
N LYS P 188 -6.79 -94.68 -13.28
CA LYS P 188 -7.42 -93.68 -12.43
C LYS P 188 -6.50 -92.50 -12.12
N ILE P 189 -5.19 -92.72 -11.99
CA ILE P 189 -4.29 -91.58 -11.81
C ILE P 189 -4.31 -90.67 -13.04
N ASP P 190 -4.29 -91.26 -14.24
CA ASP P 190 -4.35 -90.43 -15.44
C ASP P 190 -5.64 -89.63 -15.52
N ALA P 191 -6.77 -90.26 -15.16
CA ALA P 191 -8.04 -89.54 -15.17
C ALA P 191 -8.04 -88.38 -14.17
N ALA P 192 -7.45 -88.58 -12.99
CA ALA P 192 -7.41 -87.51 -11.99
C ALA P 192 -6.60 -86.33 -12.49
N ILE P 193 -5.46 -86.60 -13.13
CA ILE P 193 -4.67 -85.52 -13.72
C ILE P 193 -5.51 -84.73 -14.72
N LYS P 194 -6.30 -85.44 -15.54
CA LYS P 194 -7.15 -84.76 -16.52
C LYS P 194 -8.17 -83.84 -15.85
N THR P 195 -8.84 -84.31 -14.80
CA THR P 195 -9.89 -83.47 -14.20
C THR P 195 -9.30 -82.23 -13.53
N ILE P 196 -8.14 -82.37 -12.89
CA ILE P 196 -7.51 -81.17 -12.32
C ILE P 196 -7.13 -80.18 -13.41
N ASP P 197 -6.62 -80.67 -14.55
CA ASP P 197 -6.35 -79.76 -15.67
C ASP P 197 -7.59 -78.98 -16.08
N ALA P 198 -8.74 -79.64 -16.18
CA ALA P 198 -9.95 -78.95 -16.60
C ALA P 198 -10.36 -77.86 -15.60
N GLN P 199 -10.29 -78.16 -14.30
CA GLN P 199 -10.60 -77.15 -13.30
C GLN P 199 -9.68 -75.94 -13.39
N ARG P 200 -8.38 -76.19 -13.56
CA ARG P 200 -7.44 -75.08 -13.65
C ARG P 200 -7.69 -74.23 -14.89
N ALA P 201 -8.10 -74.87 -15.99
CA ALA P 201 -8.44 -74.12 -17.19
C ALA P 201 -9.58 -73.14 -16.94
N ASP P 202 -10.66 -73.62 -16.31
CA ASP P 202 -11.79 -72.71 -16.04
C ASP P 202 -11.40 -71.57 -15.10
N LEU P 203 -10.61 -71.83 -14.07
CA LEU P 203 -10.21 -70.73 -13.19
C LEU P 203 -9.34 -69.70 -13.92
N GLY P 204 -8.46 -70.16 -14.82
CA GLY P 204 -7.67 -69.22 -15.59
C GLY P 204 -8.51 -68.33 -16.50
N ALA P 205 -9.50 -68.93 -17.16
CA ALA P 205 -10.42 -68.14 -17.97
C ALA P 205 -11.12 -67.07 -17.14
N ILE P 206 -11.59 -67.44 -15.94
CA ILE P 206 -12.23 -66.47 -15.07
C ILE P 206 -11.31 -65.31 -14.73
N GLN P 207 -10.03 -65.60 -14.44
CA GLN P 207 -9.12 -64.52 -14.08
C GLN P 207 -8.88 -63.56 -15.26
N ASN P 208 -8.71 -64.10 -16.47
CA ASN P 208 -8.56 -63.23 -17.64
C ASN P 208 -9.77 -62.31 -17.81
N ARG P 209 -10.97 -62.89 -17.71
CA ARG P 209 -12.19 -62.12 -17.83
C ARG P 209 -12.27 -60.98 -16.81
N LEU P 210 -11.91 -61.27 -15.55
CA LEU P 210 -11.97 -60.24 -14.52
C LEU P 210 -10.96 -59.13 -14.77
N ALA P 211 -9.80 -59.47 -15.35
CA ALA P 211 -8.83 -58.42 -15.69
C ALA P 211 -9.40 -57.45 -16.72
N HIS P 212 -9.95 -57.98 -17.81
CA HIS P 212 -10.58 -57.10 -18.80
C HIS P 212 -11.70 -56.25 -18.19
N ASN P 213 -12.50 -56.83 -17.30
CA ASN P 213 -13.62 -56.09 -16.74
C ASN P 213 -13.15 -54.94 -15.85
N ILE P 214 -12.10 -55.16 -15.05
CA ILE P 214 -11.58 -54.08 -14.22
C ILE P 214 -11.01 -52.96 -15.07
N SER P 215 -10.32 -53.32 -16.15
CA SER P 215 -9.79 -52.29 -17.05
C SER P 215 -10.91 -51.41 -17.62
N ASN P 216 -11.99 -52.04 -18.08
CA ASN P 216 -13.10 -51.28 -18.64
C ASN P 216 -13.75 -50.39 -17.58
N SER P 217 -13.85 -50.87 -16.34
CA SER P 217 -14.46 -50.05 -15.28
C SER P 217 -13.62 -48.83 -14.97
N ALA P 218 -12.29 -48.97 -14.98
CA ALA P 218 -11.44 -47.80 -14.76
C ALA P 218 -11.62 -46.76 -15.85
N ASN P 219 -11.64 -47.19 -17.11
CA ASN P 219 -11.93 -46.26 -18.20
C ASN P 219 -13.24 -45.52 -17.97
N THR P 220 -14.31 -46.27 -17.69
CA THR P 220 -15.63 -45.65 -17.59
C THR P 220 -15.71 -44.69 -16.41
N GLN P 221 -15.06 -45.04 -15.29
CA GLN P 221 -15.03 -44.15 -14.15
C GLN P 221 -14.39 -42.81 -14.51
N ALA P 222 -13.25 -42.84 -15.21
CA ALA P 222 -12.63 -41.59 -15.64
C ALA P 222 -13.56 -40.75 -16.51
N ASN P 223 -14.19 -41.37 -17.51
CA ASN P 223 -15.05 -40.60 -18.42
C ASN P 223 -16.28 -40.04 -17.71
N VAL P 224 -16.86 -40.81 -16.78
CA VAL P 224 -18.06 -40.34 -16.09
C VAL P 224 -17.73 -39.23 -15.09
N ALA P 225 -16.56 -39.31 -14.44
CA ALA P 225 -16.15 -38.22 -13.55
C ALA P 225 -15.90 -36.93 -14.32
N ASP P 226 -15.30 -37.04 -15.51
CA ASP P 226 -15.21 -35.89 -16.41
C ASP P 226 -16.59 -35.31 -16.71
N ALA P 227 -17.54 -36.17 -17.09
CA ALA P 227 -18.89 -35.72 -17.40
C ALA P 227 -19.53 -34.99 -16.22
N LYS P 228 -19.38 -35.52 -15.01
CA LYS P 228 -19.97 -34.88 -13.83
C LYS P 228 -19.31 -33.55 -13.51
N SER P 229 -17.99 -33.49 -13.68
CA SER P 229 -17.28 -32.24 -13.43
C SER P 229 -17.76 -31.14 -14.37
N ARG P 230 -18.08 -31.48 -15.62
CA ARG P 230 -18.60 -30.47 -16.53
C ARG P 230 -19.90 -29.85 -16.04
N ILE P 231 -20.65 -30.55 -15.19
CA ILE P 231 -21.94 -30.06 -14.73
C ILE P 231 -21.85 -29.38 -13.38
N VAL P 232 -21.07 -29.91 -12.44
CA VAL P 232 -21.17 -29.52 -11.04
C VAL P 232 -20.14 -28.47 -10.65
N ASP P 233 -18.93 -28.55 -11.19
CA ASP P 233 -17.83 -27.73 -10.69
C ASP P 233 -17.89 -26.31 -11.21
N VAL P 234 -17.23 -25.40 -10.49
CA VAL P 234 -17.23 -23.98 -10.84
C VAL P 234 -16.04 -23.69 -11.75
N ASP P 235 -16.17 -22.62 -12.52
CA ASP P 235 -15.11 -22.08 -13.37
C ASP P 235 -14.48 -20.89 -12.66
N PHE P 236 -13.20 -21.01 -12.31
CA PHE P 236 -12.54 -19.94 -11.55
C PHE P 236 -12.32 -18.70 -12.41
N ALA P 237 -11.95 -18.89 -13.68
CA ALA P 237 -11.66 -17.77 -14.56
C ALA P 237 -12.88 -16.88 -14.75
N LYS P 238 -14.07 -17.46 -14.78
CA LYS P 238 -15.30 -16.69 -14.95
C LYS P 238 -15.77 -16.09 -13.63
N GLU P 239 -15.62 -16.86 -12.55
CA GLU P 239 -16.25 -16.47 -11.30
C GLU P 239 -15.46 -15.36 -10.62
N THR P 240 -14.14 -15.36 -10.78
CA THR P 240 -13.34 -14.25 -10.25
C THR P 240 -13.65 -12.94 -10.97
N SER P 241 -13.91 -13.01 -12.27
CA SER P 241 -14.29 -11.82 -13.03
C SER P 241 -15.61 -11.26 -12.54
N GLN P 242 -16.61 -12.14 -12.34
CA GLN P 242 -17.88 -11.67 -11.80
C GLN P 242 -17.70 -11.05 -10.42
N MET P 243 -16.84 -11.64 -9.59
CA MET P 243 -16.62 -11.09 -8.25
C MET P 243 -16.06 -9.68 -8.32
N THR P 244 -15.05 -9.46 -9.16
CA THR P 244 -14.45 -8.12 -9.25
C THR P 244 -15.45 -7.09 -9.79
N LYS P 245 -16.25 -7.49 -10.77
CA LYS P 245 -17.28 -6.57 -11.28
C LYS P 245 -18.23 -6.14 -10.17
N ASN P 246 -18.71 -7.10 -9.36
CA ASN P 246 -19.66 -6.72 -8.31
C ASN P 246 -19.01 -5.90 -7.20
N GLN P 247 -17.72 -6.13 -6.93
CA GLN P 247 -16.98 -5.26 -6.01
C GLN P 247 -17.02 -3.81 -6.45
N VAL P 248 -16.64 -3.56 -7.71
CA VAL P 248 -16.64 -2.18 -8.20
C VAL P 248 -18.04 -1.59 -8.16
N LEU P 249 -19.06 -2.37 -8.53
CA LEU P 249 -20.42 -1.84 -8.49
C LEU P 249 -20.85 -1.51 -7.08
N GLN P 250 -20.41 -2.29 -6.08
CA GLN P 250 -20.74 -1.96 -4.70
C GLN P 250 -20.16 -0.61 -4.30
N GLN P 251 -18.89 -0.37 -4.64
CA GLN P 251 -18.29 0.92 -4.27
C GLN P 251 -19.00 2.08 -4.96
N THR P 252 -19.33 1.92 -6.24
CA THR P 252 -20.02 2.98 -6.97
C THR P 252 -21.41 3.23 -6.39
N GLY P 253 -22.16 2.17 -6.09
CA GLY P 253 -23.50 2.35 -5.56
C GLY P 253 -23.51 2.96 -4.17
N SER P 254 -22.52 2.61 -3.35
CA SER P 254 -22.37 3.25 -2.06
C SER P 254 -22.14 4.74 -2.20
N ALA P 255 -21.19 5.13 -3.06
CA ALA P 255 -20.96 6.56 -3.29
C ALA P 255 -22.21 7.27 -3.77
N MET P 256 -22.96 6.62 -4.67
CA MET P 256 -24.11 7.29 -5.27
C MET P 256 -25.25 7.43 -4.27
N LEU P 257 -25.43 6.45 -3.39
CA LEU P 257 -26.46 6.56 -2.37
C LEU P 257 -26.09 7.61 -1.32
N ALA P 258 -24.82 7.68 -0.94
CA ALA P 258 -24.40 8.72 -0.01
C ALA P 258 -24.60 10.11 -0.60
N GLN P 259 -24.38 10.25 -1.90
CA GLN P 259 -24.64 11.54 -2.53
C GLN P 259 -26.13 11.80 -2.70
N ALA P 260 -26.94 10.73 -2.80
CA ALA P 260 -28.37 10.91 -2.98
C ALA P 260 -29.06 11.35 -1.70
N ASN P 261 -28.58 10.91 -0.53
CA ASN P 261 -29.20 11.33 0.72
C ASN P 261 -28.99 12.80 1.06
N GLN P 262 -28.27 13.57 0.25
CA GLN P 262 -28.06 15.00 0.53
C GLN P 262 -28.94 15.91 -0.32
N LEU P 263 -29.95 15.39 -1.00
CA LEU P 263 -30.78 16.23 -1.87
C LEU P 263 -31.77 17.13 -1.13
N PRO P 264 -32.38 16.75 -0.01
CA PRO P 264 -33.33 17.66 0.66
C PRO P 264 -32.69 18.93 1.23
N GLN P 265 -31.40 19.15 1.03
CA GLN P 265 -30.77 20.35 1.61
C GLN P 265 -30.85 21.57 0.71
N VAL P 266 -31.50 21.48 -0.45
CA VAL P 266 -31.72 22.67 -1.27
C VAL P 266 -32.79 23.54 -0.62
N ALA P 267 -33.71 22.92 0.12
CA ALA P 267 -34.77 23.67 0.78
C ALA P 267 -34.21 24.64 1.81
N LEU P 268 -33.18 24.23 2.55
CA LEU P 268 -32.55 25.13 3.50
C LEU P 268 -31.97 26.36 2.81
N SER P 269 -31.48 26.19 1.58
CA SER P 269 -31.03 27.33 0.81
C SER P 269 -32.19 28.24 0.44
N LEU P 270 -33.31 27.67 0.00
CA LEU P 270 -34.46 28.51 -0.33
C LEU P 270 -35.05 29.15 0.92
N LEU P 271 -34.79 28.56 2.08
CA LEU P 271 -35.46 28.98 3.30
C LEU P 271 -34.66 30.04 4.04
N ALA Q 1 -30.05 -6.20 2.12
CA ALA Q 1 -29.82 -5.38 3.30
C ALA Q 1 -28.33 -5.22 3.57
N ILE Q 2 -27.99 -4.12 4.23
CA ILE Q 2 -26.62 -3.85 4.67
C ILE Q 2 -26.62 -3.90 6.19
N THR Q 3 -26.16 -5.00 6.76
CA THR Q 3 -26.23 -5.22 8.20
C THR Q 3 -24.84 -5.45 8.76
N VAL Q 4 -24.69 -5.17 10.06
CA VAL Q 4 -23.41 -5.30 10.73
C VAL Q 4 -23.42 -6.41 11.77
N ASN Q 5 -24.59 -6.74 12.31
CA ASN Q 5 -24.66 -7.59 13.48
C ASN Q 5 -24.58 -9.08 13.16
N THR Q 6 -24.84 -9.48 11.93
CA THR Q 6 -24.81 -10.88 11.54
C THR Q 6 -24.21 -10.99 10.15
N ASN Q 7 -23.36 -11.98 9.95
CA ASN Q 7 -22.65 -12.15 8.68
C ASN Q 7 -22.75 -13.63 8.33
N VAL Q 8 -23.54 -13.96 7.31
CA VAL Q 8 -23.83 -15.35 7.00
C VAL Q 8 -22.81 -15.92 6.04
N THR Q 9 -22.30 -15.09 5.14
CA THR Q 9 -21.25 -15.52 4.22
C THR Q 9 -20.04 -16.00 4.98
N SER Q 10 -19.71 -15.33 6.09
CA SER Q 10 -18.59 -15.75 6.91
C SER Q 10 -18.84 -17.11 7.55
N LEU Q 11 -20.07 -17.34 8.02
CA LEU Q 11 -20.40 -18.64 8.62
C LEU Q 11 -20.23 -19.77 7.60
N LYS Q 12 -20.70 -19.56 6.38
CA LYS Q 12 -20.59 -20.62 5.38
C LYS Q 12 -19.14 -20.83 4.95
N ALA Q 13 -18.37 -19.74 4.84
CA ALA Q 13 -16.95 -19.88 4.52
C ALA Q 13 -16.21 -20.65 5.62
N GLN Q 14 -16.53 -20.37 6.89
CA GLN Q 14 -15.94 -21.11 7.99
C GLN Q 14 -16.22 -22.60 7.87
N LYS Q 15 -17.46 -22.97 7.54
CA LYS Q 15 -17.77 -24.39 7.47
C LYS Q 15 -17.03 -25.07 6.32
N ASN Q 16 -16.94 -24.41 5.17
CA ASN Q 16 -16.19 -25.01 4.06
C ASN Q 16 -14.71 -25.18 4.41
N LEU Q 17 -14.11 -24.16 5.04
CA LEU Q 17 -12.70 -24.23 5.39
C LEU Q 17 -12.43 -25.36 6.39
N ASN Q 18 -13.35 -25.55 7.35
CA ASN Q 18 -13.19 -26.64 8.30
C ASN Q 18 -13.27 -28.00 7.61
N THR Q 19 -14.21 -28.16 6.68
CA THR Q 19 -14.31 -29.43 5.96
C THR Q 19 -13.02 -29.74 5.20
N SER Q 20 -12.46 -28.74 4.52
CA SER Q 20 -11.22 -28.94 3.79
C SER Q 20 -10.07 -29.33 4.71
N ALA Q 21 -9.95 -28.64 5.85
CA ALA Q 21 -8.87 -28.96 6.79
C ALA Q 21 -8.98 -30.39 7.33
N SER Q 22 -10.20 -30.82 7.66
CA SER Q 22 -10.39 -32.20 8.11
C SER Q 22 -9.95 -33.20 7.06
N ASP Q 23 -10.36 -32.99 5.80
CA ASP Q 23 -9.97 -33.93 4.73
C ASP Q 23 -8.44 -33.99 4.58
N LEU Q 24 -7.79 -32.83 4.66
CA LEU Q 24 -6.33 -32.82 4.50
C LEU Q 24 -5.65 -33.57 5.64
N ALA Q 25 -6.11 -33.38 6.87
CA ALA Q 25 -5.54 -34.10 8.00
C ALA Q 25 -5.69 -35.62 7.84
N THR Q 26 -6.87 -36.06 7.39
CA THR Q 26 -7.07 -37.49 7.16
C THR Q 26 -6.08 -38.04 6.14
N SER Q 27 -5.90 -37.32 5.03
CA SER Q 27 -4.98 -37.78 4.00
C SER Q 27 -3.54 -37.84 4.52
N MET Q 28 -3.13 -36.83 5.29
CA MET Q 28 -1.79 -36.80 5.87
C MET Q 28 -1.55 -38.03 6.75
N GLU Q 29 -2.53 -38.35 7.59
CA GLU Q 29 -2.43 -39.55 8.43
C GLU Q 29 -2.27 -40.81 7.60
N ARG Q 30 -3.07 -40.94 6.55
CA ARG Q 30 -3.02 -42.16 5.73
C ARG Q 30 -1.67 -42.30 5.03
N LEU Q 31 -1.10 -41.19 4.56
CA LEU Q 31 0.23 -41.27 3.93
C LEU Q 31 1.33 -41.55 4.95
N SER Q 32 1.19 -41.05 6.17
CA SER Q 32 2.20 -41.30 7.19
C SER Q 32 2.19 -42.75 7.65
N SER Q 33 1.01 -43.36 7.72
CA SER Q 33 0.90 -44.71 8.24
C SER Q 33 1.19 -45.78 7.19
N GLY Q 34 0.72 -45.56 5.97
CA GLY Q 34 0.80 -46.57 4.93
C GLY Q 34 -0.39 -47.50 4.85
N LEU Q 35 -1.44 -47.23 5.61
CA LEU Q 35 -2.62 -48.08 5.68
C LEU Q 35 -3.87 -47.28 5.33
N ARG Q 36 -4.82 -47.94 4.68
CA ARG Q 36 -6.09 -47.30 4.37
C ARG Q 36 -7.03 -47.33 5.55
N ILE Q 37 -7.00 -48.41 6.33
CA ILE Q 37 -7.91 -48.59 7.46
C ILE Q 37 -7.10 -48.38 8.73
N ASN Q 38 -7.24 -47.22 9.35
CA ASN Q 38 -6.61 -46.94 10.63
C ASN Q 38 -7.56 -47.11 11.81
N SER Q 39 -8.86 -47.15 11.56
CA SER Q 39 -9.86 -47.30 12.61
C SER Q 39 -11.06 -48.01 12.00
N ALA Q 40 -12.12 -48.18 12.81
CA ALA Q 40 -13.35 -48.72 12.27
C ALA Q 40 -14.24 -47.63 11.68
N LYS Q 41 -13.93 -46.36 11.93
CA LYS Q 41 -14.49 -45.26 11.17
C LYS Q 41 -14.33 -45.44 9.66
N ASP Q 42 -13.25 -46.10 9.24
CA ASP Q 42 -12.87 -46.19 7.84
C ASP Q 42 -13.63 -47.30 7.12
N ASP Q 43 -13.47 -48.54 7.56
CA ASP Q 43 -14.14 -49.67 6.93
C ASP Q 43 -14.26 -50.76 8.01
N ALA Q 44 -15.51 -51.09 8.39
CA ALA Q 44 -15.70 -51.96 9.54
C ALA Q 44 -15.66 -53.43 9.16
N ALA Q 45 -16.27 -53.79 8.05
CA ALA Q 45 -16.23 -55.19 7.61
C ALA Q 45 -14.85 -55.59 7.12
N GLY Q 46 -14.15 -54.68 6.45
CA GLY Q 46 -12.78 -54.95 6.04
C GLY Q 46 -11.84 -55.14 7.21
N LEU Q 47 -12.10 -54.44 8.31
CA LEU Q 47 -11.29 -54.64 9.52
C LEU Q 47 -11.37 -56.09 10.01
N ALA Q 48 -12.57 -56.66 10.09
CA ALA Q 48 -12.71 -58.02 10.58
C ALA Q 48 -12.18 -59.04 9.56
N ILE Q 49 -12.45 -58.82 8.27
CA ILE Q 49 -11.92 -59.71 7.25
C ILE Q 49 -10.40 -59.73 7.31
N SER Q 50 -9.79 -58.56 7.51
CA SER Q 50 -8.34 -58.48 7.55
C SER Q 50 -7.76 -59.04 8.84
N ASN Q 51 -8.49 -58.95 9.95
CA ASN Q 51 -8.05 -59.64 11.17
C ASN Q 51 -7.99 -61.14 10.96
N ARG Q 52 -9.00 -61.70 10.28
CA ARG Q 52 -8.97 -63.14 10.02
C ARG Q 52 -7.86 -63.54 9.05
N LEU Q 53 -7.66 -62.75 8.00
CA LEU Q 53 -6.56 -63.05 7.08
C LEU Q 53 -5.21 -62.94 7.76
N ASN Q 54 -5.09 -62.00 8.70
CA ASN Q 54 -3.86 -61.84 9.46
C ASN Q 54 -3.59 -63.05 10.34
N SER Q 55 -4.62 -63.54 11.03
CA SER Q 55 -4.48 -64.80 11.77
C SER Q 55 -4.00 -65.92 10.88
N GLN Q 56 -4.54 -66.02 9.66
CA GLN Q 56 -4.14 -67.10 8.77
C GLN Q 56 -2.66 -66.99 8.35
N VAL Q 57 -2.22 -65.79 7.99
CA VAL Q 57 -0.83 -65.61 7.57
C VAL Q 57 0.12 -65.99 8.71
N ARG Q 58 -0.15 -65.49 9.91
CA ARG Q 58 0.73 -65.74 11.04
C ARG Q 58 0.74 -67.21 11.43
N GLY Q 59 -0.43 -67.86 11.38
CA GLY Q 59 -0.49 -69.28 11.67
C GLY Q 59 0.27 -70.13 10.67
N LEU Q 60 0.21 -69.76 9.38
CA LEU Q 60 0.97 -70.51 8.38
C LEU Q 60 2.47 -70.39 8.62
N GLU Q 61 2.92 -69.21 9.04
CA GLU Q 61 4.34 -69.05 9.39
C GLU Q 61 4.75 -70.01 10.50
N VAL Q 62 4.00 -70.02 11.61
CA VAL Q 62 4.35 -70.91 12.72
C VAL Q 62 4.24 -72.38 12.31
N GLY Q 63 3.27 -72.71 11.45
CA GLY Q 63 3.11 -74.09 11.03
C GLY Q 63 4.26 -74.60 10.20
N MET Q 64 4.82 -73.75 9.33
CA MET Q 64 6.04 -74.14 8.61
C MET Q 64 7.21 -74.35 9.56
N ARG Q 65 7.28 -73.56 10.63
CA ARG Q 65 8.31 -73.82 11.62
C ARG Q 65 8.15 -75.20 12.25
N ASN Q 66 6.92 -75.57 12.63
CA ASN Q 66 6.67 -76.89 13.20
C ASN Q 66 7.00 -78.01 12.21
N ALA Q 67 6.67 -77.81 10.93
CA ALA Q 67 6.96 -78.83 9.92
C ALA Q 67 8.46 -79.05 9.78
N ASN Q 68 9.25 -77.98 9.87
CA ASN Q 68 10.69 -78.16 9.77
C ASN Q 68 11.24 -78.89 10.99
N ASP Q 69 10.65 -78.64 12.17
CA ASP Q 69 10.98 -79.42 13.36
C ASP Q 69 10.74 -80.92 13.16
N ALA Q 70 9.59 -81.27 12.58
CA ALA Q 70 9.30 -82.68 12.31
C ALA Q 70 10.32 -83.29 11.35
N ILE Q 71 10.69 -82.54 10.30
CA ILE Q 71 11.69 -83.05 9.35
C ILE Q 71 13.01 -83.30 10.06
N SER Q 72 13.39 -82.41 10.98
CA SER Q 72 14.63 -82.60 11.75
C SER Q 72 14.61 -83.89 12.55
N ILE Q 73 13.53 -84.13 13.29
CA ILE Q 73 13.42 -85.34 14.11
C ILE Q 73 13.55 -86.60 13.23
N ALA Q 74 12.78 -86.63 12.13
CA ALA Q 74 12.80 -87.82 11.27
C ALA Q 74 14.18 -88.04 10.66
N GLN Q 75 14.87 -86.95 10.31
CA GLN Q 75 16.18 -87.07 9.69
C GLN Q 75 17.22 -87.63 10.66
N ILE Q 76 17.19 -87.19 11.93
CA ILE Q 76 18.11 -87.74 12.93
C ILE Q 76 17.87 -89.23 13.13
N ALA Q 77 16.61 -89.64 13.33
CA ALA Q 77 16.34 -91.06 13.57
C ALA Q 77 16.72 -91.93 12.36
N GLU Q 78 16.35 -91.48 11.17
CA GLU Q 78 16.68 -92.22 9.96
C GLU Q 78 18.18 -92.36 9.78
N GLY Q 79 18.95 -91.32 10.11
CA GLY Q 79 20.39 -91.44 10.01
C GLY Q 79 20.99 -92.38 11.04
N ALA Q 80 20.38 -92.44 12.22
CA ALA Q 80 20.86 -93.40 13.23
C ALA Q 80 20.68 -94.84 12.80
N MET Q 81 19.61 -95.16 12.07
CA MET Q 81 19.38 -96.57 11.71
C MET Q 81 20.38 -97.15 10.69
N GLN Q 82 21.12 -96.30 9.98
CA GLN Q 82 22.07 -96.77 8.96
C GLN Q 82 23.26 -97.51 9.56
N GLU Q 83 23.80 -97.00 10.66
CA GLU Q 83 24.91 -97.69 11.33
C GLU Q 83 24.48 -99.04 11.89
N GLN Q 84 23.23 -99.12 12.35
CA GLN Q 84 22.69 -100.39 12.82
C GLN Q 84 22.62 -101.41 11.69
N THR Q 85 22.12 -100.99 10.52
CA THR Q 85 22.15 -101.85 9.33
C THR Q 85 23.56 -102.33 9.02
N ASN Q 86 24.52 -101.41 9.08
CA ASN Q 86 25.91 -101.73 8.75
C ASN Q 86 26.48 -102.80 9.67
N MET Q 87 26.24 -102.65 10.97
CA MET Q 87 26.74 -103.62 11.93
C MET Q 87 26.05 -104.97 11.78
N LEU Q 88 24.75 -104.98 11.45
CA LEU Q 88 24.09 -106.26 11.19
C LEU Q 88 24.68 -106.99 10.00
N GLN Q 89 25.05 -106.26 8.94
CA GLN Q 89 25.72 -106.89 7.82
C GLN Q 89 27.04 -107.53 8.25
N ARG Q 90 27.80 -106.82 9.09
CA ARG Q 90 29.05 -107.40 9.60
C ARG Q 90 28.81 -108.68 10.39
N MET Q 91 27.79 -108.69 11.27
CA MET Q 91 27.47 -109.90 12.02
C MET Q 91 27.05 -111.05 11.10
N ARG Q 92 26.34 -110.74 10.02
CA ARG Q 92 25.99 -111.78 9.05
C ARG Q 92 27.24 -112.42 8.45
N ASP Q 93 28.24 -111.61 8.11
CA ASP Q 93 29.48 -112.17 7.59
C ASP Q 93 30.18 -113.05 8.63
N LEU Q 94 30.21 -112.61 9.89
CA LEU Q 94 30.82 -113.43 10.94
C LEU Q 94 30.10 -114.76 11.12
N THR Q 95 28.77 -114.74 11.01
CA THR Q 95 28.00 -115.97 11.15
C THR Q 95 28.25 -116.92 9.99
N VAL Q 96 28.34 -116.41 8.76
CA VAL Q 96 28.68 -117.28 7.63
C VAL Q 96 30.08 -117.84 7.80
N GLN Q 97 30.99 -117.06 8.38
CA GLN Q 97 32.35 -117.56 8.60
C GLN Q 97 32.41 -118.64 9.67
N SER Q 98 31.47 -118.65 10.61
CA SER Q 98 31.43 -119.70 11.63
C SER Q 98 31.15 -121.09 11.06
N GLU Q 99 30.55 -121.19 9.88
CA GLU Q 99 30.20 -122.47 9.27
C GLU Q 99 31.35 -123.03 8.43
N ASN Q 100 32.46 -123.35 9.07
CA ASN Q 100 33.68 -123.75 8.38
C ASN Q 100 34.26 -124.93 9.14
N GLY Q 101 34.32 -126.09 8.49
CA GLY Q 101 34.77 -127.31 9.15
C GLY Q 101 36.23 -127.32 9.53
N ALA Q 102 36.91 -126.18 9.44
CA ALA Q 102 38.29 -126.07 9.88
C ALA Q 102 38.43 -125.19 11.12
N ASN Q 103 37.37 -124.52 11.53
CA ASN Q 103 37.38 -123.75 12.76
C ASN Q 103 37.44 -124.69 13.96
N SER Q 104 38.07 -124.22 15.03
CA SER Q 104 38.08 -124.92 16.30
C SER Q 104 37.37 -124.04 17.34
N SER Q 105 37.35 -124.48 18.60
CA SER Q 105 36.59 -123.77 19.62
C SER Q 105 37.17 -122.39 19.90
N ALA Q 106 38.48 -122.23 19.78
CA ALA Q 106 39.09 -120.92 20.00
C ALA Q 106 38.71 -119.94 18.91
N ASP Q 107 38.70 -120.39 17.66
CA ASP Q 107 38.29 -119.52 16.56
C ASP Q 107 36.82 -119.14 16.68
N LEU Q 108 35.98 -120.09 17.07
CA LEU Q 108 34.57 -119.80 17.29
C LEU Q 108 34.39 -118.79 18.41
N SER Q 109 35.21 -118.89 19.45
CA SER Q 109 35.12 -117.92 20.55
C SER Q 109 35.54 -116.53 20.10
N ALA Q 110 36.55 -116.43 19.23
CA ALA Q 110 36.95 -115.12 18.70
C ALA Q 110 35.82 -114.50 17.87
N LEU Q 111 35.27 -115.28 16.94
CA LEU Q 111 34.14 -114.82 16.14
C LEU Q 111 32.99 -114.34 17.02
N LYS Q 112 32.66 -115.11 18.07
CA LYS Q 112 31.52 -114.73 18.90
C LYS Q 112 31.82 -113.50 19.76
N ALA Q 113 33.07 -113.32 20.19
CA ALA Q 113 33.42 -112.10 20.93
C ALA Q 113 33.17 -110.86 20.09
N GLU Q 114 33.53 -110.92 18.80
CA GLU Q 114 33.23 -109.75 17.99
C GLU Q 114 31.74 -109.57 17.75
N MET Q 115 30.98 -110.66 17.59
CA MET Q 115 29.52 -110.55 17.49
C MET Q 115 28.92 -109.85 18.71
N ASP Q 116 29.39 -110.21 19.91
CA ASP Q 116 28.85 -109.58 21.12
C ASP Q 116 29.18 -108.10 21.18
N GLN Q 117 30.39 -107.71 20.79
CA GLN Q 117 30.68 -106.28 20.78
C GLN Q 117 29.79 -105.52 19.80
N LEU Q 118 29.50 -106.12 18.63
CA LEU Q 118 28.61 -105.45 17.68
C LEU Q 118 27.18 -105.33 18.22
N ALA Q 119 26.70 -106.35 18.92
CA ALA Q 119 25.36 -106.26 19.50
C ALA Q 119 25.31 -105.20 20.60
N ASN Q 120 26.38 -105.06 21.37
CA ASN Q 120 26.46 -103.99 22.36
C ASN Q 120 26.40 -102.62 21.71
N GLU Q 121 27.08 -102.43 20.59
CA GLU Q 121 27.00 -101.13 19.91
C GLU Q 121 25.63 -100.87 19.30
N ILE Q 122 24.96 -101.91 18.79
CA ILE Q 122 23.57 -101.72 18.34
C ILE Q 122 22.68 -101.26 19.48
N ASP Q 123 22.84 -101.87 20.66
CA ASP Q 123 22.05 -101.43 21.81
C ASP Q 123 22.39 -100.00 22.23
N GLU Q 124 23.67 -99.64 22.20
CA GLU Q 124 24.06 -98.28 22.58
C GLU Q 124 23.44 -97.25 21.65
N ILE Q 125 23.51 -97.47 20.33
CA ILE Q 125 22.86 -96.55 19.41
C ILE Q 125 21.35 -96.49 19.69
N GLY Q 126 20.75 -97.63 20.05
CA GLY Q 126 19.34 -97.63 20.35
C GLY Q 126 18.96 -96.77 21.54
N LYS Q 127 19.78 -96.76 22.58
CA LYS Q 127 19.43 -95.99 23.77
C LYS Q 127 20.00 -94.57 23.78
N THR Q 128 20.91 -94.24 22.87
CA THR Q 128 21.65 -92.99 23.00
C THR Q 128 21.10 -91.88 22.12
N THR Q 129 20.49 -92.23 20.98
CA THR Q 129 20.04 -91.23 20.01
C THR Q 129 18.99 -90.30 20.60
N ALA Q 130 19.19 -89.00 20.42
CA ALA Q 130 18.34 -88.01 21.06
C ALA Q 130 18.21 -86.76 20.18
N PHE Q 131 17.18 -85.98 20.48
CA PHE Q 131 17.02 -84.61 19.97
C PHE Q 131 17.16 -83.70 21.18
N GLY Q 132 18.37 -83.23 21.42
CA GLY Q 132 18.66 -82.50 22.64
C GLY Q 132 18.70 -83.45 23.81
N THR Q 133 17.57 -83.57 24.52
CA THR Q 133 17.49 -84.49 25.65
C THR Q 133 16.37 -85.51 25.55
N THR Q 134 15.55 -85.48 24.49
CA THR Q 134 14.47 -86.45 24.36
C THR Q 134 14.95 -87.62 23.50
N LYS Q 135 14.69 -88.83 23.97
CA LYS Q 135 15.14 -90.02 23.26
C LYS Q 135 14.21 -90.34 22.10
N LEU Q 136 14.77 -90.86 21.02
CA LEU Q 136 14.01 -91.12 19.79
C LEU Q 136 13.82 -92.60 19.50
N LEU Q 137 14.81 -93.44 19.76
CA LEU Q 137 14.70 -94.84 19.39
C LEU Q 137 14.42 -95.77 20.56
N ALA Q 138 13.88 -95.27 21.67
CA ALA Q 138 13.69 -96.09 22.85
C ALA Q 138 12.23 -96.49 23.07
N GLY Q 139 11.31 -95.93 22.29
CA GLY Q 139 9.90 -96.24 22.44
C GLY Q 139 9.02 -95.07 22.79
N GLY Q 140 9.53 -93.85 22.88
CA GLY Q 140 8.72 -92.71 23.22
C GLY Q 140 7.87 -92.18 22.07
N PHE Q 141 8.22 -92.54 20.84
CA PHE Q 141 7.44 -92.19 19.65
C PHE Q 141 6.68 -93.37 19.08
N SER Q 142 6.58 -94.48 19.83
CA SER Q 142 5.94 -95.68 19.32
C SER Q 142 4.48 -95.42 18.95
N ALA Q 143 3.76 -94.70 19.80
CA ALA Q 143 2.55 -94.00 19.39
C ALA Q 143 2.96 -92.58 19.06
N GLY Q 144 2.74 -92.17 17.81
CA GLY Q 144 3.39 -90.98 17.30
C GLY Q 144 3.02 -89.72 18.05
N LYS Q 145 3.77 -88.67 17.78
CA LYS Q 145 3.50 -87.32 18.26
C LYS Q 145 2.99 -86.46 17.11
N ASN Q 146 2.12 -85.52 17.42
CA ASN Q 146 1.55 -84.65 16.40
C ASN Q 146 2.27 -83.30 16.35
N PHE Q 147 2.44 -82.79 15.14
CA PHE Q 147 2.94 -81.45 14.89
C PHE Q 147 1.84 -80.72 14.13
N GLN Q 148 1.38 -79.59 14.64
CA GLN Q 148 0.37 -78.83 13.92
C GLN Q 148 1.04 -78.02 12.81
N VAL Q 149 0.77 -78.39 11.57
CA VAL Q 149 1.45 -77.78 10.43
C VAL Q 149 0.59 -76.75 9.72
N GLY Q 150 -0.59 -76.43 10.24
CA GLY Q 150 -1.45 -75.43 9.67
C GLY Q 150 -1.84 -74.38 10.70
N ALA Q 151 -2.76 -73.51 10.28
CA ALA Q 151 -3.21 -72.42 11.13
C ALA Q 151 -4.40 -72.79 12.00
N GLN Q 152 -5.16 -73.82 11.63
CA GLN Q 152 -6.35 -74.22 12.35
C GLN Q 152 -6.14 -75.52 13.08
N ASP Q 153 -6.98 -75.75 14.08
CA ASP Q 153 -6.88 -76.96 14.90
C ASP Q 153 -7.25 -78.20 14.12
N GLY Q 154 -6.46 -79.25 14.29
CA GLY Q 154 -6.69 -80.50 13.61
C GLY Q 154 -5.89 -80.71 12.35
N GLU Q 155 -5.21 -79.67 11.86
CA GLU Q 155 -4.39 -79.75 10.66
C GLU Q 155 -2.96 -80.08 11.09
N ASP Q 156 -2.66 -81.37 11.15
CA ASP Q 156 -1.43 -81.84 11.75
C ASP Q 156 -1.00 -83.18 11.21
N ILE Q 157 0.29 -83.50 11.43
CA ILE Q 157 0.94 -84.68 10.89
C ILE Q 157 1.55 -85.44 12.05
N LYS Q 158 1.51 -86.77 11.99
CA LYS Q 158 1.96 -87.62 13.07
C LYS Q 158 3.26 -88.33 12.69
N VAL Q 159 4.25 -88.27 13.58
CA VAL Q 159 5.55 -88.89 13.35
C VAL Q 159 5.71 -90.07 14.32
N THR Q 160 5.91 -91.25 13.77
CA THR Q 160 5.93 -92.50 14.53
C THR Q 160 7.29 -93.17 14.36
N VAL Q 161 7.93 -93.51 15.49
CA VAL Q 161 9.17 -94.27 15.49
C VAL Q 161 9.05 -95.35 16.55
N LYS Q 162 9.35 -96.59 16.19
CA LYS Q 162 9.34 -97.69 17.14
C LYS Q 162 10.73 -97.92 17.70
N ALA Q 163 10.79 -98.69 18.78
CA ALA Q 163 12.07 -98.96 19.44
C ALA Q 163 12.90 -99.93 18.61
N SER Q 164 14.20 -99.63 18.50
CA SER Q 164 15.13 -100.49 17.77
C SER Q 164 16.42 -100.61 18.57
N ASN Q 165 16.63 -101.78 19.13
CA ASN Q 165 17.76 -102.09 19.99
C ASN Q 165 17.93 -103.60 19.95
N LYS Q 166 18.96 -104.11 20.64
CA LYS Q 166 19.26 -105.53 20.48
C LYS Q 166 18.22 -106.42 21.14
N SER Q 167 17.29 -105.85 21.91
CA SER Q 167 16.28 -106.66 22.57
C SER Q 167 15.03 -106.77 21.72
N SER Q 168 14.64 -105.67 21.07
CA SER Q 168 13.46 -105.70 20.22
C SER Q 168 13.75 -106.31 18.86
N LEU Q 169 15.01 -106.29 18.42
CA LEU Q 169 15.41 -106.92 17.18
C LEU Q 169 15.76 -108.39 17.33
N SER Q 170 15.74 -108.91 18.56
CA SER Q 170 15.99 -110.32 18.86
C SER Q 170 17.39 -110.78 18.44
N VAL Q 171 18.39 -109.90 18.51
CA VAL Q 171 19.77 -110.27 18.21
C VAL Q 171 20.66 -110.23 19.45
N GLY Q 172 20.07 -110.17 20.65
CA GLY Q 172 20.83 -110.02 21.86
C GLY Q 172 21.32 -111.30 22.50
N SER Q 173 21.07 -112.46 21.87
CA SER Q 173 21.51 -113.74 22.43
C SER Q 173 21.79 -114.75 21.33
N LEU Q 174 22.76 -114.47 20.47
CA LEU Q 174 23.02 -115.34 19.33
C LEU Q 174 24.20 -116.25 19.64
N GLY Q 175 24.13 -117.47 19.12
CA GLY Q 175 25.19 -118.43 19.34
C GLY Q 175 25.72 -118.96 18.03
N ASN Q 176 26.89 -119.58 18.10
CA ASN Q 176 27.52 -120.09 16.91
C ASN Q 176 28.25 -121.41 17.16
N THR Q 177 27.98 -122.07 18.26
CA THR Q 177 28.77 -123.24 18.65
C THR Q 177 28.20 -124.55 18.09
N THR Q 178 26.99 -124.51 17.52
CA THR Q 178 26.32 -125.69 16.98
C THR Q 178 25.66 -125.32 15.66
N SER Q 179 25.49 -126.32 14.79
CA SER Q 179 24.91 -126.11 13.47
C SER Q 179 23.53 -125.44 13.56
N ALA Q 180 22.67 -125.92 14.46
CA ALA Q 180 21.34 -125.33 14.60
C ALA Q 180 21.41 -123.91 15.14
N ALA Q 181 22.39 -123.63 16.00
CA ALA Q 181 22.55 -122.27 16.52
C ALA Q 181 22.95 -121.31 15.41
N ARG Q 182 23.82 -121.75 14.49
CA ARG Q 182 24.19 -120.92 13.35
C ARG Q 182 23.00 -120.67 12.44
N ALA Q 183 22.21 -121.71 12.16
CA ALA Q 183 21.02 -121.51 11.32
C ALA Q 183 20.07 -120.50 11.95
N SER Q 184 19.83 -120.63 13.26
CA SER Q 184 18.93 -119.73 13.94
C SER Q 184 19.46 -118.29 13.93
N SER Q 185 20.76 -118.12 14.14
CA SER Q 185 21.34 -116.77 14.12
C SER Q 185 21.23 -116.14 12.74
N LEU Q 186 21.45 -116.92 11.69
CA LEU Q 186 21.30 -116.38 10.34
C LEU Q 186 19.87 -115.88 10.11
N LYS Q 187 18.87 -116.68 10.49
CA LYS Q 187 17.49 -116.26 10.27
C LYS Q 187 17.16 -114.99 11.04
N LYS Q 188 17.60 -114.88 12.30
CA LYS Q 188 17.23 -113.68 13.04
C LYS Q 188 17.97 -112.44 12.57
N ILE Q 189 19.22 -112.56 12.12
CA ILE Q 189 19.88 -111.38 11.56
C ILE Q 189 19.18 -110.91 10.29
N ASP Q 190 18.77 -111.83 9.42
CA ASP Q 190 18.05 -111.42 8.22
C ASP Q 190 16.73 -110.74 8.56
N ALA Q 191 16.01 -111.26 9.55
CA ALA Q 191 14.76 -110.64 9.95
C ALA Q 191 14.99 -109.22 10.49
N ALA Q 192 16.05 -109.02 11.27
CA ALA Q 192 16.33 -107.70 11.81
C ALA Q 192 16.62 -106.69 10.69
N ILE Q 193 17.40 -107.11 9.69
CA ILE Q 193 17.65 -106.23 8.55
C ILE Q 193 16.32 -105.84 7.90
N LYS Q 194 15.40 -106.80 7.76
CA LYS Q 194 14.10 -106.48 7.16
C LYS Q 194 13.32 -105.44 7.96
N THR Q 195 13.28 -105.57 9.29
CA THR Q 195 12.46 -104.63 10.06
C THR Q 195 13.06 -103.23 10.04
N ILE Q 196 14.39 -103.11 10.06
CA ILE Q 196 14.97 -101.78 9.93
C ILE Q 196 14.66 -101.17 8.58
N ASP Q 197 14.69 -101.96 7.50
CA ASP Q 197 14.29 -101.44 6.20
C ASP Q 197 12.87 -100.88 6.23
N ALA Q 198 11.93 -101.59 6.86
CA ALA Q 198 10.56 -101.09 6.90
C ALA Q 198 10.45 -99.76 7.64
N GLN Q 199 11.12 -99.65 8.79
CA GLN Q 199 11.10 -98.38 9.52
C GLN Q 199 11.67 -97.23 8.70
N ARG Q 200 12.78 -97.47 8.01
CA ARG Q 200 13.38 -96.41 7.20
C ARG Q 200 12.46 -96.00 6.05
N ALA Q 201 11.74 -96.96 5.48
CA ALA Q 201 10.77 -96.65 4.43
C ALA Q 201 9.70 -95.68 4.93
N ASP Q 202 9.12 -95.97 6.10
CA ASP Q 202 8.08 -95.07 6.61
C ASP Q 202 8.62 -93.67 6.93
N LEU Q 203 9.82 -93.58 7.50
CA LEU Q 203 10.35 -92.24 7.77
C LEU Q 203 10.62 -91.46 6.48
N GLY Q 204 11.08 -92.14 5.42
CA GLY Q 204 11.28 -91.46 4.15
C GLY Q 204 9.99 -90.94 3.56
N ALA Q 205 8.93 -91.75 3.62
CA ALA Q 205 7.63 -91.27 3.15
C ALA Q 205 7.17 -90.04 3.91
N ILE Q 206 7.35 -90.03 5.24
CA ILE Q 206 6.99 -88.85 6.02
C ILE Q 206 7.75 -87.61 5.57
N GLN Q 207 9.05 -87.74 5.30
CA GLN Q 207 9.82 -86.58 4.88
C GLN Q 207 9.35 -86.03 3.54
N ASN Q 208 9.07 -86.91 2.58
CA ASN Q 208 8.53 -86.44 1.29
C ASN Q 208 7.23 -85.68 1.47
N ARG Q 209 6.32 -86.24 2.27
CA ARG Q 209 5.05 -85.58 2.55
C ARG Q 209 5.23 -84.19 3.16
N LEU Q 210 6.15 -84.06 4.12
CA LEU Q 210 6.35 -82.75 4.74
C LEU Q 210 6.94 -81.74 3.77
N ALA Q 211 7.77 -82.20 2.83
CA ALA Q 211 8.30 -81.29 1.82
C ALA Q 211 7.16 -80.70 0.97
N HIS Q 212 6.30 -81.57 0.44
CA HIS Q 212 5.15 -81.07 -0.33
C HIS Q 212 4.28 -80.11 0.49
N ASN Q 213 4.07 -80.41 1.77
CA ASN Q 213 3.19 -79.58 2.58
C ASN Q 213 3.79 -78.19 2.81
N ILE Q 214 5.11 -78.12 3.04
CA ILE Q 214 5.74 -76.81 3.23
C ILE Q 214 5.68 -75.99 1.95
N SER Q 215 5.88 -76.64 0.80
CA SER Q 215 5.77 -75.92 -0.48
C SER Q 215 4.37 -75.31 -0.66
N ASN Q 216 3.33 -76.10 -0.37
CA ASN Q 216 1.97 -75.58 -0.52
C ASN Q 216 1.69 -74.43 0.45
N SER Q 217 2.23 -74.50 1.67
CA SER Q 217 2.01 -73.42 2.63
C SER Q 217 2.68 -72.12 2.18
N ALA Q 218 3.87 -72.22 1.59
CA ALA Q 218 4.51 -71.01 1.07
C ALA Q 218 3.69 -70.36 -0.02
N ASN Q 219 3.21 -71.17 -0.98
CA ASN Q 219 2.29 -70.64 -2.01
C ASN Q 219 1.11 -69.91 -1.38
N THR Q 220 0.42 -70.57 -0.44
CA THR Q 220 -0.81 -70.00 0.10
C THR Q 220 -0.53 -68.74 0.89
N GLN Q 221 0.59 -68.69 1.61
CA GLN Q 221 0.96 -67.47 2.32
C GLN Q 221 1.13 -66.31 1.37
N ALA Q 222 1.84 -66.51 0.25
CA ALA Q 222 1.97 -65.43 -0.72
C ALA Q 222 0.62 -64.94 -1.23
N ASN Q 223 -0.26 -65.86 -1.63
CA ASN Q 223 -1.55 -65.45 -2.19
C ASN Q 223 -2.43 -64.74 -1.16
N VAL Q 224 -2.41 -65.20 0.10
CA VAL Q 224 -3.24 -64.58 1.13
C VAL Q 224 -2.70 -63.21 1.53
N ALA Q 225 -1.38 -63.03 1.54
CA ALA Q 225 -0.82 -61.71 1.83
C ALA Q 225 -1.17 -60.73 0.72
N ASP Q 226 -1.13 -61.18 -0.54
CA ASP Q 226 -1.66 -60.35 -1.64
C ASP Q 226 -3.11 -59.94 -1.39
N ALA Q 227 -3.96 -60.91 -1.04
CA ALA Q 227 -5.37 -60.63 -0.79
C ALA Q 227 -5.55 -59.60 0.32
N LYS Q 228 -4.79 -59.73 1.41
CA LYS Q 228 -4.91 -58.77 2.51
C LYS Q 228 -4.42 -57.39 2.13
N SER Q 229 -3.35 -57.32 1.35
CA SER Q 229 -2.83 -56.04 0.90
C SER Q 229 -3.86 -55.29 0.06
N ARG Q 230 -4.62 -56.03 -0.76
CA ARG Q 230 -5.66 -55.37 -1.56
C ARG Q 230 -6.70 -54.68 -0.69
N ILE Q 231 -6.86 -55.10 0.56
CA ILE Q 231 -7.90 -54.54 1.43
C ILE Q 231 -7.35 -53.47 2.36
N VAL Q 232 -6.16 -53.66 2.92
CA VAL Q 232 -5.70 -52.86 4.05
C VAL Q 232 -4.81 -51.70 3.61
N ASP Q 233 -3.96 -51.90 2.62
CA ASP Q 233 -2.91 -50.92 2.30
C ASP Q 233 -3.46 -49.74 1.51
N VAL Q 234 -2.72 -48.63 1.58
CA VAL Q 234 -3.13 -47.39 0.92
C VAL Q 234 -2.53 -47.35 -0.48
N ASP Q 235 -3.17 -46.58 -1.35
CA ASP Q 235 -2.69 -46.30 -2.70
C ASP Q 235 -2.04 -44.92 -2.70
N PHE Q 236 -0.74 -44.87 -2.98
CA PHE Q 236 -0.03 -43.61 -2.93
C PHE Q 236 -0.41 -42.68 -4.08
N ALA Q 237 -0.61 -43.25 -5.27
CA ALA Q 237 -0.94 -42.44 -6.44
C ALA Q 237 -2.26 -41.70 -6.26
N LYS Q 238 -3.22 -42.31 -5.57
CA LYS Q 238 -4.51 -41.68 -5.34
C LYS Q 238 -4.47 -40.72 -4.17
N GLU Q 239 -3.73 -41.09 -3.12
CA GLU Q 239 -3.80 -40.37 -1.87
C GLU Q 239 -3.01 -39.07 -1.96
N THR Q 240 -1.91 -39.06 -2.72
CA THR Q 240 -1.17 -37.82 -2.93
C THR Q 240 -1.99 -36.82 -3.73
N SER Q 241 -2.78 -37.30 -4.69
CA SER Q 241 -3.65 -36.41 -5.45
C SER Q 241 -4.70 -35.78 -4.57
N GLN Q 242 -5.34 -36.59 -3.72
CA GLN Q 242 -6.30 -36.02 -2.78
C GLN Q 242 -5.66 -34.99 -1.85
N MET Q 243 -4.43 -35.27 -1.40
CA MET Q 243 -3.75 -34.32 -0.52
C MET Q 243 -3.54 -32.97 -1.20
N THR Q 244 -3.05 -32.99 -2.44
CA THR Q 244 -2.81 -31.73 -3.16
C THR Q 244 -4.10 -30.97 -3.41
N LYS Q 245 -5.17 -31.67 -3.76
CA LYS Q 245 -6.46 -31.00 -3.93
C LYS Q 245 -6.89 -30.28 -2.67
N ASN Q 246 -6.78 -30.94 -1.51
CA ASN Q 246 -7.23 -30.30 -0.28
C ASN Q 246 -6.31 -29.16 0.14
N GLN Q 247 -5.02 -29.23 -0.18
CA GLN Q 247 -4.12 -28.10 0.03
C GLN Q 247 -4.61 -26.86 -0.70
N VAL Q 248 -4.86 -27.00 -2.01
CA VAL Q 248 -5.33 -25.85 -2.78
C VAL Q 248 -6.65 -25.32 -2.24
N LEU Q 249 -7.57 -26.21 -1.87
CA LEU Q 249 -8.85 -25.75 -1.34
C LEU Q 249 -8.67 -25.01 -0.02
N GLN Q 250 -7.72 -25.43 0.81
CA GLN Q 250 -7.46 -24.69 2.04
C GLN Q 250 -7.02 -23.27 1.76
N GLN Q 251 -6.09 -23.09 0.82
CA GLN Q 251 -5.62 -21.74 0.51
C GLN Q 251 -6.75 -20.87 -0.05
N THR Q 252 -7.58 -21.45 -0.93
CA THR Q 252 -8.70 -20.69 -1.48
C THR Q 252 -9.72 -20.32 -0.42
N GLY Q 253 -10.05 -21.26 0.46
CA GLY Q 253 -11.04 -20.97 1.50
C GLY Q 253 -10.54 -19.96 2.51
N SER Q 254 -9.25 -20.01 2.83
CA SER Q 254 -8.66 -18.99 3.70
C SER Q 254 -8.79 -17.60 3.08
N ALA Q 255 -8.40 -17.47 1.81
CA ALA Q 255 -8.54 -16.18 1.13
C ALA Q 255 -9.99 -15.70 1.12
N MET Q 256 -10.93 -16.62 0.89
CA MET Q 256 -12.32 -16.22 0.74
C MET Q 256 -12.92 -15.81 2.09
N LEU Q 257 -12.52 -16.47 3.17
CA LEU Q 257 -12.99 -16.09 4.49
C LEU Q 257 -12.41 -14.75 4.92
N ALA Q 258 -11.13 -14.52 4.63
CA ALA Q 258 -10.53 -13.23 4.95
C ALA Q 258 -11.21 -12.10 4.19
N GLN Q 259 -11.62 -12.35 2.95
CA GLN Q 259 -12.36 -11.34 2.20
C GLN Q 259 -13.79 -11.21 2.70
N ALA Q 260 -14.35 -12.28 3.27
CA ALA Q 260 -15.73 -12.22 3.75
C ALA Q 260 -15.86 -11.43 5.04
N ASN Q 261 -14.83 -11.47 5.90
CA ASN Q 261 -14.92 -10.69 7.14
C ASN Q 261 -14.85 -9.18 6.95
N GLN Q 262 -14.70 -8.68 5.73
CA GLN Q 262 -14.65 -7.24 5.50
C GLN Q 262 -15.96 -6.66 4.96
N LEU Q 263 -17.05 -7.41 5.00
CA LEU Q 263 -18.32 -6.91 4.44
C LEU Q 263 -19.03 -5.86 5.28
N PRO Q 264 -19.00 -5.90 6.63
CA PRO Q 264 -19.71 -4.85 7.39
C PRO Q 264 -19.13 -3.46 7.25
N GLN Q 265 -18.11 -3.25 6.41
CA GLN Q 265 -17.52 -1.93 6.29
C GLN Q 265 -18.20 -1.04 5.26
N VAL Q 266 -19.26 -1.52 4.61
CA VAL Q 266 -20.03 -0.64 3.72
C VAL Q 266 -20.85 0.35 4.54
N ALA Q 267 -21.21 -0.04 5.75
CA ALA Q 267 -22.00 0.83 6.61
C ALA Q 267 -21.23 2.09 6.97
N LEU Q 268 -19.93 1.97 7.21
CA LEU Q 268 -19.11 3.15 7.50
C LEU Q 268 -19.12 4.11 6.32
N SER Q 269 -19.21 3.59 5.10
CA SER Q 269 -19.34 4.46 3.93
C SER Q 269 -20.69 5.16 3.93
N LEU Q 270 -21.76 4.43 4.22
CA LEU Q 270 -23.07 5.08 4.27
C LEU Q 270 -23.16 6.07 5.44
N LEU Q 271 -22.33 5.88 6.45
CA LEU Q 271 -22.45 6.63 7.69
C LEU Q 271 -21.60 7.89 7.66
N ALA R 1 -40.39 17.57 23.55
CA ALA R 1 -39.82 18.73 24.24
C ALA R 1 -38.41 19.02 23.75
N ILE R 2 -38.01 20.28 23.87
CA ILE R 2 -36.66 20.71 23.55
C ILE R 2 -36.01 21.13 24.86
N THR R 3 -35.16 20.27 25.41
CA THR R 3 -34.57 20.51 26.72
C THR R 3 -33.06 20.51 26.63
N VAL R 4 -32.43 21.18 27.59
CA VAL R 4 -30.98 21.32 27.61
C VAL R 4 -30.35 20.57 28.78
N ASN R 5 -31.11 20.39 29.86
CA ASN R 5 -30.52 19.92 31.12
C ASN R 5 -30.32 18.42 31.19
N THR R 6 -31.02 17.65 30.35
CA THR R 6 -30.91 16.20 30.37
C THR R 6 -30.96 15.69 28.94
N ASN R 7 -30.11 14.72 28.62
CA ASN R 7 -29.99 14.20 27.27
C ASN R 7 -29.97 12.68 27.39
N VAL R 8 -31.05 12.02 26.96
CA VAL R 8 -31.20 10.60 27.19
C VAL R 8 -30.60 9.79 26.04
N THR R 9 -30.69 10.34 24.83
CA THR R 9 -30.07 9.68 23.68
C THR R 9 -28.58 9.51 23.89
N SER R 10 -27.94 10.49 24.51
CA SER R 10 -26.52 10.39 24.81
C SER R 10 -26.24 9.28 25.81
N LEU R 11 -27.09 9.15 26.84
CA LEU R 11 -26.90 8.09 27.82
C LEU R 11 -26.98 6.71 27.17
N LYS R 12 -27.96 6.52 26.30
CA LYS R 12 -28.11 5.22 25.65
C LYS R 12 -26.96 4.94 24.69
N ALA R 13 -26.51 5.97 23.96
CA ALA R 13 -25.36 5.79 23.08
C ALA R 13 -24.10 5.44 23.86
N GLN R 14 -23.91 6.07 25.02
CA GLN R 14 -22.79 5.73 25.88
C GLN R 14 -22.83 4.26 26.28
N LYS R 15 -23.99 3.76 26.66
CA LYS R 15 -24.05 2.38 27.11
C LYS R 15 -23.76 1.40 25.96
N ASN R 16 -24.29 1.68 24.77
CA ASN R 16 -23.99 0.81 23.64
C ASN R 16 -22.51 0.81 23.30
N LEU R 17 -21.89 2.00 23.30
CA LEU R 17 -20.47 2.09 22.97
C LEU R 17 -19.61 1.33 23.99
N ASN R 18 -19.99 1.40 25.26
CA ASN R 18 -19.25 0.66 26.28
C ASN R 18 -19.38 -0.84 26.09
N THR R 19 -20.58 -1.32 25.76
CA THR R 19 -20.76 -2.75 25.51
C THR R 19 -19.89 -3.23 24.36
N SER R 20 -19.85 -2.46 23.27
CA SER R 20 -19.02 -2.83 22.13
C SER R 20 -17.54 -2.87 22.49
N ALA R 21 -17.07 -1.87 23.24
CA ALA R 21 -15.66 -1.84 23.62
C ALA R 21 -15.28 -3.04 24.49
N SER R 22 -16.15 -3.40 25.43
CA SER R 22 -15.88 -4.58 26.26
C SER R 22 -15.77 -5.84 25.42
N ASP R 23 -16.70 -6.03 24.47
CA ASP R 23 -16.65 -7.23 23.63
C ASP R 23 -15.35 -7.28 22.82
N LEU R 24 -14.93 -6.13 22.29
CA LEU R 24 -13.71 -6.11 21.49
C LEU R 24 -12.48 -6.45 22.33
N ALA R 25 -12.41 -5.91 23.55
CA ALA R 25 -11.28 -6.23 24.43
C ALA R 25 -11.24 -7.72 24.74
N THR R 26 -12.39 -8.34 25.02
CA THR R 26 -12.42 -9.77 25.27
C THR R 26 -11.88 -10.57 24.09
N SER R 27 -12.32 -10.22 22.88
CA SER R 27 -11.87 -10.93 21.69
C SER R 27 -10.35 -10.77 21.49
N MET R 28 -9.84 -9.56 21.71
CA MET R 28 -8.40 -9.31 21.58
C MET R 28 -7.61 -10.19 22.53
N GLU R 29 -8.06 -10.29 23.78
CA GLU R 29 -7.41 -11.16 24.76
C GLU R 29 -7.39 -12.61 24.30
N ARG R 30 -8.53 -13.09 23.80
CA ARG R 30 -8.62 -14.49 23.39
C ARG R 30 -7.70 -14.79 22.21
N LEU R 31 -7.58 -13.85 21.26
CA LEU R 31 -6.66 -14.07 20.14
C LEU R 31 -5.21 -13.99 20.58
N SER R 32 -4.90 -13.13 21.55
CA SER R 32 -3.52 -13.03 22.01
C SER R 32 -3.08 -14.27 22.77
N SER R 33 -3.99 -14.87 23.54
CA SER R 33 -3.63 -16.01 24.38
C SER R 33 -3.65 -17.32 23.63
N GLY R 34 -4.62 -17.52 22.74
CA GLY R 34 -4.81 -18.79 22.08
C GLY R 34 -5.75 -19.74 22.78
N LEU R 35 -6.41 -19.30 23.85
CA LEU R 35 -7.27 -20.13 24.67
C LEU R 35 -8.67 -19.52 24.74
N ARG R 36 -9.68 -20.38 24.78
CA ARG R 36 -11.05 -19.92 24.94
C ARG R 36 -11.38 -19.63 26.39
N ILE R 37 -10.83 -20.41 27.31
CA ILE R 37 -11.12 -20.27 28.73
C ILE R 37 -9.90 -19.66 29.40
N ASN R 38 -9.96 -18.37 29.69
CA ASN R 38 -8.90 -17.69 30.42
C ASN R 38 -9.21 -17.53 31.91
N SER R 39 -10.47 -17.69 32.31
CA SER R 39 -10.89 -17.55 33.69
C SER R 39 -12.08 -18.47 33.91
N ALA R 40 -12.65 -18.41 35.11
CA ALA R 40 -13.89 -19.14 35.35
C ALA R 40 -15.11 -18.32 34.99
N LYS R 41 -14.94 -17.03 34.72
CA LYS R 41 -15.97 -16.23 34.06
C LYS R 41 -16.42 -16.86 32.76
N ASP R 42 -15.54 -17.57 32.07
CA ASP R 42 -15.78 -18.06 30.72
C ASP R 42 -16.58 -19.37 30.74
N ASP R 43 -16.03 -20.41 31.36
CA ASP R 43 -16.69 -21.71 31.43
C ASP R 43 -16.17 -22.41 32.66
N ALA R 44 -17.04 -22.67 33.64
CA ALA R 44 -16.58 -23.14 34.94
C ALA R 44 -16.45 -24.66 34.97
N ALA R 45 -17.40 -25.38 34.38
CA ALA R 45 -17.31 -26.83 34.34
C ALA R 45 -16.22 -27.31 33.40
N GLY R 46 -16.04 -26.61 32.28
CA GLY R 46 -14.95 -26.95 31.38
C GLY R 46 -13.59 -26.74 31.99
N LEU R 47 -13.46 -25.75 32.87
CA LEU R 47 -12.21 -25.54 33.58
C LEU R 47 -11.81 -26.76 34.40
N ALA R 48 -12.75 -27.33 35.16
CA ALA R 48 -12.42 -28.49 35.98
C ALA R 48 -12.22 -29.74 35.14
N ILE R 49 -13.05 -29.93 34.11
CA ILE R 49 -12.86 -31.08 33.23
C ILE R 49 -11.48 -31.02 32.58
N SER R 50 -11.04 -29.83 32.18
CA SER R 50 -9.76 -29.67 31.53
C SER R 50 -8.60 -29.80 32.50
N ASN R 51 -8.78 -29.39 33.76
CA ASN R 51 -7.76 -29.66 34.77
C ASN R 51 -7.54 -31.15 34.94
N ARG R 52 -8.62 -31.94 34.97
CA ARG R 52 -8.47 -33.39 35.11
C ARG R 52 -7.82 -34.01 33.87
N LEU R 53 -8.22 -33.57 32.68
CA LEU R 53 -7.59 -34.11 31.47
C LEU R 53 -6.11 -33.73 31.40
N ASN R 54 -5.77 -32.55 31.92
CA ASN R 54 -4.38 -32.12 31.95
C ASN R 54 -3.56 -32.99 32.88
N SER R 55 -4.10 -33.29 34.07
CA SER R 55 -3.43 -34.25 34.96
C SER R 55 -3.20 -35.58 34.27
N GLN R 56 -4.17 -36.06 33.50
CA GLN R 56 -4.02 -37.34 32.83
C GLN R 56 -2.91 -37.31 31.77
N VAL R 57 -2.87 -36.26 30.96
CA VAL R 57 -1.84 -36.15 29.91
C VAL R 57 -0.45 -36.14 30.55
N ARG R 58 -0.27 -35.31 31.57
CA ARG R 58 1.04 -35.16 32.19
C ARG R 58 1.47 -36.45 32.89
N GLY R 59 0.52 -37.13 33.54
CA GLY R 59 0.83 -38.39 34.19
C GLY R 59 1.22 -39.48 33.20
N LEU R 60 0.56 -39.52 32.04
CA LEU R 60 0.95 -40.51 31.03
C LEU R 60 2.36 -40.26 30.52
N GLU R 61 2.74 -38.99 30.36
CA GLU R 61 4.10 -38.68 29.97
C GLU R 61 5.12 -39.24 30.97
N VAL R 62 4.92 -38.93 32.26
CA VAL R 62 5.86 -39.44 33.27
C VAL R 62 5.84 -40.95 33.36
N GLY R 63 4.67 -41.57 33.14
CA GLY R 63 4.59 -43.02 33.21
C GLY R 63 5.35 -43.72 32.10
N MET R 64 5.32 -43.15 30.89
CA MET R 64 6.16 -43.70 29.82
C MET R 64 7.65 -43.56 30.15
N ARG R 65 8.02 -42.47 30.82
CA ARG R 65 9.42 -42.38 31.27
C ARG R 65 9.77 -43.52 32.23
N ASN R 66 8.91 -43.79 33.21
CA ASN R 66 9.16 -44.89 34.15
C ASN R 66 9.22 -46.25 33.44
N ALA R 67 8.35 -46.45 32.44
CA ALA R 67 8.36 -47.72 31.71
C ALA R 67 9.67 -47.92 30.97
N ASN R 68 10.22 -46.85 30.41
CA ASN R 68 11.49 -46.99 29.70
C ASN R 68 12.63 -47.27 30.68
N ASP R 69 12.55 -46.71 31.89
CA ASP R 69 13.50 -47.08 32.95
C ASP R 69 13.46 -48.57 33.27
N ALA R 70 12.25 -49.13 33.39
CA ALA R 70 12.13 -50.57 33.65
C ALA R 70 12.72 -51.41 32.52
N ILE R 71 12.47 -51.00 31.27
CA ILE R 71 13.04 -51.72 30.14
C ILE R 71 14.57 -51.70 30.19
N SER R 72 15.14 -50.56 30.59
CA SER R 72 16.59 -50.45 30.71
C SER R 72 17.15 -51.44 31.74
N ILE R 73 16.54 -51.49 32.93
CA ILE R 73 17.00 -52.40 33.97
C ILE R 73 16.96 -53.84 33.48
N ALA R 74 15.82 -54.25 32.91
CA ALA R 74 15.67 -55.63 32.47
C ALA R 74 16.67 -55.98 31.38
N GLN R 75 16.94 -55.03 30.49
CA GLN R 75 17.87 -55.27 29.39
C GLN R 75 19.30 -55.46 29.88
N ILE R 76 19.73 -54.67 30.86
CA ILE R 76 21.07 -54.85 31.43
C ILE R 76 21.21 -56.22 32.10
N ALA R 77 20.24 -56.60 32.94
CA ALA R 77 20.35 -57.89 33.64
C ALA R 77 20.33 -59.06 32.66
N GLU R 78 19.41 -59.02 31.69
CA GLU R 78 19.32 -60.07 30.69
C GLU R 78 20.59 -60.20 29.89
N GLY R 79 21.25 -59.08 29.56
CA GLY R 79 22.51 -59.16 28.85
C GLY R 79 23.63 -59.73 29.68
N ALA R 80 23.62 -59.45 30.99
CA ALA R 80 24.63 -60.03 31.88
C ALA R 80 24.54 -61.55 31.95
N MET R 81 23.33 -62.12 31.90
CA MET R 81 23.21 -63.58 32.06
C MET R 81 23.77 -64.39 30.88
N GLN R 82 23.98 -63.78 29.72
CA GLN R 82 24.46 -64.50 28.54
C GLN R 82 25.90 -64.97 28.69
N GLU R 83 26.78 -64.14 29.25
CA GLU R 83 28.16 -64.55 29.48
C GLU R 83 28.24 -65.67 30.50
N GLN R 84 27.35 -65.66 31.49
CA GLN R 84 27.29 -66.74 32.46
C GLN R 84 26.92 -68.05 31.78
N THR R 85 25.91 -68.03 30.92
CA THR R 85 25.57 -69.22 30.12
C THR R 85 26.77 -69.71 29.32
N ASN R 86 27.50 -68.79 28.69
CA ASN R 86 28.64 -69.13 27.85
C ASN R 86 29.72 -69.85 28.65
N MET R 87 30.04 -69.31 29.84
CA MET R 87 31.06 -69.93 30.67
C MET R 87 30.62 -71.28 31.19
N LEU R 88 29.33 -71.45 31.51
CA LEU R 88 28.85 -72.77 31.93
C LEU R 88 28.99 -73.81 30.82
N GLN R 89 28.74 -73.41 29.57
CA GLN R 89 28.97 -74.34 28.46
C GLN R 89 30.44 -74.76 28.38
N ARG R 90 31.34 -73.80 28.58
CA ARG R 90 32.78 -74.14 28.59
C ARG R 90 33.11 -75.13 29.70
N MET R 91 32.59 -74.92 30.91
CA MET R 91 32.84 -75.86 32.01
C MET R 91 32.27 -77.24 31.71
N ARG R 92 31.12 -77.30 31.05
CA ARG R 92 30.58 -78.60 30.64
C ARG R 92 31.54 -79.34 29.71
N ASP R 93 32.14 -78.65 28.76
CA ASP R 93 33.13 -79.29 27.89
C ASP R 93 34.34 -79.77 28.68
N LEU R 94 34.83 -78.98 29.63
CA LEU R 94 35.96 -79.40 30.45
C LEU R 94 35.62 -80.65 31.28
N THR R 95 34.39 -80.71 31.79
CA THR R 95 33.98 -81.88 32.56
C THR R 95 33.88 -83.13 31.70
N VAL R 96 33.35 -83.00 30.48
CA VAL R 96 33.31 -84.15 29.60
C VAL R 96 34.73 -84.60 29.24
N GLN R 97 35.64 -83.65 29.12
CA GLN R 97 37.03 -84.00 28.81
C GLN R 97 37.73 -84.70 29.97
N SER R 98 37.28 -84.45 31.21
CA SER R 98 37.88 -85.14 32.35
C SER R 98 37.62 -86.65 32.35
N GLU R 99 36.61 -87.12 31.64
CA GLU R 99 36.26 -88.54 31.61
C GLU R 99 37.02 -89.28 30.51
N ASN R 100 38.33 -89.35 30.63
CA ASN R 100 39.19 -89.90 29.59
C ASN R 100 40.24 -90.77 30.26
N GLY R 101 40.21 -92.07 29.97
CA GLY R 101 41.10 -93.00 30.65
C GLY R 101 42.56 -92.85 30.30
N ALA R 102 42.93 -91.77 29.63
CA ALA R 102 44.32 -91.47 29.35
C ALA R 102 44.83 -90.26 30.11
N ASN R 103 43.93 -89.52 30.78
CA ASN R 103 44.34 -88.42 31.62
C ASN R 103 45.07 -88.94 32.85
N SER R 104 45.99 -88.15 33.36
CA SER R 104 46.66 -88.41 34.62
C SER R 104 46.33 -87.30 35.60
N SER R 105 46.93 -87.33 36.78
CA SER R 105 46.57 -86.38 37.83
C SER R 105 46.96 -84.96 37.45
N ALA R 106 48.05 -84.79 36.71
CA ALA R 106 48.46 -83.45 36.30
C ALA R 106 47.49 -82.86 35.28
N ASP R 107 47.02 -83.67 34.33
CA ASP R 107 46.03 -83.19 33.37
C ASP R 107 44.72 -82.86 34.04
N LEU R 108 44.30 -83.68 35.00
CA LEU R 108 43.09 -83.39 35.76
C LEU R 108 43.23 -82.10 36.54
N SER R 109 44.42 -81.83 37.09
CA SER R 109 44.65 -80.58 37.81
C SER R 109 44.59 -79.38 36.88
N ALA R 110 45.10 -79.51 35.66
CA ALA R 110 44.99 -78.41 34.69
C ALA R 110 43.54 -78.12 34.33
N LEU R 111 42.78 -79.17 33.99
CA LEU R 111 41.36 -79.01 33.72
C LEU R 111 40.63 -78.34 34.87
N LYS R 112 40.92 -78.75 36.11
CA LYS R 112 40.19 -78.19 37.24
C LYS R 112 40.62 -76.74 37.52
N ALA R 113 41.88 -76.39 37.28
CA ALA R 113 42.29 -75.00 37.44
C ALA R 113 41.51 -74.08 36.52
N GLU R 114 41.28 -74.52 35.27
CA GLU R 114 40.47 -73.66 34.42
C GLU R 114 39.01 -73.63 34.86
N MET R 115 38.46 -74.75 35.34
CA MET R 115 37.10 -74.72 35.89
C MET R 115 36.97 -73.70 37.02
N ASP R 116 37.96 -73.66 37.93
CA ASP R 116 37.88 -72.72 39.04
C ASP R 116 37.94 -71.28 38.57
N GLN R 117 38.79 -70.97 37.59
CA GLN R 117 38.79 -69.61 37.07
C GLN R 117 37.44 -69.22 36.46
N LEU R 118 36.80 -70.16 35.75
CA LEU R 118 35.49 -69.85 35.18
C LEU R 118 34.43 -69.62 36.25
N ALA R 119 34.47 -70.40 37.33
CA ALA R 119 33.52 -70.19 38.42
C ALA R 119 33.76 -68.85 39.11
N ASN R 120 35.02 -68.43 39.24
CA ASN R 120 35.32 -67.11 39.77
C ASN R 120 34.75 -66.00 38.90
N GLU R 121 34.85 -66.14 37.57
CA GLU R 121 34.26 -65.11 36.72
C GLU R 121 32.74 -65.10 36.76
N ILE R 122 32.09 -66.27 36.90
CA ILE R 122 30.65 -66.29 37.09
C ILE R 122 30.27 -65.54 38.37
N ASP R 123 31.02 -65.75 39.44
CA ASP R 123 30.73 -65.01 40.69
C ASP R 123 30.97 -63.51 40.52
N GLU R 124 32.02 -63.12 39.82
CA GLU R 124 32.30 -61.71 39.61
C GLU R 124 31.17 -61.03 38.83
N ILE R 125 30.70 -61.64 37.75
CA ILE R 125 29.58 -61.07 37.02
C ILE R 125 28.35 -60.99 37.93
N GLY R 126 28.17 -61.99 38.80
CA GLY R 126 27.04 -61.95 39.70
C GLY R 126 27.06 -60.78 40.67
N LYS R 127 28.24 -60.42 41.18
CA LYS R 127 28.30 -59.34 42.17
C LYS R 127 28.56 -57.97 41.55
N THR R 128 28.93 -57.89 40.28
CA THR R 128 29.43 -56.63 39.72
C THR R 128 28.35 -55.87 38.94
N THR R 129 27.40 -56.57 38.34
CA THR R 129 26.41 -55.94 37.47
C THR R 129 25.57 -54.91 38.22
N ALA R 130 25.45 -53.72 37.64
CA ALA R 130 24.80 -52.61 38.32
C ALA R 130 24.09 -51.70 37.32
N PHE R 131 23.16 -50.91 37.84
CA PHE R 131 22.57 -49.77 37.15
C PHE R 131 23.05 -48.53 37.87
N GLY R 132 24.15 -47.95 37.40
CA GLY R 132 24.79 -46.88 38.12
C GLY R 132 25.50 -47.43 39.35
N THR R 133 24.83 -47.37 40.49
CA THR R 133 25.39 -47.90 41.73
C THR R 133 24.52 -48.94 42.42
N THR R 134 23.35 -49.27 41.88
CA THR R 134 22.50 -50.28 42.51
C THR R 134 22.75 -51.64 41.86
N LYS R 135 22.94 -52.65 42.68
CA LYS R 135 23.24 -53.99 42.18
C LYS R 135 21.97 -54.67 41.70
N LEU R 136 22.10 -55.48 40.64
CA LEU R 136 20.95 -56.12 40.02
C LEU R 136 20.91 -57.64 40.22
N LEU R 137 22.05 -58.31 40.22
CA LEU R 137 22.03 -59.77 40.30
C LEU R 137 22.45 -60.30 41.66
N ALA R 138 22.35 -59.51 42.73
CA ALA R 138 22.82 -59.94 44.03
C ALA R 138 21.70 -60.31 44.98
N GLY R 139 20.44 -60.05 44.61
CA GLY R 139 19.30 -60.37 45.45
C GLY R 139 18.47 -59.17 45.87
N GLY R 140 18.76 -57.96 45.39
CA GLY R 140 17.98 -56.80 45.76
C GLY R 140 16.65 -56.68 45.04
N PHE R 141 16.49 -57.39 43.92
CA PHE R 141 15.24 -57.44 43.19
C PHE R 141 14.53 -58.78 43.34
N SER R 142 14.94 -59.60 44.31
CA SER R 142 14.37 -60.93 44.47
C SER R 142 12.87 -60.85 44.76
N ALA R 143 12.47 -59.93 45.63
CA ALA R 143 11.10 -59.44 45.66
C ALA R 143 11.07 -58.17 44.82
N GLY R 144 10.27 -58.18 43.76
CA GLY R 144 10.44 -57.17 42.73
C GLY R 144 10.19 -55.76 43.21
N LYS R 145 10.57 -54.81 42.36
CA LYS R 145 10.30 -53.39 42.55
C LYS R 145 9.21 -52.95 41.59
N ASN R 146 8.41 -51.98 42.02
CA ASN R 146 7.32 -51.49 41.18
C ASN R 146 7.70 -50.20 40.48
N PHE R 147 7.25 -50.08 39.24
CA PHE R 147 7.35 -48.85 38.46
C PHE R 147 5.92 -48.44 38.11
N GLN R 148 5.54 -47.22 38.48
CA GLN R 148 4.21 -46.75 38.14
C GLN R 148 4.19 -46.30 36.69
N VAL R 149 3.48 -47.04 35.83
CA VAL R 149 3.49 -46.79 34.41
C VAL R 149 2.26 -46.05 33.93
N GLY R 150 1.37 -45.64 34.84
CA GLY R 150 0.19 -44.89 34.49
C GLY R 150 0.10 -43.59 35.28
N ALA R 151 -1.05 -42.93 35.11
CA ALA R 151 -1.28 -41.65 35.77
C ALA R 151 -1.89 -41.78 37.15
N GLN R 152 -2.54 -42.90 37.44
CA GLN R 152 -3.23 -43.11 38.71
C GLN R 152 -2.50 -44.12 39.57
N ASP R 153 -2.79 -44.07 40.87
CA ASP R 153 -2.14 -44.96 41.82
C ASP R 153 -2.59 -46.40 41.63
N GLY R 154 -1.63 -47.32 41.68
CA GLY R 154 -1.90 -48.72 41.53
C GLY R 154 -1.70 -49.26 40.14
N GLU R 155 -1.48 -48.41 39.15
CA GLU R 155 -1.24 -48.81 37.78
C GLU R 155 0.26 -48.94 37.57
N ASP R 156 0.78 -50.14 37.81
CA ASP R 156 2.21 -50.35 37.88
C ASP R 156 2.60 -51.78 37.57
N ILE R 157 3.88 -51.96 37.23
CA ILE R 157 4.44 -53.23 36.79
C ILE R 157 5.61 -53.57 37.69
N LYS R 158 5.77 -54.86 37.99
CA LYS R 158 6.78 -55.32 38.93
C LYS R 158 7.89 -56.06 38.18
N VAL R 159 9.13 -55.69 38.47
CA VAL R 159 10.31 -56.30 37.84
C VAL R 159 11.06 -57.11 38.89
N THR R 160 11.21 -58.41 38.63
CA THR R 160 11.77 -59.36 39.58
C THR R 160 13.02 -60.00 39.00
N VAL R 161 14.12 -59.96 39.75
CA VAL R 161 15.36 -60.63 39.37
C VAL R 161 15.89 -61.34 40.60
N LYS R 162 16.22 -62.61 40.47
CA LYS R 162 16.80 -63.38 41.56
C LYS R 162 18.32 -63.36 41.48
N ALA R 163 18.96 -63.77 42.56
CA ALA R 163 20.42 -63.77 42.60
C ALA R 163 20.98 -64.91 41.76
N SER R 164 22.03 -64.62 40.99
CA SER R 164 22.69 -65.62 40.16
C SER R 164 24.20 -65.44 40.29
N ASN R 165 24.84 -66.38 40.97
CA ASN R 165 26.26 -66.37 41.26
C ASN R 165 26.66 -67.81 41.54
N LYS R 166 27.95 -68.04 41.77
CA LYS R 166 28.39 -69.43 41.86
C LYS R 166 27.90 -70.12 43.13
N SER R 167 27.31 -69.38 44.06
CA SER R 167 26.84 -69.99 45.29
C SER R 167 25.37 -70.39 45.17
N SER R 168 24.56 -69.56 44.51
CA SER R 168 23.15 -69.89 44.35
C SER R 168 22.95 -70.88 43.20
N LEU R 169 23.87 -70.95 42.26
CA LEU R 169 23.80 -71.91 41.17
C LEU R 169 24.43 -73.25 41.52
N SER R 170 25.04 -73.38 42.70
CA SER R 170 25.63 -74.61 43.20
C SER R 170 26.77 -75.11 42.32
N VAL R 171 27.53 -74.22 41.70
CA VAL R 171 28.70 -74.61 40.91
C VAL R 171 30.00 -74.17 41.55
N GLY R 172 29.97 -73.76 42.81
CA GLY R 172 31.15 -73.22 43.47
C GLY R 172 32.08 -74.24 44.11
N SER R 173 31.80 -75.52 43.99
CA SER R 173 32.64 -76.55 44.59
C SER R 173 32.60 -77.85 43.78
N LEU R 174 33.03 -77.81 42.53
CA LEU R 174 32.94 -78.96 41.66
C LEU R 174 34.27 -79.69 41.61
N GLY R 175 34.20 -81.02 41.51
CA GLY R 175 35.40 -81.83 41.47
C GLY R 175 35.41 -82.70 40.23
N ASN R 176 36.58 -83.22 39.92
CA ASN R 176 36.72 -84.07 38.73
C ASN R 176 37.70 -85.20 38.95
N THR R 177 38.05 -85.52 40.20
CA THR R 177 39.11 -86.48 40.45
C THR R 177 38.59 -87.91 40.56
N THR R 178 37.28 -88.09 40.62
CA THR R 178 36.65 -89.40 40.78
C THR R 178 35.44 -89.47 39.85
N SER R 179 35.10 -90.71 39.46
CA SER R 179 33.98 -90.92 38.55
C SER R 179 32.68 -90.32 39.07
N ALA R 180 32.38 -90.53 40.35
CA ALA R 180 31.16 -89.99 40.93
C ALA R 180 31.21 -88.47 41.00
N ALA R 181 32.39 -87.90 41.21
CA ALA R 181 32.52 -86.45 41.24
C ALA R 181 32.24 -85.85 39.87
N ARG R 182 32.70 -86.52 38.80
CA ARG R 182 32.39 -86.06 37.45
C ARG R 182 30.91 -86.14 37.15
N ALA R 183 30.26 -87.25 37.53
CA ALA R 183 28.82 -87.36 37.32
C ALA R 183 28.06 -86.25 38.03
N SER R 184 28.43 -85.98 39.29
CA SER R 184 27.76 -84.95 40.05
C SER R 184 27.98 -83.57 39.44
N SER R 185 29.19 -83.28 38.98
CA SER R 185 29.47 -81.99 38.35
C SER R 185 28.67 -81.81 37.07
N LEU R 186 28.56 -82.87 36.26
CA LEU R 186 27.76 -82.76 35.06
C LEU R 186 26.31 -82.41 35.39
N LYS R 187 25.72 -83.11 36.36
CA LYS R 187 24.33 -82.82 36.70
C LYS R 187 24.13 -81.39 37.19
N LYS R 188 25.04 -80.89 38.04
CA LYS R 188 24.83 -79.54 38.53
C LYS R 188 25.06 -78.46 37.47
N ILE R 189 26.01 -78.67 36.54
CA ILE R 189 26.15 -77.70 35.47
C ILE R 189 24.90 -77.65 34.59
N ASP R 190 24.34 -78.82 34.26
CA ASP R 190 23.11 -78.83 33.47
C ASP R 190 21.96 -78.12 34.19
N ALA R 191 21.84 -78.34 35.51
CA ALA R 191 20.79 -77.67 36.26
C ALA R 191 20.97 -76.16 36.26
N ALA R 192 22.22 -75.69 36.38
CA ALA R 192 22.48 -74.25 36.37
C ALA R 192 22.08 -73.62 35.04
N ILE R 193 22.42 -74.28 33.93
CA ILE R 193 21.99 -73.80 32.62
C ILE R 193 20.47 -73.67 32.57
N LYS R 194 19.77 -74.67 33.11
CA LYS R 194 18.30 -74.60 33.13
C LYS R 194 17.77 -73.39 33.89
N THR R 195 18.32 -73.12 35.09
CA THR R 195 17.76 -72.02 35.88
C THR R 195 18.03 -70.67 35.23
N ILE R 196 19.21 -70.50 34.61
CA ILE R 196 19.44 -69.25 33.89
C ILE R 196 18.48 -69.09 32.72
N ASP R 197 18.19 -70.17 32.00
CA ASP R 197 17.18 -70.09 30.94
C ASP R 197 15.84 -69.59 31.47
N ALA R 198 15.41 -70.11 32.62
CA ALA R 198 14.11 -69.68 33.15
C ALA R 198 14.10 -68.19 33.50
N GLN R 199 15.17 -67.72 34.14
CA GLN R 199 15.24 -66.28 34.45
C GLN R 199 15.20 -65.42 33.20
N ARG R 200 15.92 -65.81 32.15
CA ARG R 200 15.93 -65.03 30.92
C ARG R 200 14.56 -65.02 30.27
N ALA R 201 13.84 -66.14 30.35
CA ALA R 201 12.48 -66.20 29.82
C ALA R 201 11.58 -65.17 30.50
N ASP R 202 11.60 -65.11 31.83
CA ASP R 202 10.75 -64.13 32.51
C ASP R 202 11.11 -62.69 32.18
N LEU R 203 12.41 -62.38 32.09
CA LEU R 203 12.77 -61.01 31.74
C LEU R 203 12.32 -60.65 30.32
N GLY R 204 12.40 -61.60 29.38
CA GLY R 204 11.92 -61.33 28.04
C GLY R 204 10.42 -61.07 27.99
N ALA R 205 9.65 -61.85 28.73
CA ALA R 205 8.22 -61.61 28.81
C ALA R 205 7.93 -60.21 29.35
N ILE R 206 8.64 -59.79 30.40
CA ILE R 206 8.46 -58.44 30.94
C ILE R 206 8.73 -57.37 29.88
N GLN R 207 9.79 -57.53 29.09
CA GLN R 207 10.09 -56.52 28.08
C GLN R 207 9.00 -56.42 27.01
N ASN R 208 8.50 -57.56 26.55
CA ASN R 208 7.40 -57.54 25.58
C ASN R 208 6.18 -56.81 26.14
N ARG R 209 5.81 -57.13 27.38
CA ARG R 209 4.68 -56.46 28.03
C ARG R 209 4.86 -54.96 28.10
N LEU R 210 6.07 -54.50 28.47
CA LEU R 210 6.29 -53.06 28.59
C LEU R 210 6.22 -52.37 27.22
N ALA R 211 6.64 -53.06 26.17
CA ALA R 211 6.51 -52.48 24.82
C ALA R 211 5.05 -52.23 24.46
N HIS R 212 4.20 -53.25 24.64
CA HIS R 212 2.77 -53.04 24.38
C HIS R 212 2.19 -51.92 25.23
N ASN R 213 2.58 -51.83 26.50
CA ASN R 213 2.01 -50.82 27.37
C ASN R 213 2.40 -49.40 26.94
N ILE R 214 3.66 -49.21 26.52
CA ILE R 214 4.07 -47.89 26.06
C ILE R 214 3.33 -47.50 24.78
N SER R 215 3.12 -48.46 23.88
CA SER R 215 2.36 -48.17 22.66
C SER R 215 0.94 -47.70 22.99
N ASN R 216 0.28 -48.40 23.91
CA ASN R 216 -1.08 -48.01 24.28
C ASN R 216 -1.11 -46.64 24.94
N SER R 217 -0.10 -46.31 25.75
CA SER R 217 -0.08 -44.99 26.39
C SER R 217 0.10 -43.86 25.38
N ALA R 218 0.92 -44.09 24.35
CA ALA R 218 1.07 -43.07 23.31
C ALA R 218 -0.25 -42.83 22.58
N ASN R 219 -0.95 -43.90 22.20
CA ASN R 219 -2.28 -43.74 21.61
C ASN R 219 -3.21 -42.91 22.50
N THR R 220 -3.29 -43.28 23.78
CA THR R 220 -4.26 -42.62 24.65
C THR R 220 -3.89 -41.16 24.88
N GLN R 221 -2.60 -40.86 24.96
CA GLN R 221 -2.17 -39.46 25.10
C GLN R 221 -2.63 -38.64 23.91
N ALA R 222 -2.44 -39.15 22.69
CA ALA R 222 -2.92 -38.41 21.52
C ALA R 222 -4.43 -38.15 21.58
N ASN R 223 -5.22 -39.19 21.88
CA ASN R 223 -6.67 -39.01 21.90
C ASN R 223 -7.14 -38.06 23.00
N VAL R 224 -6.50 -38.12 24.17
CA VAL R 224 -6.91 -37.25 25.27
C VAL R 224 -6.50 -35.80 25.02
N ALA R 225 -5.35 -35.57 24.38
CA ALA R 225 -4.96 -34.20 24.03
C ALA R 225 -5.91 -33.61 22.99
N ASP R 226 -6.34 -34.42 22.02
CA ASP R 226 -7.42 -34.00 21.12
C ASP R 226 -8.67 -33.60 21.88
N ALA R 227 -9.11 -34.44 22.82
CA ALA R 227 -10.29 -34.15 23.61
C ALA R 227 -10.17 -32.84 24.37
N LYS R 228 -9.01 -32.60 24.99
CA LYS R 228 -8.81 -31.36 25.74
C LYS R 228 -8.78 -30.14 24.83
N SER R 229 -8.17 -30.27 23.66
CA SER R 229 -8.12 -29.16 22.71
C SER R 229 -9.52 -28.76 22.28
N ARG R 230 -10.42 -29.73 22.12
CA ARG R 230 -11.80 -29.39 21.76
C ARG R 230 -12.47 -28.50 22.79
N ILE R 231 -12.01 -28.53 24.04
CA ILE R 231 -12.66 -27.78 25.11
C ILE R 231 -11.96 -26.46 25.38
N VAL R 232 -10.63 -26.41 25.35
CA VAL R 232 -9.88 -25.29 25.91
C VAL R 232 -9.47 -24.28 24.83
N ASP R 233 -9.10 -24.74 23.63
CA ASP R 233 -8.48 -23.87 22.65
C ASP R 233 -9.50 -23.01 21.93
N VAL R 234 -9.02 -21.90 21.36
CA VAL R 234 -9.87 -20.95 20.67
C VAL R 234 -9.94 -21.31 19.19
N ASP R 235 -11.01 -20.86 18.55
CA ASP R 235 -11.21 -20.99 17.11
C ASP R 235 -10.88 -19.65 16.46
N PHE R 236 -9.85 -19.65 15.61
CA PHE R 236 -9.41 -18.39 15.01
C PHE R 236 -10.41 -17.88 13.98
N ALA R 237 -10.99 -18.79 13.20
CA ALA R 237 -11.92 -18.39 12.14
C ALA R 237 -13.14 -17.68 12.71
N LYS R 238 -13.60 -18.09 13.89
CA LYS R 238 -14.75 -17.48 14.52
C LYS R 238 -14.37 -16.20 15.25
N GLU R 239 -13.21 -16.21 15.89
CA GLU R 239 -12.88 -15.13 16.81
C GLU R 239 -12.43 -13.90 16.04
N THR R 240 -11.77 -14.09 14.89
CA THR R 240 -11.43 -12.94 14.05
C THR R 240 -12.67 -12.26 13.49
N SER R 241 -13.70 -13.03 13.16
CA SER R 241 -14.94 -12.46 12.68
C SER R 241 -15.62 -11.63 13.77
N GLN R 242 -15.67 -12.16 14.99
CA GLN R 242 -16.23 -11.37 16.09
C GLN R 242 -15.45 -10.09 16.32
N MET R 243 -14.11 -10.16 16.21
CA MET R 243 -13.30 -8.97 16.41
C MET R 243 -13.63 -7.89 15.38
N THR R 244 -13.72 -8.27 14.11
CA THR R 244 -14.03 -7.27 13.08
C THR R 244 -15.41 -6.67 13.25
N LYS R 245 -16.39 -7.49 13.63
CA LYS R 245 -17.72 -6.96 13.89
C LYS R 245 -17.70 -5.90 14.98
N ASN R 246 -17.00 -6.18 16.09
CA ASN R 246 -16.98 -5.20 17.18
C ASN R 246 -16.18 -3.95 16.83
N GLN R 247 -15.16 -4.08 15.99
CA GLN R 247 -14.47 -2.90 15.47
C GLN R 247 -15.43 -1.96 14.74
N VAL R 248 -16.19 -2.50 13.79
CA VAL R 248 -17.12 -1.66 13.05
C VAL R 248 -18.16 -1.04 13.98
N LEU R 249 -18.66 -1.82 14.94
CA LEU R 249 -19.65 -1.27 15.86
C LEU R 249 -19.06 -0.15 16.71
N GLN R 250 -17.79 -0.26 17.09
CA GLN R 250 -17.17 0.83 17.84
C GLN R 250 -17.13 2.12 17.03
N GLN R 251 -16.74 2.03 15.75
CA GLN R 251 -16.69 3.25 14.94
C GLN R 251 -18.08 3.85 14.76
N THR R 252 -19.09 3.01 14.54
CA THR R 252 -20.45 3.51 14.38
C THR R 252 -20.97 4.16 15.67
N GLY R 253 -20.73 3.52 16.82
CA GLY R 253 -21.21 4.06 18.06
C GLY R 253 -20.52 5.36 18.45
N SER R 254 -19.22 5.46 18.13
CA SER R 254 -18.51 6.71 18.34
C SER R 254 -19.13 7.85 17.53
N ALA R 255 -19.35 7.59 16.22
CA ALA R 255 -19.98 8.61 15.38
C ALA R 255 -21.36 9.00 15.93
N MET R 256 -22.13 8.03 16.38
CA MET R 256 -23.50 8.31 16.81
C MET R 256 -23.52 9.09 18.12
N LEU R 257 -22.59 8.80 19.03
CA LEU R 257 -22.52 9.55 20.27
C LEU R 257 -22.04 10.98 20.04
N ALA R 258 -21.08 11.15 19.14
CA ALA R 258 -20.63 12.50 18.81
C ALA R 258 -21.76 13.33 18.19
N GLN R 259 -22.61 12.68 17.37
CA GLN R 259 -23.76 13.39 16.82
C GLN R 259 -24.83 13.62 17.87
N ALA R 260 -24.91 12.75 18.88
CA ALA R 260 -25.94 12.90 19.90
C ALA R 260 -25.63 14.04 20.86
N ASN R 261 -24.35 14.30 21.13
CA ASN R 261 -24.03 15.42 22.03
C ASN R 261 -24.31 16.80 21.46
N GLN R 262 -24.79 16.91 20.22
CA GLN R 262 -25.10 18.22 19.65
C GLN R 262 -26.58 18.55 19.63
N LEU R 263 -27.41 17.81 20.36
CA LEU R 263 -28.86 18.06 20.33
C LEU R 263 -29.30 19.29 21.11
N PRO R 264 -28.71 19.66 22.25
CA PRO R 264 -29.19 20.86 22.95
C PRO R 264 -28.98 22.17 22.22
N GLN R 265 -28.47 22.15 20.98
CA GLN R 265 -28.22 23.40 20.27
C GLN R 265 -29.42 23.90 19.48
N VAL R 266 -30.55 23.21 19.53
CA VAL R 266 -31.77 23.74 18.90
C VAL R 266 -32.32 24.90 19.72
N ALA R 267 -32.06 24.88 21.03
CA ALA R 267 -32.54 25.94 21.90
C ALA R 267 -31.93 27.28 21.53
N LEU R 268 -30.64 27.30 21.17
CA LEU R 268 -30.00 28.53 20.74
C LEU R 268 -30.68 29.10 19.49
N SER R 269 -31.17 28.22 18.63
CA SER R 269 -31.94 28.68 17.48
C SER R 269 -33.27 29.30 17.91
N LEU R 270 -33.97 28.65 18.84
CA LEU R 270 -35.22 29.24 19.31
C LEU R 270 -34.97 30.52 20.10
N LEU R 271 -33.76 30.69 20.63
CA LEU R 271 -33.48 31.77 21.55
C LEU R 271 -32.96 33.00 20.81
N ALA S 1 -15.99 1.93 30.04
CA ALA S 1 -15.39 3.26 30.06
C ALA S 1 -14.41 3.45 28.90
N ILE S 2 -14.24 4.69 28.49
CA ILE S 2 -13.26 5.06 27.48
C ILE S 2 -12.20 5.89 28.16
N THR S 3 -11.05 5.28 28.45
CA THR S 3 -9.99 5.93 29.23
C THR S 3 -8.70 5.97 28.44
N VAL S 4 -7.85 6.92 28.78
CA VAL S 4 -6.58 7.11 28.07
C VAL S 4 -5.39 6.80 28.97
N ASN S 5 -5.55 6.92 30.28
CA ASN S 5 -4.41 6.91 31.19
C ASN S 5 -3.94 5.50 31.54
N THR S 6 -4.77 4.48 31.36
CA THR S 6 -4.41 3.11 31.71
C THR S 6 -4.99 2.19 30.64
N ASN S 7 -4.20 1.19 30.24
CA ASN S 7 -4.60 0.28 29.17
C ASN S 7 -4.25 -1.13 29.65
N VAL S 8 -5.29 -1.91 29.97
CA VAL S 8 -5.06 -3.22 30.61
C VAL S 8 -4.89 -4.31 29.56
N THR S 9 -5.59 -4.18 28.44
CA THR S 9 -5.43 -5.12 27.35
C THR S 9 -3.99 -5.17 26.88
N SER S 10 -3.33 -4.01 26.85
CA SER S 10 -1.92 -3.97 26.45
C SER S 10 -1.04 -4.69 27.46
N LEU S 11 -1.32 -4.54 28.75
CA LEU S 11 -0.54 -5.23 29.77
C LEU S 11 -0.64 -6.74 29.62
N LYS S 12 -1.86 -7.24 29.39
CA LYS S 12 -2.04 -8.67 29.25
C LYS S 12 -1.40 -9.20 27.97
N ALA S 13 -1.50 -8.44 26.88
CA ALA S 13 -0.84 -8.84 25.64
C ALA S 13 0.68 -8.88 25.80
N GLN S 14 1.24 -7.91 26.53
CA GLN S 14 2.67 -7.93 26.81
C GLN S 14 3.07 -9.20 27.55
N LYS S 15 2.28 -9.59 28.56
CA LYS S 15 2.67 -10.77 29.31
C LYS S 15 2.61 -12.04 28.46
N ASN S 16 1.56 -12.17 27.64
CA ASN S 16 1.50 -13.35 26.76
C ASN S 16 2.66 -13.39 25.78
N LEU S 17 3.00 -12.24 25.18
CA LEU S 17 4.10 -12.20 24.22
C LEU S 17 5.42 -12.56 24.87
N ASN S 18 5.64 -12.12 26.10
CA ASN S 18 6.86 -12.47 26.82
C ASN S 18 6.94 -13.97 27.09
N THR S 19 5.81 -14.57 27.50
CA THR S 19 5.80 -16.02 27.75
C THR S 19 6.16 -16.79 26.49
N SER S 20 5.58 -16.40 25.36
CA SER S 20 5.87 -17.08 24.10
C SER S 20 7.34 -16.94 23.73
N ALA S 21 7.92 -15.75 23.87
CA ALA S 21 9.32 -15.55 23.52
C ALA S 21 10.24 -16.40 24.39
N SER S 22 9.95 -16.48 25.69
CA SER S 22 10.75 -17.33 26.57
C SER S 22 10.71 -18.79 26.13
N ASP S 23 9.51 -19.30 25.82
CA ASP S 23 9.41 -20.69 25.39
C ASP S 23 10.20 -20.95 24.12
N LEU S 24 10.14 -20.01 23.17
CA LEU S 24 10.87 -20.19 21.92
C LEU S 24 12.37 -20.20 22.15
N ALA S 25 12.89 -19.31 23.00
CA ALA S 25 14.31 -19.30 23.30
C ALA S 25 14.75 -20.62 23.92
N THR S 26 13.96 -21.15 24.86
CA THR S 26 14.30 -22.44 25.46
C THR S 26 14.40 -23.54 24.42
N SER S 27 13.43 -23.60 23.51
CA SER S 27 13.45 -24.63 22.47
C SER S 27 14.66 -24.48 21.56
N MET S 28 14.99 -23.26 21.19
CA MET S 28 16.16 -22.99 20.34
C MET S 28 17.44 -23.51 21.00
N GLU S 29 17.60 -23.23 22.29
CA GLU S 29 18.75 -23.73 23.03
C GLU S 29 18.82 -25.25 23.01
N ARG S 30 17.69 -25.91 23.26
CA ARG S 30 17.68 -27.36 23.31
C ARG S 30 18.02 -27.98 21.96
N LEU S 31 17.56 -27.38 20.86
CA LEU S 31 17.92 -27.91 19.54
C LEU S 31 19.37 -27.64 19.20
N SER S 32 19.92 -26.51 19.67
CA SER S 32 21.33 -26.22 19.37
C SER S 32 22.26 -27.14 20.14
N SER S 33 21.89 -27.51 21.37
CA SER S 33 22.78 -28.30 22.20
C SER S 33 22.68 -29.80 21.92
N GLY S 34 21.47 -30.30 21.67
CA GLY S 34 21.23 -31.71 21.53
C GLY S 34 20.88 -32.42 22.81
N LEU S 35 20.69 -31.70 23.91
CA LEU S 35 20.42 -32.26 25.22
C LEU S 35 19.12 -31.72 25.77
N ARG S 36 18.40 -32.57 26.51
CA ARG S 36 17.18 -32.13 27.16
C ARG S 36 17.46 -31.40 28.46
N ILE S 37 18.49 -31.84 29.19
CA ILE S 37 18.83 -31.28 30.49
C ILE S 37 20.08 -30.45 30.31
N ASN S 38 19.93 -29.12 30.27
CA ASN S 38 21.07 -28.22 30.21
C ASN S 38 21.40 -27.61 31.56
N SER S 39 20.50 -27.69 32.53
CA SER S 39 20.71 -27.14 33.87
C SER S 39 19.90 -27.98 34.84
N ALA S 40 19.93 -27.58 36.11
CA ALA S 40 19.07 -28.23 37.09
C ALA S 40 17.67 -27.63 37.13
N LYS S 41 17.48 -26.47 36.50
CA LYS S 41 16.15 -25.96 36.21
C LYS S 41 15.29 -26.98 35.49
N ASP S 42 15.91 -27.84 34.68
CA ASP S 42 15.19 -28.74 33.79
C ASP S 42 14.73 -30.00 34.51
N ASP S 43 15.67 -30.78 35.05
CA ASP S 43 15.34 -32.01 35.76
C ASP S 43 16.47 -32.27 36.73
N ALA S 44 16.16 -32.25 38.03
CA ALA S 44 17.22 -32.28 39.03
C ALA S 44 17.63 -33.70 39.39
N ALA S 45 16.65 -34.59 39.53
CA ALA S 45 16.97 -35.98 39.84
C ALA S 45 17.62 -36.69 38.65
N GLY S 46 17.16 -36.38 37.43
CA GLY S 46 17.78 -36.93 36.26
C GLY S 46 19.21 -36.49 36.08
N LEU S 47 19.53 -35.27 36.50
CA LEU S 47 20.92 -34.80 36.46
C LEU S 47 21.84 -35.70 37.29
N ALA S 48 21.44 -36.04 38.51
CA ALA S 48 22.29 -36.87 39.35
C ALA S 48 22.34 -38.31 38.86
N ILE S 49 21.18 -38.84 38.44
CA ILE S 49 21.18 -40.20 37.90
C ILE S 49 22.10 -40.30 36.70
N SER S 50 22.09 -39.27 35.85
CA SER S 50 22.92 -39.28 34.65
C SER S 50 24.38 -39.05 34.97
N ASN S 51 24.70 -38.28 36.01
CA ASN S 51 26.09 -38.19 36.44
C ASN S 51 26.62 -39.54 36.88
N ARG S 52 25.82 -40.31 37.61
CA ARG S 52 26.28 -41.64 38.03
C ARG S 52 26.42 -42.60 36.84
N LEU S 53 25.47 -42.57 35.91
CA LEU S 53 25.59 -43.42 34.73
C LEU S 53 26.80 -43.03 33.89
N ASN S 54 27.12 -41.74 33.85
CA ASN S 54 28.29 -41.26 33.12
C ASN S 54 29.57 -41.77 33.75
N SER S 55 29.67 -41.70 35.08
CA SER S 55 30.80 -42.31 35.77
C SER S 55 30.95 -43.78 35.41
N GLN S 56 29.84 -44.52 35.35
CA GLN S 56 29.92 -45.94 35.04
C GLN S 56 30.43 -46.20 33.62
N VAL S 57 29.91 -45.44 32.64
CA VAL S 57 30.36 -45.64 31.26
C VAL S 57 31.86 -45.38 31.13
N ARG S 58 32.31 -44.26 31.70
CA ARG S 58 33.71 -43.87 31.57
C ARG S 58 34.63 -44.87 32.29
N GLY S 59 34.19 -45.34 33.46
CA GLY S 59 34.97 -46.33 34.18
C GLY S 59 35.08 -47.66 33.45
N LEU S 60 34.00 -48.09 32.79
CA LEU S 60 34.08 -49.32 32.02
C LEU S 60 35.05 -49.19 30.86
N GLU S 61 35.10 -48.01 30.22
CA GLU S 61 36.07 -47.80 29.16
C GLU S 61 37.51 -47.98 29.68
N VAL S 62 37.84 -47.29 30.78
CA VAL S 62 39.20 -47.41 31.33
C VAL S 62 39.48 -48.84 31.81
N GLY S 63 38.47 -49.53 32.33
CA GLY S 63 38.68 -50.89 32.80
C GLY S 63 39.00 -51.87 31.68
N MET S 64 38.36 -51.71 30.54
CA MET S 64 38.73 -52.53 29.37
C MET S 64 40.15 -52.24 28.93
N ARG S 65 40.58 -50.98 29.03
CA ARG S 65 41.99 -50.71 28.73
C ARG S 65 42.93 -51.47 29.67
N ASN S 66 42.64 -51.45 30.97
CA ASN S 66 43.47 -52.21 31.93
C ASN S 66 43.45 -53.71 31.65
N ALA S 67 42.29 -54.24 31.27
CA ALA S 67 42.20 -55.68 30.99
C ALA S 67 43.06 -56.05 29.79
N ASN S 68 43.12 -55.19 28.79
CA ASN S 68 43.96 -55.49 27.64
C ASN S 68 45.44 -55.41 28.00
N ASP S 69 45.80 -54.50 28.91
CA ASP S 69 47.16 -54.49 29.45
C ASP S 69 47.53 -55.81 30.14
N ALA S 70 46.61 -56.35 30.94
CA ALA S 70 46.87 -57.64 31.60
C ALA S 70 47.05 -58.75 30.57
N ILE S 71 46.22 -58.77 29.53
CA ILE S 71 46.36 -59.79 28.49
C ILE S 71 47.72 -59.70 27.82
N SER S 72 48.20 -58.47 27.59
CA SER S 72 49.51 -58.27 26.98
C SER S 72 50.62 -58.88 27.85
N ILE S 73 50.61 -58.56 29.15
CA ILE S 73 51.64 -59.09 30.05
C ILE S 73 51.65 -60.61 30.03
N ALA S 74 50.47 -61.22 30.20
CA ALA S 74 50.38 -62.68 30.25
C ALA S 74 50.85 -63.31 28.95
N GLN S 75 50.55 -62.68 27.82
CA GLN S 75 50.92 -63.21 26.52
C GLN S 75 52.43 -63.19 26.32
N ILE S 76 53.10 -62.11 26.74
CA ILE S 76 54.56 -62.05 26.63
C ILE S 76 55.21 -63.15 27.48
N ALA S 77 54.80 -63.27 28.75
CA ALA S 77 55.42 -64.27 29.62
C ALA S 77 55.19 -65.70 29.11
N GLU S 78 53.95 -65.99 28.71
CA GLU S 78 53.62 -67.30 28.19
C GLU S 78 54.42 -67.63 26.94
N GLY S 79 54.66 -66.65 26.07
CA GLY S 79 55.47 -66.91 24.89
C GLY S 79 56.93 -67.14 25.22
N ALA S 80 57.43 -66.48 26.26
CA ALA S 80 58.82 -66.70 26.69
C ALA S 80 59.04 -68.12 27.19
N MET S 81 58.06 -68.73 27.86
CA MET S 81 58.28 -70.07 28.43
C MET S 81 58.41 -71.18 27.38
N GLN S 82 57.97 -70.96 26.13
CA GLN S 82 58.01 -71.99 25.10
C GLN S 82 59.44 -72.34 24.67
N GLU S 83 60.30 -71.33 24.52
CA GLU S 83 61.69 -71.60 24.18
C GLU S 83 62.41 -72.35 25.29
N GLN S 84 62.05 -72.07 26.54
CA GLN S 84 62.61 -72.80 27.67
C GLN S 84 62.23 -74.27 27.61
N THR S 85 60.95 -74.55 27.35
CA THR S 85 60.52 -75.94 27.13
C THR S 85 61.32 -76.61 26.03
N ASN S 86 61.52 -75.90 24.93
CA ASN S 86 62.22 -76.45 23.76
C ASN S 86 63.66 -76.84 24.12
N MET S 87 64.35 -75.95 24.83
CA MET S 87 65.73 -76.23 25.21
C MET S 87 65.81 -77.38 26.22
N LEU S 88 64.84 -77.48 27.13
CA LEU S 88 64.83 -78.63 28.05
C LEU S 88 64.66 -79.95 27.32
N GLN S 89 63.83 -79.97 26.28
CA GLN S 89 63.71 -81.19 25.47
C GLN S 89 65.04 -81.56 24.82
N ARG S 90 65.76 -80.55 24.32
CA ARG S 90 67.09 -80.82 23.74
C ARG S 90 68.05 -81.40 24.78
N MET S 91 68.07 -80.84 25.99
CA MET S 91 68.94 -81.38 27.05
C MET S 91 68.56 -82.81 27.42
N ARG S 92 67.25 -83.12 27.41
CA ARG S 92 66.84 -84.49 27.65
C ARG S 92 67.41 -85.45 26.62
N ASP S 93 67.40 -85.06 25.35
CA ASP S 93 68.01 -85.91 24.32
C ASP S 93 69.51 -86.08 24.54
N LEU S 94 70.21 -85.00 24.91
CA LEU S 94 71.64 -85.12 25.19
C LEU S 94 71.92 -86.05 26.36
N THR S 95 71.07 -86.00 27.40
CA THR S 95 71.26 -86.88 28.55
C THR S 95 71.01 -88.34 28.19
N VAL S 96 70.00 -88.62 27.37
CA VAL S 96 69.78 -89.99 26.95
C VAL S 96 70.95 -90.47 26.09
N GLN S 97 71.54 -89.57 25.30
CA GLN S 97 72.69 -89.95 24.49
C GLN S 97 73.94 -90.22 25.32
N SER S 98 74.04 -89.62 26.51
CA SER S 98 75.19 -89.90 27.37
C SER S 98 75.23 -91.33 27.88
N GLU S 99 74.11 -92.05 27.89
CA GLU S 99 74.04 -93.42 28.39
C GLU S 99 74.36 -94.44 27.31
N ASN S 100 75.58 -94.41 26.80
CA ASN S 100 75.98 -95.23 25.66
C ASN S 100 77.36 -95.81 25.97
N GLY S 101 77.44 -97.13 26.08
CA GLY S 101 78.68 -97.77 26.47
C GLY S 101 79.79 -97.68 25.45
N ALA S 102 79.63 -96.84 24.43
CA ALA S 102 80.69 -96.60 23.46
C ALA S 102 81.25 -95.20 23.55
N ASN S 103 80.62 -94.32 24.34
CA ASN S 103 81.15 -92.99 24.57
C ASN S 103 82.42 -93.08 25.42
N SER S 104 83.32 -92.13 25.20
CA SER S 104 84.51 -91.97 26.02
C SER S 104 84.45 -90.61 26.72
N SER S 105 85.49 -90.26 27.45
CA SER S 105 85.46 -89.04 28.25
C SER S 105 85.39 -87.79 27.38
N ALA S 106 85.99 -87.82 26.20
CA ALA S 106 85.93 -86.67 25.31
C ALA S 106 84.53 -86.46 24.76
N ASP S 107 83.85 -87.54 24.38
CA ASP S 107 82.48 -87.43 23.90
C ASP S 107 81.55 -86.95 25.00
N LEU S 108 81.74 -87.44 26.23
CA LEU S 108 80.96 -86.97 27.35
C LEU S 108 81.19 -85.50 27.62
N SER S 109 82.43 -85.03 27.45
CA SER S 109 82.72 -83.61 27.63
C SER S 109 82.05 -82.76 26.56
N ALA S 110 81.99 -83.25 25.32
CA ALA S 110 81.29 -82.51 24.28
C ALA S 110 79.79 -82.41 24.58
N LEU S 111 79.17 -83.53 24.92
CA LEU S 111 77.76 -83.52 25.31
C LEU S 111 77.50 -82.55 26.45
N LYS S 112 78.36 -82.55 27.48
CA LYS S 112 78.12 -81.68 28.62
C LYS S 112 78.36 -80.21 28.29
N ALA S 113 79.31 -79.91 27.40
CA ALA S 113 79.49 -78.52 26.98
C ALA S 113 78.23 -77.97 26.33
N GLU S 114 77.57 -78.78 25.50
CA GLU S 114 76.33 -78.26 24.94
C GLU S 114 75.22 -78.15 25.98
N MET S 115 75.14 -79.07 26.94
CA MET S 115 74.19 -78.92 28.03
C MET S 115 74.38 -77.62 28.78
N ASP S 116 75.64 -77.25 29.08
CA ASP S 116 75.89 -76.02 29.81
C ASP S 116 75.47 -74.80 29.01
N GLN S 117 75.74 -74.79 27.70
CA GLN S 117 75.28 -73.65 26.91
C GLN S 117 73.76 -73.52 26.92
N LEU S 118 73.05 -74.65 26.87
CA LEU S 118 71.59 -74.58 26.92
C LEU S 118 71.08 -74.08 28.27
N ALA S 119 71.73 -74.47 29.36
CA ALA S 119 71.32 -73.97 30.67
C ALA S 119 71.59 -72.48 30.80
N ASN S 120 72.69 -71.99 30.21
CA ASN S 120 72.95 -70.56 30.17
C ASN S 120 71.86 -69.80 29.42
N GLU S 121 71.40 -70.35 28.29
CA GLU S 121 70.33 -69.65 27.57
C GLU S 121 69.00 -69.70 28.32
N ILE S 122 68.70 -70.78 29.04
CA ILE S 122 67.52 -70.79 29.89
C ILE S 122 67.60 -69.70 30.95
N ASP S 123 68.77 -69.53 31.56
CA ASP S 123 68.92 -68.46 32.55
C ASP S 123 68.79 -67.08 31.92
N GLU S 124 69.35 -66.89 30.72
CA GLU S 124 69.25 -65.60 30.06
C GLU S 124 67.80 -65.23 29.76
N ILE S 125 67.02 -66.17 29.21
CA ILE S 125 65.61 -65.89 28.99
C ILE S 125 64.91 -65.59 30.30
N GLY S 126 65.30 -66.27 31.38
CA GLY S 126 64.70 -66.00 32.67
C GLY S 126 64.93 -64.58 33.16
N LYS S 127 66.12 -64.04 32.95
CA LYS S 127 66.41 -62.70 33.47
C LYS S 127 66.14 -61.58 32.48
N THR S 128 65.89 -61.89 31.21
CA THR S 128 65.86 -60.85 30.18
C THR S 128 64.45 -60.41 29.83
N THR S 129 63.46 -61.30 29.95
CA THR S 129 62.09 -61.01 29.51
C THR S 129 61.50 -59.83 30.27
N ALA S 130 60.92 -58.88 29.53
CA ALA S 130 60.45 -57.65 30.12
C ALA S 130 59.23 -57.11 29.37
N PHE S 131 58.50 -56.24 30.04
CA PHE S 131 57.46 -55.40 29.44
C PHE S 131 57.99 -53.97 29.50
N GLY S 132 58.65 -53.53 28.44
CA GLY S 132 59.34 -52.27 28.48
C GLY S 132 60.59 -52.37 29.33
N THR S 133 60.49 -51.99 30.59
CA THR S 133 61.62 -52.08 31.50
C THR S 133 61.33 -52.89 32.76
N THR S 134 60.13 -53.41 32.95
CA THR S 134 59.83 -54.21 34.13
C THR S 134 60.01 -55.69 33.82
N LYS S 135 60.71 -56.40 34.69
CA LYS S 135 61.00 -57.80 34.47
C LYS S 135 59.79 -58.66 34.83
N LEU S 136 59.59 -59.74 34.09
CA LEU S 136 58.42 -60.59 34.27
C LEU S 136 58.74 -61.96 34.86
N LEU S 137 59.86 -62.57 34.49
CA LEU S 137 60.15 -63.92 34.95
C LEU S 137 61.21 -63.98 36.05
N ALA S 138 61.44 -62.90 36.78
CA ALA S 138 62.50 -62.89 37.77
C ALA S 138 61.99 -62.99 39.20
N GLY S 139 60.67 -62.90 39.41
CA GLY S 139 60.09 -62.98 40.73
C GLY S 139 59.32 -61.75 41.16
N GLY S 140 59.16 -60.75 40.31
CA GLY S 140 58.42 -59.55 40.69
C GLY S 140 56.91 -59.72 40.67
N PHE S 141 56.41 -60.74 39.99
CA PHE S 141 54.99 -61.06 39.97
C PHE S 141 54.67 -62.32 40.78
N SER S 142 55.61 -62.78 41.61
CA SER S 142 55.40 -64.02 42.36
C SER S 142 54.20 -63.90 43.29
N ALA S 143 54.06 -62.78 43.98
CA ALA S 143 52.78 -62.35 44.51
C ALA S 143 52.16 -61.40 43.49
N GLY S 144 51.00 -61.77 42.97
CA GLY S 144 50.51 -61.14 41.76
C GLY S 144 50.25 -59.65 41.91
N LYS S 145 50.05 -59.00 40.78
CA LYS S 145 49.64 -57.61 40.70
C LYS S 145 48.19 -57.52 40.28
N ASN S 146 47.48 -56.51 40.77
CA ASN S 146 46.07 -56.33 40.45
C ASN S 146 45.87 -55.31 39.34
N PHE S 147 44.91 -55.60 38.47
CA PHE S 147 44.44 -54.69 37.44
C PHE S 147 42.97 -54.45 37.71
N GLN S 148 42.57 -53.20 37.89
CA GLN S 148 41.16 -52.90 38.11
C GLN S 148 40.44 -52.93 36.77
N VAL S 149 39.57 -53.93 36.58
CA VAL S 149 38.91 -54.13 35.30
C VAL S 149 37.47 -53.63 35.29
N GLY S 150 37.02 -52.99 36.36
CA GLY S 150 35.70 -52.42 36.43
C GLY S 150 35.72 -50.95 36.80
N ALA S 151 34.53 -50.42 37.03
CA ALA S 151 34.38 -49.00 37.35
C ALA S 151 34.47 -48.73 38.85
N GLN S 152 34.22 -49.72 39.69
CA GLN S 152 34.20 -49.55 41.12
C GLN S 152 35.40 -50.21 41.78
N ASP S 153 35.70 -49.77 43.00
CA ASP S 153 36.84 -50.30 43.73
C ASP S 153 36.62 -51.73 44.16
N GLY S 154 37.66 -52.56 43.98
CA GLY S 154 37.59 -53.94 44.35
C GLY S 154 37.26 -54.89 43.22
N GLU S 155 36.88 -54.36 42.06
CA GLU S 155 36.56 -55.18 40.89
C GLU S 155 37.82 -55.30 40.05
N ASP S 156 38.59 -56.36 40.31
CA ASP S 156 39.93 -56.48 39.76
C ASP S 156 40.38 -57.92 39.68
N ILE S 157 41.40 -58.14 38.85
CA ILE S 157 41.92 -59.47 38.53
C ILE S 157 43.41 -59.47 38.84
N LYS S 158 43.92 -60.59 39.35
CA LYS S 158 45.30 -60.70 39.79
C LYS S 158 46.09 -61.59 38.83
N VAL S 159 47.24 -61.11 38.39
CA VAL S 159 48.12 -61.83 37.47
C VAL S 159 49.37 -62.26 38.21
N THR S 160 49.63 -63.56 38.26
CA THR S 160 50.71 -64.14 39.05
C THR S 160 51.67 -64.89 38.13
N VAL S 161 52.96 -64.58 38.23
CA VAL S 161 54.01 -65.29 37.51
C VAL S 161 55.14 -65.55 38.49
N LYS S 162 55.59 -66.79 38.55
CA LYS S 162 56.72 -67.15 39.40
C LYS S 162 58.02 -67.11 38.61
N ALA S 163 59.14 -67.13 39.33
CA ALA S 163 60.44 -67.06 38.68
C ALA S 163 60.77 -68.39 38.00
N SER S 164 61.31 -68.31 36.79
CA SER S 164 61.71 -69.49 36.04
C SER S 164 63.06 -69.23 35.39
N ASN S 165 64.09 -69.89 35.91
CA ASN S 165 65.46 -69.73 35.49
C ASN S 165 66.20 -70.99 35.90
N LYS S 166 67.48 -71.09 35.57
CA LYS S 166 68.16 -72.37 35.79
C LYS S 166 68.40 -72.64 37.26
N SER S 167 68.16 -71.68 38.14
CA SER S 167 68.38 -71.88 39.56
C SER S 167 67.11 -72.36 40.25
N SER S 168 65.96 -71.81 39.86
CA SER S 168 64.70 -72.23 40.45
C SER S 168 64.19 -73.54 39.85
N LEU S 169 64.61 -73.85 38.63
CA LEU S 169 64.25 -75.11 38.00
C LEU S 169 65.19 -76.25 38.34
N SER S 170 66.26 -75.97 39.09
CA SER S 170 67.22 -76.98 39.55
C SER S 170 67.94 -77.68 38.41
N VAL S 171 68.19 -77.00 37.29
CA VAL S 171 68.93 -77.57 36.18
C VAL S 171 70.29 -76.90 35.99
N GLY S 172 70.74 -76.12 36.97
CA GLY S 172 71.97 -75.37 36.82
C GLY S 172 73.25 -76.09 37.20
N SER S 173 73.17 -77.37 37.57
CA SER S 173 74.36 -78.13 37.95
C SER S 173 74.20 -79.61 37.62
N LEU S 174 74.04 -79.94 36.34
CA LEU S 174 73.77 -81.31 35.95
C LEU S 174 75.06 -81.97 35.48
N GLY S 175 75.19 -83.26 35.78
CA GLY S 175 76.37 -84.00 35.37
C GLY S 175 75.99 -85.22 34.56
N ASN S 176 76.99 -85.76 33.89
CA ASN S 176 76.75 -86.93 33.03
C ASN S 176 77.92 -87.90 33.06
N THR S 177 78.82 -87.80 34.01
CA THR S 177 80.04 -88.59 33.98
C THR S 177 79.89 -89.93 34.70
N THR S 178 78.77 -90.14 35.41
CA THR S 178 78.53 -91.35 36.18
C THR S 178 77.07 -91.76 35.98
N SER S 179 76.81 -93.07 36.12
CA SER S 179 75.46 -93.60 35.93
C SER S 179 74.44 -92.91 36.84
N ALA S 180 74.78 -92.72 38.11
CA ALA S 180 73.86 -92.07 39.03
C ALA S 180 73.65 -90.60 38.67
N ALA S 181 74.69 -89.96 38.15
CA ALA S 181 74.56 -88.57 37.73
C ALA S 181 73.61 -88.44 36.56
N ARG S 182 73.66 -89.39 35.62
CA ARG S 182 72.73 -89.38 34.49
C ARG S 182 71.30 -89.61 34.95
N ALA S 183 71.09 -90.57 35.87
CA ALA S 183 69.75 -90.79 36.39
C ALA S 183 69.19 -89.54 37.06
N SER S 184 70.01 -88.89 37.88
CA SER S 184 69.58 -87.69 38.57
C SER S 184 69.26 -86.56 37.60
N SER S 185 70.07 -86.39 36.56
CA SER S 185 69.82 -85.35 35.58
C SER S 185 68.52 -85.61 34.82
N LEU S 186 68.26 -86.87 34.46
CA LEU S 186 67.00 -87.18 33.80
C LEU S 186 65.81 -86.80 34.66
N LYS S 187 65.85 -87.17 35.94
CA LYS S 187 64.71 -86.85 36.81
C LYS S 187 64.50 -85.34 36.93
N LYS S 188 65.57 -84.57 37.09
CA LYS S 188 65.36 -83.13 37.26
C LYS S 188 64.92 -82.44 35.98
N ILE S 189 65.39 -82.89 34.81
CA ILE S 189 64.87 -82.30 33.57
C ILE S 189 63.37 -82.57 33.41
N ASP S 190 62.94 -83.81 33.71
CA ASP S 190 61.52 -84.11 33.61
C ASP S 190 60.69 -83.26 34.58
N ALA S 191 61.19 -83.06 35.80
CA ALA S 191 60.48 -82.22 36.76
C ALA S 191 60.37 -80.78 36.27
N ALA S 192 61.44 -80.26 35.68
CA ALA S 192 61.40 -78.88 35.17
C ALA S 192 60.36 -78.72 34.07
N ILE S 193 60.29 -79.68 33.16
CA ILE S 193 59.26 -79.64 32.12
C ILE S 193 57.88 -79.59 32.75
N LYS S 194 57.66 -80.39 33.80
CA LYS S 194 56.36 -80.38 34.48
C LYS S 194 56.02 -79.01 35.06
N THR S 195 56.97 -78.37 35.75
CA THR S 195 56.63 -77.09 36.39
C THR S 195 56.35 -76.00 35.36
N ILE S 196 57.09 -76.00 34.25
CA ILE S 196 56.76 -75.02 33.20
C ILE S 196 55.37 -75.27 32.63
N ASP S 197 55.00 -76.53 32.44
CA ASP S 197 53.64 -76.82 31.99
C ASP S 197 52.59 -76.23 32.94
N ALA S 198 52.80 -76.39 34.24
CA ALA S 198 51.80 -75.87 35.19
C ALA S 198 51.68 -74.34 35.11
N GLN S 199 52.82 -73.65 35.02
CA GLN S 199 52.76 -72.19 34.88
C GLN S 199 52.03 -71.76 33.62
N ARG S 200 52.29 -72.43 32.50
CA ARG S 200 51.62 -72.07 31.26
C ARG S 200 50.12 -72.32 31.34
N ALA S 201 49.73 -73.39 32.04
CA ALA S 201 48.31 -73.66 32.25
C ALA S 201 47.61 -72.51 32.96
N ASP S 202 48.21 -72.03 34.07
CA ASP S 202 47.58 -70.92 34.79
C ASP S 202 47.50 -69.64 33.96
N LEU S 203 48.54 -69.33 33.19
CA LEU S 203 48.47 -68.12 32.37
C LEU S 203 47.39 -68.24 31.30
N GLY S 204 47.22 -69.43 30.72
CA GLY S 204 46.16 -69.61 29.74
C GLY S 204 44.77 -69.43 30.33
N ALA S 205 44.55 -69.98 31.52
CA ALA S 205 43.27 -69.77 32.20
C ALA S 205 43.01 -68.29 32.43
N ILE S 206 44.02 -67.54 32.86
CA ILE S 206 43.85 -66.09 33.06
C ILE S 206 43.44 -65.40 31.77
N GLN S 207 44.06 -65.76 30.64
CA GLN S 207 43.71 -65.10 29.38
C GLN S 207 42.27 -65.38 28.97
N ASN S 208 41.82 -66.63 29.11
CA ASN S 208 40.42 -66.95 28.80
C ASN S 208 39.46 -66.13 29.65
N ARG S 209 39.73 -66.06 30.96
CA ARG S 209 38.91 -65.27 31.86
C ARG S 209 38.83 -63.80 31.45
N LEU S 210 39.97 -63.20 31.08
CA LEU S 210 39.96 -61.80 30.69
C LEU S 210 39.18 -61.57 29.40
N ALA S 211 39.21 -62.54 28.48
CA ALA S 211 38.42 -62.42 27.27
C ALA S 211 36.92 -62.34 27.58
N HIS S 212 36.42 -63.28 28.39
CA HIS S 212 35.02 -63.23 28.80
C HIS S 212 34.66 -61.92 29.50
N ASN S 213 35.57 -61.42 30.35
CA ASN S 213 35.26 -60.21 31.10
C ASN S 213 35.17 -58.99 30.18
N ILE S 214 36.05 -58.88 29.20
CA ILE S 214 35.98 -57.76 28.26
C ILE S 214 34.70 -57.82 27.44
N SER S 215 34.30 -59.02 27.01
CA SER S 215 33.05 -59.15 26.27
C SER S 215 31.85 -58.66 27.09
N ASN S 216 31.79 -59.06 28.36
CA ASN S 216 30.69 -58.62 29.21
C ASN S 216 30.70 -57.11 29.43
N SER S 217 31.88 -56.51 29.55
CA SER S 217 31.95 -55.06 29.74
C SER S 217 31.47 -54.30 28.52
N ALA S 218 31.79 -54.80 27.31
CA ALA S 218 31.27 -54.16 26.10
C ALA S 218 29.75 -54.20 26.04
N ASN S 219 29.17 -55.37 26.33
CA ASN S 219 27.70 -55.46 26.42
C ASN S 219 27.13 -54.42 27.38
N THR S 220 27.67 -54.37 28.60
CA THR S 220 27.09 -53.51 29.62
C THR S 220 27.25 -52.04 29.26
N GLN S 221 28.38 -51.68 28.65
CA GLN S 221 28.56 -50.30 28.20
C GLN S 221 27.49 -49.89 27.20
N ALA S 222 27.21 -50.76 26.21
CA ALA S 222 26.15 -50.44 25.25
C ALA S 222 24.80 -50.23 25.95
N ASN S 223 24.42 -51.15 26.84
CA ASN S 223 23.11 -51.04 27.48
C ASN S 223 23.02 -49.80 28.39
N VAL S 224 24.10 -49.47 29.09
CA VAL S 224 24.05 -48.31 29.99
C VAL S 224 24.05 -47.00 29.21
N ALA S 225 24.75 -46.94 28.07
CA ALA S 225 24.69 -45.75 27.24
C ALA S 225 23.30 -45.54 26.66
N ASP S 226 22.64 -46.62 26.25
CA ASP S 226 21.22 -46.55 25.88
C ASP S 226 20.38 -45.96 27.01
N ALA S 227 20.55 -46.50 28.23
CA ALA S 227 19.79 -46.02 29.38
C ALA S 227 20.01 -44.53 29.61
N LYS S 228 21.25 -44.06 29.53
CA LYS S 228 21.53 -42.64 29.76
C LYS S 228 20.95 -41.78 28.66
N SER S 229 21.00 -42.24 27.42
CA SER S 229 20.43 -41.48 26.31
C SER S 229 18.94 -41.28 26.49
N ARG S 230 18.24 -42.30 27.03
CA ARG S 230 16.81 -42.14 27.28
C ARG S 230 16.52 -41.00 28.25
N ILE S 231 17.47 -40.63 29.09
CA ILE S 231 17.23 -39.59 30.10
C ILE S 231 17.73 -38.23 29.65
N VAL S 232 18.89 -38.15 29.00
CA VAL S 232 19.58 -36.87 28.82
C VAL S 232 19.30 -36.25 27.47
N ASP S 233 19.19 -37.04 26.40
CA ASP S 233 19.14 -36.49 25.05
C ASP S 233 17.78 -35.93 24.70
N VAL S 234 17.76 -35.05 23.70
CA VAL S 234 16.54 -34.38 23.27
C VAL S 234 15.90 -35.19 22.15
N ASP S 235 14.59 -35.01 22.00
CA ASP S 235 13.82 -35.59 20.91
C ASP S 235 13.59 -34.52 19.85
N PHE S 236 14.12 -34.73 18.66
CA PHE S 236 14.02 -33.71 17.62
C PHE S 236 12.61 -33.59 17.07
N ALA S 237 11.91 -34.72 16.92
CA ALA S 237 10.56 -34.71 16.38
C ALA S 237 9.61 -33.89 17.24
N LYS S 238 9.79 -33.94 18.55
CA LYS S 238 8.93 -33.19 19.46
C LYS S 238 9.37 -31.74 19.58
N GLU S 239 10.67 -31.50 19.58
CA GLU S 239 11.18 -30.19 19.92
C GLU S 239 11.01 -29.23 18.74
N THR S 240 11.13 -29.74 17.51
CA THR S 240 10.86 -28.91 16.34
C THR S 240 9.40 -28.48 16.27
N SER S 241 8.49 -29.37 16.67
CA SER S 241 7.08 -29.01 16.71
C SER S 241 6.81 -27.91 17.72
N GLN S 242 7.39 -28.04 18.92
CA GLN S 242 7.23 -26.97 19.90
C GLN S 242 7.79 -25.65 19.39
N MET S 243 8.93 -25.70 18.71
CA MET S 243 9.52 -24.48 18.18
C MET S 243 8.60 -23.78 17.18
N THR S 244 8.02 -24.54 16.25
CA THR S 244 7.14 -23.94 15.26
C THR S 244 5.88 -23.35 15.91
N LYS S 245 5.32 -24.06 16.90
CA LYS S 245 4.17 -23.51 17.61
C LYS S 245 4.48 -22.18 18.25
N ASN S 246 5.63 -22.07 18.92
CA ASN S 246 5.95 -20.80 19.58
C ASN S 246 6.27 -19.69 18.59
N GLN S 247 6.83 -20.03 17.42
CA GLN S 247 7.01 -19.04 16.36
C GLN S 247 5.67 -18.41 15.96
N VAL S 248 4.68 -19.26 15.64
CA VAL S 248 3.39 -18.72 15.24
C VAL S 248 2.77 -17.89 16.35
N LEU S 249 2.88 -18.35 17.60
CA LEU S 249 2.31 -17.57 18.70
C LEU S 249 3.01 -16.22 18.85
N GLN S 250 4.31 -16.16 18.59
CA GLN S 250 5.00 -14.87 18.66
C GLN S 250 4.44 -13.90 17.62
N GLN S 251 4.25 -14.37 16.39
CA GLN S 251 3.72 -13.46 15.37
C GLN S 251 2.31 -13.00 15.71
N THR S 252 1.47 -13.90 16.21
CA THR S 252 0.11 -13.53 16.59
C THR S 252 0.09 -12.53 17.75
N GLY S 253 0.92 -12.78 18.76
CA GLY S 253 0.95 -11.88 19.91
C GLY S 253 1.50 -10.51 19.57
N SER S 254 2.48 -10.46 18.68
CA SER S 254 2.98 -9.18 18.20
C SER S 254 1.88 -8.39 17.50
N ALA S 255 1.16 -9.03 16.57
CA ALA S 255 0.06 -8.35 15.90
C ALA S 255 -0.99 -7.86 16.90
N MET S 256 -1.30 -8.68 17.90
CA MET S 256 -2.37 -8.32 18.82
C MET S 256 -1.97 -7.19 19.73
N LEU S 257 -0.69 -7.15 20.14
CA LEU S 257 -0.22 -6.03 20.97
C LEU S 257 -0.16 -4.74 20.17
N ALA S 258 0.27 -4.81 18.92
CA ALA S 258 0.28 -3.61 18.07
C ALA S 258 -1.13 -3.08 17.87
N GLN S 259 -2.11 -3.97 17.75
CA GLN S 259 -3.49 -3.52 17.64
C GLN S 259 -4.03 -3.02 18.97
N ALA S 260 -3.50 -3.52 20.08
CA ALA S 260 -3.99 -3.10 21.39
C ALA S 260 -3.51 -1.71 21.76
N ASN S 261 -2.31 -1.32 21.33
CA ASN S 261 -1.83 0.02 21.65
C ASN S 261 -2.57 1.15 20.93
N GLN S 262 -3.56 0.86 20.08
CA GLN S 262 -4.31 1.90 19.39
C GLN S 262 -5.69 2.15 20.00
N LEU S 263 -5.97 1.65 21.20
CA LEU S 263 -7.30 1.82 21.78
C LEU S 263 -7.58 3.21 22.34
N PRO S 264 -6.62 3.95 22.91
CA PRO S 264 -6.95 5.29 23.43
C PRO S 264 -7.32 6.31 22.37
N GLN S 265 -7.40 5.93 21.09
CA GLN S 265 -7.72 6.90 20.05
C GLN S 265 -9.21 7.08 19.82
N VAL S 266 -10.07 6.40 20.58
CA VAL S 266 -11.50 6.66 20.47
C VAL S 266 -11.84 7.99 21.12
N ALA S 267 -11.04 8.40 22.11
CA ALA S 267 -11.27 9.67 22.79
C ALA S 267 -11.13 10.84 21.84
N LEU S 268 -10.15 10.79 20.94
CA LEU S 268 -10.00 11.86 19.94
C LEU S 268 -11.24 11.97 19.07
N SER S 269 -11.90 10.84 18.80
CA SER S 269 -13.16 10.90 18.06
C SER S 269 -14.24 11.57 18.89
N LEU S 270 -14.35 11.23 20.18
CA LEU S 270 -15.35 11.89 21.01
C LEU S 270 -15.01 13.35 21.23
N LEU S 271 -13.75 13.72 21.06
CA LEU S 271 -13.29 15.06 21.42
C LEU S 271 -13.37 16.01 20.24
N ALA T 1 -17.38 34.40 38.80
CA ALA T 1 -17.08 35.69 38.20
C ALA T 1 -16.72 35.55 36.73
N ILE T 2 -16.96 36.62 35.97
CA ILE T 2 -16.59 36.68 34.56
C ILE T 2 -15.49 37.72 34.45
N THR T 3 -14.25 37.28 34.33
CA THR T 3 -13.10 38.18 34.34
C THR T 3 -12.30 38.01 33.06
N VAL T 4 -11.55 39.06 32.72
CA VAL T 4 -10.77 39.08 31.49
C VAL T 4 -9.27 39.09 31.79
N ASN T 5 -8.87 39.60 32.94
CA ASN T 5 -7.47 39.91 33.19
C ASN T 5 -6.65 38.70 33.63
N THR T 6 -7.30 37.65 34.13
CA THR T 6 -6.60 36.47 34.60
C THR T 6 -7.40 35.24 34.20
N ASN T 7 -6.71 34.20 33.74
CA ASN T 7 -7.35 32.99 33.25
C ASN T 7 -6.60 31.81 33.87
N VAL T 8 -7.24 31.12 34.81
CA VAL T 8 -6.54 30.09 35.58
C VAL T 8 -6.65 28.74 34.89
N THR T 9 -7.78 28.49 34.22
CA THR T 9 -7.94 27.26 33.46
C THR T 9 -6.85 27.13 32.41
N SER T 10 -6.48 28.24 31.78
CA SER T 10 -5.41 28.22 30.80
C SER T 10 -4.06 27.87 31.43
N LEU T 11 -3.79 28.41 32.62
CA LEU T 11 -2.55 28.09 33.31
C LEU T 11 -2.44 26.60 33.60
N LYS T 12 -3.53 26.01 34.10
CA LYS T 12 -3.50 24.59 34.43
C LYS T 12 -3.39 23.73 33.18
N ALA T 13 -4.08 24.12 32.10
CA ALA T 13 -3.95 23.38 30.84
C ALA T 13 -2.53 23.44 30.31
N GLN T 14 -1.89 24.61 30.41
CA GLN T 14 -0.49 24.73 30.01
C GLN T 14 0.40 23.77 30.77
N LYS T 15 0.20 23.67 32.08
CA LYS T 15 1.07 22.80 32.85
C LYS T 15 0.87 21.34 32.48
N ASN T 16 -0.38 20.90 32.29
CA ASN T 16 -0.62 19.53 31.88
C ASN T 16 0.01 19.23 30.52
N LEU T 17 -0.15 20.15 29.56
CA LEU T 17 0.40 19.94 28.23
C LEU T 17 1.92 19.83 28.27
N ASN T 18 2.56 20.65 29.11
CA ASN T 18 4.02 20.57 29.24
C ASN T 18 4.46 19.24 29.83
N THR T 19 3.74 18.75 30.84
CA THR T 19 4.09 17.45 31.42
C THR T 19 4.00 16.34 30.38
N SER T 20 2.93 16.34 29.59
CA SER T 20 2.78 15.33 28.56
C SER T 20 3.90 15.39 27.52
N ALA T 21 4.26 16.61 27.08
CA ALA T 21 5.32 16.74 26.10
C ALA T 21 6.66 16.23 26.63
N SER T 22 6.97 16.54 27.88
CA SER T 22 8.20 16.03 28.47
C SER T 22 8.23 14.51 28.50
N ASP T 23 7.13 13.88 28.92
CA ASP T 23 7.10 12.41 28.96
C ASP T 23 7.30 11.81 27.57
N LEU T 24 6.66 12.41 26.55
CA LEU T 24 6.81 11.89 25.19
C LEU T 24 8.24 11.99 24.70
N ALA T 25 8.91 13.13 24.97
CA ALA T 25 10.30 13.29 24.57
C ALA T 25 11.20 12.24 25.23
N THR T 26 10.98 11.99 26.52
CA THR T 26 11.77 10.97 27.21
C THR T 26 11.60 9.60 26.55
N SER T 27 10.36 9.22 26.25
CA SER T 27 10.10 7.93 25.62
C SER T 27 10.77 7.83 24.25
N MET T 28 10.69 8.91 23.46
CA MET T 28 11.32 8.94 22.15
C MET T 28 12.82 8.70 22.25
N GLU T 29 13.48 9.37 23.20
CA GLU T 29 14.90 9.16 23.43
C GLU T 29 15.21 7.71 23.77
N ARG T 30 14.42 7.12 24.66
CA ARG T 30 14.69 5.74 25.09
C ARG T 30 14.53 4.75 23.94
N LEU T 31 13.54 4.98 23.06
CA LEU T 31 13.39 4.09 21.91
C LEU T 31 14.49 4.30 20.88
N SER T 32 14.98 5.53 20.74
CA SER T 32 16.05 5.78 19.77
C SER T 32 17.36 5.17 20.23
N SER T 33 17.63 5.18 21.53
CA SER T 33 18.91 4.71 22.04
C SER T 33 18.96 3.20 22.22
N GLY T 34 17.86 2.60 22.70
CA GLY T 34 17.84 1.21 23.05
C GLY T 34 18.20 0.90 24.48
N LEU T 35 18.37 1.92 25.31
CA LEU T 35 18.79 1.77 26.70
C LEU T 35 17.77 2.41 27.63
N ARG T 36 17.60 1.81 28.80
CA ARG T 36 16.71 2.37 29.81
C ARG T 36 17.40 3.48 30.60
N ILE T 37 18.70 3.32 30.86
CA ILE T 37 19.46 4.27 31.67
C ILE T 37 20.35 5.05 30.73
N ASN T 38 19.96 6.28 30.42
CA ASN T 38 20.79 7.18 29.63
C ASN T 38 21.56 8.18 30.46
N SER T 39 21.19 8.36 31.72
CA SER T 39 21.85 9.30 32.62
C SER T 39 21.70 8.77 34.03
N ALA T 40 22.19 9.54 35.00
CA ALA T 40 21.96 9.18 36.39
C ALA T 40 20.64 9.73 36.91
N LYS T 41 20.00 10.63 36.17
CA LYS T 41 18.61 10.97 36.41
C LYS T 41 17.71 9.75 36.45
N ASP T 42 18.05 8.71 35.70
CA ASP T 42 17.20 7.55 35.49
C ASP T 42 17.31 6.55 36.65
N ASP T 43 18.51 6.01 36.86
CA ASP T 43 18.73 5.04 37.93
C ASP T 43 20.21 5.14 38.31
N ALA T 44 20.48 5.56 39.55
CA ALA T 44 21.86 5.87 39.93
C ALA T 44 22.62 4.64 40.41
N ALA T 45 21.96 3.79 41.20
CA ALA T 45 22.61 2.58 41.67
C ALA T 45 22.81 1.56 40.55
N GLY T 46 21.83 1.48 39.64
CA GLY T 46 21.97 0.61 38.49
C GLY T 46 23.09 1.03 37.58
N LEU T 47 23.34 2.33 37.47
CA LEU T 47 24.47 2.81 36.69
C LEU T 47 25.79 2.25 37.20
N ALA T 48 26.03 2.29 38.50
CA ALA T 48 27.29 1.80 39.04
C ALA T 48 27.37 0.27 38.98
N ILE T 49 26.26 -0.41 39.27
CA ILE T 49 26.25 -1.87 39.18
C ILE T 49 26.57 -2.29 37.74
N SER T 50 26.02 -1.57 36.77
CA SER T 50 26.24 -1.92 35.37
C SER T 50 27.64 -1.55 34.91
N ASN T 51 28.23 -0.49 35.45
CA ASN T 51 29.63 -0.21 35.16
C ASN T 51 30.53 -1.35 35.63
N ARG T 52 30.27 -1.88 36.82
CA ARG T 52 31.08 -3.00 37.30
C ARG T 52 30.87 -4.27 36.47
N LEU T 53 29.62 -4.56 36.11
CA LEU T 53 29.38 -5.73 35.27
C LEU T 53 30.02 -5.58 33.89
N ASN T 54 30.06 -4.35 33.39
CA ASN T 54 30.69 -4.08 32.11
C ASN T 54 32.20 -4.31 32.18
N SER T 55 32.84 -3.83 33.25
CA SER T 55 34.25 -4.16 33.48
C SER T 55 34.48 -5.67 33.48
N GLN T 56 33.59 -6.43 34.13
CA GLN T 56 33.78 -7.87 34.19
C GLN T 56 33.67 -8.53 32.81
N VAL T 57 32.67 -8.14 32.02
CA VAL T 57 32.50 -8.73 30.69
C VAL T 57 33.72 -8.46 29.83
N ARG T 58 34.18 -7.20 29.81
CA ARG T 58 35.31 -6.82 28.97
C ARG T 58 36.60 -7.51 29.41
N GLY T 59 36.80 -7.62 30.73
CA GLY T 59 37.96 -8.31 31.23
C GLY T 59 37.98 -9.79 30.90
N LEU T 60 36.81 -10.44 30.94
CA LEU T 60 36.76 -11.85 30.57
C LEU T 60 37.11 -12.05 29.09
N GLU T 61 36.67 -11.13 28.23
CA GLU T 61 37.06 -11.20 26.83
C GLU T 61 38.58 -11.15 26.66
N VAL T 62 39.22 -10.15 27.27
CA VAL T 62 40.69 -10.05 27.14
C VAL T 62 41.39 -11.26 27.77
N GLY T 63 40.83 -11.79 28.87
CA GLY T 63 41.46 -12.92 29.52
C GLY T 63 41.43 -14.18 28.67
N MET T 64 40.34 -14.41 27.95
CA MET T 64 40.31 -15.53 27.00
C MET T 64 41.34 -15.34 25.89
N ARG T 65 41.54 -14.10 25.46
CA ARG T 65 42.62 -13.87 24.48
C ARG T 65 43.98 -14.28 25.05
N ASN T 66 44.29 -13.88 26.29
CA ASN T 66 45.55 -14.27 26.92
C ASN T 66 45.68 -15.78 27.07
N ALA T 67 44.58 -16.45 27.42
CA ALA T 67 44.63 -17.90 27.58
C ALA T 67 44.95 -18.59 26.26
N ASN T 68 44.42 -18.07 25.16
CA ASN T 68 44.72 -18.68 23.87
C ASN T 68 46.19 -18.45 23.49
N ASP T 69 46.73 -17.29 23.86
CA ASP T 69 48.17 -17.05 23.70
C ASP T 69 49.01 -18.09 24.44
N ALA T 70 48.64 -18.39 25.68
CA ALA T 70 49.38 -19.40 26.45
C ALA T 70 49.29 -20.78 25.79
N ILE T 71 48.11 -21.14 25.28
CA ILE T 71 47.96 -22.42 24.60
C ILE T 71 48.87 -22.49 23.38
N SER T 72 48.99 -21.37 22.65
CA SER T 72 49.87 -21.32 21.48
C SER T 72 51.32 -21.58 21.86
N ILE T 73 51.81 -20.90 22.88
CA ILE T 73 53.20 -21.08 23.31
C ILE T 73 53.46 -22.53 23.69
N ALA T 74 52.59 -23.10 24.52
CA ALA T 74 52.78 -24.47 24.98
C ALA T 74 52.76 -25.46 23.82
N GLN T 75 51.90 -25.21 22.84
CA GLN T 75 51.76 -26.11 21.70
C GLN T 75 53.01 -26.09 20.82
N ILE T 76 53.61 -24.91 20.60
CA ILE T 76 54.85 -24.83 19.82
C ILE T 76 55.98 -25.58 20.52
N ALA T 77 56.17 -25.33 21.83
CA ALA T 77 57.27 -26.00 22.53
C ALA T 77 57.09 -27.51 22.57
N GLU T 78 55.88 -27.97 22.88
CA GLU T 78 55.59 -29.39 22.92
C GLU T 78 55.81 -30.05 21.58
N GLY T 79 55.47 -29.37 20.47
CA GLY T 79 55.75 -29.95 19.17
C GLY T 79 57.22 -30.00 18.83
N ALA T 80 58.00 -29.04 19.32
CA ALA T 80 59.44 -29.07 19.10
C ALA T 80 60.10 -30.27 19.79
N MET T 81 59.62 -30.67 20.96
CA MET T 81 60.29 -31.76 21.69
C MET T 81 60.16 -33.15 21.02
N GLN T 82 59.20 -33.32 20.11
CA GLN T 82 58.96 -34.62 19.48
C GLN T 82 60.11 -35.02 18.55
N GLU T 83 60.64 -34.09 17.76
CA GLU T 83 61.77 -34.40 16.90
C GLU T 83 63.02 -34.73 17.70
N GLN T 84 63.18 -34.10 18.86
CA GLN T 84 64.29 -34.42 19.75
C GLN T 84 64.18 -35.86 20.25
N THR T 85 62.98 -36.26 20.69
CA THR T 85 62.75 -37.66 21.06
C THR T 85 63.10 -38.62 19.92
N ASN T 86 62.68 -38.26 18.70
CA ASN T 86 62.91 -39.11 17.53
C ASN T 86 64.40 -39.31 17.29
N MET T 87 65.17 -38.23 17.33
CA MET T 87 66.61 -38.32 17.10
C MET T 87 67.30 -39.10 18.22
N LEU T 88 66.85 -38.96 19.46
CA LEU T 88 67.43 -39.77 20.53
C LEU T 88 67.19 -41.26 20.33
N GLN T 89 66.01 -41.63 19.85
CA GLN T 89 65.77 -43.04 19.52
C GLN T 89 66.75 -43.54 18.45
N ARG T 90 67.00 -42.71 17.43
CA ARG T 90 67.96 -43.09 16.41
C ARG T 90 69.37 -43.29 16.99
N MET T 91 69.80 -42.38 17.86
CA MET T 91 71.12 -42.54 18.51
C MET T 91 71.19 -43.80 19.36
N ARG T 92 70.09 -44.14 20.03
CA ARG T 92 70.05 -45.40 20.79
C ARG T 92 70.29 -46.60 19.89
N ASP T 93 69.67 -46.63 18.71
CA ASP T 93 69.92 -47.72 17.77
C ASP T 93 71.38 -47.76 17.31
N LEU T 94 71.96 -46.60 17.03
CA LEU T 94 73.37 -46.56 16.64
C LEU T 94 74.28 -47.08 17.74
N THR T 95 73.97 -46.74 18.99
CA THR T 95 74.77 -47.23 20.11
C THR T 95 74.65 -48.73 20.30
N VAL T 96 73.45 -49.29 20.15
CA VAL T 96 73.31 -50.73 20.23
C VAL T 96 74.07 -51.40 19.08
N GLN T 97 74.11 -50.76 17.91
CA GLN T 97 74.85 -51.33 16.79
C GLN T 97 76.35 -51.29 17.00
N SER T 98 76.85 -50.35 17.81
CA SER T 98 78.28 -50.30 18.08
C SER T 98 78.78 -51.51 18.87
N GLU T 99 77.91 -52.23 19.57
CA GLU T 99 78.30 -53.38 20.37
C GLU T 99 78.30 -54.68 19.56
N ASN T 100 79.17 -54.77 18.57
CA ASN T 100 79.18 -55.86 17.62
C ASN T 100 80.62 -56.27 17.39
N GLY T 101 80.97 -57.50 17.79
CA GLY T 101 82.35 -57.94 17.72
C GLY T 101 82.89 -58.12 16.31
N ALA T 102 82.17 -57.65 15.31
CA ALA T 102 82.65 -57.67 13.94
C ALA T 102 82.95 -56.28 13.40
N ASN T 103 82.57 -55.23 14.14
CA ASN T 103 82.92 -53.88 13.75
C ASN T 103 84.41 -53.65 13.91
N SER T 104 84.95 -52.78 13.07
CA SER T 104 86.33 -52.34 13.18
C SER T 104 86.33 -50.83 13.45
N SER T 105 87.53 -50.24 13.51
CA SER T 105 87.61 -48.83 13.90
C SER T 105 86.96 -47.91 12.87
N ALA T 106 87.01 -48.29 11.59
CA ALA T 106 86.38 -47.46 10.56
C ALA T 106 84.86 -47.47 10.69
N ASP T 107 84.29 -48.65 10.95
CA ASP T 107 82.84 -48.74 11.16
C ASP T 107 82.40 -47.98 12.40
N LEU T 108 83.19 -48.07 13.47
CA LEU T 108 82.89 -47.30 14.67
C LEU T 108 82.96 -45.81 14.41
N SER T 109 83.90 -45.38 13.58
CA SER T 109 83.99 -43.96 13.24
C SER T 109 82.79 -43.50 12.42
N ALA T 110 82.29 -44.35 11.52
CA ALA T 110 81.09 -44.00 10.77
C ALA T 110 79.87 -43.85 11.68
N LEU T 111 79.66 -44.84 12.55
CA LEU T 111 78.58 -44.78 13.52
C LEU T 111 78.67 -43.50 14.36
N LYS T 112 79.88 -43.16 14.83
CA LYS T 112 79.99 -41.99 15.70
C LYS T 112 79.82 -40.69 14.93
N ALA T 113 80.22 -40.64 13.67
CA ALA T 113 79.96 -39.44 12.86
C ALA T 113 78.47 -39.16 12.75
N GLU T 114 77.67 -40.20 12.55
CA GLU T 114 76.24 -39.94 12.52
C GLU T 114 75.68 -39.54 13.88
N MET T 115 76.18 -40.15 14.97
CA MET T 115 75.77 -39.70 16.30
C MET T 115 76.04 -38.22 16.53
N ASP T 116 77.22 -37.74 16.10
CA ASP T 116 77.54 -36.33 16.30
C ASP T 116 76.63 -35.42 15.49
N GLN T 117 76.30 -35.80 14.25
CA GLN T 117 75.36 -34.97 13.50
C GLN T 117 73.99 -34.91 14.18
N LEU T 118 73.53 -36.03 14.75
CA LEU T 118 72.24 -36.01 15.45
C LEU T 118 72.28 -35.14 16.70
N ALA T 119 73.40 -35.16 17.43
CA ALA T 119 73.50 -34.29 18.60
C ALA T 119 73.53 -32.82 18.21
N ASN T 120 74.17 -32.51 17.08
CA ASN T 120 74.15 -31.14 16.57
C ASN T 120 72.73 -30.69 16.22
N GLU T 121 71.93 -31.57 15.61
CA GLU T 121 70.55 -31.17 15.32
C GLU T 121 69.70 -31.03 16.58
N ILE T 122 69.93 -31.86 17.60
CA ILE T 122 69.24 -31.66 18.87
C ILE T 122 69.58 -30.28 19.46
N ASP T 123 70.86 -29.89 19.40
CA ASP T 123 71.22 -28.57 19.90
C ASP T 123 70.59 -27.45 19.06
N GLU T 124 70.56 -27.62 17.74
CA GLU T 124 69.95 -26.59 16.90
C GLU T 124 68.47 -26.39 17.22
N ILE T 125 67.72 -27.49 17.34
CA ILE T 125 66.32 -27.35 17.73
C ILE T 125 66.21 -26.67 19.10
N GLY T 126 67.13 -26.97 20.00
CA GLY T 126 67.10 -26.34 21.31
C GLY T 126 67.26 -24.84 21.26
N LYS T 127 68.15 -24.35 20.40
CA LYS T 127 68.39 -22.90 20.36
C LYS T 127 67.53 -22.14 19.36
N THR T 128 66.82 -22.84 18.47
CA THR T 128 66.18 -22.16 17.35
C THR T 128 64.69 -21.91 17.59
N THR T 129 64.03 -22.76 18.36
CA THR T 129 62.58 -22.67 18.54
C THR T 129 62.17 -21.34 19.16
N ALA T 130 61.18 -20.68 18.56
CA ALA T 130 60.80 -19.34 18.96
C ALA T 130 59.31 -19.12 18.75
N PHE T 131 58.78 -18.11 19.43
CA PHE T 131 57.47 -17.54 19.18
C PHE T 131 57.71 -16.13 18.64
N GLY T 132 57.77 -16.02 17.32
CA GLY T 132 58.19 -14.78 16.70
C GLY T 132 59.67 -14.57 16.87
N THR T 133 60.06 -13.82 17.89
CA THR T 133 61.46 -13.58 18.18
C THR T 133 61.89 -13.98 19.59
N THR T 134 61.00 -14.47 20.44
CA THR T 134 61.37 -14.88 21.79
C THR T 134 61.65 -16.37 21.81
N LYS T 135 62.76 -16.75 22.41
CA LYS T 135 63.17 -18.14 22.45
C LYS T 135 62.40 -18.89 23.53
N LEU T 136 62.10 -20.16 23.27
CA LEU T 136 61.28 -20.95 24.18
C LEU T 136 62.06 -22.07 24.88
N LEU T 137 63.00 -22.71 24.21
CA LEU T 137 63.68 -23.85 24.82
C LEU T 137 65.10 -23.54 25.27
N ALA T 138 65.42 -22.27 25.52
CA ALA T 138 66.79 -21.91 25.87
C ALA T 138 66.96 -21.59 27.35
N GLY T 139 65.87 -21.50 28.10
CA GLY T 139 65.94 -21.19 29.52
C GLY T 139 65.23 -19.91 29.92
N GLY T 140 64.53 -19.23 29.02
CA GLY T 140 63.84 -18.00 29.38
C GLY T 140 62.52 -18.22 30.10
N PHE T 141 61.96 -19.43 30.00
CA PHE T 141 60.75 -19.79 30.72
C PHE T 141 61.03 -20.75 31.87
N SER T 142 62.30 -20.90 32.27
CA SER T 142 62.65 -21.86 33.32
C SER T 142 61.96 -21.51 34.64
N ALA T 143 61.93 -20.23 34.99
CA ALA T 143 60.95 -19.72 35.93
C ALA T 143 59.80 -19.15 35.11
N GLY T 144 58.61 -19.70 35.29
CA GLY T 144 57.55 -19.49 34.32
C GLY T 144 57.13 -18.03 34.20
N LYS T 145 56.35 -17.77 33.15
CA LYS T 145 55.73 -16.48 32.92
C LYS T 145 54.23 -16.59 33.22
N ASN T 146 53.64 -15.49 33.69
CA ASN T 146 52.22 -15.48 34.02
C ASN T 146 51.39 -14.87 32.91
N PHE T 147 50.22 -15.44 32.68
CA PHE T 147 49.21 -14.90 31.79
C PHE T 147 47.97 -14.65 32.64
N GLN T 148 47.48 -13.42 32.65
CA GLN T 148 46.27 -13.13 33.41
C GLN T 148 45.06 -13.59 32.61
N VAL T 149 44.39 -14.63 33.10
CA VAL T 149 43.29 -15.24 32.37
C VAL T 149 41.92 -14.82 32.88
N GLY T 150 41.86 -13.90 33.85
CA GLY T 150 40.62 -13.39 34.36
C GLY T 150 40.54 -11.88 34.30
N ALA T 151 39.49 -11.34 34.90
CA ALA T 151 39.26 -9.91 34.88
C ALA T 151 39.93 -9.18 36.05
N GLN T 152 40.23 -9.89 37.13
CA GLN T 152 40.80 -9.28 38.32
C GLN T 152 42.26 -9.66 38.49
N ASP T 153 42.96 -8.86 39.27
CA ASP T 153 44.38 -9.08 39.50
C ASP T 153 44.62 -10.34 40.34
N GLY T 154 45.60 -11.13 39.93
CA GLY T 154 45.95 -12.34 40.62
C GLY T 154 45.35 -13.60 40.06
N GLU T 155 44.41 -13.47 39.11
CA GLU T 155 43.77 -14.62 38.47
C GLU T 155 44.55 -14.95 37.20
N ASP T 156 45.53 -15.83 37.35
CA ASP T 156 46.49 -16.06 36.29
C ASP T 156 47.12 -17.44 36.38
N ILE T 157 47.71 -17.87 35.27
CA ILE T 157 48.27 -19.21 35.09
C ILE T 157 49.72 -19.06 34.67
N LYS T 158 50.57 -19.96 35.16
CA LYS T 158 52.01 -19.88 34.93
C LYS T 158 52.46 -20.98 33.98
N VAL T 159 53.21 -20.61 32.94
CA VAL T 159 53.71 -21.55 31.95
C VAL T 159 55.22 -21.68 32.11
N THR T 160 55.70 -22.90 32.37
CA THR T 160 57.09 -23.17 32.69
C THR T 160 57.68 -24.12 31.66
N VAL T 161 58.82 -23.74 31.08
CA VAL T 161 59.55 -24.60 30.16
C VAL T 161 61.03 -24.51 30.53
N LYS T 162 61.67 -25.65 30.70
CA LYS T 162 63.10 -25.69 30.99
C LYS T 162 63.90 -25.84 29.71
N ALA T 163 65.21 -25.60 29.82
CA ALA T 163 66.07 -25.69 28.65
C ALA T 163 66.30 -27.14 28.26
N SER T 164 66.26 -27.41 26.96
CA SER T 164 66.49 -28.76 26.44
C SER T 164 67.36 -28.66 25.20
N ASN T 165 68.62 -29.09 25.35
CA ASN T 165 69.63 -29.01 24.31
C ASN T 165 70.68 -30.06 24.65
N LYS T 166 71.69 -30.21 23.79
CA LYS T 166 72.61 -31.32 24.00
C LYS T 166 73.49 -31.12 25.22
N SER T 167 73.48 -29.95 25.82
CA SER T 167 74.32 -29.71 26.98
C SER T 167 73.57 -29.99 28.27
N SER T 168 72.30 -29.63 28.33
CA SER T 168 71.50 -29.90 29.53
C SER T 168 71.03 -31.34 29.58
N LEU T 169 70.92 -32.01 28.43
CA LEU T 169 70.55 -33.41 28.37
C LEU T 169 71.74 -34.35 28.52
N SER T 170 72.96 -33.82 28.60
CA SER T 170 74.18 -34.60 28.80
C SER T 170 74.45 -35.59 27.69
N VAL T 171 74.07 -35.26 26.45
CA VAL T 171 74.36 -36.12 25.31
C VAL T 171 75.36 -35.49 24.36
N GLY T 172 76.05 -34.44 24.78
CA GLY T 172 76.95 -33.72 23.90
C GLY T 172 78.36 -34.24 23.81
N SER T 173 78.68 -35.35 24.48
CA SER T 173 80.02 -35.91 24.46
C SER T 173 80.00 -37.42 24.63
N LEU T 174 79.36 -38.13 23.70
CA LEU T 174 79.21 -39.57 23.84
C LEU T 174 80.25 -40.29 23.02
N GLY T 175 80.73 -41.43 23.53
CA GLY T 175 81.73 -42.20 22.85
C GLY T 175 81.26 -43.62 22.64
N ASN T 176 81.94 -44.31 21.74
CA ASN T 176 81.57 -45.69 21.42
C ASN T 176 82.77 -46.57 21.15
N THR T 177 83.98 -46.14 21.54
CA THR T 177 85.18 -46.86 21.15
C THR T 177 85.59 -47.91 22.16
N THR T 178 84.94 -47.93 23.33
CA THR T 178 85.26 -48.87 24.40
C THR T 178 83.95 -49.37 25.02
N SER T 179 84.01 -50.58 25.59
CA SER T 179 82.82 -51.20 26.18
C SER T 179 82.17 -50.31 27.25
N ALA T 180 82.99 -49.72 28.13
CA ALA T 180 82.45 -48.85 29.17
C ALA T 180 81.87 -47.58 28.58
N ALA T 181 82.46 -47.08 27.49
CA ALA T 181 81.92 -45.90 26.85
C ALA T 181 80.55 -46.17 26.25
N ARG T 182 80.36 -47.36 25.67
CA ARG T 182 79.05 -47.73 25.14
C ARG T 182 78.02 -47.86 26.24
N ALA T 183 78.39 -48.50 27.36
CA ALA T 183 77.46 -48.61 28.49
C ALA T 183 77.03 -47.23 28.99
N SER T 184 78.01 -46.33 29.14
CA SER T 184 77.71 -44.98 29.63
C SER T 184 76.80 -44.22 28.66
N SER T 185 77.06 -44.35 27.36
CA SER T 185 76.23 -43.68 26.36
C SER T 185 74.81 -44.20 26.39
N LEU T 186 74.64 -45.52 26.52
CA LEU T 186 73.29 -46.06 26.61
C LEU T 186 72.54 -45.48 27.80
N LYS T 187 73.18 -45.44 28.97
CA LYS T 187 72.47 -44.91 30.14
C LYS T 187 72.09 -43.45 29.97
N LYS T 188 72.98 -42.64 29.41
CA LYS T 188 72.61 -41.22 29.28
C LYS T 188 71.56 -40.97 28.22
N ILE T 189 71.54 -41.74 27.13
CA ILE T 189 70.46 -41.57 26.16
C ILE T 189 69.11 -41.94 26.78
N ASP T 190 69.07 -43.04 27.54
CA ASP T 190 67.81 -43.40 28.20
C ASP T 190 67.35 -42.34 29.18
N ALA T 191 68.27 -41.76 29.94
CA ALA T 191 67.91 -40.69 30.87
C ALA T 191 67.35 -39.47 30.14
N ALA T 192 67.95 -39.11 29.00
CA ALA T 192 67.47 -37.97 28.24
C ALA T 192 66.05 -38.18 27.73
N ILE T 193 65.76 -39.39 27.24
CA ILE T 193 64.40 -39.70 26.82
C ILE T 193 63.43 -39.52 27.98
N LYS T 194 63.82 -39.97 29.18
CA LYS T 194 62.96 -39.80 30.34
C LYS T 194 62.68 -38.33 30.66
N THR T 195 63.70 -37.47 30.63
CA THR T 195 63.45 -36.07 31.01
C THR T 195 62.57 -35.36 29.99
N ILE T 196 62.75 -35.67 28.70
CA ILE T 196 61.84 -35.06 27.71
C ILE T 196 60.42 -35.53 27.93
N ASP T 197 60.21 -36.81 28.26
CA ASP T 197 58.86 -37.28 28.58
C ASP T 197 58.23 -36.47 29.71
N ALA T 198 59.00 -36.21 30.77
CA ALA T 198 58.45 -35.45 31.90
C ALA T 198 58.04 -34.04 31.49
N GLN T 199 58.89 -33.36 30.71
CA GLN T 199 58.52 -32.02 30.25
C GLN T 199 57.25 -32.02 29.41
N ARG T 200 57.13 -32.99 28.50
CA ARG T 200 55.94 -33.06 27.66
C ARG T 200 54.69 -33.32 28.49
N ALA T 201 54.82 -34.14 29.54
CA ALA T 201 53.69 -34.39 30.43
C ALA T 201 53.19 -33.10 31.07
N ASP T 202 54.10 -32.29 31.62
CA ASP T 202 53.66 -31.04 32.24
C ASP T 202 53.02 -30.07 31.24
N LEU T 203 53.57 -29.97 30.03
CA LEU T 203 52.94 -29.08 29.06
C LEU T 203 51.54 -29.56 28.67
N GLY T 204 51.35 -30.88 28.56
CA GLY T 204 50.02 -31.39 28.25
C GLY T 204 49.01 -31.10 29.34
N ALA T 205 49.42 -31.26 30.60
CA ALA T 205 48.53 -30.90 31.71
C ALA T 205 48.13 -29.42 31.65
N ILE T 206 49.10 -28.54 31.36
CA ILE T 206 48.78 -27.12 31.24
C ILE T 206 47.74 -26.86 30.15
N GLN T 207 47.88 -27.53 29.00
CA GLN T 207 46.92 -27.30 27.92
C GLN T 207 45.51 -27.75 28.30
N ASN T 208 45.38 -28.91 28.95
CA ASN T 208 44.07 -29.36 29.41
C ASN T 208 43.43 -28.35 30.37
N ARG T 209 44.22 -27.88 31.33
CA ARG T 209 43.74 -26.88 32.29
C ARG T 209 43.24 -25.62 31.59
N LEU T 210 43.99 -25.12 30.61
CA LEU T 210 43.58 -23.90 29.92
C LEU T 210 42.30 -24.11 29.12
N ALA T 211 42.10 -25.31 28.58
CA ALA T 211 40.85 -25.60 27.88
C ALA T 211 39.64 -25.48 28.80
N HIS T 212 39.72 -26.16 29.96
CA HIS T 212 38.62 -26.03 30.94
C HIS T 212 38.39 -24.58 31.36
N ASN T 213 39.46 -23.81 31.55
CA ASN T 213 39.30 -22.45 32.02
C ASN T 213 38.62 -21.57 30.97
N ILE T 214 38.96 -21.74 29.70
CA ILE T 214 38.31 -20.95 28.65
C ILE T 214 36.83 -21.31 28.55
N SER T 215 36.50 -22.60 28.68
CA SER T 215 35.09 -23.00 28.65
C SER T 215 34.30 -22.32 29.77
N ASN T 216 34.86 -22.32 30.99
CA ASN T 216 34.16 -21.69 32.10
C ASN T 216 34.00 -20.18 31.90
N SER T 217 35.00 -19.53 31.31
CA SER T 217 34.89 -18.09 31.07
C SER T 217 33.81 -17.76 30.05
N ALA T 218 33.67 -18.60 29.02
CA ALA T 218 32.59 -18.37 28.05
C ALA T 218 31.21 -18.48 28.72
N ASN T 219 31.02 -19.53 29.52
CA ASN T 219 29.78 -19.64 30.29
C ASN T 219 29.50 -18.38 31.11
N THR T 220 30.49 -17.94 31.89
CA THR T 220 30.26 -16.83 32.80
C THR T 220 29.99 -15.54 32.04
N GLN T 221 30.67 -15.34 30.92
CA GLN T 221 30.40 -14.16 30.10
C GLN T 221 28.96 -14.13 29.64
N ALA T 222 28.44 -15.25 29.14
CA ALA T 222 27.03 -15.29 28.74
C ALA T 222 26.09 -14.93 29.90
N ASN T 223 26.30 -15.55 31.07
CA ASN T 223 25.39 -15.29 32.18
C ASN T 223 25.48 -13.84 32.68
N VAL T 224 26.68 -13.27 32.70
CA VAL T 224 26.83 -11.89 33.19
C VAL T 224 26.26 -10.89 32.19
N ALA T 225 26.39 -11.15 30.88
CA ALA T 225 25.78 -10.26 29.91
C ALA T 225 24.26 -10.30 29.99
N ASP T 226 23.69 -11.49 30.22
CA ASP T 226 22.25 -11.58 30.54
C ASP T 226 21.89 -10.72 31.74
N ALA T 227 22.65 -10.85 32.83
CA ALA T 227 22.39 -10.06 34.04
C ALA T 227 22.41 -8.57 33.76
N LYS T 228 23.41 -8.10 32.99
CA LYS T 228 23.52 -6.67 32.70
C LYS T 228 22.37 -6.20 31.81
N SER T 229 21.97 -7.02 30.84
CA SER T 229 20.86 -6.67 29.97
C SER T 229 19.58 -6.47 30.77
N ARG T 230 19.37 -7.30 31.80
CA ARG T 230 18.18 -7.12 32.63
C ARG T 230 18.12 -5.76 33.30
N ILE T 231 19.27 -5.11 33.48
CA ILE T 231 19.31 -3.83 34.19
C ILE T 231 19.33 -2.64 33.23
N VAL T 232 20.06 -2.73 32.13
CA VAL T 232 20.38 -1.55 31.33
C VAL T 232 19.44 -1.36 30.14
N ASP T 233 19.02 -2.45 29.50
CA ASP T 233 18.32 -2.35 28.22
C ASP T 233 16.85 -1.98 28.41
N VAL T 234 16.27 -1.44 27.34
CA VAL T 234 14.88 -0.99 27.36
C VAL T 234 13.98 -2.12 26.91
N ASP T 235 12.72 -2.05 27.33
CA ASP T 235 11.66 -2.95 26.91
C ASP T 235 10.83 -2.26 25.85
N PHE T 236 10.83 -2.82 24.64
CA PHE T 236 10.12 -2.17 23.54
C PHE T 236 8.60 -2.27 23.70
N ALA T 237 8.12 -3.42 24.18
CA ALA T 237 6.68 -3.63 24.33
C ALA T 237 6.07 -2.63 25.30
N LYS T 238 6.80 -2.26 26.34
CA LYS T 238 6.30 -1.31 27.32
C LYS T 238 6.47 0.13 26.85
N GLU T 239 7.60 0.40 26.18
CA GLU T 239 7.96 1.78 25.90
C GLU T 239 7.15 2.31 24.74
N THR T 240 6.82 1.46 23.76
CA THR T 240 5.93 1.89 22.68
C THR T 240 4.54 2.22 23.19
N SER T 241 4.05 1.47 24.17
CA SER T 241 2.75 1.75 24.76
C SER T 241 2.75 3.10 25.47
N GLN T 242 3.79 3.37 26.25
CA GLN T 242 3.90 4.68 26.89
C GLN T 242 3.95 5.81 25.85
N MET T 243 4.68 5.59 24.76
CA MET T 243 4.77 6.61 23.73
C MET T 243 3.40 6.94 23.14
N THR T 244 2.63 5.91 22.79
CA THR T 244 1.30 6.15 22.20
C THR T 244 0.36 6.84 23.18
N LYS T 245 0.42 6.46 24.46
CA LYS T 245 -0.40 7.15 25.46
C LYS T 245 -0.08 8.64 25.51
N ASN T 246 1.21 8.99 25.53
CA ASN T 246 1.56 10.41 25.63
C ASN T 246 1.23 11.17 24.35
N GLN T 247 1.28 10.51 23.19
CA GLN T 247 0.82 11.13 21.95
C GLN T 247 -0.65 11.55 22.06
N VAL T 248 -1.52 10.62 22.46
CA VAL T 248 -2.93 10.95 22.57
C VAL T 248 -3.15 12.07 23.60
N LEU T 249 -2.43 12.01 24.72
CA LEU T 249 -2.60 13.06 25.72
C LEU T 249 -2.16 14.42 25.20
N GLN T 250 -1.12 14.46 24.36
CA GLN T 250 -0.71 15.73 23.76
C GLN T 250 -1.81 16.31 22.89
N GLN T 251 -2.43 15.49 22.05
CA GLN T 251 -3.49 16.01 21.19
C GLN T 251 -4.68 16.51 22.02
N THR T 252 -5.05 15.76 23.06
CA THR T 252 -6.16 16.19 23.90
C THR T 252 -5.85 17.48 24.65
N GLY T 253 -4.64 17.60 25.19
CA GLY T 253 -4.28 18.80 25.93
C GLY T 253 -4.18 20.03 25.04
N SER T 254 -3.69 19.83 23.81
CA SER T 254 -3.68 20.93 22.84
C SER T 254 -5.09 21.42 22.55
N ALA T 255 -6.01 20.50 22.26
CA ALA T 255 -7.40 20.89 22.03
C ALA T 255 -7.99 21.63 23.22
N MET T 256 -7.70 21.15 24.43
CA MET T 256 -8.31 21.72 25.62
C MET T 256 -7.76 23.11 25.92
N LEU T 257 -6.47 23.32 25.67
CA LEU T 257 -5.89 24.64 25.87
C LEU T 257 -6.39 25.64 24.84
N ALA T 258 -6.53 25.20 23.58
CA ALA T 258 -7.09 26.08 22.57
C ALA T 258 -8.52 26.47 22.90
N GLN T 259 -9.29 25.55 23.47
CA GLN T 259 -10.64 25.89 23.89
C GLN T 259 -10.64 26.77 25.15
N ALA T 260 -9.60 26.64 25.98
CA ALA T 260 -9.55 27.41 27.22
C ALA T 260 -9.21 28.88 26.96
N ASN T 261 -8.40 29.15 25.94
CA ASN T 261 -8.07 30.55 25.64
C ASN T 261 -9.23 31.38 25.09
N GLN T 262 -10.41 30.80 24.89
CA GLN T 262 -11.55 31.56 24.39
C GLN T 262 -12.56 31.92 25.47
N LEU T 263 -12.21 31.80 26.75
CA LEU T 263 -13.18 32.10 27.81
C LEU T 263 -13.43 33.58 28.05
N PRO T 264 -12.46 34.49 27.92
CA PRO T 264 -12.76 35.91 28.17
C PRO T 264 -13.72 36.54 27.17
N GLN T 265 -14.27 35.79 26.23
CA GLN T 265 -15.16 36.38 25.23
C GLN T 265 -16.62 36.43 25.67
N VAL T 266 -16.94 35.97 26.88
CA VAL T 266 -18.30 36.14 27.40
C VAL T 266 -18.55 37.59 27.76
N ALA T 267 -17.49 38.31 28.13
CA ALA T 267 -17.62 39.70 28.50
C ALA T 267 -18.11 40.55 27.32
N LEU T 268 -17.62 40.25 26.11
CA LEU T 268 -18.09 40.97 24.93
C LEU T 268 -19.58 40.77 24.73
N SER T 269 -20.10 39.60 25.08
CA SER T 269 -21.54 39.37 25.03
C SER T 269 -22.26 40.23 26.06
N LEU T 270 -21.74 40.27 27.28
CA LEU T 270 -22.39 41.12 28.29
C LEU T 270 -22.25 42.60 27.95
N LEU T 271 -21.27 42.95 27.13
CA LEU T 271 -20.93 44.34 26.88
C LEU T 271 -21.67 44.89 25.67
N ALA U 1 7.96 23.54 27.74
CA ALA U 1 7.74 24.59 26.76
C ALA U 1 7.42 24.01 25.38
N ILE U 2 6.71 24.77 24.58
CA ILE U 2 6.40 24.41 23.20
C ILE U 2 7.13 25.41 22.31
N THR U 3 8.26 24.99 21.75
CA THR U 3 9.12 25.88 20.98
C THR U 3 9.30 25.36 19.56
N VAL U 4 9.62 26.27 18.65
CA VAL U 4 9.77 25.93 17.25
C VAL U 4 11.22 26.10 16.78
N ASN U 5 11.99 26.96 17.44
CA ASN U 5 13.27 27.38 16.91
C ASN U 5 14.40 26.40 17.22
N THR U 6 14.24 25.53 18.21
CA THR U 6 15.27 24.59 18.58
C THR U 6 14.61 23.27 18.95
N ASN U 7 15.21 22.17 18.51
CA ASN U 7 14.63 20.84 18.71
C ASN U 7 15.78 19.94 19.18
N VAL U 8 15.75 19.55 20.46
CA VAL U 8 16.88 18.84 21.05
C VAL U 8 16.73 17.34 20.87
N THR U 9 15.49 16.85 20.89
CA THR U 9 15.24 15.45 20.65
C THR U 9 15.76 15.03 19.29
N SER U 10 15.62 15.90 18.30
CA SER U 10 16.14 15.61 16.97
C SER U 10 17.65 15.53 16.96
N LEU U 11 18.32 16.42 17.70
CA LEU U 11 19.78 16.38 17.78
C LEU U 11 20.26 15.06 18.37
N LYS U 12 19.63 14.62 19.44
CA LYS U 12 20.05 13.38 20.08
C LYS U 12 19.76 12.17 19.20
N ALA U 13 18.61 12.18 18.51
CA ALA U 13 18.30 11.09 17.58
C ALA U 13 19.31 11.04 16.44
N GLN U 14 19.71 12.21 15.92
CA GLN U 14 20.75 12.25 14.89
C GLN U 14 22.03 11.60 15.37
N LYS U 15 22.45 11.91 16.60
CA LYS U 15 23.72 11.35 17.07
C LYS U 15 23.63 9.84 17.24
N ASN U 16 22.52 9.33 17.77
CA ASN U 16 22.38 7.88 17.89
C ASN U 16 22.39 7.19 16.53
N LEU U 17 21.67 7.77 15.56
CA LEU U 17 21.62 7.17 14.23
C LEU U 17 22.99 7.14 13.57
N ASN U 18 23.78 8.20 13.77
CA ASN U 18 25.13 8.22 13.21
C ASN U 18 26.01 7.15 13.85
N THR U 19 25.91 6.98 15.17
CA THR U 19 26.70 5.94 15.84
C THR U 19 26.37 4.56 15.29
N SER U 20 25.08 4.28 15.12
CA SER U 20 24.67 2.98 14.59
C SER U 20 25.20 2.75 13.18
N ALA U 21 25.11 3.78 12.31
CA ALA U 21 25.59 3.64 10.94
C ALA U 21 27.09 3.37 10.90
N SER U 22 27.86 4.07 11.73
CA SER U 22 29.30 3.82 11.79
C SER U 22 29.61 2.39 12.20
N ASP U 23 28.93 1.88 13.22
CA ASP U 23 29.17 0.51 13.66
C ASP U 23 28.86 -0.49 12.55
N LEU U 24 27.76 -0.27 11.82
CA LEU U 24 27.38 -1.19 10.75
C LEU U 24 28.42 -1.18 9.63
N ALA U 25 28.90 0.00 9.25
CA ALA U 25 29.94 0.08 8.22
C ALA U 25 31.20 -0.67 8.64
N THR U 26 31.62 -0.52 9.89
CA THR U 26 32.80 -1.25 10.37
C THR U 26 32.61 -2.76 10.24
N SER U 27 31.44 -3.26 10.67
CA SER U 27 31.17 -4.69 10.59
C SER U 27 31.18 -5.19 9.15
N MET U 28 30.58 -4.41 8.24
CA MET U 28 30.55 -4.78 6.82
C MET U 28 31.96 -4.92 6.27
N GLU U 29 32.84 -3.96 6.60
CA GLU U 29 34.23 -4.03 6.17
C GLU U 29 34.91 -5.29 6.69
N ARG U 30 34.71 -5.60 7.97
CA ARG U 30 35.38 -6.76 8.55
C ARG U 30 34.91 -8.06 7.92
N LEU U 31 33.61 -8.17 7.59
CA LEU U 31 33.13 -9.37 6.92
C LEU U 31 33.63 -9.45 5.48
N SER U 32 33.77 -8.32 4.81
CA SER U 32 34.25 -8.34 3.43
C SER U 32 35.71 -8.72 3.35
N SER U 33 36.52 -8.30 4.33
CA SER U 33 37.96 -8.54 4.28
C SER U 33 38.34 -9.92 4.80
N GLY U 34 37.69 -10.37 5.87
CA GLY U 34 38.08 -11.59 6.55
C GLY U 34 39.07 -11.42 7.65
N LEU U 35 39.40 -10.18 8.02
CA LEU U 35 40.41 -9.87 9.02
C LEU U 35 39.80 -9.01 10.12
N ARG U 36 40.27 -9.23 11.35
CA ARG U 36 39.82 -8.41 12.46
C ARG U 36 40.58 -7.09 12.53
N ILE U 37 41.86 -7.10 12.18
CA ILE U 37 42.71 -5.93 12.25
C ILE U 37 42.96 -5.44 10.84
N ASN U 38 42.26 -4.37 10.44
CA ASN U 38 42.48 -3.76 9.15
C ASN U 38 43.35 -2.51 9.23
N SER U 39 43.54 -1.95 10.42
CA SER U 39 44.34 -0.76 10.62
C SER U 39 44.93 -0.83 12.02
N ALA U 40 45.64 0.23 12.41
CA ALA U 40 46.11 0.31 13.79
C ALA U 40 45.08 0.94 14.70
N LYS U 41 44.02 1.55 14.14
CA LYS U 41 42.84 1.89 14.91
C LYS U 41 42.28 0.71 15.68
N ASP U 42 42.45 -0.50 15.16
CA ASP U 42 41.81 -1.70 15.69
C ASP U 42 42.59 -2.27 16.87
N ASP U 43 43.84 -2.68 16.64
CA ASP U 43 44.67 -3.25 17.68
C ASP U 43 46.11 -2.99 17.29
N ALA U 44 46.83 -2.19 18.09
CA ALA U 44 48.15 -1.72 17.68
C ALA U 44 49.24 -2.71 18.05
N ALA U 45 49.17 -3.30 19.25
CA ALA U 45 50.17 -4.28 19.65
C ALA U 45 50.03 -5.58 18.88
N GLY U 46 48.78 -5.99 18.59
CA GLY U 46 48.57 -7.17 17.79
C GLY U 46 49.08 -7.01 16.37
N LEU U 47 49.02 -5.80 15.83
CA LEU U 47 49.59 -5.54 14.51
C LEU U 47 51.07 -5.88 14.46
N ALA U 48 51.84 -5.41 15.45
CA ALA U 48 53.28 -5.67 15.44
C ALA U 48 53.59 -7.14 15.75
N ILE U 49 52.86 -7.73 16.70
CA ILE U 49 53.07 -9.15 16.99
C ILE U 49 52.81 -9.98 15.75
N SER U 50 51.77 -9.63 14.99
CA SER U 50 51.42 -10.39 13.80
C SER U 50 52.39 -10.13 12.65
N ASN U 51 52.95 -8.93 12.56
CA ASN U 51 54.02 -8.70 11.58
C ASN U 51 55.22 -9.60 11.86
N ARG U 52 55.60 -9.75 13.12
CA ARG U 52 56.73 -10.63 13.43
C ARG U 52 56.40 -12.10 13.17
N LEU U 53 55.19 -12.53 13.52
CA LEU U 53 54.82 -13.92 13.24
C LEU U 53 54.76 -14.17 11.74
N ASN U 54 54.36 -13.17 10.96
CA ASN U 54 54.31 -13.29 9.52
C ASN U 54 55.71 -13.43 8.93
N SER U 55 56.65 -12.62 9.41
CA SER U 55 58.05 -12.81 9.03
C SER U 55 58.52 -14.23 9.31
N GLN U 56 58.16 -14.78 10.46
CA GLN U 56 58.61 -16.13 10.82
C GLN U 56 58.03 -17.18 9.87
N VAL U 57 56.73 -17.09 9.58
CA VAL U 57 56.11 -18.08 8.68
C VAL U 57 56.77 -18.05 7.31
N ARG U 58 56.94 -16.84 6.77
CA ARG U 58 57.50 -16.71 5.41
C ARG U 58 58.95 -17.17 5.37
N GLY U 59 59.72 -16.86 6.41
CA GLY U 59 61.10 -17.31 6.47
C GLY U 59 61.23 -18.82 6.56
N LEU U 60 60.33 -19.47 7.32
CA LEU U 60 60.37 -20.93 7.39
C LEU U 60 60.07 -21.56 6.04
N GLU U 61 59.15 -20.97 5.28
CA GLU U 61 58.88 -21.47 3.93
C GLU U 61 60.15 -21.43 3.06
N VAL U 62 60.81 -20.26 3.02
CA VAL U 62 62.01 -20.15 2.19
C VAL U 62 63.13 -21.06 2.71
N GLY U 63 63.21 -21.26 4.03
CA GLY U 63 64.25 -22.11 4.58
C GLY U 63 64.08 -23.56 4.21
N MET U 64 62.84 -24.05 4.17
CA MET U 64 62.60 -25.40 3.67
C MET U 64 62.99 -25.53 2.21
N ARG U 65 62.77 -24.48 1.42
CA ARG U 65 63.24 -24.53 0.03
C ARG U 65 64.77 -24.70 -0.02
N ASN U 66 65.50 -23.91 0.78
CA ASN U 66 66.97 -24.04 0.81
C ASN U 66 67.41 -25.42 1.28
N ALA U 67 66.72 -25.99 2.26
CA ALA U 67 67.08 -27.31 2.75
C ALA U 67 66.91 -28.37 1.67
N ASN U 68 65.88 -28.24 0.85
CA ASN U 68 65.69 -29.21 -0.21
C ASN U 68 66.77 -29.06 -1.29
N ASP U 69 67.21 -27.82 -1.53
CA ASP U 69 68.37 -27.60 -2.41
C ASP U 69 69.62 -28.31 -1.91
N ALA U 70 69.89 -28.21 -0.60
CA ALA U 70 71.05 -28.92 -0.04
C ALA U 70 70.93 -30.42 -0.20
N ILE U 71 69.73 -30.97 0.02
CA ILE U 71 69.54 -32.42 -0.16
C ILE U 71 69.82 -32.82 -1.60
N SER U 72 69.39 -31.99 -2.55
CA SER U 72 69.65 -32.27 -3.96
C SER U 72 71.15 -32.35 -4.26
N ILE U 73 71.91 -31.35 -3.81
CA ILE U 73 73.35 -31.35 -4.05
C ILE U 73 74.01 -32.60 -3.47
N ALA U 74 73.71 -32.92 -2.21
CA ALA U 74 74.33 -34.06 -1.56
C ALA U 74 73.97 -35.36 -2.28
N GLN U 75 72.73 -35.47 -2.76
CA GLN U 75 72.28 -36.67 -3.43
C GLN U 75 72.99 -36.90 -4.76
N ILE U 76 73.20 -35.82 -5.53
CA ILE U 76 73.96 -35.94 -6.78
C ILE U 76 75.39 -36.39 -6.53
N ALA U 77 76.08 -35.74 -5.59
CA ALA U 77 77.48 -36.11 -5.34
C ALA U 77 77.61 -37.55 -4.82
N GLU U 78 76.75 -37.92 -3.87
CA GLU U 78 76.76 -39.27 -3.33
C GLU U 78 76.51 -40.31 -4.41
N GLY U 79 75.61 -40.02 -5.36
CA GLY U 79 75.37 -40.97 -6.43
C GLY U 79 76.54 -41.08 -7.39
N ALA U 80 77.27 -39.97 -7.60
CA ALA U 80 78.45 -40.03 -8.45
C ALA U 80 79.54 -40.92 -7.88
N MET U 81 79.69 -40.95 -6.55
CA MET U 81 80.81 -41.73 -5.97
C MET U 81 80.64 -43.26 -6.10
N GLN U 82 79.43 -43.75 -6.38
CA GLN U 82 79.18 -45.19 -6.47
C GLN U 82 79.86 -45.82 -7.69
N GLU U 83 79.81 -45.16 -8.84
CA GLU U 83 80.49 -45.68 -10.03
C GLU U 83 82.00 -45.70 -9.83
N GLN U 84 82.54 -44.73 -9.11
CA GLN U 84 83.96 -44.72 -8.79
C GLN U 84 84.34 -45.92 -7.94
N THR U 85 83.54 -46.21 -6.90
CA THR U 85 83.74 -47.43 -6.12
C THR U 85 83.73 -48.68 -7.00
N ASN U 86 82.77 -48.74 -7.92
CA ASN U 86 82.62 -49.91 -8.78
C ASN U 86 83.86 -50.13 -9.65
N MET U 87 84.36 -49.05 -10.25
CA MET U 87 85.54 -49.16 -11.09
C MET U 87 86.78 -49.53 -10.28
N LEU U 88 86.90 -49.02 -9.06
CA LEU U 88 88.02 -49.43 -8.21
C LEU U 88 87.99 -50.92 -7.88
N GLN U 89 86.80 -51.47 -7.64
CA GLN U 89 86.70 -52.91 -7.44
C GLN U 89 87.19 -53.69 -8.67
N ARG U 90 86.81 -53.21 -9.86
CA ARG U 90 87.29 -53.85 -11.09
C ARG U 90 88.82 -53.80 -11.20
N MET U 91 89.43 -52.66 -10.90
CA MET U 91 90.89 -52.56 -10.94
C MET U 91 91.54 -53.48 -9.91
N ARG U 92 90.93 -53.64 -8.75
CA ARG U 92 91.45 -54.60 -7.77
C ARG U 92 91.49 -56.01 -8.32
N ASP U 93 90.42 -56.42 -9.02
CA ASP U 93 90.43 -57.75 -9.65
C ASP U 93 91.52 -57.87 -10.71
N LEU U 94 91.71 -56.83 -11.52
CA LEU U 94 92.78 -56.87 -12.53
C LEU U 94 94.16 -56.99 -11.89
N THR U 95 94.36 -56.30 -10.76
CA THR U 95 95.64 -56.36 -10.07
C THR U 95 95.88 -57.74 -9.48
N VAL U 96 94.86 -58.35 -8.89
CA VAL U 96 95.04 -59.72 -8.38
C VAL U 96 95.33 -60.68 -9.53
N GLN U 97 94.74 -60.44 -10.70
CA GLN U 97 94.99 -61.30 -11.84
C GLN U 97 96.40 -61.14 -12.39
N SER U 98 97.02 -59.98 -12.18
CA SER U 98 98.41 -59.79 -12.63
C SER U 98 99.41 -60.68 -11.90
N GLU U 99 99.07 -61.17 -10.71
CA GLU U 99 99.97 -62.00 -9.90
C GLU U 99 99.85 -63.48 -10.26
N ASN U 100 100.19 -63.84 -11.48
CA ASN U 100 99.99 -65.18 -12.00
C ASN U 100 101.24 -65.59 -12.76
N GLY U 101 101.93 -66.61 -12.28
CA GLY U 101 103.21 -67.00 -12.87
C GLY U 101 103.10 -67.59 -14.26
N ALA U 102 101.93 -67.49 -14.90
CA ALA U 102 101.76 -67.92 -16.27
C ALA U 102 101.54 -66.76 -17.22
N ASN U 103 101.35 -65.55 -16.70
CA ASN U 103 101.24 -64.37 -17.54
C ASN U 103 102.59 -64.05 -18.16
N SER U 104 102.55 -63.48 -19.35
CA SER U 104 103.73 -62.96 -20.03
C SER U 104 103.58 -61.45 -20.19
N SER U 105 104.55 -60.82 -20.86
CA SER U 105 104.55 -59.36 -20.94
C SER U 105 103.37 -58.83 -21.75
N ALA U 106 102.91 -59.59 -22.74
CA ALA U 106 101.76 -59.14 -23.53
C ALA U 106 100.48 -59.19 -22.71
N ASP U 107 100.29 -60.23 -21.90
CA ASP U 107 99.12 -60.31 -21.03
C ASP U 107 99.14 -59.21 -19.97
N LEU U 108 100.33 -58.93 -19.41
CA LEU U 108 100.45 -57.85 -18.45
C LEU U 108 100.12 -56.51 -19.10
N SER U 109 100.52 -56.32 -20.36
CA SER U 109 100.19 -55.08 -21.06
C SER U 109 98.70 -54.95 -21.30
N ALA U 110 98.02 -56.05 -21.60
CA ALA U 110 96.57 -55.99 -21.77
C ALA U 110 95.87 -55.62 -20.47
N LEU U 111 96.24 -56.30 -19.38
CA LEU U 111 95.70 -55.97 -18.06
C LEU U 111 95.91 -54.50 -17.73
N LYS U 112 97.12 -53.98 -17.98
CA LYS U 112 97.40 -52.59 -17.62
C LYS U 112 96.67 -51.60 -18.52
N ALA U 113 96.46 -51.93 -19.79
CA ALA U 113 95.67 -51.06 -20.65
C ALA U 113 94.26 -50.88 -20.12
N GLU U 114 93.66 -51.97 -19.64
CA GLU U 114 92.32 -51.77 -19.07
C GLU U 114 92.36 -50.99 -17.75
N MET U 115 93.39 -51.21 -16.93
CA MET U 115 93.53 -50.39 -15.72
C MET U 115 93.60 -48.90 -16.05
N ASP U 116 94.37 -48.54 -17.07
CA ASP U 116 94.48 -47.12 -17.44
C ASP U 116 93.16 -46.55 -17.92
N GLN U 117 92.40 -47.30 -18.71
CA GLN U 117 91.09 -46.79 -19.12
C GLN U 117 90.17 -46.57 -17.91
N LEU U 118 90.22 -47.47 -16.93
CA LEU U 118 89.38 -47.27 -15.74
C LEU U 118 89.81 -46.05 -14.93
N ALA U 119 91.11 -45.81 -14.83
CA ALA U 119 91.56 -44.60 -14.12
C ALA U 119 91.16 -43.33 -14.86
N ASN U 120 91.17 -43.37 -16.19
CA ASN U 120 90.67 -42.23 -16.96
C ASN U 120 89.20 -41.97 -16.70
N GLU U 121 88.39 -43.02 -16.62
CA GLU U 121 86.97 -42.78 -16.32
C GLU U 121 86.74 -42.29 -14.88
N ILE U 122 87.54 -42.75 -13.92
CA ILE U 122 87.46 -42.18 -12.57
C ILE U 122 87.76 -40.68 -12.60
N ASP U 123 88.79 -40.29 -13.35
CA ASP U 123 89.09 -38.86 -13.44
C ASP U 123 87.97 -38.08 -14.14
N GLU U 124 87.40 -38.65 -15.20
CA GLU U 124 86.32 -37.97 -15.90
C GLU U 124 85.12 -37.74 -14.99
N ILE U 125 84.70 -38.77 -14.24
CA ILE U 125 83.60 -38.57 -13.29
C ILE U 125 83.98 -37.49 -12.27
N GLY U 126 85.25 -37.47 -11.86
CA GLY U 126 85.68 -36.46 -10.90
C GLY U 126 85.54 -35.04 -11.40
N LYS U 127 85.85 -34.81 -12.68
CA LYS U 127 85.80 -33.44 -13.20
C LYS U 127 84.46 -33.07 -13.84
N THR U 128 83.57 -34.04 -14.07
CA THR U 128 82.40 -33.78 -14.89
C THR U 128 81.14 -33.52 -14.06
N THR U 129 81.04 -34.09 -12.87
CA THR U 129 79.83 -34.01 -12.06
C THR U 129 79.50 -32.57 -11.69
N ALA U 130 78.25 -32.17 -11.91
CA ALA U 130 77.84 -30.78 -11.74
C ALA U 130 76.40 -30.69 -11.28
N PHE U 131 76.06 -29.53 -10.71
CA PHE U 131 74.68 -29.12 -10.46
C PHE U 131 74.41 -27.95 -11.40
N GLY U 132 73.86 -28.26 -12.58
CA GLY U 132 73.74 -27.26 -13.60
C GLY U 132 75.09 -26.95 -14.21
N THR U 133 75.75 -25.90 -13.72
CA THR U 133 77.07 -25.54 -14.22
C THR U 133 78.13 -25.46 -13.12
N THR U 134 77.79 -25.69 -11.86
CA THR U 134 78.78 -25.64 -10.79
C THR U 134 79.31 -27.04 -10.51
N LYS U 135 80.62 -27.17 -10.43
CA LYS U 135 81.25 -28.46 -10.22
C LYS U 135 81.17 -28.86 -8.76
N LEU U 136 81.02 -30.16 -8.50
CA LEU U 136 80.84 -30.66 -7.15
C LEU U 136 82.03 -31.47 -6.62
N LEU U 137 82.68 -32.26 -7.46
CA LEU U 137 83.75 -33.12 -6.98
C LEU U 137 85.14 -32.63 -7.34
N ALA U 138 85.31 -31.34 -7.62
CA ALA U 138 86.60 -30.84 -8.06
C ALA U 138 87.34 -30.06 -6.97
N GLY U 139 86.69 -29.78 -5.85
CA GLY U 139 87.31 -29.04 -4.77
C GLY U 139 86.63 -27.73 -4.42
N GLY U 140 85.51 -27.38 -5.04
CA GLY U 140 84.84 -26.14 -4.73
C GLY U 140 84.03 -26.17 -3.45
N PHE U 141 83.71 -27.36 -2.95
CA PHE U 141 83.01 -27.53 -1.68
C PHE U 141 83.93 -28.06 -0.58
N SER U 142 85.26 -28.04 -0.80
CA SER U 142 86.19 -28.60 0.16
C SER U 142 86.09 -27.89 1.50
N ALA U 143 85.99 -26.56 1.48
CA ALA U 143 85.45 -25.82 2.60
C ALA U 143 83.98 -25.58 2.30
N GLY U 144 83.10 -26.08 3.16
CA GLY U 144 81.71 -26.22 2.78
C GLY U 144 81.03 -24.91 2.49
N LYS U 145 79.84 -25.01 1.90
CA LYS U 145 78.94 -23.88 1.68
C LYS U 145 77.78 -23.95 2.65
N ASN U 146 77.28 -22.79 3.04
CA ASN U 146 76.17 -22.72 3.98
C ASN U 146 74.84 -22.51 3.27
N PHE U 147 73.81 -23.17 3.79
CA PHE U 147 72.43 -22.98 3.37
C PHE U 147 71.67 -22.52 4.61
N GLN U 148 71.02 -21.36 4.52
CA GLN U 148 70.22 -20.89 5.66
C GLN U 148 68.89 -21.63 5.67
N VAL U 149 68.70 -22.49 6.68
CA VAL U 149 67.51 -23.34 6.72
C VAL U 149 66.46 -22.82 7.70
N GLY U 150 66.67 -21.65 8.29
CA GLY U 150 65.70 -21.06 9.18
C GLY U 150 65.34 -19.64 8.76
N ALA U 151 64.58 -18.99 9.63
CA ALA U 151 64.12 -17.63 9.36
C ALA U 151 65.08 -16.56 9.83
N GLN U 152 65.95 -16.87 10.78
CA GLN U 152 66.86 -15.91 11.37
C GLN U 152 68.29 -16.17 10.93
N ASP U 153 69.11 -15.13 11.05
CA ASP U 153 70.50 -15.22 10.63
C ASP U 153 71.30 -16.14 11.55
N GLY U 154 72.13 -16.98 10.95
CA GLY U 154 72.95 -17.90 11.69
C GLY U 154 72.40 -19.30 11.82
N GLU U 155 71.13 -19.51 11.42
CA GLU U 155 70.49 -20.82 11.48
C GLU U 155 70.69 -21.49 10.14
N ASP U 156 71.78 -22.26 10.04
CA ASP U 156 72.20 -22.77 8.74
C ASP U 156 73.04 -24.03 8.88
N ILE U 157 73.15 -24.76 7.78
CA ILE U 157 73.80 -26.07 7.72
C ILE U 157 74.87 -26.01 6.64
N LYS U 158 76.00 -26.67 6.88
CA LYS U 158 77.15 -26.61 6.00
C LYS U 158 77.33 -27.94 5.27
N VAL U 159 77.48 -27.88 3.96
CA VAL U 159 77.66 -29.08 3.12
C VAL U 159 79.08 -29.09 2.58
N THR U 160 79.83 -30.14 2.89
CA THR U 160 81.24 -30.25 2.58
C THR U 160 81.48 -31.45 1.68
N VAL U 161 82.16 -31.23 0.56
CA VAL U 161 82.57 -32.31 -0.34
C VAL U 161 84.02 -32.06 -0.74
N LYS U 162 84.86 -33.06 -0.61
CA LYS U 162 86.25 -32.95 -1.01
C LYS U 162 86.43 -33.47 -2.44
N ALA U 163 87.59 -33.16 -3.02
CA ALA U 163 87.87 -33.57 -4.39
C ALA U 163 88.15 -35.07 -4.45
N SER U 164 87.59 -35.74 -5.45
CA SER U 164 87.81 -37.16 -5.66
C SER U 164 88.02 -37.42 -7.15
N ASN U 165 89.27 -37.74 -7.50
CA ASN U 165 89.70 -37.96 -8.86
C ASN U 165 90.95 -38.81 -8.80
N LYS U 166 91.50 -39.18 -9.95
CA LYS U 166 92.60 -40.13 -9.92
C LYS U 166 93.87 -39.53 -9.36
N SER U 167 93.92 -38.23 -9.15
CA SER U 167 95.13 -37.60 -8.64
C SER U 167 95.08 -37.50 -7.11
N SER U 168 93.91 -37.19 -6.56
CA SER U 168 93.78 -37.09 -5.11
C SER U 168 93.63 -38.47 -4.47
N LEU U 169 93.17 -39.46 -5.22
CA LEU U 169 93.06 -40.83 -4.73
C LEU U 169 94.34 -41.62 -4.90
N SER U 170 95.36 -41.05 -5.55
CA SER U 170 96.66 -41.67 -5.75
C SER U 170 96.59 -42.96 -6.56
N VAL U 171 95.67 -43.05 -7.51
CA VAL U 171 95.57 -44.22 -8.39
C VAL U 171 95.93 -43.88 -9.84
N GLY U 172 96.53 -42.72 -10.07
CA GLY U 172 96.81 -42.28 -11.42
C GLY U 172 98.12 -42.75 -12.02
N SER U 173 98.88 -43.58 -11.31
CA SER U 173 100.15 -44.07 -11.82
C SER U 173 100.48 -45.45 -11.27
N LEU U 174 99.64 -46.44 -11.58
CA LEU U 174 99.82 -47.77 -11.00
C LEU U 174 100.52 -48.68 -12.01
N GLY U 175 101.36 -49.57 -11.50
CA GLY U 175 102.08 -50.48 -12.35
C GLY U 175 101.82 -51.92 -11.93
N ASN U 176 102.16 -52.83 -12.83
CA ASN U 176 101.94 -54.24 -12.57
C ASN U 176 103.05 -55.11 -13.13
N THR U 177 104.19 -54.55 -13.48
CA THR U 177 105.21 -55.31 -14.19
C THR U 177 106.20 -55.98 -13.24
N THR U 178 106.15 -55.66 -11.95
CA THR U 178 107.07 -56.20 -10.95
C THR U 178 106.27 -56.53 -9.70
N SER U 179 106.77 -57.49 -8.92
CA SER U 179 106.11 -57.94 -7.70
C SER U 179 105.84 -56.78 -6.74
N ALA U 180 106.83 -55.92 -6.53
CA ALA U 180 106.66 -54.79 -5.62
C ALA U 180 105.66 -53.78 -6.18
N ALA U 181 105.61 -53.63 -7.49
CA ALA U 181 104.65 -52.73 -8.10
C ALA U 181 103.22 -53.22 -7.89
N ARG U 182 103.02 -54.54 -7.98
CA ARG U 182 101.70 -55.11 -7.71
C ARG U 182 101.30 -54.92 -6.26
N ALA U 183 102.23 -55.16 -5.33
CA ALA U 183 101.91 -54.95 -3.92
C ALA U 183 101.52 -53.50 -3.65
N SER U 184 102.28 -52.56 -4.21
CA SER U 184 101.99 -51.15 -4.01
C SER U 184 100.63 -50.77 -4.60
N SER U 185 100.32 -51.29 -5.80
CA SER U 185 99.03 -50.98 -6.41
C SER U 185 97.88 -51.53 -5.59
N LEU U 186 98.02 -52.74 -5.05
CA LEU U 186 96.97 -53.28 -4.20
C LEU U 186 96.71 -52.39 -3.00
N LYS U 187 97.78 -51.96 -2.32
CA LYS U 187 97.59 -51.12 -1.14
C LYS U 187 96.90 -49.80 -1.48
N LYS U 188 97.30 -49.16 -2.59
CA LYS U 188 96.68 -47.87 -2.89
C LYS U 188 95.23 -48.01 -3.36
N ILE U 189 94.88 -49.08 -4.07
CA ILE U 189 93.47 -49.25 -4.42
C ILE U 189 92.62 -49.48 -3.17
N ASP U 190 93.11 -50.27 -2.22
CA ASP U 190 92.35 -50.47 -0.98
C ASP U 190 92.18 -49.16 -0.22
N ALA U 191 93.23 -48.34 -0.16
CA ALA U 191 93.12 -47.05 0.52
C ALA U 191 92.10 -46.15 -0.16
N ALA U 192 92.07 -46.14 -1.49
CA ALA U 192 91.10 -45.30 -2.20
C ALA U 192 89.66 -45.72 -1.90
N ILE U 193 89.41 -47.03 -1.88
CA ILE U 193 88.09 -47.51 -1.51
C ILE U 193 87.71 -47.01 -0.12
N LYS U 194 88.66 -47.05 0.82
CA LYS U 194 88.37 -46.55 2.17
C LYS U 194 87.99 -45.06 2.18
N THR U 195 88.73 -44.22 1.46
CA THR U 195 88.43 -42.78 1.53
C THR U 195 87.07 -42.46 0.90
N ILE U 196 86.72 -43.15 -0.19
CA ILE U 196 85.39 -42.93 -0.76
C ILE U 196 84.30 -43.35 0.22
N ASP U 197 84.50 -44.47 0.93
CA ASP U 197 83.53 -44.86 1.95
C ASP U 197 83.34 -43.75 2.99
N ALA U 198 84.43 -43.15 3.45
CA ALA U 198 84.29 -42.10 4.47
C ALA U 198 83.50 -40.90 3.95
N GLN U 199 83.79 -40.47 2.73
CA GLN U 199 83.03 -39.36 2.16
C GLN U 199 81.54 -39.68 2.03
N ARG U 200 81.20 -40.88 1.59
CA ARG U 200 79.81 -41.25 1.45
C ARG U 200 79.10 -41.29 2.80
N ALA U 201 79.83 -41.73 3.84
CA ALA U 201 79.26 -41.72 5.19
C ALA U 201 78.87 -40.33 5.63
N ASP U 202 79.77 -39.35 5.45
CA ASP U 202 79.43 -37.99 5.86
C ASP U 202 78.26 -37.41 5.07
N LEU U 203 78.19 -37.67 3.75
CA LEU U 203 77.05 -37.15 3.00
C LEU U 203 75.73 -37.79 3.45
N GLY U 204 75.76 -39.07 3.80
CA GLY U 204 74.54 -39.70 4.30
C GLY U 204 74.08 -39.12 5.61
N ALA U 205 75.01 -38.86 6.53
CA ALA U 205 74.65 -38.21 7.78
C ALA U 205 74.01 -36.84 7.54
N ILE U 206 74.58 -36.06 6.61
CA ILE U 206 73.99 -34.76 6.29
C ILE U 206 72.55 -34.90 5.79
N GLN U 207 72.29 -35.88 4.93
CA GLN U 207 70.94 -36.04 4.41
C GLN U 207 69.94 -36.40 5.51
N ASN U 208 70.32 -37.30 6.42
CA ASN U 208 69.44 -37.63 7.55
C ASN U 208 69.11 -36.40 8.38
N ARG U 209 70.15 -35.62 8.71
CA ARG U 209 69.96 -34.40 9.48
C ARG U 209 68.99 -33.42 8.79
N LEU U 210 69.13 -33.24 7.48
CA LEU U 210 68.25 -32.31 6.78
C LEU U 210 66.81 -32.81 6.76
N ALA U 211 66.61 -34.13 6.71
CA ALA U 211 65.26 -34.66 6.78
C ALA U 211 64.58 -34.31 8.11
N HIS U 212 65.26 -34.58 9.22
CA HIS U 212 64.71 -34.20 10.52
C HIS U 212 64.43 -32.70 10.62
N ASN U 213 65.31 -31.88 10.07
CA ASN U 213 65.13 -30.43 10.19
C ASN U 213 63.91 -29.95 9.40
N ILE U 214 63.70 -30.50 8.20
CA ILE U 214 62.53 -30.11 7.41
C ILE U 214 61.24 -30.53 8.12
N SER U 215 61.24 -31.72 8.73
CA SER U 215 60.06 -32.17 9.47
C SER U 215 59.73 -31.20 10.61
N ASN U 216 60.74 -30.79 11.37
CA ASN U 216 60.51 -29.88 12.47
C ASN U 216 60.01 -28.51 11.98
N SER U 217 60.52 -28.04 10.84
CA SER U 217 60.05 -26.75 10.31
C SER U 217 58.60 -26.80 9.88
N ALA U 218 58.17 -27.93 9.30
CA ALA U 218 56.76 -28.06 8.93
C ALA U 218 55.86 -28.00 10.16
N ASN U 219 56.22 -28.76 11.21
CA ASN U 219 55.48 -28.66 12.48
C ASN U 219 55.37 -27.22 12.96
N THR U 220 56.50 -26.53 13.04
CA THR U 220 56.50 -25.20 13.62
C THR U 220 55.70 -24.21 12.78
N GLN U 221 55.77 -24.35 11.46
CA GLN U 221 54.98 -23.50 10.59
C GLN U 221 53.49 -23.66 10.87
N ALA U 222 53.01 -24.90 10.99
CA ALA U 222 51.61 -25.11 11.32
C ALA U 222 51.22 -24.45 12.64
N ASN U 223 52.02 -24.66 13.69
CA ASN U 223 51.66 -24.10 15.00
C ASN U 223 51.70 -22.57 15.00
N VAL U 224 52.66 -21.97 14.30
CA VAL U 224 52.76 -20.52 14.28
C VAL U 224 51.65 -19.89 13.44
N ALA U 225 51.24 -20.55 12.35
CA ALA U 225 50.11 -20.03 11.58
C ALA U 225 48.81 -20.10 12.38
N ASP U 226 48.62 -21.18 13.15
CA ASP U 226 47.52 -21.22 14.11
C ASP U 226 47.57 -20.03 15.07
N ALA U 227 48.74 -19.78 15.67
CA ALA U 227 48.89 -18.68 16.60
C ALA U 227 48.53 -17.34 15.97
N LYS U 228 48.98 -17.10 14.74
CA LYS U 228 48.69 -15.83 14.07
C LYS U 228 47.21 -15.70 13.74
N SER U 229 46.59 -16.80 13.31
CA SER U 229 45.17 -16.77 13.01
C SER U 229 44.35 -16.40 14.24
N ARG U 230 44.76 -16.87 15.42
CA ARG U 230 44.03 -16.48 16.64
C ARG U 230 44.04 -14.97 16.86
N ILE U 231 45.01 -14.25 16.31
CA ILE U 231 45.13 -12.82 16.55
C ILE U 231 44.51 -12.00 15.44
N VAL U 232 44.69 -12.39 14.18
CA VAL U 232 44.42 -11.50 13.05
C VAL U 232 43.04 -11.75 12.44
N ASP U 233 42.58 -13.00 12.38
CA ASP U 233 41.38 -13.32 11.61
C ASP U 233 40.11 -12.97 12.36
N VAL U 234 39.03 -12.81 11.58
CA VAL U 234 37.74 -12.42 12.14
C VAL U 234 36.94 -13.68 12.48
N ASP U 235 36.00 -13.52 13.41
CA ASP U 235 35.06 -14.56 13.79
C ASP U 235 33.73 -14.27 13.10
N PHE U 236 33.30 -15.17 12.23
CA PHE U 236 32.07 -14.92 11.46
C PHE U 236 30.83 -15.03 12.33
N ALA U 237 30.82 -15.99 13.26
CA ALA U 237 29.66 -16.19 14.12
C ALA U 237 29.35 -14.95 14.96
N LYS U 238 30.39 -14.25 15.40
CA LYS U 238 30.21 -13.06 16.22
C LYS U 238 29.91 -11.84 15.36
N GLU U 239 30.55 -11.75 14.21
CA GLU U 239 30.50 -10.52 13.44
C GLU U 239 29.18 -10.40 12.70
N THR U 240 28.62 -11.53 12.26
CA THR U 240 27.29 -11.50 11.64
C THR U 240 26.22 -11.07 12.65
N SER U 241 26.35 -11.50 13.90
CA SER U 241 25.42 -11.09 14.93
C SER U 241 25.49 -9.59 15.17
N GLN U 242 26.70 -9.06 15.28
CA GLN U 242 26.84 -7.61 15.42
C GLN U 242 26.23 -6.86 14.23
N MET U 243 26.43 -7.39 13.03
CA MET U 243 25.88 -6.72 11.85
C MET U 243 24.36 -6.66 11.91
N THR U 244 23.70 -7.77 12.25
CA THR U 244 22.24 -7.78 12.32
C THR U 244 21.71 -6.84 13.40
N LYS U 245 22.39 -6.80 14.55
CA LYS U 245 21.98 -5.87 15.60
C LYS U 245 22.02 -4.42 15.11
N ASN U 246 23.11 -4.04 14.42
CA ASN U 246 23.19 -2.65 13.97
C ASN U 246 22.21 -2.34 12.85
N GLN U 247 21.88 -3.32 12.02
CA GLN U 247 20.81 -3.15 11.03
C GLN U 247 19.49 -2.77 11.70
N VAL U 248 19.08 -3.55 12.69
CA VAL U 248 17.81 -3.25 13.37
C VAL U 248 17.87 -1.89 14.04
N LEU U 249 19.00 -1.55 14.67
CA LEU U 249 19.09 -0.25 15.32
C LEU U 249 19.02 0.89 14.31
N GLN U 250 19.56 0.70 13.10
CA GLN U 250 19.44 1.73 12.08
C GLN U 250 17.99 1.98 11.71
N GLN U 251 17.22 0.90 11.50
CA GLN U 251 15.81 1.09 11.14
C GLN U 251 15.03 1.77 12.27
N THR U 252 15.29 1.38 13.52
CA THR U 252 14.61 2.01 14.64
C THR U 252 14.98 3.48 14.78
N GLY U 253 16.27 3.81 14.64
CA GLY U 253 16.68 5.19 14.79
C GLY U 253 16.17 6.08 13.67
N SER U 254 16.09 5.53 12.45
CA SER U 254 15.49 6.27 11.35
C SER U 254 14.03 6.60 11.64
N ALA U 255 13.25 5.59 12.05
CA ALA U 255 11.86 5.84 12.41
C ALA U 255 11.73 6.89 13.50
N MET U 256 12.61 6.82 14.51
CA MET U 256 12.46 7.72 15.65
C MET U 256 12.85 9.15 15.29
N LEU U 257 13.84 9.32 14.41
CA LEU U 257 14.21 10.66 13.97
C LEU U 257 13.13 11.26 13.07
N ALA U 258 12.53 10.44 12.20
CA ALA U 258 11.44 10.94 11.37
C ALA U 258 10.25 11.37 12.22
N GLN U 259 9.99 10.64 13.31
CA GLN U 259 8.92 11.06 14.21
C GLN U 259 9.32 12.27 15.04
N ALA U 260 10.61 12.45 15.29
CA ALA U 260 11.06 13.58 16.10
C ALA U 260 10.98 14.89 15.34
N ASN U 261 11.21 14.86 14.03
CA ASN U 261 11.12 16.11 13.26
C ASN U 261 9.71 16.68 13.13
N GLN U 262 8.69 16.02 13.67
CA GLN U 262 7.32 16.55 13.58
C GLN U 262 6.84 17.20 14.87
N LEU U 263 7.73 17.49 15.81
CA LEU U 263 7.29 18.07 17.09
C LEU U 263 6.91 19.54 17.03
N PRO U 264 7.54 20.40 16.22
CA PRO U 264 7.13 21.82 16.21
C PRO U 264 5.73 22.07 15.65
N GLN U 265 4.97 21.03 15.30
CA GLN U 265 3.65 21.25 14.73
C GLN U 265 2.55 21.38 15.78
N VAL U 266 2.87 21.32 17.06
CA VAL U 266 1.87 21.58 18.09
C VAL U 266 1.54 23.06 18.14
N ALA U 267 2.51 23.90 17.77
CA ALA U 267 2.30 25.35 17.77
C ALA U 267 1.22 25.75 16.80
N LEU U 268 1.17 25.12 15.62
CA LEU U 268 0.11 25.41 14.65
C LEU U 268 -1.25 25.09 15.24
N SER U 269 -1.34 24.07 16.09
CA SER U 269 -2.60 23.79 16.77
C SER U 269 -2.93 24.90 17.76
N LEU U 270 -1.96 25.36 18.54
CA LEU U 270 -2.24 26.45 19.47
C LEU U 270 -2.53 27.75 18.73
N LEU U 271 -2.08 27.86 17.48
CA LEU U 271 -2.14 29.11 16.77
C LEU U 271 -3.42 29.22 15.95
N ALA V 1 -67.99 64.40 1.61
CA ALA V 1 -68.32 64.83 2.97
C ALA V 1 -67.14 64.63 3.91
N ILE V 2 -67.11 65.43 4.97
CA ILE V 2 -66.11 65.32 6.02
C ILE V 2 -66.85 64.88 7.28
N THR V 3 -66.76 63.59 7.61
CA THR V 3 -67.51 63.02 8.71
C THR V 3 -66.57 62.39 9.73
N VAL V 4 -67.06 62.30 10.97
CA VAL V 4 -66.25 61.76 12.06
C VAL V 4 -66.81 60.43 12.57
N ASN V 5 -68.11 60.19 12.40
CA ASN V 5 -68.76 59.09 13.07
C ASN V 5 -68.60 57.76 12.38
N THR V 6 -68.25 57.75 11.09
CA THR V 6 -68.09 56.51 10.34
C THR V 6 -66.90 56.67 9.40
N ASN V 7 -66.09 55.62 9.29
CA ASN V 7 -64.86 55.67 8.49
C ASN V 7 -64.83 54.37 7.68
N VAL V 8 -65.05 54.49 6.37
CA VAL V 8 -65.21 53.29 5.54
C VAL V 8 -63.86 52.83 5.00
N THR V 9 -62.96 53.76 4.74
CA THR V 9 -61.62 53.41 4.30
C THR V 9 -60.94 52.52 5.33
N SER V 10 -61.17 52.81 6.61
CA SER V 10 -60.59 51.98 7.67
C SER V 10 -61.17 50.58 7.65
N LEU V 11 -62.47 50.45 7.42
CA LEU V 11 -63.09 49.13 7.36
C LEU V 11 -62.49 48.29 6.24
N LYS V 12 -62.33 48.90 5.06
CA LYS V 12 -61.78 48.16 3.93
C LYS V 12 -60.31 47.79 4.16
N ALA V 13 -59.54 48.70 4.75
CA ALA V 13 -58.15 48.39 5.07
C ALA V 13 -58.05 47.25 6.08
N GLN V 14 -58.95 47.24 7.08
CA GLN V 14 -58.98 46.14 8.03
C GLN V 14 -59.21 44.81 7.33
N LYS V 15 -60.16 44.77 6.39
CA LYS V 15 -60.45 43.51 5.74
C LYS V 15 -59.27 43.02 4.90
N ASN V 16 -58.62 43.93 4.17
CA ASN V 16 -57.45 43.52 3.39
C ASN V 16 -56.33 43.00 4.29
N LEU V 17 -56.07 43.69 5.40
CA LEU V 17 -55.00 43.27 6.30
C LEU V 17 -55.29 41.90 6.90
N ASN V 18 -56.55 41.63 7.21
CA ASN V 18 -56.91 40.31 7.74
C ASN V 18 -56.70 39.22 6.70
N THR V 19 -57.08 39.48 5.45
CA THR V 19 -56.87 38.50 4.39
C THR V 19 -55.39 38.16 4.24
N SER V 20 -54.54 39.19 4.24
CA SER V 20 -53.11 38.96 4.11
C SER V 20 -52.56 38.14 5.27
N ALA V 21 -52.99 38.46 6.50
CA ALA V 21 -52.49 37.72 7.66
C ALA V 21 -52.90 36.24 7.60
N SER V 22 -54.14 35.97 7.19
CA SER V 22 -54.57 34.59 7.06
C SER V 22 -53.72 33.83 6.04
N ASP V 23 -53.46 34.44 4.88
CA ASP V 23 -52.65 33.77 3.87
C ASP V 23 -51.25 33.46 4.39
N LEU V 24 -50.66 34.42 5.12
CA LEU V 24 -49.31 34.21 5.65
C LEU V 24 -49.28 33.07 6.66
N ALA V 25 -50.27 33.01 7.55
CA ALA V 25 -50.34 31.91 8.51
C ALA V 25 -50.45 30.56 7.82
N THR V 26 -51.28 30.47 6.78
CA THR V 26 -51.40 29.21 6.04
C THR V 26 -50.06 28.79 5.45
N SER V 27 -49.35 29.72 4.83
CA SER V 27 -48.05 29.40 4.24
C SER V 27 -47.05 28.93 5.29
N MET V 28 -47.02 29.61 6.44
CA MET V 28 -46.13 29.24 7.53
C MET V 28 -46.39 27.80 7.98
N GLU V 29 -47.66 27.44 8.15
CA GLU V 29 -48.02 26.08 8.51
C GLU V 29 -47.52 25.07 7.49
N ARG V 30 -47.73 25.36 6.20
CA ARG V 30 -47.33 24.43 5.16
C ARG V 30 -45.81 24.23 5.12
N LEU V 31 -45.05 25.30 5.34
CA LEU V 31 -43.59 25.15 5.38
C LEU V 31 -43.13 24.40 6.63
N SER V 32 -43.82 24.60 7.75
CA SER V 32 -43.41 23.90 8.97
C SER V 32 -43.71 22.40 8.89
N SER V 33 -44.79 22.03 8.22
CA SER V 33 -45.19 20.62 8.19
C SER V 33 -44.48 19.84 7.10
N GLY V 34 -44.29 20.45 5.92
CA GLY V 34 -43.76 19.75 4.77
C GLY V 34 -44.80 19.12 3.88
N LEU V 35 -46.08 19.37 4.13
CA LEU V 35 -47.18 18.77 3.40
C LEU V 35 -48.07 19.84 2.81
N ARG V 36 -48.61 19.56 1.62
CA ARG V 36 -49.55 20.48 1.00
C ARG V 36 -50.95 20.32 1.57
N ILE V 37 -51.34 19.09 1.89
CA ILE V 37 -52.68 18.78 2.37
C ILE V 37 -52.58 18.49 3.86
N ASN V 38 -52.96 19.46 4.69
CA ASN V 38 -53.01 19.26 6.13
C ASN V 38 -54.41 18.96 6.63
N SER V 39 -55.44 19.23 5.84
CA SER V 39 -56.82 19.00 6.22
C SER V 39 -57.61 18.70 4.96
N ALA V 40 -58.92 18.53 5.12
CA ALA V 40 -59.76 18.40 3.93
C ALA V 40 -60.22 19.74 3.40
N LYS V 41 -60.01 20.82 4.15
CA LYS V 41 -60.11 22.16 3.62
C LYS V 41 -59.26 22.36 2.38
N ASP V 42 -58.13 21.64 2.28
CA ASP V 42 -57.13 21.87 1.25
C ASP V 42 -57.50 21.15 -0.04
N ASP V 43 -57.61 19.83 0.00
CA ASP V 43 -57.95 19.04 -1.18
C ASP V 43 -58.60 17.76 -0.68
N ALA V 44 -59.88 17.57 -1.03
CA ALA V 44 -60.64 16.48 -0.43
C ALA V 44 -60.47 15.17 -1.19
N ALA V 45 -60.49 15.23 -2.53
CA ALA V 45 -60.29 14.02 -3.31
C ALA V 45 -58.86 13.52 -3.23
N GLY V 46 -57.89 14.43 -3.18
CA GLY V 46 -56.51 14.02 -3.01
C GLY V 46 -56.25 13.36 -1.68
N LEU V 47 -56.98 13.78 -0.64
CA LEU V 47 -56.87 13.13 0.66
C LEU V 47 -57.21 11.64 0.57
N ALA V 48 -58.33 11.31 -0.08
CA ALA V 48 -58.73 9.90 -0.17
C ALA V 48 -57.82 9.12 -1.11
N ILE V 49 -57.44 9.72 -2.24
CA ILE V 49 -56.52 9.04 -3.14
C ILE V 49 -55.21 8.72 -2.43
N SER V 50 -54.73 9.66 -1.61
CA SER V 50 -53.47 9.47 -0.91
C SER V 50 -53.61 8.49 0.25
N ASN V 51 -54.77 8.42 0.89
CA ASN V 51 -55.00 7.37 1.88
C ASN V 51 -54.90 5.99 1.25
N ARG V 52 -55.48 5.81 0.05
CA ARG V 52 -55.39 4.52 -0.61
C ARG V 52 -53.95 4.20 -1.05
N LEU V 53 -53.24 5.18 -1.59
CA LEU V 53 -51.85 4.93 -1.98
C LEU V 53 -50.99 4.62 -0.76
N ASN V 54 -51.30 5.24 0.38
CA ASN V 54 -50.58 4.97 1.61
C ASN V 54 -50.80 3.53 2.08
N SER V 55 -52.06 3.07 2.04
CA SER V 55 -52.34 1.67 2.32
C SER V 55 -51.53 0.75 1.43
N GLN V 56 -51.43 1.08 0.14
CA GLN V 56 -50.68 0.21 -0.78
C GLN V 56 -49.19 0.16 -0.44
N VAL V 57 -48.58 1.31 -0.15
CA VAL V 57 -47.16 1.34 0.18
C VAL V 57 -46.87 0.50 1.42
N ARG V 58 -47.68 0.70 2.47
CA ARG V 58 -47.46 0.01 3.73
C ARG V 58 -47.69 -1.49 3.59
N GLY V 59 -48.71 -1.87 2.81
CA GLY V 59 -48.95 -3.29 2.57
C GLY V 59 -47.84 -3.96 1.80
N LEU V 60 -47.26 -3.27 0.81
CA LEU V 60 -46.14 -3.85 0.08
C LEU V 60 -44.94 -4.07 1.00
N GLU V 61 -44.70 -3.15 1.92
CA GLU V 61 -43.62 -3.35 2.89
C GLU V 61 -43.82 -4.63 3.70
N VAL V 62 -45.02 -4.79 4.28
CA VAL V 62 -45.28 -5.99 5.09
C VAL V 62 -45.24 -7.26 4.22
N GLY V 63 -45.67 -7.16 2.97
CA GLY V 63 -45.67 -8.33 2.11
C GLY V 63 -44.27 -8.81 1.76
N MET V 64 -43.34 -7.88 1.55
CA MET V 64 -41.95 -8.28 1.37
C MET V 64 -41.38 -8.94 2.61
N ARG V 65 -41.80 -8.48 3.79
CA ARG V 65 -41.38 -9.19 5.00
C ARG V 65 -41.88 -10.64 5.01
N ASN V 66 -43.15 -10.85 4.67
CA ASN V 66 -43.68 -12.22 4.60
C ASN V 66 -42.96 -13.07 3.56
N ALA V 67 -42.64 -12.48 2.41
CA ALA V 67 -41.94 -13.23 1.38
C ALA V 67 -40.56 -13.69 1.85
N ASN V 68 -39.88 -12.84 2.62
CA ASN V 68 -38.57 -13.25 3.12
C ASN V 68 -38.70 -14.36 4.17
N ASP V 69 -39.78 -14.32 4.95
CA ASP V 69 -40.08 -15.45 5.86
C ASP V 69 -40.25 -16.77 5.10
N ALA V 70 -40.99 -16.74 3.98
CA ALA V 70 -41.16 -17.95 3.18
C ALA V 70 -39.84 -18.45 2.63
N ILE V 71 -38.98 -17.54 2.15
CA ILE V 71 -37.67 -17.94 1.65
C ILE V 71 -36.86 -18.62 2.74
N SER V 72 -36.94 -18.10 3.97
CA SER V 72 -36.23 -18.69 5.10
C SER V 72 -36.67 -20.13 5.35
N ILE V 73 -37.99 -20.35 5.42
CA ILE V 73 -38.51 -21.70 5.66
C ILE V 73 -38.03 -22.67 4.59
N ALA V 74 -38.18 -22.28 3.31
CA ALA V 74 -37.80 -23.17 2.22
C ALA V 74 -36.31 -23.48 2.26
N GLN V 75 -35.49 -22.48 2.62
CA GLN V 75 -34.05 -22.66 2.65
C GLN V 75 -33.62 -23.65 3.74
N ILE V 76 -34.24 -23.56 4.93
CA ILE V 76 -33.93 -24.52 5.99
C ILE V 76 -34.30 -25.95 5.58
N ALA V 77 -35.51 -26.14 5.05
CA ALA V 77 -35.91 -27.50 4.69
C ALA V 77 -35.03 -28.08 3.57
N GLU V 78 -34.77 -27.27 2.55
CA GLU V 78 -33.92 -27.70 1.45
C GLU V 78 -32.52 -28.07 1.91
N GLY V 79 -31.97 -27.32 2.87
CA GLY V 79 -30.67 -27.67 3.39
C GLY V 79 -30.67 -28.94 4.21
N ALA V 80 -31.77 -29.21 4.91
CA ALA V 80 -31.88 -30.46 5.67
C ALA V 80 -31.86 -31.68 4.76
N MET V 81 -32.47 -31.60 3.57
CA MET V 81 -32.56 -32.79 2.71
C MET V 81 -31.22 -33.25 2.13
N GLN V 82 -30.18 -32.40 2.14
CA GLN V 82 -28.89 -32.74 1.55
C GLN V 82 -28.16 -33.82 2.35
N GLU V 83 -28.18 -33.73 3.67
CA GLU V 83 -27.56 -34.78 4.49
C GLU V 83 -28.26 -36.11 4.34
N GLN V 84 -29.58 -36.09 4.15
CA GLN V 84 -30.33 -37.31 3.90
C GLN V 84 -29.88 -37.96 2.59
N THR V 85 -29.75 -37.16 1.52
CA THR V 85 -29.18 -37.68 0.27
C THR V 85 -27.81 -38.30 0.49
N ASN V 86 -26.96 -37.62 1.26
CA ASN V 86 -25.60 -38.09 1.48
C ASN V 86 -25.58 -39.45 2.18
N MET V 87 -26.41 -39.61 3.21
CA MET V 87 -26.47 -40.88 3.92
C MET V 87 -27.04 -41.99 3.06
N LEU V 88 -28.02 -41.68 2.20
CA LEU V 88 -28.53 -42.70 1.28
C LEU V 88 -27.46 -43.18 0.31
N GLN V 89 -26.62 -42.27 -0.18
CA GLN V 89 -25.50 -42.70 -1.02
C GLN V 89 -24.57 -43.66 -0.28
N ARG V 90 -24.30 -43.36 0.99
CA ARG V 90 -23.46 -44.26 1.79
C ARG V 90 -24.10 -45.64 1.94
N MET V 91 -25.41 -45.70 2.21
CA MET V 91 -26.10 -46.99 2.32
C MET V 91 -26.07 -47.74 1.00
N ARG V 92 -26.16 -47.04 -0.13
CA ARG V 92 -26.03 -47.70 -1.43
C ARG V 92 -24.68 -48.38 -1.59
N ASP V 93 -23.61 -47.70 -1.18
CA ASP V 93 -22.29 -48.34 -1.22
C ASP V 93 -22.21 -49.57 -0.33
N LEU V 94 -22.77 -49.49 0.89
CA LEU V 94 -22.77 -50.65 1.77
C LEU V 94 -23.54 -51.83 1.17
N THR V 95 -24.65 -51.54 0.50
CA THR V 95 -25.44 -52.60 -0.13
C THR V 95 -24.70 -53.24 -1.29
N VAL V 96 -24.01 -52.44 -2.11
CA VAL V 96 -23.21 -53.03 -3.18
C VAL V 96 -22.08 -53.88 -2.60
N GLN V 97 -21.53 -53.46 -1.46
CA GLN V 97 -20.46 -54.23 -0.84
C GLN V 97 -20.96 -55.55 -0.26
N SER V 98 -22.24 -55.63 0.12
CA SER V 98 -22.79 -56.89 0.61
C SER V 98 -22.82 -58.00 -0.43
N GLU V 99 -22.78 -57.67 -1.72
CA GLU V 99 -22.84 -58.66 -2.79
C GLU V 99 -21.46 -59.18 -3.17
N ASN V 100 -20.80 -59.85 -2.24
CA ASN V 100 -19.41 -60.28 -2.40
C ASN V 100 -19.30 -61.71 -1.89
N GLY V 101 -18.99 -62.63 -2.78
CA GLY V 101 -18.97 -64.05 -2.41
C GLY V 101 -17.86 -64.43 -1.45
N ALA V 102 -17.19 -63.45 -0.86
CA ALA V 102 -16.18 -63.72 0.16
C ALA V 102 -16.62 -63.25 1.53
N ASN V 103 -17.73 -62.51 1.62
CA ASN V 103 -18.27 -62.11 2.91
C ASN V 103 -18.83 -63.32 3.64
N SER V 104 -18.78 -63.28 4.96
CA SER V 104 -19.41 -64.28 5.81
C SER V 104 -20.49 -63.59 6.65
N SER V 105 -21.12 -64.34 7.55
CA SER V 105 -22.25 -63.80 8.29
C SER V 105 -21.84 -62.67 9.23
N ALA V 106 -20.61 -62.73 9.76
CA ALA V 106 -20.14 -61.67 10.64
C ALA V 106 -19.92 -60.37 9.87
N ASP V 107 -19.33 -60.46 8.67
CA ASP V 107 -19.14 -59.27 7.84
C ASP V 107 -20.47 -58.68 7.41
N LEU V 108 -21.43 -59.52 7.06
CA LEU V 108 -22.76 -59.05 6.71
C LEU V 108 -23.43 -58.36 7.89
N SER V 109 -23.21 -58.88 9.10
CA SER V 109 -23.77 -58.23 10.29
C SER V 109 -23.14 -56.87 10.54
N ALA V 110 -21.84 -56.74 10.29
CA ALA V 110 -21.19 -55.44 10.45
C ALA V 110 -21.75 -54.42 9.45
N LEU V 111 -21.82 -54.81 8.17
CA LEU V 111 -22.41 -53.95 7.15
C LEU V 111 -23.82 -53.52 7.54
N LYS V 112 -24.64 -54.46 8.01
CA LYS V 112 -26.02 -54.11 8.33
C LYS V 112 -26.12 -53.24 9.57
N ALA V 113 -25.24 -53.41 10.55
CA ALA V 113 -25.24 -52.51 11.70
C ALA V 113 -25.00 -51.08 11.29
N GLU V 114 -24.08 -50.86 10.36
CA GLU V 114 -23.91 -49.47 9.92
C GLU V 114 -25.10 -48.97 9.11
N MET V 115 -25.72 -49.83 8.29
CA MET V 115 -26.95 -49.41 7.59
C MET V 115 -28.03 -48.97 8.57
N ASP V 116 -28.21 -49.71 9.67
CA ASP V 116 -29.24 -49.33 10.64
C ASP V 116 -28.93 -48.01 11.30
N GLN V 117 -27.67 -47.76 11.66
CA GLN V 117 -27.35 -46.45 12.22
C GLN V 117 -27.64 -45.32 11.24
N LEU V 118 -27.36 -45.52 9.96
CA LEU V 118 -27.66 -44.48 8.98
C LEU V 118 -29.15 -44.24 8.83
N ALA V 119 -29.95 -45.31 8.87
CA ALA V 119 -31.40 -45.12 8.80
C ALA V 119 -31.94 -44.40 10.03
N ASN V 120 -31.35 -44.67 11.20
CA ASN V 120 -31.73 -43.93 12.40
C ASN V 120 -31.42 -42.45 12.27
N GLU V 121 -30.27 -42.09 11.69
CA GLU V 121 -29.98 -40.67 11.52
C GLU V 121 -30.88 -40.01 10.47
N ILE V 122 -31.26 -40.74 9.42
CA ILE V 122 -32.25 -40.19 8.48
C ILE V 122 -33.56 -39.89 9.19
N ASP V 123 -34.01 -40.81 10.06
CA ASP V 123 -35.24 -40.56 10.81
C ASP V 123 -35.09 -39.37 11.76
N GLU V 124 -33.93 -39.26 12.43
CA GLU V 124 -33.74 -38.15 13.35
C GLU V 124 -33.79 -36.80 12.63
N ILE V 125 -33.11 -36.68 11.48
CA ILE V 125 -33.20 -35.44 10.72
C ILE V 125 -34.65 -35.18 10.30
N GLY V 126 -35.39 -36.25 9.97
CA GLY V 126 -36.77 -36.07 9.59
C GLY V 126 -37.64 -35.49 10.69
N LYS V 127 -37.42 -35.92 11.94
CA LYS V 127 -38.27 -35.43 13.02
C LYS V 127 -37.73 -34.20 13.73
N THR V 128 -36.48 -33.81 13.49
CA THR V 128 -35.85 -32.80 14.32
C THR V 128 -35.87 -31.41 13.69
N THR V 129 -35.87 -31.33 12.36
CA THR V 129 -35.76 -30.05 11.66
C THR V 129 -36.93 -29.13 11.99
N ALA V 130 -36.62 -27.88 12.34
CA ALA V 130 -37.63 -26.95 12.82
C ALA V 130 -37.28 -25.53 12.42
N PHE V 131 -38.30 -24.67 12.46
CA PHE V 131 -38.16 -23.22 12.41
C PHE V 131 -38.58 -22.70 13.77
N GLY V 132 -37.60 -22.54 14.66
CA GLY V 132 -37.92 -22.23 16.03
C GLY V 132 -38.49 -23.44 16.74
N THR V 133 -39.80 -23.54 16.80
CA THR V 133 -40.46 -24.68 17.42
C THR V 133 -41.43 -25.42 16.50
N THR V 134 -41.63 -24.97 15.26
CA THR V 134 -42.55 -25.65 14.36
C THR V 134 -41.77 -26.61 13.47
N LYS V 135 -42.26 -27.84 13.37
CA LYS V 135 -41.57 -28.86 12.59
C LYS V 135 -41.84 -28.68 11.11
N LEU V 136 -40.85 -29.00 10.28
CA LEU V 136 -40.94 -28.77 8.85
C LEU V 136 -41.02 -30.06 8.04
N LEU V 137 -40.31 -31.11 8.43
CA LEU V 137 -40.28 -32.32 7.62
C LEU V 137 -41.12 -33.46 8.18
N ALA V 138 -42.10 -33.17 9.02
CA ALA V 138 -42.87 -34.23 9.66
C ALA V 138 -44.26 -34.39 9.07
N GLY V 139 -44.68 -33.49 8.20
CA GLY V 139 -46.00 -33.57 7.59
C GLY V 139 -46.90 -32.39 7.86
N GLY V 140 -46.44 -31.35 8.56
CA GLY V 140 -47.28 -30.21 8.85
C GLY V 140 -47.45 -29.26 7.68
N PHE V 141 -46.57 -29.33 6.69
CA PHE V 141 -46.68 -28.54 5.47
C PHE V 141 -47.11 -29.37 4.27
N SER V 142 -47.59 -30.60 4.49
CA SER V 142 -47.95 -31.48 3.39
C SER V 142 -49.05 -30.87 2.53
N ALA V 143 -50.06 -30.28 3.15
CA ALA V 143 -50.89 -29.30 2.49
C ALA V 143 -50.33 -27.93 2.84
N GLY V 144 -49.91 -27.17 1.83
CA GLY V 144 -49.05 -26.04 2.08
C GLY V 144 -49.69 -24.97 2.94
N LYS V 145 -48.85 -24.04 3.39
CA LYS V 145 -49.28 -22.84 4.10
C LYS V 145 -49.14 -21.63 3.18
N ASN V 146 -50.02 -20.65 3.35
CA ASN V 146 -50.00 -19.46 2.53
C ASN V 146 -49.31 -18.31 3.24
N PHE V 147 -48.55 -17.54 2.46
CA PHE V 147 -47.94 -16.29 2.90
C PHE V 147 -48.51 -15.19 2.01
N GLN V 148 -49.12 -14.17 2.60
CA GLN V 148 -49.63 -13.08 1.80
C GLN V 148 -48.49 -12.15 1.43
N VAL V 149 -48.14 -12.11 0.14
CA VAL V 149 -46.98 -11.36 -0.32
C VAL V 149 -47.35 -10.04 -0.96
N GLY V 150 -48.63 -9.67 -0.95
CA GLY V 150 -49.07 -8.40 -1.48
C GLY V 150 -49.86 -7.60 -0.46
N ALA V 151 -50.44 -6.50 -0.95
CA ALA V 151 -51.20 -5.62 -0.09
C ALA V 151 -52.67 -5.99 -0.01
N GLN V 152 -53.20 -6.72 -0.98
CA GLN V 152 -54.60 -7.06 -1.03
C GLN V 152 -54.81 -8.54 -0.74
N ASP V 153 -56.05 -8.86 -0.36
CA ASP V 153 -56.39 -10.23 -0.01
C ASP V 153 -56.39 -11.13 -1.24
N GLY V 154 -55.81 -12.32 -1.08
CA GLY V 154 -55.74 -13.28 -2.14
C GLY V 154 -54.44 -13.29 -2.91
N GLU V 155 -53.57 -12.31 -2.68
CA GLU V 155 -52.27 -12.21 -3.34
C GLU V 155 -51.24 -12.90 -2.45
N ASP V 156 -51.05 -14.19 -2.69
CA ASP V 156 -50.28 -15.02 -1.78
C ASP V 156 -49.68 -16.24 -2.48
N ILE V 157 -48.68 -16.82 -1.83
CA ILE V 157 -47.89 -17.92 -2.35
C ILE V 157 -47.95 -19.07 -1.36
N LYS V 158 -48.00 -20.30 -1.85
CA LYS V 158 -48.15 -21.48 -1.03
C LYS V 158 -46.86 -22.28 -0.99
N VAL V 159 -46.41 -22.64 0.20
CA VAL V 159 -45.18 -23.41 0.41
C VAL V 159 -45.56 -24.80 0.90
N THR V 160 -45.16 -25.82 0.15
CA THR V 160 -45.55 -27.20 0.41
C THR V 160 -44.31 -28.05 0.66
N VAL V 161 -44.29 -28.78 1.76
CA VAL V 161 -43.23 -29.73 2.08
C VAL V 161 -43.89 -31.01 2.56
N LYS V 162 -43.49 -32.15 2.00
CA LYS V 162 -44.01 -33.43 2.44
C LYS V 162 -43.06 -34.06 3.46
N ALA V 163 -43.56 -35.09 4.15
CA ALA V 163 -42.76 -35.75 5.17
C ALA V 163 -41.67 -36.60 4.54
N SER V 164 -40.47 -36.53 5.11
CA SER V 164 -39.34 -37.32 4.65
C SER V 164 -38.59 -37.88 5.85
N ASN V 165 -38.72 -39.19 6.04
CA ASN V 165 -38.15 -39.91 7.16
C ASN V 165 -38.04 -41.36 6.73
N LYS V 166 -37.48 -42.21 7.59
CA LYS V 166 -37.19 -43.57 7.14
C LYS V 166 -38.45 -44.39 6.94
N SER V 167 -39.61 -43.88 7.36
CA SER V 167 -40.85 -44.64 7.20
C SER V 167 -41.55 -44.28 5.91
N SER V 168 -41.53 -43.01 5.53
CA SER V 168 -42.16 -42.59 4.29
C SER V 168 -41.28 -42.87 3.08
N LEU V 169 -39.96 -42.97 3.29
CA LEU V 169 -39.04 -43.30 2.22
C LEU V 169 -38.87 -44.80 2.04
N SER V 170 -39.48 -45.62 2.89
CA SER V 170 -39.46 -47.08 2.80
C SER V 170 -38.05 -47.66 2.93
N VAL V 171 -37.18 -47.03 3.71
CA VAL V 171 -35.83 -47.55 3.96
C VAL V 171 -35.65 -48.01 5.40
N GLY V 172 -36.74 -48.15 6.15
CA GLY V 172 -36.64 -48.47 7.56
C GLY V 172 -36.57 -49.95 7.90
N SER V 173 -36.53 -50.83 6.90
CA SER V 173 -36.46 -52.27 7.15
C SER V 173 -35.72 -53.00 6.03
N LEU V 174 -34.45 -52.67 5.83
CA LEU V 174 -33.70 -53.24 4.72
C LEU V 174 -32.86 -54.40 5.20
N GLY V 175 -32.71 -55.41 4.35
CA GLY V 175 -31.93 -56.58 4.70
C GLY V 175 -30.84 -56.82 3.66
N ASN V 176 -29.88 -57.64 4.05
CA ASN V 176 -28.76 -57.93 3.17
C ASN V 176 -28.30 -59.38 3.28
N THR V 177 -29.09 -60.25 3.88
CA THR V 177 -28.64 -61.60 4.17
C THR V 177 -28.91 -62.58 3.03
N THR V 178 -29.69 -62.18 2.03
CA THR V 178 -30.07 -63.02 0.91
C THR V 178 -29.99 -62.21 -0.37
N SER V 179 -29.77 -62.90 -1.49
CA SER V 179 -29.63 -62.24 -2.79
C SER V 179 -30.85 -61.38 -3.11
N ALA V 180 -32.06 -61.91 -2.90
CA ALA V 180 -33.27 -61.15 -3.18
C ALA V 180 -33.42 -59.95 -2.25
N ALA V 181 -32.97 -60.10 -1.00
CA ALA V 181 -33.02 -58.98 -0.07
C ALA V 181 -32.10 -57.85 -0.50
N ARG V 182 -30.93 -58.19 -1.03
CA ARG V 182 -30.02 -57.16 -1.55
C ARG V 182 -30.61 -56.47 -2.77
N ALA V 183 -31.20 -57.22 -3.68
CA ALA V 183 -31.84 -56.60 -4.84
C ALA V 183 -32.93 -55.63 -4.42
N SER V 184 -33.78 -56.07 -3.48
CA SER V 184 -34.87 -55.22 -3.01
C SER V 184 -34.35 -53.96 -2.34
N SER V 185 -33.29 -54.09 -1.53
CA SER V 185 -32.73 -52.92 -0.85
C SER V 185 -32.15 -51.94 -1.86
N LEU V 186 -31.47 -52.43 -2.88
CA LEU V 186 -30.94 -51.54 -3.91
C LEU V 186 -32.06 -50.74 -4.57
N LYS V 187 -33.15 -51.42 -4.96
CA LYS V 187 -34.24 -50.70 -5.63
C LYS V 187 -34.85 -49.64 -4.72
N LYS V 188 -35.07 -49.95 -3.44
CA LYS V 188 -35.71 -48.95 -2.59
C LYS V 188 -34.78 -47.78 -2.26
N ILE V 189 -33.48 -48.00 -2.12
CA ILE V 189 -32.59 -46.86 -1.92
C ILE V 189 -32.58 -45.95 -3.14
N ASP V 190 -32.55 -46.53 -4.35
CA ASP V 190 -32.59 -45.69 -5.54
C ASP V 190 -33.89 -44.88 -5.63
N ALA V 191 -35.02 -45.51 -5.28
CA ALA V 191 -36.28 -44.79 -5.30
C ALA V 191 -36.29 -43.64 -4.30
N ALA V 192 -35.72 -43.85 -3.12
CA ALA V 192 -35.69 -42.79 -2.11
C ALA V 192 -34.86 -41.60 -2.59
N ILE V 193 -33.71 -41.87 -3.22
CA ILE V 193 -32.91 -40.79 -3.78
C ILE V 193 -33.74 -39.99 -4.80
N LYS V 194 -34.51 -40.69 -5.63
CA LYS V 194 -35.36 -40.00 -6.60
C LYS V 194 -36.39 -39.08 -5.94
N THR V 195 -37.08 -39.56 -4.90
CA THR V 195 -38.13 -38.72 -4.31
C THR V 195 -37.54 -37.49 -3.62
N ILE V 196 -36.38 -37.63 -2.98
CA ILE V 196 -35.76 -36.45 -2.39
C ILE V 196 -35.37 -35.45 -3.47
N ASP V 197 -34.85 -35.93 -4.61
CA ASP V 197 -34.56 -35.01 -5.71
C ASP V 197 -35.79 -34.22 -6.13
N ALA V 198 -36.95 -34.89 -6.25
CA ALA V 198 -38.15 -34.17 -6.68
C ALA V 198 -38.55 -33.10 -5.67
N GLN V 199 -38.50 -33.41 -4.38
CA GLN V 199 -38.84 -32.40 -3.37
C GLN V 199 -37.90 -31.20 -3.44
N ARG V 200 -36.60 -31.45 -3.61
CA ARG V 200 -35.65 -30.34 -3.67
C ARG V 200 -35.89 -29.49 -4.90
N ALA V 201 -36.28 -30.11 -6.02
CA ALA V 201 -36.62 -29.36 -7.22
C ALA V 201 -37.76 -28.38 -6.97
N ASP V 202 -38.84 -28.85 -6.35
CA ASP V 202 -39.96 -27.94 -6.08
C ASP V 202 -39.60 -26.80 -5.14
N LEU V 203 -38.80 -27.08 -4.10
CA LEU V 203 -38.41 -25.98 -3.21
C LEU V 203 -37.53 -24.96 -3.92
N GLY V 204 -36.66 -25.41 -4.81
CA GLY V 204 -35.84 -24.47 -5.57
C GLY V 204 -36.67 -23.57 -6.47
N ALA V 205 -37.66 -24.16 -7.16
CA ALA V 205 -38.56 -23.36 -7.98
C ALA V 205 -39.27 -22.30 -7.14
N ILE V 206 -39.75 -22.68 -5.95
CA ILE V 206 -40.42 -21.70 -5.08
C ILE V 206 -39.48 -20.55 -4.72
N GLN V 207 -38.21 -20.85 -4.42
CA GLN V 207 -37.29 -19.77 -4.05
C GLN V 207 -37.04 -18.80 -5.20
N ASN V 208 -36.86 -19.34 -6.42
CA ASN V 208 -36.69 -18.46 -7.59
C ASN V 208 -37.90 -17.54 -7.77
N ARG V 209 -39.10 -18.11 -7.68
CA ARG V 209 -40.33 -17.33 -7.80
C ARG V 209 -40.40 -16.21 -6.78
N LEU V 210 -40.06 -16.51 -5.52
CA LEU V 210 -40.13 -15.48 -4.48
C LEU V 210 -39.11 -14.37 -4.71
N ALA V 211 -37.94 -14.71 -5.28
CA ALA V 211 -36.97 -13.68 -5.60
C ALA V 211 -37.52 -12.69 -6.63
N HIS V 212 -38.07 -13.20 -7.73
CA HIS V 212 -38.70 -12.31 -8.73
C HIS V 212 -39.81 -11.47 -8.12
N ASN V 213 -40.61 -12.05 -7.24
CA ASN V 213 -41.75 -11.31 -6.69
C ASN V 213 -41.28 -10.17 -5.78
N ILE V 214 -40.24 -10.40 -4.98
CA ILE V 214 -39.73 -9.33 -4.13
C ILE V 214 -39.13 -8.20 -4.96
N SER V 215 -38.43 -8.55 -6.04
CA SER V 215 -37.89 -7.51 -6.92
C SER V 215 -39.00 -6.64 -7.51
N ASN V 216 -40.08 -7.25 -7.98
CA ASN V 216 -41.18 -6.48 -8.53
C ASN V 216 -41.85 -5.61 -7.49
N SER V 217 -41.96 -6.10 -6.24
CA SER V 217 -42.58 -5.28 -5.19
C SER V 217 -41.73 -4.06 -4.86
N ALA V 218 -40.41 -4.20 -4.86
CA ALA V 218 -39.56 -3.05 -4.62
C ALA V 218 -39.73 -1.99 -5.70
N ASN V 219 -39.73 -2.41 -6.97
CA ASN V 219 -40.01 -1.47 -8.06
C ASN V 219 -41.32 -0.73 -7.84
N THR V 220 -42.39 -1.48 -7.58
CA THR V 220 -43.72 -0.85 -7.48
C THR V 220 -43.80 0.09 -6.28
N GLN V 221 -43.16 -0.26 -5.18
CA GLN V 221 -43.14 0.62 -4.02
C GLN V 221 -42.49 1.96 -4.36
N ALA V 222 -41.35 1.93 -5.06
CA ALA V 222 -40.71 3.19 -5.47
C ALA V 222 -41.63 4.03 -6.34
N ASN V 223 -42.26 3.42 -7.36
CA ASN V 223 -43.10 4.20 -8.27
C ASN V 223 -44.33 4.75 -7.56
N VAL V 224 -44.94 3.98 -6.65
CA VAL V 224 -46.14 4.45 -5.96
C VAL V 224 -45.81 5.54 -4.95
N ALA V 225 -44.65 5.46 -4.29
CA ALA V 225 -44.26 6.54 -3.39
C ALA V 225 -43.99 7.84 -4.15
N ASP V 226 -43.37 7.73 -5.33
CA ASP V 226 -43.28 8.89 -6.22
C ASP V 226 -44.65 9.48 -6.53
N ALA V 227 -45.59 8.63 -6.93
CA ALA V 227 -46.94 9.09 -7.26
C ALA V 227 -47.59 9.81 -6.07
N LYS V 228 -47.45 9.27 -4.86
CA LYS V 228 -48.06 9.89 -3.69
C LYS V 228 -47.40 11.22 -3.36
N SER V 229 -46.07 11.29 -3.50
CA SER V 229 -45.37 12.53 -3.24
C SER V 229 -45.83 13.64 -4.16
N ARG V 230 -46.13 13.30 -5.43
CA ARG V 230 -46.64 14.33 -6.34
C ARG V 230 -47.95 14.95 -5.86
N ILE V 231 -48.70 14.25 -5.02
CA ILE V 231 -50.00 14.73 -4.57
C ILE V 231 -49.93 15.40 -3.21
N VAL V 232 -49.16 14.86 -2.27
CA VAL V 232 -49.27 15.24 -0.87
C VAL V 232 -48.23 16.28 -0.46
N ASP V 233 -47.01 16.20 -0.98
CA ASP V 233 -45.93 17.02 -0.47
C ASP V 233 -45.97 18.45 -0.99
N VAL V 234 -45.32 19.35 -0.26
CA VAL V 234 -45.31 20.76 -0.58
C VAL V 234 -44.11 21.06 -1.48
N ASP V 235 -44.23 22.14 -2.24
CA ASP V 235 -43.15 22.67 -3.07
C ASP V 235 -42.53 23.86 -2.36
N PHE V 236 -41.26 23.73 -1.99
CA PHE V 236 -40.62 24.80 -1.22
C PHE V 236 -40.37 26.04 -2.07
N ALA V 237 -39.99 25.85 -3.33
CA ALA V 237 -39.69 26.99 -4.20
C ALA V 237 -40.90 27.89 -4.40
N LYS V 238 -42.09 27.30 -4.44
CA LYS V 238 -43.32 28.08 -4.62
C LYS V 238 -43.80 28.66 -3.31
N GLU V 239 -43.67 27.90 -2.23
CA GLU V 239 -44.31 28.27 -0.98
C GLU V 239 -43.53 29.38 -0.28
N THR V 240 -42.20 29.38 -0.43
CA THR V 240 -41.40 30.48 0.11
C THR V 240 -41.70 31.80 -0.60
N SER V 241 -41.94 31.74 -1.91
CA SER V 241 -42.31 32.94 -2.65
C SER V 241 -43.64 33.49 -2.17
N GLN V 242 -44.63 32.62 -1.99
CA GLN V 242 -45.91 33.08 -1.46
C GLN V 242 -45.75 33.70 -0.07
N MET V 243 -44.90 33.09 0.76
CA MET V 243 -44.70 33.64 2.10
C MET V 243 -44.13 35.05 2.06
N THR V 244 -43.11 35.27 1.23
CA THR V 244 -42.50 36.60 1.15
C THR V 244 -43.49 37.64 0.61
N LYS V 245 -44.29 37.26 -0.39
CA LYS V 245 -45.31 38.18 -0.89
C LYS V 245 -46.27 38.60 0.21
N ASN V 246 -46.75 37.65 1.01
CA ASN V 246 -47.71 38.02 2.05
C ASN V 246 -47.07 38.82 3.17
N GLN V 247 -45.78 38.60 3.45
CA GLN V 247 -45.06 39.44 4.39
C GLN V 247 -45.09 40.90 3.96
N VAL V 248 -44.69 41.16 2.71
CA VAL V 248 -44.68 42.54 2.22
C VAL V 248 -46.08 43.14 2.25
N LEU V 249 -47.10 42.36 1.86
CA LEU V 249 -48.46 42.90 1.90
C LEU V 249 -48.91 43.22 3.31
N GLN V 250 -48.48 42.43 4.30
CA GLN V 250 -48.82 42.76 5.68
C GLN V 250 -48.24 44.10 6.10
N GLN V 251 -46.97 44.34 5.77
CA GLN V 251 -46.37 45.61 6.17
C GLN V 251 -47.06 46.79 5.46
N THR V 252 -47.38 46.64 4.18
CA THR V 252 -48.06 47.71 3.45
C THR V 252 -49.46 47.96 4.02
N GLY V 253 -50.21 46.90 4.30
CA GLY V 253 -51.56 47.08 4.82
C GLY V 253 -51.58 47.68 6.21
N SER V 254 -50.60 47.32 7.04
CA SER V 254 -50.45 47.94 8.35
C SER V 254 -50.22 49.44 8.22
N ALA V 255 -49.27 49.83 7.37
CA ALA V 255 -49.01 51.26 7.15
C ALA V 255 -50.27 51.97 6.66
N MET V 256 -51.01 51.35 5.75
CA MET V 256 -52.14 52.02 5.14
C MET V 256 -53.30 52.16 6.13
N LEU V 257 -53.50 51.16 7.00
CA LEU V 257 -54.53 51.27 8.03
C LEU V 257 -54.18 52.32 9.07
N ALA V 258 -52.90 52.38 9.47
CA ALA V 258 -52.48 53.41 10.42
C ALA V 258 -52.69 54.81 9.83
N GLN V 259 -52.45 54.96 8.53
CA GLN V 259 -52.70 56.25 7.91
C GLN V 259 -54.20 56.51 7.73
N ALA V 260 -55.00 55.45 7.61
CA ALA V 260 -56.43 55.63 7.42
C ALA V 260 -57.13 56.06 8.70
N ASN V 261 -56.65 55.61 9.86
CA ASN V 261 -57.29 56.03 11.11
C ASN V 261 -57.08 57.50 11.46
N GLN V 262 -56.35 58.28 10.66
CA GLN V 262 -56.15 59.69 10.96
C GLN V 262 -57.02 60.62 10.10
N LEU V 263 -58.02 60.10 9.41
CA LEU V 263 -58.83 60.96 8.54
C LEU V 263 -59.83 61.85 9.27
N PRO V 264 -60.44 61.46 10.39
CA PRO V 264 -61.39 62.38 11.05
C PRO V 264 -60.77 63.63 11.64
N GLN V 265 -59.47 63.86 11.45
CA GLN V 265 -58.84 65.04 12.04
C GLN V 265 -58.92 66.27 11.16
N VAL V 266 -59.54 66.19 9.99
CA VAL V 266 -59.76 67.39 9.18
C VAL V 266 -60.83 68.27 9.82
N ALA V 267 -61.76 67.64 10.55
CA ALA V 267 -62.83 68.39 11.20
C ALA V 267 -62.28 69.35 12.24
N LEU V 268 -61.25 68.93 12.99
CA LEU V 268 -60.63 69.82 13.96
C LEU V 268 -60.04 71.05 13.28
N SER V 269 -59.54 70.89 12.06
CA SER V 269 -59.07 72.04 11.30
C SER V 269 -60.23 72.96 10.92
N LEU V 270 -61.34 72.38 10.45
CA LEU V 270 -62.48 73.23 10.13
C LEU V 270 -63.09 73.87 11.38
N LEU V 271 -62.85 73.27 12.54
CA LEU V 271 -63.52 73.68 13.76
C LEU V 271 -62.72 74.73 14.52
N ALA W 1 -95.43 109.55 11.34
CA ALA W 1 -95.77 109.98 12.69
C ALA W 1 -94.60 109.78 13.64
N ILE W 2 -94.57 110.57 14.69
CA ILE W 2 -93.58 110.45 15.76
C ILE W 2 -94.33 110.02 17.01
N THR W 3 -94.25 108.73 17.35
CA THR W 3 -95.02 108.16 18.44
C THR W 3 -94.10 107.54 19.47
N VAL W 4 -94.59 107.44 20.70
CA VAL W 4 -93.80 106.90 21.81
C VAL W 4 -94.37 105.58 22.31
N ASN W 5 -95.67 105.35 22.12
CA ASN W 5 -96.34 104.25 22.79
C ASN W 5 -96.17 102.92 22.10
N THR W 6 -95.82 102.90 20.82
CA THR W 6 -95.66 101.67 20.07
C THR W 6 -94.47 101.82 19.14
N ASN W 7 -93.67 100.76 19.04
CA ASN W 7 -92.44 100.79 18.24
C ASN W 7 -92.41 99.50 17.43
N VAL W 8 -92.62 99.60 16.13
CA VAL W 8 -92.78 98.42 15.29
C VAL W 8 -91.44 97.94 14.76
N THR W 9 -90.52 98.87 14.50
CA THR W 9 -89.18 98.50 14.08
C THR W 9 -88.51 97.61 15.11
N SER W 10 -88.74 97.90 16.39
CA SER W 10 -88.19 97.07 17.45
C SER W 10 -88.78 95.67 17.45
N LEU W 11 -90.08 95.56 17.21
CA LEU W 11 -90.72 94.24 17.13
C LEU W 11 -90.12 93.40 16.01
N LYS W 12 -89.94 94.00 14.83
CA LYS W 12 -89.40 93.25 13.72
C LYS W 12 -87.93 92.87 13.95
N ALA W 13 -87.15 93.78 14.55
CA ALA W 13 -85.76 93.46 14.88
C ALA W 13 -85.69 92.31 15.88
N GLN W 14 -86.59 92.31 16.88
CA GLN W 14 -86.64 91.21 17.83
C GLN W 14 -86.88 89.88 17.13
N LYS W 15 -87.82 89.86 16.19
CA LYS W 15 -88.11 88.59 15.53
C LYS W 15 -86.93 88.09 14.70
N ASN W 16 -86.27 89.00 13.97
CA ASN W 16 -85.10 88.58 13.21
C ASN W 16 -83.99 88.04 14.11
N LEU W 17 -83.73 88.73 15.23
CA LEU W 17 -82.67 88.30 16.14
C LEU W 17 -82.98 86.93 16.73
N ASN W 18 -84.25 86.67 17.04
CA ASN W 18 -84.63 85.37 17.56
C ASN W 18 -84.42 84.27 16.53
N THR W 19 -84.78 84.54 15.27
CA THR W 19 -84.58 83.54 14.22
C THR W 19 -83.09 83.20 14.07
N SER W 20 -82.24 84.22 14.08
CA SER W 20 -80.80 83.97 13.95
C SER W 20 -80.27 83.15 15.12
N ALA W 21 -80.70 83.48 16.35
CA ALA W 21 -80.23 82.72 17.51
C ALA W 21 -80.64 81.26 17.45
N SER W 22 -81.88 81.00 17.04
CA SER W 22 -82.33 79.62 16.89
C SER W 22 -81.48 78.85 15.89
N ASP W 23 -81.21 79.45 14.72
CA ASP W 23 -80.39 78.77 13.73
C ASP W 23 -79.00 78.46 14.26
N LEU W 24 -78.40 79.41 14.98
CA LEU W 24 -77.06 79.18 15.53
C LEU W 24 -77.04 78.05 16.53
N ALA W 25 -78.05 77.99 17.42
CA ALA W 25 -78.13 76.91 18.39
C ALA W 25 -78.25 75.55 17.70
N THR W 26 -79.08 75.47 16.65
CA THR W 26 -79.21 74.21 15.91
C THR W 26 -77.86 73.76 15.33
N SER W 27 -77.14 74.69 14.71
CA SER W 27 -75.84 74.36 14.12
C SER W 27 -74.85 73.89 15.19
N MET W 28 -74.83 74.57 16.34
CA MET W 28 -73.94 74.18 17.43
C MET W 28 -74.22 72.76 17.88
N GLU W 29 -75.49 72.42 18.05
CA GLU W 29 -75.87 71.04 18.41
C GLU W 29 -75.38 70.03 17.39
N ARG W 30 -75.57 70.33 16.11
CA ARG W 30 -75.17 69.39 15.06
C ARG W 30 -73.67 69.17 15.03
N LEU W 31 -72.88 70.23 15.25
CA LEU W 31 -71.42 70.07 15.30
C LEU W 31 -70.97 69.33 16.55
N SER W 32 -71.68 69.52 17.67
CA SER W 32 -71.29 68.82 18.90
C SER W 32 -71.59 67.34 18.81
N SER W 33 -72.69 66.96 18.14
CA SER W 33 -73.09 65.57 18.10
C SER W 33 -72.37 64.77 17.01
N GLY W 34 -72.17 65.38 15.85
CA GLY W 34 -71.64 64.68 14.69
C GLY W 34 -72.67 64.06 13.79
N LEU W 35 -73.96 64.31 14.04
CA LEU W 35 -75.06 63.72 13.29
C LEU W 35 -75.94 64.80 12.71
N ARG W 36 -76.47 64.53 11.51
CA ARG W 36 -77.40 65.46 10.88
C ARG W 36 -78.80 65.31 11.44
N ILE W 37 -79.21 64.08 11.76
CA ILE W 37 -80.55 63.80 12.23
C ILE W 37 -80.46 63.50 13.72
N ASN W 38 -80.84 64.48 14.55
CA ASN W 38 -80.90 64.28 15.98
C ASN W 38 -82.31 64.00 16.49
N SER W 39 -83.33 64.26 15.68
CA SER W 39 -84.72 64.05 16.05
C SER W 39 -85.50 63.76 14.79
N ALA W 40 -86.81 63.60 14.93
CA ALA W 40 -87.65 63.48 13.75
C ALA W 40 -88.09 64.83 13.20
N LYS W 41 -87.88 65.90 13.96
CA LYS W 41 -87.96 67.25 13.42
C LYS W 41 -87.10 67.42 12.18
N ASP W 42 -85.98 66.71 12.11
CA ASP W 42 -84.97 66.92 11.08
C ASP W 42 -85.33 66.20 9.77
N ASP W 43 -85.45 64.88 9.82
CA ASP W 43 -85.78 64.09 8.64
C ASP W 43 -86.46 62.82 9.13
N ALA W 44 -87.73 62.64 8.78
CA ALA W 44 -88.51 61.56 9.38
C ALA W 44 -88.35 60.25 8.61
N ALA W 45 -88.35 60.32 7.28
CA ALA W 45 -88.17 59.10 6.48
C ALA W 45 -86.74 58.58 6.58
N GLY W 46 -85.76 59.49 6.64
CA GLY W 46 -84.39 59.07 6.82
C GLY W 46 -84.15 58.41 8.16
N LEU W 47 -84.87 58.82 9.19
CA LEU W 47 -84.77 58.18 10.49
C LEU W 47 -85.14 56.69 10.40
N ALA W 48 -86.26 56.37 9.74
CA ALA W 48 -86.66 54.98 9.65
C ALA W 48 -85.76 54.18 8.72
N ILE W 49 -85.36 54.77 7.60
CA ILE W 49 -84.43 54.09 6.69
C ILE W 49 -83.13 53.76 7.42
N SER W 50 -82.66 54.70 8.24
CA SER W 50 -81.41 54.49 8.95
C SER W 50 -81.56 53.51 10.11
N ASN W 51 -82.73 53.45 10.74
CA ASN W 51 -82.97 52.40 11.72
C ASN W 51 -82.88 51.01 11.09
N ARG W 52 -83.45 50.85 9.90
CA ARG W 52 -83.37 49.56 9.23
C ARG W 52 -81.94 49.22 8.80
N LEU W 53 -81.21 50.20 8.27
CA LEU W 53 -79.82 49.93 7.90
C LEU W 53 -78.96 49.62 9.11
N ASN W 54 -79.29 50.23 10.25
CA ASN W 54 -78.57 49.95 11.50
C ASN W 54 -78.82 48.52 11.96
N SER W 55 -80.08 48.08 11.91
CA SER W 55 -80.37 46.68 12.20
C SER W 55 -79.56 45.75 11.31
N GLN W 56 -79.44 46.07 10.02
CA GLN W 56 -78.70 45.20 9.10
C GLN W 56 -77.22 45.14 9.46
N VAL W 57 -76.60 46.28 9.75
CA VAL W 57 -75.17 46.29 10.08
C VAL W 57 -74.91 45.46 11.33
N ARG W 58 -75.72 45.67 12.37
CA ARG W 58 -75.52 44.97 13.63
C ARG W 58 -75.75 43.47 13.49
N GLY W 59 -76.78 43.10 12.71
CA GLY W 59 -77.03 41.69 12.47
C GLY W 59 -75.92 41.00 11.70
N LEU W 60 -75.34 41.69 10.73
CA LEU W 60 -74.21 41.09 10.01
C LEU W 60 -73.02 40.86 10.92
N GLU W 61 -72.78 41.79 11.85
CA GLU W 61 -71.71 41.58 12.82
C GLU W 61 -71.92 40.29 13.64
N VAL W 62 -73.12 40.15 14.21
CA VAL W 62 -73.40 38.95 15.00
C VAL W 62 -73.36 37.68 14.15
N GLY W 63 -73.80 37.78 12.88
CA GLY W 63 -73.79 36.61 12.02
C GLY W 63 -72.40 36.12 11.70
N MET W 64 -71.46 37.04 11.49
CA MET W 64 -70.06 36.63 11.31
C MET W 64 -69.52 35.96 12.57
N ARG W 65 -69.94 36.43 13.74
CA ARG W 65 -69.53 35.72 14.96
C ARG W 65 -70.05 34.27 14.96
N ASN W 66 -71.33 34.07 14.61
CA ASN W 66 -71.87 32.70 14.54
C ASN W 66 -71.15 31.85 13.51
N ALA W 67 -70.80 32.44 12.36
CA ALA W 67 -70.10 31.68 11.32
C ALA W 67 -68.74 31.21 11.81
N ASN W 68 -68.05 32.04 12.59
CA ASN W 68 -66.74 31.63 13.10
C ASN W 68 -66.89 30.53 14.14
N ASP W 69 -67.97 30.56 14.92
CA ASP W 69 -68.30 29.45 15.81
C ASP W 69 -68.48 28.13 15.06
N ALA W 70 -69.21 28.17 13.95
CA ALA W 70 -69.38 26.96 13.14
C ALA W 70 -68.06 26.44 12.60
N ILE W 71 -67.19 27.34 12.13
CA ILE W 71 -65.88 26.92 11.64
C ILE W 71 -65.08 26.25 12.75
N SER W 72 -65.17 26.77 13.97
CA SER W 72 -64.48 26.17 15.10
C SER W 72 -64.93 24.73 15.36
N ILE W 73 -66.25 24.52 15.41
CA ILE W 73 -66.79 23.17 15.64
C ILE W 73 -66.30 22.21 14.58
N ALA W 74 -66.45 22.59 13.30
CA ALA W 74 -66.05 21.70 12.21
C ALA W 74 -64.57 21.38 12.25
N GLN W 75 -63.75 22.36 12.62
CA GLN W 75 -62.30 22.17 12.66
C GLN W 75 -61.90 21.19 13.76
N ILE W 76 -62.53 21.28 14.94
CA ILE W 76 -62.24 20.31 16.01
C ILE W 76 -62.61 18.90 15.59
N ALA W 77 -63.82 18.71 15.06
CA ALA W 77 -64.24 17.35 14.69
C ALA W 77 -63.36 16.76 13.58
N GLU W 78 -63.07 17.57 12.55
CA GLU W 78 -62.22 17.13 11.46
C GLU W 78 -60.83 16.75 11.95
N GLY W 79 -60.28 17.50 12.91
CA GLY W 79 -58.98 17.14 13.44
C GLY W 79 -59.00 15.86 14.26
N ALA W 80 -60.11 15.61 14.95
CA ALA W 80 -60.24 14.36 15.70
C ALA W 80 -60.23 13.13 14.80
N MET W 81 -60.83 13.22 13.61
CA MET W 81 -60.92 12.03 12.75
C MET W 81 -59.57 11.56 12.18
N GLN W 82 -58.54 12.40 12.18
CA GLN W 82 -57.24 12.04 11.61
C GLN W 82 -56.52 10.96 12.41
N GLU W 83 -56.56 11.04 13.73
CA GLU W 83 -55.95 10.01 14.56
C GLU W 83 -56.66 8.68 14.41
N GLN W 84 -57.98 8.72 14.21
CA GLN W 84 -58.73 7.49 13.95
C GLN W 84 -58.28 6.83 12.64
N THR W 85 -58.13 7.64 11.59
CA THR W 85 -57.58 7.12 10.33
C THR W 85 -56.20 6.49 10.55
N ASN W 86 -55.36 7.15 11.33
CA ASN W 86 -54.00 6.67 11.57
C ASN W 86 -54.00 5.30 12.26
N MET W 87 -54.83 5.16 13.29
CA MET W 87 -54.91 3.89 14.00
C MET W 87 -55.50 2.78 13.13
N LEU W 88 -56.46 3.10 12.27
CA LEU W 88 -56.97 2.09 11.35
C LEU W 88 -55.91 1.60 10.38
N GLN W 89 -55.04 2.50 9.90
CA GLN W 89 -53.93 2.05 9.07
C GLN W 89 -53.01 1.09 9.82
N ARG W 90 -52.74 1.39 11.09
CA ARG W 90 -51.92 0.48 11.90
C ARG W 90 -52.57 -0.90 12.04
N MET W 91 -53.89 -0.94 12.30
CA MET W 91 -54.59 -2.23 12.40
C MET W 91 -54.56 -2.99 11.08
N ARG W 92 -54.64 -2.28 9.96
CA ARG W 92 -54.50 -2.93 8.66
C ARG W 92 -53.15 -3.63 8.51
N ASP W 93 -52.09 -2.97 8.93
CA ASP W 93 -50.77 -3.61 8.89
C ASP W 93 -50.70 -4.84 9.79
N LEU W 94 -51.27 -4.76 10.99
CA LEU W 94 -51.29 -5.92 11.89
C LEU W 94 -52.07 -7.09 11.28
N THR W 95 -53.17 -6.79 10.59
CA THR W 95 -53.96 -7.84 9.97
C THR W 95 -53.21 -8.49 8.82
N VAL W 96 -52.52 -7.70 8.00
CA VAL W 96 -51.71 -8.30 6.93
C VAL W 96 -50.60 -9.15 7.52
N GLN W 97 -50.04 -8.73 8.66
CA GLN W 97 -48.99 -9.52 9.30
C GLN W 97 -49.52 -10.84 9.87
N SER W 98 -50.80 -10.90 10.23
CA SER W 98 -51.36 -12.16 10.73
C SER W 98 -51.39 -13.27 9.68
N GLU W 99 -51.34 -12.94 8.39
CA GLU W 99 -51.40 -13.93 7.32
C GLU W 99 -50.02 -14.45 6.96
N ASN W 100 -49.37 -15.14 7.89
CA ASN W 100 -47.99 -15.57 7.74
C ASN W 100 -47.89 -17.00 8.26
N GLY W 101 -47.58 -17.94 7.37
CA GLY W 101 -47.58 -19.35 7.73
C GLY W 101 -46.48 -19.74 8.70
N ALA W 102 -45.81 -18.77 9.30
CA ALA W 102 -44.81 -19.05 10.33
C ALA W 102 -45.25 -18.57 11.69
N ASN W 103 -46.35 -17.82 11.78
CA ASN W 103 -46.90 -17.43 13.06
C ASN W 103 -47.49 -18.63 13.78
N SER W 104 -47.44 -18.59 15.10
CA SER W 104 -48.08 -19.57 15.95
C SER W 104 -49.16 -18.88 16.78
N SER W 105 -49.81 -19.62 17.67
CA SER W 105 -50.95 -19.07 18.40
C SER W 105 -50.52 -17.94 19.35
N ALA W 106 -49.31 -18.02 19.89
CA ALA W 106 -48.83 -16.95 20.77
C ALA W 106 -48.59 -15.65 20.00
N ASP W 107 -48.00 -15.76 18.81
CA ASP W 107 -47.79 -14.58 17.99
C ASP W 107 -49.10 -13.96 17.54
N LEU W 108 -50.08 -14.80 17.19
CA LEU W 108 -51.39 -14.32 16.83
C LEU W 108 -52.06 -13.62 18.00
N SER W 109 -51.86 -14.13 19.21
CA SER W 109 -52.43 -13.48 20.40
C SER W 109 -51.79 -12.14 20.65
N ALA W 110 -50.48 -12.01 20.41
CA ALA W 110 -49.82 -10.71 20.57
C ALA W 110 -50.36 -9.70 19.57
N LEU W 111 -50.43 -10.09 18.29
CA LEU W 111 -51.00 -9.22 17.27
C LEU W 111 -52.41 -8.77 17.64
N LYS W 112 -53.24 -9.71 18.11
CA LYS W 112 -54.63 -9.34 18.42
C LYS W 112 -54.73 -8.47 19.66
N ALA W 113 -53.84 -8.65 20.65
CA ALA W 113 -53.84 -7.76 21.79
C ALA W 113 -53.59 -6.32 21.39
N GLU W 114 -52.66 -6.10 20.46
CA GLU W 114 -52.47 -4.73 20.02
C GLU W 114 -53.65 -4.21 19.20
N MET W 115 -54.28 -5.06 18.38
CA MET W 115 -55.50 -4.65 17.68
C MET W 115 -56.57 -4.18 18.64
N ASP W 116 -56.78 -4.93 19.74
CA ASP W 116 -57.81 -4.54 20.70
C ASP W 116 -57.50 -3.21 21.37
N GLN W 117 -56.23 -2.98 21.73
CA GLN W 117 -55.91 -1.67 22.31
C GLN W 117 -56.18 -0.53 21.32
N LEU W 118 -55.89 -0.74 20.04
CA LEU W 118 -56.17 0.31 19.05
C LEU W 118 -57.67 0.56 18.89
N ALA W 119 -58.48 -0.50 18.94
CA ALA W 119 -59.93 -0.31 18.84
C ALA W 119 -60.47 0.42 20.07
N ASN W 120 -59.89 0.14 21.25
CA ASN W 120 -60.26 0.90 22.44
C ASN W 120 -59.93 2.37 22.32
N GLU W 121 -58.77 2.71 21.75
CA GLU W 121 -58.48 4.13 21.57
C GLU W 121 -59.36 4.79 20.52
N ILE W 122 -59.74 4.08 19.46
CA ILE W 122 -60.72 4.63 18.52
C ILE W 122 -62.03 4.95 19.22
N ASP W 123 -62.50 4.04 20.08
CA ASP W 123 -63.73 4.30 20.82
C ASP W 123 -63.58 5.48 21.78
N GLU W 124 -62.43 5.58 22.45
CA GLU W 124 -62.22 6.70 23.38
C GLU W 124 -62.26 8.04 22.65
N ILE W 125 -61.56 8.15 21.51
CA ILE W 125 -61.64 9.39 20.74
C ILE W 125 -63.08 9.66 20.32
N GLY W 126 -63.83 8.60 19.98
CA GLY W 126 -65.22 8.80 19.59
C GLY W 126 -66.09 9.39 20.68
N LYS W 127 -65.88 8.95 21.93
CA LYS W 127 -66.74 9.44 23.01
C LYS W 127 -66.19 10.67 23.73
N THR W 128 -64.93 11.05 23.49
CA THR W 128 -64.30 12.06 24.33
C THR W 128 -64.29 13.45 23.69
N THR W 129 -64.28 13.53 22.37
CA THR W 129 -64.16 14.81 21.67
C THR W 129 -65.32 15.74 21.98
N ALA W 130 -65.01 16.98 22.34
CA ALA W 130 -66.01 17.92 22.81
C ALA W 130 -65.65 19.35 22.42
N PHE W 131 -66.66 20.21 22.44
CA PHE W 131 -66.49 21.66 22.39
C PHE W 131 -66.92 22.18 23.75
N GLY W 132 -65.95 22.34 24.65
CA GLY W 132 -66.27 22.66 26.02
C GLY W 132 -66.86 21.44 26.72
N THR W 133 -68.19 21.36 26.77
CA THR W 133 -68.85 20.22 27.38
C THR W 133 -69.82 19.50 26.45
N THR W 134 -70.01 19.95 25.22
CA THR W 134 -70.93 19.28 24.31
C THR W 134 -70.15 18.30 23.43
N LYS W 135 -70.65 17.08 23.33
CA LYS W 135 -69.97 16.05 22.55
C LYS W 135 -70.23 16.23 21.07
N LEU W 136 -69.23 15.91 20.25
CA LEU W 136 -69.31 16.13 18.81
C LEU W 136 -69.39 14.85 18.00
N LEU W 137 -68.69 13.78 18.40
CA LEU W 137 -68.66 12.57 17.59
C LEU W 137 -69.51 11.44 18.15
N ALA W 138 -70.51 11.75 18.99
CA ALA W 138 -71.28 10.70 19.62
C ALA W 138 -72.68 10.54 19.02
N GLY W 139 -73.10 11.45 18.14
CA GLY W 139 -74.40 11.38 17.51
C GLY W 139 -75.29 12.57 17.79
N GLY W 140 -74.83 13.60 18.49
CA GLY W 140 -75.66 14.76 18.76
C GLY W 140 -75.81 15.72 17.60
N PHE W 141 -74.93 15.63 16.61
CA PHE W 141 -75.02 16.42 15.39
C PHE W 141 -75.44 15.59 14.19
N SER W 142 -75.94 14.36 14.42
CA SER W 142 -76.30 13.49 13.31
C SER W 142 -77.38 14.10 12.43
N ALA W 143 -78.39 14.70 13.04
CA ALA W 143 -79.22 15.70 12.38
C ALA W 143 -78.64 17.06 12.74
N GLY W 144 -78.21 17.81 11.73
CA GLY W 144 -77.34 18.94 11.98
C GLY W 144 -77.97 20.02 12.83
N LYS W 145 -77.13 20.94 13.30
CA LYS W 145 -77.56 22.14 14.00
C LYS W 145 -77.40 23.34 13.08
N ASN W 146 -78.27 24.33 13.25
CA ASN W 146 -78.23 25.53 12.43
C ASN W 146 -77.53 26.67 13.14
N PHE W 147 -76.76 27.44 12.37
CA PHE W 147 -76.14 28.68 12.81
C PHE W 147 -76.69 29.78 11.91
N GLN W 148 -77.30 30.81 12.50
CA GLN W 148 -77.79 31.91 11.69
C GLN W 148 -76.64 32.83 11.33
N VAL W 149 -76.28 32.86 10.05
CA VAL W 149 -75.11 33.59 9.60
C VAL W 149 -75.47 34.91 8.95
N GLY W 150 -76.74 35.30 8.95
CA GLY W 150 -77.16 36.57 8.42
C GLY W 150 -77.97 37.38 9.43
N ALA W 151 -78.52 38.49 8.94
CA ALA W 151 -79.28 39.38 9.79
C ALA W 151 -80.76 39.03 9.86
N GLN W 152 -81.28 38.29 8.89
CA GLN W 152 -82.69 37.97 8.82
C GLN W 152 -82.92 36.50 9.11
N ASP W 153 -84.16 36.18 9.48
CA ASP W 153 -84.52 34.81 9.83
C ASP W 153 -84.51 33.91 8.60
N GLY W 154 -83.95 32.72 8.77
CA GLY W 154 -83.87 31.75 7.71
C GLY W 154 -82.57 31.73 6.95
N GLU W 155 -81.69 32.71 7.18
CA GLU W 155 -80.39 32.79 6.54
C GLU W 155 -79.37 32.09 7.43
N ASP W 156 -79.19 30.79 7.19
CA ASP W 156 -78.44 29.97 8.11
C ASP W 156 -77.85 28.74 7.43
N ILE W 157 -76.85 28.15 8.08
CA ILE W 157 -76.07 27.04 7.56
C ILE W 157 -76.14 25.90 8.55
N LYS W 158 -76.20 24.67 8.05
CA LYS W 158 -76.38 23.49 8.89
C LYS W 158 -75.10 22.67 8.93
N VAL W 159 -74.66 22.32 10.13
CA VAL W 159 -73.44 21.53 10.34
C VAL W 159 -73.82 20.14 10.83
N THR W 160 -73.43 19.12 10.09
CA THR W 160 -73.84 17.74 10.33
C THR W 160 -72.61 16.89 10.59
N VAL W 161 -72.61 16.15 11.70
CA VAL W 161 -71.55 15.19 12.02
C VAL W 161 -72.22 13.91 12.51
N LYS W 162 -71.83 12.78 11.95
CA LYS W 162 -72.36 11.50 12.38
C LYS W 162 -71.44 10.87 13.41
N ALA W 163 -71.95 9.84 14.09
CA ALA W 163 -71.16 9.18 15.12
C ALA W 163 -70.08 8.32 14.51
N SER W 164 -68.88 8.37 15.10
CA SER W 164 -67.75 7.57 14.62
C SER W 164 -67.01 7.00 15.83
N ASN W 165 -67.17 5.70 16.02
CA ASN W 165 -66.61 4.96 17.15
C ASN W 165 -66.50 3.52 16.72
N LYS W 166 -65.96 2.66 17.59
CA LYS W 166 -65.68 1.30 17.14
C LYS W 166 -66.95 0.49 16.93
N SER W 167 -68.11 1.00 17.34
CA SER W 167 -69.35 0.26 17.18
C SER W 167 -70.03 0.63 15.87
N SER W 168 -70.01 1.90 15.50
CA SER W 168 -70.63 2.33 14.25
C SER W 168 -69.73 2.03 13.05
N LEU W 169 -68.42 1.93 13.27
CA LEU W 169 -67.49 1.58 12.21
C LEU W 169 -67.33 0.08 12.03
N SER W 170 -67.96 -0.73 12.88
CA SER W 170 -67.94 -2.19 12.78
C SER W 170 -66.55 -2.78 12.93
N VAL W 171 -65.67 -2.16 13.72
CA VAL W 171 -64.34 -2.69 13.97
C VAL W 171 -64.18 -3.15 15.41
N GLY W 172 -65.26 -3.28 16.16
CA GLY W 172 -65.18 -3.61 17.57
C GLY W 172 -65.13 -5.08 17.90
N SER W 173 -65.09 -5.97 16.91
CA SER W 173 -65.03 -7.40 17.15
C SER W 173 -64.29 -8.13 16.05
N LEU W 174 -63.02 -7.82 15.85
CA LEU W 174 -62.27 -8.40 14.75
C LEU W 174 -61.43 -9.57 15.24
N GLY W 175 -61.30 -10.58 14.39
CA GLY W 175 -60.52 -11.76 14.74
C GLY W 175 -59.44 -12.00 13.72
N ASN W 176 -58.48 -12.84 14.11
CA ASN W 176 -57.36 -13.14 13.23
C ASN W 176 -56.91 -14.59 13.35
N THR W 177 -57.72 -15.46 13.94
CA THR W 177 -57.27 -16.81 14.24
C THR W 177 -57.54 -17.79 13.10
N THR W 178 -58.31 -17.38 12.09
CA THR W 178 -58.69 -18.22 10.97
C THR W 178 -58.60 -17.40 9.69
N SER W 179 -58.37 -18.10 8.57
CA SER W 179 -58.23 -17.44 7.28
C SER W 179 -59.44 -16.56 6.93
N ALA W 180 -60.65 -17.09 7.15
CA ALA W 180 -61.85 -16.32 6.85
C ALA W 180 -61.99 -15.12 7.79
N ALA W 181 -61.54 -15.27 9.03
CA ALA W 181 -61.60 -14.15 9.97
C ALA W 181 -60.67 -13.04 9.54
N ARG W 182 -59.49 -13.38 9.03
CA ARG W 182 -58.57 -12.37 8.51
C ARG W 182 -59.14 -11.66 7.29
N ALA W 183 -59.74 -12.42 6.37
CA ALA W 183 -60.36 -11.79 5.20
C ALA W 183 -61.45 -10.81 5.61
N SER W 184 -62.30 -11.23 6.55
CA SER W 184 -63.40 -10.38 7.00
C SER W 184 -62.87 -9.12 7.69
N SER W 185 -61.82 -9.25 8.51
CA SER W 185 -61.25 -8.10 9.19
C SER W 185 -60.65 -7.12 8.19
N LEU W 186 -59.96 -7.62 7.16
CA LEU W 186 -59.43 -6.73 6.14
C LEU W 186 -60.53 -5.92 5.47
N LYS W 187 -61.63 -6.59 5.07
CA LYS W 187 -62.70 -5.87 4.41
C LYS W 187 -63.32 -4.80 5.30
N LYS W 188 -63.55 -5.11 6.58
CA LYS W 188 -64.17 -4.09 7.42
C LYS W 188 -63.25 -2.94 7.76
N ILE W 189 -61.94 -3.17 7.91
CA ILE W 189 -61.04 -2.05 8.11
C ILE W 189 -61.01 -1.12 6.89
N ASP W 190 -60.98 -1.70 5.69
CA ASP W 190 -61.01 -0.86 4.49
C ASP W 190 -62.29 -0.05 4.40
N ALA W 191 -63.43 -0.66 4.73
CA ALA W 191 -64.69 0.07 4.71
C ALA W 191 -64.70 1.22 5.71
N ALA W 192 -64.13 1.00 6.90
CA ALA W 192 -64.09 2.06 7.90
C ALA W 192 -63.26 3.24 7.43
N ILE W 193 -62.11 2.97 6.81
CA ILE W 193 -61.30 4.04 6.25
C ILE W 193 -62.11 4.84 5.24
N LYS W 194 -62.89 4.15 4.39
CA LYS W 194 -63.72 4.85 3.41
C LYS W 194 -64.74 5.77 4.06
N THR W 195 -65.44 5.30 5.10
CA THR W 195 -66.49 6.15 5.68
C THR W 195 -65.89 7.38 6.37
N ILE W 196 -64.74 7.22 7.03
CA ILE W 196 -64.11 8.40 7.62
C ILE W 196 -63.70 9.40 6.54
N ASP W 197 -63.18 8.91 5.41
CA ASP W 197 -62.87 9.83 4.31
C ASP W 197 -64.09 10.63 3.88
N ALA W 198 -65.25 9.98 3.75
CA ALA W 198 -66.44 10.69 3.31
C ALA W 198 -66.85 11.78 4.32
N GLN W 199 -66.81 11.47 5.61
CA GLN W 199 -67.14 12.47 6.61
C GLN W 199 -66.20 13.67 6.55
N ARG W 200 -64.90 13.41 6.40
CA ARG W 200 -63.94 14.51 6.34
C ARG W 200 -64.16 15.37 5.10
N ALA W 201 -64.55 14.74 3.99
CA ALA W 201 -64.86 15.50 2.78
C ALA W 201 -66.00 16.50 3.02
N ASP W 202 -67.10 16.03 3.63
CA ASP W 202 -68.21 16.95 3.89
C ASP W 202 -67.83 18.08 4.83
N LEU W 203 -67.06 17.80 5.88
CA LEU W 203 -66.66 18.89 6.78
C LEU W 203 -65.77 19.91 6.07
N GLY W 204 -64.89 19.45 5.18
CA GLY W 204 -64.06 20.39 4.44
C GLY W 204 -64.87 21.28 3.52
N ALA W 205 -65.86 20.70 2.84
CA ALA W 205 -66.75 21.51 2.00
C ALA W 205 -67.47 22.59 2.83
N ILE W 206 -67.95 22.22 4.02
CA ILE W 206 -68.61 23.19 4.89
C ILE W 206 -67.66 24.34 5.25
N GLN W 207 -66.41 24.03 5.56
CA GLN W 207 -65.47 25.10 5.95
C GLN W 207 -65.21 26.06 4.79
N ASN W 208 -65.02 25.52 3.57
CA ASN W 208 -64.84 26.40 2.41
C ASN W 208 -66.03 27.33 2.22
N ARG W 209 -67.25 26.76 2.30
CA ARG W 209 -68.46 27.56 2.16
C ARG W 209 -68.53 28.68 3.20
N LEU W 210 -68.20 28.39 4.45
CA LEU W 210 -68.27 29.41 5.49
C LEU W 210 -67.24 30.52 5.26
N ALA W 211 -66.08 30.16 4.71
CA ALA W 211 -65.09 31.19 4.39
C ALA W 211 -65.63 32.18 3.36
N HIS W 212 -66.17 31.67 2.25
CA HIS W 212 -66.77 32.56 1.25
C HIS W 212 -67.88 33.42 1.85
N ASN W 213 -68.71 32.85 2.72
CA ASN W 213 -69.83 33.60 3.26
C ASN W 213 -69.36 34.73 4.18
N ILE W 214 -68.33 34.49 4.99
CA ILE W 214 -67.81 35.56 5.84
C ILE W 214 -67.20 36.68 5.02
N SER W 215 -66.50 36.32 3.93
CA SER W 215 -65.94 37.35 3.05
C SER W 215 -67.04 38.25 2.47
N ASN W 216 -68.12 37.63 1.99
CA ASN W 216 -69.22 38.41 1.42
C ASN W 216 -69.88 39.30 2.47
N SER W 217 -70.01 38.82 3.71
CA SER W 217 -70.63 39.64 4.75
C SER W 217 -69.77 40.84 5.09
N ALA W 218 -68.44 40.69 5.11
CA ALA W 218 -67.57 41.84 5.35
C ALA W 218 -67.73 42.90 4.27
N ASN W 219 -67.72 42.47 2.99
CA ASN W 219 -67.99 43.41 1.90
C ASN W 219 -69.30 44.17 2.11
N THR W 220 -70.38 43.43 2.37
CA THR W 220 -71.69 44.07 2.45
C THR W 220 -71.78 45.01 3.65
N GLN W 221 -71.16 44.65 4.77
CA GLN W 221 -71.13 45.54 5.92
C GLN W 221 -70.46 46.87 5.57
N ALA W 222 -69.32 46.82 4.90
CA ALA W 222 -68.68 48.07 4.49
C ALA W 222 -69.58 48.93 3.61
N ASN W 223 -70.20 48.33 2.58
CA ASN W 223 -71.03 49.12 1.67
C ASN W 223 -72.27 49.67 2.37
N VAL W 224 -72.88 48.92 3.27
CA VAL W 224 -74.08 49.39 3.95
C VAL W 224 -73.75 50.48 4.97
N ALA W 225 -72.60 50.40 5.63
CA ALA W 225 -72.20 51.47 6.54
C ALA W 225 -71.91 52.76 5.78
N ASP W 226 -71.29 52.66 4.61
CA ASP W 226 -71.18 53.81 3.71
C ASP W 226 -72.54 54.41 3.39
N ALA W 227 -73.49 53.57 2.99
CA ALA W 227 -74.84 54.04 2.66
C ALA W 227 -75.48 54.77 3.83
N LYS W 228 -75.37 54.22 5.04
CA LYS W 228 -75.97 54.86 6.21
C LYS W 228 -75.30 56.18 6.54
N SER W 229 -73.98 56.24 6.41
CA SER W 229 -73.25 57.47 6.68
C SER W 229 -73.70 58.58 5.75
N ARG W 230 -74.00 58.25 4.49
CA ARG W 230 -74.49 59.28 3.56
C ARG W 230 -75.79 59.91 4.04
N ILE W 231 -76.56 59.21 4.87
CA ILE W 231 -77.86 59.72 5.30
C ILE W 231 -77.80 60.39 6.67
N VAL W 232 -77.03 59.83 7.62
CA VAL W 232 -77.16 60.22 9.02
C VAL W 232 -76.11 61.25 9.43
N ASP W 233 -74.89 61.15 8.92
CA ASP W 233 -73.79 61.95 9.45
C ASP W 233 -73.82 63.40 8.92
N VAL W 234 -73.17 64.29 9.67
CA VAL W 234 -73.14 65.70 9.33
C VAL W 234 -71.94 65.99 8.45
N ASP W 235 -72.04 67.07 7.68
CA ASP W 235 -70.95 67.59 6.86
C ASP W 235 -70.32 68.77 7.58
N PHE W 236 -69.05 68.64 7.95
CA PHE W 236 -68.41 69.69 8.73
C PHE W 236 -68.14 70.93 7.88
N ALA W 237 -67.74 70.74 6.62
CA ALA W 237 -67.44 71.87 5.75
C ALA W 237 -68.64 72.78 5.56
N LYS W 238 -69.84 72.21 5.49
CA LYS W 238 -71.05 73.00 5.31
C LYS W 238 -71.53 73.59 6.61
N GLU W 239 -71.41 72.83 7.70
CA GLU W 239 -72.06 73.21 8.94
C GLU W 239 -71.27 74.31 9.64
N THR W 240 -69.94 74.29 9.51
CA THR W 240 -69.14 75.38 10.06
C THR W 240 -69.42 76.70 9.34
N SER W 241 -69.66 76.64 8.03
CA SER W 241 -70.01 77.84 7.28
C SER W 241 -71.34 78.41 7.75
N GLN W 242 -72.35 77.55 7.92
CA GLN W 242 -73.62 78.03 8.44
C GLN W 242 -73.47 78.64 9.83
N MET W 243 -72.63 78.03 10.68
CA MET W 243 -72.43 78.57 12.01
C MET W 243 -71.85 79.98 11.98
N THR W 244 -70.81 80.19 11.16
CA THR W 244 -70.20 81.51 11.08
C THR W 244 -71.17 82.56 10.53
N LYS W 245 -71.97 82.18 9.53
CA LYS W 245 -72.97 83.11 9.01
C LYS W 245 -73.94 83.55 10.10
N ASN W 246 -74.44 82.60 10.91
CA ASN W 246 -75.40 82.98 11.93
C ASN W 246 -74.76 83.78 13.07
N GLN W 247 -73.48 83.54 13.36
CA GLN W 247 -72.75 84.38 14.31
C GLN W 247 -72.76 85.84 13.87
N VAL W 248 -72.36 86.09 12.62
CA VAL W 248 -72.33 87.48 12.13
C VAL W 248 -73.73 88.09 12.15
N LEU W 249 -74.74 87.32 11.76
CA LEU W 249 -76.10 87.86 11.78
C LEU W 249 -76.56 88.19 13.19
N GLN W 250 -76.14 87.41 14.18
CA GLN W 250 -76.49 87.73 15.56
C GLN W 250 -75.90 89.06 15.98
N GLN W 251 -74.62 89.29 15.67
CA GLN W 251 -74.02 90.57 16.06
C GLN W 251 -74.69 91.75 15.36
N THR W 252 -75.00 91.59 14.07
CA THR W 252 -75.68 92.67 13.34
C THR W 252 -77.08 92.94 13.88
N GLY W 253 -77.84 91.89 14.18
CA GLY W 253 -79.18 92.08 14.68
C GLY W 253 -79.20 92.68 16.07
N SER W 254 -78.23 92.30 16.91
CA SER W 254 -78.10 92.93 18.21
C SER W 254 -77.86 94.43 18.09
N ALA W 255 -76.88 94.81 17.25
CA ALA W 255 -76.62 96.23 17.03
C ALA W 255 -77.86 96.96 16.52
N MET W 256 -78.60 96.34 15.61
CA MET W 256 -79.73 97.02 14.99
C MET W 256 -80.89 97.17 15.97
N LEU W 257 -81.10 96.18 16.84
CA LEU W 257 -82.15 96.30 17.86
C LEU W 257 -81.78 97.34 18.91
N ALA W 258 -80.52 97.39 19.31
CA ALA W 258 -80.10 98.42 20.26
C ALA W 258 -80.28 99.81 19.68
N GLN W 259 -80.02 99.97 18.38
CA GLN W 259 -80.27 101.27 17.75
C GLN W 259 -81.76 101.54 17.56
N ALA W 260 -82.56 100.48 17.44
CA ALA W 260 -84.00 100.67 17.24
C ALA W 260 -84.70 101.12 18.50
N ASN W 261 -84.23 100.67 19.67
CA ASN W 261 -84.87 101.09 20.92
C ASN W 261 -84.66 102.55 21.27
N GLN W 262 -83.91 103.32 20.48
CA GLN W 262 -83.70 104.73 20.78
C GLN W 262 -84.55 105.67 19.92
N LEU W 263 -85.56 105.16 19.22
CA LEU W 263 -86.35 106.03 18.34
C LEU W 263 -87.35 106.93 19.06
N PRO W 264 -87.98 106.55 20.18
CA PRO W 264 -88.92 107.47 20.83
C PRO W 264 -88.29 108.72 21.41
N GLN W 265 -86.98 108.94 21.25
CA GLN W 265 -86.35 110.11 21.83
C GLN W 265 -86.41 111.34 20.95
N VAL W 266 -87.03 111.27 19.77
CA VAL W 266 -87.23 112.47 18.97
C VAL W 266 -88.30 113.36 19.59
N ALA W 267 -89.24 112.74 20.32
CA ALA W 267 -90.29 113.49 20.97
C ALA W 267 -89.74 114.45 22.01
N LEU W 268 -88.74 114.02 22.77
CA LEU W 268 -88.11 114.90 23.75
C LEU W 268 -87.50 116.13 23.07
N SER W 269 -87.00 115.96 21.84
CA SER W 269 -86.51 117.11 21.08
C SER W 269 -87.65 118.04 20.70
N LEU W 270 -88.77 117.48 20.23
CA LEU W 270 -89.91 118.34 19.89
C LEU W 270 -90.51 118.97 21.13
N LEU W 271 -90.29 118.37 22.30
CA LEU W 271 -90.97 118.80 23.52
C LEU W 271 -90.16 119.83 24.28
N ALA X 1 -58.27 38.47 12.35
CA ALA X 1 -58.04 39.29 13.54
C ALA X 1 -56.57 39.44 13.84
N ILE X 2 -56.22 40.54 14.50
CA ILE X 2 -54.85 40.79 14.95
C ILE X 2 -54.88 40.74 16.47
N THR X 3 -54.42 39.62 17.04
CA THR X 3 -54.51 39.41 18.47
C THR X 3 -53.12 39.17 19.06
N VAL X 4 -52.99 39.44 20.35
CA VAL X 4 -51.71 39.30 21.04
C VAL X 4 -51.74 38.19 22.07
N ASN X 5 -52.92 37.85 22.59
CA ASN X 5 -53.01 36.99 23.76
C ASN X 5 -52.92 35.51 23.44
N THR X 6 -53.17 35.12 22.20
CA THR X 6 -53.14 33.71 21.80
C THR X 6 -52.53 33.62 20.42
N ASN X 7 -51.67 32.62 20.21
CA ASN X 7 -50.95 32.45 18.96
C ASN X 7 -51.05 30.98 18.59
N VAL X 8 -51.83 30.66 17.56
CA VAL X 8 -52.13 29.27 17.24
C VAL X 8 -51.09 28.70 16.28
N THR X 9 -50.57 29.55 15.38
CA THR X 9 -49.52 29.12 14.48
C THR X 9 -48.31 28.62 15.25
N SER X 10 -48.00 29.29 16.36
CA SER X 10 -46.88 28.87 17.20
C SER X 10 -47.15 27.50 17.82
N LEU X 11 -48.38 27.27 18.29
CA LEU X 11 -48.72 25.97 18.86
C LEU X 11 -48.54 24.84 17.85
N LYS X 12 -49.00 25.06 16.62
CA LYS X 12 -48.89 24.01 15.61
C LYS X 12 -47.43 23.80 15.20
N ALA X 13 -46.65 24.88 15.10
CA ALA X 13 -45.23 24.73 14.80
C ALA X 13 -44.50 23.97 15.90
N GLN X 14 -44.85 24.24 17.16
CA GLN X 14 -44.26 23.49 18.27
C GLN X 14 -44.54 22.00 18.13
N LYS X 15 -45.78 21.64 17.80
CA LYS X 15 -46.09 20.22 17.71
C LYS X 15 -45.33 19.53 16.57
N ASN X 16 -45.24 20.20 15.41
CA ASN X 16 -44.47 19.61 14.32
C ASN X 16 -43.01 19.44 14.68
N LEU X 17 -42.41 20.45 15.32
CA LEU X 17 -41.00 20.37 15.69
C LEU X 17 -40.75 19.24 16.68
N ASN X 18 -41.68 19.04 17.61
CA ASN X 18 -41.53 17.95 18.57
C ASN X 18 -41.61 16.59 17.88
N THR X 19 -42.53 16.44 16.93
CA THR X 19 -42.63 15.18 16.19
C THR X 19 -41.33 14.87 15.45
N SER X 20 -40.77 15.87 14.79
CA SER X 20 -39.52 15.67 14.06
C SER X 20 -38.38 15.27 14.99
N ALA X 21 -38.27 15.95 16.16
CA ALA X 21 -37.20 15.62 17.09
C ALA X 21 -37.32 14.20 17.61
N SER X 22 -38.54 13.76 17.93
CA SER X 22 -38.74 12.38 18.38
C SER X 22 -38.30 11.37 17.32
N ASP X 23 -38.69 11.60 16.06
CA ASP X 23 -38.28 10.68 14.99
C ASP X 23 -36.77 10.61 14.86
N LEU X 24 -36.10 11.76 14.94
CA LEU X 24 -34.65 11.78 14.80
C LEU X 24 -33.98 11.01 15.94
N ALA X 25 -34.46 11.20 17.18
CA ALA X 25 -33.89 10.46 18.30
C ALA X 25 -34.05 8.95 18.13
N THR X 26 -35.22 8.51 17.66
CA THR X 26 -35.42 7.08 17.42
C THR X 26 -34.43 6.54 16.40
N SER X 27 -34.24 7.26 15.30
CA SER X 27 -33.30 6.82 14.28
C SER X 27 -31.86 6.74 14.81
N MET X 28 -31.47 7.75 15.60
CA MET X 28 -30.13 7.76 16.19
C MET X 28 -29.91 6.54 17.06
N GLU X 29 -30.89 6.20 17.90
CA GLU X 29 -30.80 5.01 18.73
C GLU X 29 -30.64 3.75 17.89
N ARG X 30 -31.43 3.61 16.83
CA ARG X 30 -31.37 2.41 16.01
C ARG X 30 -30.02 2.28 15.31
N LEU X 31 -29.43 3.39 14.86
CA LEU X 31 -28.10 3.31 14.24
C LEU X 31 -27.02 3.01 15.27
N SER X 32 -27.17 3.52 16.49
CA SER X 32 -26.16 3.25 17.51
C SER X 32 -26.19 1.80 17.96
N SER X 33 -27.37 1.19 18.02
CA SER X 33 -27.49 -0.17 18.54
C SER X 33 -27.20 -1.22 17.48
N GLY X 34 -27.65 -1.01 16.26
CA GLY X 34 -27.56 -2.01 15.21
C GLY X 34 -28.75 -2.92 15.11
N LEU X 35 -29.82 -2.66 15.86
CA LEU X 35 -31.00 -3.51 15.91
C LEU X 35 -32.23 -2.70 15.56
N ARG X 36 -33.18 -3.36 14.89
CA ARG X 36 -34.44 -2.71 14.56
C ARG X 36 -35.40 -2.75 15.74
N ILE X 37 -35.38 -3.83 16.51
CA ILE X 37 -36.30 -4.01 17.63
C ILE X 37 -35.51 -3.81 18.92
N ASN X 38 -35.65 -2.65 19.54
CA ASN X 38 -35.03 -2.40 20.83
C ASN X 38 -35.99 -2.56 22.00
N SER X 39 -37.30 -2.61 21.73
CA SER X 39 -38.31 -2.75 22.77
C SER X 39 -39.50 -3.46 22.15
N ALA X 40 -40.56 -3.62 22.94
CA ALA X 40 -41.80 -4.16 22.38
C ALA X 40 -42.67 -3.06 21.79
N LYS X 41 -42.35 -1.80 22.05
CA LYS X 41 -42.91 -0.69 21.29
C LYS X 41 -42.73 -0.87 19.80
N ASP X 42 -41.66 -1.52 19.38
CA ASP X 42 -41.26 -1.60 17.98
C ASP X 42 -42.02 -2.70 17.23
N ASP X 43 -41.86 -3.95 17.68
CA ASP X 43 -42.53 -5.08 17.03
C ASP X 43 -42.67 -6.17 18.10
N ALA X 44 -43.92 -6.50 18.46
CA ALA X 44 -44.12 -7.37 19.61
C ALA X 44 -44.08 -8.84 19.22
N ALA X 45 -44.68 -9.20 18.09
CA ALA X 45 -44.65 -10.59 17.64
C ALA X 45 -43.25 -11.00 17.18
N GLY X 46 -42.54 -10.08 16.52
CA GLY X 46 -41.17 -10.35 16.12
C GLY X 46 -40.25 -10.55 17.30
N LEU X 47 -40.51 -9.86 18.40
CA LEU X 47 -39.73 -10.07 19.62
C LEU X 47 -39.81 -11.52 20.10
N ALA X 48 -41.01 -12.09 20.16
CA ALA X 48 -41.15 -13.46 20.63
C ALA X 48 -40.63 -14.47 19.62
N ILE X 49 -40.88 -14.24 18.33
CA ILE X 49 -40.34 -15.13 17.31
C ILE X 49 -38.83 -15.15 17.38
N SER X 50 -38.22 -13.98 17.60
CA SER X 50 -36.77 -13.90 17.64
C SER X 50 -36.21 -14.48 18.94
N ASN X 51 -36.94 -14.39 20.05
CA ASN X 51 -36.51 -15.08 21.27
C ASN X 51 -36.46 -16.59 21.04
N ARG X 52 -37.46 -17.15 20.35
CA ARG X 52 -37.44 -18.59 20.09
C ARG X 52 -36.31 -18.97 19.13
N LEU X 53 -36.10 -18.18 18.08
CA LEU X 53 -35.00 -18.48 17.16
C LEU X 53 -33.64 -18.37 17.86
N ASN X 54 -33.54 -17.45 18.81
CA ASN X 54 -32.31 -17.29 19.58
C ASN X 54 -32.05 -18.51 20.46
N SER X 55 -33.09 -19.01 21.14
CA SER X 55 -32.96 -20.26 21.87
C SER X 55 -32.48 -21.38 20.97
N GLN X 56 -33.00 -21.47 19.75
CA GLN X 56 -32.59 -22.55 18.85
C GLN X 56 -31.12 -22.43 18.46
N VAL X 57 -30.66 -21.23 18.10
CA VAL X 57 -29.27 -21.05 17.71
C VAL X 57 -28.34 -21.44 18.85
N ARG X 58 -28.62 -20.96 20.05
CA ARG X 58 -27.75 -21.21 21.19
C ARG X 58 -27.75 -22.69 21.56
N GLY X 59 -28.91 -23.33 21.50
CA GLY X 59 -28.98 -24.76 21.77
C GLY X 59 -28.23 -25.60 20.78
N LEU X 60 -28.27 -25.22 19.49
CA LEU X 60 -27.49 -25.97 18.50
C LEU X 60 -26.00 -25.85 18.75
N GLU X 61 -25.55 -24.67 19.19
CA GLU X 61 -24.13 -24.52 19.54
C GLU X 61 -23.73 -25.49 20.66
N VAL X 62 -24.50 -25.50 21.76
CA VAL X 62 -24.17 -26.40 22.86
C VAL X 62 -24.28 -27.87 22.45
N GLY X 63 -25.23 -28.19 21.57
CA GLY X 63 -25.39 -29.56 21.14
C GLY X 63 -24.23 -30.08 20.32
N MET X 64 -23.67 -29.22 19.46
CA MET X 64 -22.44 -29.60 18.75
C MET X 64 -21.29 -29.83 19.72
N ARG X 65 -21.22 -29.04 20.79
CA ARG X 65 -20.19 -29.31 21.79
C ARG X 65 -20.36 -30.71 22.41
N ASN X 66 -21.60 -31.06 22.78
CA ASN X 66 -21.86 -32.40 23.33
C ASN X 66 -21.53 -33.51 22.33
N ALA X 67 -21.84 -33.30 21.06
CA ALA X 67 -21.55 -34.31 20.04
C ALA X 67 -20.04 -34.53 19.91
N ASN X 68 -19.26 -33.47 20.03
CA ASN X 68 -17.81 -33.66 19.93
C ASN X 68 -17.27 -34.38 21.17
N ASP X 69 -17.88 -34.15 22.33
CA ASP X 69 -17.56 -34.94 23.52
C ASP X 69 -17.80 -36.43 23.31
N ALA X 70 -18.94 -36.78 22.71
CA ALA X 70 -19.23 -38.19 22.43
C ALA X 70 -18.21 -38.79 21.47
N ILE X 71 -17.83 -38.05 20.43
CA ILE X 71 -16.82 -38.54 19.50
C ILE X 71 -15.50 -38.80 20.21
N SER X 72 -15.14 -37.93 21.15
CA SER X 72 -13.91 -38.11 21.92
C SER X 72 -13.94 -39.42 22.72
N ILE X 73 -15.03 -39.66 23.45
CA ILE X 73 -15.14 -40.88 24.25
C ILE X 73 -15.00 -42.11 23.36
N ALA X 74 -15.77 -42.15 22.26
CA ALA X 74 -15.75 -43.32 21.39
C ALA X 74 -14.36 -43.55 20.80
N GLN X 75 -13.67 -42.46 20.47
CA GLN X 75 -12.35 -42.57 19.85
C GLN X 75 -11.32 -43.14 20.83
N ILE X 76 -11.37 -42.71 22.10
CA ILE X 76 -10.45 -43.28 23.10
C ILE X 76 -10.70 -44.77 23.30
N ALA X 77 -11.96 -45.18 23.47
CA ALA X 77 -12.24 -46.60 23.71
C ALA X 77 -11.85 -47.46 22.50
N GLU X 78 -12.20 -47.00 21.31
CA GLU X 78 -11.86 -47.72 20.09
C GLU X 78 -10.35 -47.86 19.92
N GLY X 79 -9.59 -46.84 20.27
CA GLY X 79 -8.15 -46.96 20.20
C GLY X 79 -7.57 -47.91 21.22
N ALA X 80 -8.18 -47.98 22.40
CA ALA X 80 -7.73 -48.94 23.40
C ALA X 80 -7.89 -50.39 22.96
N MET X 81 -8.95 -50.70 22.21
CA MET X 81 -9.19 -52.10 21.84
C MET X 81 -8.19 -52.67 20.83
N GLN X 82 -7.43 -51.82 20.13
CA GLN X 82 -6.48 -52.29 19.12
C GLN X 82 -5.29 -53.03 19.73
N GLU X 83 -4.75 -52.54 20.84
CA GLU X 83 -3.66 -53.24 21.50
C GLU X 83 -4.10 -54.58 22.05
N GLN X 84 -5.35 -54.67 22.50
CA GLN X 84 -5.90 -55.94 22.96
C GLN X 84 -5.97 -56.95 21.82
N THR X 85 -6.46 -56.52 20.65
CA THR X 85 -6.41 -57.38 19.47
C THR X 85 -5.00 -57.85 19.15
N ASN X 86 -4.04 -56.94 19.22
CA ASN X 86 -2.65 -57.26 18.91
C ASN X 86 -2.09 -58.33 19.84
N MET X 87 -2.34 -58.19 21.14
CA MET X 87 -1.85 -59.17 22.10
C MET X 87 -2.55 -60.52 21.92
N LEU X 88 -3.84 -60.53 21.58
CA LEU X 88 -4.51 -61.80 21.31
C LEU X 88 -3.90 -62.52 20.11
N GLN X 89 -3.53 -61.78 19.06
CA GLN X 89 -2.83 -62.42 17.94
C GLN X 89 -1.52 -63.05 18.38
N ARG X 90 -0.78 -62.36 19.24
CA ARG X 90 0.47 -62.94 19.77
C ARG X 90 0.21 -64.23 20.54
N MET X 91 -0.81 -64.24 21.41
CA MET X 91 -1.14 -65.46 22.14
C MET X 91 -1.55 -66.60 21.22
N ARG X 92 -2.26 -66.28 20.13
CA ARG X 92 -2.59 -67.31 19.14
C ARG X 92 -1.35 -67.95 18.55
N ASP X 93 -0.34 -67.14 18.23
CA ASP X 93 0.91 -67.71 17.72
C ASP X 93 1.60 -68.59 18.77
N LEU X 94 1.61 -68.16 20.03
CA LEU X 94 2.21 -68.98 21.08
C LEU X 94 1.48 -70.31 21.23
N THR X 95 0.15 -70.29 21.12
CA THR X 95 -0.62 -71.53 21.23
C THR X 95 -0.35 -72.47 20.07
N VAL X 96 -0.25 -71.95 18.85
CA VAL X 96 0.08 -72.81 17.72
C VAL X 96 1.49 -73.38 17.90
N GLN X 97 2.40 -72.61 18.49
CA GLN X 97 3.75 -73.12 18.72
C GLN X 97 3.79 -74.20 19.78
N SER X 98 2.84 -74.20 20.72
CA SER X 98 2.80 -75.27 21.72
C SER X 98 2.52 -76.65 21.15
N GLU X 99 1.92 -76.74 19.96
CA GLU X 99 1.58 -78.01 19.33
C GLU X 99 2.73 -78.57 18.50
N ASN X 100 3.84 -78.90 19.15
CA ASN X 100 5.07 -79.30 18.49
C ASN X 100 5.64 -80.49 19.23
N GLY X 101 5.71 -81.64 18.56
CA GLY X 101 6.13 -82.86 19.23
C GLY X 101 7.59 -82.89 19.62
N ALA X 102 8.28 -81.75 19.55
CA ALA X 102 9.65 -81.64 20.01
C ALA X 102 9.78 -80.78 21.26
N ASN X 103 8.71 -80.10 21.66
CA ASN X 103 8.73 -79.34 22.89
C ASN X 103 8.76 -80.29 24.07
N SER X 104 9.38 -79.83 25.17
CA SER X 104 9.37 -80.53 26.43
C SER X 104 8.66 -79.65 27.47
N SER X 105 8.63 -80.11 28.72
CA SER X 105 7.86 -79.41 29.74
C SER X 105 8.43 -78.03 30.04
N ALA X 106 9.75 -77.87 29.93
CA ALA X 106 10.36 -76.57 30.18
C ALA X 106 9.99 -75.58 29.09
N ASP X 107 10.00 -76.01 27.82
CA ASP X 107 9.59 -75.13 26.73
C ASP X 107 8.13 -74.74 26.84
N LEU X 108 7.29 -75.71 27.22
CA LEU X 108 5.87 -75.41 27.42
C LEU X 108 5.67 -74.41 28.55
N SER X 109 6.49 -74.51 29.60
CA SER X 109 6.39 -73.55 30.70
C SER X 109 6.82 -72.17 30.26
N ALA X 110 7.84 -72.07 29.41
CA ALA X 110 8.24 -70.75 28.89
C ALA X 110 7.14 -70.12 28.04
N LEU X 111 6.59 -70.90 27.11
CA LEU X 111 5.47 -70.42 26.30
C LEU X 111 4.31 -69.95 27.18
N LYS X 112 3.96 -70.72 28.21
CA LYS X 112 2.82 -70.34 29.03
C LYS X 112 3.11 -69.13 29.91
N ALA X 113 4.36 -68.95 30.35
CA ALA X 113 4.70 -67.74 31.10
C ALA X 113 4.47 -66.49 30.27
N GLU X 114 4.84 -66.55 28.99
CA GLU X 114 4.56 -65.36 28.18
C GLU X 114 3.06 -65.17 27.92
N MET X 115 2.30 -66.28 27.75
CA MET X 115 0.85 -66.15 27.63
C MET X 115 0.25 -65.46 28.85
N ASP X 116 0.69 -65.83 30.06
CA ASP X 116 0.14 -65.21 31.26
C ASP X 116 0.47 -63.73 31.33
N GLN X 117 1.69 -63.33 30.97
CA GLN X 117 1.99 -61.89 30.96
C GLN X 117 1.10 -61.13 29.97
N LEU X 118 0.83 -61.73 28.81
CA LEU X 118 -0.05 -61.05 27.86
C LEU X 118 -1.48 -60.93 28.37
N ALA X 119 -1.98 -61.96 29.05
CA ALA X 119 -3.32 -61.86 29.62
C ALA X 119 -3.39 -60.81 30.74
N ASN X 120 -2.31 -60.68 31.52
CA ASN X 120 -2.25 -59.61 32.52
C ASN X 120 -2.30 -58.23 31.87
N GLU X 121 -1.60 -58.04 30.75
CA GLU X 121 -1.68 -56.74 30.10
C GLU X 121 -3.04 -56.47 29.47
N ILE X 122 -3.71 -57.50 28.94
CA ILE X 122 -5.08 -57.31 28.47
C ILE X 122 -5.99 -56.85 29.62
N ASP X 123 -5.84 -57.48 30.80
CA ASP X 123 -6.64 -57.04 31.94
C ASP X 123 -6.30 -55.62 32.37
N GLU X 124 -5.03 -55.25 32.36
CA GLU X 124 -4.64 -53.91 32.75
C GLU X 124 -5.24 -52.86 31.82
N ILE X 125 -5.16 -53.08 30.51
CA ILE X 125 -5.81 -52.14 29.57
C ILE X 125 -7.30 -52.09 29.84
N GLY X 126 -7.91 -53.22 30.19
CA GLY X 126 -9.33 -53.22 30.47
C GLY X 126 -9.71 -52.36 31.66
N LYS X 127 -8.90 -52.37 32.72
CA LYS X 127 -9.27 -51.61 33.91
C LYS X 127 -8.70 -50.19 33.93
N THR X 128 -7.77 -49.85 33.04
CA THR X 128 -7.03 -48.61 33.18
C THR X 128 -7.58 -47.49 32.29
N THR X 129 -8.17 -47.82 31.15
CA THR X 129 -8.61 -46.83 30.19
C THR X 129 -9.65 -45.89 30.77
N ALA X 130 -9.45 -44.59 30.60
CA ALA X 130 -10.31 -43.59 31.24
C ALA X 130 -10.42 -42.35 30.38
N PHE X 131 -11.46 -41.56 30.65
CA PHE X 131 -11.61 -40.20 30.16
C PHE X 131 -11.48 -39.30 31.38
N GLY X 132 -10.26 -38.82 31.63
CA GLY X 132 -10.00 -38.11 32.86
C GLY X 132 -9.97 -39.06 34.03
N THR X 133 -11.10 -39.19 34.72
CA THR X 133 -11.19 -40.11 35.85
C THR X 133 -12.32 -41.12 35.73
N THR X 134 -13.12 -41.10 34.67
CA THR X 134 -14.21 -42.06 34.51
C THR X 134 -13.73 -43.22 33.64
N LYS X 135 -13.99 -44.44 34.10
CA LYS X 135 -13.54 -45.62 33.39
C LYS X 135 -14.46 -45.92 32.22
N LEU X 136 -13.88 -46.44 31.13
CA LEU X 136 -14.63 -46.68 29.91
C LEU X 136 -14.82 -48.17 29.60
N LEU X 137 -13.85 -49.01 29.87
CA LEU X 137 -13.96 -50.42 29.48
C LEU X 137 -14.24 -51.35 30.65
N ALA X 138 -14.79 -50.84 31.75
CA ALA X 138 -15.00 -51.68 32.92
C ALA X 138 -16.46 -52.08 33.12
N GLY X 139 -17.37 -51.51 32.35
CA GLY X 139 -18.79 -51.83 32.47
C GLY X 139 -19.67 -50.65 32.83
N GLY X 140 -19.15 -49.42 32.92
CA GLY X 140 -19.98 -48.29 33.26
C GLY X 140 -20.80 -47.75 32.10
N PHE X 141 -20.44 -48.10 30.88
CA PHE X 141 -21.21 -47.73 29.69
C PHE X 141 -21.96 -48.91 29.10
N SER X 142 -22.07 -50.03 29.83
CA SER X 142 -22.71 -51.22 29.31
C SER X 142 -24.16 -50.97 28.94
N ALA X 143 -24.89 -50.24 29.78
CA ALA X 143 -26.09 -49.55 29.36
C ALA X 143 -25.68 -48.12 29.04
N GLY X 144 -25.88 -47.70 27.80
CA GLY X 144 -25.23 -46.51 27.30
C GLY X 144 -25.61 -45.25 28.05
N LYS X 145 -24.84 -44.19 27.79
CA LYS X 145 -25.12 -42.85 28.28
C LYS X 145 -25.60 -41.99 27.13
N ASN X 146 -26.48 -41.04 27.44
CA ASN X 146 -27.04 -40.15 26.43
C ASN X 146 -26.32 -38.81 26.39
N PHE X 147 -26.13 -38.30 25.19
CA PHE X 147 -25.63 -36.96 24.95
C PHE X 147 -26.71 -36.21 24.18
N GLN X 148 -27.17 -35.09 24.70
CA GLN X 148 -28.18 -34.32 23.97
C GLN X 148 -27.50 -33.51 22.88
N VAL X 149 -27.75 -33.86 21.63
CA VAL X 149 -27.06 -33.25 20.50
C VAL X 149 -27.91 -32.21 19.79
N GLY X 150 -29.10 -31.90 20.30
CA GLY X 150 -29.94 -30.89 19.73
C GLY X 150 -30.35 -29.84 20.75
N ALA X 151 -31.26 -28.96 20.33
CA ALA X 151 -31.71 -27.88 21.18
C ALA X 151 -32.91 -28.27 22.04
N GLN X 152 -33.66 -29.28 21.66
CA GLN X 152 -34.87 -29.68 22.36
C GLN X 152 -34.67 -30.99 23.09
N ASP X 153 -35.53 -31.23 24.07
CA ASP X 153 -35.43 -32.43 24.89
C ASP X 153 -35.80 -33.67 24.09
N GLY X 154 -35.02 -34.73 24.26
CA GLY X 154 -35.24 -35.97 23.57
C GLY X 154 -34.43 -36.17 22.32
N GLU X 155 -33.73 -35.13 21.85
CA GLU X 155 -32.89 -35.21 20.66
C GLU X 155 -31.48 -35.54 21.10
N ASP X 156 -31.18 -36.83 21.15
CA ASP X 156 -29.96 -37.31 21.77
C ASP X 156 -29.52 -38.65 21.22
N ILE X 157 -28.24 -38.97 21.44
CA ILE X 157 -27.58 -40.15 20.91
C ILE X 157 -26.99 -40.92 22.08
N LYS X 158 -27.04 -42.25 22.00
CA LYS X 158 -26.61 -43.12 23.08
C LYS X 158 -25.30 -43.82 22.70
N VAL X 159 -24.32 -43.77 23.61
CA VAL X 159 -23.02 -44.40 23.39
C VAL X 159 -22.87 -45.57 24.35
N THR X 160 -22.67 -46.76 23.79
CA THR X 160 -22.66 -48.00 24.55
C THR X 160 -21.31 -48.69 24.40
N VAL X 161 -20.68 -49.04 25.52
CA VAL X 161 -19.43 -49.80 25.52
C VAL X 161 -19.57 -50.89 26.57
N LYS X 162 -19.27 -52.12 26.21
CA LYS X 162 -19.30 -53.22 27.14
C LYS X 162 -17.91 -53.46 27.73
N ALA X 163 -17.86 -54.25 28.81
CA ALA X 163 -16.60 -54.52 29.47
C ALA X 163 -15.75 -55.48 28.65
N SER X 164 -14.46 -55.20 28.55
CA SER X 164 -13.52 -56.05 27.83
C SER X 164 -12.24 -56.18 28.64
N ASN X 165 -12.04 -57.37 29.20
CA ASN X 165 -10.92 -57.68 30.06
C ASN X 165 -10.74 -59.19 30.03
N LYS X 166 -9.73 -59.71 30.72
CA LYS X 166 -9.43 -61.12 30.55
C LYS X 166 -10.49 -62.01 31.19
N SER X 167 -11.41 -61.45 31.95
CA SER X 167 -12.43 -62.26 32.60
C SER X 167 -13.68 -62.35 31.74
N SER X 168 -14.06 -61.25 31.08
CA SER X 168 -15.24 -61.27 30.22
C SER X 168 -14.92 -61.88 28.85
N LEU X 169 -13.66 -61.85 28.44
CA LEU X 169 -13.25 -62.48 27.19
C LEU X 169 -12.91 -63.96 27.35
N SER X 170 -12.93 -64.48 28.57
CA SER X 170 -12.69 -65.89 28.85
C SER X 170 -11.30 -66.35 28.46
N VAL X 171 -10.30 -65.47 28.54
CA VAL X 171 -8.91 -65.85 28.25
C VAL X 171 -8.04 -65.82 29.50
N GLY X 172 -8.65 -65.76 30.69
CA GLY X 172 -7.88 -65.63 31.91
C GLY X 172 -7.41 -66.92 32.54
N SER X 173 -7.65 -68.07 31.91
CA SER X 173 -7.23 -69.35 32.47
C SER X 173 -6.94 -70.36 31.36
N LEU X 174 -5.97 -70.07 30.51
CA LEU X 174 -5.68 -70.93 29.37
C LEU X 174 -4.51 -71.85 29.68
N GLY X 175 -4.58 -73.07 29.15
CA GLY X 175 -3.54 -74.04 29.39
C GLY X 175 -2.99 -74.55 28.07
N ASN X 176 -1.82 -75.17 28.15
CA ASN X 176 -1.17 -75.69 26.95
C ASN X 176 -0.45 -77.00 27.22
N THR X 177 -0.74 -77.68 28.31
CA THR X 177 0.04 -78.85 28.69
C THR X 177 -0.52 -80.14 28.12
N THR X 178 -1.72 -80.10 27.53
CA THR X 178 -2.39 -81.27 26.99
C THR X 178 -3.03 -80.89 25.66
N SER X 179 -3.20 -81.88 24.78
CA SER X 179 -3.77 -81.67 23.46
C SER X 179 -5.15 -80.99 23.53
N ALA X 180 -6.01 -81.48 24.42
CA ALA X 180 -7.34 -80.88 24.55
C ALA X 180 -7.27 -79.46 25.10
N ALA X 181 -6.30 -79.19 25.97
CA ALA X 181 -6.14 -77.85 26.50
C ALA X 181 -5.73 -76.88 25.41
N ARG X 182 -4.86 -77.31 24.49
CA ARG X 182 -4.47 -76.47 23.37
C ARG X 182 -5.64 -76.21 22.44
N ALA X 183 -6.44 -77.25 22.15
CA ALA X 183 -7.62 -77.04 21.30
C ALA X 183 -8.58 -76.03 21.92
N SER X 184 -8.82 -76.17 23.22
CA SER X 184 -9.73 -75.27 23.91
C SER X 184 -9.20 -73.84 23.90
N SER X 185 -7.90 -73.67 24.13
CA SER X 185 -7.32 -72.33 24.13
C SER X 185 -7.41 -71.69 22.76
N LEU X 186 -7.18 -72.45 21.70
CA LEU X 186 -7.32 -71.91 20.35
C LEU X 186 -8.73 -71.39 20.12
N LYS X 187 -9.75 -72.20 20.47
CA LYS X 187 -11.12 -71.77 20.24
C LYS X 187 -11.46 -70.51 21.02
N LYS X 188 -11.04 -70.41 22.28
CA LYS X 188 -11.40 -69.21 23.03
C LYS X 188 -10.65 -67.97 22.58
N ILE X 189 -9.40 -68.09 22.14
CA ILE X 189 -8.73 -66.91 21.59
C ILE X 189 -9.42 -66.42 20.32
N ASP X 190 -9.82 -67.35 19.44
CA ASP X 190 -10.53 -66.93 18.22
C ASP X 190 -11.85 -66.23 18.56
N ALA X 191 -12.59 -66.77 19.54
CA ALA X 191 -13.83 -66.14 19.94
C ALA X 191 -13.61 -64.73 20.49
N ALA X 192 -12.56 -64.54 21.28
CA ALA X 192 -12.27 -63.21 21.83
C ALA X 192 -11.97 -62.21 20.73
N ILE X 193 -11.18 -62.62 19.73
CA ILE X 193 -10.93 -61.74 18.60
C ILE X 193 -12.23 -61.33 17.93
N LYS X 194 -13.15 -62.29 17.77
CA LYS X 194 -14.45 -61.96 17.17
C LYS X 194 -15.23 -60.92 17.97
N THR X 195 -15.30 -61.08 19.30
CA THR X 195 -16.12 -60.13 20.06
C THR X 195 -15.52 -58.72 20.05
N ILE X 196 -14.19 -58.62 20.09
CA ILE X 196 -13.59 -57.29 19.99
C ILE X 196 -13.90 -56.66 18.63
N ASP X 197 -13.84 -57.46 17.55
CA ASP X 197 -14.25 -56.92 16.25
C ASP X 197 -15.65 -56.35 16.27
N ALA X 198 -16.60 -57.06 16.88
CA ALA X 198 -17.98 -56.56 16.90
C ALA X 198 -18.09 -55.23 17.66
N GLN X 199 -17.43 -55.13 18.81
CA GLN X 199 -17.45 -53.87 19.55
C GLN X 199 -16.87 -52.72 18.74
N ARG X 200 -15.76 -52.96 18.06
CA ARG X 200 -15.14 -51.89 17.27
C ARG X 200 -16.04 -51.47 16.12
N ALA X 201 -16.77 -52.43 15.53
CA ALA X 201 -17.72 -52.10 14.47
C ALA X 201 -18.79 -51.14 14.97
N ASP X 202 -19.40 -51.43 16.13
CA ASP X 202 -20.44 -50.53 16.64
C ASP X 202 -19.89 -49.13 16.97
N LEU X 203 -18.70 -49.05 17.55
CA LEU X 203 -18.16 -47.71 17.83
C LEU X 203 -17.88 -46.93 16.55
N GLY X 204 -17.42 -47.61 15.50
CA GLY X 204 -17.20 -46.91 14.24
C GLY X 204 -18.48 -46.38 13.63
N ALA X 205 -19.54 -47.19 13.67
CA ALA X 205 -20.84 -46.71 13.19
C ALA X 205 -21.30 -45.48 13.96
N ILE X 206 -21.13 -45.48 15.29
CA ILE X 206 -21.50 -44.30 16.08
C ILE X 206 -20.73 -43.07 15.64
N GLN X 207 -19.43 -43.21 15.38
CA GLN X 207 -18.65 -42.03 14.98
C GLN X 207 -19.10 -41.47 13.64
N ASN X 208 -19.38 -42.34 12.67
CA ASN X 208 -19.90 -41.87 11.38
C ASN X 208 -21.20 -41.11 11.55
N ARG X 209 -22.12 -41.67 12.33
CA ARG X 209 -23.40 -41.01 12.61
C ARG X 209 -23.21 -39.62 13.22
N LEU X 210 -22.31 -39.50 14.19
CA LEU X 210 -22.11 -38.20 14.84
C LEU X 210 -21.51 -37.18 13.87
N ALA X 211 -20.67 -37.63 12.94
CA ALA X 211 -20.13 -36.72 11.93
C ALA X 211 -21.24 -36.13 11.07
N HIS X 212 -22.11 -36.99 10.54
CA HIS X 212 -23.25 -36.47 9.76
C HIS X 212 -24.13 -35.52 10.57
N ASN X 213 -24.35 -35.83 11.84
CA ASN X 213 -25.24 -35.00 12.65
C ASN X 213 -24.63 -33.62 12.90
N ILE X 214 -23.32 -33.54 13.15
CA ILE X 214 -22.69 -32.24 13.36
C ILE X 214 -22.74 -31.41 12.07
N SER X 215 -22.53 -32.05 10.92
CA SER X 215 -22.62 -31.33 9.66
C SER X 215 -24.01 -30.71 9.46
N ASN X 216 -25.05 -31.50 9.74
CA ASN X 216 -26.41 -30.98 9.58
C ASN X 216 -26.70 -29.83 10.55
N SER X 217 -26.17 -29.91 11.77
CA SER X 217 -26.40 -28.84 12.73
C SER X 217 -25.73 -27.54 12.31
N ALA X 218 -24.52 -27.63 11.72
CA ALA X 218 -23.87 -26.42 11.22
C ALA X 218 -24.69 -25.76 10.12
N ASN X 219 -25.16 -26.56 9.16
CA ASN X 219 -26.05 -26.03 8.13
C ASN X 219 -27.26 -25.30 8.74
N THR X 220 -27.95 -25.96 9.66
CA THR X 220 -29.18 -25.39 10.19
C THR X 220 -28.91 -24.13 11.00
N GLN X 221 -27.79 -24.10 11.74
CA GLN X 221 -27.43 -22.89 12.46
C GLN X 221 -27.24 -21.71 11.52
N ALA X 222 -26.53 -21.91 10.41
CA ALA X 222 -26.38 -20.82 9.43
C ALA X 222 -27.73 -20.33 8.92
N ASN X 223 -28.60 -21.25 8.50
CA ASN X 223 -29.88 -20.82 7.94
C ASN X 223 -30.77 -20.12 8.97
N VAL X 224 -30.77 -20.59 10.22
CA VAL X 224 -31.60 -19.97 11.25
C VAL X 224 -31.07 -18.61 11.65
N ALA X 225 -29.75 -18.43 11.68
CA ALA X 225 -29.19 -17.12 11.99
C ALA X 225 -29.52 -16.12 10.88
N ASP X 226 -29.47 -16.56 9.62
CA ASP X 226 -29.99 -15.73 8.52
C ASP X 226 -31.44 -15.32 8.76
N ALA X 227 -32.29 -16.30 9.09
CA ALA X 227 -33.71 -16.01 9.33
C ALA X 227 -33.90 -14.98 10.44
N LYS X 228 -33.15 -15.12 11.54
CA LYS X 228 -33.28 -14.16 12.66
C LYS X 228 -32.79 -12.78 12.27
N SER X 229 -31.70 -12.71 11.52
CA SER X 229 -31.17 -11.43 11.08
C SER X 229 -32.19 -10.68 10.23
N ARG X 230 -32.95 -11.40 9.39
CA ARG X 230 -33.98 -10.74 8.59
C ARG X 230 -35.03 -10.05 9.46
N ILE X 231 -35.20 -10.48 10.70
CA ILE X 231 -36.25 -9.93 11.56
C ILE X 231 -35.70 -8.87 12.51
N VAL X 232 -34.51 -9.06 13.08
CA VAL X 232 -34.07 -8.27 14.21
C VAL X 232 -33.17 -7.10 13.80
N ASP X 233 -32.30 -7.30 12.81
CA ASP X 233 -31.26 -6.33 12.51
C ASP X 233 -31.78 -5.13 11.73
N VAL X 234 -31.05 -4.02 11.81
CA VAL X 234 -31.45 -2.79 11.15
C VAL X 234 -30.83 -2.73 9.77
N ASP X 235 -31.46 -1.96 8.89
CA ASP X 235 -30.97 -1.67 7.55
C ASP X 235 -30.32 -0.29 7.55
N PHE X 236 -29.01 -0.25 7.30
CA PHE X 236 -28.29 1.02 7.37
C PHE X 236 -28.67 1.95 6.23
N ALA X 237 -28.85 1.40 5.02
CA ALA X 237 -29.17 2.21 3.85
C ALA X 237 -30.48 2.96 4.02
N LYS X 238 -31.45 2.34 4.69
CA LYS X 238 -32.76 2.97 4.92
C LYS X 238 -32.71 3.93 6.10
N GLU X 239 -31.98 3.54 7.14
CA GLU X 239 -32.07 4.27 8.40
C GLU X 239 -31.27 5.56 8.33
N THR X 240 -30.16 5.56 7.59
CA THR X 240 -29.42 6.80 7.39
C THR X 240 -30.23 7.82 6.58
N SER X 241 -31.01 7.35 5.62
CA SER X 241 -31.86 8.24 4.85
C SER X 241 -32.94 8.87 5.73
N GLN X 242 -33.58 8.06 6.58
CA GLN X 242 -34.55 8.62 7.50
C GLN X 242 -33.92 9.64 8.44
N MET X 243 -32.70 9.36 8.91
CA MET X 243 -32.02 10.30 9.81
C MET X 243 -31.79 11.65 9.13
N THR X 244 -31.29 11.64 7.89
CA THR X 244 -31.03 12.90 7.20
C THR X 244 -32.33 13.67 6.93
N LYS X 245 -33.40 12.97 6.57
CA LYS X 245 -34.68 13.65 6.38
C LYS X 245 -35.12 14.37 7.65
N ASN X 246 -35.03 13.69 8.80
CA ASN X 246 -35.49 14.33 10.03
C ASN X 246 -34.57 15.47 10.48
N GLN X 247 -33.28 15.38 10.15
CA GLN X 247 -32.38 16.52 10.40
C GLN X 247 -32.85 17.77 9.66
N VAL X 248 -33.10 17.64 8.36
CA VAL X 248 -33.54 18.79 7.59
C VAL X 248 -34.87 19.32 8.11
N LEU X 249 -35.80 18.42 8.46
CA LEU X 249 -37.08 18.88 8.99
C LEU X 249 -36.92 19.62 10.31
N GLN X 250 -35.96 19.19 11.14
CA GLN X 250 -35.72 19.92 12.39
C GLN X 250 -35.27 21.34 12.12
N GLN X 251 -34.33 21.52 11.19
CA GLN X 251 -33.87 22.88 10.90
C GLN X 251 -34.99 23.74 10.33
N THR X 252 -35.81 23.19 9.44
CA THR X 252 -36.92 23.95 8.88
C THR X 252 -37.95 24.32 9.94
N GLY X 253 -38.29 23.37 10.81
CA GLY X 253 -39.28 23.65 11.83
C GLY X 253 -38.80 24.66 12.86
N SER X 254 -37.51 24.61 13.20
CA SER X 254 -36.93 25.62 14.07
C SER X 254 -37.04 27.01 13.46
N ALA X 255 -36.65 27.15 12.19
CA ALA X 255 -36.78 28.45 11.52
C ALA X 255 -38.23 28.92 11.51
N MET X 256 -39.17 28.02 11.25
CA MET X 256 -40.55 28.42 11.10
C MET X 256 -41.15 28.82 12.44
N LEU X 257 -40.78 28.14 13.52
CA LEU X 257 -41.26 28.53 14.84
C LEU X 257 -40.67 29.85 15.29
N ALA X 258 -39.39 30.09 15.01
CA ALA X 258 -38.80 31.37 15.35
C ALA X 258 -39.47 32.51 14.58
N GLN X 259 -39.86 32.26 13.33
CA GLN X 259 -40.59 33.28 12.59
C GLN X 259 -42.03 33.41 13.07
N ALA X 260 -42.59 32.34 13.63
CA ALA X 260 -43.98 32.39 14.09
C ALA X 260 -44.12 33.18 15.39
N ASN X 261 -43.11 33.14 16.26
CA ASN X 261 -43.19 33.90 17.50
C ASN X 261 -43.12 35.41 17.32
N GLN X 262 -42.97 35.93 16.11
CA GLN X 262 -42.91 37.37 15.89
C GLN X 262 -44.20 37.95 15.34
N LEU X 263 -45.31 37.21 15.36
CA LEU X 263 -46.55 37.72 14.79
C LEU X 263 -47.28 38.76 15.65
N PRO X 264 -47.27 38.72 16.98
CA PRO X 264 -47.98 39.75 17.74
C PRO X 264 -47.39 41.15 17.61
N GLN X 265 -46.36 41.36 16.79
CA GLN X 265 -45.77 42.69 16.69
C GLN X 265 -46.43 43.58 15.65
N VAL X 266 -47.50 43.11 14.98
CA VAL X 266 -48.24 43.99 14.09
C VAL X 266 -49.07 44.97 14.90
N ALA X 267 -49.46 44.58 16.12
CA ALA X 267 -50.24 45.45 16.98
C ALA X 267 -49.47 46.70 17.35
N LEU X 268 -48.17 46.58 17.61
CA LEU X 268 -47.35 47.76 17.90
C LEU X 268 -47.36 48.73 16.74
N SER X 269 -47.42 48.21 15.51
CA SER X 269 -47.54 49.09 14.35
C SER X 269 -48.89 49.80 14.34
N LEU X 270 -49.97 49.07 14.61
CA LEU X 270 -51.28 49.73 14.66
C LEU X 270 -51.37 50.69 15.84
N LEU X 271 -50.55 50.50 16.85
CA LEU X 271 -50.69 51.25 18.10
C LEU X 271 -49.84 52.51 18.09
N ALA Y 1 -86.38 83.23 22.22
CA ALA Y 1 -86.17 84.05 23.42
C ALA Y 1 -84.69 84.20 23.73
N ILE Y 2 -84.34 85.28 24.40
CA ILE Y 2 -82.99 85.53 24.86
C ILE Y 2 -83.03 85.47 26.39
N THR Y 3 -82.58 84.36 26.96
CA THR Y 3 -82.68 84.13 28.39
C THR Y 3 -81.31 83.88 28.99
N VAL Y 4 -81.19 84.15 30.29
CA VAL Y 4 -79.92 84.01 30.98
C VAL Y 4 -79.96 82.89 32.02
N ASN Y 5 -81.15 82.56 32.53
CA ASN Y 5 -81.26 81.70 33.68
C ASN Y 5 -81.17 80.22 33.35
N THR Y 6 -81.42 79.83 32.11
CA THR Y 6 -81.38 78.42 31.71
C THR Y 6 -80.75 78.33 30.33
N ASN Y 7 -79.90 77.33 30.14
CA ASN Y 7 -79.17 77.17 28.88
C ASN Y 7 -79.27 75.69 28.51
N VAL Y 8 -80.04 75.38 27.47
CA VAL Y 8 -80.33 73.99 27.15
C VAL Y 8 -79.29 73.42 26.20
N THR Y 9 -78.76 74.27 25.32
CA THR Y 9 -77.69 73.84 24.42
C THR Y 9 -76.50 73.33 25.21
N SER Y 10 -76.19 74.00 26.32
CA SER Y 10 -75.09 73.56 27.17
C SER Y 10 -75.37 72.20 27.79
N LEU Y 11 -76.61 71.96 28.22
CA LEU Y 11 -76.96 70.66 28.79
C LEU Y 11 -76.77 69.54 27.79
N LYS Y 12 -77.22 69.77 26.56
CA LYS Y 12 -77.09 68.73 25.54
C LYS Y 12 -75.63 68.50 25.15
N ALA Y 13 -74.85 69.58 25.06
CA ALA Y 13 -73.43 69.44 24.78
C ALA Y 13 -72.71 68.66 25.88
N GLN Y 14 -73.07 68.93 27.14
CA GLN Y 14 -72.50 68.17 28.25
C GLN Y 14 -72.78 66.69 28.10
N LYS Y 15 -74.02 66.34 27.76
CA LYS Y 15 -74.35 64.91 27.66
C LYS Y 15 -73.58 64.23 26.53
N ASN Y 16 -73.46 64.90 25.38
CA ASN Y 16 -72.68 64.31 24.29
C ASN Y 16 -71.22 64.13 24.67
N LEU Y 17 -70.63 65.14 25.32
CA LEU Y 17 -69.23 65.06 25.70
C LEU Y 17 -68.99 63.92 26.69
N ASN Y 18 -69.93 63.72 27.62
CA ASN Y 18 -69.80 62.62 28.56
C ASN Y 18 -69.87 61.27 27.87
N THR Y 19 -70.79 61.12 26.91
CA THR Y 19 -70.88 59.87 26.17
C THR Y 19 -69.58 59.55 25.44
N SER Y 20 -69.00 60.55 24.79
CA SER Y 20 -67.74 60.35 24.08
C SER Y 20 -66.62 59.95 25.02
N ALA Y 21 -66.52 60.62 26.18
CA ALA Y 21 -65.47 60.28 27.13
C ALA Y 21 -65.60 58.85 27.65
N SER Y 22 -66.82 58.43 27.95
CA SER Y 22 -67.02 57.05 28.39
C SER Y 22 -66.57 56.04 27.33
N ASP Y 23 -66.95 56.27 26.07
CA ASP Y 23 -66.55 55.35 25.01
C ASP Y 23 -65.02 55.27 24.89
N LEU Y 24 -64.35 56.42 24.98
CA LEU Y 24 -62.90 56.43 24.87
C LEU Y 24 -62.24 55.67 26.00
N ALA Y 25 -62.74 55.84 27.23
CA ALA Y 25 -62.18 55.10 28.36
C ALA Y 25 -62.34 53.60 28.18
N THR Y 26 -63.51 53.16 27.71
CA THR Y 26 -63.73 51.74 27.46
C THR Y 26 -62.72 51.19 26.45
N SER Y 27 -62.52 51.92 25.35
CA SER Y 27 -61.56 51.47 24.34
C SER Y 27 -60.14 51.39 24.89
N MET Y 28 -59.74 52.40 25.69
CA MET Y 28 -58.42 52.40 26.29
C MET Y 28 -58.21 51.17 27.17
N GLU Y 29 -59.20 50.84 27.99
CA GLU Y 29 -59.13 49.63 28.82
C GLU Y 29 -58.95 48.38 27.97
N ARG Y 30 -59.74 48.26 26.90
CA ARG Y 30 -59.67 47.05 26.08
C ARG Y 30 -58.31 46.91 25.39
N LEU Y 31 -57.72 48.02 24.96
CA LEU Y 31 -56.38 47.94 24.35
C LEU Y 31 -55.31 47.64 25.39
N SER Y 32 -55.48 48.14 26.61
CA SER Y 32 -54.48 47.86 27.64
C SER Y 32 -54.52 46.41 28.09
N SER Y 33 -55.69 45.80 28.13
CA SER Y 33 -55.83 44.45 28.64
C SER Y 33 -55.53 43.40 27.58
N GLY Y 34 -55.97 43.62 26.35
CA GLY Y 34 -55.87 42.62 25.31
C GLY Y 34 -57.06 41.71 25.19
N LEU Y 35 -58.14 41.98 25.93
CA LEU Y 35 -59.32 41.13 25.97
C LEU Y 35 -60.55 41.94 25.60
N ARG Y 36 -61.49 41.29 24.92
CA ARG Y 36 -62.76 41.95 24.58
C ARG Y 36 -63.72 41.91 25.75
N ILE Y 37 -63.71 40.83 26.52
CA ILE Y 37 -64.64 40.65 27.62
C ILE Y 37 -63.86 40.83 28.91
N ASN Y 38 -64.01 42.00 29.54
CA ASN Y 38 -63.41 42.24 30.84
C ASN Y 38 -64.39 42.07 31.99
N SER Y 39 -65.68 42.04 31.72
CA SER Y 39 -66.71 41.90 32.74
C SER Y 39 -67.89 41.19 32.11
N ALA Y 40 -68.97 41.03 32.88
CA ALA Y 40 -70.20 40.51 32.31
C ALA Y 40 -71.06 41.60 31.71
N LYS Y 41 -70.74 42.87 31.98
CA LYS Y 41 -71.29 43.99 31.21
C LYS Y 41 -71.09 43.81 29.72
N ASP Y 42 -70.01 43.15 29.31
CA ASP Y 42 -69.60 43.08 27.92
C ASP Y 42 -70.35 41.98 27.17
N ASP Y 43 -70.21 40.73 27.60
CA ASP Y 43 -70.88 39.60 26.95
C ASP Y 43 -71.03 38.52 28.01
N ALA Y 44 -72.28 38.18 28.36
CA ALA Y 44 -72.51 37.31 29.50
C ALA Y 44 -72.47 35.84 29.10
N ALA Y 45 -73.05 35.49 27.97
CA ALA Y 45 -73.02 34.10 27.51
C ALA Y 45 -71.63 33.69 27.06
N GLY Y 46 -70.90 34.61 26.42
CA GLY Y 46 -69.53 34.33 26.03
C GLY Y 46 -68.62 34.11 27.22
N LEU Y 47 -68.89 34.82 28.33
CA LEU Y 47 -68.12 34.60 29.55
C LEU Y 47 -68.21 33.14 30.01
N ALA Y 48 -69.42 32.58 30.07
CA ALA Y 48 -69.57 31.21 30.53
C ALA Y 48 -69.03 30.20 29.52
N ILE Y 49 -69.28 30.44 28.23
CA ILE Y 49 -68.74 29.55 27.21
C ILE Y 49 -67.21 29.52 27.31
N SER Y 50 -66.60 30.68 27.54
CA SER Y 50 -65.15 30.76 27.60
C SER Y 50 -64.61 30.17 28.90
N ASN Y 51 -65.35 30.27 30.00
CA ASN Y 51 -64.95 29.56 31.22
C ASN Y 51 -64.90 28.05 30.98
N ARG Y 52 -65.89 27.51 30.29
CA ARG Y 52 -65.88 26.07 30.02
C ARG Y 52 -64.74 25.68 29.07
N LEU Y 53 -64.50 26.47 28.02
CA LEU Y 53 -63.40 26.17 27.12
C LEU Y 53 -62.05 26.28 27.84
N ASN Y 54 -61.94 27.19 28.79
CA ASN Y 54 -60.73 27.35 29.58
C ASN Y 54 -60.49 26.13 30.46
N SER Y 55 -61.54 25.63 31.12
CA SER Y 55 -61.42 24.37 31.85
C SER Y 55 -60.93 23.25 30.96
N GLN Y 56 -61.44 23.17 29.72
CA GLN Y 56 -61.03 22.09 28.82
C GLN Y 56 -59.55 22.20 28.45
N VAL Y 57 -59.09 23.41 28.10
CA VAL Y 57 -57.68 23.58 27.73
C VAL Y 57 -56.76 23.17 28.88
N ARG Y 58 -57.07 23.66 30.08
CA ARG Y 58 -56.20 23.40 31.23
C ARG Y 58 -56.22 21.92 31.60
N GLY Y 59 -57.39 21.28 31.51
CA GLY Y 59 -57.46 19.86 31.78
C GLY Y 59 -56.70 19.02 30.80
N LEU Y 60 -56.72 19.39 29.51
CA LEU Y 60 -55.94 18.65 28.52
C LEU Y 60 -54.45 18.77 28.80
N GLU Y 61 -53.99 19.94 29.24
CA GLU Y 61 -52.59 20.08 29.61
C GLU Y 61 -52.20 19.11 30.74
N VAL Y 62 -52.98 19.10 31.82
CA VAL Y 62 -52.66 18.19 32.93
C VAL Y 62 -52.78 16.72 32.50
N GLY Y 63 -53.72 16.41 31.61
CA GLY Y 63 -53.88 15.03 31.18
C GLY Y 63 -52.71 14.53 30.37
N MET Y 64 -52.13 15.38 29.52
CA MET Y 64 -50.90 14.99 28.83
C MET Y 64 -49.76 14.76 29.81
N ARG Y 65 -49.71 15.55 30.87
CA ARG Y 65 -48.69 15.26 31.89
C ARG Y 65 -48.89 13.87 32.50
N ASN Y 66 -50.12 13.51 32.86
CA ASN Y 66 -50.39 12.18 33.40
C ASN Y 66 -50.05 11.07 32.41
N ALA Y 67 -50.34 11.28 31.12
CA ALA Y 67 -50.04 10.28 30.11
C ALA Y 67 -48.54 10.05 30.00
N ASN Y 68 -47.76 11.10 30.13
CA ASN Y 68 -46.31 10.92 30.04
C ASN Y 68 -45.78 10.18 31.28
N ASP Y 69 -46.41 10.41 32.44
CA ASP Y 69 -46.10 9.61 33.64
C ASP Y 69 -46.35 8.12 33.41
N ALA Y 70 -47.48 7.79 32.80
CA ALA Y 70 -47.77 6.39 32.51
C ALA Y 70 -46.75 5.78 31.56
N ILE Y 71 -46.35 6.53 30.54
CA ILE Y 71 -45.33 6.03 29.61
C ILE Y 71 -44.02 5.76 30.34
N SER Y 72 -43.66 6.63 31.29
CA SER Y 72 -42.45 6.43 32.07
C SER Y 72 -42.49 5.13 32.86
N ILE Y 73 -43.58 4.89 33.58
CA ILE Y 73 -43.71 3.67 34.37
C ILE Y 73 -43.57 2.44 33.48
N ALA Y 74 -44.33 2.40 32.38
CA ALA Y 74 -44.29 1.24 31.50
C ALA Y 74 -42.91 1.01 30.92
N GLN Y 75 -42.20 2.09 30.59
CA GLN Y 75 -40.88 1.98 30.00
C GLN Y 75 -39.87 1.40 30.99
N ILE Y 76 -39.93 1.83 32.26
CA ILE Y 76 -39.02 1.26 33.27
C ILE Y 76 -39.28 -0.24 33.45
N ALA Y 77 -40.55 -0.63 33.62
CA ALA Y 77 -40.83 -2.06 33.84
C ALA Y 77 -40.43 -2.92 32.64
N GLU Y 78 -40.77 -2.46 31.44
CA GLU Y 78 -40.42 -3.18 30.22
C GLU Y 78 -38.91 -3.33 30.08
N GLY Y 79 -38.14 -2.30 30.44
CA GLY Y 79 -36.70 -2.43 30.37
C GLY Y 79 -36.13 -3.38 31.40
N ALA Y 80 -36.77 -3.46 32.58
CA ALA Y 80 -36.32 -4.42 33.59
C ALA Y 80 -36.50 -5.86 33.14
N MET Y 81 -37.55 -6.17 32.38
CA MET Y 81 -37.79 -7.57 32.00
C MET Y 81 -36.76 -8.14 31.00
N GLN Y 82 -36.00 -7.30 30.31
CA GLN Y 82 -35.05 -7.76 29.31
C GLN Y 82 -33.87 -8.51 29.92
N GLU Y 83 -33.34 -8.02 31.05
CA GLU Y 83 -32.25 -8.73 31.72
C GLU Y 83 -32.71 -10.08 32.26
N GLN Y 84 -33.97 -10.16 32.70
CA GLN Y 84 -34.53 -11.42 33.14
C GLN Y 84 -34.57 -12.43 31.99
N THR Y 85 -35.05 -11.99 30.82
CA THR Y 85 -35.01 -12.85 29.64
C THR Y 85 -33.58 -13.32 29.34
N ASN Y 86 -32.62 -12.42 29.43
CA ASN Y 86 -31.22 -12.75 29.13
C ASN Y 86 -30.69 -13.83 30.05
N MET Y 87 -30.95 -13.68 31.35
CA MET Y 87 -30.48 -14.67 32.31
C MET Y 87 -31.17 -16.01 32.13
N LEU Y 88 -32.46 -16.01 31.77
CA LEU Y 88 -33.13 -17.29 31.49
C LEU Y 88 -32.52 -18.01 30.29
N GLN Y 89 -32.13 -17.27 29.26
CA GLN Y 89 -31.43 -17.90 28.14
C GLN Y 89 -30.12 -18.55 28.60
N ARG Y 90 -29.38 -17.85 29.46
CA ARG Y 90 -28.14 -18.44 30.00
C ARG Y 90 -28.41 -19.73 30.77
N MET Y 91 -29.44 -19.75 31.62
CA MET Y 91 -29.79 -20.96 32.36
C MET Y 91 -30.20 -22.09 31.42
N ARG Y 92 -30.88 -21.77 30.32
CA ARG Y 92 -31.22 -22.79 29.33
C ARG Y 92 -29.97 -23.44 28.75
N ASP Y 93 -28.95 -22.63 28.44
CA ASP Y 93 -27.69 -23.21 27.95
C ASP Y 93 -27.03 -24.10 28.99
N LEU Y 94 -27.02 -23.67 30.26
CA LEU Y 94 -26.45 -24.50 31.31
C LEU Y 94 -27.18 -25.82 31.46
N THR Y 95 -28.51 -25.79 31.33
CA THR Y 95 -29.30 -27.03 31.43
C THR Y 95 -29.02 -27.97 30.26
N VAL Y 96 -28.89 -27.44 29.05
CA VAL Y 96 -28.55 -28.30 27.92
C VAL Y 96 -27.14 -28.88 28.11
N GLN Y 97 -26.24 -28.12 28.72
CA GLN Y 97 -24.89 -28.62 28.96
C GLN Y 97 -24.87 -29.72 30.03
N SER Y 98 -25.84 -29.72 30.95
CA SER Y 98 -25.89 -30.78 31.95
C SER Y 98 -26.17 -32.16 31.36
N GLU Y 99 -26.75 -32.25 30.17
CA GLU Y 99 -27.09 -33.52 29.54
C GLU Y 99 -25.93 -34.08 28.72
N ASN Y 100 -24.83 -34.41 29.38
CA ASN Y 100 -23.60 -34.81 28.72
C ASN Y 100 -23.04 -36.01 29.47
N GLY Y 101 -22.97 -37.16 28.80
CA GLY Y 101 -22.56 -38.38 29.47
C GLY Y 101 -21.11 -38.41 29.88
N ALA Y 102 -20.42 -37.28 29.82
CA ALA Y 102 -19.04 -37.18 30.29
C ALA Y 102 -18.93 -36.32 31.54
N ASN Y 103 -19.99 -35.64 31.93
CA ASN Y 103 -19.99 -34.88 33.17
C ASN Y 103 -19.97 -35.83 34.36
N SER Y 104 -19.37 -35.39 35.45
CA SER Y 104 -19.39 -36.09 36.72
C SER Y 104 -20.11 -35.22 37.75
N SER Y 105 -20.16 -35.68 39.00
CA SER Y 105 -20.94 -34.96 40.01
C SER Y 105 -20.36 -33.59 40.32
N ALA Y 106 -19.04 -33.44 40.23
CA ALA Y 106 -18.43 -32.14 40.48
C ALA Y 106 -18.78 -31.14 39.39
N ASP Y 107 -18.76 -31.57 38.13
CA ASP Y 107 -19.15 -30.70 37.03
C ASP Y 107 -20.61 -30.31 37.12
N LEU Y 108 -21.47 -31.26 37.49
CA LEU Y 108 -22.88 -30.96 37.67
C LEU Y 108 -23.08 -29.96 38.81
N SER Y 109 -22.29 -30.06 39.87
CA SER Y 109 -22.40 -29.11 40.97
C SER Y 109 -21.95 -27.72 40.54
N ALA Y 110 -20.93 -27.62 39.70
CA ALA Y 110 -20.51 -26.32 39.19
C ALA Y 110 -21.60 -25.67 38.33
N LEU Y 111 -22.15 -26.44 37.39
CA LEU Y 111 -23.26 -25.97 36.56
C LEU Y 111 -24.43 -25.49 37.44
N LYS Y 112 -24.78 -26.26 38.47
CA LYS Y 112 -25.93 -25.88 39.27
C LYS Y 112 -25.64 -24.67 40.15
N ALA Y 113 -24.41 -24.50 40.62
CA ALA Y 113 -24.06 -23.30 41.37
C ALA Y 113 -24.28 -22.04 40.54
N GLU Y 114 -23.90 -22.09 39.26
CA GLU Y 114 -24.17 -20.91 38.45
C GLU Y 114 -25.66 -20.71 38.18
N MET Y 115 -26.41 -21.81 37.99
CA MET Y 115 -27.87 -21.67 37.86
C MET Y 115 -28.48 -20.98 39.07
N ASP Y 116 -28.06 -21.35 40.28
CA ASP Y 116 -28.62 -20.74 41.48
C ASP Y 116 -28.29 -19.26 41.56
N GLN Y 117 -27.06 -18.87 41.21
CA GLN Y 117 -26.75 -17.45 41.22
C GLN Y 117 -27.62 -16.67 40.23
N LEU Y 118 -27.89 -17.25 39.06
CA LEU Y 118 -28.75 -16.58 38.08
C LEU Y 118 -30.18 -16.44 38.59
N ALA Y 119 -30.70 -17.48 39.27
CA ALA Y 119 -32.05 -17.37 39.82
C ALA Y 119 -32.12 -16.33 40.92
N ASN Y 120 -31.05 -16.21 41.73
CA ASN Y 120 -31.00 -15.14 42.72
C ASN Y 120 -31.03 -13.76 42.09
N GLU Y 121 -30.32 -13.56 40.98
CA GLU Y 121 -30.38 -12.25 40.33
C GLU Y 121 -31.74 -11.98 39.69
N ILE Y 122 -32.41 -13.01 39.15
CA ILE Y 122 -33.78 -12.82 38.66
C ILE Y 122 -34.69 -12.36 39.80
N ASP Y 123 -34.56 -12.98 40.97
CA ASP Y 123 -35.37 -12.55 42.11
C ASP Y 123 -35.04 -11.12 42.55
N GLU Y 124 -33.75 -10.77 42.56
CA GLU Y 124 -33.36 -9.43 42.95
C GLU Y 124 -33.95 -8.37 42.02
N ILE Y 125 -33.86 -8.59 40.70
CA ILE Y 125 -34.48 -7.65 39.77
C ILE Y 125 -35.99 -7.59 40.02
N GLY Y 126 -36.60 -8.72 40.36
CA GLY Y 126 -38.03 -8.72 40.62
C GLY Y 126 -38.42 -7.85 41.81
N LYS Y 127 -37.63 -7.88 42.88
CA LYS Y 127 -38.00 -7.11 44.06
C LYS Y 127 -37.43 -5.69 44.11
N THR Y 128 -36.49 -5.36 43.22
CA THR Y 128 -35.74 -4.12 43.38
C THR Y 128 -36.28 -3.00 42.48
N THR Y 129 -36.85 -3.33 41.33
CA THR Y 129 -37.27 -2.31 40.36
C THR Y 129 -38.33 -1.38 40.94
N ALA Y 130 -38.11 -0.07 40.78
CA ALA Y 130 -38.97 0.91 41.41
C ALA Y 130 -39.08 2.16 40.54
N PHE Y 131 -40.12 2.95 40.82
CA PHE Y 131 -40.25 4.32 40.32
C PHE Y 131 -40.13 5.22 41.54
N GLY Y 132 -38.92 5.68 41.82
CA GLY Y 132 -38.66 6.39 43.05
C GLY Y 132 -38.65 5.43 44.21
N THR Y 133 -39.78 5.31 44.89
CA THR Y 133 -39.90 4.39 46.02
C THR Y 133 -41.03 3.38 45.87
N THR Y 134 -41.82 3.42 44.81
CA THR Y 134 -42.90 2.46 44.63
C THR Y 134 -42.42 1.29 43.78
N LYS Y 135 -42.69 0.08 44.23
CA LYS Y 135 -42.24 -1.11 43.52
C LYS Y 135 -43.15 -1.40 42.33
N LEU Y 136 -42.56 -1.91 41.26
CA LEU Y 136 -43.29 -2.15 40.02
C LEU Y 136 -43.49 -3.64 39.70
N LEU Y 137 -42.51 -4.48 39.98
CA LEU Y 137 -42.63 -5.89 39.59
C LEU Y 137 -42.93 -6.82 40.74
N ALA Y 138 -43.49 -6.32 41.84
CA ALA Y 138 -43.72 -7.15 43.01
C ALA Y 138 -45.18 -7.55 43.19
N GLY Y 139 -46.08 -6.97 42.41
CA GLY Y 139 -47.50 -7.28 42.51
C GLY Y 139 -48.39 -6.11 42.86
N GLY Y 140 -47.85 -4.89 42.97
CA GLY Y 140 -48.68 -3.74 43.31
C GLY Y 140 -49.49 -3.20 42.15
N PHE Y 141 -49.12 -3.55 40.91
CA PHE Y 141 -49.88 -3.18 39.73
C PHE Y 141 -50.62 -4.36 39.11
N SER Y 142 -50.75 -5.46 39.86
CA SER Y 142 -51.39 -6.66 39.31
C SER Y 142 -52.83 -6.39 38.92
N ALA Y 143 -53.56 -5.67 39.76
CA ALA Y 143 -54.76 -4.96 39.33
C ALA Y 143 -54.34 -3.54 39.02
N GLY Y 144 -54.53 -3.12 37.77
CA GLY Y 144 -53.86 -1.93 37.29
C GLY Y 144 -54.24 -0.67 38.04
N LYS Y 145 -53.47 0.38 37.80
CA LYS Y 145 -53.75 1.73 38.29
C LYS Y 145 -54.22 2.60 37.13
N ASN Y 146 -55.10 3.55 37.43
CA ASN Y 146 -55.63 4.44 36.41
C ASN Y 146 -54.91 5.78 36.39
N PHE Y 147 -54.71 6.29 35.19
CA PHE Y 147 -54.19 7.64 34.96
C PHE Y 147 -55.26 8.38 34.18
N GLN Y 148 -55.73 9.51 34.70
CA GLN Y 148 -56.72 10.29 33.96
C GLN Y 148 -56.03 11.10 32.89
N VAL Y 149 -56.26 10.74 31.63
CA VAL Y 149 -55.55 11.36 30.51
C VAL Y 149 -56.39 12.40 29.79
N GLY Y 150 -57.59 12.72 30.28
CA GLY Y 150 -58.42 13.74 29.71
C GLY Y 150 -58.83 14.78 30.74
N ALA Y 151 -59.73 15.66 30.30
CA ALA Y 151 -60.20 16.74 31.16
C ALA Y 151 -61.40 16.37 32.00
N GLN Y 152 -62.16 15.35 31.60
CA GLN Y 152 -63.37 14.96 32.29
C GLN Y 152 -63.18 13.64 33.02
N ASP Y 153 -64.05 13.40 34.00
CA ASP Y 153 -63.98 12.20 34.80
C ASP Y 153 -64.34 10.96 33.99
N GLY Y 154 -63.56 9.90 34.17
CA GLY Y 154 -63.78 8.66 33.48
C GLY Y 154 -62.96 8.47 32.23
N GLU Y 155 -62.26 9.50 31.77
CA GLU Y 155 -61.41 9.43 30.59
C GLU Y 155 -60.00 9.08 31.05
N ASP Y 156 -59.71 7.79 31.09
CA ASP Y 156 -58.49 7.32 31.73
C ASP Y 156 -58.05 5.96 31.18
N ILE Y 157 -56.78 5.65 31.43
CA ILE Y 157 -56.12 4.46 30.89
C ILE Y 157 -55.55 3.68 32.06
N LYS Y 158 -55.59 2.36 31.98
CA LYS Y 158 -55.18 1.48 33.06
C LYS Y 158 -53.87 0.78 32.70
N VAL Y 159 -52.90 0.82 33.61
CA VAL Y 159 -51.60 0.19 33.41
C VAL Y 159 -51.47 -0.99 34.36
N THR Y 160 -51.26 -2.18 33.81
CA THR Y 160 -51.27 -3.43 34.56
C THR Y 160 -49.91 -4.11 34.42
N VAL Y 161 -49.30 -4.47 35.55
CA VAL Y 161 -48.06 -5.24 35.57
C VAL Y 161 -48.21 -6.33 36.61
N LYS Y 162 -47.91 -7.56 36.25
CA LYS Y 162 -47.96 -8.67 37.18
C LYS Y 162 -46.58 -8.91 37.79
N ALA Y 163 -46.54 -9.70 38.86
CA ALA Y 163 -45.29 -9.98 39.54
C ALA Y 163 -44.44 -10.94 38.72
N SER Y 164 -43.14 -10.66 38.64
CA SER Y 164 -42.20 -11.52 37.92
C SER Y 164 -40.92 -11.66 38.74
N ASN Y 165 -40.74 -12.84 39.30
CA ASN Y 165 -39.63 -13.16 40.19
C ASN Y 165 -39.47 -14.68 40.14
N LYS Y 166 -38.45 -15.19 40.84
CA LYS Y 166 -38.16 -16.61 40.68
C LYS Y 166 -39.22 -17.50 41.30
N SER Y 167 -40.16 -16.93 42.06
CA SER Y 167 -41.19 -17.75 42.68
C SER Y 167 -42.44 -17.83 41.81
N SER Y 168 -42.80 -16.72 41.15
CA SER Y 168 -43.96 -16.74 40.27
C SER Y 168 -43.63 -17.34 38.92
N LEU Y 169 -42.37 -17.32 38.52
CA LEU Y 169 -41.95 -17.94 37.27
C LEU Y 169 -41.62 -19.42 37.43
N SER Y 170 -41.66 -19.95 38.64
CA SER Y 170 -41.43 -21.37 38.93
C SER Y 170 -40.02 -21.83 38.54
N VAL Y 171 -39.02 -20.96 38.65
CA VAL Y 171 -37.64 -21.33 38.38
C VAL Y 171 -36.78 -21.32 39.64
N GLY Y 172 -37.39 -21.25 40.81
CA GLY Y 172 -36.65 -21.13 42.04
C GLY Y 172 -36.19 -22.43 42.67
N SER Y 173 -36.43 -23.56 42.04
CA SER Y 173 -36.01 -24.85 42.58
C SER Y 173 -35.72 -25.87 41.48
N LEU Y 174 -34.73 -25.57 40.65
CA LEU Y 174 -34.45 -26.43 39.51
C LEU Y 174 -33.28 -27.36 39.83
N GLY Y 175 -33.34 -28.57 39.30
CA GLY Y 175 -32.30 -29.54 39.55
C GLY Y 175 -31.74 -30.06 38.23
N ASN Y 176 -30.58 -30.69 38.32
CA ASN Y 176 -29.92 -31.20 37.13
C ASN Y 176 -29.21 -32.52 37.39
N THR Y 177 -29.51 -33.20 38.48
CA THR Y 177 -28.75 -34.38 38.87
C THR Y 177 -29.30 -35.67 38.29
N THR Y 178 -30.49 -35.62 37.69
CA THR Y 178 -31.17 -36.78 37.13
C THR Y 178 -31.78 -36.39 35.80
N SER Y 179 -31.95 -37.39 34.92
CA SER Y 179 -32.50 -37.16 33.59
C SER Y 179 -33.87 -36.48 33.64
N ALA Y 180 -34.76 -36.96 34.52
CA ALA Y 180 -36.09 -36.36 34.63
C ALA Y 180 -36.01 -34.95 35.19
N ALA Y 181 -35.05 -34.69 36.08
CA ALA Y 181 -34.89 -33.34 36.61
C ALA Y 181 -34.47 -32.37 35.53
N ARG Y 182 -33.59 -32.82 34.62
CA ARG Y 182 -33.18 -31.97 33.50
C ARG Y 182 -34.34 -31.69 32.57
N ALA Y 183 -35.14 -32.73 32.26
CA ALA Y 183 -36.30 -32.52 31.40
C ALA Y 183 -37.26 -31.50 32.01
N SER Y 184 -37.53 -31.65 33.30
CA SER Y 184 -38.45 -30.74 33.98
C SER Y 184 -37.91 -29.31 34.00
N SER Y 185 -36.61 -29.15 34.24
CA SER Y 185 -36.02 -27.81 34.24
C SER Y 185 -36.10 -27.16 32.88
N LEU Y 186 -35.85 -27.93 31.81
CA LEU Y 186 -35.98 -27.38 30.47
C LEU Y 186 -37.39 -26.87 30.22
N LYS Y 187 -38.40 -27.66 30.57
CA LYS Y 187 -39.77 -27.23 30.31
C LYS Y 187 -40.12 -25.96 31.09
N LYS Y 188 -39.71 -25.88 32.36
CA LYS Y 188 -40.08 -24.67 33.12
C LYS Y 188 -39.32 -23.43 32.66
N ILE Y 189 -38.06 -23.55 32.24
CA ILE Y 189 -37.38 -22.38 31.70
C ILE Y 189 -38.05 -21.88 30.43
N ASP Y 190 -38.44 -22.80 29.54
CA ASP Y 190 -39.14 -22.37 28.32
C ASP Y 190 -40.47 -21.68 28.64
N ALA Y 191 -41.21 -22.21 29.62
CA ALA Y 191 -42.47 -21.58 29.99
C ALA Y 191 -42.24 -20.18 30.55
N ALA Y 192 -41.19 -19.99 31.36
CA ALA Y 192 -40.91 -18.67 31.91
C ALA Y 192 -40.59 -17.66 30.82
N ILE Y 193 -39.80 -18.06 29.83
CA ILE Y 193 -39.52 -17.19 28.71
C ILE Y 193 -40.82 -16.77 28.02
N LYS Y 194 -41.74 -17.72 27.85
CA LYS Y 194 -43.03 -17.40 27.23
C LYS Y 194 -43.82 -16.35 28.03
N THR Y 195 -43.89 -16.51 29.35
CA THR Y 195 -44.71 -15.57 30.11
C THR Y 195 -44.12 -14.17 30.12
N ILE Y 196 -42.79 -14.06 30.17
CA ILE Y 196 -42.18 -12.73 30.07
C ILE Y 196 -42.47 -12.10 28.71
N ASP Y 197 -42.41 -12.88 27.63
CA ASP Y 197 -42.78 -12.35 26.33
C ASP Y 197 -44.20 -11.77 26.34
N ALA Y 198 -45.15 -12.48 26.94
CA ALA Y 198 -46.53 -11.98 26.94
C ALA Y 198 -46.65 -10.65 27.71
N GLN Y 199 -46.00 -10.55 28.86
CA GLN Y 199 -46.02 -9.30 29.60
C GLN Y 199 -45.43 -8.15 28.81
N ARG Y 200 -44.31 -8.39 28.14
CA ARG Y 200 -43.68 -7.32 27.36
C ARG Y 200 -44.57 -6.90 26.20
N ALA Y 201 -45.29 -7.85 25.60
CA ALA Y 201 -46.23 -7.51 24.53
C ALA Y 201 -47.30 -6.54 25.02
N ASP Y 202 -47.92 -6.84 26.16
CA ASP Y 202 -48.96 -5.93 26.67
C ASP Y 202 -48.42 -4.55 27.00
N LEU Y 203 -47.23 -4.47 27.60
CA LEU Y 203 -46.69 -3.13 27.90
C LEU Y 203 -46.38 -2.35 26.62
N GLY Y 204 -45.92 -3.02 25.57
CA GLY Y 204 -45.68 -2.33 24.31
C GLY Y 204 -46.96 -1.78 23.69
N ALA Y 205 -48.02 -2.59 23.73
CA ALA Y 205 -49.31 -2.11 23.23
C ALA Y 205 -49.77 -0.87 24.00
N ILE Y 206 -49.62 -0.87 25.32
CA ILE Y 206 -49.99 0.29 26.12
C ILE Y 206 -49.21 1.53 25.69
N GLN Y 207 -47.91 1.38 25.44
CA GLN Y 207 -47.12 2.56 25.06
C GLN Y 207 -47.56 3.13 23.72
N ASN Y 208 -47.83 2.26 22.74
CA ASN Y 208 -48.33 2.74 21.44
C ASN Y 208 -49.63 3.51 21.60
N ARG Y 209 -50.56 2.95 22.38
CA ARG Y 209 -51.84 3.61 22.63
C ARG Y 209 -51.66 4.99 23.26
N LEU Y 210 -50.76 5.10 24.24
CA LEU Y 210 -50.56 6.40 24.89
C LEU Y 210 -49.94 7.42 23.94
N ALA Y 211 -49.10 6.97 23.01
CA ALA Y 211 -48.54 7.88 22.01
C ALA Y 211 -49.64 8.49 21.14
N HIS Y 212 -50.52 7.64 20.59
CA HIS Y 212 -51.64 8.15 19.80
C HIS Y 212 -52.52 9.11 20.60
N ASN Y 213 -52.76 8.80 21.88
CA ASN Y 213 -53.65 9.62 22.68
C ASN Y 213 -53.04 11.01 22.94
N ILE Y 214 -51.74 11.07 23.20
CA ILE Y 214 -51.10 12.38 23.42
C ILE Y 214 -51.13 13.20 22.14
N SER Y 215 -50.91 12.57 20.99
CA SER Y 215 -50.99 13.29 19.72
C SER Y 215 -52.36 13.92 19.51
N ASN Y 216 -53.42 13.14 19.77
CA ASN Y 216 -54.77 13.66 19.60
C ASN Y 216 -55.07 14.80 20.57
N SER Y 217 -54.55 14.72 21.80
CA SER Y 217 -54.80 15.79 22.77
C SER Y 217 -54.11 17.09 22.36
N ALA Y 218 -52.90 17.00 21.79
CA ALA Y 218 -52.24 18.20 21.29
C ALA Y 218 -53.04 18.86 20.17
N ASN Y 219 -53.50 18.07 19.20
CA ASN Y 219 -54.38 18.61 18.17
C ASN Y 219 -55.58 19.34 18.77
N THR Y 220 -56.29 18.68 19.69
CA THR Y 220 -57.53 19.25 20.20
C THR Y 220 -57.26 20.52 21.02
N GLN Y 221 -56.16 20.54 21.76
CA GLN Y 221 -55.80 21.74 22.49
C GLN Y 221 -55.59 22.93 21.56
N ALA Y 222 -54.87 22.73 20.46
CA ALA Y 222 -54.70 23.82 19.49
C ALA Y 222 -56.04 24.33 18.96
N ASN Y 223 -56.91 23.40 18.53
CA ASN Y 223 -58.19 23.84 17.95
C ASN Y 223 -59.09 24.53 18.98
N VAL Y 224 -59.09 24.06 20.22
CA VAL Y 224 -59.94 24.68 21.24
C VAL Y 224 -59.41 26.04 21.66
N ALA Y 225 -58.09 26.21 21.71
CA ALA Y 225 -57.53 27.53 22.01
C ALA Y 225 -57.84 28.52 20.92
N ASP Y 226 -57.78 28.09 19.65
CA ASP Y 226 -58.28 28.92 18.55
C ASP Y 226 -59.73 29.34 18.77
N ALA Y 227 -60.59 28.37 19.08
CA ALA Y 227 -62.00 28.67 19.31
C ALA Y 227 -62.20 29.69 20.42
N LYS Y 228 -61.47 29.55 21.53
CA LYS Y 228 -61.61 30.49 22.64
C LYS Y 228 -61.11 31.88 22.28
N SER Y 229 -60.01 31.94 21.54
CA SER Y 229 -59.48 33.23 21.11
C SER Y 229 -60.48 33.98 20.25
N ARG Y 230 -61.23 33.26 19.40
CA ARG Y 230 -62.25 33.93 18.59
C ARG Y 230 -63.30 34.63 19.45
N ILE Y 231 -63.50 34.19 20.68
CA ILE Y 231 -64.55 34.74 21.53
C ILE Y 231 -64.01 35.81 22.49
N VAL Y 232 -62.84 35.61 23.07
CA VAL Y 232 -62.40 36.39 24.22
C VAL Y 232 -61.49 37.55 23.82
N ASP Y 233 -60.61 37.36 22.83
CA ASP Y 233 -59.56 38.33 22.56
C ASP Y 233 -60.07 39.52 21.77
N VAL Y 234 -59.33 40.63 21.86
CA VAL Y 234 -59.71 41.88 21.21
C VAL Y 234 -59.08 41.93 19.82
N ASP Y 235 -59.70 42.71 18.94
CA ASP Y 235 -59.19 43.00 17.61
C ASP Y 235 -58.53 44.37 17.63
N PHE Y 236 -57.23 44.41 17.38
CA PHE Y 236 -56.50 45.67 17.47
C PHE Y 236 -56.86 46.61 16.31
N ALA Y 237 -57.04 46.05 15.11
CA ALA Y 237 -57.34 46.88 13.95
C ALA Y 237 -58.65 47.63 14.10
N LYS Y 238 -59.63 47.01 14.76
CA LYS Y 238 -60.92 47.65 14.97
C LYS Y 238 -60.89 48.59 16.16
N GLU Y 239 -60.17 48.21 17.21
CA GLU Y 239 -60.28 48.93 18.47
C GLU Y 239 -59.47 50.22 18.41
N THR Y 240 -58.35 50.22 17.69
CA THR Y 240 -57.60 51.47 17.49
C THR Y 240 -58.40 52.48 16.68
N SER Y 241 -59.17 52.01 15.70
CA SER Y 241 -60.02 52.92 14.93
C SER Y 241 -61.08 53.54 15.80
N GLN Y 242 -61.74 52.73 16.64
CA GLN Y 242 -62.73 53.30 17.55
C GLN Y 242 -62.09 54.31 18.50
N MET Y 243 -60.88 54.03 18.98
CA MET Y 243 -60.22 54.96 19.88
C MET Y 243 -59.98 56.31 19.22
N THR Y 244 -59.47 56.30 17.99
CA THR Y 244 -59.20 57.56 17.29
C THR Y 244 -60.48 58.35 17.02
N LYS Y 245 -61.55 57.64 16.65
CA LYS Y 245 -62.82 58.34 16.44
C LYS Y 245 -63.28 59.05 17.71
N ASN Y 246 -63.20 58.37 18.86
CA ASN Y 246 -63.68 59.00 20.08
C ASN Y 246 -62.76 60.14 20.55
N GLN Y 247 -61.46 60.05 20.25
CA GLN Y 247 -60.57 61.17 20.49
C GLN Y 247 -61.02 62.44 19.76
N VAL Y 248 -61.25 62.30 18.45
CA VAL Y 248 -61.68 63.47 17.67
C VAL Y 248 -63.01 64.00 18.19
N LEU Y 249 -63.95 63.10 18.53
CA LEU Y 249 -65.23 63.57 19.04
C LEU Y 249 -65.08 64.30 20.36
N GLN Y 250 -64.15 63.87 21.21
CA GLN Y 250 -63.91 64.59 22.46
C GLN Y 250 -63.45 66.01 22.20
N GLN Y 251 -62.50 66.18 21.28
CA GLN Y 251 -62.02 67.54 21.00
C GLN Y 251 -63.14 68.42 20.43
N THR Y 252 -63.94 67.86 19.52
CA THR Y 252 -65.04 68.63 18.95
C THR Y 252 -66.09 69.00 19.99
N GLY Y 253 -66.45 68.06 20.86
CA GLY Y 253 -67.46 68.34 21.87
C GLY Y 253 -66.98 69.34 22.91
N SER Y 254 -65.69 69.28 23.26
CA SER Y 254 -65.12 70.28 24.14
C SER Y 254 -65.22 71.67 23.54
N ALA Y 255 -64.81 71.83 22.27
CA ALA Y 255 -64.92 73.12 21.61
C ALA Y 255 -66.36 73.60 21.57
N MET Y 256 -67.30 72.70 21.30
CA MET Y 256 -68.69 73.11 21.14
C MET Y 256 -69.31 73.51 22.47
N LEU Y 257 -68.94 72.83 23.55
CA LEU Y 257 -69.45 73.21 24.87
C LEU Y 257 -68.86 74.53 25.33
N ALA Y 258 -67.57 74.76 25.07
CA ALA Y 258 -66.97 76.05 25.42
C ALA Y 258 -67.63 77.19 24.65
N GLN Y 259 -68.01 76.95 23.40
CA GLN Y 259 -68.73 77.97 22.64
C GLN Y 259 -70.17 78.11 23.11
N ALA Y 260 -70.75 77.03 23.66
CA ALA Y 260 -72.14 77.10 24.11
C ALA Y 260 -72.28 77.88 25.40
N ASN Y 261 -71.29 77.82 26.29
CA ASN Y 261 -71.39 78.59 27.54
C ASN Y 261 -71.30 80.10 27.36
N GLN Y 262 -71.13 80.62 26.15
CA GLN Y 262 -71.07 82.06 25.94
C GLN Y 262 -72.35 82.65 25.37
N LEU Y 263 -73.46 81.91 25.38
CA LEU Y 263 -74.70 82.42 24.79
C LEU Y 263 -75.42 83.47 25.64
N PRO Y 264 -75.43 83.42 26.98
CA PRO Y 264 -76.14 84.46 27.73
C PRO Y 264 -75.55 85.86 27.61
N GLN Y 265 -74.52 86.06 26.80
CA GLN Y 265 -73.91 87.38 26.71
C GLN Y 265 -74.56 88.29 25.67
N VAL Y 266 -75.61 87.82 24.99
CA VAL Y 266 -76.35 88.70 24.09
C VAL Y 266 -77.19 89.69 24.90
N ALA Y 267 -77.59 89.29 26.11
CA ALA Y 267 -78.37 90.17 26.96
C ALA Y 267 -77.61 91.42 27.35
N LEU Y 268 -76.31 91.29 27.62
CA LEU Y 268 -75.49 92.46 27.93
C LEU Y 268 -75.48 93.43 26.76
N SER Y 269 -75.53 92.92 25.54
CA SER Y 269 -75.64 93.80 24.38
C SER Y 269 -76.98 94.52 24.35
N LEU Y 270 -78.07 93.79 24.61
CA LEU Y 270 -79.37 94.46 24.64
C LEU Y 270 -79.48 95.41 25.82
N LEU Y 271 -78.67 95.22 26.85
CA LEU Y 271 -78.82 95.96 28.09
C LEU Y 271 -77.96 97.22 28.09
N ALA Z 1 -68.77 62.15 33.78
CA ALA Z 1 -68.21 63.29 34.47
C ALA Z 1 -66.80 63.59 34.00
N ILE Z 2 -66.39 64.85 34.13
CA ILE Z 2 -65.04 65.28 33.83
C ILE Z 2 -64.40 65.69 35.14
N THR Z 3 -63.56 64.83 35.71
CA THR Z 3 -62.98 65.05 37.02
C THR Z 3 -61.47 65.06 36.94
N VAL Z 4 -60.84 65.72 37.92
CA VAL Z 4 -59.39 65.84 37.94
C VAL Z 4 -58.78 65.09 39.12
N ASN Z 5 -59.55 64.89 40.20
CA ASN Z 5 -58.98 64.44 41.45
C ASN Z 5 -58.79 62.92 41.51
N THR Z 6 -59.48 62.16 40.67
CA THR Z 6 -59.37 60.70 40.68
C THR Z 6 -59.41 60.22 39.24
N ASN Z 7 -58.56 59.23 38.93
CA ASN Z 7 -58.43 58.72 37.58
C ASN Z 7 -58.41 57.20 37.68
N VAL Z 8 -59.50 56.56 37.24
CA VAL Z 8 -59.65 55.12 37.46
C VAL Z 8 -59.04 54.33 36.32
N THR Z 9 -59.11 54.87 35.10
CA THR Z 9 -58.49 54.24 33.96
C THR Z 9 -57.00 54.04 34.19
N SER Z 10 -56.36 55.03 34.82
CA SER Z 10 -54.94 54.92 35.13
C SER Z 10 -54.67 53.81 36.14
N LEU Z 11 -55.52 53.67 37.14
CA LEU Z 11 -55.37 52.61 38.13
C LEU Z 11 -55.44 51.23 37.47
N LYS Z 12 -56.41 51.05 36.58
CA LYS Z 12 -56.56 49.75 35.93
C LYS Z 12 -55.40 49.47 34.98
N ALA Z 13 -54.94 50.50 34.25
CA ALA Z 13 -53.78 50.32 33.38
C ALA Z 13 -52.53 49.96 34.17
N GLN Z 14 -52.35 50.59 35.35
CA GLN Z 14 -51.24 50.23 36.21
C GLN Z 14 -51.28 48.76 36.59
N LYS Z 15 -52.47 48.27 36.97
CA LYS Z 15 -52.53 46.88 37.41
C LYS Z 15 -52.23 45.91 36.26
N ASN Z 16 -52.75 46.19 35.06
CA ASN Z 16 -52.44 45.32 33.93
C ASN Z 16 -50.95 45.33 33.61
N LEU Z 17 -50.32 46.52 33.62
CA LEU Z 17 -48.90 46.61 33.31
C LEU Z 17 -48.06 45.84 34.33
N ASN Z 18 -48.45 45.90 35.60
CA ASN Z 18 -47.73 45.16 36.62
C ASN Z 18 -47.85 43.65 36.42
N THR Z 19 -49.05 43.19 36.07
CA THR Z 19 -49.23 41.76 35.82
C THR Z 19 -48.35 41.28 34.67
N SER Z 20 -48.30 42.06 33.59
CA SER Z 20 -47.47 41.69 32.45
C SER Z 20 -45.99 41.65 32.82
N ALA Z 21 -45.51 42.64 33.59
CA ALA Z 21 -44.11 42.66 33.98
C ALA Z 21 -43.75 41.45 34.84
N SER Z 22 -44.62 41.08 35.78
CA SER Z 22 -44.37 39.91 36.60
C SER Z 22 -44.25 38.65 35.75
N ASP Z 23 -45.17 38.46 34.80
CA ASP Z 23 -45.12 37.27 33.96
C ASP Z 23 -43.82 37.22 33.15
N LEU Z 24 -43.38 38.37 32.63
CA LEU Z 24 -42.16 38.39 31.84
C LEU Z 24 -40.94 38.05 32.69
N ALA Z 25 -40.87 38.58 33.92
CA ALA Z 25 -39.76 38.25 34.81
C ALA Z 25 -39.72 36.75 35.12
N THR Z 26 -40.88 36.15 35.37
CA THR Z 26 -40.92 34.70 35.62
C THR Z 26 -40.37 33.92 34.43
N SER Z 27 -40.80 34.27 33.22
CA SER Z 27 -40.32 33.57 32.04
C SER Z 27 -38.81 33.72 31.85
N MET Z 28 -38.30 34.93 32.08
CA MET Z 28 -36.86 35.18 31.97
C MET Z 28 -36.08 34.29 32.93
N GLU Z 29 -36.54 34.19 34.17
CA GLU Z 29 -35.90 33.30 35.15
C GLU Z 29 -35.89 31.86 34.68
N ARG Z 30 -37.02 31.38 34.17
CA ARG Z 30 -37.12 29.99 33.74
C ARG Z 30 -36.18 29.69 32.57
N LEU Z 31 -36.05 30.63 31.63
CA LEU Z 31 -35.13 30.42 30.52
C LEU Z 31 -33.67 30.50 30.97
N SER Z 32 -33.37 31.34 31.96
CA SER Z 32 -31.99 31.44 32.43
C SER Z 32 -31.57 30.20 33.19
N SER Z 33 -32.49 29.59 33.94
CA SER Z 33 -32.14 28.45 34.78
C SER Z 33 -32.15 27.13 34.02
N GLY Z 34 -33.11 26.95 33.12
CA GLY Z 34 -33.30 25.68 32.45
C GLY Z 34 -34.25 24.74 33.14
N LEU Z 35 -34.92 25.17 34.20
CA LEU Z 35 -35.80 24.34 35.01
C LEU Z 35 -37.18 24.95 35.07
N ARG Z 36 -38.21 24.09 35.10
CA ARG Z 36 -39.57 24.55 35.24
C ARG Z 36 -39.91 24.84 36.69
N ILE Z 37 -39.38 24.05 37.61
CA ILE Z 37 -39.69 24.18 39.04
C ILE Z 37 -38.47 24.79 39.71
N ASN Z 38 -38.54 26.09 40.02
CA ASN Z 38 -37.48 26.75 40.77
C ASN Z 38 -37.80 26.90 42.24
N SER Z 39 -39.06 26.74 42.63
CA SER Z 39 -39.49 26.87 44.01
C SER Z 39 -40.70 25.97 44.20
N ALA Z 40 -41.27 26.01 45.40
CA ALA Z 40 -42.51 25.29 45.64
C ALA Z 40 -43.74 26.11 45.25
N LYS Z 41 -43.55 27.41 45.01
CA LYS Z 41 -44.57 28.21 44.34
C LYS Z 41 -45.02 27.58 43.02
N ASP Z 42 -44.12 26.88 42.34
CA ASP Z 42 -44.36 26.40 40.99
C ASP Z 42 -45.16 25.09 40.99
N ASP Z 43 -44.62 24.05 41.61
CA ASP Z 43 -45.29 22.75 41.67
C ASP Z 43 -44.78 22.03 42.91
N ALA Z 44 -45.66 21.78 43.87
CA ALA Z 44 -45.21 21.29 45.16
C ALA Z 44 -45.08 19.78 45.19
N ALA Z 45 -46.04 19.07 44.59
CA ALA Z 45 -45.96 17.61 44.55
C ALA Z 45 -44.85 17.13 43.62
N GLY Z 46 -44.66 17.84 42.49
CA GLY Z 46 -43.56 17.50 41.61
C GLY Z 46 -42.21 17.70 42.23
N LEU Z 47 -42.09 18.69 43.11
CA LEU Z 47 -40.84 18.89 43.84
C LEU Z 47 -40.46 17.66 44.65
N ALA Z 48 -41.40 17.09 45.40
CA ALA Z 48 -41.09 15.94 46.22
C ALA Z 48 -40.87 14.68 45.37
N ILE Z 49 -41.69 14.50 44.34
CA ILE Z 49 -41.50 13.36 43.45
C ILE Z 49 -40.11 13.42 42.82
N SER Z 50 -39.68 14.61 42.43
CA SER Z 50 -38.39 14.75 41.79
C SER Z 50 -37.24 14.63 42.77
N ASN Z 51 -37.43 15.03 44.03
CA ASN Z 51 -36.42 14.75 45.05
C ASN Z 51 -36.21 13.25 45.22
N ARG Z 52 -37.29 12.47 45.23
CA ARG Z 52 -37.14 11.02 45.37
C ARG Z 52 -36.48 10.40 44.13
N LEU Z 53 -36.87 10.85 42.94
CA LEU Z 53 -36.23 10.31 41.73
C LEU Z 53 -34.75 10.69 41.68
N ASN Z 54 -34.41 11.87 42.20
CA ASN Z 54 -33.02 12.30 42.25
C ASN Z 54 -32.20 11.41 43.20
N SER Z 55 -32.75 11.11 44.36
CA SER Z 55 -32.11 10.14 45.26
C SER Z 55 -31.87 8.83 44.55
N GLN Z 56 -32.84 8.35 43.77
CA GLN Z 56 -32.67 7.06 43.10
C GLN Z 56 -31.56 7.10 42.06
N VAL Z 57 -31.51 8.16 41.24
CA VAL Z 57 -30.47 8.27 40.22
C VAL Z 57 -29.08 8.27 40.86
N ARG Z 58 -28.92 9.09 41.89
CA ARG Z 58 -27.61 9.23 42.53
C ARG Z 58 -27.20 7.94 43.23
N GLY Z 59 -28.15 7.26 43.86
CA GLY Z 59 -27.84 5.99 44.50
C GLY Z 59 -27.45 4.91 43.51
N LEU Z 60 -28.09 4.87 42.34
CA LEU Z 60 -27.71 3.90 41.34
C LEU Z 60 -26.29 4.15 40.84
N GLU Z 61 -25.91 5.42 40.70
CA GLU Z 61 -24.52 5.72 40.31
C GLU Z 61 -23.53 5.15 41.33
N VAL Z 62 -23.74 5.45 42.61
CA VAL Z 62 -22.81 4.95 43.63
C VAL Z 62 -22.84 3.41 43.70
N GLY Z 63 -24.00 2.81 43.48
CA GLY Z 63 -24.10 1.36 43.54
C GLY Z 63 -23.32 0.66 42.44
N MET Z 64 -23.33 1.23 41.23
CA MET Z 64 -22.49 0.70 40.17
C MET Z 64 -21.01 0.83 40.51
N ARG Z 65 -20.63 1.91 41.19
CA ARG Z 65 -19.24 1.99 41.64
C ARG Z 65 -18.90 0.85 42.60
N ASN Z 66 -19.77 0.58 43.58
CA ASN Z 66 -19.53 -0.54 44.51
C ASN Z 66 -19.47 -1.89 43.79
N ALA Z 67 -20.33 -2.08 42.79
CA ALA Z 67 -20.32 -3.34 42.05
C ALA Z 67 -19.01 -3.55 41.31
N ASN Z 68 -18.45 -2.48 40.77
CA ASN Z 68 -17.18 -2.62 40.08
C ASN Z 68 -16.05 -2.91 41.06
N ASP Z 69 -16.13 -2.35 42.28
CA ASP Z 69 -15.20 -2.73 43.34
C ASP Z 69 -15.25 -4.23 43.65
N ALA Z 70 -16.45 -4.78 43.76
CA ALA Z 70 -16.59 -6.21 44.01
C ALA Z 70 -15.99 -7.05 42.88
N ILE Z 71 -16.22 -6.63 41.63
CA ILE Z 71 -15.64 -7.36 40.50
C ILE Z 71 -14.12 -7.34 40.57
N SER Z 72 -13.54 -6.20 40.97
CA SER Z 72 -12.09 -6.10 41.12
C SER Z 72 -11.55 -7.10 42.14
N ILE Z 73 -12.17 -7.14 43.32
CA ILE Z 73 -11.71 -8.07 44.37
C ILE Z 73 -11.76 -9.51 43.87
N ALA Z 74 -12.90 -9.91 43.29
CA ALA Z 74 -13.05 -11.29 42.83
C ALA Z 74 -12.04 -11.63 41.75
N GLN Z 75 -11.75 -10.67 40.87
CA GLN Z 75 -10.82 -10.91 39.78
C GLN Z 75 -9.39 -11.11 40.28
N ILE Z 76 -8.97 -10.33 41.28
CA ILE Z 76 -7.63 -10.52 41.86
C ILE Z 76 -7.51 -11.89 42.51
N ALA Z 77 -8.49 -12.26 43.34
CA ALA Z 77 -8.39 -13.56 44.03
C ALA Z 77 -8.40 -14.73 43.05
N GLU Z 78 -9.31 -14.68 42.07
CA GLU Z 78 -9.40 -15.72 41.07
C GLU Z 78 -8.12 -15.86 40.27
N GLY Z 79 -7.45 -14.73 39.96
CA GLY Z 79 -6.19 -14.82 39.26
C GLY Z 79 -5.07 -15.39 40.10
N ALA Z 80 -5.10 -15.13 41.41
CA ALA Z 80 -4.10 -15.71 42.31
C ALA Z 80 -4.19 -17.22 42.37
N MET Z 81 -5.40 -17.79 42.30
CA MET Z 81 -5.52 -19.25 42.46
C MET Z 81 -4.96 -20.07 41.28
N GLN Z 82 -4.73 -19.44 40.13
CA GLN Z 82 -4.25 -20.16 38.94
C GLN Z 82 -2.81 -20.64 39.10
N GLU Z 83 -1.94 -19.80 39.67
CA GLU Z 83 -0.56 -20.23 39.92
C GLU Z 83 -0.49 -21.36 40.93
N GLN Z 84 -1.39 -21.34 41.91
CA GLN Z 84 -1.47 -22.44 42.88
C GLN Z 84 -1.83 -23.75 42.19
N THR Z 85 -2.84 -23.72 41.31
CA THR Z 85 -3.17 -24.89 40.50
C THR Z 85 -1.96 -25.39 39.72
N ASN Z 86 -1.23 -24.45 39.10
CA ASN Z 86 -0.08 -24.81 38.27
C ASN Z 86 1.00 -25.53 39.08
N MET Z 87 1.30 -25.00 40.27
CA MET Z 87 2.32 -25.62 41.11
C MET Z 87 1.86 -26.99 41.63
N LEU Z 88 0.57 -27.14 41.92
CA LEU Z 88 0.08 -28.46 42.33
C LEU Z 88 0.23 -29.49 41.22
N GLN Z 89 -0.01 -29.10 39.96
CA GLN Z 89 0.24 -30.02 38.85
C GLN Z 89 1.70 -30.43 38.79
N ARG Z 90 2.61 -29.49 39.00
CA ARG Z 90 4.03 -29.83 39.01
C ARG Z 90 4.36 -30.83 40.13
N MET Z 91 3.82 -30.61 41.33
CA MET Z 91 4.06 -31.56 42.43
C MET Z 91 3.49 -32.94 42.12
N ARG Z 92 2.34 -33.00 41.44
CA ARG Z 92 1.81 -34.29 41.02
C ARG Z 92 2.77 -35.04 40.10
N ASP Z 93 3.39 -34.33 39.16
CA ASP Z 93 4.38 -34.97 38.30
C ASP Z 93 5.58 -35.47 39.09
N LEU Z 94 6.06 -34.67 40.05
CA LEU Z 94 7.18 -35.12 40.88
C LEU Z 94 6.83 -36.35 41.70
N THR Z 95 5.60 -36.43 42.19
CA THR Z 95 5.18 -37.59 42.96
C THR Z 95 5.08 -38.84 42.10
N VAL Z 96 4.55 -38.71 40.88
CA VAL Z 96 4.53 -39.86 39.97
C VAL Z 96 5.94 -40.30 39.64
N GLN Z 97 6.87 -39.35 39.52
CA GLN Z 97 8.26 -39.70 39.22
C GLN Z 97 8.94 -40.40 40.39
N SER Z 98 8.49 -40.16 41.63
CA SER Z 98 9.07 -40.86 42.77
C SER Z 98 8.80 -42.37 42.76
N GLU Z 99 7.80 -42.83 42.04
CA GLU Z 99 7.44 -44.26 41.99
C GLU Z 99 8.21 -44.99 40.90
N ASN Z 100 9.53 -45.07 41.03
CA ASN Z 100 10.39 -45.61 40.00
C ASN Z 100 11.43 -46.49 40.67
N GLY Z 101 11.39 -47.79 40.38
CA GLY Z 101 12.28 -48.72 41.06
C GLY Z 101 13.74 -48.58 40.73
N ALA Z 102 14.12 -47.49 40.06
CA ALA Z 102 15.51 -47.20 39.79
C ALA Z 102 16.02 -45.99 40.57
N ASN Z 103 15.12 -45.27 41.22
CA ASN Z 103 15.53 -44.16 42.08
C ASN Z 103 16.24 -44.70 43.32
N SER Z 104 17.17 -43.91 43.84
CA SER Z 104 17.82 -44.19 45.11
C SER Z 104 17.48 -43.06 46.09
N SER Z 105 18.07 -43.12 47.28
CA SER Z 105 17.70 -42.17 48.32
C SER Z 105 18.10 -40.74 47.96
N ALA Z 106 19.20 -40.57 47.23
CA ALA Z 106 19.61 -39.24 46.83
C ALA Z 106 18.65 -38.64 45.81
N ASP Z 107 18.19 -39.45 44.85
CA ASP Z 107 17.22 -38.96 43.87
C ASP Z 107 15.90 -38.61 44.54
N LEU Z 108 15.47 -39.44 45.49
CA LEU Z 108 14.25 -39.15 46.25
C LEU Z 108 14.39 -37.86 47.04
N SER Z 109 15.58 -37.60 47.59
CA SER Z 109 15.80 -36.36 48.32
C SER Z 109 15.75 -35.15 47.40
N ALA Z 110 16.27 -35.28 46.18
CA ALA Z 110 16.18 -34.18 45.22
C ALA Z 110 14.73 -33.87 44.84
N LEU Z 111 13.97 -34.92 44.50
CA LEU Z 111 12.55 -34.76 44.20
C LEU Z 111 11.82 -34.09 45.35
N LYS Z 112 12.08 -34.52 46.60
CA LYS Z 112 11.36 -33.95 47.72
C LYS Z 112 11.78 -32.51 48.02
N ALA Z 113 13.05 -32.16 47.78
CA ALA Z 113 13.46 -30.77 47.96
C ALA Z 113 12.68 -29.85 47.03
N GLU Z 114 12.47 -30.27 45.79
CA GLU Z 114 11.67 -29.41 44.92
C GLU Z 114 10.21 -29.37 45.35
N MET Z 115 9.65 -30.49 45.82
CA MET Z 115 8.29 -30.46 46.37
C MET Z 115 8.15 -29.46 47.49
N ASP Z 116 9.12 -29.42 48.41
CA ASP Z 116 9.04 -28.48 49.53
C ASP Z 116 9.11 -27.04 49.06
N GLN Z 117 9.97 -26.73 48.09
CA GLN Z 117 9.98 -25.36 47.59
C GLN Z 117 8.65 -24.97 46.97
N LEU Z 118 8.00 -25.90 46.24
CA LEU Z 118 6.70 -25.58 45.66
C LEU Z 118 5.63 -25.36 46.73
N ALA Z 119 5.66 -26.14 47.80
CA ALA Z 119 4.69 -25.94 48.88
C ALA Z 119 4.93 -24.59 49.58
N ASN Z 120 6.19 -24.19 49.73
CA ASN Z 120 6.49 -22.86 50.27
C ASN Z 120 5.93 -21.75 49.40
N GLU Z 121 6.04 -21.89 48.07
CA GLU Z 121 5.47 -20.85 47.22
C GLU Z 121 3.95 -20.84 47.24
N ILE Z 122 3.30 -22.00 47.36
CA ILE Z 122 1.85 -22.02 47.55
C ILE Z 122 1.46 -21.27 48.82
N ASP Z 123 2.20 -21.50 49.91
CA ASP Z 123 1.90 -20.76 51.14
C ASP Z 123 2.14 -19.27 50.99
N GLU Z 124 3.21 -18.88 50.30
CA GLU Z 124 3.49 -17.46 50.11
C GLU Z 124 2.38 -16.77 49.33
N ILE Z 125 1.92 -17.38 48.23
CA ILE Z 125 0.79 -16.80 47.49
C ILE Z 125 -0.44 -16.72 48.39
N GLY Z 126 -0.63 -17.72 49.25
CA GLY Z 126 -1.77 -17.68 50.15
C GLY Z 126 -1.75 -16.52 51.12
N LYS Z 127 -0.58 -16.17 51.64
CA LYS Z 127 -0.53 -15.10 52.63
C LYS Z 127 -0.25 -13.72 52.03
N THR Z 128 0.13 -13.63 50.77
CA THR Z 128 0.63 -12.38 50.22
C THR Z 128 -0.43 -11.60 49.44
N THR Z 129 -1.38 -12.30 48.82
CA THR Z 129 -2.35 -11.65 47.94
C THR Z 129 -3.20 -10.63 48.68
N ALA Z 130 -3.32 -9.44 48.11
CA ALA Z 130 -3.97 -8.33 48.79
C ALA Z 130 -4.66 -7.41 47.79
N PHE Z 131 -5.60 -6.63 48.30
CA PHE Z 131 -6.18 -5.47 47.61
C PHE Z 131 -5.70 -4.24 48.35
N GLY Z 132 -4.59 -3.67 47.89
CA GLY Z 132 -3.95 -2.61 48.63
C GLY Z 132 -3.27 -3.16 49.85
N THR Z 133 -3.94 -3.11 50.99
CA THR Z 133 -3.39 -3.63 52.23
C THR Z 133 -4.28 -4.68 52.91
N THR Z 134 -5.44 -5.00 52.36
CA THR Z 134 -6.30 -6.01 52.97
C THR Z 134 -6.05 -7.37 52.32
N LYS Z 135 -5.88 -8.40 53.14
CA LYS Z 135 -5.58 -9.72 52.63
C LYS Z 135 -6.84 -10.41 52.13
N LEU Z 136 -6.70 -11.20 51.07
CA LEU Z 136 -7.85 -11.84 50.44
C LEU Z 136 -7.89 -13.35 50.63
N LEU Z 137 -6.76 -14.04 50.63
CA LEU Z 137 -6.78 -15.50 50.71
C LEU Z 137 -6.37 -16.03 52.07
N ALA Z 138 -6.48 -15.24 53.13
CA ALA Z 138 -6.03 -15.68 54.44
C ALA Z 138 -7.16 -16.06 55.38
N GLY Z 139 -8.41 -15.79 55.00
CA GLY Z 139 -9.56 -16.10 55.83
C GLY Z 139 -10.39 -14.91 56.24
N GLY Z 140 -10.09 -13.69 55.78
CA GLY Z 140 -10.88 -12.54 56.14
C GLY Z 140 -12.19 -12.41 55.41
N PHE Z 141 -12.34 -13.11 54.28
CA PHE Z 141 -13.59 -13.15 53.53
C PHE Z 141 -14.31 -14.48 53.68
N SER Z 142 -13.90 -15.32 54.64
CA SER Z 142 -14.50 -16.65 54.79
C SER Z 142 -15.98 -16.57 55.07
N ALA Z 143 -16.39 -15.65 55.94
CA ALA Z 143 -17.76 -15.16 55.96
C ALA Z 143 -17.77 -13.88 55.13
N GLY Z 144 -18.57 -13.87 54.06
CA GLY Z 144 -18.39 -12.87 53.03
C GLY Z 144 -18.63 -11.45 53.52
N LYS Z 145 -18.24 -10.50 52.68
CA LYS Z 145 -18.51 -9.09 52.88
C LYS Z 145 -19.59 -8.64 51.91
N ASN Z 146 -20.39 -7.66 52.32
CA ASN Z 146 -21.48 -7.16 51.49
C ASN Z 146 -21.08 -5.87 50.80
N PHE Z 147 -21.52 -5.74 49.55
CA PHE Z 147 -21.41 -4.51 48.78
C PHE Z 147 -22.82 -4.09 48.42
N GLN Z 148 -23.21 -2.88 48.79
CA GLN Z 148 -24.54 -2.40 48.45
C GLN Z 148 -24.53 -1.94 46.99
N VAL Z 149 -25.24 -2.68 46.13
CA VAL Z 149 -25.21 -2.41 44.70
C VAL Z 149 -26.45 -1.67 44.22
N GLY Z 150 -27.34 -1.26 45.11
CA GLY Z 150 -28.51 -0.49 44.76
C GLY Z 150 -28.61 0.80 45.55
N ALA Z 151 -29.75 1.46 45.39
CA ALA Z 151 -29.98 2.74 46.04
C ALA Z 151 -30.61 2.59 47.42
N GLN Z 152 -31.26 1.47 47.70
CA GLN Z 152 -31.97 1.27 48.96
C GLN Z 152 -31.25 0.24 49.82
N ASP Z 153 -31.54 0.29 51.11
CA ASP Z 153 -30.92 -0.61 52.06
C ASP Z 153 -31.37 -2.05 51.87
N GLY Z 154 -30.41 -2.97 51.92
CA GLY Z 154 -30.69 -4.37 51.76
C GLY Z 154 -30.48 -4.91 50.37
N GLU Z 155 -30.24 -4.04 49.39
CA GLU Z 155 -29.99 -4.44 48.02
C GLU Z 155 -28.48 -4.57 47.83
N ASP Z 156 -27.98 -5.78 48.06
CA ASP Z 156 -26.55 -5.99 48.14
C ASP Z 156 -26.16 -7.42 47.82
N ILE Z 157 -24.88 -7.60 47.51
CA ILE Z 157 -24.32 -8.86 47.04
C ILE Z 157 -23.15 -9.22 47.96
N LYS Z 158 -23.00 -10.50 48.26
CA LYS Z 158 -22.01 -10.99 49.21
C LYS Z 158 -20.89 -11.72 48.47
N VAL Z 159 -19.64 -11.36 48.77
CA VAL Z 159 -18.46 -11.97 48.15
C VAL Z 159 -17.73 -12.79 49.20
N THR Z 160 -17.58 -14.09 48.93
CA THR Z 160 -17.04 -15.04 49.89
C THR Z 160 -15.78 -15.68 49.31
N VAL Z 161 -14.69 -15.65 50.07
CA VAL Z 161 -13.44 -16.33 49.70
C VAL Z 161 -12.92 -17.04 50.93
N LYS Z 162 -12.60 -18.32 50.80
CA LYS Z 162 -12.04 -19.08 51.90
C LYS Z 162 -10.51 -19.07 51.82
N ALA Z 163 -9.88 -19.49 52.91
CA ALA Z 163 -8.42 -19.50 52.97
C ALA Z 163 -7.86 -20.63 52.12
N SER Z 164 -6.80 -20.34 51.38
CA SER Z 164 -6.13 -21.34 50.54
C SER Z 164 -4.63 -21.16 50.67
N ASN Z 165 -4.01 -22.12 51.36
CA ASN Z 165 -2.58 -22.11 51.67
C ASN Z 165 -2.19 -23.56 51.94
N LYS Z 166 -0.90 -23.79 52.20
CA LYS Z 166 -0.46 -25.18 52.28
C LYS Z 166 -0.97 -25.87 53.53
N SER Z 167 -1.57 -25.13 54.46
CA SER Z 167 -2.06 -25.75 55.69
C SER Z 167 -3.52 -26.15 55.55
N SER Z 168 -4.32 -25.32 54.89
CA SER Z 168 -5.73 -25.64 54.70
C SER Z 168 -5.93 -26.62 53.55
N LEU Z 169 -4.99 -26.68 52.62
CA LEU Z 169 -5.05 -27.64 51.52
C LEU Z 169 -4.43 -28.98 51.87
N SER Z 170 -3.84 -29.11 53.05
CA SER Z 170 -3.26 -30.36 53.55
C SER Z 170 -2.11 -30.87 52.69
N VAL Z 171 -1.33 -29.96 52.08
CA VAL Z 171 -0.16 -30.35 51.29
C VAL Z 171 1.13 -29.92 51.95
N GLY Z 172 1.10 -29.52 53.22
CA GLY Z 172 2.27 -28.99 53.88
C GLY Z 172 3.18 -30.01 54.53
N SER Z 173 2.89 -31.30 54.39
CA SER Z 173 3.73 -32.33 55.00
C SER Z 173 3.69 -33.62 54.18
N LEU Z 174 4.15 -33.57 52.94
CA LEU Z 174 4.05 -34.73 52.05
C LEU Z 174 5.38 -35.46 52.03
N GLY Z 175 5.31 -36.78 51.92
CA GLY Z 175 6.50 -37.60 51.88
C GLY Z 175 6.52 -38.46 50.64
N ASN Z 176 7.69 -38.99 50.33
CA ASN Z 176 7.85 -39.82 49.15
C ASN Z 176 8.82 -40.96 49.37
N THR Z 177 9.16 -41.29 50.61
CA THR Z 177 10.21 -42.26 50.87
C THR Z 177 9.69 -43.69 50.98
N THR Z 178 8.38 -43.86 51.02
CA THR Z 178 7.74 -45.16 51.16
C THR Z 178 6.55 -45.24 50.23
N SER Z 179 6.19 -46.46 49.81
CA SER Z 179 5.09 -46.67 48.89
C SER Z 179 3.78 -46.07 49.41
N ALA Z 180 3.47 -46.28 50.69
CA ALA Z 180 2.25 -45.74 51.26
C ALA Z 180 2.30 -44.22 51.34
N ALA Z 181 3.48 -43.66 51.56
CA ALA Z 181 3.61 -42.21 51.60
C ALA Z 181 3.35 -41.60 50.23
N ARG Z 182 3.81 -42.26 49.16
CA ARG Z 182 3.53 -41.79 47.82
C ARG Z 182 2.04 -41.87 47.49
N ALA Z 183 1.39 -42.97 47.86
CA ALA Z 183 -0.05 -43.08 47.64
C ALA Z 183 -0.81 -41.97 48.35
N SER Z 184 -0.45 -41.72 49.61
CA SER Z 184 -1.12 -40.68 50.38
C SER Z 184 -0.90 -39.30 49.76
N SER Z 185 0.33 -39.02 49.31
CA SER Z 185 0.61 -37.72 48.70
C SER Z 185 -0.17 -37.53 47.42
N LEU Z 186 -0.28 -38.58 46.61
CA LEU Z 186 -1.08 -38.47 45.38
C LEU Z 186 -2.53 -38.12 45.70
N LYS Z 187 -3.13 -38.81 46.67
CA LYS Z 187 -4.52 -38.52 47.00
C LYS Z 187 -4.71 -37.10 47.49
N LYS Z 188 -3.82 -36.61 48.35
CA LYS Z 188 -4.02 -35.25 48.86
C LYS Z 188 -3.77 -34.18 47.80
N ILE Z 189 -2.83 -34.38 46.88
CA ILE Z 189 -2.66 -33.40 45.81
C ILE Z 189 -3.91 -33.35 44.92
N ASP Z 190 -4.48 -34.51 44.59
CA ASP Z 190 -5.70 -34.51 43.78
C ASP Z 190 -6.84 -33.81 44.49
N ALA Z 191 -6.98 -34.04 45.80
CA ALA Z 191 -8.04 -33.37 46.55
C ALA Z 191 -7.85 -31.85 46.55
N ALA Z 192 -6.60 -31.38 46.69
CA ALA Z 192 -6.35 -29.94 46.69
C ALA Z 192 -6.72 -29.31 45.36
N ILE Z 193 -6.38 -29.98 44.26
CA ILE Z 193 -6.79 -29.47 42.95
C ILE Z 193 -8.31 -29.34 42.88
N LYS Z 194 -9.02 -30.33 43.41
CA LYS Z 194 -10.49 -30.27 43.40
C LYS Z 194 -11.01 -29.06 44.18
N THR Z 195 -10.48 -28.80 45.38
CA THR Z 195 -11.04 -27.70 46.17
C THR Z 195 -10.76 -26.35 45.53
N ILE Z 196 -9.57 -26.18 44.92
CA ILE Z 196 -9.33 -24.92 44.22
C ILE Z 196 -10.29 -24.76 43.05
N ASP Z 197 -10.56 -25.83 42.31
CA ASP Z 197 -11.56 -25.73 41.24
C ASP Z 197 -12.91 -25.24 41.76
N ALA Z 198 -13.36 -25.76 42.90
CA ALA Z 198 -14.66 -25.34 43.42
C ALA Z 198 -14.67 -23.85 43.78
N GLN Z 199 -13.60 -23.38 44.43
CA GLN Z 199 -13.53 -21.95 44.75
C GLN Z 199 -13.57 -21.07 43.50
N ARG Z 200 -12.82 -21.47 42.47
CA ARG Z 200 -12.80 -20.68 41.24
C ARG Z 200 -14.16 -20.66 40.57
N ALA Z 201 -14.88 -21.78 40.64
CA ALA Z 201 -16.24 -21.82 40.10
C ALA Z 201 -17.15 -20.80 40.76
N ASP Z 202 -17.14 -20.75 42.09
CA ASP Z 202 -18.00 -19.78 42.78
C ASP Z 202 -17.62 -18.33 42.46
N LEU Z 203 -16.33 -18.03 42.38
CA LEU Z 203 -15.95 -16.65 42.04
C LEU Z 203 -16.39 -16.28 40.62
N GLY Z 204 -16.30 -17.22 39.68
CA GLY Z 204 -16.78 -16.95 38.33
C GLY Z 204 -18.27 -16.68 38.27
N ALA Z 205 -19.05 -17.47 39.00
CA ALA Z 205 -20.49 -17.21 39.07
C ALA Z 205 -20.78 -15.81 39.61
N ILE Z 206 -20.06 -15.40 40.66
CA ILE Z 206 -20.25 -14.06 41.21
C ILE Z 206 -19.97 -12.98 40.17
N GLN Z 207 -18.90 -13.15 39.38
CA GLN Z 207 -18.58 -12.13 38.38
C GLN Z 207 -19.66 -12.02 37.30
N ASN Z 208 -20.17 -13.16 36.84
CA ASN Z 208 -21.26 -13.13 35.85
C ASN Z 208 -22.48 -12.39 36.40
N ARG Z 209 -22.86 -12.72 37.64
CA ARG Z 209 -23.99 -12.06 38.28
C ARG Z 209 -23.81 -10.55 38.36
N LEU Z 210 -22.61 -10.10 38.75
CA LEU Z 210 -22.38 -8.66 38.87
C LEU Z 210 -22.43 -7.97 37.52
N ALA Z 211 -22.01 -8.64 36.46
CA ALA Z 211 -22.11 -8.07 35.12
C ALA Z 211 -23.58 -7.80 34.74
N HIS Z 212 -24.43 -8.81 34.90
CA HIS Z 212 -25.86 -8.61 34.64
C HIS Z 212 -26.45 -7.49 35.48
N ASN Z 213 -26.06 -7.40 36.75
CA ASN Z 213 -26.64 -6.40 37.63
C ASN Z 213 -26.24 -4.98 37.21
N ILE Z 214 -24.98 -4.79 36.81
CA ILE Z 214 -24.55 -3.47 36.35
C ILE Z 214 -25.29 -3.06 35.08
N SER Z 215 -25.49 -4.02 34.16
CA SER Z 215 -26.24 -3.72 32.94
C SER Z 215 -27.65 -3.25 33.25
N ASN Z 216 -28.33 -3.95 34.17
CA ASN Z 216 -29.69 -3.57 34.52
C ASN Z 216 -29.72 -2.19 35.20
N SER Z 217 -28.72 -1.87 36.01
CA SER Z 217 -28.71 -0.56 36.66
C SER Z 217 -28.50 0.57 35.66
N ALA Z 218 -27.68 0.36 34.64
CA ALA Z 218 -27.52 1.37 33.59
C ALA Z 218 -28.83 1.63 32.87
N ASN Z 219 -29.52 0.55 32.46
CA ASN Z 219 -30.85 0.71 31.87
C ASN Z 219 -31.77 1.55 32.75
N THR Z 220 -31.88 1.18 34.03
CA THR Z 220 -32.85 1.83 34.89
C THR Z 220 -32.48 3.30 35.13
N GLN Z 221 -31.19 3.59 35.24
CA GLN Z 221 -30.76 4.98 35.37
C GLN Z 221 -31.21 5.82 34.20
N ALA Z 222 -31.01 5.31 32.97
CA ALA Z 222 -31.47 6.06 31.80
C ALA Z 222 -32.98 6.32 31.84
N ASN Z 223 -33.78 5.28 32.14
CA ASN Z 223 -35.24 5.47 32.13
C ASN Z 223 -35.69 6.41 33.23
N VAL Z 224 -35.08 6.35 34.42
CA VAL Z 224 -35.49 7.22 35.51
C VAL Z 224 -35.07 8.66 35.27
N ALA Z 225 -33.92 8.89 34.65
CA ALA Z 225 -33.53 10.26 34.32
C ALA Z 225 -34.46 10.85 33.26
N ASP Z 226 -34.88 10.05 32.28
CA ASP Z 226 -35.95 10.49 31.38
C ASP Z 226 -37.21 10.89 32.13
N ALA Z 227 -37.66 10.04 33.06
CA ALA Z 227 -38.85 10.33 33.84
C ALA Z 227 -38.73 11.64 34.60
N LYS Z 228 -37.57 11.88 35.24
CA LYS Z 228 -37.38 13.11 36.00
C LYS Z 228 -37.34 14.33 35.10
N SER Z 229 -36.71 14.21 33.93
CA SER Z 229 -36.65 15.31 33.00
C SER Z 229 -38.05 15.73 32.55
N ARG Z 230 -38.95 14.76 32.37
CA ARG Z 230 -40.33 15.10 31.99
C ARG Z 230 -41.00 15.98 33.03
N ILE Z 231 -40.55 15.94 34.28
CA ILE Z 231 -41.21 16.70 35.35
C ILE Z 231 -40.50 18.02 35.63
N VAL Z 232 -39.18 18.05 35.62
CA VAL Z 232 -38.44 19.18 36.19
C VAL Z 232 -38.01 20.18 35.13
N ASP Z 233 -37.63 19.73 33.93
CA ASP Z 233 -37.00 20.61 32.95
C ASP Z 233 -38.01 21.48 32.22
N VAL Z 234 -37.51 22.59 31.67
CA VAL Z 234 -38.35 23.55 30.98
C VAL Z 234 -38.42 23.20 29.50
N ASP Z 235 -39.48 23.65 28.85
CA ASP Z 235 -39.66 23.53 27.41
C ASP Z 235 -39.31 24.86 26.77
N PHE Z 236 -38.28 24.87 25.93
CA PHE Z 236 -37.83 26.13 25.33
C PHE Z 236 -38.82 26.65 24.30
N ALA Z 237 -39.39 25.75 23.50
CA ALA Z 237 -40.32 26.15 22.45
C ALA Z 237 -41.54 26.87 23.01
N LYS Z 238 -42.00 26.45 24.18
CA LYS Z 238 -43.17 27.07 24.79
C LYS Z 238 -42.79 28.34 25.55
N GLU Z 239 -41.63 28.33 26.20
CA GLU Z 239 -41.30 29.39 27.13
C GLU Z 239 -40.84 30.63 26.37
N THR Z 240 -40.17 30.45 25.22
CA THR Z 240 -39.82 31.60 24.40
C THR Z 240 -41.06 32.28 23.83
N SER Z 241 -42.08 31.52 23.48
CA SER Z 241 -43.32 32.10 23.00
C SER Z 241 -44.00 32.92 24.07
N GLN Z 242 -44.07 32.38 25.29
CA GLN Z 242 -44.64 33.16 26.39
C GLN Z 242 -43.85 34.45 26.63
N MET Z 243 -42.52 34.37 26.54
CA MET Z 243 -41.70 35.56 26.75
C MET Z 243 -42.03 36.65 25.73
N THR Z 244 -42.10 36.28 24.45
CA THR Z 244 -42.40 37.28 23.41
C THR Z 244 -43.78 37.88 23.59
N LYS Z 245 -44.77 37.07 23.95
CA LYS Z 245 -46.10 37.60 24.20
C LYS Z 245 -46.08 38.65 25.30
N ASN Z 246 -45.39 38.37 26.41
CA ASN Z 246 -45.38 39.33 27.51
C ASN Z 246 -44.57 40.59 27.17
N GLN Z 247 -43.55 40.47 26.34
CA GLN Z 247 -42.84 41.65 25.83
C GLN Z 247 -43.79 42.60 25.11
N VAL Z 248 -44.55 42.06 24.14
CA VAL Z 248 -45.47 42.91 23.39
C VAL Z 248 -46.52 43.52 24.32
N LEU Z 249 -47.03 42.74 25.27
CA LEU Z 249 -48.02 43.29 26.19
C LEU Z 249 -47.44 44.40 27.06
N GLN Z 250 -46.18 44.29 27.44
CA GLN Z 250 -45.55 45.37 28.20
C GLN Z 250 -45.51 46.66 27.40
N GLN Z 251 -45.10 46.57 26.13
CA GLN Z 251 -45.04 47.80 25.33
C GLN Z 251 -46.42 48.41 25.13
N THR Z 252 -47.44 47.57 24.89
CA THR Z 252 -48.80 48.08 24.73
C THR Z 252 -49.33 48.72 26.00
N GLY Z 253 -49.10 48.07 27.15
CA GLY Z 253 -49.59 48.61 28.40
C GLY Z 253 -48.89 49.89 28.80
N SER Z 254 -47.60 50.00 28.50
CA SER Z 254 -46.89 51.25 28.73
C SER Z 254 -47.49 52.38 27.90
N ALA Z 255 -47.70 52.15 26.60
CA ALA Z 255 -48.32 53.17 25.77
C ALA Z 255 -49.70 53.57 26.29
N MET Z 256 -50.48 52.58 26.74
CA MET Z 256 -51.85 52.87 27.15
C MET Z 256 -51.89 53.64 28.46
N LEU Z 257 -50.96 53.34 29.37
CA LEU Z 257 -50.90 54.09 30.63
C LEU Z 257 -50.42 55.52 30.40
N ALA Z 258 -49.44 55.70 29.51
CA ALA Z 258 -48.99 57.05 29.20
C ALA Z 258 -50.11 57.87 28.58
N GLN Z 259 -50.95 57.24 27.74
CA GLN Z 259 -52.09 57.95 27.19
C GLN Z 259 -53.18 58.18 28.23
N ALA Z 260 -53.26 57.31 29.24
CA ALA Z 260 -54.29 57.44 30.25
C ALA Z 260 -54.00 58.58 31.21
N ASN Z 261 -52.73 58.85 31.50
CA ASN Z 261 -52.41 59.95 32.41
C ASN Z 261 -52.68 61.33 31.84
N GLN Z 262 -53.14 61.46 30.60
CA GLN Z 262 -53.44 62.77 30.02
C GLN Z 262 -54.93 63.10 30.00
N LEU Z 263 -55.77 62.36 30.72
CA LEU Z 263 -57.21 62.62 30.67
C LEU Z 263 -57.66 63.85 31.46
N PRO Z 264 -57.07 64.21 32.60
CA PRO Z 264 -57.56 65.40 33.31
C PRO Z 264 -57.33 66.72 32.57
N GLN Z 265 -56.81 66.71 31.35
CA GLN Z 265 -56.56 67.96 30.65
C GLN Z 265 -57.75 68.46 29.85
N VAL Z 266 -58.89 67.78 29.88
CA VAL Z 266 -60.08 68.31 29.25
C VAL Z 266 -60.64 69.46 30.06
N ALA Z 267 -60.40 69.45 31.38
CA ALA Z 267 -60.88 70.51 32.25
C ALA Z 267 -60.27 71.85 31.89
N LEU Z 268 -58.97 71.85 31.55
CA LEU Z 268 -58.33 73.09 31.13
C LEU Z 268 -58.99 73.66 29.88
N SER Z 269 -59.48 72.79 28.99
CA SER Z 269 -60.24 73.26 27.85
C SER Z 269 -61.56 73.89 28.27
N LEU Z 270 -62.28 73.24 29.19
CA LEU Z 270 -63.53 73.83 29.66
C LEU Z 270 -63.28 75.10 30.46
N LEU Z 271 -62.08 75.26 30.99
CA LEU Z 271 -61.81 76.35 31.92
C LEU Z 271 -61.27 77.58 31.21
N ALA AA 1 -97.36 106.65 43.14
CA ALA AA 1 -96.80 107.80 43.86
C ALA AA 1 -95.38 108.10 43.40
N ILE AA 2 -94.98 109.35 43.54
CA ILE AA 2 -93.62 109.78 43.24
C ILE AA 2 -92.99 110.20 44.57
N THR AA 3 -92.16 109.33 45.14
CA THR AA 3 -91.60 109.56 46.47
C THR AA 3 -90.09 109.56 46.41
N VAL AA 4 -89.48 110.22 47.39
CA VAL AA 4 -88.02 110.35 47.44
C VAL AA 4 -87.44 109.60 48.63
N ASN AA 5 -88.22 109.40 49.69
CA ASN AA 5 -87.66 108.94 50.96
C ASN AA 5 -87.48 107.44 51.02
N THR AA 6 -88.15 106.67 50.17
CA THR AA 6 -88.05 105.21 50.18
C THR AA 6 -88.06 104.72 48.75
N ASN AA 7 -87.22 103.74 48.45
CA ASN AA 7 -87.07 103.23 47.09
C ASN AA 7 -87.05 101.70 47.21
N VAL AA 8 -88.12 101.06 46.75
CA VAL AA 8 -88.29 99.62 46.98
C VAL AA 8 -87.67 98.83 45.84
N THR AA 9 -87.72 99.37 44.62
CA THR AA 9 -87.08 98.73 43.49
C THR AA 9 -85.59 98.54 43.74
N SER AA 10 -84.96 99.53 44.39
CA SER AA 10 -83.54 99.42 44.71
C SER AA 10 -83.29 98.30 45.72
N LEU AA 11 -84.17 98.17 46.72
CA LEU AA 11 -84.02 97.10 47.70
C LEU AA 11 -84.08 95.74 47.05
N LYS AA 12 -85.04 95.55 46.15
CA LYS AA 12 -85.18 94.25 45.50
C LYS AA 12 -84.01 93.96 44.55
N ALA AA 13 -83.54 94.98 43.84
CA ALA AA 13 -82.37 94.81 42.98
C ALA AA 13 -81.14 94.45 43.80
N GLN AA 14 -80.96 95.08 44.96
CA GLN AA 14 -79.86 94.73 45.85
C GLN AA 14 -79.92 93.26 46.24
N LYS AA 15 -81.10 92.77 46.60
CA LYS AA 15 -81.18 91.38 47.03
C LYS AA 15 -80.86 90.41 45.89
N ASN AA 16 -81.37 90.69 44.69
CA ASN AA 16 -81.04 89.82 43.56
C ASN AA 16 -79.53 89.82 43.26
N LEU AA 17 -78.91 91.01 43.28
CA LEU AA 17 -77.48 91.10 42.99
C LEU AA 17 -76.66 90.33 44.02
N ASN AA 18 -77.07 90.39 45.29
CA ASN AA 18 -76.36 89.65 46.33
C ASN AA 18 -76.49 88.15 46.11
N THR AA 19 -77.68 87.67 45.75
CA THR AA 19 -77.86 86.25 45.50
C THR AA 19 -76.96 85.77 44.37
N SER AA 20 -76.90 86.55 43.29
CA SER AA 20 -76.04 86.17 42.16
C SER AA 20 -74.57 86.13 42.56
N ALA AA 21 -74.10 87.12 43.32
CA ALA AA 21 -72.71 87.14 43.74
C ALA AA 21 -72.36 85.94 44.60
N SER AA 22 -73.25 85.58 45.53
CA SER AA 22 -73.01 84.40 46.35
C SER AA 22 -72.88 83.14 45.51
N ASP AA 23 -73.79 82.95 44.54
CA ASP AA 23 -73.72 81.76 43.70
C ASP AA 23 -72.41 81.71 42.92
N LEU AA 24 -71.97 82.85 42.40
CA LEU AA 24 -70.73 82.88 41.63
C LEU AA 24 -69.52 82.53 42.50
N ALA AA 25 -69.48 83.06 43.72
CA ALA AA 25 -68.38 82.73 44.63
C ALA AA 25 -68.34 81.23 44.94
N THR AA 26 -69.50 80.63 45.18
CA THR AA 26 -69.55 79.19 45.44
C THR AA 26 -68.99 78.40 44.26
N SER AA 27 -69.39 78.75 43.04
CA SER AA 27 -68.90 78.05 41.86
C SER AA 27 -67.39 78.20 41.70
N MET AA 28 -66.88 79.41 41.94
CA MET AA 28 -65.44 79.65 41.85
C MET AA 28 -64.67 78.76 42.81
N GLU AA 29 -65.15 78.67 44.05
CA GLU AA 29 -64.53 77.79 45.04
C GLU AA 29 -64.51 76.33 44.56
N ARG AA 30 -65.64 75.86 44.04
CA ARG AA 30 -65.73 74.46 43.62
C ARG AA 30 -64.78 74.16 42.47
N LEU AA 31 -64.63 75.10 41.53
CA LEU AA 31 -63.69 74.89 40.43
C LEU AA 31 -62.24 74.96 40.90
N SER AA 32 -61.95 75.81 41.89
CA SER AA 32 -60.58 75.91 42.38
C SER AA 32 -60.17 74.67 43.15
N SER AA 33 -61.11 74.06 43.88
CA SER AA 33 -60.77 72.93 44.73
C SER AA 33 -60.76 71.61 43.97
N GLY AA 34 -61.72 71.42 43.06
CA GLY AA 34 -61.90 70.15 42.39
C GLY AA 34 -62.85 69.20 43.07
N LEU AA 35 -63.54 69.65 44.12
CA LEU AA 35 -64.43 68.82 44.91
C LEU AA 35 -65.82 69.43 44.95
N ARG AA 36 -66.83 68.56 44.97
CA ARG AA 36 -68.21 69.03 45.09
C ARG AA 36 -68.57 69.33 46.54
N ILE AA 37 -68.06 68.54 47.47
CA ILE AA 37 -68.38 68.67 48.88
C ILE AA 37 -67.17 69.28 49.58
N ASN AA 38 -67.23 70.57 49.87
CA ASN AA 38 -66.19 71.24 50.64
C ASN AA 38 -66.54 71.40 52.11
N SER AA 39 -67.81 71.23 52.48
CA SER AA 39 -68.25 71.37 53.86
C SER AA 39 -69.46 70.46 54.04
N ALA AA 40 -70.05 70.52 55.23
CA ALA AA 40 -71.30 69.79 55.44
C ALA AA 40 -72.51 70.62 55.04
N LYS AA 41 -72.33 71.91 54.79
CA LYS AA 41 -73.34 72.72 54.11
C LYS AA 41 -73.76 72.10 52.79
N ASP AA 42 -72.86 71.38 52.12
CA ASP AA 42 -73.08 70.89 50.77
C ASP AA 42 -73.88 69.59 50.76
N ASP AA 43 -73.35 68.54 51.38
CA ASP AA 43 -74.02 67.25 51.44
C ASP AA 43 -73.52 66.54 52.68
N ALA AA 44 -74.42 66.28 53.63
CA ALA AA 44 -73.99 65.80 54.95
C ALA AA 44 -73.87 64.28 54.97
N ALA AA 45 -74.81 63.58 54.37
CA ALA AA 45 -74.73 62.12 54.33
C ALA AA 45 -73.61 61.63 53.41
N GLY AA 46 -73.40 62.33 52.29
CA GLY AA 46 -72.30 62.00 51.41
C GLY AA 46 -70.95 62.20 52.06
N LEU AA 47 -70.84 63.19 52.94
CA LEU AA 47 -69.61 63.40 53.69
C LEU AA 47 -69.23 62.16 54.51
N ALA AA 48 -70.19 61.59 55.24
CA ALA AA 48 -69.89 60.43 56.06
C ALA AA 48 -69.66 59.18 55.22
N ILE AA 49 -70.47 58.99 54.18
CA ILE AA 49 -70.26 57.85 53.29
C ILE AA 49 -68.87 57.91 52.68
N SER AA 50 -68.42 59.10 52.30
CA SER AA 50 -67.12 59.26 51.68
C SER AA 50 -65.99 59.12 52.68
N ASN AA 51 -66.20 59.53 53.94
CA ASN AA 51 -65.21 59.25 54.96
C ASN AA 51 -64.99 57.75 55.14
N ARG AA 52 -66.08 56.97 55.14
CA ARG AA 52 -65.93 55.52 55.28
C ARG AA 52 -65.25 54.90 54.05
N LEU AA 53 -65.63 55.34 52.85
CA LEU AA 53 -64.97 54.82 51.66
C LEU AA 53 -63.49 55.18 51.62
N ASN AA 54 -63.16 56.36 52.15
CA ASN AA 54 -61.77 56.79 52.22
C ASN AA 54 -60.97 55.91 53.17
N SER AA 55 -61.54 55.61 54.34
CA SER AA 55 -60.91 54.64 55.24
C SER AA 55 -60.64 53.31 54.54
N GLN AA 56 -61.62 52.84 53.75
CA GLN AA 56 -61.44 51.56 53.08
C GLN AA 56 -60.31 51.59 52.06
N VAL AA 57 -60.25 52.65 51.24
CA VAL AA 57 -59.19 52.75 50.23
C VAL AA 57 -57.82 52.75 50.89
N ARG AA 58 -57.66 53.58 51.93
CA ARG AA 58 -56.37 53.72 52.58
C ARG AA 58 -55.96 52.42 53.28
N GLY AA 59 -56.92 51.75 53.91
CA GLY AA 59 -56.63 50.48 54.54
C GLY AA 59 -56.22 49.40 53.57
N LEU AA 60 -56.85 49.37 52.40
CA LEU AA 60 -56.45 48.38 51.39
C LEU AA 60 -55.03 48.63 50.92
N GLU AA 61 -54.64 49.89 50.78
CA GLU AA 61 -53.25 50.20 50.41
C GLU AA 61 -52.27 49.63 51.45
N VAL AA 62 -52.50 49.92 52.73
CA VAL AA 62 -51.59 49.43 53.75
C VAL AA 62 -51.62 47.89 53.83
N GLY AA 63 -52.78 47.29 53.59
CA GLY AA 63 -52.87 45.84 53.65
C GLY AA 63 -52.09 45.15 52.56
N MET AA 64 -52.08 45.72 51.36
CA MET AA 64 -51.21 45.18 50.30
C MET AA 64 -49.75 45.30 50.67
N ARG AA 65 -49.37 46.38 51.35
CA ARG AA 65 -48.00 46.47 51.83
C ARG AA 65 -47.66 45.33 52.80
N ASN AA 66 -48.56 45.06 53.75
CA ASN AA 66 -48.33 43.95 54.69
C ASN AA 66 -48.26 42.60 53.97
N ALA AA 67 -49.11 42.40 52.97
CA ALA AA 67 -49.08 41.14 52.23
C ALA AA 67 -47.76 40.93 51.51
N ASN AA 68 -47.19 42.01 50.98
CA ASN AA 68 -45.90 41.86 50.30
C ASN AA 68 -44.79 41.56 51.30
N ASP AA 69 -44.89 42.13 52.51
CA ASP AA 69 -43.98 41.75 53.60
C ASP AA 69 -44.03 40.25 53.91
N ALA AA 70 -45.24 39.70 53.99
CA ALA AA 70 -45.38 38.26 54.24
C ALA AA 70 -44.77 37.43 53.12
N ILE AA 71 -44.97 37.84 51.87
CA ILE AA 71 -44.38 37.11 50.75
C ILE AA 71 -42.87 37.13 50.84
N SER AA 72 -42.29 38.27 51.25
CA SER AA 72 -40.85 38.37 51.42
C SER AA 72 -40.31 37.38 52.45
N ILE AA 73 -40.95 37.33 53.62
CA ILE AA 73 -40.52 36.41 54.67
C ILE AA 73 -40.55 34.97 54.18
N ALA AA 74 -41.68 34.57 53.59
CA ALA AA 74 -41.83 33.19 53.13
C ALA AA 74 -40.80 32.84 52.06
N GLN AA 75 -40.50 33.79 51.19
CA GLN AA 75 -39.55 33.55 50.10
C GLN AA 75 -38.13 33.35 50.63
N ILE AA 76 -37.72 34.14 51.63
CA ILE AA 76 -36.40 33.95 52.23
C ILE AA 76 -36.28 32.57 52.89
N ALA AA 77 -37.27 32.20 53.71
CA ALA AA 77 -37.18 30.91 54.39
C ALA AA 77 -37.19 29.74 53.41
N GLU AA 78 -38.08 29.79 52.42
CA GLU AA 78 -38.15 28.74 51.42
C GLU AA 78 -36.86 28.61 50.65
N GLY AA 79 -36.20 29.73 50.34
CA GLY AA 79 -34.92 29.64 49.65
C GLY AA 79 -33.82 29.06 50.52
N ALA AA 80 -33.86 29.34 51.82
CA ALA AA 80 -32.88 28.75 52.73
C ALA AA 80 -32.97 27.23 52.80
N MET AA 81 -34.18 26.67 52.72
CA MET AA 81 -34.31 25.21 52.87
C MET AA 81 -33.72 24.40 51.71
N GLN AA 82 -33.49 25.02 50.55
CA GLN AA 82 -32.98 24.30 49.37
C GLN AA 82 -31.54 23.82 49.56
N GLU AA 83 -30.68 24.66 50.14
CA GLU AA 83 -29.31 24.23 50.40
C GLU AA 83 -29.25 23.10 51.43
N GLN AA 84 -30.17 23.12 52.39
CA GLN AA 84 -30.26 22.03 53.35
C GLN AA 84 -30.61 20.72 52.66
N THR AA 85 -31.61 20.75 51.77
CA THR AA 85 -31.92 19.57 50.97
C THR AA 85 -30.71 19.08 50.18
N ASN AA 86 -29.97 20.00 49.59
CA ASN AA 86 -28.80 19.65 48.77
C ASN AA 86 -27.75 18.93 49.60
N MET AA 87 -27.45 19.46 50.78
CA MET AA 87 -26.45 18.84 51.65
C MET AA 87 -26.92 17.48 52.16
N LEU AA 88 -28.22 17.32 52.44
CA LEU AA 88 -28.70 16.00 52.84
C LEU AA 88 -28.54 14.96 51.73
N GLN AA 89 -28.76 15.36 50.48
CA GLN AA 89 -28.51 14.44 49.37
C GLN AA 89 -27.04 14.02 49.32
N ARG AA 90 -26.14 14.96 49.55
CA ARG AA 90 -24.71 14.62 49.59
C ARG AA 90 -24.39 13.63 50.71
N MET AA 91 -24.94 13.84 51.90
CA MET AA 91 -24.73 12.89 53.00
C MET AA 91 -25.30 11.52 52.68
N ARG AA 92 -26.43 11.46 51.99
CA ARG AA 92 -26.97 10.17 51.56
C ARG AA 92 -25.99 9.42 50.66
N ASP AA 93 -25.37 10.12 49.73
CA ASP AA 93 -24.36 9.48 48.88
C ASP AA 93 -23.16 8.97 49.69
N LEU AA 94 -22.70 9.78 50.65
CA LEU AA 94 -21.60 9.34 51.51
C LEU AA 94 -21.96 8.10 52.32
N THR AA 95 -23.20 8.03 52.80
CA THR AA 95 -23.63 6.86 53.56
C THR AA 95 -23.71 5.62 52.69
N VAL AA 96 -24.22 5.75 51.47
CA VAL AA 96 -24.23 4.60 50.57
C VAL AA 96 -22.81 4.15 50.24
N GLN AA 97 -21.89 5.10 50.14
CA GLN AA 97 -20.49 4.74 49.87
C GLN AA 97 -19.84 4.04 51.05
N SER AA 98 -20.30 4.29 52.27
CA SER AA 98 -19.74 3.59 53.43
C SER AA 98 -20.00 2.08 53.42
N GLU AA 99 -21.00 1.61 52.69
CA GLU AA 99 -21.35 0.20 52.64
C GLU AA 99 -20.57 -0.55 51.56
N ASN AA 100 -19.26 -0.62 51.71
CA ASN AA 100 -18.38 -1.16 50.69
C ASN AA 100 -17.35 -2.04 51.38
N GLY AA 101 -17.38 -3.34 51.08
CA GLY AA 101 -16.52 -4.28 51.78
C GLY AA 101 -15.05 -4.13 51.47
N ALA AA 102 -14.66 -3.05 50.80
CA ALA AA 102 -13.26 -2.76 50.55
C ALA AA 102 -12.77 -1.55 51.34
N ASN AA 103 -13.67 -0.82 51.98
CA ASN AA 103 -13.27 0.29 52.84
C ASN AA 103 -12.59 -0.24 54.09
N SER AA 104 -11.66 0.54 54.63
CA SER AA 104 -11.03 0.26 55.90
C SER AA 104 -11.37 1.38 56.87
N SER AA 105 -10.80 1.33 58.07
CA SER AA 105 -11.19 2.29 59.12
C SER AA 105 -10.79 3.72 58.75
N ALA AA 106 -9.67 3.88 58.03
CA ALA AA 106 -9.25 5.21 57.63
C ALA AA 106 -10.20 5.82 56.60
N ASP AA 107 -10.64 5.01 55.63
CA ASP AA 107 -11.60 5.49 54.65
C ASP AA 107 -12.94 5.83 55.30
N LEU AA 108 -13.38 5.02 56.25
CA LEU AA 108 -14.60 5.30 56.97
C LEU AA 108 -14.48 6.59 57.77
N SER AA 109 -13.30 6.85 58.33
CA SER AA 109 -13.09 8.10 59.07
C SER AA 109 -13.13 9.31 58.14
N ALA AA 110 -12.58 9.17 56.93
CA ALA AA 110 -12.66 10.28 55.97
C ALA AA 110 -14.10 10.57 55.57
N LEU AA 111 -14.85 9.53 55.21
CA LEU AA 111 -16.27 9.70 54.91
C LEU AA 111 -17.03 10.37 56.05
N LYS AA 112 -16.77 9.94 57.29
CA LYS AA 112 -17.51 10.51 58.40
C LYS AA 112 -17.09 11.96 58.70
N ALA AA 113 -15.83 12.30 58.48
CA ALA AA 113 -15.41 13.68 58.66
C ALA AA 113 -16.17 14.61 57.72
N GLU AA 114 -16.37 14.19 56.47
CA GLU AA 114 -17.16 15.04 55.60
C GLU AA 114 -18.63 15.09 56.00
N MET AA 115 -19.19 13.97 56.47
CA MET AA 115 -20.56 14.00 57.00
C MET AA 115 -20.71 15.01 58.12
N ASP AA 116 -19.75 15.04 59.06
CA ASP AA 116 -19.85 15.98 60.17
C ASP AA 116 -19.78 17.43 59.70
N GLN AA 117 -18.90 17.73 58.74
CA GLN AA 117 -18.88 19.10 58.24
C GLN AA 117 -20.21 19.49 57.59
N LEU AA 118 -20.84 18.57 56.87
CA LEU AA 118 -22.14 18.88 56.26
C LEU AA 118 -23.22 19.10 57.31
N ALA AA 119 -23.21 18.32 58.38
CA ALA AA 119 -24.19 18.54 59.45
C ALA AA 119 -23.96 19.88 60.16
N ASN AA 120 -22.70 20.28 60.32
CA ASN AA 120 -22.41 21.60 60.86
C ASN AA 120 -22.95 22.71 59.97
N GLU AA 121 -22.82 22.58 58.66
CA GLU AA 121 -23.38 23.62 57.79
C GLU AA 121 -24.90 23.62 57.78
N ILE AA 122 -25.55 22.46 57.91
CA ILE AA 122 -27.01 22.45 58.07
C ILE AA 122 -27.41 23.20 59.33
N ASP AA 123 -26.70 22.98 60.44
CA ASP AA 123 -27.01 23.71 61.66
C ASP AA 123 -26.76 25.21 61.51
N GLU AA 124 -25.68 25.59 60.84
CA GLU AA 124 -25.40 27.02 60.65
C GLU AA 124 -26.50 27.71 59.85
N ILE AA 125 -26.94 27.09 58.74
CA ILE AA 125 -28.06 27.67 58.00
C ILE AA 125 -29.30 27.76 58.88
N GLY AA 126 -29.50 26.76 59.73
CA GLY AA 126 -30.67 26.79 60.61
C GLY AA 126 -30.66 27.96 61.58
N LYS AA 127 -29.50 28.30 62.12
CA LYS AA 127 -29.46 29.39 63.11
C LYS AA 127 -29.17 30.76 62.51
N THR AA 128 -28.77 30.84 61.24
CA THR AA 128 -28.25 32.10 60.71
C THR AA 128 -29.30 32.87 59.91
N THR AA 129 -30.25 32.18 59.27
CA THR AA 129 -31.21 32.82 58.38
C THR AA 129 -32.06 33.85 59.11
N ALA AA 130 -32.17 35.05 58.54
CA ALA AA 130 -32.83 36.15 59.21
C ALA AA 130 -33.51 37.06 58.20
N PHE AA 131 -34.45 37.86 58.70
CA PHE AA 131 -35.02 39.00 57.99
C PHE AA 131 -34.55 40.24 58.73
N GLY AA 132 -33.44 40.81 58.29
CA GLY AA 132 -32.81 41.87 59.04
C GLY AA 132 -32.14 41.33 60.27
N THR AA 133 -32.83 41.38 61.40
CA THR AA 133 -32.30 40.85 62.65
C THR AA 133 -33.20 39.80 63.31
N THR AA 134 -34.35 39.47 62.75
CA THR AA 134 -35.22 38.48 63.35
C THR AA 134 -34.96 37.12 62.70
N LYS AA 135 -34.80 36.10 63.52
CA LYS AA 135 -34.49 34.77 63.02
C LYS AA 135 -35.75 34.09 62.51
N LEU AA 136 -35.60 33.28 61.46
CA LEU AA 136 -36.73 32.64 60.80
C LEU AA 136 -36.79 31.13 61.01
N LEU AA 137 -35.65 30.45 61.02
CA LEU AA 137 -35.68 28.99 61.10
C LEU AA 137 -35.29 28.45 62.47
N ALA AA 138 -35.42 29.25 63.53
CA ALA AA 138 -34.97 28.81 64.84
C ALA AA 138 -36.13 28.44 65.77
N GLY AA 139 -37.36 28.70 65.37
CA GLY AA 139 -38.52 28.39 66.18
C GLY AA 139 -39.36 29.59 66.58
N GLY AA 140 -39.06 30.80 66.11
CA GLY AA 140 -39.85 31.96 66.47
C GLY AA 140 -41.15 32.08 65.71
N PHE AA 141 -41.29 31.39 64.59
CA PHE AA 141 -42.53 31.35 63.82
C PHE AA 141 -43.25 30.00 63.96
N SER AA 142 -42.85 29.17 64.93
CA SER AA 142 -43.44 27.84 65.07
C SER AA 142 -44.94 27.93 65.33
N ALA AA 143 -45.36 28.85 66.19
CA ALA AA 143 -46.72 29.34 66.18
C ALA AA 143 -46.73 30.62 65.36
N GLY AA 144 -47.50 30.63 64.27
CA GLY AA 144 -47.32 31.63 63.25
C GLY AA 144 -47.56 33.04 63.73
N LYS AA 145 -47.16 34.00 62.90
CA LYS AA 145 -47.43 35.41 63.10
C LYS AA 145 -48.49 35.86 62.11
N ASN AA 146 -49.30 36.83 62.51
CA ASN AA 146 -50.37 37.33 61.66
C ASN AA 146 -49.97 38.63 60.96
N PHE AA 147 -50.38 38.75 59.71
CA PHE AA 147 -50.26 39.97 58.93
C PHE AA 147 -51.67 40.40 58.56
N GLN AA 148 -52.06 41.62 58.92
CA GLN AA 148 -53.39 42.10 58.55
C GLN AA 148 -53.37 42.55 57.11
N VAL AA 149 -54.05 41.81 56.23
CA VAL AA 149 -54.00 42.07 54.80
C VAL AA 149 -55.24 42.81 54.30
N GLY AA 150 -56.14 43.23 55.19
CA GLY AA 150 -57.30 43.99 54.82
C GLY AA 150 -57.42 45.29 55.61
N ALA AA 151 -58.55 45.95 55.42
CA ALA AA 151 -58.79 47.23 56.07
C ALA AA 151 -59.44 47.09 57.44
N GLN AA 152 -60.09 45.97 57.72
CA GLN AA 152 -60.82 45.77 58.96
C GLN AA 152 -60.11 44.74 59.83
N ASP AA 153 -60.43 44.80 61.12
CA ASP AA 153 -59.82 43.91 62.09
C ASP AA 153 -60.26 42.46 61.89
N GLY AA 154 -59.31 41.54 61.95
CA GLY AA 154 -59.59 40.14 61.79
C GLY AA 154 -59.35 39.59 60.41
N GLU AA 155 -59.10 40.47 59.43
CA GLU AA 155 -58.83 40.06 58.05
C GLU AA 155 -57.32 39.93 57.89
N ASP AA 156 -56.83 38.71 58.13
CA ASP AA 156 -55.39 38.51 58.23
C ASP AA 156 -55.00 37.07 57.92
N ILE AA 157 -53.71 36.89 57.62
CA ILE AA 157 -53.16 35.63 57.18
C ILE AA 157 -52.01 35.27 58.12
N LYS AA 158 -51.86 33.98 58.41
CA LYS AA 158 -50.87 33.51 59.37
C LYS AA 158 -49.75 32.77 58.65
N VAL AA 159 -48.50 33.13 58.97
CA VAL AA 159 -47.32 32.52 58.36
C VAL AA 159 -46.60 31.70 59.43
N THR AA 160 -46.44 30.40 59.17
CA THR AA 160 -45.91 29.45 60.13
C THR AA 160 -44.66 28.80 59.57
N VAL AA 161 -43.57 28.84 60.35
CA VAL AA 161 -42.32 28.16 59.99
C VAL AA 161 -41.82 27.45 61.23
N LYS AA 162 -41.50 26.17 61.11
CA LYS AA 162 -40.95 25.41 62.22
C LYS AA 162 -39.43 25.41 62.16
N ALA AA 163 -38.81 25.00 63.26
CA ALA AA 163 -37.36 24.99 63.34
C ALA AA 163 -36.78 23.85 62.50
N SER AA 164 -35.71 24.15 61.77
CA SER AA 164 -35.04 23.14 60.95
C SER AA 164 -33.53 23.31 61.11
N ASN AA 165 -32.92 22.36 61.81
CA ASN AA 165 -31.50 22.37 62.13
C ASN AA 165 -31.11 20.93 62.41
N LYS AA 166 -29.83 20.69 62.68
CA LYS AA 166 -29.39 19.30 62.77
C LYS AA 166 -29.91 18.61 64.02
N SER AA 167 -30.52 19.35 64.94
CA SER AA 167 -31.04 18.74 66.16
C SER AA 167 -32.49 18.34 66.01
N SER AA 168 -33.29 19.17 65.34
CA SER AA 168 -34.69 18.85 65.12
C SER AA 168 -34.88 17.86 63.97
N LEU AA 169 -33.92 17.81 63.05
CA LEU AA 169 -33.97 16.84 61.95
C LEU AA 169 -33.36 15.50 62.31
N SER AA 170 -32.78 15.37 63.50
CA SER AA 170 -32.21 14.12 64.02
C SER AA 170 -31.05 13.62 63.18
N VAL AA 171 -30.26 14.51 62.58
CA VAL AA 171 -29.09 14.12 61.81
C VAL AA 171 -27.79 14.56 62.48
N GLY AA 172 -27.85 14.96 63.74
CA GLY AA 172 -26.68 15.49 64.42
C GLY AA 172 -25.79 14.47 65.08
N SER AA 173 -26.07 13.18 64.95
CA SER AA 173 -25.24 12.15 65.56
C SER AA 173 -25.27 10.86 64.76
N LEU AA 174 -24.80 10.91 63.51
CA LEU AA 174 -24.88 9.75 62.64
C LEU AA 174 -23.55 9.01 62.62
N GLY AA 175 -23.62 7.69 62.52
CA GLY AA 175 -22.44 6.88 62.50
C GLY AA 175 -22.40 6.01 61.25
N ASN AA 176 -21.22 5.48 60.97
CA ASN AA 176 -21.04 4.65 59.79
C ASN AA 176 -20.08 3.50 60.03
N THR AA 177 -19.76 3.19 61.28
CA THR AA 177 -18.71 2.22 61.55
C THR AA 177 -19.23 0.79 61.65
N THR AA 178 -20.55 0.60 61.67
CA THR AA 178 -21.18 -0.70 61.81
C THR AA 178 -22.37 -0.76 60.86
N SER AA 179 -22.71 -1.99 60.44
CA SER AA 179 -23.82 -2.21 59.50
C SER AA 179 -25.12 -1.60 60.00
N ALA AA 180 -25.45 -1.81 61.28
CA ALA AA 180 -26.69 -1.26 61.83
C ALA AA 180 -26.64 0.26 61.90
N ALA AA 181 -25.45 0.82 62.15
CA ALA AA 181 -25.32 2.27 62.18
C ALA AA 181 -25.56 2.87 60.81
N ARG AA 182 -25.09 2.20 59.75
CA ARG AA 182 -25.35 2.67 58.40
C ARG AA 182 -26.84 2.60 58.06
N ALA AA 183 -27.48 1.50 58.42
CA ALA AA 183 -28.92 1.39 58.16
C ALA AA 183 -29.70 2.50 58.86
N SER AA 184 -29.36 2.76 60.13
CA SER AA 184 -30.04 3.80 60.90
C SER AA 184 -29.81 5.17 60.28
N SER AA 185 -28.57 5.46 59.85
CA SER AA 185 -28.28 6.75 59.24
C SER AA 185 -29.05 6.93 57.94
N LEU AA 186 -29.14 5.89 57.12
CA LEU AA 186 -29.92 5.99 55.90
C LEU AA 186 -31.36 6.35 56.19
N LYS AA 187 -31.99 5.66 57.15
CA LYS AA 187 -33.39 5.95 57.46
C LYS AA 187 -33.58 7.37 57.95
N LYS AA 188 -32.70 7.87 58.82
CA LYS AA 188 -32.91 9.22 59.32
C LYS AA 188 -32.64 10.29 58.27
N ILE AA 189 -31.69 10.09 57.36
CA ILE AA 189 -31.51 11.07 56.30
C ILE AA 189 -32.73 11.12 55.38
N ASP AA 190 -33.30 9.96 55.05
CA ASP AA 190 -34.51 9.96 54.22
C ASP AA 190 -35.67 10.67 54.91
N ALA AA 191 -35.83 10.43 56.22
CA ALA AA 191 -36.89 11.11 56.95
C ALA AA 191 -36.70 12.63 56.96
N ALA AA 192 -35.45 13.09 57.11
CA ALA AA 192 -35.19 14.53 57.12
C ALA AA 192 -35.55 15.16 55.78
N ILE AA 193 -35.19 14.50 54.68
CA ILE AA 193 -35.58 15.00 53.36
C ILE AA 193 -37.09 15.13 53.27
N LYS AA 194 -37.84 14.14 53.79
CA LYS AA 194 -39.30 14.21 53.77
C LYS AA 194 -39.84 15.41 54.54
N THR AA 195 -39.32 15.68 55.74
CA THR AA 195 -39.88 16.78 56.52
C THR AA 195 -39.59 18.13 55.88
N ILE AA 196 -38.40 18.30 55.29
CA ILE AA 196 -38.14 19.56 54.59
C ILE AA 196 -39.08 19.72 53.40
N ASP AA 197 -39.35 18.64 52.66
CA ASP AA 197 -40.34 18.73 51.58
C ASP AA 197 -41.69 19.23 52.08
N ALA AA 198 -42.15 18.71 53.21
CA ALA AA 198 -43.46 19.14 53.72
C ALA AA 198 -43.48 20.63 54.07
N GLN AA 199 -42.42 21.10 54.73
CA GLN AA 199 -42.35 22.53 55.06
C GLN AA 199 -42.36 23.40 53.80
N ARG AA 200 -41.60 23.01 52.78
CA ARG AA 200 -41.56 23.80 51.56
C ARG AA 200 -42.92 23.81 50.87
N ALA AA 201 -43.65 22.69 50.93
CA ALA AA 201 -44.99 22.64 50.37
C ALA AA 201 -45.91 23.67 51.02
N ASP AA 202 -45.92 23.72 52.35
CA ASP AA 202 -46.78 24.71 53.02
C ASP AA 202 -46.40 26.14 52.70
N LEU AA 203 -45.10 26.46 52.65
CA LEU AA 203 -44.72 27.83 52.30
C LEU AA 203 -45.14 28.19 50.87
N GLY AA 204 -45.05 27.24 49.94
CA GLY AA 204 -45.49 27.52 48.58
C GLY AA 204 -46.98 27.79 48.49
N ALA AA 205 -47.78 27.00 49.22
CA ALA AA 205 -49.21 27.26 49.26
C ALA AA 205 -49.52 28.66 49.80
N ILE AA 206 -48.81 29.07 50.86
CA ILE AA 206 -49.01 30.41 51.41
C ILE AA 206 -48.72 31.49 50.37
N GLN AA 207 -47.63 31.32 49.60
CA GLN AA 207 -47.31 32.34 48.60
C GLN AA 207 -48.36 32.44 47.51
N ASN AA 208 -48.87 31.30 47.03
CA ASN AA 208 -49.93 31.34 46.03
C ASN AA 208 -51.17 32.07 46.56
N ARG AA 209 -51.57 31.76 47.80
CA ARG AA 209 -52.71 32.41 48.42
C ARG AA 209 -52.52 33.93 48.51
N LEU AA 210 -51.33 34.37 48.90
CA LEU AA 210 -51.10 35.81 49.03
C LEU AA 210 -51.13 36.51 47.67
N ALA AA 211 -50.69 35.83 46.61
CA ALA AA 211 -50.78 36.40 45.27
C ALA AA 211 -52.24 36.66 44.88
N HIS AA 212 -53.09 35.65 45.04
CA HIS AA 212 -54.52 35.86 44.74
C HIS AA 212 -55.12 36.99 45.58
N ASN AA 213 -54.74 37.07 46.85
CA ASN AA 213 -55.34 38.08 47.72
C ASN AA 213 -54.94 39.50 47.31
N ILE AA 214 -53.67 39.68 46.92
CA ILE AA 214 -53.24 41.01 46.47
C ILE AA 214 -53.94 41.40 45.18
N SER AA 215 -54.13 40.45 44.26
CA SER AA 215 -54.86 40.74 43.03
C SER AA 215 -56.29 41.22 43.33
N ASN AA 216 -56.98 40.52 44.22
CA ASN AA 216 -58.35 40.91 44.57
C ASN AA 216 -58.39 42.28 45.23
N SER AA 217 -57.39 42.61 46.06
CA SER AA 217 -57.38 43.92 46.71
C SER AA 217 -57.17 45.04 45.70
N ALA AA 218 -56.33 44.82 44.71
CA ALA AA 218 -56.16 45.84 43.67
C ALA AA 218 -57.46 46.10 42.91
N ASN AA 219 -58.15 45.03 42.50
CA ASN AA 219 -59.46 45.19 41.89
C ASN AA 219 -60.40 46.02 42.75
N THR AA 220 -60.53 45.65 44.02
CA THR AA 220 -61.51 46.31 44.89
C THR AA 220 -61.13 47.77 45.12
N GLN AA 221 -59.85 48.07 45.25
CA GLN AA 221 -59.42 49.45 45.40
C GLN AA 221 -59.85 50.30 44.20
N ALA AA 222 -59.63 49.78 42.99
CA ALA AA 222 -60.08 50.53 41.80
C ALA AA 222 -61.58 50.79 41.82
N ASN AA 223 -62.39 49.76 42.11
CA ASN AA 223 -63.85 49.94 42.08
C ASN AA 223 -64.32 50.89 43.18
N VAL AA 224 -63.72 50.83 44.37
CA VAL AA 224 -64.15 51.70 45.46
C VAL AA 224 -63.72 53.14 45.22
N ALA AA 225 -62.56 53.37 44.61
CA ALA AA 225 -62.17 54.73 44.28
C ALA AA 225 -63.08 55.33 43.21
N ASP AA 226 -63.49 54.53 42.23
CA ASP AA 226 -64.54 54.96 41.31
C ASP AA 226 -65.81 55.37 42.04
N ALA AA 227 -66.28 54.52 42.96
CA ALA AA 227 -67.49 54.81 43.73
C ALA AA 227 -67.37 56.12 44.50
N LYS AA 228 -66.23 56.36 45.14
CA LYS AA 228 -66.04 57.59 45.91
C LYS AA 228 -65.98 58.81 45.00
N SER AA 229 -65.34 58.68 43.85
CA SER AA 229 -65.27 59.79 42.90
C SER AA 229 -66.65 60.21 42.44
N ARG AA 230 -67.55 59.24 42.24
CA ARG AA 230 -68.92 59.58 41.85
C ARG AA 230 -69.61 60.46 42.88
N ILE AA 231 -69.19 60.42 44.14
CA ILE AA 231 -69.85 61.19 45.20
C ILE AA 231 -69.15 62.51 45.49
N VAL AA 232 -67.83 62.54 45.49
CA VAL AA 232 -67.09 63.66 46.07
C VAL AA 232 -66.65 64.66 45.01
N ASP AA 233 -66.25 64.21 43.82
CA ASP AA 233 -65.60 65.08 42.85
C ASP AA 233 -66.60 65.95 42.11
N VAL AA 234 -66.10 67.07 41.56
CA VAL AA 234 -66.93 68.03 40.85
C VAL AA 234 -66.97 67.67 39.37
N ASP AA 235 -68.02 68.12 38.70
CA ASP AA 235 -68.19 68.00 37.27
C ASP AA 235 -67.83 69.33 36.62
N PHE AA 236 -66.79 69.34 35.81
CA PHE AA 236 -66.33 70.59 35.22
C PHE AA 236 -67.29 71.12 34.15
N ALA AA 237 -67.87 70.21 33.35
CA ALA AA 237 -68.77 70.62 32.29
C ALA AA 237 -70.00 71.33 32.83
N LYS AA 238 -70.48 70.92 34.00
CA LYS AA 238 -71.65 71.54 34.60
C LYS AA 238 -71.28 72.81 35.35
N GLU AA 239 -70.13 72.79 36.02
CA GLU AA 239 -69.81 73.86 36.94
C GLU AA 239 -69.35 75.10 36.20
N THR AA 240 -68.67 74.92 35.06
CA THR AA 240 -68.29 76.07 34.23
C THR AA 240 -69.52 76.75 33.65
N SER AA 241 -70.54 75.98 33.29
CA SER AA 241 -71.78 76.56 32.78
C SER AA 241 -72.47 77.39 33.85
N GLN AA 242 -72.56 76.85 35.07
CA GLN AA 242 -73.14 77.63 36.15
C GLN AA 242 -72.36 78.92 36.41
N MET AA 243 -71.02 78.85 36.33
CA MET AA 243 -70.21 80.03 36.56
C MET AA 243 -70.51 81.11 35.53
N THR AA 244 -70.58 80.75 34.24
CA THR AA 244 -70.85 81.74 33.20
C THR AA 244 -72.24 82.35 33.35
N LYS AA 245 -73.23 81.53 33.71
CA LYS AA 245 -74.57 82.07 33.94
C LYS AA 245 -74.56 83.12 35.04
N ASN AA 246 -73.88 82.84 36.16
CA ASN AA 246 -73.89 83.80 37.26
C ASN AA 246 -73.08 85.06 36.93
N GLN AA 247 -72.04 84.93 36.11
CA GLN AA 247 -71.33 86.12 35.61
C GLN AA 247 -72.27 87.06 34.87
N VAL AA 248 -73.01 86.52 33.89
CA VAL AA 248 -73.93 87.37 33.13
C VAL AA 248 -74.97 87.99 34.04
N LEU AA 249 -75.51 87.21 34.99
CA LEU AA 249 -76.52 87.76 35.89
C LEU AA 249 -75.94 88.88 36.76
N GLN AA 250 -74.67 88.76 37.16
CA GLN AA 250 -74.06 89.84 37.93
C GLN AA 250 -74.01 91.13 37.12
N GLN AA 251 -73.59 91.05 35.87
CA GLN AA 251 -73.51 92.26 35.06
C GLN AA 251 -74.91 92.88 34.85
N THR AA 252 -75.91 92.04 34.60
CA THR AA 252 -77.26 92.55 34.41
C THR AA 252 -77.81 93.19 35.68
N GLY AA 253 -77.60 92.54 36.83
CA GLY AA 253 -78.11 93.09 38.07
C GLY AA 253 -77.42 94.38 38.48
N SER AA 254 -76.12 94.48 38.19
CA SER AA 254 -75.41 95.73 38.43
C SER AA 254 -75.99 96.86 37.60
N ALA AA 255 -76.18 96.63 36.29
CA ALA AA 255 -76.80 97.64 35.44
C ALA AA 255 -78.18 98.05 35.95
N MET AA 256 -78.97 97.06 36.39
CA MET AA 256 -80.34 97.35 36.77
C MET AA 256 -80.40 98.12 38.09
N LEU AA 257 -79.49 97.83 39.02
CA LEU AA 257 -79.44 98.57 40.27
C LEU AA 257 -78.96 100.00 40.04
N ALA AA 258 -77.97 100.18 39.17
CA ALA AA 258 -77.51 101.53 38.86
C ALA AA 258 -78.62 102.35 38.22
N GLN AA 259 -79.45 101.72 37.38
CA GLN AA 259 -80.58 102.43 36.80
C GLN AA 259 -81.68 102.66 37.83
N ALA AA 260 -81.78 101.79 38.83
CA ALA AA 260 -82.83 101.94 39.83
C ALA AA 260 -82.56 103.08 40.80
N ASN AA 261 -81.28 103.32 41.11
CA ASN AA 261 -80.97 104.44 42.02
C ASN AA 261 -81.24 105.82 41.44
N GLN AA 262 -81.68 105.95 40.19
CA GLN AA 262 -81.97 107.25 39.61
C GLN AA 262 -83.46 107.59 39.56
N LEU AA 263 -84.31 106.85 40.27
CA LEU AA 263 -85.74 107.11 40.20
C LEU AA 263 -86.21 108.34 40.99
N PRO AA 264 -85.64 108.70 42.13
CA PRO AA 264 -86.13 109.90 42.84
C PRO AA 264 -85.89 111.22 42.10
N GLN AA 265 -85.35 111.20 40.88
CA GLN AA 265 -85.08 112.45 40.18
C GLN AA 265 -86.26 112.95 39.37
N VAL AA 266 -87.40 112.27 39.39
CA VAL AA 266 -88.60 112.81 38.73
C VAL AA 266 -89.16 113.96 39.54
N ALA AA 267 -88.94 113.94 40.85
CA ALA AA 267 -89.44 115.01 41.71
C ALA AA 267 -88.80 116.35 41.36
N LEU AA 268 -87.51 116.35 41.04
CA LEU AA 268 -86.85 117.58 40.63
C LEU AA 268 -87.50 118.15 39.37
N SER AA 269 -87.98 117.28 38.49
CA SER AA 269 -88.72 117.75 37.32
C SER AA 269 -90.05 118.38 37.73
N LEU AA 270 -90.78 117.73 38.63
CA LEU AA 270 -92.04 118.32 39.08
C LEU AA 270 -91.80 119.60 39.88
N LEU AA 271 -90.61 119.76 40.44
CA LEU AA 271 -90.34 120.84 41.37
C LEU AA 271 -89.80 122.06 40.65
N ALA BA 1 -44.52 46.37 40.47
CA ALA BA 1 -43.91 47.70 40.50
C ALA BA 1 -42.92 47.88 39.37
N ILE BA 2 -42.73 49.12 38.96
CA ILE BA 2 -41.74 49.49 37.96
C ILE BA 2 -40.68 50.32 38.67
N THR BA 3 -39.54 49.70 38.97
CA THR BA 3 -38.50 50.34 39.76
C THR BA 3 -37.20 50.38 38.98
N VAL BA 4 -36.34 51.34 39.34
CA VAL BA 4 -35.07 51.53 38.65
C VAL BA 4 -33.89 51.20 39.55
N ASN BA 5 -34.06 51.31 40.88
CA ASN BA 5 -32.93 51.29 41.79
C ASN BA 5 -32.46 49.89 42.13
N THR BA 6 -33.30 48.87 41.94
CA THR BA 6 -32.95 47.49 42.28
C THR BA 6 -33.51 46.58 41.20
N ASN BA 7 -32.73 45.58 40.80
CA ASN BA 7 -33.11 44.68 39.72
C ASN BA 7 -32.78 43.27 40.20
N VAL BA 8 -33.81 42.48 40.50
CA VAL BA 8 -33.60 41.18 41.13
C VAL BA 8 -33.42 40.09 40.08
N THR BA 9 -34.11 40.24 38.95
CA THR BA 9 -33.94 39.29 37.85
C THR BA 9 -32.49 39.24 37.40
N SER BA 10 -31.83 40.40 37.39
CA SER BA 10 -30.42 40.45 37.00
C SER BA 10 -29.55 39.71 38.02
N LEU BA 11 -29.84 39.86 39.30
CA LEU BA 11 -29.09 39.16 40.33
C LEU BA 11 -29.19 37.65 40.17
N LYS BA 12 -30.40 37.16 39.93
CA LYS BA 12 -30.58 35.72 39.77
C LYS BA 12 -29.93 35.20 38.50
N ALA BA 13 -30.02 35.96 37.41
CA ALA BA 13 -29.34 35.57 36.17
C ALA BA 13 -27.83 35.53 36.35
N GLN BA 14 -27.27 36.49 37.09
CA GLN BA 14 -25.84 36.47 37.39
C GLN BA 14 -25.46 35.20 38.12
N LYS BA 15 -26.25 34.80 39.12
CA LYS BA 15 -25.88 33.61 39.88
C LYS BA 15 -25.93 32.35 39.02
N ASN BA 16 -26.96 32.22 38.17
CA ASN BA 16 -27.03 31.05 37.29
C ASN BA 16 -25.85 31.02 36.32
N LEU BA 17 -25.50 32.17 35.74
CA LEU BA 17 -24.40 32.21 34.78
C LEU BA 17 -23.08 31.84 35.44
N ASN BA 18 -22.88 32.27 36.69
CA ASN BA 18 -21.66 31.91 37.41
C ASN BA 18 -21.60 30.42 37.68
N THR BA 19 -22.72 29.81 38.07
CA THR BA 19 -22.75 28.37 38.31
C THR BA 19 -22.37 27.60 37.04
N SER BA 20 -22.94 28.00 35.92
CA SER BA 20 -22.64 27.33 34.65
C SER BA 20 -21.16 27.46 34.29
N ALA BA 21 -20.59 28.67 34.45
CA ALA BA 21 -19.17 28.86 34.12
C ALA BA 21 -18.28 27.99 34.99
N SER BA 22 -18.57 27.91 36.29
CA SER BA 22 -17.78 27.05 37.16
C SER BA 22 -17.82 25.59 36.73
N ASP BA 23 -19.02 25.08 36.40
CA ASP BA 23 -19.12 23.69 35.95
C ASP BA 23 -18.32 23.44 34.69
N LEU BA 24 -18.36 24.39 33.74
CA LEU BA 24 -17.63 24.22 32.50
C LEU BA 24 -16.12 24.20 32.74
N ALA BA 25 -15.62 25.09 33.60
CA ALA BA 25 -14.19 25.08 33.93
C ALA BA 25 -13.76 23.76 34.55
N THR BA 26 -14.57 23.23 35.47
CA THR BA 26 -14.24 21.93 36.07
C THR BA 26 -14.13 20.84 35.01
N SER BA 27 -15.10 20.78 34.10
CA SER BA 27 -15.06 19.76 33.05
C SER BA 27 -13.84 19.91 32.15
N MET BA 28 -13.49 21.15 31.80
CA MET BA 28 -12.32 21.41 30.96
C MET BA 28 -11.06 20.88 31.63
N GLU BA 29 -10.91 21.16 32.93
CA GLU BA 29 -9.76 20.64 33.68
C GLU BA 29 -9.70 19.13 33.65
N ARG BA 30 -10.84 18.47 33.88
CA ARG BA 30 -10.85 17.02 33.92
C ARG BA 30 -10.49 16.40 32.57
N LEU BA 31 -10.94 17.01 31.47
CA LEU BA 31 -10.57 16.50 30.15
C LEU BA 31 -9.10 16.77 29.83
N SER BA 32 -8.56 17.89 30.30
CA SER BA 32 -7.17 18.18 30.03
C SER BA 32 -6.23 17.25 30.80
N SER BA 33 -6.62 16.87 32.02
CA SER BA 33 -5.74 16.07 32.86
C SER BA 33 -5.84 14.58 32.55
N GLY BA 34 -7.05 14.08 32.30
CA GLY BA 34 -7.29 12.67 32.15
C GLY BA 34 -7.66 11.95 33.42
N LEU BA 35 -7.86 12.67 34.52
CA LEU BA 35 -8.14 12.09 35.83
C LEU BA 35 -9.45 12.63 36.37
N ARG BA 36 -10.17 11.79 37.09
CA ARG BA 36 -11.41 12.23 37.74
C ARG BA 36 -11.13 12.94 39.04
N ILE BA 37 -10.12 12.49 39.78
CA ILE BA 37 -9.80 13.05 41.09
C ILE BA 37 -8.54 13.89 40.93
N ASN BA 38 -8.69 15.20 40.89
CA ASN BA 38 -7.55 16.10 40.85
C ASN BA 38 -7.22 16.70 42.21
N SER BA 39 -8.13 16.61 43.18
CA SER BA 39 -7.94 17.15 44.51
C SER BA 39 -8.75 16.31 45.47
N ALA BA 40 -8.75 16.71 46.75
CA ALA BA 40 -9.62 16.04 47.71
C ALA BA 40 -11.01 16.65 47.74
N LYS BA 41 -11.18 17.82 47.12
CA LYS BA 41 -12.51 18.33 46.82
C LYS BA 41 -13.38 17.32 46.08
N ASP BA 42 -12.75 16.46 45.27
CA ASP BA 42 -13.46 15.58 44.36
C ASP BA 42 -13.94 14.31 45.08
N ASP BA 43 -13.01 13.53 45.61
CA ASP BA 43 -13.35 12.29 46.30
C ASP BA 43 -12.22 12.02 47.29
N ALA BA 44 -12.54 12.04 48.59
CA ALA BA 44 -11.49 12.00 49.60
C ALA BA 44 -11.10 10.57 49.96
N ALA BA 45 -12.08 9.67 50.07
CA ALA BA 45 -11.76 8.28 50.38
C ALA BA 45 -11.11 7.58 49.20
N GLY BA 46 -11.55 7.90 47.98
CA GLY BA 46 -10.92 7.35 46.80
C GLY BA 46 -9.48 7.79 46.65
N LEU BA 47 -9.16 9.01 47.07
CA LEU BA 47 -7.78 9.48 47.06
C LEU BA 47 -6.87 8.57 47.88
N ALA BA 48 -7.28 8.23 49.10
CA ALA BA 48 -6.44 7.39 49.95
C ALA BA 48 -6.40 5.95 49.45
N ILE BA 49 -7.54 5.42 49.01
CA ILE BA 49 -7.55 4.07 48.46
C ILE BA 49 -6.61 3.97 47.26
N SER BA 50 -6.61 5.01 46.43
CA SER BA 50 -5.77 5.00 45.23
C SER BA 50 -4.31 5.23 45.57
N ASN BA 51 -4.00 5.99 46.62
CA ASN BA 51 -2.62 6.09 47.08
C ASN BA 51 -2.09 4.72 47.50
N ARG BA 52 -2.90 3.95 48.22
CA ARG BA 52 -2.45 2.62 48.63
C ARG BA 52 -2.31 1.67 47.45
N LEU BA 53 -3.24 1.70 46.50
CA LEU BA 53 -3.11 0.85 45.32
C LEU BA 53 -1.89 1.25 44.49
N ASN BA 54 -1.57 2.54 44.47
CA ASN BA 54 -0.40 3.02 43.75
C ASN BA 54 0.90 2.50 44.39
N SER BA 55 0.97 2.56 45.72
CA SER BA 55 2.09 1.94 46.42
C SER BA 55 2.24 0.47 46.06
N GLN BA 56 1.13 -0.25 45.98
CA GLN BA 56 1.21 -1.68 45.66
C GLN BA 56 1.73 -1.92 44.24
N VAL BA 57 1.23 -1.17 43.27
CA VAL BA 57 1.69 -1.35 41.89
C VAL BA 57 3.19 -1.10 41.78
N ARG BA 58 3.64 0.02 42.35
CA ARG BA 58 5.04 0.39 42.25
C ARG BA 58 5.95 -0.59 42.98
N GLY BA 59 5.50 -1.08 44.13
CA GLY BA 59 6.27 -2.08 44.86
C GLY BA 59 6.38 -3.39 44.11
N LEU BA 60 5.31 -3.82 43.44
CA LEU BA 60 5.39 -5.05 42.66
C LEU BA 60 6.37 -4.91 41.51
N GLU BA 61 6.43 -3.74 40.88
CA GLU BA 61 7.43 -3.51 39.84
C GLU BA 61 8.86 -3.70 40.37
N VAL BA 62 9.17 -3.03 41.48
CA VAL BA 62 10.52 -3.15 42.04
C VAL BA 62 10.80 -4.58 42.51
N GLY BA 63 9.78 -5.27 43.01
CA GLY BA 63 9.99 -6.63 43.49
C GLY BA 63 10.31 -7.61 42.37
N MET BA 64 9.67 -7.43 41.20
CA MET BA 64 10.06 -8.24 40.05
C MET BA 64 11.49 -7.96 39.61
N ARG BA 65 11.92 -6.71 39.73
CA ARG BA 65 13.34 -6.44 39.45
C ARG BA 65 14.26 -7.21 40.40
N ASN BA 66 13.96 -7.20 41.70
CA ASN BA 66 14.77 -7.96 42.66
C ASN BA 66 14.75 -9.46 42.37
N ALA BA 67 13.59 -9.99 41.98
CA ALA BA 67 13.50 -11.41 41.67
C ALA BA 67 14.37 -11.79 40.49
N ASN BA 68 14.44 -10.91 39.49
CA ASN BA 68 15.30 -11.22 38.34
C ASN BA 68 16.78 -11.15 38.73
N ASP BA 69 17.12 -10.25 39.65
CA ASP BA 69 18.48 -10.23 40.21
C ASP BA 69 18.84 -11.57 40.88
N ALA BA 70 17.91 -12.10 41.68
CA ALA BA 70 18.17 -13.40 42.33
C ALA BA 70 18.35 -14.51 41.30
N ILE BA 71 17.53 -14.52 40.24
CA ILE BA 71 17.68 -15.53 39.20
C ILE BA 71 19.05 -15.44 38.54
N SER BA 72 19.53 -14.20 38.33
CA SER BA 72 20.86 -14.01 37.74
C SER BA 72 21.95 -14.62 38.61
N ILE BA 73 21.94 -14.31 39.91
CA ILE BA 73 22.95 -14.86 40.82
C ILE BA 73 22.95 -16.38 40.79
N ALA BA 74 21.77 -16.99 40.94
CA ALA BA 74 21.68 -18.44 40.98
C ALA BA 74 22.17 -19.06 39.68
N GLN BA 75 21.87 -18.42 38.55
CA GLN BA 75 22.25 -18.95 37.25
C GLN BA 75 23.77 -18.93 37.07
N ILE BA 76 24.44 -17.85 37.50
CA ILE BA 76 25.90 -17.80 37.42
C ILE BA 76 26.54 -18.91 38.27
N ALA BA 77 26.11 -19.03 39.53
CA ALA BA 77 26.72 -20.05 40.40
C ALA BA 77 26.49 -21.47 39.87
N GLU BA 78 25.25 -21.75 39.46
CA GLU BA 78 24.92 -23.06 38.92
C GLU BA 78 25.73 -23.39 37.68
N GLY BA 79 25.98 -22.40 36.82
CA GLY BA 79 26.81 -22.65 35.66
C GLY BA 79 28.27 -22.88 36.00
N ALA BA 80 28.76 -22.23 37.05
CA ALA BA 80 30.14 -22.46 37.49
C ALA BA 80 30.35 -23.88 37.98
N MET BA 81 29.36 -24.49 38.63
CA MET BA 81 29.58 -25.84 39.19
C MET BA 81 29.71 -26.95 38.15
N GLN BA 82 29.29 -26.71 36.89
CA GLN BA 82 29.34 -27.74 35.85
C GLN BA 82 30.76 -28.09 35.44
N GLU BA 83 31.63 -27.09 35.31
CA GLU BA 83 33.02 -27.36 34.97
C GLU BA 83 33.74 -28.12 36.09
N GLN BA 84 33.35 -27.83 37.34
CA GLN BA 84 33.91 -28.57 38.47
C GLN BA 84 33.51 -30.05 38.40
N THR BA 85 32.24 -30.33 38.12
CA THR BA 85 31.81 -31.70 37.88
C THR BA 85 32.62 -32.38 36.79
N ASN BA 86 32.83 -31.65 35.68
CA ASN BA 86 33.56 -32.20 34.54
C ASN BA 86 34.98 -32.60 34.90
N MET BA 87 35.67 -31.72 35.62
CA MET BA 87 37.05 -32.01 36.02
C MET BA 87 37.11 -33.15 37.02
N LEU BA 88 36.12 -33.26 37.92
CA LEU BA 88 36.10 -34.41 38.84
C LEU BA 88 35.93 -35.73 38.09
N GLN BA 89 35.11 -35.75 37.04
CA GLN BA 89 35.00 -36.96 36.22
C GLN BA 89 36.34 -37.32 35.60
N ARG BA 90 37.07 -36.32 35.10
CA ARG BA 90 38.40 -36.59 34.54
C ARG BA 90 39.35 -37.18 35.58
N MET BA 91 39.36 -36.61 36.80
CA MET BA 91 40.22 -37.17 37.86
C MET BA 91 39.82 -38.59 38.22
N ARG BA 92 38.53 -38.91 38.19
CA ARG BA 92 38.09 -40.29 38.42
C ARG BA 92 38.68 -41.24 37.39
N ASP BA 93 38.68 -40.84 36.12
CA ASP BA 93 39.30 -41.68 35.09
C ASP BA 93 40.80 -41.86 35.33
N LEU BA 94 41.50 -40.78 35.71
CA LEU BA 94 42.93 -40.90 36.00
C LEU BA 94 43.20 -41.85 37.17
N THR BA 95 42.33 -41.80 38.20
CA THR BA 95 42.50 -42.68 39.34
C THR BA 95 42.26 -44.14 38.97
N VAL BA 96 41.25 -44.41 38.15
CA VAL BA 96 41.03 -45.79 37.70
C VAL BA 96 42.22 -46.27 36.86
N GLN BA 97 42.82 -45.36 36.09
CA GLN BA 97 43.97 -45.73 35.28
C GLN BA 97 45.20 -46.01 36.13
N SER BA 98 45.30 -45.43 37.32
CA SER BA 98 46.43 -45.71 38.19
C SER BA 98 46.47 -47.15 38.70
N GLU BA 99 45.34 -47.86 38.69
CA GLU BA 99 45.27 -49.23 39.17
C GLU BA 99 45.60 -50.25 38.09
N ASN BA 100 46.82 -50.23 37.60
CA ASN BA 100 47.25 -51.03 36.46
C ASN BA 100 48.60 -51.61 36.77
N GLY BA 101 48.68 -52.93 36.87
CA GLY BA 101 49.91 -53.58 37.28
C GLY BA 101 51.04 -53.48 36.27
N ALA BA 102 50.89 -52.65 35.25
CA ALA BA 102 51.96 -52.41 34.29
C ALA BA 102 52.52 -51.00 34.41
N ASN BA 103 51.89 -50.13 35.19
CA ASN BA 103 52.43 -48.80 35.44
C ASN BA 103 53.68 -48.90 36.29
N SER BA 104 54.59 -47.96 36.10
CA SER BA 104 55.76 -47.80 36.93
C SER BA 104 55.70 -46.45 37.63
N SER BA 105 56.75 -46.10 38.39
CA SER BA 105 56.70 -44.89 39.19
C SER BA 105 56.64 -43.63 38.33
N ALA BA 106 57.26 -43.66 37.15
CA ALA BA 106 57.21 -42.50 36.27
C ALA BA 106 55.82 -42.28 35.71
N ASP BA 107 55.14 -43.36 35.32
CA ASP BA 107 53.77 -43.24 34.83
C ASP BA 107 52.83 -42.76 35.92
N LEU BA 108 53.02 -43.26 37.14
CA LEU BA 108 52.21 -42.80 38.26
C LEU BA 108 52.46 -41.33 38.53
N SER BA 109 53.69 -40.86 38.38
CA SER BA 109 53.98 -39.45 38.58
C SER BA 109 53.33 -38.59 37.51
N ALA BA 110 53.28 -39.07 36.27
CA ALA BA 110 52.59 -38.32 35.22
C ALA BA 110 51.09 -38.21 35.50
N LEU BA 111 50.45 -39.34 35.83
CA LEU BA 111 49.05 -39.33 36.20
C LEU BA 111 48.78 -38.36 37.35
N LYS BA 112 49.63 -38.37 38.38
CA LYS BA 112 49.38 -37.51 39.53
C LYS BA 112 49.63 -36.04 39.22
N ALA BA 113 50.58 -35.73 38.33
CA ALA BA 113 50.77 -34.34 37.92
C ALA BA 113 49.52 -33.78 37.26
N GLU BA 114 48.87 -34.58 36.42
CA GLU BA 114 47.63 -34.06 35.85
C GLU BA 114 46.52 -33.95 36.88
N MET BA 115 46.43 -34.88 37.83
CA MET BA 115 45.46 -34.74 38.92
C MET BA 115 45.65 -33.44 39.68
N ASP BA 116 46.90 -33.08 39.99
CA ASP BA 116 47.15 -31.85 40.73
C ASP BA 116 46.75 -30.62 39.94
N GLN BA 117 47.03 -30.60 38.63
CA GLN BA 117 46.59 -29.45 37.85
C GLN BA 117 45.06 -29.33 37.84
N LEU BA 118 44.35 -30.45 37.78
CA LEU BA 118 42.89 -30.38 37.81
C LEU BA 118 42.36 -29.89 39.15
N ALA BA 119 43.00 -30.29 40.25
CA ALA BA 119 42.58 -29.79 41.56
C ALA BA 119 42.84 -28.30 41.70
N ASN BA 120 43.95 -27.82 41.12
CA ASN BA 120 44.22 -26.38 41.11
C ASN BA 120 43.15 -25.62 40.34
N GLU BA 121 42.70 -26.15 39.20
CA GLU BA 121 41.64 -25.46 38.48
C GLU BA 121 40.29 -25.50 39.21
N ILE BA 122 39.99 -26.58 39.92
CA ILE BA 122 38.79 -26.60 40.76
C ILE BA 122 38.87 -25.51 41.82
N ASP BA 123 40.03 -25.35 42.45
CA ASP BA 123 40.17 -24.29 43.44
C ASP BA 123 40.05 -22.90 42.82
N GLU BA 124 40.62 -22.71 41.64
CA GLU BA 124 40.54 -21.41 40.98
C GLU BA 124 39.09 -21.04 40.66
N ILE BA 125 38.32 -21.97 40.10
CA ILE BA 125 36.90 -21.69 39.86
C ILE BA 125 36.20 -21.39 41.17
N GLY BA 126 36.58 -22.08 42.25
CA GLY BA 126 35.95 -21.82 43.54
C GLY BA 126 36.19 -20.40 44.04
N LYS BA 127 37.38 -19.87 43.86
CA LYS BA 127 37.67 -18.53 44.39
C LYS BA 127 37.41 -17.40 43.39
N THR BA 128 37.17 -17.71 42.12
CA THR BA 128 37.16 -16.66 41.10
C THR BA 128 35.75 -16.21 40.73
N THR BA 129 34.76 -17.10 40.83
CA THR BA 129 33.41 -16.80 40.39
C THR BA 129 32.80 -15.63 41.14
N ALA BA 130 32.24 -14.67 40.41
CA ALA BA 130 31.76 -13.43 41.00
C ALA BA 130 30.55 -12.90 40.24
N PHE BA 131 29.80 -12.02 40.91
CA PHE BA 131 28.79 -11.17 40.29
C PHE BA 131 29.32 -9.75 40.38
N GLY BA 132 29.99 -9.31 39.33
CA GLY BA 132 30.68 -8.05 39.38
C GLY BA 132 31.92 -8.16 40.24
N THR BA 133 31.81 -7.78 41.50
CA THR BA 133 32.93 -7.88 42.43
C THR BA 133 32.63 -8.70 43.68
N THR BA 134 31.42 -9.22 43.85
CA THR BA 134 31.10 -10.02 45.03
C THR BA 134 31.29 -11.50 44.71
N LYS BA 135 31.98 -12.22 45.58
CA LYS BA 135 32.26 -13.62 45.35
C LYS BA 135 31.05 -14.48 45.70
N LEU BA 136 30.85 -15.56 44.95
CA LEU BA 136 29.67 -16.41 45.10
C LEU BA 136 29.98 -17.77 45.69
N LEU BA 137 31.11 -18.39 45.33
CA LEU BA 137 31.39 -19.75 45.79
C LEU BA 137 32.43 -19.82 46.88
N ALA BA 138 32.65 -18.75 47.63
CA ALA BA 138 33.71 -18.74 48.63
C ALA BA 138 33.17 -18.84 50.06
N GLY BA 139 31.87 -18.76 50.25
CA GLY BA 139 31.27 -18.85 51.56
C GLY BA 139 30.50 -17.61 52.00
N GLY BA 140 30.34 -16.60 51.16
CA GLY BA 140 29.61 -15.41 51.54
C GLY BA 140 28.10 -15.57 51.49
N PHE BA 141 27.60 -16.59 50.80
CA PHE BA 141 26.18 -16.91 50.76
C PHE BA 141 25.85 -18.15 51.56
N SER BA 142 26.77 -18.64 52.40
CA SER BA 142 26.55 -19.87 53.14
C SER BA 142 25.34 -19.77 54.05
N ALA BA 143 25.20 -18.65 54.74
CA ALA BA 143 23.91 -18.22 55.27
C ALA BA 143 23.31 -17.26 54.26
N GLY BA 144 22.15 -17.62 53.71
CA GLY BA 144 21.68 -16.99 52.50
C GLY BA 144 21.43 -15.49 52.67
N LYS BA 145 21.24 -14.83 51.53
CA LYS BA 145 20.83 -13.43 51.47
C LYS BA 145 19.38 -13.35 51.02
N ASN BA 146 18.67 -12.33 51.51
CA ASN BA 146 17.27 -12.15 51.17
C ASN BA 146 17.09 -11.12 50.07
N PHE BA 147 16.14 -11.41 49.19
CA PHE BA 147 15.68 -10.48 48.16
C PHE BA 147 14.20 -10.25 48.42
N GLN BA 148 13.80 -8.99 48.60
CA GLN BA 148 12.39 -8.70 48.80
C GLN BA 148 11.68 -8.71 47.46
N VAL BA 149 10.82 -9.70 47.25
CA VAL BA 149 10.17 -9.89 45.96
C VAL BA 149 8.74 -9.39 45.94
N GLY BA 150 8.28 -8.76 47.01
CA GLY BA 150 6.95 -8.18 47.06
C GLY BA 150 6.97 -6.72 47.45
N ALA BA 151 5.78 -6.18 47.66
CA ALA BA 151 5.64 -4.78 48.00
C ALA BA 151 5.71 -4.51 49.49
N GLN BA 152 5.45 -5.51 50.33
CA GLN BA 152 5.41 -5.33 51.77
C GLN BA 152 6.60 -6.02 52.43
N ASP BA 153 6.89 -5.58 53.65
CA ASP BA 153 8.02 -6.11 54.39
C ASP BA 153 7.79 -7.56 54.80
N GLY BA 154 8.82 -8.37 54.63
CA GLY BA 154 8.76 -9.77 55.00
C GLY BA 154 8.44 -10.70 53.86
N GLU BA 155 8.07 -10.17 52.69
CA GLU BA 155 7.76 -10.98 51.52
C GLU BA 155 9.03 -11.10 50.69
N ASP BA 156 9.79 -12.16 50.96
CA ASP BA 156 11.13 -12.27 50.41
C ASP BA 156 11.59 -13.72 50.33
N ILE BA 157 12.62 -13.94 49.52
CA ILE BA 157 13.14 -15.26 49.19
C ILE BA 157 14.62 -15.27 49.52
N LYS BA 158 15.12 -16.39 50.02
CA LYS BA 158 16.49 -16.52 50.48
C LYS BA 158 17.29 -17.40 49.52
N VAL BA 159 18.46 -16.92 49.10
CA VAL BA 159 19.33 -17.64 48.18
C VAL BA 159 20.59 -18.07 48.94
N THR BA 160 20.83 -19.37 48.98
CA THR BA 160 21.90 -19.96 49.77
C THR BA 160 22.86 -20.70 48.87
N VAL BA 161 24.16 -20.40 48.98
CA VAL BA 161 25.21 -21.10 48.27
C VAL BA 161 26.34 -21.39 49.25
N LYS BA 162 26.79 -22.62 49.31
CA LYS BA 162 27.89 -22.99 50.17
C LYS BA 162 29.21 -22.95 49.39
N ALA BA 163 30.31 -22.98 50.13
CA ALA BA 163 31.63 -22.91 49.50
C ALA BA 163 31.96 -24.23 48.81
N SER BA 164 32.52 -24.15 47.61
CA SER BA 164 32.92 -25.33 46.85
C SER BA 164 34.28 -25.07 46.21
N ASN BA 165 35.30 -25.74 46.75
CA ASN BA 165 36.68 -25.57 46.34
C ASN BA 165 37.40 -26.84 46.75
N LYS BA 166 38.69 -26.94 46.42
CA LYS BA 166 39.37 -28.22 46.65
C LYS BA 166 39.58 -28.51 48.13
N SER BA 167 39.33 -27.54 49.00
CA SER BA 167 39.54 -27.75 50.43
C SER BA 167 38.26 -28.24 51.10
N SER BA 168 37.12 -27.69 50.71
CA SER BA 168 35.85 -28.11 51.29
C SER BA 168 35.35 -29.40 50.66
N LEU BA 169 35.78 -29.72 49.44
CA LEU BA 169 35.42 -30.97 48.79
C LEU BA 169 36.35 -32.10 49.14
N SER BA 170 37.42 -31.84 49.90
CA SER BA 170 38.37 -32.85 50.38
C SER BA 170 39.10 -33.55 49.23
N VAL BA 171 39.36 -32.86 48.13
CA VAL BA 171 40.12 -33.43 47.02
C VAL BA 171 41.48 -32.76 46.85
N GLY BA 172 41.92 -31.99 47.84
CA GLY BA 172 43.15 -31.24 47.71
C GLY BA 172 44.42 -31.96 48.09
N SER BA 173 44.34 -33.24 48.45
CA SER BA 173 45.52 -34.01 48.83
C SER BA 173 45.36 -35.49 48.50
N LEU BA 174 45.21 -35.81 47.22
CA LEU BA 174 44.96 -37.18 46.81
C LEU BA 174 46.24 -37.84 46.35
N GLY BA 175 46.37 -39.13 46.64
CA GLY BA 175 47.55 -39.87 46.25
C GLY BA 175 47.17 -41.07 45.42
N ASN BA 176 48.17 -41.63 44.75
CA ASN BA 176 47.94 -42.78 43.89
C ASN BA 176 49.10 -43.76 43.91
N THR BA 177 49.99 -43.66 44.89
CA THR BA 177 51.21 -44.46 44.87
C THR BA 177 51.05 -45.80 45.57
N THR BA 178 49.94 -46.02 46.27
CA THR BA 178 49.68 -47.24 47.02
C THR BA 178 48.22 -47.64 46.81
N SER BA 179 47.95 -48.94 46.94
CA SER BA 179 46.61 -49.47 46.73
C SER BA 179 45.57 -48.78 47.62
N ALA BA 180 45.90 -48.60 48.91
CA ALA BA 180 44.96 -47.96 49.82
C ALA BA 180 44.77 -46.48 49.47
N ALA BA 181 45.82 -45.84 48.96
CA ALA BA 181 45.70 -44.45 48.55
C ALA BA 181 44.76 -44.30 47.36
N ARG BA 182 44.82 -45.25 46.42
CA ARG BA 182 43.90 -45.23 45.30
C ARG BA 182 42.47 -45.46 45.74
N ALA BA 183 42.25 -46.42 46.64
CA ALA BA 183 40.90 -46.65 47.14
C ALA BA 183 40.34 -45.41 47.82
N SER BA 184 41.15 -44.75 48.65
CA SER BA 184 40.71 -43.56 49.36
C SER BA 184 40.40 -42.42 48.37
N SER BA 185 41.23 -42.25 47.35
CA SER BA 185 40.99 -41.20 46.37
C SER BA 185 39.70 -41.45 45.59
N LEU BA 186 39.44 -42.70 45.23
CA LEU BA 186 38.19 -43.01 44.54
C LEU BA 186 36.99 -42.64 45.40
N LYS BA 187 37.00 -43.01 46.68
CA LYS BA 187 35.86 -42.69 47.53
C LYS BA 187 35.66 -41.18 47.67
N LYS BA 188 36.73 -40.41 47.84
CA LYS BA 188 36.53 -38.98 48.02
C LYS BA 188 36.10 -38.28 46.74
N ILE BA 189 36.56 -38.72 45.57
CA ILE BA 189 36.07 -38.12 44.34
C ILE BA 189 34.58 -38.39 44.15
N ASP BA 190 34.14 -39.62 44.43
CA ASP BA 190 32.71 -39.92 44.32
C ASP BA 190 31.87 -39.07 45.28
N ALA BA 191 32.37 -38.89 46.51
CA ALA BA 191 31.64 -38.06 47.46
C ALA BA 191 31.54 -36.61 47.00
N ALA BA 192 32.62 -36.08 46.41
CA ALA BA 192 32.59 -34.70 45.92
C ALA BA 192 31.57 -34.53 44.80
N ILE BA 193 31.51 -35.49 43.88
CA ILE BA 193 30.50 -35.44 42.83
C ILE BA 193 29.10 -35.40 43.45
N LYS BA 194 28.87 -36.20 44.49
CA LYS BA 194 27.56 -36.19 45.15
C LYS BA 194 27.21 -34.83 45.75
N THR BA 195 28.16 -34.19 46.44
CA THR BA 195 27.82 -32.92 47.09
C THR BA 195 27.55 -31.82 46.07
N ILE BA 196 28.29 -31.80 44.96
CA ILE BA 196 27.98 -30.82 43.93
C ILE BA 196 26.60 -31.06 43.34
N ASP BA 197 26.23 -32.33 43.12
CA ASP BA 197 24.87 -32.61 42.66
C ASP BA 197 23.82 -32.02 43.61
N ALA BA 198 24.01 -32.18 44.91
CA ALA BA 198 23.01 -31.67 45.85
C ALA BA 198 22.89 -30.14 45.78
N GLN BA 199 24.03 -29.44 45.71
CA GLN BA 199 23.98 -27.98 45.57
C GLN BA 199 23.26 -27.55 44.31
N ARG BA 200 23.53 -28.22 43.19
CA ARG BA 200 22.88 -27.84 41.94
C ARG BA 200 21.38 -28.09 42.00
N ALA BA 201 20.97 -29.15 42.69
CA ALA BA 201 19.54 -29.42 42.88
C ALA BA 201 18.85 -28.27 43.60
N ASP BA 202 19.43 -27.81 44.72
CA ASP BA 202 18.79 -26.70 45.43
C ASP BA 202 18.73 -25.42 44.61
N LEU BA 203 19.78 -25.10 43.86
CA LEU BA 203 19.71 -23.89 43.05
C LEU BA 203 18.66 -24.00 41.96
N GLY BA 204 18.49 -25.19 41.38
CA GLY BA 204 17.44 -25.36 40.37
C GLY BA 204 16.05 -25.17 40.95
N ALA BA 205 15.82 -25.74 42.13
CA ALA BA 205 14.53 -25.52 42.80
C ALA BA 205 14.26 -24.04 43.04
N ILE BA 206 15.27 -23.30 43.49
CA ILE BA 206 15.10 -21.86 43.70
C ILE BA 206 14.71 -21.15 42.40
N GLN BA 207 15.35 -21.51 41.28
CA GLN BA 207 15.01 -20.83 40.03
C GLN BA 207 13.57 -21.12 39.59
N ASN BA 208 13.12 -22.36 39.72
CA ASN BA 208 11.72 -22.67 39.40
C ASN BA 208 10.75 -21.85 40.24
N ARG BA 209 11.01 -21.79 41.54
CA ARG BA 209 10.17 -21.01 42.45
C ARG BA 209 10.10 -19.54 42.05
N LEU BA 210 11.25 -18.95 41.69
CA LEU BA 210 11.25 -17.54 41.32
C LEU BA 210 10.50 -17.30 40.02
N ALA BA 211 10.53 -18.26 39.09
CA ALA BA 211 9.75 -18.13 37.87
C ALA BA 211 8.25 -18.05 38.17
N HIS BA 212 7.74 -19.00 38.97
CA HIS BA 212 6.33 -18.94 39.35
C HIS BA 212 5.97 -17.63 40.06
N ASN BA 213 6.86 -17.15 40.92
CA ASN BA 213 6.54 -15.93 41.68
C ASN BA 213 6.47 -14.70 40.78
N ILE BA 214 7.37 -14.60 39.79
CA ILE BA 214 7.31 -13.46 38.87
C ILE BA 214 6.04 -13.51 38.03
N SER BA 215 5.64 -14.71 37.60
CA SER BA 215 4.40 -14.83 36.84
C SER BA 215 3.20 -14.35 37.64
N ASN BA 216 3.11 -14.75 38.92
CA ASN BA 216 2.00 -14.33 39.75
C ASN BA 216 2.02 -12.81 39.98
N SER BA 217 3.21 -12.21 40.12
CA SER BA 217 3.27 -10.76 40.33
C SER BA 217 2.80 -10.00 39.09
N ALA BA 218 3.13 -10.49 37.89
CA ALA BA 218 2.64 -9.84 36.69
C ALA BA 218 1.12 -9.87 36.61
N ASN BA 219 0.52 -11.04 36.88
CA ASN BA 219 -0.94 -11.12 36.95
C ASN BA 219 -1.52 -10.10 37.91
N THR BA 220 -0.99 -10.06 39.14
CA THR BA 220 -1.58 -9.20 40.15
C THR BA 220 -1.41 -7.72 39.80
N GLN BA 221 -0.28 -7.36 39.21
CA GLN BA 221 -0.09 -5.99 38.77
C GLN BA 221 -1.15 -5.57 37.77
N ALA BA 222 -1.42 -6.42 36.77
CA ALA BA 222 -2.47 -6.10 35.80
C ALA BA 222 -3.82 -5.90 36.48
N ASN BA 223 -4.21 -6.81 37.36
CA ASN BA 223 -5.53 -6.70 37.99
C ASN BA 223 -5.63 -5.48 38.91
N VAL BA 224 -4.56 -5.15 39.63
CA VAL BA 224 -4.60 -4.00 40.52
C VAL BA 224 -4.60 -2.68 39.76
N ALA BA 225 -3.89 -2.62 38.62
CA ALA BA 225 -3.93 -1.41 37.81
C ALA BA 225 -5.32 -1.20 37.21
N ASP BA 226 -5.98 -2.28 36.78
CA ASP BA 226 -7.38 -2.20 36.40
C ASP BA 226 -8.24 -1.63 37.53
N ALA BA 227 -8.09 -2.17 38.74
CA ALA BA 227 -8.86 -1.69 39.88
C ALA BA 227 -8.64 -0.20 40.13
N LYS BA 228 -7.39 0.26 40.06
CA LYS BA 228 -7.11 1.68 40.30
C LYS BA 228 -7.68 2.56 39.21
N SER BA 229 -7.61 2.10 37.96
CA SER BA 229 -8.17 2.87 36.86
C SER BA 229 -9.66 3.06 37.03
N ARG BA 230 -10.37 2.05 37.54
CA ARG BA 230 -11.81 2.22 37.78
C ARG BA 230 -12.11 3.35 38.76
N ILE BA 231 -11.16 3.72 39.61
CA ILE BA 231 -11.41 4.74 40.62
C ILE BA 231 -10.90 6.11 40.19
N VAL BA 232 -9.74 6.19 39.55
CA VAL BA 232 -9.04 7.46 39.38
C VAL BA 232 -9.30 8.10 38.03
N ASP BA 233 -9.41 7.32 36.97
CA ASP BA 233 -9.43 7.87 35.61
C ASP BA 233 -10.79 8.43 35.24
N VAL BA 234 -10.79 9.33 34.26
CA VAL BA 234 -12.00 10.00 33.82
C VAL BA 234 -12.63 9.20 32.69
N ASP BA 235 -13.94 9.39 32.52
CA ASP BA 235 -14.71 8.81 31.42
C ASP BA 235 -14.92 9.90 30.37
N PHE BA 236 -14.37 9.69 29.17
CA PHE BA 236 -14.46 10.72 28.14
C PHE BA 236 -15.87 10.85 27.58
N ALA BA 237 -16.56 9.72 27.42
CA ALA BA 237 -17.91 9.74 26.85
C ALA BA 237 -18.87 10.55 27.72
N LYS BA 238 -18.70 10.50 29.03
CA LYS BA 238 -19.57 11.23 29.94
C LYS BA 238 -19.14 12.68 30.07
N GLU BA 239 -17.83 12.91 30.08
CA GLU BA 239 -17.32 14.23 30.44
C GLU BA 239 -17.47 15.19 29.27
N THR BA 240 -17.34 14.69 28.03
CA THR BA 240 -17.59 15.54 26.86
C THR BA 240 -19.05 15.97 26.79
N SER BA 241 -19.97 15.08 27.17
CA SER BA 241 -21.38 15.44 27.20
C SER BA 241 -21.66 16.53 28.21
N GLN BA 242 -21.10 16.39 29.41
CA GLN BA 242 -21.26 17.47 30.40
C GLN BA 242 -20.68 18.78 29.91
N MET BA 243 -19.54 18.74 29.23
CA MET BA 243 -18.94 19.96 28.72
C MET BA 243 -19.85 20.67 27.73
N THR BA 244 -20.42 19.91 26.78
CA THR BA 244 -21.30 20.52 25.77
C THR BA 244 -22.56 21.10 26.41
N LYS BA 245 -23.13 20.40 27.40
CA LYS BA 245 -24.29 20.94 28.09
C LYS BA 245 -23.98 22.28 28.75
N ASN BA 246 -22.82 22.38 29.43
CA ASN BA 246 -22.52 23.64 30.11
C ASN BA 246 -22.18 24.76 29.12
N GLN BA 247 -21.61 24.41 27.96
CA GLN BA 247 -21.42 25.41 26.91
C GLN BA 247 -22.75 26.05 26.50
N VAL BA 248 -23.74 25.21 26.16
CA VAL BA 248 -25.02 25.75 25.75
C VAL BA 248 -25.66 26.58 26.86
N LEU BA 249 -25.55 26.11 28.11
CA LEU BA 249 -26.13 26.88 29.21
C LEU BA 249 -25.44 28.23 29.38
N GLN BA 250 -24.13 28.29 29.14
CA GLN BA 250 -23.44 29.57 29.21
C GLN BA 250 -23.98 30.55 28.18
N GLN BA 251 -24.16 30.09 26.94
CA GLN BA 251 -24.68 31.01 25.92
C GLN BA 251 -26.09 31.48 26.24
N THR BA 252 -26.94 30.57 26.74
CA THR BA 252 -28.30 30.95 27.10
C THR BA 252 -28.33 31.93 28.26
N GLY BA 253 -27.51 31.68 29.29
CA GLY BA 253 -27.50 32.57 30.44
C GLY BA 253 -26.95 33.93 30.12
N SER BA 254 -25.95 33.99 29.23
CA SER BA 254 -25.44 35.28 28.77
C SER BA 254 -26.53 36.07 28.07
N ALA BA 255 -27.24 35.44 27.13
CA ALA BA 255 -28.34 36.13 26.44
C ALA BA 255 -29.39 36.61 27.43
N MET BA 256 -29.71 35.80 28.42
CA MET BA 256 -30.80 36.14 29.34
C MET BA 256 -30.39 37.27 30.27
N LEU BA 257 -29.13 37.31 30.69
CA LEU BA 257 -28.67 38.41 31.52
C LEU BA 257 -28.59 39.72 30.74
N ALA BA 258 -28.14 39.65 29.48
CA ALA BA 258 -28.12 40.85 28.66
C ALA BA 258 -29.53 41.39 28.43
N GLN BA 259 -30.51 40.50 28.29
CA GLN BA 259 -31.89 40.96 28.18
C GLN BA 259 -32.44 41.46 29.51
N ALA BA 260 -31.93 40.94 30.62
CA ALA BA 260 -32.43 41.35 31.93
C ALA BA 260 -31.95 42.74 32.31
N ASN BA 261 -30.74 43.13 31.89
CA ASN BA 261 -30.26 44.47 32.22
C ASN BA 261 -31.00 45.60 31.51
N GLN BA 262 -31.97 45.32 30.65
CA GLN BA 262 -32.71 46.36 29.97
C GLN BA 262 -34.10 46.62 30.55
N LEU BA 263 -34.39 46.11 31.75
CA LEU BA 263 -35.73 46.29 32.31
C LEU BA 263 -36.00 47.67 32.88
N PRO BA 264 -35.06 48.40 33.47
CA PRO BA 264 -35.39 49.73 33.99
C PRO BA 264 -35.74 50.77 32.93
N GLN BA 265 -35.82 50.40 31.65
CA GLN BA 265 -36.11 51.38 30.61
C GLN BA 265 -37.59 51.56 30.36
N VAL BA 266 -38.47 50.88 31.11
CA VAL BA 266 -39.90 51.13 30.99
C VAL BA 266 -40.24 52.47 31.64
N ALA BA 267 -39.45 52.87 32.64
CA ALA BA 267 -39.69 54.13 33.33
C ALA BA 267 -39.53 55.30 32.39
N LEU BA 268 -38.55 55.26 31.49
CA LEU BA 268 -38.38 56.32 30.52
C LEU BA 268 -39.61 56.46 29.63
N SER BA 269 -40.27 55.34 29.34
CA SER BA 269 -41.52 55.40 28.59
C SER BA 269 -42.61 56.07 29.41
N LEU BA 270 -42.73 55.71 30.70
CA LEU BA 270 -43.74 56.37 31.52
C LEU BA 270 -43.40 57.84 31.75
N LEU BA 271 -42.13 58.20 31.60
CA LEU BA 271 -41.68 59.53 31.98
C LEU BA 271 -41.74 60.50 30.81
N ALA CA 1 -73.27 90.65 50.63
CA ALA CA 1 -72.68 91.98 50.67
C ALA CA 1 -71.67 92.17 49.55
N ILE CA 2 -71.47 93.42 49.15
CA ILE CA 2 -70.47 93.79 48.15
C ILE CA 2 -69.42 94.61 48.87
N THR CA 3 -68.29 94.00 49.19
CA THR CA 3 -67.25 94.64 49.99
C THR CA 3 -65.93 94.68 49.22
N VAL CA 4 -65.09 95.63 49.59
CA VAL CA 4 -63.81 95.81 48.93
C VAL CA 4 -62.63 95.50 49.84
N ASN CA 5 -62.82 95.61 51.15
CA ASN CA 5 -61.71 95.57 52.08
C ASN CA 5 -61.24 94.17 52.43
N THR CA 6 -62.07 93.16 52.22
CA THR CA 6 -61.73 91.79 52.56
C THR CA 6 -62.29 90.87 51.47
N ASN CA 7 -61.49 89.87 51.08
CA ASN CA 7 -61.86 88.97 50.00
C ASN CA 7 -61.54 87.56 50.48
N VAL CA 8 -62.57 86.77 50.77
CA VAL CA 8 -62.37 85.47 51.40
C VAL CA 8 -62.18 84.38 50.34
N THR CA 9 -62.85 84.53 49.20
CA THR CA 9 -62.67 83.59 48.10
C THR CA 9 -61.21 83.54 47.67
N SER CA 10 -60.55 84.69 47.66
CA SER CA 10 -59.14 84.74 47.30
C SER CA 10 -58.28 84.01 48.31
N LEU CA 11 -58.59 84.16 49.60
CA LEU CA 11 -57.84 83.46 50.64
C LEU CA 11 -57.93 81.94 50.46
N LYS CA 12 -59.15 81.45 50.21
CA LYS CA 12 -59.33 80.01 50.06
C LYS CA 12 -58.66 79.50 48.78
N ALA CA 13 -58.74 80.27 47.69
CA ALA CA 13 -58.05 79.89 46.46
C ALA CA 13 -56.54 79.83 46.66
N GLN CA 14 -55.99 80.80 47.40
CA GLN CA 14 -54.57 80.77 47.73
C GLN CA 14 -54.19 79.50 48.46
N LYS CA 15 -54.99 79.10 49.44
CA LYS CA 15 -54.62 77.91 50.20
C LYS CA 15 -54.68 76.64 49.33
N ASN CA 16 -55.69 76.52 48.48
CA ASN CA 16 -55.74 75.36 47.59
C ASN CA 16 -54.56 75.32 46.64
N LEU CA 17 -54.20 76.48 46.06
CA LEU CA 17 -53.09 76.52 45.12
C LEU CA 17 -51.78 76.14 45.80
N ASN CA 18 -51.60 76.58 47.04
CA ASN CA 18 -50.38 76.22 47.78
C ASN CA 18 -50.33 74.71 48.04
N THR CA 19 -51.46 74.11 48.42
CA THR CA 19 -51.48 72.67 48.66
C THR CA 19 -51.09 71.90 47.40
N SER CA 20 -51.65 72.30 46.25
CA SER CA 20 -51.33 71.64 44.99
C SER CA 20 -49.85 71.77 44.65
N ALA CA 21 -49.28 72.97 44.82
CA ALA CA 21 -47.86 73.17 44.51
C ALA CA 21 -46.97 72.29 45.39
N SER CA 22 -47.28 72.21 46.68
CA SER CA 22 -46.50 71.36 47.57
C SER CA 22 -46.54 69.90 47.12
N ASP CA 23 -47.72 69.39 46.78
CA ASP CA 23 -47.83 68.00 46.33
C ASP CA 23 -47.00 67.76 45.07
N LEU CA 24 -47.05 68.71 44.13
CA LEU CA 24 -46.29 68.54 42.89
C LEU CA 24 -44.79 68.51 43.15
N ALA CA 25 -44.31 69.40 44.02
CA ALA CA 25 -42.88 69.40 44.36
C ALA CA 25 -42.45 68.08 44.98
N THR CA 26 -43.26 67.53 45.89
CA THR CA 26 -42.94 66.24 46.49
C THR CA 26 -42.82 65.14 45.43
N SER CA 27 -43.78 65.10 44.51
CA SER CA 27 -43.74 64.08 43.46
C SER CA 27 -42.50 64.23 42.58
N MET CA 28 -42.16 65.47 42.22
CA MET CA 28 -40.97 65.73 41.40
C MET CA 28 -39.71 65.20 42.09
N GLU CA 29 -39.57 65.47 43.38
CA GLU CA 29 -38.44 64.96 44.15
C GLU CA 29 -38.37 63.44 44.12
N ARG CA 30 -39.52 62.79 44.33
CA ARG CA 30 -39.53 61.33 44.38
C ARG CA 30 -39.16 60.72 43.03
N LEU CA 31 -39.60 61.33 41.92
CA LEU CA 31 -39.21 60.83 40.60
C LEU CA 31 -37.75 61.09 40.30
N SER CA 32 -37.20 62.21 40.79
CA SER CA 32 -35.80 62.50 40.52
C SER CA 32 -34.88 61.58 41.30
N SER CA 33 -35.28 61.19 42.51
CA SER CA 33 -34.41 60.38 43.36
C SER CA 33 -34.51 58.89 43.06
N GLY CA 34 -35.72 58.40 42.78
CA GLY CA 34 -35.95 56.99 42.63
C GLY CA 34 -36.33 56.27 43.89
N LEU CA 35 -36.54 56.98 44.99
CA LEU CA 35 -36.84 56.40 46.29
C LEU CA 35 -38.15 56.95 46.82
N ARG CA 36 -38.89 56.10 47.54
CA ARG CA 36 -40.13 56.53 48.16
C ARG CA 36 -39.87 57.24 49.48
N ILE CA 37 -38.87 56.80 50.23
CA ILE CA 37 -38.55 57.35 51.53
C ILE CA 37 -37.29 58.18 51.40
N ASN CA 38 -37.45 59.50 51.35
CA ASN CA 38 -36.30 60.40 51.33
C ASN CA 38 -35.99 60.99 52.70
N SER CA 39 -36.91 60.91 53.65
CA SER CA 39 -36.74 61.45 54.99
C SER CA 39 -37.56 60.60 55.94
N ALA CA 40 -37.56 60.99 57.22
CA ALA CA 40 -38.44 60.33 58.16
C ALA CA 40 -39.84 60.94 58.19
N LYS CA 41 -40.01 62.10 57.56
CA LYS CA 41 -41.34 62.61 57.25
C LYS CA 41 -42.18 61.60 56.50
N ASP CA 42 -41.55 60.76 55.69
CA ASP CA 42 -42.25 59.86 54.77
C ASP CA 42 -42.74 58.60 55.48
N ASP CA 43 -41.81 57.82 56.02
CA ASP CA 43 -42.16 56.57 56.71
C ASP CA 43 -41.05 56.30 57.72
N ALA CA 44 -41.38 56.32 59.01
CA ALA CA 44 -40.34 56.28 60.03
C ALA CA 44 -39.95 54.85 60.38
N ALA CA 45 -40.93 53.95 60.49
CA ALA CA 45 -40.62 52.56 60.79
C ALA CA 45 -39.95 51.86 59.62
N GLY CA 46 -40.38 52.18 58.39
CA GLY CA 46 -39.74 51.64 57.22
C GLY CA 46 -38.29 52.08 57.09
N LEU CA 47 -37.98 53.29 57.52
CA LEU CA 47 -36.60 53.76 57.52
C LEU CA 47 -35.70 52.84 58.35
N ALA CA 48 -36.12 52.50 59.57
CA ALA CA 48 -35.29 51.67 60.42
C ALA CA 48 -35.24 50.23 59.92
N ILE CA 49 -36.38 49.70 59.47
CA ILE CA 49 -36.38 48.34 58.91
C ILE CA 49 -35.43 48.26 57.72
N SER CA 50 -35.42 49.30 56.89
CA SER CA 50 -34.57 49.29 55.71
C SER CA 50 -33.10 49.52 56.06
N ASN CA 51 -32.81 50.28 57.11
CA ASN CA 51 -31.43 50.36 57.59
C ASN CA 51 -30.91 49.00 58.02
N ARG CA 52 -31.73 48.22 58.73
CA ARG CA 52 -31.29 46.90 59.14
C ARG CA 52 -31.12 45.95 57.95
N LEU CA 53 -32.05 45.99 56.99
CA LEU CA 53 -31.91 45.14 55.82
C LEU CA 53 -30.69 45.53 55.00
N ASN CA 54 -30.36 46.83 54.98
CA ASN CA 54 -29.18 47.31 54.28
C ASN CA 54 -27.90 46.80 54.93
N SER CA 55 -27.84 46.84 56.26
CA SER CA 55 -26.72 46.23 56.97
C SER CA 55 -26.57 44.76 56.60
N GLN CA 56 -27.68 44.03 56.52
CA GLN CA 56 -27.60 42.61 56.19
C GLN CA 56 -27.05 42.37 54.78
N VAL CA 57 -27.55 43.13 53.80
CA VAL CA 57 -27.07 42.95 52.42
C VAL CA 57 -25.57 43.21 52.33
N ARG CA 58 -25.13 44.31 52.92
CA ARG CA 58 -23.72 44.70 52.82
C ARG CA 58 -22.82 43.70 53.55
N GLY CA 59 -23.29 43.21 54.71
CA GLY CA 59 -22.53 42.21 55.44
C GLY CA 59 -22.40 40.90 54.70
N LEU CA 60 -23.47 40.48 54.02
CA LEU CA 60 -23.38 39.25 53.23
C LEU CA 60 -22.38 39.39 52.09
N GLU CA 61 -22.32 40.57 51.46
CA GLU CA 61 -21.31 40.79 50.43
C GLU CA 61 -19.89 40.61 50.98
N VAL CA 62 -19.59 41.27 52.09
CA VAL CA 62 -18.24 41.14 52.67
C VAL CA 62 -17.97 39.71 53.14
N GLY CA 63 -18.99 39.02 53.64
CA GLY CA 63 -18.79 37.66 54.09
C GLY CA 63 -18.46 36.70 52.98
N MET CA 64 -19.08 36.86 51.82
CA MET CA 64 -18.68 36.06 50.66
C MET CA 64 -17.25 36.34 50.24
N ARG CA 65 -16.81 37.60 50.37
CA ARG CA 65 -15.40 37.87 50.10
C ARG CA 65 -14.49 37.10 51.05
N ASN CA 66 -14.80 37.11 52.35
CA ASN CA 66 -14.00 36.35 53.32
C ASN CA 66 -14.01 34.84 53.03
N ALA CA 67 -15.17 34.31 52.62
CA ALA CA 67 -15.25 32.89 52.31
C ALA CA 67 -14.37 32.52 51.14
N ASN CA 68 -14.28 33.39 50.14
CA ASN CA 68 -13.42 33.09 49.00
C ASN CA 68 -11.95 33.16 49.40
N ASP CA 69 -11.60 34.06 50.33
CA ASP CA 69 -10.26 34.07 50.91
C ASP CA 69 -9.91 32.74 51.57
N ALA CA 70 -10.84 32.20 52.36
CA ALA CA 70 -10.60 30.90 53.01
C ALA CA 70 -10.40 29.79 51.98
N ILE CA 71 -11.21 29.79 50.92
CA ILE CA 71 -11.05 28.77 49.88
C ILE CA 71 -9.67 28.88 49.24
N SER CA 72 -9.19 30.10 49.03
CA SER CA 72 -7.85 30.30 48.46
C SER CA 72 -6.77 29.69 49.33
N ILE CA 73 -6.80 29.99 50.63
CA ILE CA 73 -5.80 29.46 51.56
C ILE CA 73 -5.80 27.92 51.52
N ALA CA 74 -6.98 27.32 51.65
CA ALA CA 74 -7.07 25.87 51.69
C ALA CA 74 -6.57 25.24 50.40
N GLN CA 75 -6.86 25.90 49.27
CA GLN CA 75 -6.45 25.37 47.97
C GLN CA 75 -4.93 25.38 47.81
N ILE CA 76 -4.28 26.46 48.24
CA ILE CA 76 -2.81 26.51 48.17
C ILE CA 76 -2.18 25.41 49.04
N ALA CA 77 -2.63 25.27 50.29
CA ALA CA 77 -2.02 24.26 51.16
C ALA CA 77 -2.24 22.84 50.63
N GLU CA 78 -3.47 22.55 50.20
CA GLU CA 78 -3.79 21.25 49.66
C GLU CA 78 -2.97 20.93 48.42
N GLY CA 79 -2.71 21.92 47.56
CA GLY CA 79 -1.87 21.68 46.41
C GLY CA 79 -0.42 21.44 46.77
N ALA CA 80 0.06 22.09 47.83
CA ALA CA 80 1.43 21.86 48.28
C ALA CA 80 1.64 20.43 48.77
N MET CA 81 0.64 19.82 49.41
CA MET CA 81 0.84 18.48 49.97
C MET CA 81 1.00 17.37 48.92
N GLN CA 82 0.58 17.61 47.67
CA GLN CA 82 0.64 16.58 46.62
C GLN CA 82 2.08 16.23 46.22
N GLU CA 83 2.95 17.24 46.10
CA GLU CA 83 4.35 16.96 45.79
C GLU CA 83 5.04 16.21 46.91
N GLN CA 84 4.66 16.48 48.15
CA GLN CA 84 5.19 15.74 49.28
C GLN CA 84 4.80 14.27 49.21
N THR CA 85 3.53 13.99 48.92
CA THR CA 85 3.10 12.61 48.68
C THR CA 85 3.92 11.94 47.58
N ASN CA 86 4.15 12.66 46.48
CA ASN CA 86 4.88 12.13 45.34
C ASN CA 86 6.30 11.73 45.72
N MET CA 87 6.99 12.61 46.45
CA MET CA 87 8.35 12.32 46.86
C MET CA 87 8.41 11.17 47.86
N LEU CA 88 7.41 11.06 48.75
CA LEU CA 88 7.38 9.91 49.66
C LEU CA 88 7.23 8.59 48.91
N GLN CA 89 6.41 8.57 47.86
CA GLN CA 89 6.32 7.36 47.04
C GLN CA 89 7.65 7.00 46.42
N ARG CA 90 8.39 8.01 45.93
CA ARG CA 90 9.73 7.75 45.38
C ARG CA 90 10.67 7.15 46.44
N MET CA 91 10.66 7.70 47.65
CA MET CA 91 11.51 7.15 48.72
C MET CA 91 11.11 5.72 49.07
N ARG CA 92 9.81 5.41 49.04
CA ARG CA 92 9.38 4.04 49.25
C ARG CA 92 9.98 3.08 48.23
N ASP CA 93 10.00 3.48 46.95
CA ASP CA 93 10.63 2.65 45.94
C ASP CA 93 12.12 2.47 46.20
N LEU CA 94 12.82 3.54 46.58
CA LEU CA 94 14.24 3.42 46.89
C LEU CA 94 14.50 2.47 48.06
N THR CA 95 13.62 2.51 49.07
CA THR CA 95 13.78 1.63 50.22
C THR CA 95 13.53 0.17 49.84
N VAL CA 96 12.53 -0.10 49.00
CA VAL CA 96 12.33 -1.47 48.55
C VAL CA 96 13.51 -1.94 47.73
N GLN CA 97 14.13 -1.03 46.96
CA GLN CA 97 15.29 -1.41 46.16
C GLN CA 97 16.52 -1.70 47.03
N SER CA 98 16.60 -1.10 48.22
CA SER CA 98 17.73 -1.39 49.11
C SER CA 98 17.75 -2.84 49.61
N GLU CA 99 16.63 -3.54 49.58
CA GLU CA 99 16.55 -4.91 50.07
C GLU CA 99 16.89 -5.92 48.98
N ASN CA 100 18.12 -5.91 48.50
CA ASN CA 100 18.55 -6.71 47.37
C ASN CA 100 19.92 -7.28 47.69
N GLY CA 101 19.99 -8.61 47.79
CA GLY CA 101 21.22 -9.26 48.20
C GLY CA 101 22.36 -9.16 47.21
N ALA CA 102 22.22 -8.32 46.19
CA ALA CA 102 23.29 -8.07 45.25
C ALA CA 102 23.86 -6.67 45.38
N ASN CA 103 23.22 -5.80 46.16
CA ASN CA 103 23.74 -4.48 46.41
C ASN CA 103 24.99 -4.57 47.28
N SER CA 104 25.90 -3.63 47.09
CA SER CA 104 27.07 -3.47 47.94
C SER CA 104 27.00 -2.12 48.64
N SER CA 105 28.04 -1.78 49.40
CA SER CA 105 27.97 -0.56 50.22
C SER CA 105 27.93 0.70 49.36
N ALA CA 106 28.57 0.67 48.19
CA ALA CA 106 28.53 1.83 47.30
C ALA CA 106 27.13 2.05 46.73
N ASP CA 107 26.46 0.97 46.33
CA ASP CA 107 25.10 1.09 45.82
C ASP CA 107 24.14 1.57 46.90
N LEU CA 108 24.32 1.06 48.13
CA LEU CA 108 23.51 1.52 49.24
C LEU CA 108 23.74 3.00 49.52
N SER CA 109 24.98 3.46 49.38
CA SER CA 109 25.27 4.87 49.59
C SER CA 109 24.62 5.74 48.52
N ALA CA 110 24.59 5.25 47.27
CA ALA CA 110 23.91 6.00 46.22
C ALA CA 110 22.40 6.12 46.48
N LEU CA 111 21.78 4.99 46.80
CA LEU CA 111 20.36 4.99 47.16
C LEU CA 111 20.08 5.97 48.31
N LYS CA 112 20.92 5.95 49.35
CA LYS CA 112 20.66 6.80 50.49
C LYS CA 112 20.91 8.28 50.18
N ALA CA 113 21.87 8.60 49.31
CA ALA CA 113 22.06 9.97 48.91
C ALA CA 113 20.82 10.54 48.24
N GLU CA 114 20.18 9.75 47.38
CA GLU CA 114 18.95 10.27 46.80
C GLU CA 114 17.81 10.38 47.82
N MET CA 115 17.72 9.44 48.77
CA MET CA 115 16.73 9.58 49.85
C MET CA 115 16.91 10.88 50.62
N ASP CA 116 18.17 11.23 50.94
CA ASP CA 116 18.40 12.47 51.69
C ASP CA 116 18.01 13.70 50.89
N GLN CA 117 18.32 13.72 49.59
CA GLN CA 117 17.87 14.87 48.80
C GLN CA 117 16.34 14.99 48.78
N LEU CA 118 15.63 13.86 48.70
CA LEU CA 118 14.18 13.94 48.72
C LEU CA 118 13.64 14.43 50.06
N ALA CA 119 14.26 14.02 51.17
CA ALA CA 119 13.82 14.51 52.47
C ALA CA 119 14.10 16.02 52.62
N ASN CA 120 15.21 16.49 52.05
CA ASN CA 120 15.48 17.93 52.04
C ASN CA 120 14.41 18.69 51.26
N GLU CA 121 13.97 18.16 50.12
CA GLU CA 121 12.92 18.86 49.39
C GLU CA 121 11.57 18.82 50.10
N ILE CA 122 11.26 17.73 50.81
CA ILE CA 122 10.05 17.71 51.64
C ILE CA 122 10.11 18.80 52.70
N ASP CA 123 11.27 18.95 53.34
CA ASP CA 123 11.40 20.02 54.34
C ASP CA 123 11.28 21.41 53.72
N GLU CA 124 11.87 21.60 52.54
CA GLU CA 124 11.79 22.90 51.89
C GLU CA 124 10.35 23.27 51.55
N ILE CA 125 9.58 22.33 50.99
CA ILE CA 125 8.17 22.61 50.73
C ILE CA 125 7.45 22.92 52.04
N GLY CA 126 7.82 22.23 53.12
CA GLY CA 126 7.17 22.49 54.39
C GLY CA 126 7.40 23.90 54.91
N LYS CA 127 8.61 24.44 54.73
CA LYS CA 127 8.88 25.77 55.27
C LYS CA 127 8.63 26.90 54.28
N THR CA 128 8.41 26.60 53.00
CA THR CA 128 8.41 27.66 51.98
C THR CA 128 7.00 28.10 51.59
N THR CA 129 6.02 27.21 51.70
CA THR CA 129 4.67 27.51 51.23
C THR CA 129 4.05 28.69 51.98
N ALA CA 130 3.49 29.63 51.24
CA ALA CA 130 3.01 30.88 51.83
C ALA CA 130 1.81 31.41 51.07
N PHE CA 131 1.06 32.28 51.73
CA PHE CA 131 0.04 33.14 51.10
C PHE CA 131 0.57 34.56 51.20
N GLY CA 132 1.26 35.00 50.15
CA GLY CA 132 1.95 36.27 50.22
C GLY CA 132 3.18 36.15 51.09
N THR CA 133 3.05 36.52 52.35
CA THR CA 133 4.16 36.42 53.29
C THR CA 133 3.85 35.61 54.53
N THR CA 134 2.64 35.07 54.69
CA THR CA 134 2.30 34.27 55.86
C THR CA 134 2.49 32.80 55.53
N LYS CA 135 3.18 32.08 56.41
CA LYS CA 135 3.46 30.67 56.19
C LYS CA 135 2.25 29.82 56.52
N LEU CA 136 2.06 28.74 55.77
CA LEU CA 136 0.88 27.90 55.91
C LEU CA 136 1.19 26.52 56.49
N LEU CA 137 2.31 25.91 56.15
CA LEU CA 137 2.59 24.55 56.59
C LEU CA 137 3.62 24.47 57.71
N ALA CA 138 3.83 25.55 58.46
CA ALA CA 138 4.87 25.55 59.47
C ALA CA 138 4.33 25.44 60.89
N GLY CA 139 3.02 25.53 61.07
CA GLY CA 139 2.41 25.44 62.38
C GLY CA 139 1.62 26.67 62.81
N GLY CA 140 1.49 27.68 61.96
CA GLY CA 140 0.74 28.88 62.34
C GLY CA 140 -0.76 28.71 62.28
N PHE CA 141 -1.25 27.70 61.58
CA PHE CA 141 -2.68 27.38 61.53
C PHE CA 141 -3.01 26.12 62.32
N SER CA 142 -2.10 25.64 63.17
CA SER CA 142 -2.33 24.40 63.90
C SER CA 142 -3.54 24.51 64.80
N ALA CA 143 -3.70 25.63 65.50
CA ALA CA 143 -4.99 26.05 66.01
C ALA CA 143 -5.58 27.01 64.98
N GLY CA 144 -6.74 26.65 64.43
CA GLY CA 144 -7.20 27.29 63.22
C GLY CA 144 -7.45 28.78 63.38
N LYS CA 145 -7.63 29.45 62.25
CA LYS CA 145 -8.03 30.84 62.17
C LYS CA 145 -9.48 30.94 61.72
N ASN CA 146 -10.18 31.95 62.20
CA ASN CA 146 -11.59 32.13 61.86
C ASN CA 146 -11.76 33.16 60.75
N PHE CA 147 -12.71 32.88 59.86
CA PHE CA 147 -13.15 33.80 58.83
C PHE CA 147 -14.63 34.05 59.07
N GLN CA 148 -15.03 35.29 59.25
CA GLN CA 148 -16.45 35.59 59.44
C GLN CA 148 -17.14 35.58 58.09
N VAL CA 149 -18.00 34.58 57.86
CA VAL CA 149 -18.63 34.40 56.57
C VAL CA 149 -20.06 34.90 56.53
N GLY CA 150 -20.54 35.53 57.60
CA GLY CA 150 -21.86 36.10 57.64
C GLY CA 150 -21.84 37.57 58.03
N ALA CA 151 -23.04 38.10 58.23
CA ALA CA 151 -23.19 39.51 58.57
C ALA CA 151 -23.14 39.77 60.07
N GLN CA 152 -23.40 38.77 60.90
CA GLN CA 152 -23.46 38.94 62.33
C GLN CA 152 -22.27 38.26 63.01
N ASP CA 153 -22.00 38.69 64.23
CA ASP CA 153 -20.88 38.16 64.99
C ASP CA 153 -21.11 36.71 65.40
N GLY CA 154 -20.08 35.89 65.23
CA GLY CA 154 -20.14 34.50 65.59
C GLY CA 154 -20.45 33.56 64.45
N GLU CA 155 -20.81 34.10 63.28
CA GLU CA 155 -21.10 33.30 62.09
C GLU CA 155 -19.83 33.18 61.28
N ASP CA 156 -19.07 32.12 61.56
CA ASP CA 156 -17.72 32.01 61.02
C ASP CA 156 -17.26 30.56 60.95
N ILE CA 157 -16.23 30.34 60.14
CA ILE CA 157 -15.71 29.03 59.81
C ILE CA 157 -14.22 29.01 60.16
N LYS CA 158 -13.73 27.89 60.67
CA LYS CA 158 -12.36 27.76 61.14
C LYS CA 158 -11.56 26.89 60.19
N VAL CA 159 -10.38 27.37 59.78
CA VAL CA 159 -9.50 26.65 58.87
C VAL CA 159 -8.25 26.21 59.64
N THR CA 160 -8.01 24.91 59.68
CA THR CA 160 -6.94 24.32 60.48
C THR CA 160 -5.97 23.58 59.58
N VAL CA 161 -4.68 23.89 59.72
CA VAL CA 161 -3.62 23.19 59.00
C VAL CA 161 -2.50 22.90 60.00
N LYS CA 162 -2.05 21.67 60.07
CA LYS CA 162 -0.95 21.29 60.94
C LYS CA 162 0.37 21.34 60.17
N ALA CA 163 1.47 21.31 60.92
CA ALA CA 163 2.79 21.37 60.31
C ALA CA 163 3.13 20.06 59.62
N SER CA 164 3.70 20.14 58.42
CA SER CA 164 4.11 18.96 57.67
C SER CA 164 5.48 19.23 57.05
N ASN CA 165 6.48 18.56 57.59
CA ASN CA 165 7.88 18.73 57.20
C ASN CA 165 8.60 17.45 57.61
N LYS CA 166 9.89 17.36 57.30
CA LYS CA 166 10.55 16.08 57.53
C LYS CA 166 10.76 15.79 59.01
N SER CA 167 10.50 16.75 59.88
CA SER CA 167 10.69 16.52 61.30
C SER CA 167 9.41 16.05 61.97
N SER CA 168 8.26 16.61 61.55
CA SER CA 168 6.99 16.18 62.12
C SER CA 168 6.51 14.88 61.49
N LEU CA 169 6.94 14.57 60.28
CA LEU CA 169 6.59 13.32 59.62
C LEU CA 169 7.53 12.18 59.99
N SER CA 170 8.57 12.44 60.75
CA SER CA 170 9.53 11.44 61.22
C SER CA 170 10.26 10.74 60.10
N VAL CA 171 10.54 11.43 59.00
CA VAL CA 171 11.31 10.86 57.89
C VAL CA 171 12.66 11.54 57.74
N GLY CA 172 13.10 12.31 58.73
CA GLY CA 172 14.33 13.06 58.62
C GLY CA 172 15.60 12.33 59.02
N SER CA 173 15.51 11.05 59.37
CA SER CA 173 16.69 10.28 59.76
C SER CA 173 16.54 8.81 59.42
N LEU CA 174 16.40 8.49 58.14
CA LEU CA 174 16.14 7.12 57.74
C LEU CA 174 17.44 6.46 57.28
N GLY CA 175 17.57 5.17 57.56
CA GLY CA 175 18.75 4.43 57.19
C GLY CA 175 18.38 3.22 56.35
N ASN CA 176 19.40 2.68 55.69
CA ASN CA 176 19.17 1.52 54.83
C ASN CA 176 20.33 0.55 54.86
N THR CA 177 21.22 0.64 55.85
CA THR CA 177 22.43 -0.16 55.83
C THR CA 177 22.26 -1.50 56.53
N THR CA 178 21.14 -1.71 57.22
CA THR CA 178 20.87 -2.94 57.96
C THR CA 178 19.42 -3.34 57.74
N SER CA 179 19.15 -4.64 57.86
CA SER CA 179 17.81 -5.17 57.64
C SER CA 179 16.76 -4.49 58.52
N ALA CA 180 17.07 -4.31 59.80
CA ALA CA 180 16.13 -3.67 60.71
C ALA CA 180 15.94 -2.20 60.36
N ALA CA 181 16.99 -1.55 59.87
CA ALA CA 181 16.87 -0.15 59.46
C ALA CA 181 15.95 -0.01 58.26
N ARG CA 182 16.02 -0.95 57.32
CA ARG CA 182 15.11 -0.93 56.18
C ARG CA 182 13.68 -1.16 56.60
N ALA CA 183 13.44 -2.12 57.51
CA ALA CA 183 12.09 -2.35 57.99
C ALA CA 183 11.52 -1.11 58.67
N SER CA 184 12.33 -0.46 59.50
CA SER CA 184 11.88 0.74 60.20
C SER CA 184 11.58 1.87 59.22
N SER CA 185 12.43 2.04 58.21
CA SER CA 185 12.20 3.10 57.23
C SER CA 185 10.92 2.85 56.44
N LEU CA 186 10.65 1.60 56.07
CA LEU CA 186 9.41 1.29 55.37
C LEU CA 186 8.19 1.66 56.21
N LYS CA 187 8.20 1.28 57.49
CA LYS CA 187 7.05 1.61 58.33
C LYS CA 187 6.84 3.11 58.47
N LYS CA 188 7.91 3.87 58.67
CA LYS CA 188 7.71 5.30 58.84
C LYS CA 188 7.29 6.01 57.55
N ILE CA 189 7.78 5.57 56.39
CA ILE CA 189 7.30 6.18 55.15
C ILE CA 189 5.80 5.91 54.95
N ASP CA 190 5.36 4.67 55.23
CA ASP CA 190 3.93 4.38 55.10
C ASP CA 190 3.09 5.22 56.05
N ALA CA 191 3.57 5.40 57.29
CA ALA CA 191 2.83 6.23 58.23
C ALA CA 191 2.74 7.68 57.77
N ALA CA 192 3.82 8.21 57.19
CA ALA CA 192 3.79 9.59 56.70
C ALA CA 192 2.79 9.77 55.58
N ILE CA 193 2.74 8.81 54.65
CA ILE CA 193 1.74 8.86 53.59
C ILE CA 193 0.33 8.90 54.20
N LYS CA 194 0.09 8.10 55.23
CA LYS CA 194 -1.23 8.11 55.89
C LYS CA 194 -1.58 9.47 56.48
N THR CA 195 -0.64 10.12 57.18
CA THR CA 195 -0.99 11.38 57.83
C THR CA 195 -1.25 12.47 56.81
N ILE CA 196 -0.49 12.49 55.71
CA ILE CA 196 -0.79 13.48 54.67
C ILE CA 196 -2.17 13.24 54.07
N ASP CA 197 -2.54 11.98 53.85
CA ASP CA 197 -3.90 11.71 53.37
C ASP CA 197 -4.95 12.28 54.30
N ALA CA 198 -4.78 12.12 55.62
CA ALA CA 198 -5.79 12.63 56.55
C ALA CA 198 -5.90 14.15 56.47
N GLN CA 199 -4.77 14.85 56.41
CA GLN CA 199 -4.82 16.31 56.28
C GLN CA 199 -5.53 16.75 55.01
N ARG CA 200 -5.23 16.08 53.89
CA ARG CA 200 -5.87 16.46 52.63
C ARG CA 200 -7.38 16.21 52.68
N ALA CA 201 -7.79 15.14 53.37
CA ALA CA 201 -9.22 14.88 53.54
C ALA CA 201 -9.92 16.03 54.25
N ASP CA 202 -9.35 16.48 55.37
CA ASP CA 202 -10.00 17.59 56.10
C ASP CA 202 -10.05 18.87 55.28
N LEU CA 203 -8.99 19.20 54.54
CA LEU CA 203 -9.05 20.41 53.72
C LEU CA 203 -10.10 20.31 52.62
N GLY CA 204 -10.26 19.12 52.03
CA GLY CA 204 -11.30 18.95 51.02
C GLY CA 204 -12.69 19.12 51.58
N ALA CA 205 -12.95 18.57 52.77
CA ALA CA 205 -14.23 18.77 53.42
C ALA CA 205 -14.51 20.25 53.66
N ILE CA 206 -13.50 21.00 54.12
CA ILE CA 206 -13.67 22.44 54.32
C ILE CA 206 -14.05 23.15 53.03
N GLN CA 207 -13.40 22.79 51.91
CA GLN CA 207 -13.73 23.47 50.65
C GLN CA 207 -15.16 23.20 50.21
N ASN CA 208 -15.62 21.94 50.33
CA ASN CA 208 -17.01 21.64 49.99
C ASN CA 208 -17.99 22.45 50.82
N ARG CA 209 -17.74 22.51 52.13
CA ARG CA 209 -18.58 23.29 53.03
C ARG CA 209 -18.65 24.77 52.63
N LEU CA 210 -17.50 25.35 52.29
CA LEU CA 210 -17.50 26.77 51.92
C LEU CA 210 -18.24 27.01 50.61
N ALA CA 211 -18.20 26.05 49.69
CA ALA CA 211 -18.97 26.18 48.46
C ALA CA 211 -20.46 26.26 48.73
N HIS CA 212 -20.98 25.31 49.52
CA HIS CA 212 -22.40 25.37 49.90
C HIS CA 212 -22.76 26.68 50.60
N ASN CA 213 -21.89 27.16 51.48
CA ASN CA 213 -22.21 28.36 52.23
C ASN CA 213 -22.28 29.60 51.33
N ILE CA 214 -21.37 29.71 50.35
CA ILE CA 214 -21.41 30.84 49.44
C ILE CA 214 -22.68 30.80 48.59
N SER CA 215 -23.07 29.60 48.15
CA SER CA 215 -24.31 29.48 47.37
C SER CA 215 -25.52 29.97 48.17
N ASN CA 216 -25.62 29.56 49.43
CA ASN CA 216 -26.74 29.98 50.25
C ASN CA 216 -26.72 31.49 50.49
N SER CA 217 -25.54 32.09 50.65
CA SER CA 217 -25.47 33.54 50.84
C SER CA 217 -25.93 34.30 49.62
N ALA CA 218 -25.58 33.81 48.42
CA ALA CA 218 -26.07 34.47 47.21
C ALA CA 218 -27.58 34.44 47.12
N ASN CA 219 -28.18 33.26 47.38
CA ASN CA 219 -29.65 33.18 47.43
C ASN CA 219 -30.23 34.21 48.39
N THR CA 220 -29.72 34.24 49.62
CA THR CA 220 -30.33 35.10 50.63
C THR CA 220 -30.15 36.57 50.30
N GLN CA 221 -29.01 36.94 49.71
CA GLN CA 221 -28.82 38.32 49.28
C GLN CA 221 -29.86 38.74 48.26
N ALA CA 222 -30.12 37.88 47.26
CA ALA CA 222 -31.16 38.21 46.28
C ALA CA 222 -32.53 38.42 46.94
N ASN CA 223 -32.92 37.49 47.82
CA ASN CA 223 -34.25 37.61 48.44
C ASN CA 223 -34.36 38.83 49.35
N VAL CA 224 -33.30 39.16 50.09
CA VAL CA 224 -33.35 40.30 50.99
C VAL CA 224 -33.33 41.61 50.23
N ALA CA 225 -32.61 41.69 49.10
CA ALA CA 225 -32.64 42.90 48.28
C ALA CA 225 -34.03 43.11 47.67
N ASP CA 226 -34.67 42.02 47.24
CA ASP CA 226 -36.08 42.11 46.84
C ASP CA 226 -36.96 42.68 47.95
N ALA CA 227 -36.81 42.14 49.17
CA ALA CA 227 -37.59 42.61 50.30
C ALA CA 227 -37.38 44.09 50.56
N LYS CA 228 -36.14 44.57 50.50
CA LYS CA 228 -35.85 45.98 50.76
C LYS CA 228 -36.42 46.86 49.65
N SER CA 229 -36.33 46.40 48.40
CA SER CA 229 -36.88 47.17 47.29
C SER CA 229 -38.37 47.37 47.45
N ARG CA 230 -39.08 46.36 47.96
CA ARG CA 230 -40.52 46.53 48.18
C ARG CA 230 -40.84 47.65 49.15
N ILE CA 231 -39.89 48.02 50.01
CA ILE CA 231 -40.16 49.03 51.03
C ILE CA 231 -39.64 50.41 50.61
N VAL CA 232 -38.48 50.49 49.98
CA VAL CA 232 -37.77 51.76 49.83
C VAL CA 232 -38.02 52.40 48.47
N ASP CA 233 -38.12 51.62 47.40
CA ASP CA 233 -38.12 52.18 46.06
C ASP CA 233 -39.49 52.75 45.68
N VAL CA 234 -39.47 53.64 44.69
CA VAL CA 234 -40.69 54.31 44.24
C VAL CA 234 -41.30 53.52 43.09
N ASP CA 235 -42.60 53.70 42.91
CA ASP CA 235 -43.36 53.14 41.80
C ASP CA 235 -43.56 54.22 40.76
N PHE CA 236 -42.99 54.02 39.57
CA PHE CA 236 -43.07 55.05 38.54
C PHE CA 236 -44.48 55.17 37.96
N ALA CA 237 -45.18 54.04 37.79
CA ALA CA 237 -46.51 54.07 37.21
C ALA CA 237 -47.48 54.88 38.06
N LYS CA 238 -47.32 54.82 39.38
CA LYS CA 238 -48.20 55.56 40.28
C LYS CA 238 -47.77 57.01 40.42
N GLU CA 239 -46.46 57.24 40.45
CA GLU CA 239 -45.96 58.55 40.81
C GLU CA 239 -46.09 59.52 39.64
N THR CA 240 -45.95 59.02 38.40
CA THR CA 240 -46.19 59.87 37.24
C THR CA 240 -47.65 60.30 37.15
N SER CA 241 -48.58 59.41 37.51
CA SER CA 241 -49.99 59.77 37.52
C SER CA 241 -50.27 60.85 38.55
N GLN CA 242 -49.73 60.72 39.75
CA GLN CA 242 -49.90 61.77 40.74
C GLN CA 242 -49.32 63.10 40.26
N MET CA 243 -48.16 63.06 39.58
CA MET CA 243 -47.56 64.29 39.09
C MET CA 243 -48.47 64.99 38.08
N THR CA 244 -49.02 64.24 37.13
CA THR CA 244 -49.89 64.86 36.12
C THR CA 244 -51.16 65.43 36.74
N LYS CA 245 -51.73 64.73 37.72
CA LYS CA 245 -52.91 65.27 38.41
C LYS CA 245 -52.60 66.61 39.07
N ASN CA 246 -51.46 66.70 39.77
CA ASN CA 246 -51.17 67.96 40.44
C ASN CA 246 -50.81 69.08 39.47
N GLN CA 247 -50.23 68.74 38.31
CA GLN CA 247 -50.03 69.74 37.26
C GLN CA 247 -51.35 70.37 36.84
N VAL CA 248 -52.33 69.54 36.49
CA VAL CA 248 -53.62 70.08 36.07
C VAL CA 248 -54.26 70.91 37.17
N LEU CA 249 -54.17 70.44 38.42
CA LEU CA 249 -54.76 71.21 39.52
C LEU CA 249 -54.08 72.55 39.70
N GLN CA 250 -52.77 72.61 39.47
CA GLN CA 250 -52.08 73.90 39.55
C GLN CA 250 -52.60 74.88 38.52
N GLN CA 251 -52.77 74.42 37.28
CA GLN CA 251 -53.28 75.34 36.25
C GLN CA 251 -54.70 75.81 36.57
N THR CA 252 -55.54 74.90 37.04
CA THR CA 252 -56.91 75.28 37.39
C THR CA 252 -56.95 76.25 38.56
N GLY CA 253 -56.15 76.00 39.60
CA GLY CA 253 -56.15 76.89 40.75
C GLY CA 253 -55.59 78.26 40.44
N SER CA 254 -54.58 78.31 39.56
CA SER CA 254 -54.06 79.60 39.10
C SER CA 254 -55.15 80.40 38.39
N ALA CA 255 -55.84 79.77 37.44
CA ALA CA 255 -56.95 80.45 36.75
C ALA CA 255 -58.00 80.94 37.73
N MET CA 256 -58.34 80.11 38.72
CA MET CA 256 -59.43 80.45 39.62
C MET CA 256 -59.04 81.59 40.55
N LEU CA 257 -57.79 81.63 40.99
CA LEU CA 257 -57.32 82.73 41.83
C LEU CA 257 -57.24 84.03 41.05
N ALA CA 258 -56.78 83.97 39.80
CA ALA CA 258 -56.75 85.17 38.98
C ALA CA 258 -58.16 85.71 38.75
N GLN CA 259 -59.14 84.83 38.59
CA GLN CA 259 -60.52 85.28 38.45
C GLN CA 259 -61.08 85.78 39.78
N ALA CA 260 -60.58 85.25 40.90
CA ALA CA 260 -61.08 85.66 42.21
C ALA CA 260 -60.62 87.05 42.59
N ASN CA 261 -59.41 87.45 42.20
CA ASN CA 261 -58.93 88.79 42.54
C ASN CA 261 -59.66 89.91 41.81
N GLN CA 262 -60.62 89.63 40.94
CA GLN CA 262 -61.36 90.68 40.24
C GLN CA 262 -62.75 90.93 40.82
N LEU CA 263 -63.06 90.42 42.01
CA LEU CA 263 -64.40 90.60 42.56
C LEU CA 263 -64.69 91.98 43.12
N PRO CA 264 -63.75 92.71 43.73
CA PRO CA 264 -64.07 94.05 44.25
C PRO CA 264 -64.43 95.08 43.19
N GLN CA 265 -64.48 94.71 41.91
CA GLN CA 265 -64.77 95.68 40.87
C GLN CA 265 -66.25 95.88 40.60
N VAL CA 266 -67.13 95.19 41.33
CA VAL CA 266 -68.56 95.45 41.21
C VAL CA 266 -68.91 96.77 41.86
N ALA CA 267 -68.13 97.17 42.87
CA ALA CA 267 -68.37 98.43 43.56
C ALA CA 267 -68.21 99.62 42.63
N LEU CA 268 -67.21 99.58 41.75
CA LEU CA 268 -67.04 100.64 40.76
C LEU CA 268 -68.25 100.78 39.87
N SER CA 269 -68.91 99.66 39.56
CA SER CA 269 -70.15 99.72 38.81
C SER CA 269 -71.25 100.39 39.62
N LEU CA 270 -71.39 100.02 40.89
CA LEU CA 270 -72.40 100.68 41.72
C LEU CA 270 -72.07 102.15 41.95
N LEU CA 271 -70.80 102.52 41.81
CA LEU CA 271 -70.36 103.84 42.20
C LEU CA 271 -70.40 104.82 41.03
N ALA DA 1 -45.96 78.73 49.40
CA ALA DA 1 -45.65 80.02 48.80
C ALA DA 1 -45.29 79.89 47.34
N ILE DA 2 -45.51 80.97 46.58
CA ILE DA 2 -45.13 81.04 45.18
C ILE DA 2 -44.02 82.08 45.09
N THR DA 3 -42.78 81.64 44.97
CA THR DA 3 -41.63 82.53 45.00
C THR DA 3 -40.81 82.37 43.73
N VAL DA 4 -40.06 83.42 43.40
CA VAL DA 4 -39.27 83.44 42.18
C VAL DA 4 -37.77 83.45 42.49
N ASN DA 5 -37.39 83.96 43.66
CA ASN DA 5 -35.99 84.26 43.93
C ASN DA 5 -35.18 83.05 44.37
N THR DA 6 -35.83 82.00 44.85
CA THR DA 6 -35.13 80.80 45.33
C THR DA 6 -35.93 79.59 44.90
N ASN DA 7 -35.24 78.54 44.45
CA ASN DA 7 -35.88 77.34 43.95
C ASN DA 7 -35.13 76.16 44.56
N VAL DA 8 -35.79 75.46 45.50
CA VAL DA 8 -35.10 74.43 46.27
C VAL DA 8 -35.20 73.07 45.57
N THR DA 9 -36.32 72.83 44.88
CA THR DA 9 -36.48 71.61 44.12
C THR DA 9 -35.38 71.48 43.08
N SER DA 10 -35.00 72.59 42.47
CA SER DA 10 -33.92 72.58 41.48
C SER DA 10 -32.59 72.23 42.13
N LEU DA 11 -32.32 72.75 43.32
CA LEU DA 11 -31.09 72.43 44.03
C LEU DA 11 -30.99 70.94 44.33
N LYS DA 12 -32.08 70.35 44.80
CA LYS DA 12 -32.06 68.93 45.12
C LYS DA 12 -31.93 68.06 43.87
N ALA DA 13 -32.61 68.46 42.79
CA ALA DA 13 -32.47 67.74 41.52
C ALA DA 13 -31.05 67.80 41.00
N GLN DA 14 -30.41 68.97 41.13
CA GLN DA 14 -29.00 69.09 40.73
C GLN DA 14 -28.13 68.11 41.50
N LYS DA 15 -28.33 68.02 42.81
CA LYS DA 15 -27.47 67.14 43.59
C LYS DA 15 -27.67 65.67 43.20
N ASN DA 16 -28.92 65.25 43.00
CA ASN DA 16 -29.15 63.86 42.58
C ASN DA 16 -28.52 63.57 41.22
N LEU DA 17 -28.66 64.51 40.27
CA LEU DA 17 -28.10 64.30 38.94
C LEU DA 17 -26.58 64.20 39.00
N ASN DA 18 -25.95 65.00 39.84
CA ASN DA 18 -24.50 64.93 39.99
C ASN DA 18 -24.06 63.58 40.57
N THR DA 19 -24.78 63.09 41.57
CA THR DA 19 -24.45 61.79 42.16
C THR DA 19 -24.53 60.68 41.11
N SER DA 20 -25.59 60.70 40.31
CA SER DA 20 -25.74 59.68 39.27
C SER DA 20 -24.60 59.75 38.25
N ALA DA 21 -24.23 60.96 37.82
CA ALA DA 21 -23.16 61.10 36.84
C ALA DA 21 -21.84 60.58 37.38
N SER DA 22 -21.53 60.88 38.65
CA SER DA 22 -20.31 60.38 39.25
C SER DA 22 -20.28 58.85 39.27
N ASP DA 23 -21.39 58.22 39.67
CA ASP DA 23 -21.43 56.76 39.69
C ASP DA 23 -21.21 56.17 38.31
N LEU DA 24 -21.83 56.77 37.28
CA LEU DA 24 -21.67 56.25 35.93
C LEU DA 24 -20.23 56.36 35.45
N ALA DA 25 -19.57 57.49 35.74
CA ALA DA 25 -18.17 57.65 35.34
C ALA DA 25 -17.29 56.60 36.01
N THR DA 26 -17.52 56.34 37.30
CA THR DA 26 -16.74 55.30 37.99
C THR DA 26 -16.91 53.94 37.33
N SER DA 27 -18.15 53.58 37.01
CA SER DA 27 -18.39 52.29 36.37
C SER DA 27 -17.71 52.20 35.00
N MET DA 28 -17.77 53.28 34.22
CA MET DA 28 -17.13 53.31 32.91
C MET DA 28 -15.63 53.07 33.03
N GLU DA 29 -14.99 53.73 33.99
CA GLU DA 29 -13.57 53.52 34.23
C GLU DA 29 -13.26 52.07 34.57
N ARG DA 30 -14.06 51.47 35.46
CA ARG DA 30 -13.80 50.10 35.87
C ARG DA 30 -13.95 49.11 34.72
N LEU DA 31 -14.94 49.34 33.84
CA LEU DA 31 -15.08 48.46 32.68
C LEU DA 31 -13.96 48.67 31.66
N SER DA 32 -13.47 49.90 31.53
CA SER DA 32 -12.40 50.15 30.57
C SER DA 32 -11.08 49.54 31.04
N SER DA 33 -10.83 49.54 32.35
CA SER DA 33 -9.56 49.07 32.87
C SER DA 33 -9.52 47.56 33.04
N GLY DA 34 -10.62 46.96 33.50
CA GLY DA 34 -10.64 45.56 33.84
C GLY DA 34 -10.29 45.25 35.28
N LEU DA 35 -10.14 46.26 36.12
CA LEU DA 35 -9.72 46.11 37.51
C LEU DA 35 -10.75 46.75 38.44
N ARG DA 36 -10.94 46.13 39.60
CA ARG DA 36 -11.84 46.69 40.60
C ARG DA 36 -11.15 47.79 41.40
N ILE DA 37 -9.87 47.63 41.68
CA ILE DA 37 -9.11 48.56 42.50
C ILE DA 37 -8.20 49.36 41.57
N ASN DA 38 -8.59 50.60 41.27
CA ASN DA 38 -7.74 51.49 40.48
C ASN DA 38 -6.98 52.49 41.34
N SER DA 39 -7.36 52.67 42.59
CA SER DA 39 -6.72 53.60 43.50
C SER DA 39 -6.87 53.06 44.91
N ALA DA 40 -6.40 53.83 45.88
CA ALA DA 40 -6.64 53.46 47.28
C ALA DA 40 -7.97 54.00 47.79
N LYS DA 41 -8.60 54.91 47.04
CA LYS DA 41 -9.99 55.26 47.26
C LYS DA 41 -10.89 54.03 47.29
N ASP DA 42 -10.54 53.00 46.54
CA ASP DA 42 -11.40 51.84 46.32
C ASP DA 42 -11.30 50.84 47.47
N ASP DA 43 -10.11 50.29 47.69
CA ASP DA 43 -9.89 49.32 48.76
C ASP DA 43 -8.43 49.41 49.16
N ALA DA 44 -8.16 49.81 50.40
CA ALA DA 44 -6.79 50.13 50.79
C ALA DA 44 -6.04 48.90 51.27
N ALA DA 45 -6.71 48.04 52.06
CA ALA DA 45 -6.06 46.83 52.53
C ALA DA 45 -5.86 45.82 51.40
N GLY DA 46 -6.83 45.73 50.48
CA GLY DA 46 -6.68 44.87 49.33
C GLY DA 46 -5.54 45.30 48.42
N LEU DA 47 -5.29 46.60 48.33
CA LEU DA 47 -4.15 47.09 47.56
C LEU DA 47 -2.83 46.51 48.07
N ALA DA 48 -2.61 46.55 49.39
CA ALA DA 48 -1.36 46.04 49.94
C ALA DA 48 -1.28 44.53 49.87
N ILE DA 49 -2.40 43.84 50.15
CA ILE DA 49 -2.41 42.39 50.04
C ILE DA 49 -2.07 41.97 48.62
N SER DA 50 -2.60 42.69 47.63
CA SER DA 50 -2.37 42.35 46.24
C SER DA 50 -0.96 42.72 45.78
N ASN DA 51 -0.39 43.79 46.35
CA ASN DA 51 1.02 44.07 46.08
C ASN DA 51 1.91 42.92 46.55
N ARG DA 52 1.64 42.37 47.73
CA ARG DA 52 2.44 41.25 48.21
C ARG DA 52 2.23 39.99 47.37
N LEU DA 53 0.99 39.70 47.00
CA LEU DA 53 0.76 38.53 46.16
C LEU DA 53 1.41 38.70 44.79
N ASN DA 54 1.46 39.93 44.29
CA ASN DA 54 2.12 40.21 43.01
C ASN DA 54 3.62 39.97 43.10
N SER DA 55 4.25 40.44 44.18
CA SER DA 55 5.65 40.11 44.42
C SER DA 55 5.88 38.60 44.41
N GLN DA 56 4.98 37.84 45.05
CA GLN DA 56 5.17 36.39 45.11
C GLN DA 56 5.07 35.75 43.72
N VAL DA 57 4.07 36.15 42.92
CA VAL DA 57 3.92 35.56 41.59
C VAL DA 57 5.16 35.83 40.73
N ARG DA 58 5.61 37.09 40.73
CA ARG DA 58 6.74 37.47 39.90
C ARG DA 58 8.04 36.78 40.36
N GLY DA 59 8.22 36.66 41.67
CA GLY DA 59 9.38 35.96 42.19
C GLY DA 59 9.38 34.49 41.85
N LEU DA 60 8.23 33.84 41.88
CA LEU DA 60 8.17 32.43 41.49
C LEU DA 60 8.54 32.24 40.03
N GLU DA 61 8.11 33.16 39.17
CA GLU DA 61 8.51 33.10 37.76
C GLU DA 61 10.04 33.15 37.61
N VAL DA 62 10.68 34.14 38.24
CA VAL DA 62 12.13 34.23 38.12
C VAL DA 62 12.83 33.03 38.76
N GLY DA 63 12.27 32.49 39.84
CA GLY DA 63 12.88 31.35 40.48
C GLY DA 63 12.87 30.10 39.63
N MET DA 64 11.78 29.87 38.90
CA MET DA 64 11.76 28.76 37.95
C MET DA 64 12.80 28.95 36.85
N ARG DA 65 13.02 30.20 36.43
CA ARG DA 65 14.09 30.43 35.46
C ARG DA 65 15.45 30.02 36.04
N ASN DA 66 15.75 30.41 37.29
CA ASN DA 66 17.00 30.02 37.92
C ASN DA 66 17.12 28.50 38.07
N ALA DA 67 16.02 27.83 38.40
CA ALA DA 67 16.06 26.38 38.56
C ALA DA 67 16.39 25.69 37.24
N ASN DA 68 15.88 26.22 36.13
CA ASN DA 68 16.20 25.62 34.85
C ASN DA 68 17.66 25.85 34.47
N ASP DA 69 18.21 27.01 34.86
CA ASP DA 69 19.65 27.24 34.72
C ASP DA 69 20.48 26.20 35.46
N ALA DA 70 20.10 25.89 36.70
CA ALA DA 70 20.82 24.87 37.47
C ALA DA 70 20.74 23.51 36.80
N ILE DA 71 19.56 23.14 36.29
CA ILE DA 71 19.42 21.87 35.59
C ILE DA 71 20.35 21.81 34.38
N SER DA 72 20.46 22.93 33.65
CA SER DA 72 21.36 22.98 32.50
C SER DA 72 22.81 22.72 32.89
N ILE DA 73 23.30 23.40 33.92
CA ILE DA 73 24.68 23.21 34.37
C ILE DA 73 24.93 21.75 34.73
N ALA DA 74 24.05 21.18 35.56
CA ALA DA 74 24.24 19.80 36.00
C ALA DA 74 24.22 18.83 34.84
N GLN DA 75 23.37 19.08 33.85
CA GLN DA 75 23.24 18.19 32.71
C GLN DA 75 24.51 18.20 31.85
N ILE DA 76 25.10 19.39 31.63
CA ILE DA 76 26.36 19.47 30.87
C ILE DA 76 27.47 18.71 31.59
N ALA DA 77 27.65 18.95 32.90
CA ALA DA 77 28.74 18.29 33.60
C ALA DA 77 28.56 16.77 33.63
N GLU DA 78 27.34 16.32 33.93
CA GLU DA 78 27.04 14.90 33.95
C GLU DA 78 27.29 14.24 32.61
N GLY DA 79 26.96 14.93 31.50
CA GLY DA 79 27.25 14.36 30.20
C GLY DA 79 28.73 14.29 29.88
N ALA DA 80 29.50 15.27 30.38
CA ALA DA 80 30.95 15.23 30.18
C ALA DA 80 31.60 14.03 30.85
N MET DA 81 31.10 13.61 32.03
CA MET DA 81 31.77 12.52 32.75
C MET DA 81 31.63 11.14 32.09
N GLN DA 82 30.69 10.98 31.16
CA GLN DA 82 30.45 9.68 30.52
C GLN DA 82 31.60 9.27 29.60
N GLU DA 83 32.15 10.21 28.83
CA GLU DA 83 33.29 9.91 27.98
C GLU DA 83 34.52 9.56 28.79
N GLN DA 84 34.68 10.20 29.95
CA GLN DA 84 35.77 9.86 30.85
C GLN DA 84 35.66 8.43 31.34
N THR DA 85 34.45 8.02 31.76
CA THR DA 85 34.22 6.62 32.12
C THR DA 85 34.57 5.68 30.99
N ASN DA 86 34.17 6.03 29.77
CA ASN DA 86 34.41 5.19 28.60
C ASN DA 86 35.91 4.98 28.36
N MET DA 87 36.67 6.07 28.43
CA MET DA 87 38.11 5.97 28.21
C MET DA 87 38.79 5.18 29.32
N LEU DA 88 38.33 5.32 30.57
CA LEU DA 88 38.89 4.51 31.64
C LEU DA 88 38.65 3.02 31.43
N GLN DA 89 37.48 2.65 30.92
CA GLN DA 89 37.25 1.24 30.58
C GLN DA 89 38.23 0.75 29.53
N ARG DA 90 38.49 1.58 28.52
CA ARG DA 90 39.48 1.21 27.50
C ARG DA 90 40.86 1.00 28.10
N MET DA 91 41.30 1.90 28.98
CA MET DA 91 42.60 1.73 29.63
C MET DA 91 42.66 0.48 30.48
N ARG DA 92 41.54 0.13 31.14
CA ARG DA 92 41.50 -1.13 31.88
C ARG DA 92 41.75 -2.33 30.99
N ASP DA 93 41.14 -2.34 29.79
CA ASP DA 93 41.40 -3.44 28.86
C ASP DA 93 42.86 -3.47 28.42
N LEU DA 94 43.46 -2.30 28.14
CA LEU DA 94 44.87 -2.28 27.77
C LEU DA 94 45.76 -2.80 28.88
N THR DA 95 45.43 -2.48 30.13
CA THR DA 95 46.23 -2.96 31.25
C THR DA 95 46.11 -4.46 31.43
N VAL DA 96 44.90 -5.02 31.27
CA VAL DA 96 44.76 -6.47 31.33
C VAL DA 96 45.53 -7.13 30.20
N GLN DA 97 45.58 -6.49 29.03
CA GLN DA 97 46.32 -7.05 27.91
C GLN DA 97 47.83 -7.01 28.14
N SER DA 98 48.32 -6.07 28.95
CA SER DA 98 49.76 -6.03 29.25
C SER DA 98 50.25 -7.25 30.03
N GLU DA 99 49.37 -7.97 30.72
CA GLU DA 99 49.74 -9.13 31.53
C GLU DA 99 49.75 -10.41 30.70
N ASN DA 100 50.63 -10.51 29.72
CA ASN DA 100 50.65 -11.59 28.76
C ASN DA 100 52.10 -12.00 28.55
N GLY DA 101 52.44 -13.23 28.94
CA GLY DA 101 53.82 -13.67 28.89
C GLY DA 101 54.37 -13.85 27.49
N ALA DA 102 53.66 -13.37 26.48
CA ALA DA 102 54.15 -13.39 25.11
C ALA DA 102 54.45 -11.99 24.58
N ASN DA 103 54.08 -10.96 25.32
CA ASN DA 103 54.43 -9.60 24.94
C ASN DA 103 55.92 -9.38 25.12
N SER DA 104 56.48 -8.51 24.30
CA SER DA 104 57.86 -8.05 24.42
C SER DA 104 57.86 -6.56 24.70
N SER DA 105 59.05 -5.96 24.77
CA SER DA 105 59.13 -4.55 25.17
C SER DA 105 58.51 -3.63 24.14
N ALA DA 106 58.55 -4.00 22.86
CA ALA DA 106 57.94 -3.16 21.83
C ALA DA 106 56.42 -3.18 21.93
N ASP DA 107 55.83 -4.36 22.20
CA ASP DA 107 54.39 -4.45 22.38
C ASP DA 107 53.94 -3.69 23.61
N LEU DA 108 54.71 -3.78 24.69
CA LEU DA 108 54.41 -3.03 25.91
C LEU DA 108 54.47 -1.53 25.65
N SER DA 109 55.43 -1.09 24.82
CA SER DA 109 55.52 0.32 24.50
C SER DA 109 54.34 0.79 23.67
N ALA DA 110 53.85 -0.06 22.76
CA ALA DA 110 52.66 0.30 21.99
C ALA DA 110 51.43 0.45 22.89
N LEU DA 111 51.21 -0.55 23.75
CA LEU DA 111 50.11 -0.49 24.72
C LEU DA 111 50.20 0.78 25.57
N LYS DA 112 51.39 1.12 26.06
CA LYS DA 112 51.51 2.28 26.93
C LYS DA 112 51.34 3.59 26.16
N ALA DA 113 51.76 3.65 24.90
CA ALA DA 113 51.50 4.85 24.11
C ALA DA 113 50.02 5.14 23.98
N GLU DA 114 49.22 4.09 23.76
CA GLU DA 114 47.79 4.37 23.72
C GLU DA 114 47.22 4.74 25.09
N MET DA 115 47.71 4.14 26.16
CA MET DA 115 47.29 4.58 27.50
C MET DA 115 47.56 6.06 27.73
N ASP DA 116 48.74 6.54 27.32
CA ASP DA 116 49.06 7.95 27.52
C ASP DA 116 48.15 8.86 26.72
N GLN DA 117 47.84 8.49 25.48
CA GLN DA 117 46.90 9.32 24.71
C GLN DA 117 45.53 9.38 25.37
N LEU DA 118 45.07 8.26 25.95
CA LEU DA 118 43.77 8.28 26.62
C LEU DA 118 43.80 9.15 27.87
N ALA DA 119 44.90 9.13 28.62
CA ALA DA 119 45.00 9.98 29.80
C ALA DA 119 45.04 11.46 29.42
N ASN DA 120 45.69 11.78 28.29
CA ASN DA 120 45.67 13.15 27.79
C ASN DA 120 44.26 13.60 27.43
N GLU DA 121 43.47 12.73 26.80
CA GLU DA 121 42.10 13.13 26.51
C GLU DA 121 41.22 13.26 27.75
N ILE DA 122 41.44 12.43 28.77
CA ILE DA 122 40.74 12.62 30.04
C ILE DA 122 41.08 14.00 30.63
N ASP DA 123 42.36 14.38 30.59
CA ASP DA 123 42.71 15.71 31.10
C ASP DA 123 42.10 16.82 30.27
N GLU DA 124 42.07 16.67 28.94
CA GLU DA 124 41.49 17.70 28.10
C GLU DA 124 40.00 17.90 28.40
N ILE DA 125 39.24 16.81 28.52
CA ILE DA 125 37.84 16.94 28.89
C ILE DA 125 37.71 17.61 30.25
N GLY DA 126 38.63 17.30 31.17
CA GLY DA 126 38.57 17.93 32.48
C GLY DA 126 38.76 19.44 32.45
N LYS DA 127 39.65 19.93 31.60
CA LYS DA 127 39.90 21.37 31.57
C LYS DA 127 39.04 22.13 30.57
N THR DA 128 38.35 21.45 29.66
CA THR DA 128 37.72 22.13 28.54
C THR DA 128 36.23 22.39 28.75
N THR DA 129 35.55 21.54 29.52
CA THR DA 129 34.10 21.63 29.69
C THR DA 129 33.68 22.95 30.31
N ALA DA 130 32.70 23.61 29.69
CA ALA DA 130 32.32 24.95 30.10
C ALA DA 130 30.83 25.18 29.88
N PHE DA 131 30.31 26.19 30.57
CA PHE DA 131 29.00 26.77 30.29
C PHE DA 131 29.25 28.18 29.76
N GLY DA 132 29.32 28.29 28.44
CA GLY DA 132 29.74 29.53 27.84
C GLY DA 132 31.23 29.74 28.03
N THR DA 133 31.60 30.48 29.07
CA THR DA 133 33.01 30.72 29.36
C THR DA 133 33.42 30.30 30.77
N THR DA 134 32.50 29.82 31.61
CA THR DA 134 32.87 29.41 32.95
C THR DA 134 33.14 27.91 32.98
N LYS DA 135 34.26 27.52 33.58
CA LYS DA 135 34.66 26.12 33.63
C LYS DA 135 33.88 25.38 34.69
N LEU DA 136 33.58 24.12 34.42
CA LEU DA 136 32.74 23.32 35.32
C LEU DA 136 33.51 22.19 36.02
N LEU DA 137 34.46 21.54 35.36
CA LEU DA 137 35.13 20.40 35.96
C LEU DA 137 36.54 20.72 36.44
N ALA DA 138 36.87 21.98 36.69
CA ALA DA 138 38.24 22.33 37.06
C ALA DA 138 38.38 22.65 38.54
N GLY DA 139 37.30 22.74 39.29
CA GLY DA 139 37.34 23.04 40.70
C GLY DA 139 36.63 24.31 41.11
N GLY DA 140 35.95 25.01 40.20
CA GLY DA 140 35.25 26.24 40.56
C GLY DA 140 33.93 26.01 41.26
N PHE DA 141 33.37 24.81 41.15
CA PHE DA 141 32.15 24.43 41.86
C PHE DA 141 32.42 23.48 43.01
N SER DA 142 33.67 23.32 43.42
CA SER DA 142 34.02 22.36 44.47
C SER DA 142 33.31 22.70 45.77
N ALA DA 143 33.29 23.98 46.14
CA ALA DA 143 32.29 24.49 47.07
C ALA DA 143 31.15 25.07 46.24
N GLY DA 144 29.96 24.51 46.41
CA GLY DA 144 28.91 24.74 45.43
C GLY DA 144 28.50 26.19 45.30
N LYS DA 145 27.73 26.45 44.25
CA LYS DA 145 27.10 27.75 44.03
C LYS DA 145 25.61 27.65 44.31
N ASN DA 146 25.02 28.73 44.77
CA ASN DA 146 23.60 28.75 45.09
C ASN DA 146 22.77 29.37 43.97
N PHE DA 147 21.61 28.80 43.74
CA PHE DA 147 20.61 29.35 42.83
C PHE DA 147 19.37 29.60 43.67
N GLN DA 148 18.87 30.83 43.69
CA GLN DA 148 17.65 31.12 44.43
C GLN DA 148 16.45 30.67 43.61
N VAL DA 149 15.77 29.62 44.09
CA VAL DA 149 14.68 29.02 43.34
C VAL DA 149 13.31 29.44 43.85
N GLY DA 150 13.25 30.36 44.81
CA GLY DA 150 11.99 30.87 45.32
C GLY DA 150 11.92 32.38 45.26
N ALA DA 151 10.86 32.90 45.86
CA ALA DA 151 10.63 34.35 45.85
C ALA DA 151 11.29 35.06 47.02
N GLN DA 152 11.59 34.35 48.10
CA GLN DA 152 12.14 34.96 49.31
C GLN DA 152 13.60 34.56 49.49
N ASP DA 153 14.30 35.36 50.27
CA ASP DA 153 15.72 35.13 50.53
C ASP DA 153 15.93 33.87 51.36
N GLY DA 154 16.92 33.09 50.95
CA GLY DA 154 17.26 31.87 51.64
C GLY DA 154 16.66 30.61 51.06
N GLU DA 155 15.73 30.75 50.11
CA GLU DA 155 15.09 29.61 49.45
C GLU DA 155 15.90 29.28 48.20
N ASP DA 156 16.86 28.40 48.35
CA ASP DA 156 17.84 28.17 47.30
C ASP DA 156 18.46 26.78 47.39
N ILE DA 157 19.06 26.36 46.27
CA ILE DA 157 19.62 25.03 46.10
C ILE DA 157 21.08 25.18 45.70
N LYS DA 158 21.92 24.28 46.18
CA LYS DA 158 23.37 24.35 45.98
C LYS DA 158 23.82 23.25 45.02
N VAL DA 159 24.59 23.62 44.00
CA VAL DA 159 25.10 22.69 43.00
C VAL DA 159 26.60 22.56 43.17
N THR DA 160 27.07 21.34 43.43
CA THR DA 160 28.46 21.07 43.77
C THR DA 160 29.06 20.12 42.74
N VAL DA 161 30.20 20.50 42.18
CA VAL DA 161 30.95 19.64 41.26
C VAL DA 161 32.41 19.73 41.65
N LYS DA 162 33.06 18.58 41.81
CA LYS DA 162 34.48 18.54 42.13
C LYS DA 162 35.30 18.39 40.86
N ALA DA 163 36.61 18.63 40.98
CA ALA DA 163 37.49 18.54 39.82
C ALA DA 163 37.72 17.10 39.42
N SER DA 164 37.68 16.83 38.12
CA SER DA 164 37.92 15.49 37.59
C SER DA 164 38.81 15.59 36.36
N ASN DA 165 40.06 15.16 36.51
CA ASN DA 165 41.08 15.24 35.49
C ASN DA 165 42.12 14.19 35.84
N LYS DA 166 43.14 14.04 35.00
CA LYS DA 166 44.06 12.92 35.21
C LYS DA 166 44.93 13.11 36.43
N SER DA 167 44.91 14.29 37.05
CA SER DA 167 45.74 14.53 38.22
C SER DA 167 44.99 14.24 39.50
N SER DA 168 43.70 14.60 39.54
CA SER DA 168 42.90 14.32 40.73
C SER DA 168 42.42 12.88 40.76
N LEU DA 169 42.33 12.22 39.61
CA LEU DA 169 41.95 10.82 39.54
C LEU DA 169 43.13 9.88 39.71
N SER DA 170 44.35 10.40 39.80
CA SER DA 170 45.57 9.62 40.01
C SER DA 170 45.85 8.63 38.89
N VAL DA 171 45.49 8.96 37.65
CA VAL DA 171 45.78 8.11 36.50
C VAL DA 171 46.80 8.74 35.56
N GLY DA 172 47.48 9.80 36.00
CA GLY DA 172 48.39 10.52 35.14
C GLY DA 172 49.81 10.00 35.06
N SER DA 173 50.11 8.88 35.74
CA SER DA 173 51.45 8.32 35.71
C SER DA 173 51.42 6.81 35.87
N LEU DA 174 50.80 6.11 34.94
CA LEU DA 174 50.64 4.67 35.07
C LEU DA 174 51.70 3.94 34.25
N GLY DA 175 52.16 2.81 34.77
CA GLY DA 175 53.17 2.03 34.09
C GLY DA 175 52.69 0.62 33.87
N ASN DA 176 53.39 -0.08 32.97
CA ASN DA 176 53.02 -1.44 32.64
C ASN DA 176 54.23 -2.32 32.38
N THR DA 177 55.42 -1.89 32.78
CA THR DA 177 56.63 -2.61 32.41
C THR DA 177 57.02 -3.68 33.42
N THR DA 178 56.37 -3.72 34.59
CA THR DA 178 56.67 -4.65 35.65
C THR DA 178 55.35 -5.15 36.25
N SER DA 179 55.40 -6.37 36.81
CA SER DA 179 54.21 -6.98 37.39
C SER DA 179 53.56 -6.09 38.45
N ALA DA 180 54.36 -5.52 39.35
CA ALA DA 180 53.81 -4.65 40.39
C ALA DA 180 53.23 -3.37 39.80
N ALA DA 181 53.84 -2.87 38.72
CA ALA DA 181 53.31 -1.68 38.07
C ALA DA 181 51.95 -1.95 37.45
N ARG DA 182 51.76 -3.13 36.87
CA ARG DA 182 50.46 -3.50 36.33
C ARG DA 182 49.41 -3.64 37.42
N ALA DA 183 49.78 -4.28 38.54
CA ALA DA 183 48.83 -4.39 39.64
C ALA DA 183 48.40 -3.02 40.16
N SER DA 184 49.38 -2.12 40.32
CA SER DA 184 49.07 -0.78 40.82
C SER DA 184 48.17 -0.01 39.84
N SER DA 185 48.45 -0.13 38.53
CA SER DA 185 47.63 0.55 37.55
C SER DA 185 46.20 0.04 37.55
N LEU DA 186 46.03 -1.28 37.68
CA LEU DA 186 44.69 -1.84 37.74
C LEU DA 186 43.91 -1.26 38.93
N LYS DA 187 44.54 -1.22 40.11
CA LYS DA 187 43.84 -0.70 41.27
C LYS DA 187 43.44 0.76 41.10
N LYS DA 188 44.35 1.59 40.57
CA LYS DA 188 43.99 3.01 40.44
C LYS DA 188 42.94 3.25 39.36
N ILE DA 189 42.94 2.50 38.26
CA ILE DA 189 41.87 2.67 37.29
C ILE DA 189 40.51 2.30 37.89
N ASP DA 190 40.46 1.20 38.65
CA ASP DA 190 39.19 0.83 39.28
C ASP DA 190 38.71 1.90 40.27
N ALA DA 191 39.65 2.47 41.04
CA ALA DA 191 39.26 3.53 41.97
C ALA DA 191 38.72 4.75 41.25
N ALA DA 192 39.33 5.11 40.11
CA ALA DA 192 38.86 6.27 39.36
C ALA DA 192 37.44 6.05 38.84
N ILE DA 193 37.16 4.85 38.33
CA ILE DA 193 35.80 4.55 37.89
C ILE DA 193 34.82 4.72 39.04
N LYS DA 194 35.20 4.27 40.24
CA LYS DA 194 34.33 4.43 41.41
C LYS DA 194 34.04 5.91 41.72
N THR DA 195 35.06 6.76 41.71
CA THR DA 195 34.81 8.16 42.09
C THR DA 195 33.94 8.88 41.06
N ILE DA 196 34.14 8.58 39.77
CA ILE DA 196 33.25 9.19 38.78
C ILE DA 196 31.81 8.71 38.98
N ASP DA 197 31.60 7.43 39.29
CA ASP DA 197 30.25 6.97 39.61
C ASP DA 197 29.62 7.78 40.74
N ALA DA 198 30.37 8.03 41.81
CA ALA DA 198 29.80 8.77 42.93
C ALA DA 198 29.40 10.20 42.53
N GLN DA 199 30.26 10.88 41.76
CA GLN DA 199 29.91 12.22 41.30
C GLN DA 199 28.64 12.23 40.45
N ARG DA 200 28.52 11.26 39.53
CA ARG DA 200 27.35 11.20 38.68
C ARG DA 200 26.09 10.92 39.49
N ALA DA 201 26.21 10.11 40.54
CA ALA DA 201 25.07 9.87 41.43
C ALA DA 201 24.56 11.15 42.07
N ASP DA 202 25.47 11.95 42.61
CA ASP DA 202 25.02 13.21 43.24
C ASP DA 202 24.40 14.17 42.24
N LEU DA 203 24.96 14.28 41.04
CA LEU DA 203 24.33 15.18 40.07
C LEU DA 203 22.94 14.70 39.66
N GLY DA 204 22.75 13.39 39.54
CA GLY DA 204 21.42 12.88 39.22
C GLY DA 204 20.40 13.17 40.29
N ALA DA 205 20.80 13.00 41.56
CA ALA DA 205 19.90 13.36 42.66
C ALA DA 205 19.52 14.82 42.61
N ILE DA 206 20.47 15.71 42.34
CA ILE DA 206 20.16 17.14 42.21
C ILE DA 206 19.13 17.39 41.12
N GLN DA 207 19.29 16.73 39.97
CA GLN DA 207 18.33 16.98 38.88
C GLN DA 207 16.92 16.53 39.24
N ASN DA 208 16.79 15.36 39.88
CA ASN DA 208 15.47 14.91 40.33
C ASN DA 208 14.82 15.92 41.28
N ARG DA 209 15.60 16.38 42.26
CA ARG DA 209 15.11 17.38 43.21
C ARG DA 209 14.62 18.65 42.51
N LEU DA 210 15.38 19.14 41.54
CA LEU DA 210 14.98 20.36 40.85
C LEU DA 210 13.71 20.16 40.04
N ALA DA 211 13.51 18.96 39.49
CA ALA DA 211 12.27 18.69 38.77
C ALA DA 211 11.06 18.80 39.70
N HIS DA 212 11.11 18.13 40.85
CA HIS DA 212 10.02 18.24 41.82
C HIS DA 212 9.77 19.69 42.23
N ASN DA 213 10.85 20.45 42.44
CA ASN DA 213 10.68 21.83 42.92
C ASN DA 213 10.01 22.71 41.88
N ILE DA 214 10.37 22.55 40.59
CA ILE DA 214 9.73 23.33 39.54
C ILE DA 214 8.25 22.98 39.43
N SER DA 215 7.92 21.69 39.55
CA SER DA 215 6.51 21.29 39.51
C SER DA 215 5.70 21.97 40.63
N ASN DA 216 6.24 21.96 41.84
CA ASN DA 216 5.54 22.59 42.96
C ASN DA 216 5.39 24.10 42.76
N SER DA 217 6.40 24.75 42.17
CA SER DA 217 6.29 26.20 41.94
C SER DA 217 5.22 26.53 40.92
N ALA DA 218 5.08 25.70 39.87
CA ALA DA 218 4.01 25.93 38.90
C ALA DA 218 2.64 25.81 39.55
N ASN DA 219 2.43 24.77 40.35
CA ASN DA 219 1.18 24.65 41.11
C ASN DA 219 0.90 25.91 41.93
N THR DA 220 1.88 26.34 42.72
CA THR DA 220 1.64 27.44 43.64
C THR DA 220 1.39 28.74 42.88
N GLN DA 221 2.07 28.95 41.76
CA GLN DA 221 1.82 30.14 40.95
C GLN DA 221 0.38 30.18 40.47
N ALA DA 222 -0.14 29.05 39.97
CA ALA DA 222 -1.54 29.02 39.55
C ALA DA 222 -2.49 29.37 40.69
N ASN DA 223 -2.30 28.75 41.86
CA ASN DA 223 -3.22 29.01 42.97
C ASN DA 223 -3.13 30.45 43.48
N VAL DA 224 -1.92 31.02 43.51
CA VAL DA 224 -1.78 32.40 44.01
C VAL DA 224 -2.33 33.41 43.01
N ALA DA 225 -2.20 33.15 41.71
CA ALA DA 225 -2.80 34.04 40.73
C ALA DA 225 -4.32 34.00 40.80
N ASP DA 226 -4.90 32.82 41.01
CA ASP DA 226 -6.32 32.72 41.32
C ASP DA 226 -6.71 33.58 42.53
N ALA DA 227 -5.95 33.45 43.61
CA ALA DA 227 -6.23 34.22 44.82
C ALA DA 227 -6.19 35.73 44.56
N LYS DA 228 -5.20 36.19 43.80
CA LYS DA 228 -5.09 37.62 43.51
C LYS DA 228 -6.21 38.11 42.62
N SER DA 229 -6.60 37.29 41.64
CA SER DA 229 -7.71 37.65 40.76
C SER DA 229 -9.00 37.84 41.54
N ARG DA 230 -9.22 37.01 42.56
CA ARG DA 230 -10.43 37.18 43.38
C ARG DA 230 -10.48 38.55 44.06
N ILE DA 231 -9.34 39.19 44.26
CA ILE DA 231 -9.30 40.47 44.98
C ILE DA 231 -9.27 41.66 44.03
N VAL DA 232 -8.53 41.58 42.92
CA VAL DA 232 -8.19 42.76 42.14
C VAL DA 232 -9.12 42.95 40.94
N ASP DA 233 -9.53 41.87 40.29
CA ASP DA 233 -10.22 41.97 39.01
C ASP DA 233 -11.69 42.35 39.18
N VAL DA 234 -12.27 42.90 38.10
CA VAL DA 234 -13.65 43.35 38.12
C VAL DA 234 -14.56 42.22 37.65
N ASP DA 235 -15.81 42.30 38.06
CA ASP DA 235 -16.87 41.38 37.63
C ASP DA 235 -17.69 42.09 36.55
N PHE DA 236 -17.68 41.54 35.34
CA PHE DA 236 -18.38 42.19 34.24
C PHE DA 236 -19.89 42.10 34.38
N ALA DA 237 -20.38 40.95 34.85
CA ALA DA 237 -21.82 40.75 34.98
C ALA DA 237 -22.45 41.74 35.95
N LYS DA 238 -21.72 42.10 37.00
CA LYS DA 238 -22.24 43.05 37.99
C LYS DA 238 -22.05 44.48 37.52
N GLU DA 239 -20.92 44.76 36.87
CA GLU DA 239 -20.55 46.13 36.60
C GLU DA 239 -21.35 46.68 35.42
N THR DA 240 -21.67 45.83 34.45
CA THR DA 240 -22.54 46.27 33.36
C THR DA 240 -23.94 46.60 33.85
N SER DA 241 -24.44 45.83 34.82
CA SER DA 241 -25.74 46.13 35.40
C SER DA 241 -25.75 47.47 36.12
N GLN DA 242 -24.71 47.74 36.91
CA GLN DA 242 -24.62 49.04 37.56
C GLN DA 242 -24.55 50.18 36.54
N MET DA 243 -23.81 49.96 35.43
CA MET DA 243 -23.71 50.99 34.41
C MET DA 243 -25.07 51.33 33.81
N THR DA 244 -25.85 50.29 33.45
CA THR DA 244 -27.16 50.53 32.86
C THR DA 244 -28.11 51.24 33.83
N LYS DA 245 -28.07 50.85 35.11
CA LYS DA 245 -28.90 51.52 36.10
C LYS DA 245 -28.57 53.02 36.16
N ASN DA 246 -27.28 53.37 36.19
CA ASN DA 246 -26.93 54.78 36.30
C ASN DA 246 -27.24 55.55 35.02
N GLN DA 247 -27.18 54.89 33.86
CA GLN DA 247 -27.63 55.52 32.62
C GLN DA 247 -29.09 55.95 32.71
N VAL DA 248 -29.97 55.01 33.10
CA VAL DA 248 -31.39 55.34 33.21
C VAL DA 248 -31.61 56.46 34.23
N LEU DA 249 -30.91 56.40 35.37
CA LEU DA 249 -31.09 57.45 36.36
C LEU DA 249 -30.64 58.81 35.85
N GLN DA 250 -29.59 58.84 35.03
CA GLN DA 250 -29.17 60.11 34.44
C GLN DA 250 -30.26 60.70 33.56
N GLN DA 251 -30.87 59.88 32.71
CA GLN DA 251 -31.92 60.41 31.84
C GLN DA 251 -33.12 60.91 32.65
N THR DA 252 -33.50 60.16 33.69
CA THR DA 252 -34.63 60.58 34.53
C THR DA 252 -34.31 61.88 35.28
N GLY DA 253 -33.11 61.98 35.83
CA GLY DA 253 -32.76 63.18 36.58
C GLY DA 253 -32.64 64.41 35.70
N SER DA 254 -32.15 64.23 34.48
CA SER DA 254 -32.13 65.32 33.52
C SER DA 254 -33.53 65.83 33.22
N ALA DA 255 -34.45 64.90 32.91
CA ALA DA 255 -35.84 65.30 32.65
C ALA DA 255 -36.43 66.03 33.85
N MET DA 256 -36.15 65.54 35.06
CA MET DA 256 -36.78 66.11 36.25
C MET DA 256 -36.22 67.49 36.57
N LEU DA 257 -34.93 67.70 36.33
CA LEU DA 257 -34.34 69.02 36.54
C LEU DA 257 -34.85 70.03 35.50
N ALA DA 258 -34.98 69.59 34.24
CA ALA DA 258 -35.52 70.48 33.23
C ALA DA 258 -36.95 70.87 33.55
N GLN DA 259 -37.73 69.95 34.11
CA GLN DA 259 -39.09 70.29 34.52
C GLN DA 259 -39.09 71.16 35.78
N ALA DA 260 -38.06 71.03 36.62
CA ALA DA 260 -38.02 71.80 37.86
C ALA DA 260 -37.68 73.26 37.61
N ASN DA 261 -36.85 73.54 36.60
CA ASN DA 261 -36.52 74.94 36.32
C ASN DA 261 -37.68 75.76 35.76
N GLN DA 262 -38.85 75.19 35.54
CA GLN DA 262 -39.99 75.96 35.03
C GLN DA 262 -41.01 76.32 36.11
N LEU DA 263 -40.67 76.19 37.38
CA LEU DA 263 -41.65 76.48 38.44
C LEU DA 263 -41.89 77.97 38.69
N PRO DA 264 -40.93 78.88 38.57
CA PRO DA 264 -41.23 80.29 38.82
C PRO DA 264 -42.18 80.93 37.82
N GLN DA 265 -42.72 80.18 36.86
CA GLN DA 265 -43.60 80.78 35.86
C GLN DA 265 -45.06 80.83 36.29
N VAL DA 266 -45.39 80.37 37.50
CA VAL DA 266 -46.76 80.54 37.99
C VAL DA 266 -47.01 81.99 38.36
N ALA DA 267 -45.95 82.70 38.75
CA ALA DA 267 -46.09 84.11 39.12
C ALA DA 267 -46.56 84.94 37.94
N LEU DA 268 -46.05 84.66 36.74
CA LEU DA 268 -46.51 85.39 35.56
C LEU DA 268 -48.00 85.18 35.34
N SER DA 269 -48.52 84.01 35.68
CA SER DA 269 -49.96 83.78 35.61
C SER DA 269 -50.69 84.64 36.63
N LEU DA 270 -50.19 84.68 37.86
CA LEU DA 270 -50.85 85.52 38.87
C LEU DA 270 -50.71 87.01 38.54
N LEU DA 271 -49.71 87.35 37.72
CA LEU DA 271 -49.37 88.75 37.50
C LEU DA 271 -50.10 89.31 36.28
N ALA EA 1 -20.49 67.90 38.63
CA ALA EA 1 -20.70 68.96 37.65
C ALA EA 1 -20.99 68.40 36.27
N ILE EA 2 -21.70 69.17 35.47
CA ILE EA 2 -21.99 68.82 34.08
C ILE EA 2 -21.24 69.82 33.21
N THR EA 3 -20.11 69.41 32.66
CA THR EA 3 -19.24 70.30 31.90
C THR EA 3 -19.04 69.79 30.49
N VAL EA 4 -18.72 70.70 29.59
CA VAL EA 4 -18.54 70.38 28.18
C VAL EA 4 -17.09 70.54 27.74
N ASN EA 5 -16.34 71.40 28.41
CA ASN EA 5 -15.04 71.82 27.90
C ASN EA 5 -13.91 70.83 28.21
N THR EA 6 -14.09 69.95 29.20
CA THR EA 6 -13.06 69.01 29.57
C THR EA 6 -13.74 67.68 29.91
N ASN EA 7 -13.14 66.58 29.48
CA ASN EA 7 -13.71 65.26 29.67
C ASN EA 7 -12.58 64.35 30.14
N VAL EA 8 -12.62 63.95 31.41
CA VAL EA 8 -11.50 63.24 32.01
C VAL EA 8 -11.66 61.74 31.82
N THR EA 9 -12.89 61.25 31.83
CA THR EA 9 -13.15 59.85 31.58
C THR EA 9 -12.61 59.44 30.21
N SER EA 10 -12.74 60.32 29.22
CA SER EA 10 -12.22 60.04 27.90
C SER EA 10 -10.69 59.96 27.91
N LEU EA 11 -10.03 60.84 28.66
CA LEU EA 11 -8.57 60.80 28.76
C LEU EA 11 -8.09 59.47 29.34
N LYS EA 12 -8.75 59.02 30.41
CA LYS EA 12 -8.34 57.78 31.04
C LYS EA 12 -8.62 56.57 30.15
N ALA EA 13 -9.76 56.58 29.45
CA ALA EA 13 -10.06 55.51 28.51
C ALA EA 13 -9.04 55.46 27.38
N GLN EA 14 -8.62 56.63 26.87
CA GLN EA 14 -7.59 56.68 25.85
C GLN EA 14 -6.31 56.02 26.34
N LYS EA 15 -5.90 56.32 27.58
CA LYS EA 15 -4.64 55.76 28.06
C LYS EA 15 -4.73 54.25 28.20
N ASN EA 16 -5.86 53.73 28.73
CA ASN EA 16 -5.99 52.28 28.83
C ASN EA 16 -5.97 51.61 27.47
N LEU EA 17 -6.68 52.19 26.49
CA LEU EA 17 -6.72 51.60 25.15
C LEU EA 17 -5.34 51.57 24.51
N ASN EA 18 -4.55 52.63 24.73
CA ASN EA 18 -3.19 52.65 24.20
C ASN EA 18 -2.32 51.58 24.83
N THR EA 19 -2.44 51.39 26.15
CA THR EA 19 -1.66 50.35 26.82
C THR EA 19 -1.99 48.97 26.26
N SER EA 20 -3.27 48.70 26.07
CA SER EA 20 -3.68 47.40 25.52
C SER EA 20 -3.14 47.19 24.11
N ALA EA 21 -3.21 48.22 23.27
CA ALA EA 21 -2.71 48.09 21.89
C ALA EA 21 -1.21 47.82 21.87
N SER EA 22 -0.45 48.51 22.71
CA SER EA 22 0.99 48.25 22.78
C SER EA 22 1.28 46.81 23.18
N ASP EA 23 0.59 46.30 24.20
CA ASP EA 23 0.82 44.92 24.62
C ASP EA 23 0.52 43.94 23.50
N LEU EA 24 -0.57 44.17 22.77
CA LEU EA 24 -0.94 43.26 21.69
C LEU EA 24 0.11 43.27 20.57
N ALA EA 25 0.61 44.45 20.22
CA ALA EA 25 1.65 44.53 19.19
C ALA EA 25 2.90 43.78 19.61
N THR EA 26 3.31 43.91 20.88
CA THR EA 26 4.48 43.18 21.36
C THR EA 26 4.29 41.67 21.22
N SER EA 27 3.12 41.18 21.64
CA SER EA 27 2.85 39.75 21.54
C SER EA 27 2.87 39.26 20.09
N MET EA 28 2.28 40.04 19.18
CA MET EA 28 2.27 39.69 17.77
C MET EA 28 3.69 39.55 17.23
N GLU EA 29 4.56 40.50 17.57
CA GLU EA 29 5.96 40.44 17.16
C GLU EA 29 6.63 39.17 17.68
N ARG EA 30 6.41 38.85 18.95
CA ARG EA 30 7.07 37.69 19.54
C ARG EA 30 6.61 36.38 18.89
N LEU EA 31 5.32 36.29 18.54
CA LEU EA 31 4.84 35.09 17.85
C LEU EA 31 5.35 35.01 16.42
N SER EA 32 5.51 36.17 15.76
CA SER EA 32 6.00 36.14 14.38
C SER EA 32 7.46 35.75 14.32
N SER EA 33 8.26 36.17 15.31
CA SER EA 33 9.69 35.92 15.28
C SER EA 33 10.07 34.54 15.80
N GLY EA 34 9.41 34.09 16.85
CA GLY EA 34 9.78 32.86 17.52
C GLY EA 34 10.76 33.02 18.65
N LEU EA 35 11.09 34.26 19.03
CA LEU EA 35 12.09 34.55 20.05
C LEU EA 35 11.47 35.40 21.14
N ARG EA 36 11.92 35.18 22.37
CA ARG EA 36 11.47 35.99 23.49
C ARG EA 36 12.22 37.31 23.57
N ILE EA 37 13.51 37.28 23.24
CA ILE EA 37 14.37 38.46 23.33
C ILE EA 37 14.62 38.96 21.92
N ASN EA 38 13.93 40.03 21.52
CA ASN EA 38 14.17 40.66 20.24
C ASN EA 38 15.05 41.90 20.34
N SER EA 39 15.22 42.45 21.53
CA SER EA 39 16.02 43.64 21.75
C SER EA 39 16.59 43.56 23.16
N ALA EA 40 17.31 44.61 23.57
CA ALA EA 40 17.76 44.68 24.95
C ALA EA 40 16.72 45.31 25.86
N LYS EA 41 15.67 45.92 25.30
CA LYS EA 41 14.48 46.26 26.05
C LYS EA 41 13.91 45.07 26.81
N ASP EA 42 14.08 43.87 26.27
CA ASP EA 42 13.43 42.67 26.79
C ASP EA 42 14.19 42.08 27.97
N ASP EA 43 15.44 41.68 27.75
CA ASP EA 43 16.26 41.09 28.80
C ASP EA 43 17.71 41.34 28.42
N ALA EA 44 18.42 42.14 29.24
CA ALA EA 44 19.75 42.60 28.84
C ALA EA 44 20.84 41.61 29.22
N ALA EA 45 20.75 41.02 30.42
CA ALA EA 45 21.74 40.03 30.83
C ALA EA 45 21.60 38.73 30.04
N GLY EA 46 20.36 38.33 29.74
CA GLY EA 46 20.14 37.16 28.92
C GLY EA 46 20.67 37.32 27.52
N LEU EA 47 20.63 38.55 26.98
CA LEU EA 47 21.21 38.82 25.67
C LEU EA 47 22.70 38.47 25.64
N ALA EA 48 23.46 38.92 26.63
CA ALA EA 48 24.89 38.66 26.65
C ALA EA 48 25.19 37.19 26.94
N ILE EA 49 24.46 36.60 27.88
CA ILE EA 49 24.66 35.18 28.16
C ILE EA 49 24.41 34.35 26.91
N SER EA 50 23.38 34.72 26.15
CA SER EA 50 23.04 33.97 24.94
C SER EA 50 24.02 34.23 23.81
N ASN EA 51 24.59 35.43 23.73
CA ASN EA 51 25.67 35.67 22.77
C ASN EA 51 26.86 34.76 23.05
N ARG EA 52 27.23 34.60 24.32
CA ARG EA 52 28.35 33.71 24.64
C ARG EA 52 28.02 32.25 24.36
N LEU EA 53 26.81 31.81 24.69
CA LEU EA 53 26.44 30.43 24.40
C LEU EA 53 26.38 30.18 22.89
N ASN EA 54 26.00 31.20 22.12
CA ASN EA 54 25.97 31.09 20.67
C ASN EA 54 27.38 30.95 20.11
N SER EA 55 28.32 31.75 20.60
CA SER EA 55 29.72 31.56 20.23
C SER EA 55 30.19 30.14 20.51
N GLN EA 56 29.81 29.58 21.66
CA GLN EA 56 30.25 28.23 21.99
C GLN EA 56 29.68 27.18 21.04
N VAL EA 57 28.38 27.28 20.73
CA VAL EA 57 27.77 26.30 19.83
C VAL EA 57 28.44 26.34 18.45
N ARG EA 58 28.62 27.55 17.92
CA ARG EA 58 29.19 27.69 16.58
C ARG EA 58 30.65 27.22 16.54
N GLY EA 59 31.41 27.53 17.60
CA GLY EA 59 32.78 27.07 17.67
C GLY EA 59 32.90 25.56 17.76
N LEU EA 60 32.00 24.91 18.50
CA LEU EA 60 32.04 23.45 18.56
C LEU EA 60 31.75 22.83 17.19
N GLU EA 61 30.84 23.43 16.43
CA GLU EA 61 30.59 22.94 15.07
C GLU EA 61 31.86 22.99 14.22
N VAL EA 62 32.52 24.16 14.19
CA VAL EA 62 33.74 24.26 13.39
C VAL EA 62 34.85 23.34 13.91
N GLY EA 63 34.91 23.15 15.23
CA GLY EA 63 35.94 22.28 15.78
C GLY EA 63 35.77 20.83 15.40
N MET EA 64 34.53 20.35 15.34
CA MET EA 64 34.30 19.00 14.83
C MET EA 64 34.71 18.88 13.37
N ARG EA 65 34.50 19.94 12.59
CA ARG EA 65 34.99 19.89 11.22
C ARG EA 65 36.51 19.74 11.16
N ASN EA 66 37.24 20.51 11.98
CA ASN EA 66 38.70 20.38 12.03
C ASN EA 66 39.14 18.99 12.50
N ALA EA 67 38.43 18.41 13.47
CA ALA EA 67 38.79 17.08 13.95
C ALA EA 67 38.63 16.04 12.85
N ASN EA 68 37.60 16.18 12.02
CA ASN EA 68 37.43 15.21 10.95
C ASN EA 68 38.51 15.37 9.89
N ASP EA 69 38.97 16.61 9.66
CA ASP EA 69 40.13 16.84 8.80
C ASP EA 69 41.38 16.12 9.31
N ALA EA 70 41.63 16.20 10.62
CA ALA EA 70 42.77 15.49 11.19
C ALA EA 70 42.66 13.98 11.01
N ILE EA 71 41.46 13.44 11.22
CA ILE EA 71 41.26 11.99 11.03
C ILE EA 71 41.55 11.60 9.59
N SER EA 72 41.14 12.44 8.63
CA SER EA 72 41.42 12.17 7.22
C SER EA 72 42.92 12.08 6.94
N ILE EA 73 43.68 13.08 7.42
CA ILE EA 73 45.12 13.09 7.19
C ILE EA 73 45.77 11.82 7.76
N ALA EA 74 45.44 11.51 9.02
CA ALA EA 74 46.06 10.34 9.67
C ALA EA 74 45.71 9.05 8.93
N GLN EA 75 44.48 8.96 8.44
CA GLN EA 75 44.03 7.75 7.75
C GLN EA 75 44.77 7.54 6.44
N ILE EA 76 44.98 8.62 5.67
CA ILE EA 76 45.74 8.51 4.42
C ILE EA 76 47.17 8.05 4.70
N ALA EA 77 47.86 8.70 5.65
CA ALA EA 77 49.25 8.32 5.91
C ALA EA 77 49.38 6.88 6.41
N GLU EA 78 48.50 6.50 7.34
CA GLU EA 78 48.51 5.15 7.88
C GLU EA 78 48.25 4.11 6.79
N GLY EA 79 47.37 4.41 5.84
CA GLY EA 79 47.15 3.48 4.75
C GLY EA 79 48.32 3.37 3.80
N ALA EA 80 49.05 4.48 3.61
CA ALA EA 80 50.25 4.43 2.78
C ALA EA 80 51.33 3.53 3.36
N MET EA 81 51.47 3.48 4.68
CA MET EA 81 52.57 2.70 5.27
C MET EA 81 52.40 1.17 5.13
N GLN EA 82 51.19 0.69 4.83
CA GLN EA 82 50.94 -0.76 4.73
C GLN EA 82 51.63 -1.39 3.52
N GLU EA 83 51.61 -0.70 2.37
CA GLU EA 83 52.29 -1.22 1.19
C GLU EA 83 53.80 -1.25 1.39
N GLN EA 84 54.33 -0.28 2.14
CA GLN EA 84 55.75 -0.28 2.47
C GLN EA 84 56.11 -1.50 3.31
N THR EA 85 55.30 -1.79 4.34
CA THR EA 85 55.49 -3.01 5.11
C THR EA 85 55.49 -4.26 4.22
N ASN EA 86 54.54 -4.31 3.30
CA ASN EA 86 54.38 -5.46 2.41
C ASN EA 86 55.64 -5.69 1.56
N MET EA 87 56.16 -4.61 0.98
CA MET EA 87 57.35 -4.72 0.15
C MET EA 87 58.57 -5.08 0.97
N LEU EA 88 58.68 -4.59 2.21
CA LEU EA 88 59.79 -5.00 3.06
C LEU EA 88 59.75 -6.49 3.37
N GLN EA 89 58.56 -7.05 3.59
CA GLN EA 89 58.46 -8.49 3.79
C GLN EA 89 58.94 -9.25 2.56
N ARG EA 90 58.59 -8.77 1.36
CA ARG EA 90 59.08 -9.40 0.13
C ARG EA 90 60.61 -9.36 0.04
N MET EA 91 61.22 -8.21 0.36
CA MET EA 91 62.68 -8.12 0.34
C MET EA 91 63.32 -9.05 1.36
N ARG EA 92 62.69 -9.22 2.52
CA ARG EA 92 63.19 -10.18 3.50
C ARG EA 92 63.24 -11.60 2.93
N ASP EA 93 62.18 -12.00 2.22
CA ASP EA 93 62.19 -13.32 1.58
C ASP EA 93 63.29 -13.44 0.54
N LEU EA 94 63.50 -12.40 -0.28
CA LEU EA 94 64.57 -12.44 -1.26
C LEU EA 94 65.95 -12.55 -0.60
N THR EA 95 66.14 -11.87 0.53
CA THR EA 95 67.41 -11.95 1.23
C THR EA 95 67.64 -13.33 1.82
N VAL EA 96 66.61 -13.95 2.38
CA VAL EA 96 66.77 -15.32 2.89
C VAL EA 96 67.08 -16.26 1.74
N GLN EA 97 66.50 -16.01 0.57
CA GLN EA 97 66.77 -16.87 -0.59
C GLN EA 97 68.19 -16.70 -1.11
N SER EA 98 68.81 -15.54 -0.90
CA SER EA 98 70.19 -15.36 -1.32
C SER EA 98 71.19 -16.26 -0.58
N GLU EA 99 70.84 -16.76 0.60
CA GLU EA 99 71.73 -17.60 1.40
C GLU EA 99 71.60 -19.07 1.04
N ASN EA 100 71.96 -19.43 -0.18
CA ASN EA 100 71.75 -20.76 -0.71
C ASN EA 100 73.01 -21.16 -1.47
N GLY EA 101 73.70 -22.20 -0.98
CA GLY EA 101 74.97 -22.58 -1.56
C GLY EA 101 74.88 -23.16 -2.95
N ALA EA 102 73.73 -23.05 -3.60
CA ALA EA 102 73.57 -23.47 -4.98
C ALA EA 102 73.37 -22.30 -5.92
N ASN EA 103 73.18 -21.10 -5.40
CA ASN EA 103 73.08 -19.91 -6.23
C ASN EA 103 74.44 -19.59 -6.84
N SER EA 104 74.42 -19.00 -8.02
CA SER EA 104 75.60 -18.48 -8.67
C SER EA 104 75.46 -16.98 -8.83
N SER EA 105 76.44 -16.34 -9.48
CA SER EA 105 76.44 -14.88 -9.55
C SER EA 105 75.27 -14.34 -10.37
N ALA EA 106 74.82 -15.09 -11.38
CA ALA EA 106 73.68 -14.64 -12.17
C ALA EA 106 72.39 -14.68 -11.37
N ASP EA 107 72.20 -15.73 -10.56
CA ASP EA 107 71.01 -15.82 -9.71
C ASP EA 107 71.02 -14.73 -8.65
N LEU EA 108 72.19 -14.46 -8.07
CA LEU EA 108 72.32 -13.38 -7.11
C LEU EA 108 72.01 -12.03 -7.74
N SER EA 109 72.41 -11.83 -9.00
CA SER EA 109 72.10 -10.59 -9.69
C SER EA 109 70.61 -10.45 -9.95
N ALA EA 110 69.93 -11.55 -10.27
CA ALA EA 110 68.48 -11.49 -10.45
C ALA EA 110 67.77 -11.12 -9.15
N LEU EA 111 68.12 -11.81 -8.06
CA LEU EA 111 67.56 -11.48 -6.75
C LEU EA 111 67.78 -10.02 -6.40
N LYS EA 112 68.99 -9.50 -6.64
CA LYS EA 112 69.27 -8.12 -6.26
C LYS EA 112 68.55 -7.12 -7.16
N ALA EA 113 68.36 -7.44 -8.44
CA ALA EA 113 67.58 -6.56 -9.30
C ALA EA 113 66.17 -6.38 -8.79
N GLU EA 114 65.55 -7.47 -8.33
CA GLU EA 114 64.21 -7.28 -7.76
C GLU EA 114 64.24 -6.51 -6.44
N MET EA 115 65.25 -6.73 -5.60
CA MET EA 115 65.39 -5.92 -4.39
C MET EA 115 65.46 -4.43 -4.70
N ASP EA 116 66.24 -4.06 -5.73
CA ASP EA 116 66.36 -2.64 -6.07
C ASP EA 116 65.05 -2.06 -6.56
N GLN EA 117 64.30 -2.82 -7.37
CA GLN EA 117 63.00 -2.29 -7.79
C GLN EA 117 62.07 -2.08 -6.60
N LEU EA 118 62.09 -2.98 -5.62
CA LEU EA 118 61.25 -2.80 -4.44
C LEU EA 118 61.66 -1.59 -3.62
N ALA EA 119 62.97 -1.34 -3.49
CA ALA EA 119 63.42 -0.15 -2.76
C ALA EA 119 63.02 1.13 -3.50
N ASN EA 120 63.05 1.11 -4.83
CA ASN EA 120 62.57 2.25 -5.60
C ASN EA 120 61.09 2.52 -5.36
N GLU EA 121 60.27 1.47 -5.29
CA GLU EA 121 58.86 1.70 -5.00
C GLU EA 121 58.61 2.18 -3.57
N ILE EA 122 59.40 1.72 -2.60
CA ILE EA 122 59.30 2.28 -1.26
C ILE EA 122 59.61 3.77 -1.27
N ASP EA 123 60.65 4.18 -2.00
CA ASP EA 123 60.96 5.60 -2.08
C ASP EA 123 59.85 6.39 -2.79
N GLU EA 124 59.27 5.83 -3.85
CA GLU EA 124 58.21 6.52 -4.55
C GLU EA 124 57.00 6.75 -3.66
N ILE EA 125 56.57 5.72 -2.92
CA ILE EA 125 55.46 5.92 -1.99
C ILE EA 125 55.83 6.97 -0.94
N GLY EA 126 57.09 6.99 -0.53
CA GLY EA 126 57.52 7.99 0.45
C GLY EA 126 57.38 9.41 -0.05
N LYS EA 127 57.71 9.65 -1.32
CA LYS EA 127 57.67 11.03 -1.82
C LYS EA 127 56.34 11.41 -2.48
N THR EA 128 55.45 10.45 -2.73
CA THR EA 128 54.29 10.72 -3.57
C THR EA 128 53.02 10.98 -2.75
N THR EA 129 52.91 10.38 -1.56
CA THR EA 129 51.69 10.47 -0.77
C THR EA 129 51.35 11.91 -0.39
N ALA EA 130 50.11 12.31 -0.63
CA ALA EA 130 49.71 13.69 -0.44
C ALA EA 130 48.26 13.79 0.01
N PHE EA 131 47.91 14.94 0.57
CA PHE EA 131 46.53 15.36 0.81
C PHE EA 131 46.28 16.53 -0.13
N GLY EA 132 45.75 16.25 -1.31
CA GLY EA 132 45.63 17.25 -2.33
C GLY EA 132 46.99 17.55 -2.92
N THR EA 133 47.64 18.60 -2.42
CA THR EA 133 48.97 18.96 -2.88
C THR EA 133 50.02 19.03 -1.78
N THR EA 134 49.67 18.79 -0.52
CA THR EA 134 50.65 18.83 0.56
C THR EA 134 51.17 17.43 0.83
N LYS EA 135 52.49 17.29 0.93
CA LYS EA 135 53.10 15.99 1.13
C LYS EA 135 53.00 15.58 2.60
N LEU EA 136 52.84 14.29 2.84
CA LEU EA 136 52.65 13.77 4.19
C LEU EA 136 53.82 12.96 4.72
N LEU EA 137 54.48 12.17 3.87
CA LEU EA 137 55.55 11.30 4.37
C LEU EA 137 56.95 11.80 4.03
N ALA EA 138 57.12 13.08 3.76
CA ALA EA 138 58.42 13.58 3.34
C ALA EA 138 59.14 14.35 4.44
N GLY EA 139 58.49 14.64 5.56
CA GLY EA 139 59.09 15.36 6.65
C GLY EA 139 58.42 16.67 7.00
N GLY EA 140 57.30 17.02 6.37
CA GLY EA 140 56.63 18.27 6.69
C GLY EA 140 55.81 18.23 7.95
N PHE EA 141 55.47 17.03 8.43
CA PHE EA 141 54.77 16.85 9.70
C PHE EA 141 55.67 16.31 10.79
N SER EA 142 56.99 16.34 10.60
CA SER EA 142 57.92 15.76 11.57
C SER EA 142 57.81 16.47 12.92
N ALA EA 143 57.72 17.79 12.91
CA ALA EA 143 57.16 18.53 14.02
C ALA EA 143 55.69 18.77 13.70
N GLY EA 144 54.80 18.26 14.55
CA GLY EA 144 53.41 18.13 14.16
C GLY EA 144 52.73 19.45 13.87
N LYS EA 145 51.56 19.36 13.27
CA LYS EA 145 50.67 20.49 13.04
C LYS EA 145 49.49 20.42 14.00
N ASN EA 146 48.98 21.57 14.39
CA ASN EA 146 47.86 21.63 15.33
C ASN EA 146 46.54 21.85 14.60
N PHE EA 147 45.51 21.19 15.09
CA PHE EA 147 44.14 21.39 14.67
C PHE EA 147 43.36 21.85 15.89
N GLN EA 148 42.72 23.01 15.81
CA GLN EA 148 41.91 23.47 16.94
C GLN EA 148 40.57 22.74 16.93
N VAL EA 149 40.36 21.87 17.92
CA VAL EA 149 39.18 21.03 17.95
C VAL EA 149 38.12 21.53 18.92
N GLY EA 150 38.32 22.70 19.52
CA GLY EA 150 37.35 23.30 20.42
C GLY EA 150 36.99 24.72 20.00
N ALA EA 151 36.22 25.36 20.86
CA ALA EA 151 35.76 26.72 20.59
C ALA EA 151 36.72 27.78 21.09
N GLN EA 152 37.59 27.46 22.04
CA GLN EA 152 38.49 28.42 22.64
C GLN EA 152 39.93 28.17 22.22
N ASP EA 153 40.75 29.19 22.36
CA ASP EA 153 42.15 29.10 21.96
C ASP EA 153 42.93 28.18 22.88
N GLY EA 154 43.76 27.34 22.28
CA GLY EA 154 44.57 26.41 23.02
C GLY EA 154 44.01 25.01 23.14
N GLU EA 155 42.75 24.81 22.73
CA GLU EA 155 42.11 23.50 22.77
C GLU EA 155 42.32 22.83 21.42
N ASP EA 156 43.41 22.07 21.32
CA ASP EA 156 43.85 21.56 20.04
C ASP EA 156 44.68 20.30 20.18
N ILE EA 157 44.80 19.58 19.06
CA ILE EA 157 45.45 18.27 19.00
C ILE EA 157 46.54 18.34 17.94
N LYS EA 158 47.66 17.67 18.19
CA LYS EA 158 48.82 17.73 17.32
C LYS EA 158 49.00 16.40 16.59
N VAL EA 159 49.16 16.47 15.27
CA VAL EA 159 49.34 15.29 14.43
C VAL EA 159 50.78 15.28 13.90
N THR EA 160 51.52 14.21 14.22
CA THR EA 160 52.94 14.11 13.92
C THR EA 160 53.18 12.91 13.01
N VAL EA 161 53.88 13.14 11.90
CA VAL EA 161 54.29 12.07 10.99
C VAL EA 161 55.75 12.33 10.62
N LYS EA 162 56.59 11.31 10.75
CA LYS EA 162 57.98 11.42 10.36
C LYS EA 162 58.18 10.92 8.94
N ALA EA 163 59.34 11.23 8.37
CA ALA EA 163 59.63 10.82 7.00
C ALA EA 163 59.92 9.33 6.93
N SER EA 164 59.37 8.66 5.92
CA SER EA 164 59.59 7.24 5.71
C SER EA 164 59.82 6.99 4.22
N ASN EA 165 61.07 6.67 3.88
CA ASN EA 165 61.50 6.47 2.52
C ASN EA 165 62.75 5.61 2.59
N LYS EA 166 63.32 5.25 1.43
CA LYS EA 166 64.41 4.28 1.48
C LYS EA 166 65.69 4.88 2.05
N SER EA 167 65.73 6.19 2.28
CA SER EA 167 66.93 6.81 2.82
C SER EA 167 66.87 6.90 4.33
N SER EA 168 65.69 7.21 4.88
CA SER EA 168 65.55 7.29 6.33
C SER EA 168 65.39 5.91 6.95
N LEU EA 169 64.93 4.92 6.19
CA LEU EA 169 64.81 3.56 6.68
C LEU EA 169 66.09 2.76 6.50
N SER EA 170 67.12 3.33 5.87
CA SER EA 170 68.42 2.70 5.68
C SER EA 170 68.36 1.42 4.86
N VAL EA 171 67.44 1.34 3.90
CA VAL EA 171 67.36 0.18 3.01
C VAL EA 171 67.73 0.53 1.57
N GLY EA 172 68.34 1.69 1.35
CA GLY EA 172 68.63 2.14 0.02
C GLY EA 172 69.94 1.68 -0.58
N SER EA 173 70.70 0.84 0.13
CA SER EA 173 71.98 0.35 -0.37
C SER EA 173 72.29 -1.05 0.17
N LEU EA 174 71.45 -2.03 -0.14
CA LEU EA 174 71.62 -3.36 0.42
C LEU EA 174 72.33 -4.26 -0.59
N GLY EA 175 73.16 -5.15 -0.08
CA GLY EA 175 73.89 -6.07 -0.92
C GLY EA 175 73.62 -7.50 -0.52
N ASN EA 176 73.98 -8.41 -1.42
CA ASN EA 176 73.74 -9.82 -1.17
C ASN EA 176 74.86 -10.70 -1.73
N THR EA 177 76.00 -10.13 -2.06
CA THR EA 177 77.04 -10.88 -2.76
C THR EA 177 78.01 -11.57 -1.81
N THR EA 178 77.94 -11.26 -0.52
CA THR EA 178 78.84 -11.80 0.49
C THR EA 178 78.03 -12.15 1.73
N SER EA 179 78.53 -13.12 2.50
CA SER EA 179 77.85 -13.57 3.71
C SER EA 179 77.57 -12.42 4.68
N ALA EA 180 78.57 -11.56 4.92
CA ALA EA 180 78.38 -10.44 5.82
C ALA EA 180 77.39 -9.43 5.27
N ALA EA 181 77.36 -9.27 3.95
CA ALA EA 181 76.40 -8.35 3.34
C ALA EA 181 74.98 -8.85 3.53
N ARG EA 182 74.77 -10.16 3.43
CA ARG EA 182 73.45 -10.73 3.67
C ARG EA 182 73.03 -10.55 5.12
N ALA EA 183 73.95 -10.80 6.06
CA ALA EA 183 73.62 -10.60 7.47
C ALA EA 183 73.22 -9.15 7.74
N SER EA 184 73.99 -8.21 7.20
CA SER EA 184 73.70 -6.80 7.41
C SER EA 184 72.35 -6.41 6.80
N SER EA 185 72.06 -6.92 5.60
CA SER EA 185 70.77 -6.60 4.98
C SER EA 185 69.60 -7.16 5.78
N LEU EA 186 69.74 -8.37 6.31
CA LEU EA 186 68.68 -8.92 7.14
C LEU EA 186 68.41 -8.03 8.35
N LYS EA 187 69.47 -7.61 9.04
CA LYS EA 187 69.27 -6.78 10.23
C LYS EA 187 68.60 -5.45 9.88
N LYS EA 188 69.00 -4.81 8.80
CA LYS EA 188 68.39 -3.51 8.49
C LYS EA 188 66.95 -3.65 8.01
N ILE EA 189 66.60 -4.71 7.29
CA ILE EA 189 65.19 -4.88 6.91
C ILE EA 189 64.33 -5.11 8.15
N ASP EA 190 64.81 -5.91 9.10
CA ASP EA 190 64.03 -6.12 10.33
C ASP EA 190 63.85 -4.81 11.10
N ALA EA 191 64.91 -3.99 11.18
CA ALA EA 191 64.79 -2.72 11.87
C ALA EA 191 63.78 -1.80 11.19
N ALA EA 192 63.76 -1.78 9.85
CA ALA EA 192 62.81 -0.93 9.13
C ALA EA 192 61.37 -1.35 9.41
N ILE EA 193 61.12 -2.66 9.43
CA ILE EA 193 59.78 -3.15 9.77
C ILE EA 193 59.38 -2.65 11.16
N LYS EA 194 60.32 -2.69 12.12
CA LYS EA 194 60.03 -2.20 13.46
C LYS EA 194 59.64 -0.72 13.49
N THR EA 195 60.40 0.13 12.78
CA THR EA 195 60.10 1.56 12.86
C THR EA 195 58.75 1.89 12.21
N ILE EA 196 58.41 1.21 11.12
CA ILE EA 196 57.09 1.44 10.54
C ILE EA 196 56.00 1.02 11.49
N ASP EA 197 56.17 -0.11 12.19
CA ASP EA 197 55.19 -0.50 13.20
C ASP EA 197 54.98 0.59 14.24
N ALA EA 198 56.07 1.19 14.73
CA ALA EA 198 55.92 2.22 15.76
C ALA EA 198 55.15 3.44 15.24
N GLN EA 199 55.45 3.87 14.01
CA GLN EA 199 54.70 5.00 13.44
C GLN EA 199 53.22 4.68 13.31
N ARG EA 200 52.88 3.48 12.84
CA ARG EA 200 51.48 3.12 12.68
C ARG EA 200 50.76 3.07 14.03
N ALA EA 201 51.48 2.62 15.07
CA ALA EA 201 50.90 2.61 16.41
C ALA EA 201 50.50 4.02 16.86
N ASP EA 202 51.41 4.99 16.70
CA ASP EA 202 51.07 6.35 17.11
C ASP EA 202 49.91 6.94 16.31
N LEU EA 203 49.85 6.69 15.01
CA LEU EA 203 48.72 7.22 14.24
C LEU EA 203 47.40 6.58 14.67
N GLY EA 204 47.41 5.29 15.00
CA GLY EA 204 46.19 4.66 15.48
C GLY EA 204 45.71 5.24 16.80
N ALA EA 205 46.64 5.48 17.72
CA ALA EA 205 46.26 6.13 18.98
C ALA EA 205 45.64 7.49 18.73
N ILE EA 206 46.21 8.29 17.82
CA ILE EA 206 45.63 9.59 17.51
C ILE EA 206 44.19 9.46 16.99
N GLN EA 207 43.95 8.48 16.12
CA GLN EA 207 42.59 8.34 15.58
C GLN EA 207 41.58 7.96 16.67
N ASN EA 208 41.95 7.05 17.57
CA ASN EA 208 41.05 6.72 18.68
C ASN EA 208 40.72 7.94 19.53
N ARG EA 209 41.76 8.73 19.87
CA ARG EA 209 41.56 9.94 20.65
C ARG EA 209 40.61 10.91 19.96
N LEU EA 210 40.77 11.11 18.66
CA LEU EA 210 39.89 12.05 17.95
C LEU EA 210 38.45 11.56 17.91
N ALA EA 211 38.25 10.24 17.85
CA ALA EA 211 36.89 9.71 17.89
C ALA EA 211 36.20 10.05 19.21
N HIS EA 212 36.87 9.77 20.33
CA HIS EA 212 36.30 10.14 21.63
C HIS EA 212 36.02 11.64 21.73
N ASN EA 213 36.92 12.47 21.21
CA ASN EA 213 36.74 13.91 21.33
C ASN EA 213 35.54 14.40 20.53
N ILE EA 214 35.33 13.87 19.33
CA ILE EA 214 34.17 14.26 18.54
C ILE EA 214 32.87 13.84 19.22
N SER EA 215 32.86 12.64 19.81
CA SER EA 215 31.67 12.19 20.54
C SER EA 215 31.32 13.15 21.68
N ASN EA 216 32.33 13.56 22.47
CA ASN EA 216 32.09 14.46 23.57
C ASN EA 216 31.60 15.83 23.08
N SER EA 217 32.12 16.31 21.95
CA SER EA 217 31.67 17.59 21.43
C SER EA 217 30.21 17.55 20.98
N ALA EA 218 29.80 16.45 20.38
CA ALA EA 218 28.39 16.32 20.00
C ALA EA 218 27.47 16.37 21.22
N ASN EA 219 27.82 15.60 22.26
CA ASN EA 219 27.06 15.68 23.52
C ASN EA 219 26.96 17.13 24.02
N THR EA 220 28.08 17.81 24.12
CA THR EA 220 28.08 19.14 24.71
C THR EA 220 27.30 20.13 23.87
N GLN EA 221 27.39 20.01 22.54
CA GLN EA 221 26.60 20.87 21.68
C GLN EA 221 25.10 20.71 21.93
N ALA EA 222 24.63 19.46 22.03
CA ALA EA 222 23.22 19.25 22.35
C ALA EA 222 22.81 19.91 23.67
N ASN EA 223 23.60 19.69 24.72
CA ASN EA 223 23.22 20.25 26.03
C ASN EA 223 23.27 21.77 26.04
N VAL EA 224 24.24 22.38 25.36
CA VAL EA 224 24.34 23.83 25.35
C VAL EA 224 23.25 24.47 24.51
N ALA EA 225 22.84 23.82 23.41
CA ALA EA 225 21.73 24.34 22.63
C ALA EA 225 20.43 24.27 23.41
N ASP EA 226 20.21 23.19 24.18
CA ASP EA 226 19.10 23.15 25.12
C ASP EA 226 19.14 24.33 26.10
N ALA EA 227 20.30 24.57 26.70
CA ALA EA 227 20.45 25.66 27.66
C ALA EA 227 20.10 27.01 27.02
N LYS EA 228 20.57 27.26 25.80
CA LYS EA 228 20.29 28.53 25.13
C LYS EA 228 18.82 28.66 24.79
N SER EA 229 18.20 27.57 24.35
CA SER EA 229 16.77 27.61 24.03
C SER EA 229 15.94 27.98 25.25
N ARG EA 230 16.34 27.50 26.43
CA ARG EA 230 15.61 27.87 27.64
C ARG EA 230 15.61 29.38 27.89
N ILE EA 231 16.59 30.09 27.35
CA ILE EA 231 16.71 31.53 27.61
C ILE EA 231 16.11 32.36 26.48
N VAL EA 232 16.30 31.97 25.23
CA VAL EA 232 16.04 32.87 24.10
C VAL EA 232 14.67 32.64 23.47
N ASP EA 233 14.21 31.39 23.39
CA ASP EA 233 13.03 31.07 22.61
C ASP EA 233 11.74 31.43 23.34
N VAL EA 234 10.67 31.59 22.57
CA VAL EA 234 9.37 31.98 23.10
C VAL EA 234 8.57 30.72 23.43
N ASP EA 235 7.62 30.88 24.34
CA ASP EA 235 6.66 29.84 24.71
C ASP EA 235 5.34 30.14 24.00
N PHE EA 236 4.93 29.25 23.11
CA PHE EA 236 3.71 29.50 22.34
C PHE EA 236 2.47 29.40 23.20
N ALA EA 237 2.43 28.43 24.12
CA ALA EA 237 1.26 28.23 24.96
C ALA EA 237 0.95 29.44 25.82
N LYS EA 238 1.98 30.15 26.26
CA LYS EA 238 1.79 31.33 27.09
C LYS EA 238 1.50 32.56 26.24
N GLU EA 239 2.16 32.66 25.09
CA GLU EA 239 2.13 33.90 24.34
C GLU EA 239 0.82 34.02 23.58
N THR EA 240 0.25 32.90 23.12
CA THR EA 240 -1.06 32.94 22.50
C THR EA 240 -2.15 33.36 23.49
N SER EA 241 -2.03 32.92 24.74
CA SER EA 241 -2.98 33.33 25.77
C SER EA 241 -2.90 34.83 26.02
N GLN EA 242 -1.69 35.36 26.13
CA GLN EA 242 -1.56 36.80 26.30
C GLN EA 242 -2.15 37.56 25.11
N MET EA 243 -1.93 37.05 23.90
CA MET EA 243 -2.47 37.72 22.72
C MET EA 243 -3.99 37.79 22.77
N THR EA 244 -4.65 36.67 23.09
CA THR EA 244 -6.11 36.67 23.14
C THR EA 244 -6.65 37.60 24.22
N LYS EA 245 -5.99 37.62 25.38
CA LYS EA 245 -6.41 38.56 26.42
C LYS EA 245 -6.35 40.00 25.95
N ASN EA 246 -5.26 40.39 25.28
CA ASN EA 246 -5.17 41.78 24.84
C ASN EA 246 -6.13 42.11 23.71
N GLN EA 247 -6.46 41.12 22.87
CA GLN EA 247 -7.52 41.31 21.87
C GLN EA 247 -8.84 41.70 22.52
N VAL EA 248 -9.27 40.90 23.50
CA VAL EA 248 -10.55 41.20 24.17
C VAL EA 248 -10.49 42.56 24.85
N LEU EA 249 -9.37 42.88 25.49
CA LEU EA 249 -9.27 44.19 26.16
C LEU EA 249 -9.33 45.33 25.16
N GLN EA 250 -8.78 45.14 23.95
CA GLN EA 250 -8.89 46.19 22.94
C GLN EA 250 -10.34 46.44 22.55
N GLN EA 251 -11.10 45.37 22.33
CA GLN EA 251 -12.50 45.56 21.95
C GLN EA 251 -13.30 46.24 23.07
N THR EA 252 -13.05 45.84 24.32
CA THR EA 252 -13.75 46.46 25.44
C THR EA 252 -13.38 47.93 25.60
N GLY EA 253 -12.09 48.25 25.48
CA GLY EA 253 -11.67 49.64 25.64
C GLY EA 253 -12.17 50.53 24.53
N SER EA 254 -12.23 50.00 23.30
CA SER EA 254 -12.82 50.74 22.20
C SER EA 254 -14.28 51.07 22.47
N ALA EA 255 -15.06 50.07 22.88
CA ALA EA 255 -16.46 50.32 23.21
C ALA EA 255 -16.60 51.35 24.32
N MET EA 256 -15.74 51.28 25.33
CA MET EA 256 -15.89 52.16 26.48
C MET EA 256 -15.49 53.60 26.13
N LEU EA 257 -14.49 53.77 25.27
CA LEU EA 257 -14.11 55.11 24.84
C LEU EA 257 -15.19 55.73 23.93
N ALA EA 258 -15.77 54.92 23.05
CA ALA EA 258 -16.84 55.43 22.21
C ALA EA 258 -18.05 55.85 23.05
N GLN EA 259 -18.33 55.12 24.13
CA GLN EA 259 -19.40 55.53 25.02
C GLN EA 259 -19.01 56.73 25.87
N ALA EA 260 -17.72 56.91 26.14
CA ALA EA 260 -17.28 58.03 26.95
C ALA EA 260 -17.34 59.35 26.20
N ASN EA 261 -17.10 59.33 24.89
CA ASN EA 261 -17.17 60.59 24.14
C ASN EA 261 -18.59 61.15 23.99
N GLN EA 262 -19.61 60.50 24.51
CA GLN EA 262 -20.98 61.02 24.42
C GLN EA 262 -21.48 61.67 25.71
N LEU EA 263 -20.60 61.95 26.67
CA LEU EA 263 -21.05 62.52 27.93
C LEU EA 263 -21.42 64.00 27.88
N PRO EA 264 -20.78 64.86 27.09
CA PRO EA 264 -21.19 66.28 27.07
C PRO EA 264 -22.57 66.54 26.51
N GLN EA 265 -23.34 65.50 26.14
CA GLN EA 265 -24.65 65.73 25.56
C GLN EA 265 -25.76 65.86 26.59
N VAL EA 266 -25.46 65.78 27.89
CA VAL EA 266 -26.48 66.04 28.90
C VAL EA 266 -26.79 67.53 28.97
N ALA EA 267 -25.81 68.36 28.61
CA ALA EA 267 -26.02 69.81 28.61
C ALA EA 267 -27.09 70.22 27.62
N LEU EA 268 -27.13 69.60 26.45
CA LEU EA 268 -28.17 69.90 25.48
C LEU EA 268 -29.55 69.59 26.04
N SER EA 269 -29.65 68.56 26.88
CA SER EA 269 -30.91 68.28 27.55
C SER EA 269 -31.26 69.37 28.55
N LEU EA 270 -30.29 69.83 29.33
CA LEU EA 270 -30.59 70.91 30.27
C LEU EA 270 -30.86 72.22 29.53
N LEU EA 271 -30.40 72.33 28.30
CA LEU EA 271 -30.45 73.59 27.59
C LEU EA 271 -31.71 73.72 26.75
N ALA FA 1 -49.14 112.11 49.53
CA ALA FA 1 -49.34 113.17 48.55
C ALA FA 1 -49.63 112.61 47.16
N ILE FA 2 -50.33 113.39 46.35
CA ILE FA 2 -50.61 113.04 44.97
C ILE FA 2 -49.85 114.05 44.11
N THR FA 3 -48.72 113.64 43.56
CA THR FA 3 -47.84 114.54 42.83
C THR FA 3 -47.63 114.04 41.41
N VAL FA 4 -47.29 114.97 40.52
CA VAL FA 4 -47.11 114.64 39.12
C VAL FA 4 -45.65 114.81 38.68
N ASN FA 5 -44.90 115.66 39.37
CA ASN FA 5 -43.60 116.09 38.87
C ASN FA 5 -42.47 115.10 39.19
N THR FA 6 -42.66 114.22 40.17
CA THR FA 6 -41.64 113.27 40.55
C THR FA 6 -42.31 111.94 40.88
N ASN FA 7 -41.71 110.84 40.44
CA ASN FA 7 -42.28 109.52 40.61
C ASN FA 7 -41.15 108.61 41.09
N VAL FA 8 -41.21 108.21 42.36
CA VAL FA 8 -40.09 107.48 42.97
C VAL FA 8 -40.24 105.98 42.76
N THR FA 9 -41.49 105.50 42.76
CA THR FA 9 -41.74 104.09 42.49
C THR FA 9 -41.18 103.70 41.13
N SER FA 10 -41.30 104.59 40.15
CA SER FA 10 -40.76 104.31 38.83
C SER FA 10 -39.24 104.23 38.86
N LEU FA 11 -38.58 105.10 39.62
CA LEU FA 11 -37.13 105.07 39.73
C LEU FA 11 -36.66 103.74 40.31
N LYS FA 12 -37.33 103.28 41.37
CA LYS FA 12 -36.92 102.03 42.00
C LYS FA 12 -37.18 100.83 41.09
N ALA FA 13 -38.32 100.85 40.38
CA ALA FA 13 -38.61 99.77 39.44
C ALA FA 13 -37.58 99.74 38.31
N GLN FA 14 -37.16 100.91 37.81
CA GLN FA 14 -36.11 100.96 36.82
C GLN FA 14 -34.84 100.31 37.31
N LYS FA 15 -34.44 100.60 38.55
CA LYS FA 15 -33.19 100.04 39.04
C LYS FA 15 -33.27 98.52 39.18
N ASN FA 16 -34.40 98.00 39.69
CA ASN FA 16 -34.54 96.55 39.79
C ASN FA 16 -34.50 95.89 38.41
N LEU FA 17 -35.20 96.47 37.43
CA LEU FA 17 -35.23 95.89 36.09
C LEU FA 17 -33.84 95.87 35.46
N ASN FA 18 -33.06 96.92 35.70
CA ASN FA 18 -31.70 96.95 35.17
C ASN FA 18 -30.83 95.88 35.81
N THR FA 19 -30.95 95.69 37.12
CA THR FA 19 -30.19 94.64 37.80
C THR FA 19 -30.50 93.26 37.22
N SER FA 20 -31.80 92.98 37.02
CA SER FA 20 -32.19 91.70 36.47
C SER FA 20 -31.64 91.49 35.06
N ALA FA 21 -31.70 92.53 34.21
CA ALA FA 21 -31.20 92.40 32.85
C ALA FA 21 -29.69 92.13 32.84
N SER FA 22 -28.94 92.82 33.70
CA SER FA 22 -27.50 92.57 33.77
C SER FA 22 -27.20 91.13 34.17
N ASP FA 23 -27.91 90.61 35.17
CA ASP FA 23 -27.67 89.22 35.60
C ASP FA 23 -27.96 88.25 34.46
N LEU FA 24 -29.05 88.48 33.72
CA LEU FA 24 -29.41 87.58 32.62
C LEU FA 24 -28.35 87.59 31.53
N ALA FA 25 -27.85 88.78 31.18
CA ALA FA 25 -26.80 88.86 30.17
C ALA FA 25 -25.54 88.10 30.59
N THR FA 26 -25.15 88.24 31.86
CA THR FA 26 -23.98 87.51 32.36
C THR FA 26 -24.17 86.00 32.22
N SER FA 27 -25.35 85.50 32.61
CA SER FA 27 -25.61 84.07 32.51
C SER FA 27 -25.58 83.59 31.06
N MET FA 28 -26.16 84.38 30.15
CA MET FA 28 -26.16 84.03 28.72
C MET FA 28 -24.73 83.90 28.20
N GLU FA 29 -23.87 84.86 28.55
CA GLU FA 29 -22.46 84.79 28.16
C GLU FA 29 -21.79 83.52 28.68
N ARG FA 30 -22.02 83.19 29.94
CA ARG FA 30 -21.37 82.02 30.53
C ARG FA 30 -21.83 80.73 29.87
N LEU FA 31 -23.11 80.63 29.51
CA LEU FA 31 -23.57 79.43 28.81
C LEU FA 31 -23.06 79.37 27.39
N SER FA 32 -22.89 80.51 26.73
CA SER FA 32 -22.39 80.50 25.36
C SER FA 32 -20.92 80.12 25.31
N SER FA 33 -20.14 80.53 26.31
CA SER FA 33 -18.70 80.29 26.28
C SER FA 33 -18.33 78.90 26.79
N GLY FA 34 -19.01 78.44 27.85
CA GLY FA 34 -18.63 77.21 28.51
C GLY FA 34 -17.67 77.36 29.65
N LEU FA 35 -17.34 78.60 30.04
CA LEU FA 35 -16.36 78.89 31.07
C LEU FA 35 -16.98 79.74 32.16
N ARG FA 36 -16.55 79.51 33.40
CA ARG FA 36 -17.01 80.31 34.52
C ARG FA 36 -16.26 81.63 34.60
N ILE FA 37 -14.96 81.61 34.29
CA ILE FA 37 -14.11 82.78 34.40
C ILE FA 37 -13.84 83.29 32.99
N ASN FA 38 -14.53 84.36 32.59
CA ASN FA 38 -14.27 85.00 31.31
C ASN FA 38 -13.41 86.24 31.43
N SER FA 39 -13.24 86.78 32.64
CA SER FA 39 -12.44 87.97 32.88
C SER FA 39 -11.89 87.88 34.29
N ALA FA 40 -11.18 88.94 34.70
CA ALA FA 40 -10.74 89.00 36.09
C ALA FA 40 -11.79 89.62 36.99
N LYS FA 41 -12.83 90.23 36.41
CA LYS FA 41 -14.03 90.57 37.16
C LYS FA 41 -14.61 89.38 37.91
N ASP FA 42 -14.43 88.17 37.37
CA ASP FA 42 -15.09 86.98 37.87
C ASP FA 42 -14.33 86.37 39.06
N ASP FA 43 -13.09 85.98 38.84
CA ASP FA 43 -12.27 85.38 39.90
C ASP FA 43 -10.82 85.65 39.54
N ALA FA 44 -10.12 86.43 40.38
CA ALA FA 44 -8.79 86.90 40.00
C ALA FA 44 -7.71 85.90 40.37
N ALA FA 45 -7.81 85.32 41.57
CA ALA FA 45 -6.82 84.32 41.97
C ALA FA 45 -6.95 83.03 41.18
N GLY FA 46 -8.18 82.63 40.87
CA GLY FA 46 -8.39 81.46 40.04
C GLY FA 46 -7.85 81.63 38.64
N LEU FA 47 -7.88 82.86 38.11
CA LEU FA 47 -7.29 83.13 36.81
C LEU FA 47 -5.80 82.79 36.78
N ALA FA 48 -5.06 83.24 37.79
CA ALA FA 48 -3.62 82.98 37.82
C ALA FA 48 -3.32 81.51 38.11
N ILE FA 49 -4.06 80.91 39.03
CA ILE FA 49 -3.87 79.49 39.31
C ILE FA 49 -4.10 78.66 38.06
N SER FA 50 -5.12 79.03 37.28
CA SER FA 50 -5.45 78.29 36.07
C SER FA 50 -4.46 78.56 34.95
N ASN FA 51 -3.89 79.77 34.88
CA ASN FA 51 -2.80 80.00 33.94
C ASN FA 51 -1.62 79.09 34.22
N ARG FA 52 -1.26 78.93 35.50
CA ARG FA 52 -0.14 78.05 35.82
C ARG FA 52 -0.46 76.58 35.53
N LEU FA 53 -1.68 76.13 35.85
CA LEU FA 53 -2.05 74.76 35.53
C LEU FA 53 -2.08 74.52 34.03
N ASN FA 54 -2.46 75.54 33.27
CA ASN FA 54 -2.47 75.44 31.82
C ASN FA 54 -1.06 75.30 31.26
N SER FA 55 -0.13 76.10 31.77
CA SER FA 55 1.28 75.92 31.41
C SER FA 55 1.75 74.50 31.68
N GLN FA 56 1.36 73.93 32.82
CA GLN FA 56 1.80 72.58 33.16
C GLN FA 56 1.23 71.54 32.20
N VAL FA 57 -0.06 71.64 31.87
CA VAL FA 57 -0.67 70.66 30.95
C VAL FA 57 0.02 70.71 29.58
N ARG FA 58 0.21 71.92 29.06
CA ARG FA 58 0.79 72.07 27.74
C ARG FA 58 2.25 71.61 27.71
N GLY FA 59 3.00 71.90 28.78
CA GLY FA 59 4.37 71.45 28.86
C GLY FA 59 4.49 69.94 28.93
N LEU FA 60 3.58 69.28 29.67
CA LEU FA 60 3.61 67.82 29.71
C LEU FA 60 3.35 67.21 28.35
N GLU FA 61 2.45 67.81 27.57
CA GLU FA 61 2.21 67.33 26.22
C GLU FA 61 3.49 67.39 25.37
N VAL FA 62 4.15 68.55 25.36
CA VAL FA 62 5.38 68.67 24.57
C VAL FA 62 6.49 67.74 25.09
N GLY FA 63 6.54 67.55 26.41
CA GLY FA 63 7.56 66.68 26.98
C GLY FA 63 7.39 65.23 26.57
N MET FA 64 6.16 64.74 26.50
CA MET FA 64 5.93 63.39 25.99
C MET FA 64 6.35 63.28 24.53
N ARG FA 65 6.14 64.35 23.75
CA ARG FA 65 6.65 64.31 22.38
C ARG FA 65 8.17 64.14 22.34
N ASN FA 66 8.89 64.92 23.17
CA ASN FA 66 10.35 64.79 23.23
C ASN FA 66 10.79 63.40 23.70
N ALA FA 67 10.07 62.82 24.66
CA ALA FA 67 10.42 61.49 25.13
C ALA FA 67 10.27 60.45 24.04
N ASN FA 68 9.25 60.59 23.20
CA ASN FA 68 9.09 59.62 22.11
C ASN FA 68 10.19 59.80 21.07
N ASP FA 69 10.64 61.04 20.84
CA ASP FA 69 11.82 61.27 20.00
C ASP FA 69 13.06 60.55 20.52
N ALA FA 70 13.30 60.62 21.83
CA ALA FA 70 14.44 59.92 22.41
C ALA FA 70 14.32 58.40 22.22
N ILE FA 71 13.13 57.86 22.42
CA ILE FA 71 12.93 56.42 22.21
C ILE FA 71 13.24 56.03 20.77
N SER FA 72 12.84 56.88 19.82
CA SER FA 72 13.13 56.62 18.41
C SER FA 72 14.63 56.53 18.14
N ILE FA 73 15.38 57.53 18.63
CA ILE FA 73 16.83 57.54 18.42
C ILE FA 73 17.47 56.27 18.99
N ALA FA 74 17.14 55.95 20.24
CA ALA FA 74 17.74 54.78 20.89
C ALA FA 74 17.40 53.50 20.15
N GLN FA 75 16.18 53.40 19.63
CA GLN FA 75 15.74 52.20 18.94
C GLN FA 75 16.48 52.00 17.62
N ILE FA 76 16.71 53.08 16.87
CA ILE FA 76 17.48 52.97 15.63
C ILE FA 76 18.91 52.52 15.91
N ALA FA 77 19.59 53.16 16.88
CA ALA FA 77 20.98 52.78 17.16
C ALA FA 77 21.09 51.33 17.65
N GLU FA 78 20.21 50.95 18.58
CA GLU FA 78 20.21 49.60 19.10
C GLU FA 78 19.97 48.57 18.01
N GLY FA 79 19.10 48.87 17.04
CA GLY FA 79 18.89 47.94 15.94
C GLY FA 79 20.08 47.84 15.02
N ALA FA 80 20.80 48.95 14.83
CA ALA FA 80 22.01 48.90 14.01
C ALA FA 80 23.08 48.01 14.59
N MET FA 81 23.21 47.95 15.93
CA MET FA 81 24.31 47.16 16.51
C MET FA 81 24.14 45.64 16.36
N GLN FA 82 22.94 45.15 16.05
CA GLN FA 82 22.69 43.72 15.93
C GLN FA 82 23.38 43.10 14.72
N GLU FA 83 23.37 43.78 13.58
CA GLU FA 83 24.08 43.27 12.41
C GLU FA 83 25.59 43.24 12.62
N GLN FA 84 26.10 44.21 13.37
CA GLN FA 84 27.51 44.21 13.73
C GLN FA 84 27.87 42.99 14.56
N THR FA 85 27.05 42.69 15.58
CA THR FA 85 27.24 41.45 16.36
C THR FA 85 27.24 40.22 15.45
N ASN FA 86 26.30 40.17 14.52
CA ASN FA 86 26.16 39.02 13.63
C ASN FA 86 27.41 38.81 12.79
N MET FA 87 27.94 39.89 12.21
CA MET FA 87 29.14 39.78 11.40
C MET FA 87 30.36 39.41 12.23
N LEU FA 88 30.45 39.90 13.47
CA LEU FA 88 31.56 39.49 14.33
C LEU FA 88 31.52 37.99 14.63
N GLN FA 89 30.32 37.44 14.84
CA GLN FA 89 30.22 35.99 15.02
C GLN FA 89 30.72 35.24 13.79
N ARG FA 90 30.38 35.73 12.60
CA ARG FA 90 30.88 35.10 11.38
C ARG FA 90 32.41 35.14 11.30
N MET FA 91 33.01 36.29 11.62
CA MET FA 91 34.48 36.39 11.62
C MET FA 91 35.11 35.45 12.64
N ARG FA 92 34.47 35.28 13.80
CA ARG FA 92 34.96 34.31 14.77
C ARG FA 92 35.01 32.89 14.20
N ASP FA 93 33.96 32.50 13.47
CA ASP FA 93 33.99 31.18 12.83
C ASP FA 93 35.10 31.06 11.79
N LEU FA 94 35.30 32.12 10.99
CA LEU FA 94 36.39 32.09 10.01
C LEU FA 94 37.75 31.97 10.68
N THR FA 95 37.94 32.64 11.82
CA THR FA 95 39.20 32.56 12.54
C THR FA 95 39.44 31.17 13.12
N VAL FA 96 38.39 30.55 13.68
CA VAL FA 96 38.55 29.18 14.17
C VAL FA 96 38.86 28.24 13.02
N GLN FA 97 38.31 28.49 11.84
CA GLN FA 97 38.58 27.65 10.68
C GLN FA 97 40.00 27.81 10.18
N SER FA 98 40.63 28.97 10.40
CA SER FA 98 42.02 29.16 10.00
C SER FA 98 43.00 28.27 10.74
N GLU FA 99 42.64 27.75 11.92
CA GLU FA 99 43.52 26.92 12.72
C GLU FA 99 43.41 25.44 12.35
N ASN FA 100 43.77 25.09 11.12
CA ASN FA 100 43.58 23.76 10.58
C ASN FA 100 44.84 23.36 9.84
N GLY FA 101 45.53 22.34 10.33
CA GLY FA 101 46.80 21.95 9.76
C GLY FA 101 46.73 21.38 8.36
N ALA FA 102 45.58 21.49 7.70
CA ALA FA 102 45.44 21.08 6.32
C ALA FA 102 45.25 22.25 5.38
N ASN FA 103 45.04 23.45 5.92
CA ASN FA 103 44.95 24.65 5.09
C ASN FA 103 46.32 24.96 4.50
N SER FA 104 46.31 25.56 3.31
CA SER FA 104 47.50 26.08 2.67
C SER FA 104 47.36 27.59 2.53
N SER FA 105 48.34 28.24 1.88
CA SER FA 105 48.35 29.69 1.83
C SER FA 105 47.18 30.24 1.00
N ALA FA 106 46.74 29.50 -0.01
CA ALA FA 106 45.61 29.94 -0.82
C ALA FA 106 44.31 29.90 -0.02
N ASP FA 107 44.11 28.84 0.77
CA ASP FA 107 42.92 28.75 1.60
C ASP FA 107 42.91 29.83 2.68
N LEU FA 108 44.08 30.11 3.26
CA LEU FA 108 44.19 31.18 4.24
C LEU FA 108 43.88 32.53 3.61
N SER FA 109 44.30 32.73 2.37
CA SER FA 109 44.00 33.98 1.67
C SER FA 109 42.50 34.13 1.40
N ALA FA 110 41.84 33.02 1.06
CA ALA FA 110 40.38 33.08 0.87
C ALA FA 110 39.66 33.45 2.16
N LEU FA 111 40.00 32.75 3.26
CA LEU FA 111 39.43 33.07 4.56
C LEU FA 111 39.64 34.53 4.92
N LYS FA 112 40.86 35.05 4.69
CA LYS FA 112 41.13 36.43 5.09
C LYS FA 112 40.42 37.43 4.19
N ALA FA 113 40.24 37.12 2.91
CA ALA FA 113 39.47 38.01 2.04
C ALA FA 113 38.05 38.19 2.54
N GLU FA 114 37.43 37.09 2.99
CA GLU FA 114 36.09 37.27 3.54
C GLU FA 114 36.10 38.04 4.86
N MET FA 115 37.11 37.81 5.71
CA MET FA 115 37.22 38.62 6.93
C MET FA 115 37.31 40.11 6.62
N ASP FA 116 38.09 40.49 5.61
CA ASP FA 116 38.21 41.91 5.27
C ASP FA 116 36.91 42.48 4.77
N GLN FA 117 36.17 41.74 3.95
CA GLN FA 117 34.87 42.26 3.53
C GLN FA 117 33.92 42.47 4.71
N LEU FA 118 33.94 41.56 5.69
CA LEU FA 118 33.08 41.73 6.86
C LEU FA 118 33.49 42.94 7.69
N ALA FA 119 34.79 43.19 7.83
CA ALA FA 119 35.23 44.38 8.57
C ALA FA 119 34.84 45.66 7.84
N ASN FA 120 34.89 45.65 6.50
CA ASN FA 120 34.41 46.79 5.73
C ASN FA 120 32.93 47.06 5.96
N GLU FA 121 32.11 46.00 6.02
CA GLU FA 121 30.70 46.24 6.29
C GLU FA 121 30.44 46.71 7.73
N ILE FA 122 31.21 46.23 8.70
CA ILE FA 122 31.09 46.79 10.05
C ILE FA 122 31.40 48.29 10.05
N ASP FA 123 32.45 48.69 9.33
CA ASP FA 123 32.75 50.12 9.26
C ASP FA 123 31.66 50.91 8.55
N GLU FA 124 31.10 50.35 7.48
CA GLU FA 124 30.03 51.04 6.77
C GLU FA 124 28.82 51.27 7.65
N ILE FA 125 28.38 50.23 8.38
CA ILE FA 125 27.27 50.43 9.31
C ILE FA 125 27.62 51.48 10.35
N GLY FA 126 28.89 51.50 10.79
CA GLY FA 126 29.29 52.50 11.77
C GLY FA 126 29.17 53.92 11.28
N LYS FA 127 29.50 54.16 10.01
CA LYS FA 127 29.46 55.54 9.51
C LYS FA 127 28.14 55.92 8.85
N THR FA 128 27.26 54.96 8.58
CA THR FA 128 26.10 55.24 7.74
C THR FA 128 24.83 55.49 8.55
N THR FA 129 24.70 54.90 9.72
CA THR FA 129 23.47 54.97 10.50
C THR FA 129 23.14 56.41 10.89
N ALA FA 130 21.89 56.81 10.66
CA ALA FA 130 21.50 58.19 10.83
C ALA FA 130 20.03 58.29 11.27
N PHE FA 131 19.68 59.43 11.84
CA PHE FA 131 18.30 59.85 12.07
C PHE FA 131 18.05 61.03 11.13
N GLY FA 132 17.53 60.74 9.95
CA GLY FA 132 17.44 61.76 8.93
C GLY FA 132 18.80 62.06 8.36
N THR FA 133 19.44 63.10 8.87
CA THR FA 133 20.77 63.48 8.42
C THR FA 133 21.80 63.54 9.53
N THR FA 134 21.44 63.29 10.79
CA THR FA 134 22.42 63.33 11.88
C THR FA 134 22.93 61.93 12.14
N LYS FA 135 24.25 61.79 12.26
CA LYS FA 135 24.86 60.49 12.46
C LYS FA 135 24.75 60.07 13.92
N LEU FA 136 24.59 58.77 14.15
CA LEU FA 136 24.38 58.24 15.49
C LEU FA 136 25.55 57.43 16.03
N LEU FA 137 26.22 56.64 15.19
CA LEU FA 137 27.28 55.78 15.69
C LEU FA 137 28.68 56.28 15.36
N ALA FA 138 28.86 57.57 15.12
CA ALA FA 138 30.16 58.07 14.70
C ALA FA 138 30.88 58.84 15.81
N GLY FA 139 30.21 59.10 16.92
CA GLY FA 139 30.80 59.82 18.03
C GLY FA 139 30.12 61.13 18.38
N GLY FA 140 29.01 61.49 17.75
CA GLY FA 140 28.33 62.74 18.06
C GLY FA 140 27.50 62.68 19.31
N PHE FA 141 27.16 61.48 19.80
CA PHE FA 141 26.45 61.30 21.05
C PHE FA 141 27.34 60.76 22.15
N SER FA 142 28.66 60.78 21.96
CA SER FA 142 29.58 60.20 22.94
C SER FA 142 29.45 60.90 24.29
N ALA FA 143 29.36 62.22 24.28
CA ALA FA 143 28.79 62.95 25.40
C ALA FA 143 27.33 63.20 25.07
N GLY FA 144 26.43 62.68 25.91
CA GLY FA 144 25.05 62.54 25.50
C GLY FA 144 24.37 63.87 25.21
N LYS FA 145 23.20 63.77 24.60
CA LYS FA 145 22.31 64.91 24.36
C LYS FA 145 21.13 64.83 25.31
N ASN FA 146 20.61 65.99 25.71
CA ASN FA 146 19.48 66.05 26.63
C ASN FA 146 18.17 66.26 25.89
N PHE FA 147 17.13 65.60 26.37
CA PHE FA 147 15.76 65.80 25.93
C PHE FA 147 14.97 66.25 27.14
N GLN FA 148 14.32 67.41 27.07
CA GLN FA 148 13.51 67.86 28.19
C GLN FA 148 12.17 67.13 28.17
N VAL FA 149 11.96 66.25 29.15
CA VAL FA 149 10.78 65.41 29.17
C VAL FA 149 9.71 65.91 30.12
N GLY FA 150 9.90 67.07 30.74
CA GLY FA 150 8.91 67.66 31.62
C GLY FA 150 8.56 69.08 31.21
N ALA FA 151 7.78 69.72 32.07
CA ALA FA 151 7.32 71.08 31.81
C ALA FA 151 8.28 72.14 32.32
N GLN FA 152 9.13 71.82 33.28
CA GLN FA 152 10.03 72.78 33.89
C GLN FA 152 11.47 72.52 33.48
N ASP FA 153 12.29 73.55 33.64
CA ASP FA 153 13.69 73.47 33.24
C ASP FA 153 14.46 72.53 34.17
N GLY FA 154 15.31 71.70 33.58
CA GLY FA 154 16.12 70.76 34.32
C GLY FA 154 15.54 69.37 34.43
N GLU FA 155 14.30 69.17 34.00
CA GLU FA 155 13.64 67.86 34.03
C GLU FA 155 13.88 67.19 32.68
N ASP FA 156 14.96 66.44 32.58
CA ASP FA 156 15.42 65.94 31.30
C ASP FA 156 16.26 64.67 31.44
N ILE FA 157 16.38 63.95 30.32
CA ILE FA 157 17.03 62.65 30.27
C ILE FA 157 18.13 62.73 29.21
N LYS FA 158 19.25 62.06 29.47
CA LYS FA 158 20.42 62.12 28.61
C LYS FA 158 20.60 60.80 27.87
N VAL FA 159 20.79 60.88 26.56
CA VAL FA 159 20.98 59.70 25.71
C VAL FA 159 22.41 59.70 25.20
N THR FA 160 23.15 58.63 25.52
CA THR FA 160 24.57 58.53 25.23
C THR FA 160 24.84 57.33 24.32
N VAL FA 161 25.54 57.57 23.22
CA VAL FA 161 25.97 56.51 22.31
C VAL FA 161 27.42 56.77 21.95
N LYS FA 162 28.26 55.75 22.09
CA LYS FA 162 29.66 55.86 21.71
C LYS FA 162 29.87 55.37 20.28
N ALA FA 163 31.03 55.68 19.73
CA ALA FA 163 31.34 55.28 18.36
C ALA FA 163 31.62 53.79 18.29
N SER FA 164 31.09 53.14 17.26
CA SER FA 164 31.32 51.71 17.05
C SER FA 164 31.56 51.47 15.56
N ASN FA 165 32.80 51.16 15.24
CA ASN FA 165 33.26 50.96 13.87
C ASN FA 165 34.52 50.10 13.95
N LYS FA 166 35.09 49.75 12.80
CA LYS FA 166 36.18 48.79 12.85
C LYS FA 166 37.46 49.38 13.44
N SER FA 167 37.49 50.68 13.67
CA SER FA 167 38.68 51.30 14.22
C SER FA 167 38.62 51.39 15.74
N SER FA 168 37.43 51.69 16.28
CA SER FA 168 37.27 51.76 17.73
C SER FA 168 37.11 50.38 18.34
N LEU FA 169 36.66 49.40 17.57
CA LEU FA 169 36.53 48.04 18.04
C LEU FA 169 37.82 47.23 17.87
N SER FA 170 38.84 47.81 17.26
CA SER FA 170 40.15 47.18 17.08
C SER FA 170 40.10 45.91 16.24
N VAL FA 171 39.20 45.83 15.27
CA VAL FA 171 39.12 44.68 14.38
C VAL FA 171 39.51 45.03 12.95
N GLY FA 172 40.11 46.20 12.74
CA GLY FA 172 40.42 46.65 11.41
C GLY FA 172 41.74 46.19 10.84
N SER FA 173 42.48 45.36 11.54
CA SER FA 173 43.77 44.86 11.05
C SER FA 173 44.08 43.47 11.58
N LEU FA 174 43.24 42.49 11.26
CA LEU FA 174 43.41 41.16 11.81
C LEU FA 174 44.13 40.26 10.81
N GLY FA 175 44.95 39.37 11.33
CA GLY FA 175 45.70 38.46 10.48
C GLY FA 175 45.43 37.02 10.87
N ASN FA 176 45.79 36.12 9.97
CA ASN FA 176 45.56 34.70 10.21
C ASN FA 176 46.67 33.83 9.66
N THR FA 177 47.83 34.40 9.34
CA THR FA 177 48.87 33.66 8.65
C THR FA 177 49.83 32.97 9.60
N THR FA 178 49.75 33.27 10.89
CA THR FA 178 50.64 32.72 11.91
C THR FA 178 49.82 32.37 13.14
N SER FA 179 50.31 31.39 13.92
CA SER FA 179 49.61 30.93 15.11
C SER FA 179 49.33 32.08 16.09
N ALA FA 180 50.32 32.93 16.33
CA ALA FA 180 50.13 34.06 17.25
C ALA FA 180 49.14 35.06 16.69
N ALA FA 181 49.12 35.24 15.36
CA ALA FA 181 48.17 36.15 14.76
C ALA FA 181 46.75 35.65 14.92
N ARG FA 182 46.54 34.34 14.81
CA ARG FA 182 45.22 33.77 15.04
C ARG FA 182 44.78 33.94 16.49
N ALA FA 183 45.69 33.69 17.43
CA ALA FA 183 45.35 33.88 18.85
C ALA FA 183 44.95 35.32 19.12
N SER FA 184 45.71 36.27 18.59
CA SER FA 184 45.42 37.67 18.81
C SER FA 184 44.08 38.07 18.19
N SER FA 185 43.79 37.57 16.98
CA SER FA 185 42.51 37.88 16.34
C SER FA 185 41.34 37.33 17.14
N LEU FA 186 41.47 36.11 17.66
CA LEU FA 186 40.41 35.55 18.48
C LEU FA 186 40.13 36.43 19.69
N LYS FA 187 41.18 36.85 20.39
CA LYS FA 187 40.96 37.68 21.58
C LYS FA 187 40.29 39.01 21.24
N LYS FA 188 40.71 39.66 20.16
CA LYS FA 188 40.10 40.95 19.86
C LYS FA 188 38.66 40.82 19.36
N ILE FA 189 38.33 39.76 18.62
CA ILE FA 189 36.92 39.58 18.24
C ILE FA 189 36.04 39.36 19.47
N ASP FA 190 36.52 38.54 20.42
CA ASP FA 190 35.72 38.34 21.64
C ASP FA 190 35.54 39.63 22.42
N ALA FA 191 36.59 40.45 22.50
CA ALA FA 191 36.46 41.73 23.20
C ALA FA 191 35.46 42.65 22.52
N ALA FA 192 35.46 42.68 21.18
CA ALA FA 192 34.51 43.52 20.46
C ALA FA 192 33.07 43.11 20.73
N ILE FA 193 32.82 41.79 20.72
CA ILE FA 193 31.48 41.31 21.05
C ILE FA 193 31.07 41.79 22.45
N LYS FA 194 32.00 41.74 23.41
CA LYS FA 194 31.69 42.23 24.76
C LYS FA 194 31.30 43.71 24.78
N THR FA 195 32.07 44.56 24.08
CA THR FA 195 31.76 45.99 24.17
C THR FA 195 30.43 46.33 23.51
N ILE FA 196 30.10 45.66 22.40
CA ILE FA 196 28.77 45.89 21.81
C ILE FA 196 27.67 45.45 22.76
N ASP FA 197 27.84 44.32 23.45
CA ASP FA 197 26.85 43.92 24.45
C ASP FA 197 26.63 45.01 25.50
N ALA FA 198 27.71 45.61 26.00
CA ALA FA 198 27.57 46.63 27.03
C ALA FA 198 26.79 47.85 26.51
N GLN FA 199 27.10 48.30 25.28
CA GLN FA 199 26.35 49.42 24.71
C GLN FA 199 24.86 49.11 24.57
N ARG FA 200 24.55 47.91 24.09
CA ARG FA 200 23.14 47.55 23.92
C ARG FA 200 22.42 47.49 25.25
N ALA FA 201 23.11 47.03 26.30
CA ALA FA 201 22.52 47.02 27.64
C ALA FA 201 22.12 48.42 28.09
N ASP FA 202 23.02 49.39 27.95
CA ASP FA 202 22.68 50.75 28.36
C ASP FA 202 21.52 51.34 27.56
N LEU FA 203 21.49 51.11 26.24
CA LEU FA 203 20.37 51.63 25.47
C LEU FA 203 19.03 50.99 25.88
N GLY FA 204 19.05 49.70 26.21
CA GLY FA 204 17.83 49.06 26.67
C GLY FA 204 17.33 49.63 27.99
N ALA FA 205 18.25 49.87 28.93
CA ALA FA 205 17.87 50.51 30.18
C ALA FA 205 17.23 51.88 29.94
N ILE FA 206 17.81 52.68 29.03
CA ILE FA 206 17.24 53.98 28.72
C ILE FA 206 15.81 53.85 28.19
N GLN FA 207 15.57 52.88 27.31
CA GLN FA 207 14.22 52.73 26.76
C GLN FA 207 13.20 52.35 27.83
N ASN FA 208 13.56 51.45 28.73
CA ASN FA 208 12.66 51.10 29.83
C ASN FA 208 12.31 52.32 30.68
N ARG FA 209 13.34 53.09 31.04
CA ARG FA 209 13.14 54.31 31.83
C ARG FA 209 12.19 55.29 31.13
N LEU FA 210 12.36 55.48 29.83
CA LEU FA 210 11.49 56.43 29.12
C LEU FA 210 10.05 55.94 29.06
N ALA FA 211 9.86 54.62 28.99
CA ALA FA 211 8.49 54.08 29.02
C ALA FA 211 7.79 54.42 30.33
N HIS FA 212 8.45 54.14 31.46
CA HIS FA 212 7.87 54.51 32.75
C HIS FA 212 7.58 56.00 32.86
N ASN FA 213 8.49 56.83 32.35
CA ASN FA 213 8.31 58.28 32.48
C ASN FA 213 7.11 58.76 31.67
N ILE FA 214 6.91 58.24 30.46
CA ILE FA 214 5.75 58.64 29.66
C ILE FA 214 4.46 58.21 30.33
N SER FA 215 4.44 57.00 30.91
CA SER FA 215 3.24 56.56 31.63
C SER FA 215 2.88 57.51 32.78
N ASN FA 216 3.88 57.90 33.57
CA ASN FA 216 3.63 58.81 34.68
C ASN FA 216 3.14 60.17 34.19
N SER FA 217 3.68 60.66 33.07
CA SER FA 217 3.24 61.96 32.55
C SER FA 217 1.78 61.91 32.09
N ALA FA 218 1.37 60.80 31.48
CA ALA FA 218 -0.04 60.69 31.08
C ALA FA 218 -0.97 60.72 32.29
N ASN FA 219 -0.62 59.95 33.33
CA ASN FA 219 -1.39 60.02 34.58
C ASN FA 219 -1.51 61.46 35.09
N THR FA 220 -0.38 62.16 35.20
CA THR FA 220 -0.39 63.48 35.81
C THR FA 220 -1.17 64.47 34.95
N GLN FA 221 -1.07 64.35 33.64
CA GLN FA 221 -1.84 65.21 32.77
C GLN FA 221 -3.34 65.05 33.01
N ALA FA 222 -3.82 63.80 33.10
CA ALA FA 222 -5.24 63.60 33.39
C ALA FA 222 -5.65 64.24 34.71
N ASN FA 223 -4.87 64.02 35.78
CA ASN FA 223 -5.26 64.56 37.08
C ASN FA 223 -5.22 66.09 37.11
N VAL FA 224 -4.24 66.70 36.44
CA VAL FA 224 -4.14 68.16 36.44
C VAL FA 224 -5.23 68.80 35.59
N ALA FA 225 -5.62 68.15 34.49
CA ALA FA 225 -6.73 68.68 33.69
C ALA FA 225 -8.04 68.60 34.47
N ASP FA 226 -8.25 67.52 35.22
CA ASP FA 226 -9.38 67.46 36.16
C ASP FA 226 -9.35 68.64 37.14
N ALA FA 227 -8.19 68.88 37.75
CA ALA FA 227 -8.06 69.97 38.72
C ALA FA 227 -8.40 71.31 38.09
N LYS FA 228 -7.91 71.58 36.86
CA LYS FA 228 -8.19 72.85 36.20
C LYS FA 228 -9.66 72.98 35.84
N SER FA 229 -10.28 71.89 35.40
CA SER FA 229 -11.70 71.93 35.06
C SER FA 229 -12.54 72.29 36.27
N ARG FA 230 -12.16 71.81 37.46
CA ARG FA 230 -12.90 72.17 38.67
C ARG FA 230 -12.91 73.68 38.91
N ILE FA 231 -11.92 74.40 38.40
CA ILE FA 231 -11.80 75.83 38.66
C ILE FA 231 -12.39 76.67 37.54
N VAL FA 232 -12.19 76.29 36.28
CA VAL FA 232 -12.43 77.19 35.16
C VAL FA 232 -13.80 76.96 34.52
N ASP FA 233 -14.26 75.71 34.42
CA ASP FA 233 -15.43 75.40 33.62
C ASP FA 233 -16.73 75.75 34.34
N VAL FA 234 -17.79 75.92 33.56
CA VAL FA 234 -19.10 76.30 34.09
C VAL FA 234 -19.90 75.05 34.40
N ASP FA 235 -20.86 75.19 35.31
CA ASP FA 235 -21.82 74.15 35.65
C ASP FA 235 -23.13 74.45 34.95
N PHE FA 236 -23.54 73.56 34.04
CA PHE FA 236 -24.74 73.82 33.25
C PHE FA 236 -26.00 73.70 34.10
N ALA FA 237 -26.05 72.73 35.02
CA ALA FA 237 -27.23 72.53 35.84
C ALA FA 237 -27.55 73.74 36.70
N LYS FA 238 -26.52 74.44 37.17
CA LYS FA 238 -26.71 75.62 38.00
C LYS FA 238 -27.00 76.86 37.15
N GLU FA 239 -26.33 76.97 36.01
CA GLU FA 239 -26.35 78.20 35.26
C GLU FA 239 -27.65 78.33 34.49
N THR FA 240 -28.21 77.21 34.02
CA THR FA 240 -29.53 77.25 33.38
C THR FA 240 -30.62 77.66 34.36
N SER FA 241 -30.52 77.22 35.61
CA SER FA 241 -31.47 77.62 36.63
C SER FA 241 -31.41 79.12 36.90
N GLN FA 242 -30.19 79.65 37.03
CA GLN FA 242 -30.06 81.10 37.20
C GLN FA 242 -30.63 81.86 36.01
N MET FA 243 -30.41 81.36 34.80
CA MET FA 243 -30.94 82.03 33.62
C MET FA 243 -32.46 82.10 33.64
N THR FA 244 -33.12 80.98 33.97
CA THR FA 244 -34.59 80.98 33.99
C THR FA 244 -35.13 81.90 35.07
N LYS FA 245 -34.49 81.92 36.24
CA LYS FA 245 -34.92 82.84 37.29
C LYS FA 245 -34.86 84.29 36.82
N ASN FA 246 -33.77 84.68 36.17
CA ASN FA 246 -33.67 86.07 35.74
C ASN FA 246 -34.62 86.41 34.60
N GLN FA 247 -34.94 85.43 33.75
CA GLN FA 247 -35.99 85.63 32.74
C GLN FA 247 -37.31 86.00 33.39
N VAL FA 248 -37.75 85.20 34.35
CA VAL FA 248 -39.03 85.49 35.00
C VAL FA 248 -38.99 86.85 35.70
N LEU FA 249 -37.87 87.17 36.36
CA LEU FA 249 -37.78 88.47 37.02
C LEU FA 249 -37.84 89.62 36.03
N GLN FA 250 -37.27 89.44 34.84
CA GLN FA 250 -37.37 90.49 33.83
C GLN FA 250 -38.81 90.74 33.43
N GLN FA 251 -39.58 89.67 33.19
CA GLN FA 251 -40.98 89.87 32.80
C GLN FA 251 -41.78 90.54 33.92
N THR FA 252 -41.54 90.13 35.17
CA THR FA 252 -42.25 90.74 36.28
C THR FA 252 -41.88 92.21 36.45
N GLY FA 253 -40.60 92.54 36.35
CA GLY FA 253 -40.18 93.92 36.52
C GLY FA 253 -40.67 94.81 35.40
N SER FA 254 -40.72 94.29 34.17
CA SER FA 254 -41.29 95.04 33.07
C SER FA 254 -42.76 95.37 33.33
N ALA FA 255 -43.55 94.36 33.72
CA ALA FA 255 -44.95 94.61 34.05
C ALA FA 255 -45.10 95.64 35.15
N MET FA 256 -44.25 95.56 36.18
CA MET FA 256 -44.41 96.44 37.33
C MET FA 256 -44.02 97.87 36.99
N LEU FA 257 -43.00 98.05 36.14
CA LEU FA 257 -42.63 99.40 35.72
C LEU FA 257 -43.69 100.02 34.81
N ALA FA 258 -44.26 99.22 33.91
CA ALA FA 258 -45.33 99.72 33.07
C ALA FA 258 -46.53 100.14 33.90
N GLN FA 259 -46.83 99.40 34.97
CA GLN FA 259 -47.92 99.80 35.86
C GLN FA 259 -47.54 101.01 36.71
N ALA FA 260 -46.24 101.18 36.99
CA ALA FA 260 -45.81 102.29 37.82
C ALA FA 260 -45.87 103.62 37.08
N ASN FA 261 -45.62 103.61 35.77
CA ASN FA 261 -45.68 104.87 35.02
C ASN FA 261 -47.09 105.44 34.87
N GLN FA 262 -48.13 104.78 35.38
CA GLN FA 262 -49.49 105.30 35.27
C GLN FA 262 -50.00 105.94 36.55
N LEU FA 263 -49.13 106.21 37.52
CA LEU FA 263 -49.60 106.79 38.79
C LEU FA 263 -49.97 108.26 38.74
N PRO FA 264 -49.33 109.12 37.96
CA PRO FA 264 -49.73 110.55 37.96
C PRO FA 264 -51.11 110.80 37.38
N GLN FA 265 -51.87 109.77 37.00
CA GLN FA 265 -53.18 110.00 36.41
C GLN FA 265 -54.31 110.12 37.43
N VAL FA 266 -54.01 110.04 38.72
CA VAL FA 266 -55.03 110.29 39.73
C VAL FA 266 -55.36 111.78 39.79
N ALA FA 267 -54.38 112.61 39.44
CA ALA FA 267 -54.59 114.06 39.46
C ALA FA 267 -55.65 114.48 38.47
N LEU FA 268 -55.67 113.86 37.29
CA LEU FA 268 -56.70 114.16 36.31
C LEU FA 268 -58.09 113.85 36.85
N SER FA 269 -58.20 112.82 37.69
CA SER FA 269 -59.47 112.53 38.34
C SER FA 269 -59.83 113.61 39.34
N LEU FA 270 -58.86 114.07 40.15
CA LEU FA 270 -59.17 115.15 41.08
C LEU FA 270 -59.44 116.45 40.35
N LEU FA 271 -58.96 116.58 39.12
CA LEU FA 271 -59.00 117.85 38.42
C LEU FA 271 -60.26 117.97 37.57
#